data_9KGL
#
_entry.id   9KGL
#
loop_
_entity.id
_entity.type
_entity.pdbx_description
1 polymer 'ATP-sensitive inward rectifier potassium channel 11'
2 polymer 'ATP-binding cassette sub-family C member 8 isoform X2'
3 polymer SpTx1
4 non-polymer "ADENOSINE-5'-TRIPHOSPHATE"
5 non-polymer 5-chloro-N-(2-{4-[(cyclohexylcarbamoyl)sulfamoyl]phenyl}ethyl)-2-methoxybenzamide
#
loop_
_entity_poly.entity_id
_entity_poly.type
_entity_poly.pdbx_seq_one_letter_code
_entity_poly.pdbx_strand_id
1 'polypeptide(L)'
;MLSRKGIIPEEYVLTRLAEDPAEPRYRARQRRARFVSKKGNCNVAHKNIREEGRFLQDVFTTLVDLKWPHTLLIFTMSFL
CSWLLFAMAWWLIAFAHGDLAPSEGTAEPCVTSIHSFSSAFLFSIEVQVTIGFGGRMVTEECPLAILILIVQNIVGLMIN
AIMLGCIFMKTAQAHRRAETLIFSKHAVIALRHGRLCFMLRVGDLRKSMIISATIHMQVVRKTTSPEGEVVPLHQVDIPM
ENGVGGNSIFLVAPLIIYHVIDANSPLYDLAPSDLHHHQDLEIIVILEGVVETTGITTQARTSYLADEILWGQRFVPIVA
EEDGRYSVDYSKFGNTIKVPTPLCTARQLDEDHSLLEALTLASARGPLRKRSVPMAKAKPKFSISPDSLS
;
A,C,E,G
2 'polypeptide(L)'
;MPLAFCGTENHSAAYRVDQGVLNNGCFVDALNVVPHVFLLFITFPILFIGWGSQSSKVHIHHSTWLHFPGHNLRWILTFI
LLFVLVCEIAEGILSDGVTESRHLHLYMPAGMAFMAAITSVVYYHNIETSNFPKLLIALLIYWTLAFITKTIKFVKFYDH
AIGFSQLRFCLTGLLVILYGMLLLVEVNVIRVRRYIFFKTPRKVKPPEDLQDLGVRFLQPFVNLLSKGTYWWMNAFIKTA
HKKPIDLRAIGKLPIAMRALTNYQRLCVAFDAQARKDTQSPQGARAIWRALCHAFGRRLILSSTFRILADLLGFAGPLCI
FGIVDHLGKENHVFQPKTQFLGVYFVSSQEFLGNAYVLAVLLFLALLLQRTFLQASYYVAIETGINLRGAIQTKIYNKIM
HLSTSNLSMGEMTAGQICNLVAIDTNQLMWFFFLCPNLWAMPVQIIVGVILLYYILGVSALIGAAVIILLAPVQYFVATK
LSQAQRSTLEHSNERLKQTNEMLRGMKLLKLYAWESIFCSRVEVTRRKEMTSLRAFAVYTSISIFMNTAIPIAAVLITFV
GHVSFFKESDLSPSVAFASLSLFHILVTPLFLLSSVVRSTVKALVSVQKLSEFLSSAEIREEQCAPREPAPQGQAGKYQA
VPLKVVNRKRPAREEVRDLLGPLQRLAPSMDGDADNFCVQIIGGFFTWTPDGIPTLSNITIRIPRGQLTMIVGQVGCGKS
SLLLATLGEMQKVSGAVFWNSNLPDSEGEDPSSPERETAAGSDIRSRGPVAYASQKPWLLNATVEENITFESPFNKQRYK
MVIEACSLQPDIDILPHGDQTQIGERGINLSGGQRQRISVARALYQQTNVVFLDDPFSALDVHLSDHLMQAGILELLRDD
KRTVVLVTHKLQYLPHADWIIAMKDGTIQREGTLKDFQRSECQLFEHWKTLMNRQDQELEKETVMERKASEPSQGLPRAM
SSRDGLLLDEEEEEEEAAESEEDDNLSSVLHQRAKIPWRACTKYLSSAGILLLSLLVFSQLLKHMVLVAIDYWLAKWTDS
ALVLSPAARNCSLSQECDLDQSVYAMVFTLLCSLGIVLCLVTSVTVEWTGLKVAKRLHRSLLNRIILAPMRFFETTPLGS
ILNRFSSDCNTIDQHIPSTLECLSRSTLLCVSALTVISYVTPVFLVALLPLAVVCYFIQKYFRVASRDLQQLDDTTQLPL
LSHFAETVEGLTTIRAFRYEARFQQKLLEYTDSNNIASLFLTAANRWLEVRMEYIGACVVLIAAATSISNSLHRELSAGL
VGLGLTYALMVSNYLNWMVRNLADMEIQLGAVKRIHALLKTEAESYEGLLAPSLIPKNWPDQGKIQIQNLSVRYDSSLKP
VLKHVNALISPGQKIGICGRTGSGKSSFSLAFFRMVDMFEGRIIIDGIDIAKLPLHTLRSRLSIILQDPVLFSGTIRFNL
DPEKKCSDSTLWEALEIAQLKLVVKALPGGLDAIITEGGENFSQGQRQLFCLARAFVRKTSIFIMDEATASIDMATENIL
QKVVMTAFADRTVVTIAHRVHTILSADLVMVLKRGAILEFDKPETLLSQKDSVFASFVRADK
;
B,D,F,H
3 'polypeptide(L)' GSADLIKKKLPFRTRSKFPRKSECVQDCAKAFTNGNKDKIKDVKSEFFSCYCWYEA I
#
# COMPACT_ATOMS: atom_id res chain seq x y z
N ARG A 31 33.23 -18.91 10.67
CA ARG A 31 32.49 -19.47 11.79
C ARG A 31 31.43 -18.49 12.30
N ARG A 32 30.42 -19.03 12.99
CA ARG A 32 29.29 -18.28 13.55
C ARG A 32 28.59 -17.46 12.47
N ALA A 33 27.98 -18.20 11.55
CA ALA A 33 27.15 -17.59 10.51
C ALA A 33 25.96 -16.88 11.16
N ARG A 34 25.67 -15.68 10.66
CA ARG A 34 24.54 -14.90 11.16
C ARG A 34 23.44 -14.86 10.12
N PHE A 35 22.19 -14.90 10.60
CA PHE A 35 21.03 -14.98 9.71
C PHE A 35 20.89 -13.70 8.88
N VAL A 36 21.02 -12.54 9.52
CA VAL A 36 20.98 -11.24 8.86
C VAL A 36 22.16 -10.43 9.38
N SER A 37 22.81 -9.66 8.50
CA SER A 37 23.93 -8.83 8.89
C SER A 37 23.46 -7.61 9.68
N LYS A 38 24.43 -6.78 10.09
CA LYS A 38 24.10 -5.56 10.83
C LYS A 38 23.40 -4.54 9.94
N LYS A 39 23.70 -4.53 8.64
CA LYS A 39 23.12 -3.58 7.71
C LYS A 39 21.81 -4.07 7.09
N GLY A 40 21.31 -5.21 7.53
CA GLY A 40 20.05 -5.73 7.04
C GLY A 40 20.16 -6.73 5.91
N ASN A 41 21.35 -6.99 5.40
CA ASN A 41 21.52 -7.97 4.34
C ASN A 41 21.32 -9.39 4.89
N CYS A 42 20.54 -10.18 4.18
CA CYS A 42 20.31 -11.57 4.57
C CYS A 42 21.41 -12.45 4.00
N ASN A 43 22.06 -13.23 4.86
CA ASN A 43 23.23 -14.01 4.50
C ASN A 43 22.89 -15.45 4.17
N VAL A 44 21.63 -15.75 3.87
CA VAL A 44 21.24 -17.12 3.56
C VAL A 44 21.61 -17.45 2.13
N ALA A 45 22.31 -18.57 1.94
CA ALA A 45 22.61 -19.09 0.61
C ALA A 45 21.53 -20.10 0.23
N HIS A 46 21.02 -19.99 -0.99
CA HIS A 46 19.97 -20.86 -1.48
C HIS A 46 20.54 -21.81 -2.51
N LYS A 47 20.33 -23.11 -2.31
CA LYS A 47 20.96 -24.13 -3.13
C LYS A 47 19.89 -25.07 -3.69
N ASN A 48 20.21 -25.66 -4.85
CA ASN A 48 19.38 -26.66 -5.53
C ASN A 48 17.99 -26.11 -5.86
N ILE A 49 17.97 -24.95 -6.51
CA ILE A 49 16.72 -24.28 -6.85
C ILE A 49 16.34 -24.72 -8.27
N ARG A 50 15.33 -25.58 -8.36
CA ARG A 50 14.83 -25.99 -9.67
C ARG A 50 14.10 -24.82 -10.30
N GLU A 51 14.81 -24.01 -11.07
CA GLU A 51 14.18 -22.93 -11.80
C GLU A 51 13.43 -23.50 -12.98
N GLU A 52 12.16 -23.13 -13.11
CA GLU A 52 11.35 -23.53 -14.25
C GLU A 52 11.04 -22.34 -15.15
N GLY A 53 12.00 -21.43 -15.26
CA GLY A 53 11.80 -20.17 -15.94
C GLY A 53 11.18 -19.10 -15.09
N ARG A 54 10.82 -19.41 -13.84
CA ARG A 54 10.12 -18.45 -12.98
C ARG A 54 10.98 -17.24 -12.62
N PHE A 55 12.31 -17.36 -12.73
CA PHE A 55 13.17 -16.22 -12.44
C PHE A 55 13.18 -15.21 -13.57
N LEU A 56 13.02 -15.66 -14.82
CA LEU A 56 12.99 -14.76 -15.96
C LEU A 56 11.59 -14.55 -16.54
N GLN A 57 10.58 -15.32 -16.10
CA GLN A 57 9.21 -14.97 -16.43
C GLN A 57 8.80 -13.67 -15.75
N ASP A 58 9.35 -13.41 -14.57
CA ASP A 58 9.19 -12.12 -13.89
C ASP A 58 10.27 -11.16 -14.36
N VAL A 59 10.29 -10.93 -15.67
CA VAL A 59 11.39 -10.23 -16.33
C VAL A 59 11.44 -8.76 -15.91
N PHE A 60 10.28 -8.14 -15.71
CA PHE A 60 10.25 -6.73 -15.36
C PHE A 60 10.76 -6.49 -13.94
N THR A 61 10.51 -7.44 -13.02
CA THR A 61 11.09 -7.34 -11.69
C THR A 61 12.61 -7.43 -11.74
N THR A 62 13.15 -8.32 -12.60
CA THR A 62 14.59 -8.36 -12.80
C THR A 62 15.10 -7.04 -13.37
N LEU A 63 14.40 -6.50 -14.36
CA LEU A 63 14.85 -5.28 -15.05
C LEU A 63 14.86 -4.08 -14.10
N VAL A 64 13.86 -3.99 -13.21
CA VAL A 64 13.90 -2.96 -12.17
C VAL A 64 15.00 -3.26 -11.17
N ASP A 65 15.23 -4.54 -10.85
CA ASP A 65 16.16 -4.92 -9.79
C ASP A 65 17.61 -4.82 -10.20
N LEU A 66 17.92 -4.71 -11.50
CA LEU A 66 19.31 -4.51 -11.92
C LEU A 66 19.82 -3.18 -11.37
N LYS A 67 21.09 -3.17 -10.98
CA LYS A 67 21.71 -1.92 -10.54
C LYS A 67 21.79 -0.96 -11.72
N TRP A 68 21.86 0.34 -11.40
CA TRP A 68 21.63 1.42 -12.38
C TRP A 68 22.51 1.35 -13.62
N PRO A 69 23.85 1.14 -13.53
CA PRO A 69 24.61 0.97 -14.79
C PRO A 69 24.16 -0.23 -15.63
N HIS A 70 23.79 -1.33 -14.98
CA HIS A 70 23.27 -2.48 -15.71
C HIS A 70 21.97 -2.15 -16.42
N THR A 71 21.05 -1.46 -15.73
CA THR A 71 19.76 -1.09 -16.32
C THR A 71 19.94 -0.14 -17.50
N LEU A 72 20.83 0.84 -17.35
CA LEU A 72 21.12 1.75 -18.46
C LEU A 72 21.71 1.01 -19.65
N LEU A 73 22.60 0.04 -19.37
CA LEU A 73 23.18 -0.77 -20.44
C LEU A 73 22.11 -1.59 -21.16
N ILE A 74 21.18 -2.19 -20.41
CA ILE A 74 20.11 -2.97 -21.03
C ILE A 74 19.27 -2.10 -21.95
N PHE A 75 18.91 -0.91 -21.48
CA PHE A 75 17.98 -0.10 -22.25
C PHE A 75 18.64 0.54 -23.46
N THR A 76 19.90 0.99 -23.33
CA THR A 76 20.60 1.50 -24.52
C THR A 76 20.88 0.38 -25.50
N MET A 77 21.10 -0.85 -25.02
CA MET A 77 21.33 -1.97 -25.93
C MET A 77 20.04 -2.36 -26.66
N SER A 78 18.91 -2.31 -25.96
CA SER A 78 17.63 -2.62 -26.60
C SER A 78 17.27 -1.58 -27.66
N PHE A 79 17.47 -0.29 -27.35
CA PHE A 79 17.22 0.75 -28.34
C PHE A 79 18.15 0.61 -29.55
N LEU A 80 19.44 0.35 -29.29
CA LEU A 80 20.39 0.19 -30.39
C LEU A 80 20.07 -1.04 -31.24
N CYS A 81 19.64 -2.14 -30.61
CA CYS A 81 19.29 -3.33 -31.36
C CYS A 81 18.06 -3.12 -32.22
N SER A 82 17.05 -2.41 -31.69
CA SER A 82 15.87 -2.09 -32.50
C SER A 82 16.24 -1.19 -33.67
N TRP A 83 17.08 -0.18 -33.43
CA TRP A 83 17.52 0.70 -34.51
C TRP A 83 18.29 -0.08 -35.58
N LEU A 84 19.18 -0.99 -35.17
CA LEU A 84 19.96 -1.74 -36.15
C LEU A 84 19.10 -2.73 -36.93
N LEU A 85 18.15 -3.38 -36.26
CA LEU A 85 17.27 -4.33 -36.94
C LEU A 85 16.41 -3.63 -37.99
N PHE A 86 15.80 -2.51 -37.62
CA PHE A 86 14.99 -1.82 -38.63
C PHE A 86 15.85 -1.07 -39.64
N ALA A 87 17.09 -0.73 -39.30
CA ALA A 87 18.03 -0.24 -40.30
C ALA A 87 18.31 -1.30 -41.35
N MET A 88 18.49 -2.55 -40.91
CA MET A 88 18.66 -3.66 -41.85
C MET A 88 17.41 -3.82 -42.70
N ALA A 89 16.22 -3.66 -42.11
CA ALA A 89 14.98 -3.76 -42.87
C ALA A 89 14.88 -2.67 -43.94
N TRP A 90 15.17 -1.41 -43.57
CA TRP A 90 15.10 -0.31 -44.51
C TRP A 90 16.14 -0.47 -45.62
N TRP A 91 17.35 -0.89 -45.27
CA TRP A 91 18.41 -1.10 -46.26
C TRP A 91 18.04 -2.22 -47.22
N LEU A 92 17.44 -3.29 -46.71
CA LEU A 92 17.01 -4.40 -47.56
C LEU A 92 15.91 -3.97 -48.52
N ILE A 93 14.94 -3.19 -48.03
CA ILE A 93 13.87 -2.68 -48.89
C ILE A 93 14.44 -1.75 -49.97
N ALA A 94 15.38 -0.89 -49.59
CA ALA A 94 15.96 0.05 -50.53
C ALA A 94 16.79 -0.66 -51.59
N PHE A 95 17.50 -1.73 -51.22
CA PHE A 95 18.18 -2.53 -52.24
C PHE A 95 17.19 -3.23 -53.16
N ALA A 96 16.17 -3.89 -52.57
CA ALA A 96 15.23 -4.67 -53.35
C ALA A 96 14.38 -3.81 -54.29
N HIS A 97 14.23 -2.52 -53.98
CA HIS A 97 13.59 -1.58 -54.88
C HIS A 97 14.56 -0.96 -55.87
N GLY A 98 15.86 -1.22 -55.72
CA GLY A 98 16.86 -0.64 -56.61
C GLY A 98 17.28 0.77 -56.26
N ASP A 99 16.95 1.27 -55.07
CA ASP A 99 17.31 2.62 -54.68
C ASP A 99 18.80 2.76 -54.36
N LEU A 100 19.51 1.64 -54.16
CA LEU A 100 20.93 1.71 -53.87
C LEU A 100 21.77 1.83 -55.13
N ALA A 101 21.27 1.33 -56.26
CA ALA A 101 21.95 1.53 -57.52
C ALA A 101 21.80 2.99 -57.98
N PRO A 102 22.81 3.55 -58.63
CA PRO A 102 22.66 4.91 -59.17
C PRO A 102 21.67 4.94 -60.33
N SER A 103 20.88 6.01 -60.36
CA SER A 103 19.85 6.17 -61.40
C SER A 103 19.69 7.66 -61.69
N GLU A 104 19.06 7.93 -62.84
CA GLU A 104 18.91 9.31 -63.30
C GLU A 104 17.98 10.10 -62.38
N GLY A 105 16.90 9.50 -61.93
CA GLY A 105 15.98 10.18 -61.03
C GLY A 105 14.54 10.11 -61.47
N THR A 106 14.27 9.37 -62.54
CA THR A 106 12.89 9.22 -63.01
C THR A 106 12.08 8.34 -62.06
N ALA A 107 12.68 7.27 -61.55
CA ALA A 107 11.99 6.38 -60.63
C ALA A 107 11.84 7.02 -59.26
N GLU A 108 10.85 6.54 -58.51
CA GLU A 108 10.56 7.05 -57.17
C GLU A 108 11.01 6.04 -56.13
N PRO A 109 11.90 6.41 -55.21
CA PRO A 109 12.34 5.45 -54.19
C PRO A 109 11.24 5.17 -53.16
N CYS A 110 11.38 4.03 -52.48
CA CYS A 110 10.54 3.75 -51.32
C CYS A 110 10.78 4.78 -50.23
N VAL A 111 12.05 4.97 -49.85
CA VAL A 111 12.47 6.03 -48.95
C VAL A 111 13.51 6.86 -49.68
N THR A 112 13.32 8.18 -49.68
CA THR A 112 14.23 9.07 -50.39
C THR A 112 15.60 9.08 -49.75
N SER A 113 16.63 9.27 -50.59
CA SER A 113 18.01 9.52 -50.18
C SER A 113 18.56 8.44 -49.25
N ILE A 114 18.27 7.18 -49.57
CA ILE A 114 18.89 6.04 -48.90
C ILE A 114 19.97 5.52 -49.84
N HIS A 115 21.23 5.86 -49.54
CA HIS A 115 22.35 5.56 -50.42
C HIS A 115 23.22 4.41 -49.92
N SER A 116 23.15 4.05 -48.65
CA SER A 116 23.95 2.99 -48.08
C SER A 116 23.26 2.48 -46.81
N PHE A 117 23.97 1.66 -46.04
CA PHE A 117 23.44 1.22 -44.76
C PHE A 117 23.49 2.34 -43.71
N SER A 118 24.41 3.29 -43.89
CA SER A 118 24.46 4.44 -42.98
C SER A 118 23.22 5.29 -43.10
N SER A 119 22.74 5.50 -44.33
CA SER A 119 21.50 6.24 -44.54
C SER A 119 20.31 5.50 -43.92
N ALA A 120 20.28 4.18 -44.05
CA ALA A 120 19.22 3.38 -43.45
C ALA A 120 19.27 3.45 -41.93
N PHE A 121 20.49 3.48 -41.35
CA PHE A 121 20.62 3.54 -39.90
C PHE A 121 20.19 4.90 -39.36
N LEU A 122 20.61 5.98 -40.03
CA LEU A 122 20.15 7.31 -39.66
C LEU A 122 18.64 7.44 -39.81
N PHE A 123 18.08 6.85 -40.87
CA PHE A 123 16.64 6.91 -41.08
C PHE A 123 15.88 6.11 -40.02
N SER A 124 16.40 4.94 -39.64
CA SER A 124 15.76 4.14 -38.60
C SER A 124 15.77 4.87 -37.27
N ILE A 125 16.89 5.54 -36.96
CA ILE A 125 16.95 6.38 -35.77
C ILE A 125 15.93 7.50 -35.86
N GLU A 126 15.81 8.14 -37.03
CA GLU A 126 14.87 9.25 -37.20
C GLU A 126 13.43 8.81 -37.01
N VAL A 127 13.05 7.66 -37.55
CA VAL A 127 11.65 7.24 -37.44
C VAL A 127 11.36 6.73 -36.03
N GLN A 128 12.29 5.99 -35.41
CA GLN A 128 11.98 5.40 -34.11
C GLN A 128 11.99 6.44 -33.00
N VAL A 129 12.96 7.35 -33.00
CA VAL A 129 12.98 8.42 -32.00
C VAL A 129 12.09 9.60 -32.42
N THR A 130 11.46 9.51 -33.60
CA THR A 130 10.51 10.51 -34.13
C THR A 130 11.14 11.90 -34.26
N ILE A 131 12.44 11.95 -34.52
CA ILE A 131 13.07 13.22 -34.84
C ILE A 131 12.64 13.70 -36.21
N GLY A 132 12.75 12.82 -37.22
CA GLY A 132 12.25 13.08 -38.56
C GLY A 132 12.87 14.28 -39.25
N PHE A 133 14.16 14.18 -39.60
CA PHE A 133 14.83 15.29 -40.28
C PHE A 133 14.22 15.54 -41.66
N GLY A 134 13.74 14.50 -42.33
CA GLY A 134 13.04 14.67 -43.58
C GLY A 134 13.91 14.64 -44.82
N GLY A 135 15.23 14.62 -44.67
CA GLY A 135 16.08 14.35 -45.83
C GLY A 135 15.85 12.96 -46.38
N ARG A 136 15.57 12.00 -45.51
CA ARG A 136 15.17 10.65 -45.89
C ARG A 136 13.78 10.39 -45.33
N MET A 137 12.80 10.25 -46.22
CA MET A 137 11.40 10.12 -45.81
C MET A 137 10.72 9.02 -46.61
N VAL A 138 9.72 8.38 -46.00
CA VAL A 138 8.94 7.35 -46.68
C VAL A 138 8.05 8.01 -47.72
N THR A 139 8.11 7.50 -48.95
CA THR A 139 7.20 7.90 -50.00
C THR A 139 6.13 6.82 -50.19
N GLU A 140 5.23 7.07 -51.13
CA GLU A 140 4.07 6.21 -51.36
C GLU A 140 4.31 5.13 -52.40
N GLU A 141 5.58 4.87 -52.75
CA GLU A 141 5.87 4.00 -53.88
C GLU A 141 5.65 2.53 -53.54
N CYS A 142 6.40 2.00 -52.56
CA CYS A 142 6.21 0.60 -52.24
C CYS A 142 5.49 0.44 -50.90
N PRO A 143 4.42 -0.34 -50.85
CA PRO A 143 3.66 -0.50 -49.59
C PRO A 143 4.43 -1.24 -48.50
N LEU A 144 5.49 -1.98 -48.85
CA LEU A 144 6.28 -2.67 -47.84
C LEU A 144 6.98 -1.67 -46.92
N ALA A 145 7.41 -0.54 -47.47
CA ALA A 145 7.98 0.53 -46.64
C ALA A 145 6.93 1.10 -45.69
N ILE A 146 5.69 1.22 -46.14
CA ILE A 146 4.60 1.69 -45.28
C ILE A 146 4.36 0.70 -44.14
N LEU A 147 4.34 -0.60 -44.46
CA LEU A 147 4.15 -1.63 -43.44
C LEU A 147 5.30 -1.62 -42.42
N ILE A 148 6.53 -1.48 -42.90
CA ILE A 148 7.68 -1.44 -42.00
C ILE A 148 7.66 -0.18 -41.15
N LEU A 149 7.20 0.94 -41.72
CA LEU A 149 7.00 2.17 -40.94
C LEU A 149 6.00 1.96 -39.82
N ILE A 150 4.88 1.29 -40.11
CA ILE A 150 3.87 1.00 -39.09
C ILE A 150 4.45 0.11 -38.00
N VAL A 151 5.15 -0.95 -38.41
CA VAL A 151 5.70 -1.91 -37.44
C VAL A 151 6.76 -1.26 -36.56
N GLN A 152 7.63 -0.44 -37.17
CA GLN A 152 8.67 0.24 -36.40
C GLN A 152 8.09 1.25 -35.42
N ASN A 153 7.07 2.01 -35.85
CA ASN A 153 6.45 2.95 -34.91
C ASN A 153 5.77 2.23 -33.76
N ILE A 154 5.09 1.11 -34.05
CA ILE A 154 4.41 0.35 -33.00
C ILE A 154 5.41 -0.20 -31.99
N VAL A 155 6.48 -0.84 -32.49
CA VAL A 155 7.43 -1.43 -31.55
C VAL A 155 8.28 -0.36 -30.88
N GLY A 156 8.48 0.79 -31.52
CA GLY A 156 9.21 1.87 -30.87
C GLY A 156 8.44 2.45 -29.70
N LEU A 157 7.15 2.72 -29.91
CA LEU A 157 6.29 3.13 -28.80
C LEU A 157 6.21 2.05 -27.73
N MET A 158 6.20 0.78 -28.15
CA MET A 158 6.10 -0.32 -27.19
C MET A 158 7.33 -0.43 -26.30
N ILE A 159 8.53 -0.43 -26.89
CA ILE A 159 9.73 -0.61 -26.07
C ILE A 159 10.06 0.68 -25.32
N ASN A 160 9.71 1.85 -25.87
CA ASN A 160 9.85 3.09 -25.13
C ASN A 160 8.96 3.07 -23.89
N ALA A 161 7.74 2.57 -24.04
CA ALA A 161 6.84 2.42 -22.90
C ALA A 161 7.38 1.40 -21.88
N ILE A 162 7.93 0.29 -22.36
CA ILE A 162 8.44 -0.74 -21.45
C ILE A 162 9.59 -0.19 -20.61
N MET A 163 10.55 0.47 -21.26
CA MET A 163 11.66 1.09 -20.55
C MET A 163 11.18 2.18 -19.60
N LEU A 164 10.23 3.00 -20.07
CA LEU A 164 9.70 4.09 -19.26
C LEU A 164 9.06 3.57 -17.98
N GLY A 165 8.20 2.56 -18.09
CA GLY A 165 7.58 2.01 -16.89
C GLY A 165 8.55 1.30 -15.97
N CYS A 166 9.52 0.57 -16.54
CA CYS A 166 10.51 -0.13 -15.73
C CYS A 166 11.33 0.85 -14.88
N ILE A 167 11.81 1.93 -15.49
CA ILE A 167 12.59 2.87 -14.67
C ILE A 167 11.72 3.86 -13.92
N PHE A 168 10.41 3.88 -14.14
CA PHE A 168 9.54 4.59 -13.20
C PHE A 168 9.37 3.80 -11.92
N MET A 169 9.26 2.48 -12.04
CA MET A 169 9.32 1.63 -10.86
C MET A 169 10.69 1.73 -10.19
N LYS A 170 11.76 1.80 -10.99
CA LYS A 170 13.10 1.87 -10.43
C LYS A 170 13.36 3.22 -9.75
N THR A 171 12.81 4.30 -10.29
CA THR A 171 12.95 5.62 -9.67
C THR A 171 12.20 5.67 -8.33
N ALA A 172 11.19 4.84 -8.17
CA ALA A 172 10.35 4.83 -6.97
C ALA A 172 10.81 3.84 -5.91
N GLN A 173 11.96 3.19 -6.12
CA GLN A 173 12.44 2.19 -5.17
C GLN A 173 12.84 2.87 -3.85
N ALA A 174 12.39 2.29 -2.74
CA ALA A 174 12.62 2.84 -1.41
C ALA A 174 13.69 2.08 -0.64
N HIS A 175 14.49 1.25 -1.33
CA HIS A 175 15.55 0.51 -0.64
C HIS A 175 16.66 1.44 -0.16
N ARG A 176 16.90 2.55 -0.87
CA ARG A 176 17.86 3.54 -0.40
C ARG A 176 17.31 4.36 0.76
N ARG A 177 15.98 4.45 0.87
CA ARG A 177 15.35 5.08 2.04
C ARG A 177 15.45 4.18 3.27
N ALA A 178 15.65 2.88 3.08
CA ALA A 178 15.84 2.00 4.23
C ALA A 178 17.24 2.07 4.80
N GLU A 179 18.21 2.60 4.05
CA GLU A 179 19.57 2.69 4.53
C GLU A 179 19.79 3.84 5.50
N THR A 180 18.91 4.84 5.50
CA THR A 180 19.01 5.96 6.41
C THR A 180 18.21 5.76 7.70
N LEU A 181 17.67 4.55 7.90
CA LEU A 181 17.09 4.14 9.17
C LEU A 181 18.16 3.36 9.92
N ILE A 182 18.64 3.91 11.02
CA ILE A 182 19.76 3.32 11.74
C ILE A 182 19.27 2.62 13.00
N PHE A 183 19.94 1.52 13.32
CA PHE A 183 19.77 0.82 14.58
C PHE A 183 21.07 0.93 15.37
N SER A 184 20.96 0.85 16.69
CA SER A 184 22.15 0.83 17.52
C SER A 184 22.97 -0.42 17.26
N LYS A 185 24.30 -0.30 17.31
CA LYS A 185 25.15 -1.45 17.06
C LYS A 185 25.04 -2.47 18.18
N HIS A 186 24.89 -2.00 19.41
CA HIS A 186 24.76 -2.86 20.58
C HIS A 186 23.35 -2.76 21.13
N ALA A 187 22.75 -3.90 21.41
CA ALA A 187 21.51 -3.97 22.17
C ALA A 187 21.86 -4.26 23.63
N VAL A 188 20.98 -3.84 24.54
CA VAL A 188 21.29 -3.93 25.97
C VAL A 188 20.14 -4.61 26.69
N ILE A 189 20.49 -5.34 27.76
CA ILE A 189 19.54 -5.95 28.66
C ILE A 189 19.70 -5.28 30.02
N ALA A 190 18.68 -4.54 30.43
CA ALA A 190 18.70 -3.78 31.67
C ALA A 190 17.40 -3.96 32.42
N LEU A 191 17.46 -3.78 33.73
CA LEU A 191 16.29 -3.89 34.58
C LEU A 191 15.44 -2.63 34.45
N ARG A 192 14.23 -2.78 33.91
CA ARG A 192 13.30 -1.67 33.75
C ARG A 192 11.99 -2.03 34.44
N HIS A 193 11.57 -1.17 35.38
CA HIS A 193 10.36 -1.38 36.21
C HIS A 193 10.41 -2.71 36.94
N GLY A 194 11.57 -3.06 37.48
CA GLY A 194 11.72 -4.29 38.23
C GLY A 194 11.68 -5.55 37.40
N ARG A 195 11.94 -5.45 36.09
CA ARG A 195 11.87 -6.60 35.21
C ARG A 195 12.88 -6.42 34.09
N LEU A 196 13.46 -7.54 33.64
CA LEU A 196 14.45 -7.52 32.59
C LEU A 196 13.84 -7.12 31.25
N CYS A 197 14.57 -6.30 30.50
CA CYS A 197 14.11 -5.84 29.20
C CYS A 197 15.26 -5.85 28.21
N PHE A 198 15.05 -6.47 27.05
CA PHE A 198 16.02 -6.45 25.95
C PHE A 198 15.78 -5.19 25.13
N MET A 199 16.72 -4.24 25.19
CA MET A 199 16.53 -2.90 24.66
C MET A 199 17.44 -2.65 23.45
N LEU A 200 16.91 -1.95 22.45
CA LEU A 200 17.68 -1.45 21.33
C LEU A 200 17.13 -0.08 20.94
N ARG A 201 17.94 0.69 20.22
CA ARG A 201 17.56 2.02 19.78
C ARG A 201 17.51 2.08 18.26
N VAL A 202 16.42 2.63 17.71
CA VAL A 202 16.27 2.82 16.28
C VAL A 202 15.98 4.31 16.03
N GLY A 203 16.62 4.87 15.00
CA GLY A 203 16.44 6.26 14.68
C GLY A 203 16.25 6.47 13.19
N ASP A 204 15.78 7.67 12.85
CA ASP A 204 15.59 8.08 11.47
C ASP A 204 16.32 9.40 11.24
N LEU A 205 17.09 9.48 10.16
CA LEU A 205 17.95 10.64 9.91
C LEU A 205 17.27 11.72 9.09
N ARG A 206 16.18 11.41 8.40
CA ARG A 206 15.55 12.35 7.48
C ARG A 206 14.31 12.97 8.11
N LYS A 207 13.96 14.16 7.61
CA LYS A 207 12.73 14.81 8.02
C LYS A 207 11.49 14.09 7.52
N SER A 208 11.62 13.30 6.46
CA SER A 208 10.48 12.56 5.92
C SER A 208 10.04 11.48 6.89
N MET A 209 8.75 11.44 7.19
CA MET A 209 8.20 10.44 8.07
C MET A 209 8.12 9.09 7.37
N ILE A 210 8.18 8.03 8.16
CA ILE A 210 7.83 6.69 7.71
C ILE A 210 6.45 6.38 8.27
N ILE A 211 5.45 6.37 7.40
CA ILE A 211 4.06 6.26 7.80
C ILE A 211 3.73 4.81 8.15
N SER A 212 3.02 4.63 9.27
CA SER A 212 2.62 3.32 9.80
C SER A 212 3.86 2.45 10.07
N ALA A 213 4.74 2.97 10.91
CA ALA A 213 5.99 2.30 11.21
C ALA A 213 5.74 1.16 12.19
N THR A 214 5.99 -0.07 11.74
CA THR A 214 5.81 -1.28 12.55
C THR A 214 7.14 -1.98 12.72
N ILE A 215 7.32 -2.63 13.87
CA ILE A 215 8.56 -3.30 14.20
C ILE A 215 8.25 -4.73 14.62
N HIS A 216 8.86 -5.70 13.93
CA HIS A 216 8.80 -7.10 14.29
C HIS A 216 10.17 -7.55 14.77
N MET A 217 10.20 -8.24 15.91
CA MET A 217 11.45 -8.74 16.47
C MET A 217 11.35 -10.25 16.64
N GLN A 218 12.42 -10.96 16.30
CA GLN A 218 12.45 -12.41 16.37
C GLN A 218 13.69 -12.87 17.13
N VAL A 219 13.61 -14.07 17.69
CA VAL A 219 14.77 -14.76 18.25
C VAL A 219 15.07 -15.94 17.33
N VAL A 220 16.13 -15.81 16.55
CA VAL A 220 16.52 -16.84 15.58
C VAL A 220 17.52 -17.76 16.26
N ARG A 221 17.14 -19.02 16.44
CA ARG A 221 17.92 -19.95 17.25
C ARG A 221 17.52 -21.37 16.89
N LYS A 222 18.49 -22.27 16.89
CA LYS A 222 18.24 -23.69 16.65
C LYS A 222 17.60 -24.29 17.90
N THR A 223 16.32 -24.64 17.80
CA THR A 223 15.54 -25.13 18.93
C THR A 223 15.20 -26.60 18.72
N THR A 224 15.26 -27.37 19.80
CA THR A 224 14.93 -28.79 19.78
C THR A 224 13.59 -29.00 20.50
N SER A 225 12.63 -29.60 19.80
CA SER A 225 11.34 -29.89 20.38
C SER A 225 11.47 -31.02 21.41
N PRO A 226 10.53 -31.10 22.37
CA PRO A 226 10.53 -32.24 23.29
C PRO A 226 10.35 -33.60 22.60
N GLU A 227 9.75 -33.63 21.42
CA GLU A 227 9.60 -34.87 20.66
C GLU A 227 10.83 -35.22 19.85
N GLY A 228 11.87 -34.39 19.86
CA GLY A 228 13.06 -34.64 19.10
C GLY A 228 13.15 -33.93 17.77
N GLU A 229 12.26 -32.99 17.50
CA GLU A 229 12.29 -32.23 16.25
C GLU A 229 13.29 -31.10 16.37
N VAL A 230 14.30 -31.11 15.49
CA VAL A 230 15.38 -30.13 15.50
C VAL A 230 15.22 -29.23 14.28
N VAL A 231 15.00 -27.95 14.51
CA VAL A 231 14.87 -26.94 13.46
C VAL A 231 16.05 -25.99 13.58
N PRO A 232 16.77 -25.71 12.48
CA PRO A 232 18.05 -25.00 12.59
C PRO A 232 17.93 -23.48 12.76
N LEU A 233 16.92 -22.88 12.14
CA LEU A 233 16.76 -21.43 12.13
C LEU A 233 15.37 -21.05 12.62
N HIS A 234 14.98 -21.60 13.77
CA HIS A 234 13.64 -21.36 14.31
C HIS A 234 13.50 -19.92 14.75
N GLN A 235 12.54 -19.21 14.17
CA GLN A 235 12.30 -17.79 14.44
C GLN A 235 11.06 -17.66 15.32
N VAL A 236 11.22 -17.05 16.49
CA VAL A 236 10.12 -16.86 17.43
C VAL A 236 9.87 -15.36 17.53
N ASP A 237 8.69 -14.94 17.10
CA ASP A 237 8.29 -13.53 17.23
C ASP A 237 8.18 -13.14 18.69
N ILE A 238 9.00 -12.19 19.12
CA ILE A 238 8.92 -11.69 20.48
C ILE A 238 8.14 -10.39 20.49
N PRO A 239 7.26 -10.16 21.45
CA PRO A 239 6.42 -8.96 21.43
C PRO A 239 7.21 -7.72 21.86
N MET A 240 7.16 -6.69 21.03
CA MET A 240 7.66 -5.38 21.43
C MET A 240 6.72 -4.79 22.48
N GLU A 241 7.29 -4.28 23.57
CA GLU A 241 6.46 -3.75 24.64
C GLU A 241 5.82 -2.44 24.20
N ASN A 242 4.50 -2.38 24.26
CA ASN A 242 3.76 -1.22 23.80
C ASN A 242 2.57 -0.99 24.72
N GLY A 243 2.10 0.25 24.75
CA GLY A 243 0.94 0.59 25.56
C GLY A 243 -0.34 -0.06 25.05
N VAL A 244 -0.48 -0.17 23.73
CA VAL A 244 -1.65 -0.79 23.13
C VAL A 244 -1.44 -2.29 22.88
N GLY A 245 -0.29 -2.83 23.25
CA GLY A 245 -0.05 -4.26 23.06
C GLY A 245 0.15 -4.69 21.63
N GLY A 246 0.58 -3.78 20.76
CA GLY A 246 0.79 -4.11 19.36
C GLY A 246 2.19 -3.79 18.88
N ASN A 247 2.36 -3.66 17.57
CA ASN A 247 3.66 -3.33 16.97
C ASN A 247 3.46 -2.12 16.06
N SER A 248 3.56 -0.93 16.64
CA SER A 248 3.44 0.30 15.86
C SER A 248 4.18 1.40 16.61
N ILE A 249 5.09 2.08 15.92
CA ILE A 249 5.90 3.13 16.52
C ILE A 249 5.74 4.42 15.72
N PHE A 250 5.93 5.54 16.40
CA PHE A 250 5.94 6.86 15.78
C PHE A 250 7.37 7.38 15.87
N LEU A 251 8.10 7.27 14.76
CA LEU A 251 9.55 7.47 14.75
C LEU A 251 9.88 8.83 14.17
N VAL A 252 10.06 9.82 15.04
CA VAL A 252 10.63 11.12 14.68
C VAL A 252 12.02 11.26 15.25
N ALA A 253 12.15 11.19 16.56
CA ALA A 253 13.37 11.11 17.35
C ALA A 253 13.72 9.64 17.58
N PRO A 254 15.02 9.34 17.74
CA PRO A 254 15.41 7.95 18.04
C PRO A 254 14.90 7.50 19.40
N LEU A 255 14.06 6.48 19.37
CA LEU A 255 13.40 5.96 20.56
C LEU A 255 13.86 4.53 20.83
N ILE A 256 13.89 4.17 22.11
CA ILE A 256 14.41 2.88 22.53
C ILE A 256 13.33 1.83 22.36
N ILE A 257 13.59 0.83 21.53
CA ILE A 257 12.71 -0.31 21.34
C ILE A 257 13.12 -1.40 22.33
N TYR A 258 12.19 -1.84 23.17
CA TYR A 258 12.53 -2.83 24.17
C TYR A 258 11.48 -3.93 24.22
N HIS A 259 11.96 -5.15 24.47
CA HIS A 259 11.12 -6.32 24.64
C HIS A 259 11.21 -6.77 26.09
N VAL A 260 10.06 -6.88 26.75
CA VAL A 260 10.01 -7.23 28.17
C VAL A 260 10.17 -8.73 28.32
N ILE A 261 11.21 -9.15 29.06
CA ILE A 261 11.44 -10.56 29.31
C ILE A 261 10.52 -11.03 30.44
N ASP A 262 9.37 -11.59 30.07
CA ASP A 262 8.40 -12.09 31.02
C ASP A 262 8.48 -13.62 31.09
N ALA A 263 7.50 -14.23 31.77
CA ALA A 263 7.55 -15.67 32.05
C ALA A 263 7.46 -16.51 30.79
N ASN A 264 6.79 -16.03 29.75
CA ASN A 264 6.72 -16.74 28.48
C ASN A 264 7.44 -15.90 27.43
N SER A 265 8.76 -16.08 27.35
CA SER A 265 9.63 -15.37 26.42
C SER A 265 10.80 -16.27 26.09
N PRO A 266 11.29 -16.25 24.85
CA PRO A 266 12.47 -17.06 24.50
C PRO A 266 13.72 -16.72 25.29
N LEU A 267 13.87 -15.47 25.73
CA LEU A 267 15.04 -15.03 26.49
C LEU A 267 14.82 -15.14 27.99
N TYR A 268 13.92 -16.02 28.44
CA TYR A 268 13.60 -16.14 29.85
C TYR A 268 14.77 -16.71 30.65
N ASP A 269 15.48 -17.69 30.07
CA ASP A 269 16.62 -18.31 30.74
C ASP A 269 17.96 -17.77 30.23
N LEU A 270 17.99 -16.51 29.81
CA LEU A 270 19.19 -15.91 29.22
C LEU A 270 20.04 -15.34 30.35
N ALA A 271 21.09 -16.09 30.71
CA ALA A 271 22.04 -15.67 31.73
C ALA A 271 23.01 -14.63 31.16
N PRO A 272 23.66 -13.85 32.03
CA PRO A 272 24.74 -12.98 31.54
C PRO A 272 25.89 -13.73 30.89
N SER A 273 26.18 -14.95 31.35
CA SER A 273 27.27 -15.74 30.78
C SER A 273 26.98 -16.20 29.36
N ASP A 274 25.70 -16.24 28.95
CA ASP A 274 25.35 -16.66 27.60
C ASP A 274 25.67 -15.60 26.55
N LEU A 275 26.04 -14.39 26.95
CA LEU A 275 26.31 -13.33 25.98
C LEU A 275 27.78 -13.36 25.55
N HIS A 276 28.10 -14.37 24.75
CA HIS A 276 29.40 -14.52 24.12
C HIS A 276 29.21 -14.87 22.65
N HIS A 277 30.31 -14.78 21.88
CA HIS A 277 30.23 -14.81 20.43
C HIS A 277 29.73 -16.16 19.92
N HIS A 278 30.27 -17.26 20.42
CA HIS A 278 29.86 -18.58 19.97
C HIS A 278 28.74 -19.16 20.84
N GLN A 279 27.70 -18.35 21.02
CA GLN A 279 26.43 -18.79 21.61
C GLN A 279 25.37 -18.76 20.53
N ASP A 280 24.59 -19.83 20.43
CA ASP A 280 23.54 -19.89 19.42
C ASP A 280 22.38 -18.97 19.82
N LEU A 281 22.49 -17.70 19.44
CA LEU A 281 21.46 -16.71 19.74
C LEU A 281 21.62 -15.53 18.79
N GLU A 282 20.55 -15.19 18.10
CA GLU A 282 20.50 -14.01 17.25
C GLU A 282 19.10 -13.41 17.34
N ILE A 283 19.04 -12.09 17.55
CA ILE A 283 17.77 -11.40 17.69
C ILE A 283 17.68 -10.40 16.55
N ILE A 284 16.85 -10.69 15.56
CA ILE A 284 16.68 -9.81 14.41
C ILE A 284 15.52 -8.86 14.69
N VAL A 285 15.64 -7.63 14.18
CA VAL A 285 14.62 -6.61 14.33
C VAL A 285 14.27 -6.10 12.95
N ILE A 286 12.98 -6.07 12.63
CA ILE A 286 12.50 -5.76 11.29
C ILE A 286 11.59 -4.54 11.39
N LEU A 287 12.11 -3.38 10.98
CA LEU A 287 11.30 -2.17 10.85
C LEU A 287 10.64 -2.12 9.49
N GLU A 288 9.38 -1.70 9.47
CA GLU A 288 8.61 -1.66 8.22
C GLU A 288 7.70 -0.45 8.22
N GLY A 289 7.37 0.01 7.03
CA GLY A 289 6.48 1.15 6.86
C GLY A 289 6.61 1.72 5.47
N VAL A 290 5.68 2.61 5.14
CA VAL A 290 5.68 3.26 3.83
C VAL A 290 6.35 4.62 3.96
N VAL A 291 6.99 5.04 2.88
CA VAL A 291 7.62 6.36 2.83
C VAL A 291 6.55 7.42 2.61
N GLU A 292 6.67 8.53 3.33
CA GLU A 292 5.73 9.64 3.16
C GLU A 292 5.81 10.23 1.77
N THR A 293 6.98 10.15 1.12
CA THR A 293 7.19 10.79 -0.16
C THR A 293 6.63 9.96 -1.31
N THR A 294 7.15 8.74 -1.48
CA THR A 294 6.75 7.89 -2.60
C THR A 294 5.50 7.06 -2.30
N GLY A 295 5.10 6.94 -1.05
CA GLY A 295 3.97 6.08 -0.70
C GLY A 295 4.21 4.61 -0.93
N ILE A 296 5.45 4.16 -0.77
CA ILE A 296 5.85 2.79 -1.08
C ILE A 296 6.43 2.16 0.18
N THR A 297 5.95 0.95 0.52
CA THR A 297 6.41 0.26 1.71
C THR A 297 7.89 -0.11 1.59
N THR A 298 8.65 0.23 2.62
CA THR A 298 10.06 -0.13 2.72
C THR A 298 10.27 -0.94 3.99
N GLN A 299 11.40 -1.66 4.02
CA GLN A 299 11.74 -2.49 5.17
C GLN A 299 13.21 -2.33 5.49
N ALA A 300 13.50 -1.96 6.74
CA ALA A 300 14.86 -1.94 7.26
C ALA A 300 14.98 -2.98 8.36
N ARG A 301 16.18 -3.55 8.49
CA ARG A 301 16.37 -4.63 9.44
C ARG A 301 17.82 -4.63 9.93
N THR A 302 18.05 -5.39 11.00
CA THR A 302 19.37 -5.56 11.60
C THR A 302 19.33 -6.82 12.44
N SER A 303 20.46 -7.15 13.05
CA SER A 303 20.53 -8.30 13.94
C SER A 303 21.43 -8.00 15.12
N TYR A 304 21.29 -8.83 16.16
CA TYR A 304 22.10 -8.72 17.37
C TYR A 304 22.49 -10.13 17.79
N LEU A 305 23.77 -10.47 17.65
CA LEU A 305 24.28 -11.72 18.16
C LEU A 305 24.42 -11.62 19.68
N ALA A 306 24.79 -12.74 20.30
CA ALA A 306 24.85 -12.78 21.77
C ALA A 306 25.97 -11.90 22.31
N ASP A 307 27.10 -11.82 21.60
CA ASP A 307 28.17 -10.92 22.03
C ASP A 307 27.80 -9.47 21.81
N GLU A 308 26.99 -9.17 20.80
CA GLU A 308 26.54 -7.81 20.54
C GLU A 308 25.51 -7.32 21.56
N ILE A 309 24.95 -8.22 22.36
CA ILE A 309 24.01 -7.85 23.42
C ILE A 309 24.80 -7.59 24.68
N LEU A 310 24.63 -6.41 25.27
CA LEU A 310 25.35 -6.01 26.47
C LEU A 310 24.46 -6.19 27.69
N TRP A 311 25.07 -6.60 28.81
CA TRP A 311 24.36 -6.83 30.05
C TRP A 311 24.75 -5.75 31.06
N GLY A 312 23.77 -5.30 31.84
CA GLY A 312 24.03 -4.29 32.84
C GLY A 312 24.26 -2.90 32.28
N GLN A 313 23.79 -2.64 31.07
CA GLN A 313 23.94 -1.33 30.44
C GLN A 313 22.58 -0.86 29.94
N ARG A 314 22.43 0.46 29.82
CA ARG A 314 21.24 1.05 29.23
C ARG A 314 21.66 2.27 28.44
N PHE A 315 20.84 2.63 27.46
CA PHE A 315 21.18 3.72 26.55
C PHE A 315 21.14 5.06 27.27
N VAL A 316 22.07 5.93 26.91
CA VAL A 316 22.16 7.28 27.47
C VAL A 316 21.00 8.10 26.93
N PRO A 317 20.55 9.14 27.63
CA PRO A 317 19.51 10.03 27.06
C PRO A 317 20.07 10.79 25.86
N ILE A 318 19.32 10.75 24.76
CA ILE A 318 19.79 11.31 23.50
C ILE A 318 19.07 12.61 23.14
N VAL A 319 17.89 12.88 23.71
CA VAL A 319 17.11 14.07 23.36
C VAL A 319 17.33 15.12 24.44
N ALA A 320 17.49 16.38 24.01
CA ALA A 320 17.59 17.50 24.92
C ALA A 320 16.73 18.65 24.39
N GLU A 321 16.31 19.51 25.30
CA GLU A 321 15.50 20.68 24.95
C GLU A 321 16.44 21.90 24.93
N GLU A 322 16.80 22.34 23.73
CA GLU A 322 17.75 23.43 23.53
C GLU A 322 17.07 24.55 22.75
N ASP A 323 16.99 25.73 23.36
CA ASP A 323 16.54 26.97 22.72
C ASP A 323 15.15 26.85 22.10
N GLY A 324 14.22 26.29 22.88
CA GLY A 324 12.83 26.22 22.46
C GLY A 324 12.49 25.09 21.51
N ARG A 325 13.43 24.18 21.25
CA ARG A 325 13.18 23.01 20.42
C ARG A 325 13.75 21.77 21.10
N TYR A 326 13.21 20.61 20.73
CA TYR A 326 13.78 19.34 21.15
C TYR A 326 14.91 18.98 20.19
N SER A 327 16.12 18.86 20.70
CA SER A 327 17.29 18.57 19.88
C SER A 327 17.76 17.15 20.15
N VAL A 328 18.10 16.45 19.07
CA VAL A 328 18.64 15.09 19.15
C VAL A 328 20.11 15.14 18.78
N ASP A 329 20.97 14.67 19.68
CA ASP A 329 22.40 14.61 19.45
C ASP A 329 22.76 13.20 18.99
N TYR A 330 22.88 13.02 17.68
CA TYR A 330 23.13 11.69 17.11
C TYR A 330 24.54 11.19 17.38
N SER A 331 25.44 12.00 17.93
CA SER A 331 26.75 11.51 18.30
C SER A 331 26.68 10.53 19.46
N LYS A 332 25.66 10.65 20.31
CA LYS A 332 25.43 9.73 21.42
C LYS A 332 24.34 8.72 21.09
N PHE A 333 24.28 8.24 19.84
CA PHE A 333 23.19 7.37 19.43
C PHE A 333 23.29 5.99 20.07
N GLY A 334 24.50 5.45 20.19
CA GLY A 334 24.66 4.11 20.71
C GLY A 334 25.48 4.01 21.99
N ASN A 335 25.61 5.14 22.70
CA ASN A 335 26.36 5.14 23.94
C ASN A 335 25.53 4.54 25.07
N THR A 336 26.13 3.63 25.83
CA THR A 336 25.47 2.97 26.93
C THR A 336 26.25 3.21 28.23
N ILE A 337 25.54 3.30 29.34
CA ILE A 337 26.12 3.51 30.65
C ILE A 337 25.95 2.23 31.46
N LYS A 338 27.05 1.75 32.04
CA LYS A 338 27.03 0.51 32.82
C LYS A 338 26.24 0.73 34.10
N VAL A 339 25.12 0.02 34.22
CA VAL A 339 24.17 0.22 35.31
C VAL A 339 24.16 -1.03 36.20
N PRO A 340 24.15 -0.90 37.53
CA PRO A 340 24.07 -2.10 38.38
C PRO A 340 22.72 -2.80 38.28
N THR A 341 22.71 -3.93 37.59
CA THR A 341 21.57 -4.81 37.42
C THR A 341 21.94 -6.20 37.93
N PRO A 342 20.97 -7.00 38.39
CA PRO A 342 21.30 -8.34 38.89
C PRO A 342 21.84 -9.24 37.78
N LEU A 343 23.02 -9.81 38.02
CA LEU A 343 23.68 -10.67 37.02
C LEU A 343 23.16 -12.11 37.13
N CYS A 344 21.88 -12.25 36.82
CA CYS A 344 21.21 -13.54 36.77
C CYS A 344 20.01 -13.41 35.86
N THR A 345 19.55 -14.54 35.34
CA THR A 345 18.49 -14.52 34.34
C THR A 345 17.13 -14.22 34.98
N ALA A 346 16.16 -13.87 34.12
CA ALA A 346 14.88 -13.37 34.60
C ALA A 346 14.05 -14.46 35.28
N ARG A 347 14.23 -15.73 34.89
CA ARG A 347 13.56 -16.81 35.60
C ARG A 347 14.06 -16.89 37.04
N GLN A 348 15.38 -16.79 37.23
CA GLN A 348 15.93 -16.73 38.58
C GLN A 348 15.46 -15.48 39.31
N LEU A 349 15.24 -14.38 38.58
CA LEU A 349 14.68 -13.20 39.21
C LEU A 349 13.26 -13.46 39.72
N ASP A 350 12.44 -14.17 38.95
CA ASP A 350 11.09 -14.49 39.39
C ASP A 350 11.10 -15.42 40.59
N GLU A 351 11.92 -16.48 40.55
CA GLU A 351 12.00 -17.40 41.68
C GLU A 351 12.53 -16.71 42.93
N ASP A 352 13.58 -15.90 42.78
CA ASP A 352 14.18 -15.20 43.90
C ASP A 352 13.24 -14.14 44.46
N HIS A 353 12.49 -13.45 43.60
CA HIS A 353 11.51 -12.48 44.06
C HIS A 353 10.37 -13.14 44.81
N SER A 354 9.93 -14.31 44.35
CA SER A 354 8.93 -15.07 45.11
C SER A 354 9.49 -15.55 46.45
N LEU A 355 10.78 -15.86 46.50
CA LEU A 355 11.42 -16.17 47.77
C LEU A 355 11.43 -14.97 48.71
N LEU A 356 11.76 -13.78 48.17
CA LEU A 356 11.80 -12.58 48.99
C LEU A 356 10.40 -12.14 49.41
N GLU A 357 9.42 -12.30 48.53
CA GLU A 357 8.04 -11.92 48.85
C GLU A 357 7.39 -12.97 49.75
N PRO B 2 34.48 4.64 -49.67
CA PRO B 2 33.97 4.02 -48.43
C PRO B 2 33.61 2.56 -48.62
N LEU B 3 33.22 1.89 -47.54
CA LEU B 3 32.87 0.47 -47.61
C LEU B 3 31.53 0.28 -48.30
N ALA B 4 31.49 -0.66 -49.24
CA ALA B 4 30.27 -1.02 -49.95
C ALA B 4 30.02 -2.50 -49.79
N PHE B 5 28.75 -2.88 -49.62
CA PHE B 5 28.40 -4.28 -49.38
C PHE B 5 28.68 -5.14 -50.61
N CYS B 6 28.20 -4.71 -51.78
CA CYS B 6 28.48 -5.41 -53.03
C CYS B 6 29.76 -4.92 -53.70
N GLY B 7 30.38 -3.87 -53.18
CA GLY B 7 31.56 -3.29 -53.79
C GLY B 7 31.21 -2.27 -54.86
N THR B 8 32.16 -1.37 -55.12
CA THR B 8 31.99 -0.31 -56.11
C THR B 8 32.67 -0.77 -57.40
N GLU B 9 31.90 -1.45 -58.25
CA GLU B 9 32.39 -1.94 -59.53
C GLU B 9 31.45 -1.49 -60.64
N ASN B 10 32.02 -0.91 -61.70
CA ASN B 10 31.28 -0.41 -62.87
C ASN B 10 30.20 0.59 -62.46
N HIS B 11 30.62 1.59 -61.67
CA HIS B 11 29.75 2.61 -61.09
C HIS B 11 28.63 1.97 -60.26
N SER B 12 29.02 1.04 -59.38
CA SER B 12 28.12 0.32 -58.46
C SER B 12 27.01 -0.40 -59.22
N ALA B 13 27.41 -1.16 -60.26
CA ALA B 13 26.45 -1.92 -61.04
C ALA B 13 25.96 -3.18 -60.35
N ALA B 14 26.65 -3.63 -59.30
CA ALA B 14 26.20 -4.79 -58.54
C ALA B 14 24.99 -4.49 -57.68
N TYR B 15 24.68 -3.22 -57.44
CA TYR B 15 23.46 -2.83 -56.74
C TYR B 15 22.25 -2.75 -57.67
N ARG B 16 22.45 -2.92 -58.98
CA ARG B 16 21.34 -2.96 -59.90
C ARG B 16 20.56 -4.26 -59.71
N VAL B 17 19.23 -4.14 -59.64
CA VAL B 17 18.37 -5.23 -59.22
C VAL B 17 17.31 -5.57 -60.25
N ASP B 18 17.31 -4.89 -61.42
CA ASP B 18 16.23 -5.01 -62.40
C ASP B 18 16.12 -6.41 -63.00
N GLN B 19 17.26 -7.12 -63.13
CA GLN B 19 17.29 -8.45 -63.74
C GLN B 19 16.52 -9.48 -62.93
N GLY B 20 16.21 -9.18 -61.67
CA GLY B 20 15.57 -10.12 -60.77
C GLY B 20 16.21 -9.99 -59.41
N VAL B 21 15.39 -9.67 -58.41
CA VAL B 21 15.92 -9.31 -57.10
C VAL B 21 16.48 -10.54 -56.39
N LEU B 22 15.84 -11.70 -56.56
CA LEU B 22 16.28 -12.90 -55.88
C LEU B 22 17.52 -13.52 -56.52
N ASN B 23 17.71 -13.33 -57.83
CA ASN B 23 18.90 -13.84 -58.51
C ASN B 23 20.04 -12.84 -58.55
N ASN B 24 19.87 -11.66 -57.95
CA ASN B 24 21.01 -10.80 -57.71
C ASN B 24 21.83 -11.40 -56.56
N GLY B 25 23.12 -11.58 -56.78
CA GLY B 25 23.93 -12.34 -55.84
C GLY B 25 24.09 -11.69 -54.48
N CYS B 26 24.35 -10.38 -54.46
CA CYS B 26 24.53 -9.78 -53.15
C CYS B 26 23.21 -9.45 -52.46
N PHE B 27 22.07 -9.51 -53.15
CA PHE B 27 20.82 -9.39 -52.38
C PHE B 27 20.51 -10.66 -51.60
N VAL B 28 20.74 -11.84 -52.19
CA VAL B 28 20.53 -13.04 -51.40
C VAL B 28 21.64 -13.17 -50.35
N ASP B 29 22.84 -12.68 -50.66
CA ASP B 29 23.88 -12.56 -49.64
C ASP B 29 23.48 -11.61 -48.50
N ALA B 30 22.73 -10.55 -48.82
CA ALA B 30 22.20 -9.65 -47.79
C ALA B 30 21.03 -10.28 -47.05
N LEU B 31 20.29 -11.15 -47.73
CA LEU B 31 19.17 -11.85 -47.13
C LEU B 31 19.73 -12.80 -46.08
N ASN B 32 20.94 -13.28 -46.32
CA ASN B 32 21.63 -14.18 -45.41
C ASN B 32 21.91 -13.50 -44.08
N VAL B 33 22.28 -12.22 -44.15
CA VAL B 33 22.59 -11.45 -42.96
C VAL B 33 21.39 -11.30 -42.03
N VAL B 34 20.21 -11.15 -42.63
CA VAL B 34 18.95 -10.98 -41.91
C VAL B 34 18.76 -11.84 -40.65
N PRO B 35 18.64 -13.17 -40.81
CA PRO B 35 18.45 -14.03 -39.63
C PRO B 35 19.48 -13.83 -38.52
N HIS B 36 20.75 -13.56 -38.87
CA HIS B 36 21.76 -13.36 -37.83
C HIS B 36 21.49 -12.07 -37.05
N VAL B 37 21.14 -10.99 -37.77
CA VAL B 37 20.82 -9.72 -37.11
C VAL B 37 19.58 -9.86 -36.24
N PHE B 38 18.56 -10.58 -36.74
CA PHE B 38 17.36 -10.84 -35.96
C PHE B 38 17.67 -11.63 -34.70
N LEU B 39 18.50 -12.66 -34.82
CA LEU B 39 18.86 -13.48 -33.67
C LEU B 39 19.59 -12.66 -32.61
N LEU B 40 20.56 -11.84 -33.05
CA LEU B 40 21.26 -10.96 -32.11
C LEU B 40 20.29 -10.00 -31.44
N PHE B 41 19.36 -9.43 -32.23
CA PHE B 41 18.38 -8.47 -31.73
C PHE B 41 17.50 -9.06 -30.64
N ILE B 42 16.98 -10.27 -30.85
CA ILE B 42 16.10 -10.82 -29.82
C ILE B 42 16.91 -11.36 -28.64
N THR B 43 18.00 -12.09 -28.92
CA THR B 43 18.68 -12.84 -27.88
C THR B 43 19.54 -11.97 -26.97
N PHE B 44 20.08 -10.85 -27.47
CA PHE B 44 20.98 -10.05 -26.65
C PHE B 44 20.29 -9.48 -25.41
N PRO B 45 19.12 -8.82 -25.47
CA PRO B 45 18.50 -8.34 -24.22
C PRO B 45 18.14 -9.43 -23.21
N ILE B 46 17.77 -10.63 -23.67
CA ILE B 46 17.46 -11.72 -22.75
C ILE B 46 18.72 -12.16 -21.99
N LEU B 47 19.81 -12.38 -22.72
CA LEU B 47 21.07 -12.79 -22.10
C LEU B 47 21.63 -11.70 -21.20
N PHE B 48 21.53 -10.45 -21.65
CA PHE B 48 22.05 -9.31 -20.88
C PHE B 48 21.24 -9.09 -19.60
N ILE B 49 19.92 -9.29 -19.65
CA ILE B 49 19.10 -9.22 -18.45
C ILE B 49 19.44 -10.37 -17.51
N GLY B 50 19.57 -11.59 -18.04
CA GLY B 50 19.93 -12.73 -17.21
C GLY B 50 21.32 -12.66 -16.63
N TRP B 51 22.23 -11.92 -17.28
CA TRP B 51 23.59 -11.75 -16.79
C TRP B 51 23.72 -10.64 -15.74
N GLY B 52 22.65 -9.91 -15.44
CA GLY B 52 22.71 -8.87 -14.44
C GLY B 52 22.31 -9.36 -13.06
N HIS B 61 22.68 -18.08 -6.16
CA HIS B 61 21.86 -19.27 -5.96
C HIS B 61 22.53 -20.50 -6.58
N HIS B 62 21.75 -21.56 -6.74
CA HIS B 62 22.23 -22.79 -7.38
C HIS B 62 21.04 -23.44 -8.08
N SER B 63 21.19 -23.72 -9.37
CA SER B 63 20.06 -24.02 -10.24
C SER B 63 19.79 -25.52 -10.43
N THR B 64 20.80 -26.38 -10.34
CA THR B 64 20.71 -27.80 -10.69
C THR B 64 20.05 -27.98 -12.06
N TRP B 65 20.76 -27.47 -13.04
CA TRP B 65 20.39 -27.51 -14.46
C TRP B 65 20.08 -28.91 -14.94
N LEU B 66 19.25 -28.99 -15.98
CA LEU B 66 19.02 -30.23 -16.70
C LEU B 66 19.52 -30.05 -18.14
N HIS B 67 19.47 -31.13 -18.91
CA HIS B 67 19.89 -31.11 -20.30
C HIS B 67 18.71 -31.47 -21.19
N PHE B 68 18.47 -30.63 -22.20
CA PHE B 68 17.45 -30.90 -23.19
C PHE B 68 17.86 -32.09 -24.06
N PRO B 69 16.89 -32.78 -24.68
CA PRO B 69 17.25 -33.82 -25.64
C PRO B 69 18.00 -33.26 -26.83
N GLY B 70 18.93 -34.05 -27.36
CA GLY B 70 19.80 -33.57 -28.42
C GLY B 70 20.81 -32.54 -27.98
N HIS B 71 21.17 -32.54 -26.70
CA HIS B 71 22.14 -31.58 -26.17
C HIS B 71 23.53 -31.80 -26.80
N ASN B 72 24.03 -33.03 -26.71
CA ASN B 72 25.33 -33.36 -27.29
C ASN B 72 25.32 -33.18 -28.81
N LEU B 73 24.22 -33.57 -29.45
CA LEU B 73 24.11 -33.46 -30.90
C LEU B 73 24.16 -32.00 -31.35
N ARG B 74 23.45 -31.11 -30.65
CA ARG B 74 23.47 -29.71 -31.08
C ARG B 74 24.78 -29.02 -30.72
N TRP B 75 25.45 -29.44 -29.64
CA TRP B 75 26.78 -28.89 -29.37
C TRP B 75 27.79 -29.31 -30.46
N ILE B 76 27.74 -30.59 -30.88
CA ILE B 76 28.58 -31.06 -31.97
C ILE B 76 28.26 -30.33 -33.26
N LEU B 77 26.96 -30.15 -33.55
CA LEU B 77 26.54 -29.46 -34.76
C LEU B 77 26.99 -28.01 -34.78
N THR B 78 26.94 -27.34 -33.63
CA THR B 78 27.39 -25.95 -33.62
C THR B 78 28.91 -25.83 -33.68
N PHE B 79 29.64 -26.82 -33.16
CA PHE B 79 31.09 -26.82 -33.35
C PHE B 79 31.46 -26.98 -34.83
N ILE B 80 30.79 -27.91 -35.51
CA ILE B 80 30.97 -28.08 -36.95
C ILE B 80 30.56 -26.81 -37.70
N LEU B 81 29.48 -26.17 -37.24
CA LEU B 81 29.00 -24.94 -37.85
C LEU B 81 30.01 -23.81 -37.71
N LEU B 82 30.64 -23.68 -36.54
CA LEU B 82 31.66 -22.67 -36.33
C LEU B 82 32.87 -22.93 -37.23
N PHE B 83 33.26 -24.19 -37.39
CA PHE B 83 34.37 -24.52 -38.29
C PHE B 83 34.04 -24.14 -39.73
N VAL B 84 32.84 -24.49 -40.19
CA VAL B 84 32.45 -24.18 -41.56
C VAL B 84 32.32 -22.68 -41.78
N LEU B 85 31.86 -21.94 -40.76
CA LEU B 85 31.78 -20.49 -40.89
C LEU B 85 33.15 -19.83 -40.90
N VAL B 86 34.11 -20.39 -40.16
CA VAL B 86 35.50 -19.92 -40.27
C VAL B 86 36.02 -20.15 -41.68
N CYS B 87 35.72 -21.32 -42.26
CA CYS B 87 36.11 -21.59 -43.65
C CYS B 87 35.44 -20.62 -44.61
N GLU B 88 34.18 -20.27 -44.35
CA GLU B 88 33.46 -19.32 -45.19
C GLU B 88 34.08 -17.93 -45.13
N ILE B 89 34.43 -17.47 -43.93
CA ILE B 89 35.11 -16.19 -43.76
C ILE B 89 36.46 -16.20 -44.47
N ALA B 90 37.20 -17.31 -44.33
CA ALA B 90 38.51 -17.43 -44.94
C ALA B 90 38.43 -17.38 -46.46
N GLU B 91 37.49 -18.11 -47.05
CA GLU B 91 37.37 -18.09 -48.50
C GLU B 91 36.82 -16.77 -49.01
N GLY B 92 35.95 -16.11 -48.25
CA GLY B 92 35.46 -14.80 -48.66
C GLY B 92 36.54 -13.73 -48.64
N ILE B 93 37.39 -13.74 -47.61
CA ILE B 93 38.52 -12.82 -47.57
C ILE B 93 39.53 -13.17 -48.66
N LEU B 94 39.72 -14.47 -48.90
CA LEU B 94 40.69 -14.92 -49.89
C LEU B 94 40.26 -14.61 -51.31
N SER B 95 38.95 -14.56 -51.58
CA SER B 95 38.45 -14.48 -52.94
C SER B 95 38.28 -13.05 -53.47
N ASP B 96 38.49 -12.02 -52.65
CA ASP B 96 38.42 -10.65 -53.12
C ASP B 96 39.75 -9.92 -52.95
N GLY B 97 40.85 -10.66 -52.95
CA GLY B 97 42.16 -10.08 -52.87
C GLY B 97 42.70 -9.53 -54.17
N VAL B 98 41.93 -9.60 -55.25
CA VAL B 98 42.33 -9.12 -56.56
C VAL B 98 41.65 -7.82 -56.93
N THR B 99 40.38 -7.65 -56.55
CA THR B 99 39.63 -6.45 -56.89
C THR B 99 40.06 -5.28 -56.00
N GLU B 100 39.98 -4.07 -56.56
CA GLU B 100 40.39 -2.89 -55.82
C GLU B 100 39.40 -2.54 -54.72
N SER B 101 38.11 -2.77 -54.94
CA SER B 101 37.10 -2.46 -53.95
C SER B 101 36.83 -3.67 -53.07
N ARG B 102 36.62 -3.42 -51.78
CA ARG B 102 36.39 -4.51 -50.83
C ARG B 102 34.92 -4.95 -50.90
N HIS B 103 34.72 -6.22 -51.23
CA HIS B 103 33.38 -6.81 -51.29
C HIS B 103 33.05 -7.36 -49.90
N LEU B 104 32.27 -6.60 -49.14
CA LEU B 104 31.94 -7.02 -47.78
C LEU B 104 31.02 -8.24 -47.77
N HIS B 105 30.21 -8.42 -48.81
CA HIS B 105 29.21 -9.48 -48.83
C HIS B 105 29.84 -10.87 -48.90
N LEU B 106 31.14 -10.99 -49.18
CA LEU B 106 31.79 -12.28 -49.23
C LEU B 106 32.08 -12.86 -47.85
N TYR B 107 32.37 -12.01 -46.86
CA TYR B 107 32.80 -12.51 -45.55
C TYR B 107 32.00 -11.95 -44.38
N MET B 108 31.51 -10.71 -44.50
CA MET B 108 30.72 -10.12 -43.43
C MET B 108 29.43 -10.88 -43.10
N PRO B 109 28.63 -11.39 -44.06
CA PRO B 109 27.53 -12.29 -43.65
C PRO B 109 28.00 -13.54 -42.91
N ALA B 110 29.13 -14.10 -43.30
CA ALA B 110 29.66 -15.27 -42.60
C ALA B 110 30.19 -14.90 -41.21
N GLY B 111 30.77 -13.69 -41.07
CA GLY B 111 31.19 -13.26 -39.74
C GLY B 111 30.02 -13.03 -38.80
N MET B 112 28.96 -12.40 -39.29
CA MET B 112 27.76 -12.26 -38.47
C MET B 112 27.11 -13.61 -38.20
N ALA B 113 27.24 -14.56 -39.12
CA ALA B 113 26.77 -15.92 -38.86
C ALA B 113 27.57 -16.57 -37.74
N PHE B 114 28.89 -16.35 -37.71
CA PHE B 114 29.73 -16.88 -36.64
C PHE B 114 29.33 -16.30 -35.28
N MET B 115 29.13 -14.97 -35.25
CA MET B 115 28.69 -14.32 -34.02
C MET B 115 27.32 -14.83 -33.58
N ALA B 116 26.41 -15.02 -34.55
CA ALA B 116 25.08 -15.53 -34.24
C ALA B 116 25.13 -16.98 -33.75
N ALA B 117 26.05 -17.79 -34.27
CA ALA B 117 26.16 -19.17 -33.81
C ALA B 117 26.67 -19.24 -32.36
N ILE B 118 27.67 -18.40 -32.03
CA ILE B 118 28.13 -18.34 -30.64
C ILE B 118 27.03 -17.82 -29.73
N THR B 119 26.29 -16.80 -30.19
CA THR B 119 25.17 -16.27 -29.44
C THR B 119 24.08 -17.32 -29.24
N SER B 120 23.82 -18.14 -30.26
CA SER B 120 22.84 -19.20 -30.16
C SER B 120 23.26 -20.26 -29.14
N VAL B 121 24.56 -20.59 -29.11
CA VAL B 121 25.04 -21.55 -28.11
C VAL B 121 24.86 -20.99 -26.70
N VAL B 122 25.19 -19.72 -26.49
CA VAL B 122 25.06 -19.13 -25.15
C VAL B 122 23.59 -19.01 -24.75
N TYR B 123 22.74 -18.61 -25.71
CA TYR B 123 21.31 -18.47 -25.46
C TYR B 123 20.68 -19.82 -25.14
N TYR B 124 21.07 -20.87 -25.86
CA TYR B 124 20.59 -22.21 -25.56
C TYR B 124 21.05 -22.67 -24.18
N HIS B 125 22.30 -22.35 -23.82
CA HIS B 125 22.80 -22.74 -22.49
C HIS B 125 22.01 -22.06 -21.38
N ASN B 126 21.68 -20.79 -21.56
CA ASN B 126 20.93 -20.08 -20.52
C ASN B 126 19.47 -20.50 -20.49
N ILE B 127 18.90 -20.90 -21.64
CA ILE B 127 17.57 -21.49 -21.64
C ILE B 127 17.58 -22.82 -20.91
N GLU B 128 18.56 -23.67 -21.22
CA GLU B 128 18.65 -25.02 -20.68
C GLU B 128 18.88 -25.02 -19.17
N THR B 129 19.72 -24.10 -18.70
CA THR B 129 19.99 -24.01 -17.26
C THR B 129 18.76 -23.54 -16.50
N SER B 130 18.10 -22.49 -16.99
CA SER B 130 16.92 -21.96 -16.32
C SER B 130 15.68 -22.81 -16.55
N ASN B 131 15.74 -23.78 -17.47
CA ASN B 131 14.65 -24.71 -17.79
C ASN B 131 13.38 -23.95 -18.18
N PHE B 132 13.51 -23.07 -19.16
CA PHE B 132 12.38 -22.35 -19.75
C PHE B 132 12.41 -22.61 -21.25
N PRO B 133 11.90 -23.76 -21.68
CA PRO B 133 12.01 -24.12 -23.10
C PRO B 133 11.19 -23.25 -24.04
N LYS B 134 10.24 -22.47 -23.52
CA LYS B 134 9.44 -21.58 -24.37
C LYS B 134 10.26 -20.45 -24.99
N LEU B 135 11.48 -20.21 -24.51
CA LEU B 135 12.39 -19.27 -25.17
C LEU B 135 13.13 -19.88 -26.36
N LEU B 136 12.98 -21.18 -26.59
CA LEU B 136 13.56 -21.83 -27.77
C LEU B 136 12.79 -21.52 -29.05
N ILE B 137 11.67 -20.79 -28.95
CA ILE B 137 10.96 -20.30 -30.14
C ILE B 137 11.88 -19.38 -30.95
N ALA B 138 12.68 -18.57 -30.26
CA ALA B 138 13.64 -17.71 -30.95
C ALA B 138 14.65 -18.52 -31.75
N LEU B 139 15.17 -19.61 -31.15
CA LEU B 139 16.09 -20.48 -31.86
C LEU B 139 15.41 -21.19 -33.04
N LEU B 140 14.16 -21.61 -32.85
CA LEU B 140 13.42 -22.25 -33.93
C LEU B 140 13.22 -21.31 -35.10
N ILE B 141 12.84 -20.06 -34.83
CA ILE B 141 12.67 -19.05 -35.87
C ILE B 141 14.00 -18.76 -36.54
N TYR B 142 15.08 -18.68 -35.76
CA TYR B 142 16.40 -18.39 -36.33
C TYR B 142 16.88 -19.51 -37.24
N TRP B 143 16.73 -20.77 -36.82
CA TRP B 143 17.15 -21.87 -37.67
C TRP B 143 16.29 -21.95 -38.92
N THR B 144 14.98 -21.66 -38.81
CA THR B 144 14.12 -21.62 -39.98
C THR B 144 14.56 -20.56 -40.98
N LEU B 145 14.81 -19.34 -40.49
CA LEU B 145 15.20 -18.24 -41.38
C LEU B 145 16.58 -18.48 -42.00
N ALA B 146 17.54 -18.96 -41.20
CA ALA B 146 18.87 -19.24 -41.73
C ALA B 146 18.84 -20.37 -42.76
N PHE B 147 18.06 -21.42 -42.49
CA PHE B 147 17.93 -22.52 -43.44
C PHE B 147 17.27 -22.06 -44.73
N ILE B 148 16.24 -21.22 -44.64
CA ILE B 148 15.55 -20.72 -45.83
C ILE B 148 16.48 -19.85 -46.67
N THR B 149 17.20 -18.92 -46.04
CA THR B 149 18.07 -18.03 -46.79
C THR B 149 19.26 -18.78 -47.39
N LYS B 150 19.82 -19.74 -46.65
CA LYS B 150 20.89 -20.56 -47.19
C LYS B 150 20.41 -21.44 -48.33
N THR B 151 19.17 -21.92 -48.26
CA THR B 151 18.59 -22.69 -49.35
C THR B 151 18.41 -21.83 -50.59
N ILE B 152 17.98 -20.57 -50.40
CA ILE B 152 17.86 -19.65 -51.52
C ILE B 152 19.23 -19.40 -52.17
N LYS B 153 20.26 -19.22 -51.34
CA LYS B 153 21.62 -19.03 -51.87
C LYS B 153 22.09 -20.25 -52.64
N PHE B 154 21.85 -21.46 -52.09
CA PHE B 154 22.26 -22.69 -52.75
C PHE B 154 21.51 -22.90 -54.07
N VAL B 155 20.22 -22.63 -54.10
CA VAL B 155 19.41 -22.83 -55.30
C VAL B 155 19.81 -21.82 -56.38
N LYS B 156 20.05 -20.57 -56.00
CA LYS B 156 20.50 -19.59 -56.99
C LYS B 156 21.91 -19.88 -57.48
N PHE B 157 22.77 -20.44 -56.62
CA PHE B 157 24.08 -20.91 -57.08
C PHE B 157 23.94 -22.02 -58.11
N TYR B 158 23.05 -22.98 -57.85
CA TYR B 158 22.82 -24.06 -58.81
C TYR B 158 22.22 -23.53 -60.11
N ASP B 159 21.35 -22.51 -60.02
CA ASP B 159 20.79 -21.91 -61.22
C ASP B 159 21.81 -21.10 -62.00
N HIS B 160 22.87 -20.61 -61.35
CA HIS B 160 23.91 -19.83 -62.02
C HIS B 160 25.16 -20.65 -62.30
N ALA B 161 25.00 -21.97 -62.48
CA ALA B 161 26.05 -22.89 -62.91
C ALA B 161 27.24 -22.95 -61.95
N ILE B 162 26.98 -22.74 -60.66
CA ILE B 162 28.03 -22.92 -59.65
C ILE B 162 28.07 -24.41 -59.28
N GLY B 163 29.21 -25.05 -59.52
CA GLY B 163 29.39 -26.45 -59.23
C GLY B 163 30.25 -26.70 -58.00
N PHE B 164 30.63 -27.96 -57.83
CA PHE B 164 31.45 -28.36 -56.70
C PHE B 164 32.92 -28.00 -56.87
N SER B 165 33.32 -27.52 -58.05
CA SER B 165 34.70 -27.07 -58.24
C SER B 165 34.99 -25.83 -57.41
N GLN B 166 34.00 -24.96 -57.21
CA GLN B 166 34.17 -23.77 -56.41
C GLN B 166 33.80 -24.08 -54.96
N LEU B 167 34.67 -23.67 -54.03
CA LEU B 167 34.54 -24.08 -52.64
C LEU B 167 33.30 -23.49 -51.97
N ARG B 168 32.95 -22.24 -52.32
CA ARG B 168 31.84 -21.55 -51.68
C ARG B 168 30.52 -22.29 -51.85
N PHE B 169 30.35 -22.98 -52.98
CA PHE B 169 29.18 -23.83 -53.19
C PHE B 169 29.15 -24.99 -52.19
N CYS B 170 30.30 -25.64 -52.00
CA CYS B 170 30.38 -26.74 -51.05
C CYS B 170 30.14 -26.27 -49.62
N LEU B 171 30.70 -25.11 -49.27
CA LEU B 171 30.53 -24.59 -47.91
C LEU B 171 29.10 -24.16 -47.65
N THR B 172 28.44 -23.55 -48.64
CA THR B 172 27.05 -23.15 -48.42
C THR B 172 26.11 -24.35 -48.44
N GLY B 173 26.48 -25.43 -49.16
CA GLY B 173 25.73 -26.67 -49.04
C GLY B 173 25.87 -27.29 -47.67
N LEU B 174 27.09 -27.26 -47.11
CA LEU B 174 27.32 -27.69 -45.74
C LEU B 174 26.51 -26.85 -44.76
N LEU B 175 26.42 -25.53 -45.02
CA LEU B 175 25.63 -24.65 -44.17
C LEU B 175 24.14 -24.97 -44.24
N VAL B 176 23.64 -25.29 -45.44
CA VAL B 176 22.25 -25.71 -45.60
C VAL B 176 21.99 -26.97 -44.79
N ILE B 177 22.88 -27.96 -44.90
CA ILE B 177 22.72 -29.23 -44.20
C ILE B 177 22.80 -29.02 -42.69
N LEU B 178 23.73 -28.19 -42.22
CA LEU B 178 23.90 -27.97 -40.78
C LEU B 178 22.72 -27.19 -40.20
N TYR B 179 22.23 -26.18 -40.91
CA TYR B 179 21.05 -25.44 -40.43
C TYR B 179 19.82 -26.33 -40.41
N GLY B 180 19.68 -27.21 -41.40
CA GLY B 180 18.58 -28.18 -41.38
C GLY B 180 18.69 -29.15 -40.20
N MET B 181 19.91 -29.60 -39.91
CA MET B 181 20.10 -30.51 -38.77
C MET B 181 19.79 -29.82 -37.45
N LEU B 182 20.22 -28.57 -37.29
CA LEU B 182 19.93 -27.84 -36.05
C LEU B 182 18.44 -27.54 -35.91
N LEU B 183 17.77 -27.26 -37.03
CA LEU B 183 16.32 -27.12 -37.03
C LEU B 183 15.63 -28.41 -36.61
N LEU B 184 16.13 -29.55 -37.11
CA LEU B 184 15.59 -30.84 -36.70
C LEU B 184 15.82 -31.10 -35.22
N VAL B 185 16.96 -30.68 -34.70
CA VAL B 185 17.23 -30.82 -33.27
C VAL B 185 16.24 -30.00 -32.45
N GLU B 186 15.96 -28.77 -32.88
CA GLU B 186 14.99 -27.92 -32.18
C GLU B 186 13.58 -28.52 -32.23
N VAL B 187 13.19 -29.05 -33.39
CA VAL B 187 11.88 -29.70 -33.51
C VAL B 187 11.83 -30.97 -32.66
N ASN B 188 12.94 -31.69 -32.53
CA ASN B 188 12.97 -32.84 -31.64
C ASN B 188 12.84 -32.43 -30.17
N VAL B 189 13.42 -31.28 -29.81
CA VAL B 189 13.22 -30.74 -28.46
C VAL B 189 11.75 -30.41 -28.23
N ILE B 190 11.08 -29.90 -29.27
CA ILE B 190 9.62 -29.69 -29.20
C ILE B 190 8.91 -31.02 -28.98
N ARG B 191 9.32 -32.06 -29.72
CA ARG B 191 8.61 -33.33 -29.71
C ARG B 191 8.76 -34.06 -28.38
N VAL B 192 9.97 -34.09 -27.83
CA VAL B 192 10.21 -34.86 -26.60
C VAL B 192 9.59 -34.14 -25.40
N ARG B 193 10.03 -32.91 -25.16
CA ARG B 193 9.45 -32.07 -24.11
C ARG B 193 8.49 -31.10 -24.76
N ARG B 194 7.20 -31.26 -24.48
CA ARG B 194 6.16 -30.58 -25.24
C ARG B 194 5.85 -29.21 -24.62
N TYR B 195 6.81 -28.31 -24.77
CA TYR B 195 6.62 -26.95 -24.24
C TYR B 195 5.70 -26.10 -25.10
N ILE B 196 5.35 -26.54 -26.31
CA ILE B 196 4.47 -25.82 -27.20
C ILE B 196 3.54 -26.80 -27.90
N PHE B 197 2.34 -26.33 -28.25
CA PHE B 197 1.32 -26.99 -29.07
C PHE B 197 0.62 -28.17 -28.39
N PHE B 198 1.10 -28.56 -27.21
CA PHE B 198 0.50 -29.65 -26.47
C PHE B 198 -0.09 -29.13 -25.16
N LYS B 199 -1.18 -29.75 -24.72
CA LYS B 199 -1.96 -29.22 -23.62
C LYS B 199 -1.19 -29.27 -22.30
N THR B 200 -0.49 -30.38 -22.04
CA THR B 200 0.31 -30.54 -20.84
C THR B 200 1.75 -30.83 -21.23
N PRO B 201 2.69 -29.95 -20.89
CA PRO B 201 4.11 -30.26 -21.12
C PRO B 201 4.59 -31.42 -20.26
N ARG B 202 5.55 -32.17 -20.78
CA ARG B 202 6.14 -33.27 -20.04
C ARG B 202 7.21 -32.72 -19.09
N LYS B 203 6.90 -32.75 -17.79
CA LYS B 203 7.83 -32.22 -16.80
C LYS B 203 9.00 -33.17 -16.62
N VAL B 204 10.21 -32.62 -16.64
CA VAL B 204 11.44 -33.38 -16.46
C VAL B 204 12.19 -32.79 -15.27
N LYS B 205 12.56 -33.65 -14.33
CA LYS B 205 13.35 -33.25 -13.18
C LYS B 205 14.84 -33.44 -13.46
N PRO B 206 15.70 -32.59 -12.91
CA PRO B 206 17.15 -32.79 -13.05
C PRO B 206 17.60 -34.07 -12.36
N PRO B 207 18.77 -34.61 -12.73
CA PRO B 207 19.21 -35.90 -12.16
C PRO B 207 19.38 -35.86 -10.65
N GLU B 208 19.07 -36.99 -10.01
CA GLU B 208 19.00 -37.05 -8.56
C GLU B 208 20.37 -36.93 -7.91
N ASP B 209 21.44 -37.34 -8.60
CA ASP B 209 22.78 -37.14 -8.07
C ASP B 209 23.26 -35.70 -8.22
N LEU B 210 22.68 -34.94 -9.15
CA LEU B 210 23.03 -33.53 -9.27
C LEU B 210 22.39 -32.68 -8.18
N GLN B 211 21.19 -33.05 -7.74
CA GLN B 211 20.52 -32.34 -6.65
C GLN B 211 21.17 -32.58 -5.30
N ASP B 212 22.04 -33.59 -5.18
CA ASP B 212 22.69 -33.91 -3.91
C ASP B 212 23.70 -32.83 -3.58
N LEU B 213 23.43 -32.07 -2.52
CA LEU B 213 24.41 -31.11 -2.00
C LEU B 213 25.53 -31.90 -1.35
N GLY B 214 26.58 -32.16 -2.12
CA GLY B 214 27.63 -33.04 -1.67
C GLY B 214 28.22 -33.85 -2.81
N VAL B 215 27.63 -33.73 -3.99
CA VAL B 215 28.22 -34.26 -5.21
C VAL B 215 28.89 -33.09 -5.92
N ARG B 216 30.22 -33.05 -5.88
CA ARG B 216 30.98 -31.95 -6.44
C ARG B 216 31.87 -32.36 -7.59
N PHE B 217 31.82 -33.63 -8.02
CA PHE B 217 32.45 -34.05 -9.26
C PHE B 217 31.41 -33.91 -10.36
N LEU B 218 31.18 -32.67 -10.78
CA LEU B 218 30.12 -32.36 -11.73
C LEU B 218 30.63 -32.41 -13.17
N GLN B 219 31.32 -33.50 -13.52
CA GLN B 219 31.72 -33.75 -14.90
C GLN B 219 30.60 -34.34 -15.76
N PRO B 220 29.85 -35.39 -15.33
CA PRO B 220 28.80 -35.91 -16.23
C PRO B 220 27.61 -34.99 -16.41
N PHE B 221 27.48 -33.92 -15.62
CA PHE B 221 26.29 -33.08 -15.66
C PHE B 221 26.49 -31.75 -16.38
N VAL B 222 27.73 -31.33 -16.62
CA VAL B 222 27.98 -30.08 -17.33
C VAL B 222 27.86 -30.32 -18.82
N ASN B 223 27.84 -29.24 -19.59
CA ASN B 223 27.65 -29.33 -21.04
C ASN B 223 28.89 -29.89 -21.72
N LEU B 224 28.76 -30.15 -23.02
CA LEU B 224 29.80 -30.84 -23.78
C LEU B 224 31.08 -30.02 -23.86
N LEU B 225 30.96 -28.69 -24.06
CA LEU B 225 32.13 -27.83 -24.05
C LEU B 225 32.77 -27.79 -22.67
N SER B 226 31.95 -27.76 -21.62
CA SER B 226 32.47 -27.82 -20.26
C SER B 226 33.00 -29.19 -19.90
N LYS B 227 32.56 -30.24 -20.60
CA LYS B 227 33.16 -31.56 -20.41
C LYS B 227 34.52 -31.65 -21.10
N GLY B 228 34.64 -31.07 -22.30
CA GLY B 228 35.90 -31.13 -23.02
C GLY B 228 36.96 -30.18 -22.48
N THR B 229 36.54 -29.01 -21.98
CA THR B 229 37.47 -28.02 -21.46
C THR B 229 37.62 -28.08 -19.95
N TYR B 230 36.80 -28.89 -19.26
CA TYR B 230 36.84 -29.05 -17.80
C TYR B 230 36.66 -27.72 -17.08
N TRP B 231 35.68 -26.94 -17.56
CA TRP B 231 35.43 -25.60 -17.04
C TRP B 231 34.85 -25.61 -15.64
N TRP B 232 34.22 -26.71 -15.23
CA TRP B 232 33.68 -26.80 -13.88
C TRP B 232 34.76 -26.90 -12.82
N MET B 233 36.00 -27.24 -13.21
CA MET B 233 37.12 -27.27 -12.28
C MET B 233 37.63 -25.88 -11.91
N ASN B 234 37.17 -24.82 -12.59
CA ASN B 234 37.65 -23.47 -12.31
C ASN B 234 37.29 -23.06 -10.89
N ALA B 235 36.03 -23.23 -10.50
CA ALA B 235 35.59 -22.86 -9.16
C ALA B 235 36.27 -23.73 -8.11
N PHE B 236 36.41 -25.02 -8.38
CA PHE B 236 37.04 -25.94 -7.43
C PHE B 236 38.50 -25.56 -7.19
N ILE B 237 39.25 -25.29 -8.25
CA ILE B 237 40.67 -24.98 -8.10
C ILE B 237 40.86 -23.58 -7.50
N LYS B 238 40.00 -22.62 -7.86
CA LYS B 238 40.11 -21.30 -7.28
C LYS B 238 39.76 -21.32 -5.78
N THR B 239 38.81 -22.16 -5.39
CA THR B 239 38.52 -22.36 -3.97
C THR B 239 39.67 -23.09 -3.28
N ALA B 240 40.29 -24.05 -3.98
CA ALA B 240 41.42 -24.80 -3.42
C ALA B 240 42.61 -23.90 -3.16
N HIS B 241 42.76 -22.83 -3.95
CA HIS B 241 43.79 -21.84 -3.65
C HIS B 241 43.51 -21.13 -2.33
N LYS B 242 42.23 -20.85 -2.05
CA LYS B 242 41.87 -20.14 -0.82
C LYS B 242 42.06 -21.03 0.41
N LYS B 243 41.52 -22.25 0.37
CA LYS B 243 41.56 -23.15 1.51
C LYS B 243 41.97 -24.54 1.06
N PRO B 244 42.62 -25.32 1.94
CA PRO B 244 43.09 -26.65 1.53
C PRO B 244 41.94 -27.61 1.25
N ILE B 245 42.21 -28.56 0.35
CA ILE B 245 41.24 -29.57 -0.02
C ILE B 245 41.22 -30.67 1.04
N ASP B 246 40.03 -31.01 1.51
CA ASP B 246 39.84 -32.12 2.44
C ASP B 246 38.84 -33.10 1.86
N LEU B 247 38.44 -34.08 2.68
CA LEU B 247 37.44 -35.05 2.27
C LEU B 247 36.04 -34.48 2.21
N ARG B 248 35.84 -33.23 2.66
CA ARG B 248 34.56 -32.54 2.55
C ARG B 248 34.46 -31.64 1.32
N ALA B 249 35.54 -30.91 1.01
CA ALA B 249 35.56 -30.14 -0.24
C ALA B 249 35.53 -31.06 -1.45
N ILE B 250 36.20 -32.20 -1.36
CA ILE B 250 35.96 -33.28 -2.30
C ILE B 250 34.60 -33.89 -1.96
N GLY B 251 33.72 -33.93 -2.95
CA GLY B 251 32.33 -34.31 -2.72
C GLY B 251 32.10 -35.81 -2.65
N LYS B 252 30.89 -36.21 -3.00
CA LYS B 252 30.50 -37.60 -3.07
C LYS B 252 30.48 -38.05 -4.53
N LEU B 253 30.71 -39.34 -4.74
CA LEU B 253 30.72 -39.90 -6.07
C LEU B 253 29.32 -39.84 -6.69
N PRO B 254 29.22 -39.48 -7.97
CA PRO B 254 27.94 -39.62 -8.67
C PRO B 254 27.56 -41.08 -8.82
N ILE B 255 26.24 -41.31 -8.96
CA ILE B 255 25.69 -42.66 -8.97
C ILE B 255 26.22 -43.48 -10.15
N ALA B 256 26.53 -42.82 -11.26
CA ALA B 256 27.10 -43.53 -12.41
C ALA B 256 28.46 -44.12 -12.09
N MET B 257 29.28 -43.40 -11.32
CA MET B 257 30.59 -43.88 -10.92
C MET B 257 30.58 -44.15 -9.41
N ARG B 258 30.10 -45.33 -9.03
CA ARG B 258 30.15 -45.79 -7.65
C ARG B 258 30.51 -47.26 -7.64
N ALA B 259 31.13 -47.69 -6.54
CA ALA B 259 31.59 -49.07 -6.45
C ALA B 259 30.42 -50.05 -6.44
N LEU B 260 29.31 -49.68 -5.80
CA LEU B 260 28.12 -50.52 -5.82
C LEU B 260 27.54 -50.61 -7.24
N THR B 261 27.48 -49.47 -7.94
CA THR B 261 26.90 -49.45 -9.28
C THR B 261 27.75 -50.21 -10.28
N ASN B 262 29.07 -49.92 -10.29
CA ASN B 262 29.97 -50.61 -11.20
C ASN B 262 30.08 -52.09 -10.85
N TYR B 263 30.02 -52.43 -9.56
CA TYR B 263 30.06 -53.82 -9.15
C TYR B 263 28.81 -54.57 -9.58
N GLN B 264 27.64 -53.93 -9.49
CA GLN B 264 26.41 -54.57 -9.96
C GLN B 264 26.42 -54.75 -11.48
N ARG B 265 26.95 -53.75 -12.21
CA ARG B 265 27.10 -53.88 -13.66
C ARG B 265 28.03 -55.03 -14.02
N LEU B 266 29.15 -55.15 -13.31
CA LEU B 266 30.08 -56.25 -13.53
C LEU B 266 29.46 -57.59 -13.18
N CYS B 267 28.62 -57.63 -12.14
CA CYS B 267 27.92 -58.86 -11.77
C CYS B 267 26.92 -59.28 -12.84
N VAL B 268 26.21 -58.31 -13.44
CA VAL B 268 25.31 -58.61 -14.54
C VAL B 268 26.08 -59.18 -15.73
N ALA B 269 27.22 -58.56 -16.05
CA ALA B 269 28.07 -59.06 -17.12
C ALA B 269 28.58 -60.48 -16.82
N PHE B 270 28.97 -60.73 -15.57
CA PHE B 270 29.47 -62.05 -15.19
C PHE B 270 28.39 -63.11 -15.25
N ASP B 271 27.16 -62.77 -14.85
CA ASP B 271 26.05 -63.72 -14.98
C ASP B 271 25.74 -64.02 -16.44
N ALA B 272 25.76 -63.00 -17.29
CA ALA B 272 25.53 -63.21 -18.72
C ALA B 272 26.62 -64.08 -19.33
N GLN B 273 27.87 -63.92 -18.87
CA GLN B 273 28.94 -64.78 -19.36
C GLN B 273 28.82 -66.20 -18.82
N ALA B 274 28.40 -66.35 -17.56
CA ALA B 274 28.31 -67.66 -16.93
C ALA B 274 27.18 -68.49 -17.51
N ARG B 275 26.12 -67.85 -18.01
CA ARG B 275 25.07 -68.59 -18.68
C ARG B 275 25.56 -69.25 -19.97
N LYS B 276 26.47 -68.58 -20.70
CA LYS B 276 26.91 -69.07 -21.98
C LYS B 276 27.85 -70.27 -21.84
N ASP B 277 28.98 -70.08 -21.16
CA ASP B 277 29.96 -71.13 -20.95
C ASP B 277 29.99 -71.53 -19.48
N THR B 278 29.80 -72.81 -19.22
CA THR B 278 29.72 -73.32 -17.86
C THR B 278 30.90 -74.20 -17.46
N GLN B 279 31.83 -74.46 -18.37
CA GLN B 279 33.01 -75.27 -18.03
C GLN B 279 33.90 -74.55 -17.03
N SER B 280 34.11 -73.24 -17.23
CA SER B 280 34.87 -72.43 -16.29
C SER B 280 34.26 -71.04 -16.29
N PRO B 281 33.33 -70.77 -15.36
CA PRO B 281 32.65 -69.46 -15.36
C PRO B 281 33.47 -68.32 -14.79
N GLN B 282 34.59 -68.62 -14.13
CA GLN B 282 35.43 -67.58 -13.53
C GLN B 282 36.87 -67.70 -14.02
N GLY B 283 37.06 -68.22 -15.22
CA GLY B 283 38.37 -68.26 -15.83
C GLY B 283 38.79 -66.90 -16.36
N ALA B 284 40.01 -66.84 -16.89
CA ALA B 284 40.54 -65.59 -17.40
C ALA B 284 39.75 -65.09 -18.60
N ARG B 285 39.33 -65.99 -19.49
CA ARG B 285 38.53 -65.60 -20.64
C ARG B 285 37.16 -65.06 -20.21
N ALA B 286 36.54 -65.71 -19.22
CA ALA B 286 35.25 -65.25 -18.73
C ALA B 286 35.35 -63.89 -18.07
N ILE B 287 36.43 -63.65 -17.30
CA ILE B 287 36.63 -62.36 -16.66
C ILE B 287 36.88 -61.28 -17.71
N TRP B 288 37.68 -61.59 -18.74
CA TRP B 288 37.93 -60.62 -19.80
C TRP B 288 36.66 -60.26 -20.56
N ARG B 289 35.83 -61.27 -20.87
CA ARG B 289 34.57 -60.99 -21.56
C ARG B 289 33.60 -60.24 -20.67
N ALA B 290 33.61 -60.49 -19.36
CA ALA B 290 32.77 -59.72 -18.44
C ALA B 290 33.22 -58.27 -18.36
N LEU B 291 34.54 -58.03 -18.33
CA LEU B 291 35.05 -56.66 -18.32
C LEU B 291 34.70 -55.94 -19.61
N CYS B 292 34.78 -56.65 -20.75
CA CYS B 292 34.38 -56.08 -22.02
C CYS B 292 32.89 -55.72 -22.01
N HIS B 293 32.04 -56.64 -21.57
CA HIS B 293 30.60 -56.39 -21.51
C HIS B 293 30.26 -55.26 -20.54
N ALA B 294 31.10 -55.06 -19.52
CA ALA B 294 30.82 -54.01 -18.54
C ALA B 294 31.27 -52.63 -19.01
N PHE B 295 32.44 -52.51 -19.64
CA PHE B 295 33.01 -51.18 -19.90
C PHE B 295 33.40 -50.95 -21.35
N GLY B 296 32.90 -51.75 -22.29
CA GLY B 296 33.37 -51.68 -23.66
C GLY B 296 32.90 -50.48 -24.44
N ARG B 297 31.68 -50.01 -24.19
CA ARG B 297 31.19 -48.82 -24.89
C ARG B 297 31.99 -47.59 -24.51
N ARG B 298 32.32 -47.44 -23.23
CA ARG B 298 33.15 -46.32 -22.83
C ARG B 298 34.59 -46.48 -23.27
N LEU B 299 35.10 -47.73 -23.31
CA LEU B 299 36.44 -47.97 -23.83
C LEU B 299 36.54 -47.61 -25.31
N ILE B 300 35.54 -47.97 -26.11
CA ILE B 300 35.58 -47.61 -27.52
C ILE B 300 35.25 -46.13 -27.74
N LEU B 301 34.55 -45.48 -26.81
CA LEU B 301 34.41 -44.02 -26.88
C LEU B 301 35.75 -43.34 -26.69
N SER B 302 36.51 -43.78 -25.68
CA SER B 302 37.86 -43.25 -25.47
C SER B 302 38.76 -43.56 -26.66
N SER B 303 38.63 -44.76 -27.23
CA SER B 303 39.41 -45.12 -28.40
C SER B 303 39.03 -44.28 -29.61
N THR B 304 37.74 -43.95 -29.76
CA THR B 304 37.30 -43.11 -30.87
C THR B 304 37.88 -41.70 -30.74
N PHE B 305 37.84 -41.13 -29.52
CA PHE B 305 38.46 -39.83 -29.29
C PHE B 305 39.96 -39.87 -29.57
N ARG B 306 40.62 -40.96 -29.14
CA ARG B 306 42.06 -41.10 -29.33
C ARG B 306 42.43 -41.25 -30.80
N ILE B 307 41.64 -42.01 -31.57
CA ILE B 307 41.92 -42.19 -32.99
C ILE B 307 41.67 -40.90 -33.75
N LEU B 308 40.59 -40.18 -33.41
CA LEU B 308 40.33 -38.89 -34.05
C LEU B 308 41.43 -37.88 -33.73
N ALA B 309 41.93 -37.89 -32.49
CA ALA B 309 43.06 -37.04 -32.14
C ALA B 309 44.33 -37.44 -32.89
N ASP B 310 44.57 -38.75 -33.04
CA ASP B 310 45.74 -39.20 -33.77
C ASP B 310 45.69 -38.79 -35.24
N LEU B 311 44.51 -38.85 -35.84
CA LEU B 311 44.36 -38.43 -37.23
C LEU B 311 44.47 -36.91 -37.38
N LEU B 312 43.88 -36.16 -36.44
CA LEU B 312 43.93 -34.71 -36.52
C LEU B 312 45.27 -34.13 -36.11
N GLY B 313 46.11 -34.90 -35.43
CA GLY B 313 47.44 -34.42 -35.07
C GLY B 313 48.37 -34.28 -36.25
N PHE B 314 48.11 -35.00 -37.34
CA PHE B 314 48.91 -34.89 -38.55
C PHE B 314 48.57 -33.64 -39.36
N ALA B 315 47.55 -32.89 -38.96
CA ALA B 315 47.31 -31.58 -39.56
C ALA B 315 48.43 -30.60 -39.27
N GLY B 316 49.21 -30.83 -38.22
CA GLY B 316 50.40 -30.07 -37.95
C GLY B 316 51.43 -30.11 -39.07
N PRO B 317 52.00 -31.28 -39.34
CA PRO B 317 52.96 -31.40 -40.45
C PRO B 317 52.37 -31.08 -41.82
N LEU B 318 51.09 -31.39 -42.06
CA LEU B 318 50.51 -31.10 -43.36
C LEU B 318 50.32 -29.61 -43.58
N CYS B 319 49.82 -28.89 -42.56
CA CYS B 319 49.72 -27.44 -42.69
C CYS B 319 51.08 -26.78 -42.72
N ILE B 320 52.07 -27.34 -42.01
CA ILE B 320 53.43 -26.83 -42.09
C ILE B 320 53.97 -27.00 -43.52
N PHE B 321 53.74 -28.18 -44.11
CA PHE B 321 54.18 -28.45 -45.47
C PHE B 321 53.53 -27.48 -46.45
N GLY B 322 52.23 -27.26 -46.31
CA GLY B 322 51.54 -26.34 -47.20
C GLY B 322 51.98 -24.89 -47.02
N ILE B 323 52.15 -24.45 -45.77
CA ILE B 323 52.53 -23.07 -45.49
C ILE B 323 53.93 -22.78 -46.01
N VAL B 324 54.89 -23.65 -45.71
CA VAL B 324 56.26 -23.41 -46.15
C VAL B 324 56.40 -23.65 -47.65
N ASP B 325 55.56 -24.52 -48.22
CA ASP B 325 55.56 -24.70 -49.67
C ASP B 325 55.04 -23.45 -50.38
N HIS B 326 54.00 -22.82 -49.82
CA HIS B 326 53.51 -21.56 -50.37
C HIS B 326 54.51 -20.43 -50.19
N LEU B 327 55.11 -20.33 -49.00
CA LEU B 327 56.09 -19.28 -48.73
C LEU B 327 57.40 -19.50 -49.49
N GLY B 328 57.69 -20.74 -49.88
CA GLY B 328 58.83 -21.01 -50.73
C GLY B 328 58.61 -20.77 -52.21
N LYS B 329 57.39 -20.43 -52.61
CA LYS B 329 57.07 -20.15 -54.00
C LYS B 329 57.47 -18.72 -54.34
N GLU B 330 58.34 -18.57 -55.33
CA GLU B 330 58.87 -17.27 -55.69
C GLU B 330 57.94 -16.54 -56.64
N ASN B 331 57.72 -15.24 -56.37
CA ASN B 331 56.88 -14.37 -57.21
C ASN B 331 55.48 -14.94 -57.37
N HIS B 332 54.90 -15.40 -56.26
CA HIS B 332 53.55 -15.95 -56.26
C HIS B 332 52.54 -14.85 -56.59
N VAL B 333 51.71 -15.09 -57.59
CA VAL B 333 50.70 -14.13 -58.01
C VAL B 333 49.36 -14.83 -57.95
N PHE B 334 48.67 -14.73 -56.81
CA PHE B 334 47.41 -15.41 -56.68
C PHE B 334 46.30 -14.62 -57.38
N GLN B 335 45.54 -15.33 -58.21
CA GLN B 335 44.43 -14.77 -58.96
C GLN B 335 43.45 -15.89 -59.29
N PRO B 336 42.32 -15.98 -58.60
CA PRO B 336 41.37 -17.08 -58.86
C PRO B 336 40.77 -16.96 -60.26
N LYS B 337 40.81 -18.08 -61.00
CA LYS B 337 40.43 -18.05 -62.41
C LYS B 337 38.93 -17.93 -62.58
N THR B 338 38.15 -18.63 -61.75
CA THR B 338 36.70 -18.66 -61.90
C THR B 338 36.08 -17.37 -61.37
N GLN B 339 35.23 -16.76 -62.19
CA GLN B 339 34.48 -15.57 -61.80
C GLN B 339 33.04 -15.73 -62.29
N PHE B 340 32.08 -15.56 -61.38
CA PHE B 340 30.66 -15.67 -61.69
C PHE B 340 29.93 -14.44 -61.19
N LEU B 341 29.07 -13.88 -62.03
CA LEU B 341 28.29 -12.66 -61.74
C LEU B 341 29.19 -11.47 -61.39
N GLY B 342 30.40 -11.43 -61.93
CA GLY B 342 31.35 -10.41 -61.53
C GLY B 342 31.95 -10.62 -60.16
N VAL B 343 31.72 -11.79 -59.55
CA VAL B 343 32.21 -12.10 -58.21
C VAL B 343 33.14 -13.30 -58.33
N TYR B 344 34.35 -13.16 -57.81
CA TYR B 344 35.33 -14.23 -57.90
C TYR B 344 34.99 -15.37 -56.95
N PHE B 345 35.31 -16.58 -57.38
CA PHE B 345 35.10 -17.78 -56.59
C PHE B 345 36.42 -18.54 -56.49
N VAL B 346 36.87 -18.81 -55.28
CA VAL B 346 38.12 -19.54 -55.05
C VAL B 346 37.82 -21.04 -55.06
N SER B 347 38.57 -21.79 -55.86
CA SER B 347 38.40 -23.23 -55.91
C SER B 347 39.03 -23.89 -54.69
N SER B 348 38.69 -25.16 -54.48
CA SER B 348 39.17 -25.87 -53.29
C SER B 348 40.67 -26.13 -53.35
N GLN B 349 41.22 -26.30 -54.54
CA GLN B 349 42.66 -26.56 -54.67
C GLN B 349 43.48 -25.34 -54.27
N GLU B 350 43.09 -24.17 -54.76
CA GLU B 350 43.79 -22.94 -54.42
C GLU B 350 43.33 -22.33 -53.11
N PHE B 351 42.24 -22.83 -52.53
CA PHE B 351 41.89 -22.42 -51.16
C PHE B 351 42.90 -22.95 -50.18
N LEU B 352 43.20 -24.25 -50.23
CA LEU B 352 44.14 -24.87 -49.31
C LEU B 352 45.60 -24.59 -49.65
N GLY B 353 45.87 -23.83 -50.69
CA GLY B 353 47.21 -23.39 -51.02
C GLY B 353 47.64 -22.08 -50.40
N ASN B 354 46.81 -21.47 -49.57
CA ASN B 354 47.10 -20.19 -48.94
C ASN B 354 47.65 -20.42 -47.54
N ALA B 355 48.69 -19.67 -47.19
CA ALA B 355 49.37 -19.88 -45.91
C ALA B 355 48.52 -19.45 -44.73
N TYR B 356 47.75 -18.36 -44.88
CA TYR B 356 46.95 -17.85 -43.77
C TYR B 356 45.84 -18.81 -43.39
N VAL B 357 45.13 -19.34 -44.38
CA VAL B 357 44.02 -20.25 -44.07
C VAL B 357 44.55 -21.59 -43.57
N LEU B 358 45.75 -21.98 -44.01
CA LEU B 358 46.36 -23.19 -43.45
C LEU B 358 46.78 -22.98 -42.01
N ALA B 359 47.24 -21.76 -41.67
CA ALA B 359 47.53 -21.43 -40.29
C ALA B 359 46.27 -21.44 -39.43
N VAL B 360 45.17 -20.89 -39.94
CA VAL B 360 43.92 -20.85 -39.19
C VAL B 360 43.35 -22.27 -39.02
N LEU B 361 43.38 -23.06 -40.10
CA LEU B 361 42.93 -24.45 -40.00
C LEU B 361 43.84 -25.27 -39.10
N LEU B 362 45.14 -24.97 -39.05
CA LEU B 362 46.04 -25.62 -38.11
C LEU B 362 45.68 -25.26 -36.67
N PHE B 363 45.36 -23.99 -36.41
CA PHE B 363 44.94 -23.56 -35.08
C PHE B 363 43.66 -24.28 -34.66
N LEU B 364 42.67 -24.34 -35.54
CA LEU B 364 41.41 -25.01 -35.23
C LEU B 364 41.61 -26.51 -35.08
N ALA B 365 42.45 -27.11 -35.93
CA ALA B 365 42.69 -28.55 -35.86
C ALA B 365 43.39 -28.94 -34.58
N LEU B 366 44.38 -28.15 -34.14
CA LEU B 366 45.02 -28.42 -32.87
C LEU B 366 44.08 -28.19 -31.70
N LEU B 367 43.25 -27.14 -31.79
CA LEU B 367 42.29 -26.83 -30.74
C LEU B 367 41.28 -27.97 -30.56
N LEU B 368 40.83 -28.57 -31.66
CA LEU B 368 39.95 -29.73 -31.58
C LEU B 368 40.71 -31.00 -31.19
N GLN B 369 41.93 -31.16 -31.69
CA GLN B 369 42.68 -32.41 -31.54
C GLN B 369 43.14 -32.62 -30.11
N ARG B 370 43.67 -31.57 -29.48
CA ARG B 370 44.13 -31.71 -28.11
C ARG B 370 42.98 -31.87 -27.14
N THR B 371 41.83 -31.24 -27.43
CA THR B 371 40.62 -31.48 -26.66
C THR B 371 40.17 -32.94 -26.77
N PHE B 372 40.23 -33.50 -27.98
CA PHE B 372 39.87 -34.90 -28.17
C PHE B 372 40.84 -35.83 -27.45
N LEU B 373 42.13 -35.49 -27.47
CA LEU B 373 43.14 -36.30 -26.77
C LEU B 373 42.92 -36.29 -25.27
N GLN B 374 42.64 -35.11 -24.69
CA GLN B 374 42.36 -35.03 -23.26
C GLN B 374 41.06 -35.72 -22.90
N ALA B 375 40.05 -35.66 -23.80
CA ALA B 375 38.80 -36.38 -23.55
C ALA B 375 39.02 -37.89 -23.56
N SER B 376 39.84 -38.38 -24.49
CA SER B 376 40.18 -39.80 -24.51
C SER B 376 40.90 -40.21 -23.24
N TYR B 377 41.86 -39.39 -22.81
CA TYR B 377 42.58 -39.65 -21.56
C TYR B 377 41.61 -39.73 -20.38
N TYR B 378 40.69 -38.76 -20.29
CA TYR B 378 39.77 -38.72 -19.15
C TYR B 378 38.82 -39.91 -19.15
N VAL B 379 38.28 -40.28 -20.33
CA VAL B 379 37.35 -41.40 -20.37
C VAL B 379 38.06 -42.70 -19.99
N ALA B 380 39.29 -42.91 -20.49
CA ALA B 380 40.05 -44.09 -20.12
C ALA B 380 40.34 -44.12 -18.62
N ILE B 381 40.70 -42.97 -18.04
CA ILE B 381 40.99 -42.92 -16.60
C ILE B 381 39.73 -43.20 -15.78
N GLU B 382 38.59 -42.61 -16.17
CA GLU B 382 37.34 -42.81 -15.43
C GLU B 382 36.89 -44.26 -15.47
N THR B 383 37.02 -44.91 -16.63
CA THR B 383 36.64 -46.32 -16.71
C THR B 383 37.61 -47.21 -15.96
N GLY B 384 38.90 -46.87 -15.95
CA GLY B 384 39.83 -47.61 -15.11
C GLY B 384 39.49 -47.51 -13.64
N ILE B 385 39.10 -46.32 -13.19
CA ILE B 385 38.74 -46.13 -11.77
C ILE B 385 37.46 -46.88 -11.43
N ASN B 386 36.46 -46.84 -12.32
CA ASN B 386 35.23 -47.60 -12.12
C ASN B 386 35.51 -49.11 -12.09
N LEU B 387 36.39 -49.57 -12.98
CA LEU B 387 36.81 -50.97 -12.97
C LEU B 387 37.51 -51.33 -11.67
N ARG B 388 38.36 -50.45 -11.16
CA ARG B 388 39.05 -50.70 -9.91
C ARG B 388 38.06 -50.83 -8.76
N GLY B 389 37.05 -49.95 -8.71
CA GLY B 389 36.04 -50.05 -7.67
C GLY B 389 35.24 -51.35 -7.76
N ALA B 390 34.81 -51.71 -8.97
CA ALA B 390 34.05 -52.93 -9.17
C ALA B 390 34.87 -54.17 -8.83
N ILE B 391 36.14 -54.18 -9.22
CA ILE B 391 37.01 -55.33 -8.99
C ILE B 391 37.33 -55.47 -7.50
N GLN B 392 37.56 -54.34 -6.80
CA GLN B 392 37.78 -54.40 -5.37
C GLN B 392 36.55 -54.90 -4.62
N THR B 393 35.36 -54.45 -5.05
CA THR B 393 34.13 -54.97 -4.45
C THR B 393 33.96 -56.46 -4.72
N LYS B 394 34.33 -56.90 -5.93
CA LYS B 394 34.25 -58.33 -6.26
C LYS B 394 35.20 -59.16 -5.41
N ILE B 395 36.43 -58.68 -5.23
CA ILE B 395 37.42 -59.38 -4.40
C ILE B 395 36.94 -59.45 -2.95
N TYR B 396 36.39 -58.34 -2.44
CA TYR B 396 35.93 -58.33 -1.06
C TYR B 396 34.71 -59.22 -0.87
N ASN B 397 33.83 -59.30 -1.86
CA ASN B 397 32.71 -60.22 -1.79
C ASN B 397 33.17 -61.67 -1.85
N LYS B 398 34.26 -61.94 -2.57
CA LYS B 398 34.87 -63.26 -2.53
C LYS B 398 35.49 -63.55 -1.16
N ILE B 399 36.04 -62.52 -0.51
CA ILE B 399 36.65 -62.70 0.81
C ILE B 399 35.60 -63.14 1.84
N MET B 400 34.40 -62.57 1.77
CA MET B 400 33.33 -62.89 2.70
C MET B 400 32.83 -64.32 2.59
N HIS B 401 33.18 -65.05 1.54
CA HIS B 401 32.70 -66.40 1.34
C HIS B 401 33.79 -67.47 1.36
N LEU B 402 35.06 -67.10 1.23
CA LEU B 402 36.12 -68.10 1.14
C LEU B 402 36.31 -68.82 2.46
N SER B 403 36.56 -70.12 2.38
CA SER B 403 36.86 -70.91 3.56
C SER B 403 38.23 -70.54 4.11
N THR B 404 38.37 -70.59 5.44
CA THR B 404 39.65 -70.32 6.08
C THR B 404 40.57 -71.53 6.07
N SER B 405 40.11 -72.68 5.57
CA SER B 405 40.97 -73.85 5.45
C SER B 405 42.08 -73.60 4.43
N ASN B 406 41.77 -72.97 3.31
CA ASN B 406 42.82 -72.67 2.34
C ASN B 406 43.76 -71.59 2.85
N LEU B 407 43.27 -70.72 3.74
CA LEU B 407 44.16 -69.80 4.45
C LEU B 407 45.10 -70.58 5.37
N SER B 408 44.60 -71.65 5.99
CA SER B 408 45.45 -72.46 6.86
C SER B 408 46.50 -73.23 6.07
N MET B 409 46.13 -73.74 4.89
CA MET B 409 47.03 -74.61 4.13
C MET B 409 48.22 -73.86 3.55
N GLY B 410 48.14 -72.54 3.40
CA GLY B 410 49.27 -71.75 2.94
C GLY B 410 49.27 -71.40 1.47
N GLU B 411 48.31 -71.90 0.68
CA GLU B 411 48.21 -71.49 -0.71
C GLU B 411 47.75 -70.04 -0.85
N MET B 412 47.16 -69.47 0.22
CA MET B 412 46.86 -68.05 0.30
C MET B 412 47.34 -67.53 1.65
N THR B 413 47.68 -66.23 1.67
CA THR B 413 47.98 -65.51 2.89
C THR B 413 47.17 -64.22 2.89
N ALA B 414 47.29 -63.46 3.98
CA ALA B 414 46.75 -62.11 3.99
C ALA B 414 47.49 -61.22 3.00
N GLY B 415 48.81 -61.40 2.90
CA GLY B 415 49.61 -60.61 1.99
C GLY B 415 49.29 -60.85 0.53
N GLN B 416 48.90 -62.08 0.18
CA GLN B 416 48.57 -62.38 -1.21
C GLN B 416 47.32 -61.63 -1.66
N ILE B 417 46.27 -61.65 -0.85
CA ILE B 417 45.07 -60.89 -1.19
C ILE B 417 45.34 -59.38 -1.10
N CYS B 418 46.18 -58.98 -0.15
CA CYS B 418 46.53 -57.58 0.01
C CYS B 418 47.24 -57.04 -1.22
N ASN B 419 48.22 -57.77 -1.75
CA ASN B 419 48.85 -57.29 -2.98
C ASN B 419 48.00 -57.57 -4.22
N LEU B 420 47.06 -58.52 -4.15
CA LEU B 420 46.09 -58.69 -5.22
C LEU B 420 45.22 -57.45 -5.38
N VAL B 421 44.91 -56.78 -4.26
CA VAL B 421 44.25 -55.49 -4.36
C VAL B 421 45.25 -54.38 -4.69
N ALA B 422 46.44 -54.43 -4.09
CA ALA B 422 47.35 -53.29 -4.14
C ALA B 422 48.01 -53.13 -5.52
N ILE B 423 48.49 -54.22 -6.11
CA ILE B 423 49.26 -54.09 -7.34
C ILE B 423 48.54 -54.76 -8.51
N ASP B 424 47.75 -55.80 -8.27
CA ASP B 424 47.13 -56.52 -9.38
C ASP B 424 45.91 -55.77 -9.94
N THR B 425 45.02 -55.35 -9.04
CA THR B 425 43.90 -54.50 -9.45
C THR B 425 44.41 -53.18 -10.02
N ASN B 426 45.48 -52.65 -9.44
CA ASN B 426 46.10 -51.43 -9.95
C ASN B 426 46.68 -51.63 -11.35
N GLN B 427 47.28 -52.79 -11.60
CA GLN B 427 47.81 -53.09 -12.92
C GLN B 427 46.71 -53.23 -13.95
N LEU B 428 45.60 -53.87 -13.58
CA LEU B 428 44.46 -53.96 -14.50
C LEU B 428 43.86 -52.59 -14.78
N MET B 429 43.79 -51.74 -13.74
CA MET B 429 43.31 -50.38 -13.90
C MET B 429 44.22 -49.57 -14.82
N TRP B 430 45.54 -49.72 -14.66
CA TRP B 430 46.48 -48.99 -15.51
C TRP B 430 46.51 -49.54 -16.92
N PHE B 431 46.18 -50.81 -17.11
CA PHE B 431 45.99 -51.33 -18.46
C PHE B 431 44.78 -50.70 -19.12
N PHE B 432 43.67 -50.58 -18.37
CA PHE B 432 42.50 -49.90 -18.90
C PHE B 432 42.74 -48.42 -19.10
N PHE B 433 43.75 -47.84 -18.42
CA PHE B 433 44.20 -46.49 -18.75
C PHE B 433 44.83 -46.45 -20.14
N LEU B 434 45.69 -47.42 -20.45
CA LEU B 434 46.45 -47.44 -21.69
C LEU B 434 45.82 -48.33 -22.76
N CYS B 435 44.57 -48.76 -22.55
CA CYS B 435 43.90 -49.62 -23.51
C CYS B 435 43.64 -49.00 -24.88
N PRO B 436 43.20 -47.74 -25.04
CA PRO B 436 43.08 -47.18 -26.40
C PRO B 436 44.39 -47.07 -27.16
N ASN B 437 45.53 -47.04 -26.45
CA ASN B 437 46.83 -47.01 -27.13
C ASN B 437 47.07 -48.26 -27.96
N LEU B 438 46.44 -49.38 -27.59
CA LEU B 438 46.68 -50.68 -28.21
C LEU B 438 46.44 -50.68 -29.71
N TRP B 439 45.44 -49.93 -30.17
CA TRP B 439 45.24 -49.72 -31.60
C TRP B 439 45.44 -48.28 -32.03
N ALA B 440 45.56 -47.34 -31.09
CA ALA B 440 45.87 -45.97 -31.47
C ALA B 440 47.31 -45.82 -31.96
N MET B 441 48.25 -46.40 -31.23
CA MET B 441 49.66 -46.33 -31.63
C MET B 441 49.96 -47.02 -32.96
N PRO B 442 49.45 -48.22 -33.28
CA PRO B 442 49.65 -48.74 -34.65
C PRO B 442 49.07 -47.84 -35.73
N VAL B 443 47.89 -47.27 -35.51
CA VAL B 443 47.27 -46.41 -36.51
C VAL B 443 48.10 -45.15 -36.72
N GLN B 444 48.51 -44.50 -35.62
CA GLN B 444 49.28 -43.27 -35.71
C GLN B 444 50.65 -43.53 -36.33
N ILE B 445 51.30 -44.62 -35.95
CA ILE B 445 52.62 -44.94 -36.49
C ILE B 445 52.54 -45.25 -37.99
N ILE B 446 51.54 -46.04 -38.40
CA ILE B 446 51.39 -46.40 -39.80
C ILE B 446 51.08 -45.17 -40.66
N VAL B 447 50.14 -44.34 -40.21
CA VAL B 447 49.79 -43.14 -40.98
C VAL B 447 50.95 -42.16 -41.01
N GLY B 448 51.71 -42.06 -39.91
CA GLY B 448 52.88 -41.20 -39.90
C GLY B 448 53.98 -41.66 -40.84
N VAL B 449 54.21 -42.97 -40.92
CA VAL B 449 55.22 -43.50 -41.84
C VAL B 449 54.77 -43.32 -43.29
N ILE B 450 53.47 -43.48 -43.56
CA ILE B 450 52.96 -43.26 -44.91
C ILE B 450 53.09 -41.79 -45.32
N LEU B 451 52.76 -40.87 -44.41
CA LEU B 451 52.93 -39.45 -44.67
C LEU B 451 54.40 -39.08 -44.81
N LEU B 452 55.28 -39.73 -44.05
CA LEU B 452 56.72 -39.52 -44.22
C LEU B 452 57.18 -39.95 -45.61
N TYR B 453 56.70 -41.11 -46.08
CA TYR B 453 57.04 -41.58 -47.42
C TYR B 453 56.55 -40.61 -48.49
N TYR B 454 55.32 -40.11 -48.36
CA TYR B 454 54.80 -39.22 -49.39
C TYR B 454 55.44 -37.84 -49.34
N ILE B 455 55.77 -37.35 -48.14
CA ILE B 455 56.38 -36.04 -48.02
C ILE B 455 57.84 -36.07 -48.49
N LEU B 456 58.63 -37.02 -47.99
CA LEU B 456 60.06 -37.03 -48.24
C LEU B 456 60.51 -38.15 -49.18
N GLY B 457 60.15 -39.40 -48.89
CA GLY B 457 60.52 -40.51 -49.76
C GLY B 457 61.02 -41.73 -49.00
N VAL B 458 61.87 -42.52 -49.66
CA VAL B 458 62.43 -43.72 -49.05
C VAL B 458 63.46 -43.39 -47.99
N SER B 459 64.07 -42.20 -48.06
CA SER B 459 64.94 -41.73 -47.00
C SER B 459 64.16 -41.57 -45.70
N ALA B 460 62.93 -41.07 -45.80
CA ALA B 460 62.05 -41.02 -44.64
C ALA B 460 61.70 -42.42 -44.16
N LEU B 461 61.65 -43.41 -45.05
CA LEU B 461 61.44 -44.79 -44.61
C LEU B 461 62.63 -45.31 -43.81
N ILE B 462 63.84 -44.96 -44.23
CA ILE B 462 65.04 -45.36 -43.48
C ILE B 462 65.05 -44.69 -42.09
N GLY B 463 64.77 -43.38 -42.07
CA GLY B 463 64.71 -42.67 -40.80
C GLY B 463 63.58 -43.17 -39.91
N ALA B 464 62.46 -43.55 -40.50
CA ALA B 464 61.34 -44.06 -39.74
C ALA B 464 61.64 -45.45 -39.19
N ALA B 465 62.39 -46.27 -39.94
CA ALA B 465 62.82 -47.56 -39.40
C ALA B 465 63.74 -47.38 -38.21
N VAL B 466 64.68 -46.42 -38.30
CA VAL B 466 65.60 -46.20 -37.19
C VAL B 466 64.87 -45.62 -35.97
N ILE B 467 63.88 -44.74 -36.19
CA ILE B 467 63.12 -44.23 -35.05
C ILE B 467 62.14 -45.28 -34.51
N ILE B 468 61.71 -46.24 -35.34
CA ILE B 468 60.88 -47.35 -34.87
C ILE B 468 61.71 -48.30 -34.01
N LEU B 469 63.01 -48.41 -34.29
CA LEU B 469 63.93 -49.18 -33.45
C LEU B 469 64.01 -48.70 -32.00
N LEU B 470 63.44 -47.54 -31.68
CA LEU B 470 63.41 -47.06 -30.29
C LEU B 470 62.58 -47.98 -29.41
N ALA B 471 61.45 -48.49 -29.92
CA ALA B 471 60.56 -49.31 -29.11
C ALA B 471 61.18 -50.64 -28.65
N PRO B 472 61.85 -51.45 -29.49
CA PRO B 472 62.47 -52.67 -28.94
C PRO B 472 63.60 -52.40 -27.97
N VAL B 473 64.44 -51.40 -28.23
CA VAL B 473 65.53 -51.11 -27.31
C VAL B 473 65.00 -50.53 -26.01
N GLN B 474 63.90 -49.76 -26.07
CA GLN B 474 63.27 -49.28 -24.83
C GLN B 474 62.66 -50.44 -24.05
N TYR B 475 62.09 -51.44 -24.76
CA TYR B 475 61.58 -52.63 -24.08
C TYR B 475 62.70 -53.40 -23.37
N PHE B 476 63.83 -53.58 -24.05
CA PHE B 476 64.97 -54.27 -23.46
C PHE B 476 65.52 -53.52 -22.25
N VAL B 477 65.68 -52.20 -22.38
CA VAL B 477 66.22 -51.38 -21.30
C VAL B 477 65.23 -51.34 -20.13
N ALA B 478 63.93 -51.33 -20.41
CA ALA B 478 62.93 -51.36 -19.34
C ALA B 478 62.95 -52.68 -18.59
N THR B 479 63.13 -53.79 -19.29
CA THR B 479 63.23 -55.09 -18.63
C THR B 479 64.46 -55.15 -17.71
N LYS B 480 65.61 -54.72 -18.24
CA LYS B 480 66.84 -54.68 -17.42
C LYS B 480 66.70 -53.73 -16.25
N LEU B 481 66.02 -52.59 -16.46
CA LEU B 481 65.79 -51.63 -15.40
C LEU B 481 64.92 -52.21 -14.30
N SER B 482 63.87 -52.94 -14.68
CA SER B 482 62.97 -53.55 -13.71
C SER B 482 63.70 -54.60 -12.88
N GLN B 483 64.53 -55.44 -13.51
CA GLN B 483 65.22 -56.46 -12.70
C GLN B 483 66.33 -55.84 -11.83
N ALA B 484 66.97 -54.77 -12.31
CA ALA B 484 67.94 -54.09 -11.47
C ALA B 484 67.28 -53.48 -10.24
N GLN B 485 66.10 -52.86 -10.42
CA GLN B 485 65.39 -52.33 -9.27
C GLN B 485 64.80 -53.45 -8.41
N ARG B 486 64.59 -54.66 -8.95
CA ARG B 486 64.23 -55.79 -8.10
C ARG B 486 65.36 -56.19 -7.16
N SER B 487 66.59 -56.25 -7.69
CA SER B 487 67.75 -56.51 -6.83
C SER B 487 67.93 -55.40 -5.80
N THR B 488 67.72 -54.14 -6.23
CA THR B 488 67.76 -53.03 -5.31
C THR B 488 66.69 -53.14 -4.24
N LEU B 489 65.50 -53.65 -4.61
CA LEU B 489 64.41 -53.82 -3.66
C LEU B 489 64.74 -54.87 -2.60
N GLU B 490 65.36 -55.98 -3.02
CA GLU B 490 65.76 -57.02 -2.05
C GLU B 490 66.80 -56.47 -1.06
N HIS B 491 67.82 -55.79 -1.59
CA HIS B 491 68.84 -55.22 -0.71
C HIS B 491 68.28 -54.12 0.19
N SER B 492 67.33 -53.33 -0.31
CA SER B 492 66.71 -52.29 0.49
C SER B 492 65.83 -52.88 1.59
N ASN B 493 65.15 -54.00 1.32
CA ASN B 493 64.39 -54.67 2.36
C ASN B 493 65.30 -55.20 3.47
N GLU B 494 66.44 -55.76 3.09
CA GLU B 494 67.41 -56.20 4.11
C GLU B 494 67.94 -55.01 4.92
N ARG B 495 68.23 -53.90 4.24
CA ARG B 495 68.72 -52.71 4.94
C ARG B 495 67.67 -52.14 5.89
N LEU B 496 66.41 -52.12 5.46
CA LEU B 496 65.33 -51.65 6.33
C LEU B 496 65.12 -52.58 7.52
N LYS B 497 65.31 -53.89 7.32
CA LYS B 497 65.27 -54.85 8.42
C LYS B 497 66.33 -54.54 9.46
N GLN B 498 67.57 -54.34 9.00
CA GLN B 498 68.67 -54.01 9.92
C GLN B 498 68.46 -52.66 10.61
N THR B 499 67.97 -51.66 9.86
CA THR B 499 67.72 -50.34 10.44
C THR B 499 66.60 -50.39 11.48
N ASN B 500 65.55 -51.16 11.21
CA ASN B 500 64.46 -51.31 12.17
C ASN B 500 64.92 -51.99 13.45
N GLU B 501 65.73 -53.05 13.31
CA GLU B 501 66.27 -53.72 14.49
C GLU B 501 67.19 -52.80 15.28
N MET B 502 68.04 -52.04 14.59
CA MET B 502 68.93 -51.10 15.26
C MET B 502 68.16 -50.01 16.00
N LEU B 503 67.13 -49.45 15.36
CA LEU B 503 66.35 -48.39 15.97
C LEU B 503 65.52 -48.90 17.15
N ARG B 504 65.04 -50.14 17.10
CA ARG B 504 64.27 -50.67 18.22
C ARG B 504 65.16 -51.07 19.38
N GLY B 505 66.34 -51.64 19.11
CA GLY B 505 67.29 -51.95 20.16
C GLY B 505 68.25 -50.82 20.49
N MET B 506 67.96 -49.61 19.99
CA MET B 506 68.81 -48.44 20.20
C MET B 506 69.09 -48.15 21.66
N LYS B 507 68.15 -48.43 22.57
CA LYS B 507 68.41 -48.19 23.99
C LYS B 507 69.55 -49.07 24.50
N LEU B 508 69.50 -50.36 24.19
CA LEU B 508 70.56 -51.28 24.57
C LEU B 508 71.87 -50.92 23.86
N LEU B 509 71.77 -50.47 22.61
CA LEU B 509 72.97 -50.05 21.88
C LEU B 509 73.61 -48.82 22.50
N LYS B 510 72.80 -47.87 22.97
CA LYS B 510 73.33 -46.72 23.71
C LYS B 510 73.98 -47.17 25.00
N LEU B 511 73.39 -48.17 25.66
CA LEU B 511 73.93 -48.65 26.93
C LEU B 511 75.30 -49.30 26.75
N TYR B 512 75.46 -50.11 25.70
CA TYR B 512 76.69 -50.85 25.50
C TYR B 512 77.69 -50.16 24.56
N ALA B 513 77.38 -48.94 24.11
CA ALA B 513 78.16 -48.20 23.10
C ALA B 513 78.35 -49.04 21.84
N TRP B 514 77.25 -49.68 21.40
CA TRP B 514 77.26 -50.60 20.27
C TRP B 514 76.67 -49.97 19.02
N GLU B 515 76.95 -48.69 18.79
CA GLU B 515 76.41 -48.03 17.60
C GLU B 515 77.25 -48.34 16.37
N SER B 516 78.53 -47.95 16.39
CA SER B 516 79.36 -47.95 15.18
C SER B 516 79.53 -49.33 14.58
N ILE B 517 79.52 -50.37 15.42
CA ILE B 517 79.56 -51.74 14.91
C ILE B 517 78.28 -52.08 14.16
N PHE B 518 77.13 -51.56 14.59
CA PHE B 518 75.90 -51.73 13.84
C PHE B 518 75.85 -50.83 12.61
N CYS B 519 76.45 -49.64 12.71
CA CYS B 519 76.56 -48.74 11.57
C CYS B 519 77.38 -49.39 10.45
N SER B 520 78.42 -50.12 10.82
CA SER B 520 79.24 -50.82 9.83
C SER B 520 78.42 -51.85 9.06
N ARG B 521 77.56 -52.61 9.75
CA ARG B 521 76.75 -53.61 9.08
C ARG B 521 75.66 -52.97 8.21
N VAL B 522 75.00 -51.94 8.73
CA VAL B 522 73.98 -51.23 7.96
C VAL B 522 74.60 -50.57 6.73
N GLU B 523 75.83 -50.05 6.88
CA GLU B 523 76.52 -49.43 5.75
C GLU B 523 77.06 -50.48 4.78
N VAL B 524 77.37 -51.69 5.25
CA VAL B 524 77.75 -52.77 4.33
C VAL B 524 76.55 -53.16 3.46
N THR B 525 75.38 -53.30 4.08
CA THR B 525 74.16 -53.55 3.31
C THR B 525 73.84 -52.38 2.38
N ARG B 526 74.10 -51.15 2.84
CA ARG B 526 73.91 -49.97 2.02
C ARG B 526 74.87 -49.95 0.83
N ARG B 527 76.11 -50.37 1.04
CA ARG B 527 77.08 -50.41 -0.05
C ARG B 527 76.71 -51.45 -1.10
N LYS B 528 76.21 -52.61 -0.66
CA LYS B 528 75.74 -53.61 -1.62
C LYS B 528 74.51 -53.11 -2.38
N GLU B 529 73.60 -52.42 -1.67
CA GLU B 529 72.46 -51.79 -2.32
C GLU B 529 72.90 -50.73 -3.31
N MET B 530 73.98 -50.01 -3.00
CA MET B 530 74.53 -49.02 -3.93
C MET B 530 75.15 -49.68 -5.16
N THR B 531 75.76 -50.86 -4.99
CA THR B 531 76.26 -51.59 -6.15
C THR B 531 75.13 -52.01 -7.07
N SER B 532 73.98 -52.41 -6.50
CA SER B 532 72.82 -52.70 -7.35
C SER B 532 72.25 -51.43 -7.98
N LEU B 533 72.16 -50.35 -7.19
CA LEU B 533 71.58 -49.09 -7.65
C LEU B 533 72.44 -48.42 -8.72
N ARG B 534 73.74 -48.73 -8.76
CA ARG B 534 74.59 -48.21 -9.83
C ARG B 534 74.16 -48.78 -11.18
N ALA B 535 73.90 -50.08 -11.24
CA ALA B 535 73.39 -50.68 -12.47
C ALA B 535 72.00 -50.16 -12.81
N PHE B 536 71.17 -49.95 -11.77
CA PHE B 536 69.85 -49.35 -11.99
C PHE B 536 69.97 -47.96 -12.64
N ALA B 537 70.86 -47.13 -12.10
CA ALA B 537 71.06 -45.78 -12.66
C ALA B 537 71.69 -45.82 -14.04
N VAL B 538 72.55 -46.81 -14.30
CA VAL B 538 73.14 -46.96 -15.63
C VAL B 538 72.05 -47.25 -16.66
N TYR B 539 71.13 -48.15 -16.33
CA TYR B 539 70.05 -48.46 -17.27
C TYR B 539 69.07 -47.29 -17.39
N THR B 540 68.84 -46.53 -16.32
CA THR B 540 68.03 -45.31 -16.43
C THR B 540 68.68 -44.30 -17.37
N SER B 541 70.01 -44.12 -17.26
CA SER B 541 70.73 -43.22 -18.13
C SER B 541 70.67 -43.68 -19.58
N ILE B 542 70.76 -45.01 -19.80
CA ILE B 542 70.66 -45.55 -21.15
C ILE B 542 69.28 -45.29 -21.74
N SER B 543 68.23 -45.46 -20.92
CA SER B 543 66.87 -45.16 -21.39
C SER B 543 66.72 -43.69 -21.78
N ILE B 544 67.22 -42.79 -20.93
CA ILE B 544 67.10 -41.35 -21.19
C ILE B 544 67.88 -40.96 -22.45
N PHE B 545 69.12 -41.47 -22.56
CA PHE B 545 69.96 -41.16 -23.71
C PHE B 545 69.35 -41.69 -25.00
N MET B 546 68.82 -42.91 -24.98
CA MET B 546 68.20 -43.47 -26.18
C MET B 546 66.97 -42.68 -26.58
N ASN B 547 66.12 -42.31 -25.60
CA ASN B 547 64.91 -41.56 -25.89
C ASN B 547 65.22 -40.18 -26.47
N THR B 548 66.27 -39.52 -25.97
CA THR B 548 66.59 -38.18 -26.43
C THR B 548 67.64 -38.15 -27.55
N ALA B 549 68.14 -39.31 -27.99
CA ALA B 549 69.15 -39.32 -29.05
C ALA B 549 68.75 -40.08 -30.30
N ILE B 550 67.83 -41.05 -30.20
CA ILE B 550 67.35 -41.75 -31.42
C ILE B 550 66.67 -40.82 -32.40
N PRO B 551 65.80 -39.86 -32.01
CA PRO B 551 65.29 -38.91 -33.02
C PRO B 551 66.35 -38.08 -33.72
N ILE B 552 67.42 -37.69 -33.00
CA ILE B 552 68.50 -36.94 -33.63
C ILE B 552 69.20 -37.77 -34.69
N ALA B 553 69.48 -39.04 -34.36
CA ALA B 553 70.10 -39.95 -35.32
C ALA B 553 69.20 -40.19 -36.52
N ALA B 554 67.89 -40.34 -36.28
CA ALA B 554 66.94 -40.58 -37.37
C ALA B 554 66.87 -39.38 -38.31
N VAL B 555 66.80 -38.16 -37.75
CA VAL B 555 66.78 -36.95 -38.57
C VAL B 555 68.07 -36.80 -39.36
N LEU B 556 69.21 -37.07 -38.70
CA LEU B 556 70.50 -37.01 -39.36
C LEU B 556 70.58 -37.96 -40.53
N ILE B 557 70.22 -39.24 -40.32
CA ILE B 557 70.37 -40.22 -41.39
C ILE B 557 69.38 -39.95 -42.51
N THR B 558 68.15 -39.51 -42.19
CA THR B 558 67.18 -39.31 -43.26
C THR B 558 67.56 -38.12 -44.14
N PHE B 559 68.01 -37.00 -43.55
CA PHE B 559 68.34 -35.86 -44.39
C PHE B 559 69.67 -36.06 -45.12
N VAL B 560 70.68 -36.63 -44.44
CA VAL B 560 71.97 -36.85 -45.07
C VAL B 560 71.85 -37.89 -46.18
N GLY B 561 71.12 -38.98 -45.95
CA GLY B 561 70.91 -39.96 -47.00
C GLY B 561 70.10 -39.43 -48.15
N HIS B 562 69.09 -38.59 -47.85
CA HIS B 562 68.27 -38.00 -48.90
C HIS B 562 69.09 -37.09 -49.82
N VAL B 563 70.03 -36.34 -49.26
CA VAL B 563 70.83 -35.44 -50.09
C VAL B 563 72.10 -36.08 -50.65
N SER B 564 72.57 -37.19 -50.09
CA SER B 564 73.86 -37.74 -50.48
C SER B 564 73.75 -39.13 -51.08
N PHE B 565 73.07 -40.06 -50.42
CA PHE B 565 73.03 -41.43 -50.91
C PHE B 565 71.98 -41.59 -52.01
N PHE B 566 70.71 -41.29 -51.69
CA PHE B 566 69.63 -41.50 -52.64
C PHE B 566 69.69 -40.52 -53.80
N LYS B 567 70.12 -39.27 -53.54
CA LYS B 567 70.17 -38.20 -54.53
C LYS B 567 68.82 -37.99 -55.21
N GLU B 568 67.78 -37.93 -54.38
CA GLU B 568 66.40 -37.77 -54.83
C GLU B 568 66.12 -36.30 -55.14
N SER B 569 64.83 -35.94 -55.23
CA SER B 569 64.43 -34.55 -55.38
C SER B 569 65.06 -33.69 -54.28
N ASP B 570 65.43 -32.47 -54.65
CA ASP B 570 66.22 -31.62 -53.77
C ASP B 570 65.46 -31.26 -52.51
N LEU B 571 66.19 -31.15 -51.40
CA LEU B 571 65.59 -30.84 -50.12
C LEU B 571 65.01 -29.43 -50.11
N SER B 572 63.82 -29.30 -49.56
CA SER B 572 63.08 -28.04 -49.48
C SER B 572 62.70 -27.82 -48.03
N PRO B 573 62.53 -26.57 -47.60
CA PRO B 573 62.11 -26.35 -46.21
C PRO B 573 60.76 -26.94 -45.86
N SER B 574 59.84 -26.99 -46.82
CA SER B 574 58.51 -27.57 -46.58
C SER B 574 58.62 -29.04 -46.23
N VAL B 575 59.29 -29.83 -47.08
CA VAL B 575 59.40 -31.27 -46.85
C VAL B 575 60.24 -31.56 -45.61
N ALA B 576 61.36 -30.85 -45.44
CA ALA B 576 62.26 -31.11 -44.33
C ALA B 576 61.59 -30.80 -42.99
N PHE B 577 60.93 -29.65 -42.89
CA PHE B 577 60.29 -29.31 -41.61
C PHE B 577 59.01 -30.09 -41.37
N ALA B 578 58.29 -30.48 -42.43
CA ALA B 578 57.16 -31.39 -42.25
C ALA B 578 57.61 -32.76 -41.75
N SER B 579 58.73 -33.26 -42.29
CA SER B 579 59.28 -34.53 -41.82
C SER B 579 59.77 -34.43 -40.38
N LEU B 580 60.39 -33.29 -40.03
CA LEU B 580 60.84 -33.08 -38.65
C LEU B 580 59.65 -33.05 -37.69
N SER B 581 58.56 -32.39 -38.09
CA SER B 581 57.36 -32.40 -37.26
C SER B 581 56.75 -33.79 -37.16
N LEU B 582 56.82 -34.57 -38.26
CA LEU B 582 56.33 -35.95 -38.22
C LEU B 582 57.14 -36.81 -37.26
N PHE B 583 58.46 -36.62 -37.24
CA PHE B 583 59.30 -37.35 -36.27
C PHE B 583 59.00 -36.90 -34.85
N HIS B 584 58.78 -35.60 -34.64
CA HIS B 584 58.41 -35.10 -33.32
C HIS B 584 57.06 -35.63 -32.86
N ILE B 585 56.17 -35.94 -33.80
CA ILE B 585 54.90 -36.57 -33.44
C ILE B 585 55.11 -38.05 -33.14
N LEU B 586 55.92 -38.73 -33.96
CA LEU B 586 56.05 -40.18 -33.84
C LEU B 586 56.93 -40.63 -32.68
N VAL B 587 57.74 -39.74 -32.10
CA VAL B 587 58.68 -40.18 -31.05
C VAL B 587 57.94 -40.63 -29.79
N THR B 588 56.89 -39.90 -29.38
CA THR B 588 56.24 -40.22 -28.11
C THR B 588 55.47 -41.54 -28.11
N PRO B 589 54.61 -41.87 -29.09
CA PRO B 589 53.97 -43.20 -29.05
C PRO B 589 54.95 -44.35 -29.19
N LEU B 590 56.04 -44.17 -29.94
CA LEU B 590 57.06 -45.20 -30.03
C LEU B 590 57.75 -45.42 -28.69
N PHE B 591 57.95 -44.35 -27.92
CA PHE B 591 58.56 -44.50 -26.61
C PHE B 591 57.61 -45.16 -25.62
N LEU B 592 56.32 -44.82 -25.68
CA LEU B 592 55.36 -45.39 -24.73
C LEU B 592 54.79 -46.74 -25.18
N LEU B 593 55.12 -47.20 -26.38
CA LEU B 593 54.64 -48.49 -26.86
C LEU B 593 55.15 -49.64 -25.99
N SER B 594 56.42 -49.57 -25.57
CA SER B 594 56.97 -50.61 -24.70
C SER B 594 56.26 -50.65 -23.36
N SER B 595 55.95 -49.48 -22.80
CA SER B 595 55.20 -49.42 -21.55
C SER B 595 53.80 -49.99 -21.72
N VAL B 596 53.15 -49.72 -22.85
CA VAL B 596 51.82 -50.24 -23.12
C VAL B 596 51.86 -51.77 -23.26
N VAL B 597 52.87 -52.31 -23.94
CA VAL B 597 53.00 -53.75 -24.10
C VAL B 597 53.26 -54.43 -22.74
N ARG B 598 54.15 -53.86 -21.93
CA ARG B 598 54.40 -54.41 -20.60
C ARG B 598 53.16 -54.32 -19.72
N SER B 599 52.39 -53.25 -19.86
CA SER B 599 51.13 -53.13 -19.12
C SER B 599 50.13 -54.19 -19.55
N THR B 600 50.07 -54.49 -20.84
CA THR B 600 49.18 -55.54 -21.32
C THR B 600 49.58 -56.92 -20.79
N VAL B 601 50.88 -57.21 -20.77
CA VAL B 601 51.34 -58.49 -20.23
C VAL B 601 51.05 -58.60 -18.74
N LYS B 602 51.33 -57.51 -17.99
CA LYS B 602 51.01 -57.50 -16.57
C LYS B 602 49.51 -57.60 -16.32
N ALA B 603 48.70 -57.06 -17.22
CA ALA B 603 47.24 -57.19 -17.11
C ALA B 603 46.80 -58.63 -17.30
N LEU B 604 47.40 -59.32 -18.27
CA LEU B 604 47.07 -60.74 -18.47
C LEU B 604 47.42 -61.56 -17.23
N VAL B 605 48.61 -61.30 -16.67
CA VAL B 605 49.02 -62.01 -15.45
C VAL B 605 48.12 -61.67 -14.27
N SER B 606 47.73 -60.40 -14.16
CA SER B 606 46.86 -59.96 -13.06
C SER B 606 45.47 -60.57 -13.16
N VAL B 607 44.91 -60.65 -14.38
CA VAL B 607 43.59 -61.25 -14.56
C VAL B 607 43.65 -62.75 -14.30
N GLN B 608 44.74 -63.41 -14.70
CA GLN B 608 44.91 -64.82 -14.37
C GLN B 608 44.98 -65.04 -12.86
N LYS B 609 45.74 -64.20 -12.15
CA LYS B 609 45.85 -64.32 -10.70
C LYS B 609 44.51 -64.05 -10.01
N LEU B 610 43.78 -63.05 -10.50
CA LEU B 610 42.47 -62.74 -9.95
C LEU B 610 41.46 -63.85 -10.20
N SER B 611 41.55 -64.49 -11.37
CA SER B 611 40.70 -65.64 -11.66
C SER B 611 41.01 -66.81 -10.73
N GLU B 612 42.31 -67.05 -10.48
CA GLU B 612 42.69 -68.11 -9.55
C GLU B 612 42.23 -67.81 -8.13
N PHE B 613 42.14 -66.52 -7.77
CA PHE B 613 41.59 -66.17 -6.47
C PHE B 613 40.08 -66.37 -6.42
N LEU B 614 39.37 -65.95 -7.48
CA LEU B 614 37.92 -66.05 -7.50
C LEU B 614 37.42 -67.48 -7.68
N SER B 615 38.27 -68.39 -8.15
CA SER B 615 37.89 -69.78 -8.37
C SER B 615 38.32 -70.69 -7.23
N SER B 616 38.42 -70.16 -6.02
CA SER B 616 38.91 -70.91 -4.88
C SER B 616 37.77 -71.46 -4.04
N ALA B 617 38.12 -72.08 -2.92
CA ALA B 617 37.13 -72.73 -2.06
C ALA B 617 36.30 -71.71 -1.31
N GLU B 618 35.05 -72.08 -1.03
CA GLU B 618 34.12 -71.23 -0.31
C GLU B 618 33.38 -72.04 0.74
N ILE B 619 32.90 -71.35 1.77
CA ILE B 619 32.08 -72.00 2.78
C ILE B 619 30.72 -72.33 2.19
N ARG B 620 30.09 -73.37 2.73
CA ARG B 620 28.77 -73.77 2.25
C ARG B 620 27.68 -72.92 2.88
N GLU B 621 26.55 -72.84 2.18
CA GLU B 621 25.41 -72.06 2.64
C GLU B 621 24.50 -72.89 3.54
N ASP B 675 13.93 -77.21 21.00
CA ASP B 675 12.96 -76.83 22.01
C ASP B 675 13.56 -75.80 22.97
N ASN B 676 14.17 -76.29 24.04
CA ASN B 676 14.82 -75.45 25.04
C ASN B 676 16.33 -75.39 24.87
N PHE B 677 16.84 -75.82 23.72
CA PHE B 677 18.27 -75.91 23.47
C PHE B 677 18.66 -75.01 22.32
N CYS B 678 19.91 -74.55 22.35
CA CYS B 678 20.40 -73.54 21.40
C CYS B 678 20.90 -74.17 20.09
N VAL B 679 21.90 -75.05 20.19
CA VAL B 679 22.53 -75.66 19.03
C VAL B 679 22.33 -77.17 19.12
N GLN B 680 21.88 -77.77 18.02
CA GLN B 680 21.68 -79.22 17.94
C GLN B 680 22.42 -79.77 16.73
N ILE B 681 23.21 -80.81 16.95
CA ILE B 681 23.87 -81.56 15.87
C ILE B 681 23.53 -83.03 16.06
N ILE B 682 23.14 -83.69 14.96
CA ILE B 682 22.79 -85.11 14.98
C ILE B 682 23.70 -85.81 13.98
N GLY B 683 24.72 -86.50 14.48
CA GLY B 683 25.62 -87.27 13.63
C GLY B 683 26.42 -86.43 12.65
N GLY B 684 26.93 -85.29 13.10
CA GLY B 684 27.61 -84.39 12.20
C GLY B 684 29.01 -84.88 11.84
N PHE B 685 29.35 -84.76 10.56
CA PHE B 685 30.68 -85.06 10.05
C PHE B 685 31.23 -83.82 9.37
N PHE B 686 32.37 -83.33 9.85
CA PHE B 686 32.96 -82.09 9.35
C PHE B 686 34.43 -82.32 9.04
N THR B 687 34.86 -81.89 7.86
CA THR B 687 36.26 -81.92 7.46
C THR B 687 36.75 -80.52 7.17
N TRP B 688 37.99 -80.21 7.56
CA TRP B 688 38.58 -78.95 7.16
C TRP B 688 38.93 -78.94 5.69
N THR B 689 39.58 -80.00 5.21
CA THR B 689 39.84 -80.15 3.79
C THR B 689 38.53 -80.45 3.06
N PRO B 690 38.43 -80.08 1.76
CA PRO B 690 37.16 -80.32 1.04
C PRO B 690 36.79 -81.78 0.89
N ASP B 691 37.76 -82.67 0.68
CA ASP B 691 37.47 -84.09 0.42
C ASP B 691 38.44 -84.98 1.18
N GLY B 692 38.67 -84.69 2.45
CA GLY B 692 39.60 -85.43 3.27
C GLY B 692 38.93 -86.23 4.37
N ILE B 693 39.77 -86.71 5.29
CA ILE B 693 39.32 -87.50 6.44
C ILE B 693 38.49 -86.62 7.36
N PRO B 694 37.35 -87.10 7.90
CA PRO B 694 36.58 -86.29 8.85
C PRO B 694 37.33 -85.96 10.13
N THR B 695 37.64 -84.68 10.31
CA THR B 695 38.23 -84.23 11.57
C THR B 695 37.23 -84.32 12.72
N LEU B 696 35.94 -84.16 12.42
CA LEU B 696 34.87 -84.35 13.38
C LEU B 696 33.98 -85.49 12.91
N SER B 697 33.77 -86.47 13.78
CA SER B 697 33.01 -87.66 13.44
C SER B 697 32.00 -87.97 14.55
N ASN B 698 30.77 -88.31 14.13
CA ASN B 698 29.67 -88.67 15.03
C ASN B 698 29.40 -87.57 16.06
N ILE B 699 29.33 -86.34 15.57
CA ILE B 699 29.11 -85.18 16.43
C ILE B 699 27.64 -85.14 16.85
N THR B 700 27.39 -85.24 18.16
CA THR B 700 26.07 -85.06 18.73
C THR B 700 26.19 -84.04 19.86
N ILE B 701 25.41 -82.97 19.78
CA ILE B 701 25.55 -81.83 20.68
C ILE B 701 24.17 -81.29 21.04
N ARG B 702 23.94 -81.03 22.32
CA ARG B 702 22.69 -80.45 22.82
C ARG B 702 23.05 -79.34 23.80
N ILE B 703 23.20 -78.12 23.28
CA ILE B 703 23.64 -76.97 24.07
C ILE B 703 22.42 -76.29 24.66
N PRO B 704 22.31 -76.17 25.99
CA PRO B 704 21.18 -75.44 26.58
C PRO B 704 21.25 -73.94 26.32
N ARG B 705 20.07 -73.32 26.28
CA ARG B 705 19.96 -71.89 26.11
C ARG B 705 19.96 -71.19 27.47
N GLY B 706 20.72 -70.10 27.56
CA GLY B 706 20.79 -69.34 28.79
C GLY B 706 21.68 -69.96 29.86
N GLN B 707 22.46 -70.98 29.53
CA GLN B 707 23.33 -71.66 30.47
C GLN B 707 24.76 -71.62 29.97
N LEU B 708 25.68 -72.07 30.82
CA LEU B 708 27.09 -72.17 30.48
C LEU B 708 27.41 -73.60 30.08
N THR B 709 27.89 -73.77 28.86
CA THR B 709 28.33 -75.07 28.35
C THR B 709 29.84 -75.02 28.16
N MET B 710 30.56 -75.96 28.74
CA MET B 710 32.01 -75.96 28.72
C MET B 710 32.53 -77.18 27.98
N ILE B 711 33.36 -76.94 26.97
CA ILE B 711 33.95 -78.01 26.16
C ILE B 711 35.36 -78.25 26.67
N VAL B 712 35.66 -79.48 27.05
CA VAL B 712 36.95 -79.85 27.62
C VAL B 712 37.54 -81.00 26.82
N GLY B 713 38.86 -81.04 26.79
CA GLY B 713 39.57 -82.07 26.05
C GLY B 713 41.05 -81.80 26.01
N GLN B 714 41.76 -82.65 25.29
CA GLN B 714 43.20 -82.53 25.16
C GLN B 714 43.53 -81.56 24.02
N VAL B 715 44.81 -81.47 23.68
CA VAL B 715 45.27 -80.55 22.64
C VAL B 715 44.92 -81.14 21.27
N GLY B 716 44.24 -80.35 20.45
CA GLY B 716 43.89 -80.75 19.10
C GLY B 716 42.88 -81.87 19.02
N CYS B 717 41.90 -81.90 19.93
CA CYS B 717 40.81 -82.87 19.86
C CYS B 717 39.57 -82.33 19.17
N GLY B 718 39.60 -81.08 18.71
CA GLY B 718 38.52 -80.53 17.91
C GLY B 718 37.59 -79.58 18.60
N LYS B 719 38.00 -78.96 19.72
CA LYS B 719 37.13 -78.02 20.43
C LYS B 719 36.89 -76.76 19.59
N SER B 720 37.97 -76.15 19.09
CA SER B 720 37.84 -75.02 18.19
C SER B 720 37.16 -75.43 16.89
N SER B 721 37.44 -76.65 16.42
CA SER B 721 36.77 -77.17 15.23
C SER B 721 35.28 -77.36 15.47
N LEU B 722 34.90 -77.81 16.68
CA LEU B 722 33.48 -77.92 17.00
C LEU B 722 32.81 -76.55 17.04
N LEU B 723 33.48 -75.57 17.63
CA LEU B 723 32.95 -74.21 17.69
C LEU B 723 32.74 -73.62 16.29
N LEU B 724 33.72 -73.82 15.40
CA LEU B 724 33.60 -73.30 14.04
C LEU B 724 32.67 -74.15 13.18
N ALA B 725 32.48 -75.43 13.51
CA ALA B 725 31.54 -76.26 12.77
C ALA B 725 30.10 -75.90 13.10
N THR B 726 29.84 -75.48 14.34
CA THR B 726 28.52 -74.95 14.66
C THR B 726 28.24 -73.62 13.96
N LEU B 727 29.29 -72.89 13.58
CA LEU B 727 29.15 -71.60 12.89
C LEU B 727 29.14 -71.72 11.37
N GLY B 728 29.23 -72.94 10.84
CA GLY B 728 29.25 -73.13 9.40
C GLY B 728 30.58 -72.88 8.72
N GLU B 729 31.64 -72.63 9.49
CA GLU B 729 32.97 -72.40 8.91
C GLU B 729 33.60 -73.67 8.37
N MET B 730 33.09 -74.84 8.75
CA MET B 730 33.56 -76.11 8.22
C MET B 730 32.46 -76.74 7.36
N GLN B 731 32.85 -77.30 6.22
CA GLN B 731 31.90 -77.96 5.35
C GLN B 731 31.38 -79.24 6.01
N LYS B 732 30.11 -79.54 5.75
CA LYS B 732 29.43 -80.65 6.41
C LYS B 732 29.32 -81.82 5.44
N VAL B 733 29.82 -82.99 5.86
CA VAL B 733 29.71 -84.18 5.04
C VAL B 733 28.38 -84.88 5.27
N SER B 734 28.04 -85.10 6.55
CA SER B 734 26.80 -85.76 6.90
C SER B 734 26.26 -85.14 8.19
N GLY B 735 25.04 -85.51 8.54
CA GLY B 735 24.38 -84.97 9.70
C GLY B 735 23.68 -83.66 9.40
N ALA B 736 23.07 -83.11 10.46
CA ALA B 736 22.34 -81.86 10.35
C ALA B 736 22.62 -80.99 11.56
N VAL B 737 22.60 -79.67 11.35
CA VAL B 737 22.82 -78.69 12.40
C VAL B 737 21.57 -77.83 12.52
N PHE B 738 21.04 -77.73 13.74
CA PHE B 738 19.84 -76.97 14.02
C PHE B 738 20.14 -75.82 14.99
N TRP B 739 19.60 -74.65 14.67
CA TRP B 739 19.70 -73.48 15.55
C TRP B 739 18.29 -73.03 15.91
N ASN B 740 18.00 -72.98 17.20
CA ASN B 740 16.68 -72.60 17.70
C ASN B 740 16.65 -71.17 18.21
N SER B 741 17.62 -70.36 17.83
CA SER B 741 17.69 -68.96 18.28
C SER B 741 16.56 -68.13 17.67
N SER B 766 19.81 -69.46 9.26
CA SER B 766 19.03 -68.91 10.35
C SER B 766 19.78 -69.03 11.68
N ARG B 767 21.11 -68.99 11.61
CA ARG B 767 21.93 -69.08 12.81
C ARG B 767 21.78 -67.83 13.67
N GLY B 768 21.78 -66.65 13.06
CA GLY B 768 21.79 -65.41 13.79
C GLY B 768 23.20 -65.03 14.20
N PRO B 769 23.36 -63.81 14.73
CA PRO B 769 24.68 -63.40 15.22
C PRO B 769 25.12 -64.21 16.43
N VAL B 770 26.43 -64.42 16.52
CA VAL B 770 27.04 -65.14 17.64
C VAL B 770 28.28 -64.37 18.07
N ALA B 771 28.35 -64.00 19.34
CA ALA B 771 29.54 -63.35 19.87
C ALA B 771 30.66 -64.37 20.00
N TYR B 772 31.74 -64.16 19.25
CA TYR B 772 32.82 -65.12 19.14
C TYR B 772 34.14 -64.50 19.56
N ALA B 773 34.87 -65.19 20.45
CA ALA B 773 36.22 -64.83 20.83
C ALA B 773 37.14 -65.95 20.38
N SER B 774 37.90 -65.72 19.32
CA SER B 774 38.76 -66.74 18.75
C SER B 774 39.92 -67.07 19.69
N GLN B 775 40.51 -68.25 19.48
CA GLN B 775 41.67 -68.65 20.26
C GLN B 775 42.86 -67.73 20.00
N LYS B 776 43.05 -67.33 18.76
CA LYS B 776 43.96 -66.24 18.44
C LYS B 776 43.18 -64.93 18.48
N PRO B 777 43.50 -64.00 19.38
CA PRO B 777 42.65 -62.80 19.56
C PRO B 777 42.75 -61.86 18.37
N TRP B 778 41.61 -61.65 17.71
CA TRP B 778 41.56 -60.74 16.57
C TRP B 778 41.39 -59.30 17.05
N LEU B 779 42.18 -58.40 16.46
CA LEU B 779 42.16 -57.00 16.82
C LEU B 779 41.99 -56.15 15.56
N LEU B 780 41.09 -55.18 15.62
CA LEU B 780 40.91 -54.23 14.53
C LEU B 780 42.04 -53.21 14.54
N ASN B 781 42.05 -52.36 13.52
CA ASN B 781 43.05 -51.31 13.41
C ASN B 781 42.66 -50.03 14.15
N ALA B 782 41.48 -50.00 14.77
CA ALA B 782 40.98 -48.79 15.40
C ALA B 782 41.44 -48.72 16.85
N THR B 783 40.86 -47.79 17.61
CA THR B 783 41.23 -47.58 19.00
C THR B 783 40.66 -48.70 19.89
N VAL B 784 41.05 -48.66 21.16
CA VAL B 784 40.61 -49.69 22.12
C VAL B 784 39.10 -49.61 22.32
N GLU B 785 38.55 -48.40 22.36
CA GLU B 785 37.11 -48.21 22.50
C GLU B 785 36.36 -48.81 21.31
N GLU B 786 36.88 -48.61 20.10
CA GLU B 786 36.23 -49.20 18.93
C GLU B 786 36.51 -50.70 18.83
N ASN B 787 37.62 -51.16 19.41
CA ASN B 787 37.88 -52.60 19.47
C ASN B 787 36.90 -53.30 20.40
N ILE B 788 36.49 -52.62 21.47
CA ILE B 788 35.55 -53.24 22.42
C ILE B 788 34.11 -53.09 21.93
N THR B 789 33.74 -51.90 21.45
CA THR B 789 32.36 -51.69 20.99
C THR B 789 32.08 -52.49 19.72
N PHE B 790 32.95 -52.36 18.71
CA PHE B 790 32.94 -53.16 17.48
C PHE B 790 31.59 -53.03 16.74
N GLU B 791 31.37 -51.81 16.25
CA GLU B 791 30.18 -51.43 15.48
C GLU B 791 28.90 -51.63 16.31
N SER B 792 28.90 -51.00 17.47
CA SER B 792 27.78 -51.03 18.41
C SER B 792 27.64 -49.65 19.02
N PRO B 793 26.44 -49.30 19.49
CA PRO B 793 26.28 -48.03 20.21
C PRO B 793 27.09 -48.02 21.50
N PHE B 794 27.77 -46.90 21.74
CA PHE B 794 28.64 -46.78 22.90
C PHE B 794 27.80 -46.41 24.11
N ASN B 795 27.66 -47.33 25.05
CA ASN B 795 27.07 -47.08 26.35
C ASN B 795 28.21 -47.04 27.37
N LYS B 796 28.37 -45.91 28.06
CA LYS B 796 29.46 -45.76 29.01
C LYS B 796 29.31 -46.71 30.20
N GLN B 797 28.07 -46.95 30.64
CA GLN B 797 27.83 -47.89 31.73
C GLN B 797 28.23 -49.31 31.33
N ARG B 798 27.79 -49.76 30.15
CA ARG B 798 28.13 -51.11 29.71
C ARG B 798 29.62 -51.22 29.39
N TYR B 799 30.21 -50.16 28.82
CA TYR B 799 31.64 -50.17 28.53
C TYR B 799 32.47 -50.30 29.81
N LYS B 800 32.12 -49.51 30.83
CA LYS B 800 32.85 -49.60 32.09
C LYS B 800 32.58 -50.92 32.81
N MET B 801 31.35 -51.46 32.69
CA MET B 801 31.03 -52.74 33.30
C MET B 801 31.84 -53.88 32.67
N VAL B 802 31.94 -53.88 31.34
CA VAL B 802 32.71 -54.91 30.65
C VAL B 802 34.20 -54.75 30.95
N ILE B 803 34.68 -53.51 31.03
CA ILE B 803 36.09 -53.25 31.37
C ILE B 803 36.41 -53.75 32.78
N GLU B 804 35.52 -53.48 33.75
CA GLU B 804 35.72 -53.98 35.10
C GLU B 804 35.60 -55.50 35.16
N ALA B 805 34.75 -56.10 34.31
CA ALA B 805 34.64 -57.55 34.26
C ALA B 805 35.93 -58.18 33.72
N CYS B 806 36.55 -57.55 32.73
CA CYS B 806 37.78 -58.06 32.15
C CYS B 806 39.02 -57.49 32.83
N SER B 807 38.86 -56.61 33.82
CA SER B 807 39.95 -55.93 34.53
C SER B 807 40.88 -55.19 33.55
N LEU B 808 40.28 -54.57 32.53
CA LEU B 808 41.04 -53.84 31.53
C LEU B 808 41.33 -52.40 31.92
N GLN B 809 40.76 -51.91 33.02
CA GLN B 809 40.96 -50.52 33.41
C GLN B 809 42.42 -50.18 33.72
N PRO B 810 43.16 -50.88 34.62
CA PRO B 810 44.53 -50.42 34.91
C PRO B 810 45.47 -50.53 33.73
N ASP B 811 45.21 -51.45 32.80
CA ASP B 811 46.09 -51.60 31.64
C ASP B 811 45.85 -50.52 30.59
N ILE B 812 44.60 -50.06 30.41
CA ILE B 812 44.37 -48.91 29.55
C ILE B 812 44.72 -47.60 30.22
N ASP B 813 44.95 -47.61 31.55
CA ASP B 813 45.49 -46.43 32.20
C ASP B 813 46.94 -46.18 31.80
N ILE B 814 47.70 -47.24 31.49
CA ILE B 814 49.09 -47.11 31.05
C ILE B 814 49.14 -46.55 29.63
N LEU B 815 50.37 -46.28 29.13
CA LEU B 815 50.72 -46.05 27.73
C LEU B 815 50.27 -44.64 27.30
N PRO B 816 50.61 -44.13 26.09
CA PRO B 816 50.31 -42.71 25.81
C PRO B 816 48.85 -42.29 25.89
N HIS B 817 47.92 -43.17 25.55
CA HIS B 817 46.52 -42.80 25.59
C HIS B 817 45.68 -43.76 26.41
N GLY B 818 44.47 -43.32 26.75
CA GLY B 818 43.54 -44.13 27.51
C GLY B 818 42.36 -44.46 26.61
N ASP B 819 42.03 -45.75 26.53
CA ASP B 819 40.94 -46.27 25.70
C ASP B 819 40.80 -45.61 24.33
N GLN B 820 41.87 -44.96 23.87
CA GLN B 820 41.86 -44.30 22.57
C GLN B 820 43.14 -44.56 21.80
N THR B 821 44.03 -45.42 22.29
CA THR B 821 45.25 -45.76 21.57
C THR B 821 44.92 -46.67 20.39
N GLN B 822 45.45 -46.34 19.22
CA GLN B 822 45.39 -47.26 18.10
C GLN B 822 46.26 -48.47 18.40
N ILE B 823 45.69 -49.67 18.26
CA ILE B 823 46.39 -50.91 18.57
C ILE B 823 46.32 -51.83 17.36
N GLY B 824 46.91 -53.01 17.49
CA GLY B 824 47.07 -53.90 16.36
C GLY B 824 48.09 -53.34 15.39
N GLU B 825 47.78 -53.42 14.10
CA GLU B 825 48.60 -52.74 13.11
C GLU B 825 48.32 -51.24 13.14
N ARG B 826 49.28 -50.47 12.63
CA ARG B 826 49.27 -49.00 12.65
C ARG B 826 49.14 -48.45 14.08
N GLY B 827 49.71 -49.18 15.03
CA GLY B 827 49.64 -48.78 16.43
C GLY B 827 50.57 -49.64 17.26
N ILE B 828 50.64 -49.32 18.55
CA ILE B 828 51.55 -50.01 19.45
C ILE B 828 51.05 -51.43 19.70
N ASN B 829 51.97 -52.38 19.73
CA ASN B 829 51.60 -53.77 20.01
C ASN B 829 51.30 -53.93 21.50
N LEU B 830 50.34 -54.80 21.79
CA LEU B 830 49.96 -55.12 23.15
C LEU B 830 50.47 -56.51 23.52
N SER B 831 50.60 -56.73 24.82
CA SER B 831 50.92 -58.06 25.31
C SER B 831 49.74 -59.00 25.08
N GLY B 832 50.04 -60.31 25.06
CA GLY B 832 49.04 -61.31 24.71
C GLY B 832 47.84 -61.33 25.63
N GLY B 833 48.06 -61.08 26.92
CA GLY B 833 46.94 -60.97 27.84
C GLY B 833 46.02 -59.81 27.52
N GLN B 834 46.59 -58.67 27.15
CA GLN B 834 45.79 -57.50 26.79
C GLN B 834 45.00 -57.73 25.52
N ARG B 835 45.63 -58.34 24.50
CA ARG B 835 44.92 -58.66 23.26
C ARG B 835 43.78 -59.64 23.50
N GLN B 836 44.06 -60.69 24.29
CA GLN B 836 43.04 -61.68 24.60
C GLN B 836 41.88 -61.07 25.38
N ARG B 837 42.18 -60.23 26.37
CA ARG B 837 41.11 -59.66 27.18
C ARG B 837 40.33 -58.59 26.43
N ILE B 838 40.96 -57.88 25.46
CA ILE B 838 40.20 -56.95 24.64
C ILE B 838 39.27 -57.72 23.69
N SER B 839 39.73 -58.85 23.16
CA SER B 839 38.84 -59.70 22.36
C SER B 839 37.68 -60.24 23.19
N VAL B 840 37.96 -60.66 24.42
CA VAL B 840 36.92 -61.14 25.32
C VAL B 840 35.95 -60.02 25.70
N ALA B 841 36.47 -58.80 25.88
CA ALA B 841 35.63 -57.66 26.18
C ALA B 841 34.71 -57.32 25.01
N ARG B 842 35.23 -57.44 23.78
CA ARG B 842 34.39 -57.28 22.59
C ARG B 842 33.30 -58.36 22.55
N ALA B 843 33.65 -59.60 22.91
CA ALA B 843 32.66 -60.67 22.93
C ALA B 843 31.57 -60.41 23.98
N LEU B 844 31.97 -59.91 25.16
CA LEU B 844 31.03 -59.66 26.24
C LEU B 844 30.19 -58.40 26.02
N TYR B 845 30.68 -57.45 25.22
CA TYR B 845 29.99 -56.16 25.08
C TYR B 845 28.70 -56.29 24.28
N GLN B 846 28.73 -57.03 23.18
CA GLN B 846 27.62 -57.02 22.23
C GLN B 846 26.39 -57.71 22.82
N GLN B 847 25.22 -57.18 22.50
CA GLN B 847 23.95 -57.67 23.03
C GLN B 847 23.48 -58.88 22.21
N THR B 848 24.24 -59.96 22.32
CA THR B 848 23.99 -61.18 21.57
C THR B 848 23.72 -62.31 22.55
N ASN B 849 22.68 -63.11 22.26
CA ASN B 849 22.28 -64.17 23.19
C ASN B 849 23.28 -65.31 23.23
N VAL B 850 24.01 -65.55 22.13
CA VAL B 850 24.99 -66.62 22.06
C VAL B 850 26.39 -66.02 22.16
N VAL B 851 27.18 -66.54 23.08
CA VAL B 851 28.57 -66.13 23.26
C VAL B 851 29.46 -67.35 23.12
N PHE B 852 30.33 -67.34 22.12
CA PHE B 852 31.33 -68.39 21.93
C PHE B 852 32.68 -67.88 22.42
N LEU B 853 33.27 -68.60 23.37
CA LEU B 853 34.57 -68.26 23.92
C LEU B 853 35.51 -69.43 23.73
N ASP B 854 36.61 -69.20 23.01
CA ASP B 854 37.57 -70.25 22.66
C ASP B 854 38.86 -69.98 23.43
N ASP B 855 38.96 -70.57 24.62
CA ASP B 855 40.07 -70.45 25.58
C ASP B 855 40.42 -69.00 25.88
N PRO B 856 39.59 -68.28 26.64
CA PRO B 856 39.95 -66.91 27.02
C PRO B 856 41.11 -66.83 27.99
N PHE B 857 41.48 -67.94 28.63
CA PHE B 857 42.54 -67.96 29.61
C PHE B 857 43.81 -68.62 29.07
N SER B 858 44.09 -68.42 27.78
CA SER B 858 45.30 -68.98 27.18
C SER B 858 46.55 -68.30 27.73
N ALA B 859 46.53 -66.97 27.82
CA ALA B 859 47.66 -66.18 28.27
C ALA B 859 47.28 -65.28 29.43
N LEU B 860 46.53 -65.83 30.39
CA LEU B 860 46.11 -65.09 31.58
C LEU B 860 46.58 -65.82 32.83
N ASP B 861 46.88 -65.05 33.86
CA ASP B 861 47.30 -65.59 35.15
C ASP B 861 46.07 -65.99 35.95
N VAL B 862 46.28 -66.38 37.21
CA VAL B 862 45.18 -66.90 38.03
C VAL B 862 44.20 -65.79 38.41
N HIS B 863 44.71 -64.63 38.81
CA HIS B 863 43.85 -63.57 39.34
C HIS B 863 42.96 -62.98 38.25
N LEU B 864 43.54 -62.63 37.10
CA LEU B 864 42.76 -62.03 36.04
C LEU B 864 41.78 -63.02 35.43
N SER B 865 42.17 -64.29 35.29
CA SER B 865 41.26 -65.30 34.78
C SER B 865 40.12 -65.58 35.76
N ASP B 866 40.41 -65.59 37.06
CA ASP B 866 39.36 -65.81 38.05
C ASP B 866 38.38 -64.64 38.09
N HIS B 867 38.90 -63.40 38.04
CA HIS B 867 38.01 -62.25 38.02
C HIS B 867 37.21 -62.19 36.72
N LEU B 868 37.83 -62.57 35.60
CA LEU B 868 37.10 -62.64 34.34
C LEU B 868 35.99 -63.68 34.41
N MET B 869 36.32 -64.88 34.94
CA MET B 869 35.33 -65.94 35.06
C MET B 869 34.15 -65.51 35.92
N GLN B 870 34.42 -65.03 37.13
CA GLN B 870 33.35 -64.57 38.01
C GLN B 870 32.60 -63.38 37.41
N ALA B 871 33.26 -62.22 37.30
CA ALA B 871 32.56 -60.98 36.96
C ALA B 871 31.98 -61.01 35.55
N GLY B 872 32.70 -61.53 34.57
CA GLY B 872 32.11 -61.69 33.26
C GLY B 872 31.12 -62.83 33.20
N ILE B 873 31.59 -64.08 33.30
CA ILE B 873 30.74 -65.22 32.93
C ILE B 873 29.62 -65.41 33.95
N LEU B 874 29.93 -65.39 35.25
CA LEU B 874 28.93 -65.72 36.24
C LEU B 874 28.08 -64.53 36.65
N GLU B 875 28.43 -63.31 36.23
CA GLU B 875 27.64 -62.13 36.58
C GLU B 875 27.11 -61.38 35.35
N LEU B 876 27.97 -60.98 34.43
CA LEU B 876 27.57 -60.16 33.28
C LEU B 876 26.85 -60.98 32.23
N LEU B 877 27.06 -62.30 32.19
CA LEU B 877 26.37 -63.16 31.24
C LEU B 877 25.21 -63.91 31.84
N ARG B 878 25.17 -64.08 33.16
CA ARG B 878 24.06 -64.78 33.81
C ARG B 878 22.83 -63.88 33.98
N ASP B 879 23.03 -62.58 34.18
CA ASP B 879 21.90 -61.69 34.48
C ASP B 879 20.99 -61.53 33.27
N ASP B 880 21.56 -61.45 32.07
CA ASP B 880 20.77 -61.39 30.85
C ASP B 880 20.55 -62.77 30.22
N LYS B 881 21.03 -63.83 30.87
CA LYS B 881 20.79 -65.23 30.49
C LYS B 881 21.27 -65.50 29.06
N ARG B 882 22.47 -65.06 28.75
CA ARG B 882 23.07 -65.32 27.44
C ARG B 882 23.62 -66.74 27.41
N THR B 883 23.53 -67.37 26.24
CA THR B 883 24.06 -68.72 26.05
C THR B 883 25.57 -68.63 25.87
N VAL B 884 26.31 -69.21 26.82
CA VAL B 884 27.77 -69.12 26.83
C VAL B 884 28.33 -70.51 26.59
N VAL B 885 29.14 -70.63 25.54
CA VAL B 885 29.89 -71.85 25.26
C VAL B 885 31.36 -71.54 25.46
N LEU B 886 31.98 -72.19 26.44
CA LEU B 886 33.29 -71.81 26.96
C LEU B 886 34.26 -72.98 26.83
N VAL B 887 35.05 -72.99 25.76
CA VAL B 887 36.19 -73.90 25.69
C VAL B 887 37.27 -73.42 26.64
N THR B 888 37.78 -74.33 27.48
CA THR B 888 38.83 -73.98 28.42
C THR B 888 39.62 -75.22 28.79
N HIS B 889 40.88 -75.00 29.15
CA HIS B 889 41.73 -76.04 29.71
C HIS B 889 41.83 -75.96 31.23
N LYS B 890 41.22 -74.95 31.84
CA LYS B 890 41.20 -74.79 33.28
C LYS B 890 39.99 -75.54 33.82
N LEU B 891 40.23 -76.68 34.46
CA LEU B 891 39.16 -77.52 34.99
C LEU B 891 38.67 -77.07 36.36
N GLN B 892 39.24 -76.01 36.92
CA GLN B 892 38.77 -75.50 38.21
C GLN B 892 37.43 -74.78 38.08
N TYR B 893 36.98 -74.46 36.87
CA TYR B 893 35.69 -73.84 36.65
C TYR B 893 34.61 -74.87 36.27
N LEU B 894 34.95 -76.16 36.29
CA LEU B 894 33.96 -77.21 36.04
C LEU B 894 32.77 -77.22 37.00
N PRO B 895 32.90 -76.94 38.30
CA PRO B 895 31.67 -76.79 39.12
C PRO B 895 30.70 -75.72 38.65
N HIS B 896 31.19 -74.67 37.98
CA HIS B 896 30.33 -73.60 37.48
C HIS B 896 29.70 -73.93 36.13
N ALA B 897 29.73 -75.19 35.70
CA ALA B 897 29.24 -75.58 34.38
C ALA B 897 27.86 -76.19 34.49
N ASP B 898 26.89 -75.61 33.75
CA ASP B 898 25.58 -76.24 33.65
C ASP B 898 25.62 -77.45 32.72
N TRP B 899 26.39 -77.34 31.63
CA TRP B 899 26.54 -78.43 30.67
C TRP B 899 28.02 -78.60 30.35
N ILE B 900 28.44 -79.84 30.13
CA ILE B 900 29.84 -80.17 29.88
C ILE B 900 29.93 -81.04 28.64
N ILE B 901 30.82 -80.67 27.72
CA ILE B 901 31.11 -81.46 26.52
C ILE B 901 32.52 -82.01 26.65
N ALA B 902 32.65 -83.32 26.52
CA ALA B 902 33.94 -84.00 26.56
C ALA B 902 34.29 -84.50 25.17
N MET B 903 35.48 -84.14 24.69
CA MET B 903 35.94 -84.49 23.35
C MET B 903 37.24 -85.27 23.43
N LYS B 904 37.43 -86.18 22.48
CA LYS B 904 38.63 -87.01 22.45
C LYS B 904 38.88 -87.47 21.02
N ASP B 905 39.93 -86.92 20.40
CA ASP B 905 40.37 -87.29 19.04
C ASP B 905 39.27 -87.08 18.00
N GLY B 906 38.73 -85.87 17.96
CA GLY B 906 37.78 -85.51 16.93
C GLY B 906 36.39 -86.07 17.08
N THR B 907 36.08 -86.73 18.21
CA THR B 907 34.73 -87.18 18.48
C THR B 907 34.40 -86.84 19.93
N ILE B 908 33.11 -86.73 20.20
CA ILE B 908 32.62 -86.24 21.48
C ILE B 908 32.29 -87.43 22.37
N GLN B 909 32.89 -87.44 23.56
CA GLN B 909 32.81 -88.60 24.44
C GLN B 909 31.51 -88.62 25.24
N ARG B 910 31.26 -87.57 26.01
CA ARG B 910 30.11 -87.55 26.93
C ARG B 910 29.44 -86.18 26.87
N GLU B 911 28.35 -86.05 27.62
CA GLU B 911 27.59 -84.80 27.71
C GLU B 911 27.09 -84.64 29.15
N GLY B 912 26.22 -83.66 29.35
CA GLY B 912 25.50 -83.53 30.60
C GLY B 912 26.22 -82.73 31.67
N THR B 913 25.73 -82.89 32.89
CA THR B 913 26.30 -82.23 34.06
C THR B 913 27.35 -83.14 34.69
N LEU B 914 28.02 -82.64 35.74
CA LEU B 914 29.03 -83.41 36.45
C LEU B 914 28.43 -84.66 37.10
N LYS B 915 27.17 -84.58 37.54
CA LYS B 915 26.50 -85.74 38.12
C LYS B 915 26.38 -86.89 37.12
N ASP B 916 26.19 -86.56 35.84
CA ASP B 916 26.21 -87.58 34.80
C ASP B 916 27.60 -88.15 34.60
N PHE B 917 28.64 -87.32 34.79
CA PHE B 917 30.02 -87.81 34.70
C PHE B 917 30.41 -88.65 35.91
N GLN B 918 29.67 -88.56 37.01
CA GLN B 918 30.00 -89.35 38.21
C GLN B 918 29.86 -90.84 37.96
N ARG B 919 28.90 -91.27 37.14
CA ARG B 919 28.56 -92.68 37.01
C ARG B 919 28.99 -93.30 35.68
N SER B 920 28.70 -92.64 34.56
CA SER B 920 28.95 -93.25 33.26
C SER B 920 30.44 -93.31 32.93
N GLU B 921 31.18 -92.25 33.21
CA GLU B 921 32.61 -92.18 32.93
C GLU B 921 33.34 -91.85 34.24
N CYS B 922 33.65 -92.89 35.00
CA CYS B 922 34.32 -92.70 36.29
C CYS B 922 35.78 -92.32 36.11
N GLN B 923 36.43 -92.83 35.05
CA GLN B 923 37.84 -92.55 34.82
C GLN B 923 38.07 -91.09 34.49
N LEU B 924 37.25 -90.53 33.60
CA LEU B 924 37.38 -89.11 33.25
C LEU B 924 37.04 -88.21 34.43
N PHE B 925 36.05 -88.61 35.23
CA PHE B 925 35.67 -87.85 36.42
C PHE B 925 36.80 -87.82 37.45
N GLU B 926 37.41 -88.98 37.70
CA GLU B 926 38.53 -89.05 38.63
C GLU B 926 39.76 -88.32 38.07
N HIS B 927 39.94 -88.35 36.74
CA HIS B 927 41.02 -87.58 36.12
C HIS B 927 40.82 -86.08 36.33
N TRP B 928 39.57 -85.61 36.19
CA TRP B 928 39.26 -84.21 36.47
C TRP B 928 39.51 -83.88 37.94
N LYS B 929 39.18 -84.80 38.84
CA LYS B 929 39.47 -84.58 40.26
C LYS B 929 40.97 -84.49 40.53
N THR B 930 41.76 -85.34 39.87
CA THR B 930 43.20 -85.34 40.10
C THR B 930 43.89 -84.13 39.49
N LEU B 931 43.40 -83.63 38.36
CA LEU B 931 44.03 -82.47 37.73
C LEU B 931 43.87 -81.19 38.55
N MET B 932 42.86 -81.11 39.41
CA MET B 932 42.69 -79.95 40.28
C MET B 932 42.55 -80.39 41.74
N GLU B 938 33.54 -82.78 46.19
CA GLU B 938 33.89 -83.85 45.26
C GLU B 938 33.34 -83.56 43.87
N LEU B 939 33.85 -82.47 43.27
CA LEU B 939 33.42 -81.99 41.94
C LEU B 939 31.91 -81.77 41.89
N GLU B 940 31.36 -81.18 42.94
CA GLU B 940 29.94 -80.84 42.97
C GLU B 940 29.70 -79.52 42.27
N LYS B 941 28.53 -79.40 41.64
CA LYS B 941 28.20 -78.20 40.88
C LYS B 941 28.08 -76.98 41.81
N GLU B 942 28.66 -75.87 41.36
CA GLU B 942 28.71 -74.60 42.10
C GLU B 942 29.33 -74.77 43.48
N LEU B 986 44.52 -20.94 9.82
CA LEU B 986 45.92 -21.32 9.66
C LEU B 986 46.50 -20.72 8.38
N SER B 987 46.61 -19.40 8.33
CA SER B 987 47.12 -18.72 7.14
C SER B 987 48.62 -18.97 6.95
N SER B 988 49.37 -19.14 8.05
CA SER B 988 50.78 -19.49 7.94
C SER B 988 50.95 -20.88 7.34
N VAL B 989 50.07 -21.82 7.71
CA VAL B 989 50.08 -23.15 7.11
C VAL B 989 49.73 -23.06 5.62
N LEU B 990 48.83 -22.15 5.26
CA LEU B 990 48.51 -21.94 3.84
C LEU B 990 49.70 -21.36 3.08
N HIS B 991 50.44 -20.44 3.71
CA HIS B 991 51.62 -19.87 3.06
C HIS B 991 52.73 -20.90 2.90
N GLN B 992 52.95 -21.72 3.91
CA GLN B 992 53.96 -22.77 3.81
C GLN B 992 53.52 -23.89 2.87
N ARG B 993 52.20 -24.08 2.71
CA ARG B 993 51.69 -25.12 1.82
C ARG B 993 51.95 -24.78 0.36
N ALA B 994 51.74 -23.52 -0.02
CA ALA B 994 51.93 -23.09 -1.39
C ALA B 994 53.37 -22.67 -1.70
N LYS B 995 54.29 -22.89 -0.77
CA LYS B 995 55.68 -22.47 -0.94
C LYS B 995 56.50 -23.62 -1.50
N ILE B 996 57.23 -23.35 -2.58
CA ILE B 996 58.15 -24.33 -3.15
C ILE B 996 59.34 -24.52 -2.21
N PRO B 997 59.75 -25.76 -1.90
CA PRO B 997 60.90 -25.96 -1.02
C PRO B 997 62.22 -25.57 -1.66
N TRP B 998 62.52 -24.26 -1.67
CA TRP B 998 63.76 -23.79 -2.28
C TRP B 998 64.98 -24.21 -1.49
N ARG B 999 64.89 -24.17 -0.15
CA ARG B 999 66.03 -24.54 0.69
C ARG B 999 66.37 -26.02 0.56
N ALA B 1000 65.34 -26.87 0.47
CA ALA B 1000 65.58 -28.31 0.31
C ALA B 1000 66.26 -28.61 -1.02
N CYS B 1001 65.82 -27.96 -2.10
CA CYS B 1001 66.45 -28.13 -3.40
C CYS B 1001 67.89 -27.61 -3.39
N THR B 1002 68.12 -26.49 -2.71
CA THR B 1002 69.46 -25.93 -2.61
C THR B 1002 70.41 -26.89 -1.87
N LYS B 1003 69.95 -27.47 -0.76
CA LYS B 1003 70.79 -28.41 -0.02
C LYS B 1003 71.01 -29.70 -0.83
N TYR B 1004 69.96 -30.17 -1.53
CA TYR B 1004 70.07 -31.36 -2.37
C TYR B 1004 71.11 -31.17 -3.46
N LEU B 1005 71.09 -30.01 -4.12
CA LEU B 1005 72.06 -29.76 -5.18
C LEU B 1005 73.45 -29.45 -4.63
N SER B 1006 73.54 -28.85 -3.44
CA SER B 1006 74.83 -28.55 -2.84
C SER B 1006 75.54 -29.79 -2.33
N SER B 1007 74.80 -30.85 -2.01
CA SER B 1007 75.44 -32.10 -1.63
C SER B 1007 76.15 -32.79 -2.80
N ALA B 1008 75.89 -32.38 -4.03
CA ALA B 1008 76.52 -33.00 -5.19
C ALA B 1008 77.95 -32.55 -5.40
N GLY B 1009 78.30 -31.33 -4.97
CA GLY B 1009 79.62 -30.79 -5.20
C GLY B 1009 79.63 -29.78 -6.35
N ILE B 1010 80.63 -28.90 -6.32
CA ILE B 1010 80.69 -27.81 -7.29
C ILE B 1010 81.05 -28.34 -8.68
N LEU B 1011 81.96 -29.31 -8.75
CA LEU B 1011 82.41 -29.84 -10.04
C LEU B 1011 81.29 -30.54 -10.78
N LEU B 1012 80.60 -31.45 -10.10
CA LEU B 1012 79.55 -32.25 -10.75
C LEU B 1012 78.35 -31.40 -11.12
N LEU B 1013 77.93 -30.50 -10.23
CA LEU B 1013 76.80 -29.62 -10.51
C LEU B 1013 77.11 -28.65 -11.64
N SER B 1014 78.34 -28.12 -11.66
CA SER B 1014 78.77 -27.24 -12.74
C SER B 1014 78.79 -27.97 -14.07
N LEU B 1015 79.28 -29.22 -14.07
CA LEU B 1015 79.27 -30.03 -15.28
C LEU B 1015 77.85 -30.31 -15.74
N LEU B 1016 76.93 -30.56 -14.80
CA LEU B 1016 75.54 -30.83 -15.15
C LEU B 1016 74.90 -29.62 -15.81
N VAL B 1017 75.07 -28.44 -15.22
CA VAL B 1017 74.47 -27.22 -15.76
C VAL B 1017 75.06 -26.89 -17.14
N PHE B 1018 76.39 -26.99 -17.26
CA PHE B 1018 77.05 -26.70 -18.52
C PHE B 1018 76.63 -27.67 -19.60
N SER B 1019 76.55 -28.96 -19.28
CA SER B 1019 76.17 -29.98 -20.26
C SER B 1019 74.73 -29.78 -20.73
N GLN B 1020 73.80 -29.50 -19.80
CA GLN B 1020 72.41 -29.30 -20.19
C GLN B 1020 72.24 -28.08 -21.08
N LEU B 1021 72.83 -26.95 -20.69
CA LEU B 1021 72.71 -25.72 -21.48
C LEU B 1021 73.35 -25.89 -22.85
N LEU B 1022 74.55 -26.49 -22.89
CA LEU B 1022 75.26 -26.67 -24.15
C LEU B 1022 74.52 -27.64 -25.08
N LYS B 1023 73.93 -28.70 -24.51
CA LYS B 1023 73.19 -29.65 -25.33
C LYS B 1023 71.96 -29.03 -25.96
N HIS B 1024 71.21 -28.22 -25.19
CA HIS B 1024 70.05 -27.57 -25.78
C HIS B 1024 70.44 -26.51 -26.81
N MET B 1025 71.56 -25.82 -26.58
CA MET B 1025 72.08 -24.91 -27.60
C MET B 1025 72.48 -25.65 -28.87
N VAL B 1026 73.04 -26.85 -28.72
CA VAL B 1026 73.44 -27.65 -29.89
C VAL B 1026 72.21 -28.12 -30.66
N LEU B 1027 71.13 -28.49 -29.95
CA LEU B 1027 69.89 -28.86 -30.62
C LEU B 1027 69.31 -27.69 -31.42
N VAL B 1028 69.31 -26.51 -30.82
CA VAL B 1028 68.88 -25.30 -31.51
C VAL B 1028 69.74 -25.05 -32.74
N ALA B 1029 71.05 -25.27 -32.62
CA ALA B 1029 71.96 -25.11 -33.75
C ALA B 1029 71.67 -26.11 -34.86
N ILE B 1030 71.31 -27.34 -34.50
CA ILE B 1030 70.98 -28.37 -35.49
C ILE B 1030 69.77 -27.94 -36.31
N ASP B 1031 68.71 -27.51 -35.63
CA ASP B 1031 67.50 -27.15 -36.37
C ASP B 1031 67.67 -25.85 -37.17
N TYR B 1032 68.43 -24.89 -36.62
CA TYR B 1032 68.73 -23.67 -37.35
C TYR B 1032 69.57 -23.95 -38.60
N TRP B 1033 70.54 -24.85 -38.48
CA TRP B 1033 71.35 -25.22 -39.64
C TRP B 1033 70.51 -25.98 -40.67
N LEU B 1034 69.50 -26.74 -40.22
CA LEU B 1034 68.57 -27.35 -41.18
C LEU B 1034 67.81 -26.28 -41.95
N ALA B 1035 67.38 -25.22 -41.25
CA ALA B 1035 66.69 -24.11 -41.93
C ALA B 1035 67.59 -23.44 -42.96
N LYS B 1036 68.83 -23.14 -42.59
CA LYS B 1036 69.77 -22.50 -43.51
C LYS B 1036 70.10 -23.42 -44.69
N TRP B 1037 70.24 -24.71 -44.41
CA TRP B 1037 70.50 -25.72 -45.44
C TRP B 1037 69.37 -25.75 -46.48
N THR B 1038 68.13 -25.76 -46.01
CA THR B 1038 67.00 -25.81 -46.93
C THR B 1038 66.83 -24.50 -47.69
N ASP B 1039 67.15 -23.36 -47.07
CA ASP B 1039 67.14 -22.10 -47.80
C ASP B 1039 68.20 -22.07 -48.91
N SER B 1040 69.39 -22.60 -48.60
CA SER B 1040 70.44 -22.69 -49.61
C SER B 1040 70.04 -23.60 -50.76
N ALA B 1041 69.35 -24.71 -50.46
CA ALA B 1041 68.86 -25.57 -51.53
C ALA B 1041 67.72 -24.91 -52.30
N LEU B 1042 66.94 -24.04 -51.66
CA LEU B 1042 65.90 -23.30 -52.38
C LEU B 1042 66.50 -22.33 -53.38
N VAL B 1043 67.53 -21.58 -52.97
CA VAL B 1043 68.17 -20.63 -53.88
C VAL B 1043 68.92 -21.37 -55.00
N LEU B 1044 69.50 -22.53 -54.68
CA LEU B 1044 70.28 -23.33 -55.63
C LEU B 1044 69.49 -23.75 -56.87
N ASP B 1060 78.02 -25.69 -52.28
CA ASP B 1060 78.67 -26.23 -51.07
C ASP B 1060 77.71 -27.12 -50.29
N GLN B 1061 76.94 -27.95 -51.01
CA GLN B 1061 75.96 -28.81 -50.38
C GLN B 1061 76.61 -29.89 -49.53
N SER B 1062 77.77 -30.42 -49.97
CA SER B 1062 78.50 -31.39 -49.16
C SER B 1062 79.03 -30.77 -47.88
N VAL B 1063 79.43 -29.50 -47.91
CA VAL B 1063 79.82 -28.79 -46.70
C VAL B 1063 78.65 -28.68 -45.73
N TYR B 1064 77.47 -28.38 -46.25
CA TYR B 1064 76.26 -28.33 -45.43
C TYR B 1064 75.96 -29.69 -44.80
N ALA B 1065 76.10 -30.76 -45.58
CA ALA B 1065 75.88 -32.10 -45.06
C ALA B 1065 76.88 -32.46 -43.97
N MET B 1066 78.15 -32.09 -44.17
CA MET B 1066 79.18 -32.37 -43.17
C MET B 1066 78.94 -31.60 -41.87
N VAL B 1067 78.55 -30.33 -41.98
CA VAL B 1067 78.28 -29.54 -40.77
C VAL B 1067 77.04 -30.08 -40.04
N PHE B 1068 76.02 -30.49 -40.79
CA PHE B 1068 74.83 -31.09 -40.17
C PHE B 1068 75.18 -32.39 -39.47
N THR B 1069 76.03 -33.22 -40.09
CA THR B 1069 76.47 -34.46 -39.47
C THR B 1069 77.27 -34.20 -38.19
N LEU B 1070 78.16 -33.21 -38.23
CA LEU B 1070 78.95 -32.86 -37.05
C LEU B 1070 78.06 -32.37 -35.91
N LEU B 1071 77.07 -31.53 -36.22
CA LEU B 1071 76.16 -31.02 -35.20
C LEU B 1071 75.30 -32.13 -34.61
N CYS B 1072 74.80 -33.05 -35.44
CA CYS B 1072 73.99 -34.15 -34.93
C CYS B 1072 74.80 -35.10 -34.06
N SER B 1073 76.03 -35.40 -34.46
CA SER B 1073 76.89 -36.26 -33.65
C SER B 1073 77.23 -35.59 -32.31
N LEU B 1074 77.50 -34.29 -32.33
CA LEU B 1074 77.74 -33.56 -31.09
C LEU B 1074 76.52 -33.58 -30.18
N GLY B 1075 75.32 -33.45 -30.77
CA GLY B 1075 74.11 -33.53 -29.97
C GLY B 1075 73.90 -34.90 -29.33
N ILE B 1076 74.19 -35.97 -30.07
CA ILE B 1076 74.06 -37.32 -29.52
C ILE B 1076 75.05 -37.53 -28.37
N VAL B 1077 76.30 -37.09 -28.56
CA VAL B 1077 77.32 -37.21 -27.52
C VAL B 1077 76.91 -36.42 -26.27
N LEU B 1078 76.38 -35.21 -26.46
CA LEU B 1078 75.99 -34.39 -25.32
C LEU B 1078 74.75 -34.95 -24.61
N CYS B 1079 73.86 -35.63 -25.36
CA CYS B 1079 72.75 -36.34 -24.72
C CYS B 1079 73.25 -37.44 -23.81
N LEU B 1080 74.23 -38.22 -24.29
CA LEU B 1080 74.84 -39.24 -23.44
C LEU B 1080 75.49 -38.63 -22.21
N VAL B 1081 76.19 -37.50 -22.40
CA VAL B 1081 76.88 -36.84 -21.29
C VAL B 1081 75.89 -36.37 -20.23
N THR B 1082 74.79 -35.74 -20.64
CA THR B 1082 73.85 -35.21 -19.66
C THR B 1082 73.08 -36.32 -18.95
N SER B 1083 72.76 -37.42 -19.65
CA SER B 1083 72.09 -38.53 -18.98
C SER B 1083 72.98 -39.17 -17.92
N VAL B 1084 74.25 -39.44 -18.29
CA VAL B 1084 75.20 -40.03 -17.35
C VAL B 1084 75.44 -39.07 -16.18
N THR B 1085 75.50 -37.77 -16.45
CA THR B 1085 75.77 -36.79 -15.41
C THR B 1085 74.63 -36.71 -14.40
N VAL B 1086 73.37 -36.68 -14.87
CA VAL B 1086 72.26 -36.55 -13.93
C VAL B 1086 72.11 -37.83 -13.09
N GLU B 1087 72.34 -39.01 -13.70
CA GLU B 1087 72.25 -40.24 -12.90
C GLU B 1087 73.39 -40.34 -11.89
N TRP B 1088 74.60 -39.90 -12.28
CA TRP B 1088 75.73 -39.87 -11.35
C TRP B 1088 75.48 -38.92 -10.19
N THR B 1089 74.88 -37.75 -10.49
CA THR B 1089 74.53 -36.79 -9.44
C THR B 1089 73.54 -37.38 -8.46
N GLY B 1090 72.52 -38.08 -8.98
CA GLY B 1090 71.57 -38.73 -8.10
C GLY B 1090 72.20 -39.78 -7.20
N LEU B 1091 73.10 -40.60 -7.76
CA LEU B 1091 73.77 -41.63 -6.98
C LEU B 1091 74.63 -41.02 -5.87
N LYS B 1092 75.41 -39.99 -6.20
CA LYS B 1092 76.30 -39.38 -5.21
C LYS B 1092 75.52 -38.71 -4.09
N VAL B 1093 74.46 -37.97 -4.45
CA VAL B 1093 73.64 -37.30 -3.44
C VAL B 1093 72.96 -38.33 -2.53
N ALA B 1094 72.47 -39.43 -3.13
CA ALA B 1094 71.82 -40.48 -2.36
C ALA B 1094 72.77 -41.10 -1.34
N LYS B 1095 73.99 -41.42 -1.78
CA LYS B 1095 74.98 -42.04 -0.90
C LYS B 1095 75.36 -41.12 0.26
N ARG B 1096 75.72 -39.87 -0.06
CA ARG B 1096 76.14 -38.92 0.97
C ARG B 1096 75.01 -38.63 1.96
N LEU B 1097 73.78 -38.47 1.44
CA LEU B 1097 72.65 -38.13 2.30
C LEU B 1097 72.29 -39.28 3.23
N HIS B 1098 72.31 -40.51 2.73
CA HIS B 1098 72.02 -41.65 3.60
C HIS B 1098 73.08 -41.81 4.68
N ARG B 1099 74.37 -41.63 4.32
CA ARG B 1099 75.43 -41.73 5.32
C ARG B 1099 75.28 -40.66 6.41
N SER B 1100 75.00 -39.42 6.00
CA SER B 1100 74.84 -38.34 6.97
C SER B 1100 73.64 -38.56 7.88
N LEU B 1101 72.51 -39.02 7.30
CA LEU B 1101 71.32 -39.29 8.09
C LEU B 1101 71.56 -40.40 9.10
N LEU B 1102 72.23 -41.48 8.68
CA LEU B 1102 72.50 -42.59 9.59
C LEU B 1102 73.40 -42.16 10.74
N ASN B 1103 74.46 -41.40 10.44
CA ASN B 1103 75.38 -40.96 11.49
C ASN B 1103 74.70 -40.00 12.47
N ARG B 1104 73.89 -39.05 11.96
CA ARG B 1104 73.25 -38.09 12.85
C ARG B 1104 72.16 -38.74 13.70
N ILE B 1105 71.43 -39.70 13.12
CA ILE B 1105 70.43 -40.44 13.90
C ILE B 1105 71.12 -41.26 14.99
N ILE B 1106 72.29 -41.82 14.67
CA ILE B 1106 73.04 -42.59 15.66
C ILE B 1106 73.52 -41.70 16.81
N LEU B 1107 73.99 -40.49 16.50
CA LEU B 1107 74.52 -39.61 17.54
C LEU B 1107 73.44 -38.95 18.40
N ALA B 1108 72.16 -39.15 18.08
CA ALA B 1108 71.08 -38.48 18.78
C ALA B 1108 70.93 -38.99 20.21
N PRO B 1109 70.44 -38.17 21.14
CA PRO B 1109 70.19 -38.64 22.50
C PRO B 1109 69.02 -39.62 22.55
N MET B 1110 68.99 -40.41 23.63
CA MET B 1110 67.93 -41.38 23.82
C MET B 1110 66.58 -40.73 24.08
N ARG B 1111 66.56 -39.49 24.56
CA ARG B 1111 65.30 -38.76 24.75
C ARG B 1111 64.58 -38.54 23.42
N PHE B 1112 65.36 -38.31 22.35
CA PHE B 1112 64.79 -38.16 21.02
C PHE B 1112 64.09 -39.44 20.56
N PHE B 1113 64.69 -40.60 20.87
CA PHE B 1113 64.04 -41.87 20.52
C PHE B 1113 62.85 -42.17 21.41
N GLU B 1114 62.91 -41.77 22.68
CA GLU B 1114 61.79 -42.00 23.60
C GLU B 1114 60.57 -41.17 23.20
N THR B 1115 60.77 -39.89 22.86
CA THR B 1115 59.64 -39.01 22.63
C THR B 1115 59.11 -39.11 21.20
N THR B 1116 59.99 -39.15 20.20
CA THR B 1116 59.52 -39.20 18.83
C THR B 1116 59.11 -40.62 18.45
N PRO B 1117 58.05 -40.76 17.64
CA PRO B 1117 57.63 -42.09 17.20
C PRO B 1117 58.66 -42.75 16.29
N LEU B 1118 58.70 -44.08 16.35
CA LEU B 1118 59.58 -44.84 15.48
C LEU B 1118 59.20 -44.71 14.02
N GLY B 1119 57.91 -44.53 13.74
CA GLY B 1119 57.46 -44.40 12.36
C GLY B 1119 58.03 -43.18 11.67
N SER B 1120 58.14 -42.05 12.39
CA SER B 1120 58.69 -40.83 11.82
C SER B 1120 60.15 -41.00 11.43
N ILE B 1121 60.94 -41.65 12.28
CA ILE B 1121 62.35 -41.86 11.97
C ILE B 1121 62.51 -42.88 10.85
N LEU B 1122 61.77 -43.99 10.90
CA LEU B 1122 61.95 -45.07 9.95
C LEU B 1122 61.37 -44.75 8.58
N ASN B 1123 60.33 -43.91 8.51
CA ASN B 1123 59.72 -43.57 7.24
C ASN B 1123 60.67 -42.79 6.35
N ARG B 1124 61.59 -42.03 6.95
CA ARG B 1124 62.65 -41.40 6.18
C ARG B 1124 63.48 -42.44 5.44
N PHE B 1125 64.13 -43.34 6.20
CA PHE B 1125 64.99 -44.38 5.64
C PHE B 1125 64.24 -45.29 4.66
N SER B 1126 62.94 -45.47 4.85
CA SER B 1126 62.18 -46.36 3.98
C SER B 1126 61.69 -45.66 2.71
N SER B 1127 60.89 -44.61 2.87
CA SER B 1127 60.23 -43.97 1.74
C SER B 1127 61.02 -42.78 1.19
N ASP B 1128 61.50 -41.89 2.07
CA ASP B 1128 62.16 -40.68 1.58
C ASP B 1128 63.51 -41.02 0.96
N CYS B 1129 64.24 -41.97 1.57
CA CYS B 1129 65.47 -42.45 0.98
C CYS B 1129 65.22 -43.13 -0.36
N ASN B 1130 64.15 -43.91 -0.47
CA ASN B 1130 63.83 -44.53 -1.76
C ASN B 1130 63.51 -43.50 -2.83
N THR B 1131 62.76 -42.46 -2.44
CA THR B 1131 62.43 -41.36 -3.35
C THR B 1131 63.71 -40.66 -3.84
N ILE B 1132 64.59 -40.28 -2.90
CA ILE B 1132 65.82 -39.58 -3.25
C ILE B 1132 66.73 -40.48 -4.09
N ASP B 1133 66.77 -41.78 -3.79
CA ASP B 1133 67.65 -42.68 -4.53
C ASP B 1133 67.16 -42.91 -5.95
N GLN B 1134 65.85 -43.01 -6.17
CA GLN B 1134 65.37 -43.45 -7.48
C GLN B 1134 64.56 -42.43 -8.25
N HIS B 1135 63.60 -41.75 -7.61
CA HIS B 1135 62.65 -40.92 -8.34
C HIS B 1135 63.18 -39.53 -8.62
N ILE B 1136 63.88 -38.93 -7.65
CA ILE B 1136 64.38 -37.57 -7.83
C ILE B 1136 65.38 -37.40 -8.98
N PRO B 1137 66.33 -38.33 -9.24
CA PRO B 1137 67.18 -38.14 -10.43
C PRO B 1137 66.43 -38.06 -11.76
N SER B 1138 65.50 -38.99 -12.00
CA SER B 1138 64.74 -38.98 -13.25
C SER B 1138 63.81 -37.76 -13.33
N THR B 1139 63.18 -37.40 -12.21
CA THR B 1139 62.30 -36.23 -12.19
C THR B 1139 63.09 -34.94 -12.41
N LEU B 1140 64.28 -34.85 -11.81
CA LEU B 1140 65.14 -33.69 -12.02
C LEU B 1140 65.58 -33.58 -13.47
N GLU B 1141 65.95 -34.71 -14.07
CA GLU B 1141 66.31 -34.71 -15.49
C GLU B 1141 65.13 -34.29 -16.36
N CYS B 1142 63.94 -34.81 -16.08
CA CYS B 1142 62.77 -34.49 -16.89
C CYS B 1142 62.40 -33.01 -16.75
N LEU B 1143 62.43 -32.48 -15.52
CA LEU B 1143 62.11 -31.07 -15.32
C LEU B 1143 63.14 -30.17 -15.99
N SER B 1144 64.43 -30.49 -15.86
CA SER B 1144 65.47 -29.69 -16.50
C SER B 1144 65.35 -29.72 -18.02
N ARG B 1145 65.15 -30.91 -18.58
CA ARG B 1145 65.05 -31.04 -20.04
C ARG B 1145 63.81 -30.35 -20.58
N SER B 1146 62.67 -30.51 -19.90
CA SER B 1146 61.43 -29.88 -20.36
C SER B 1146 61.51 -28.36 -20.25
N THR B 1147 62.06 -27.84 -19.15
CA THR B 1147 62.20 -26.40 -18.98
C THR B 1147 63.14 -25.81 -20.02
N LEU B 1148 64.27 -26.47 -20.27
CA LEU B 1148 65.22 -25.96 -21.26
C LEU B 1148 64.64 -26.07 -22.67
N LEU B 1149 63.89 -27.14 -22.97
CA LEU B 1149 63.25 -27.26 -24.27
C LEU B 1149 62.20 -26.17 -24.48
N CYS B 1150 61.40 -25.88 -23.45
CA CYS B 1150 60.40 -24.82 -23.57
C CYS B 1150 61.05 -23.46 -23.74
N VAL B 1151 62.11 -23.17 -22.97
CA VAL B 1151 62.78 -21.89 -23.07
C VAL B 1151 63.46 -21.74 -24.44
N SER B 1152 64.12 -22.80 -24.92
CA SER B 1152 64.75 -22.75 -26.23
C SER B 1152 63.72 -22.60 -27.35
N ALA B 1153 62.57 -23.26 -27.21
CA ALA B 1153 61.54 -23.16 -28.24
C ALA B 1153 60.93 -21.77 -28.28
N LEU B 1154 60.65 -21.19 -27.11
CA LEU B 1154 60.17 -19.81 -27.06
C LEU B 1154 61.21 -18.85 -27.61
N THR B 1155 62.50 -19.11 -27.33
CA THR B 1155 63.56 -18.26 -27.86
C THR B 1155 63.64 -18.35 -29.39
N VAL B 1156 63.47 -19.55 -29.94
CA VAL B 1156 63.52 -19.72 -31.40
C VAL B 1156 62.33 -19.03 -32.06
N ILE B 1157 61.13 -19.26 -31.55
CA ILE B 1157 59.95 -18.65 -32.17
C ILE B 1157 59.88 -17.16 -31.89
N SER B 1158 60.63 -16.65 -30.91
CA SER B 1158 60.77 -15.22 -30.75
C SER B 1158 61.90 -14.66 -31.61
N TYR B 1159 62.88 -15.48 -31.97
CA TYR B 1159 63.95 -15.03 -32.85
C TYR B 1159 63.45 -14.87 -34.28
N VAL B 1160 62.66 -15.84 -34.77
CA VAL B 1160 62.13 -15.71 -36.12
C VAL B 1160 61.09 -14.58 -36.18
N THR B 1161 60.28 -14.42 -35.15
CA THR B 1161 59.30 -13.35 -35.07
C THR B 1161 59.52 -12.58 -33.76
N PRO B 1162 60.24 -11.45 -33.82
CA PRO B 1162 60.40 -10.63 -32.60
C PRO B 1162 59.09 -10.05 -32.08
N VAL B 1163 58.07 -9.90 -32.94
CA VAL B 1163 56.77 -9.41 -32.52
C VAL B 1163 56.01 -10.43 -31.67
N PHE B 1164 56.47 -11.68 -31.64
CA PHE B 1164 55.84 -12.70 -30.80
C PHE B 1164 55.98 -12.41 -29.31
N LEU B 1165 57.01 -11.64 -28.90
CA LEU B 1165 57.20 -11.33 -27.48
C LEU B 1165 56.04 -10.50 -26.92
N VAL B 1166 55.48 -9.62 -27.75
CA VAL B 1166 54.36 -8.76 -27.37
C VAL B 1166 53.16 -9.61 -26.97
N ALA B 1167 52.88 -10.68 -27.72
CA ALA B 1167 51.84 -11.62 -27.34
C ALA B 1167 52.33 -12.67 -26.35
N LEU B 1168 53.65 -12.82 -26.17
CA LEU B 1168 54.18 -13.82 -25.25
C LEU B 1168 53.98 -13.37 -23.81
N LEU B 1169 54.09 -12.06 -23.54
CA LEU B 1169 53.91 -11.57 -22.18
C LEU B 1169 52.53 -11.89 -21.57
N PRO B 1170 51.38 -11.61 -22.22
CA PRO B 1170 50.11 -12.01 -21.59
C PRO B 1170 49.92 -13.51 -21.51
N LEU B 1171 50.40 -14.26 -22.52
CA LEU B 1171 50.33 -15.72 -22.46
C LEU B 1171 51.18 -16.26 -21.32
N ALA B 1172 52.33 -15.62 -21.06
CA ALA B 1172 53.16 -16.03 -19.92
C ALA B 1172 52.45 -15.75 -18.59
N VAL B 1173 51.77 -14.61 -18.49
CA VAL B 1173 51.03 -14.30 -17.25
C VAL B 1173 49.91 -15.32 -17.02
N VAL B 1174 49.14 -15.62 -18.07
CA VAL B 1174 48.05 -16.58 -17.97
C VAL B 1174 48.57 -17.97 -17.62
N CYS B 1175 49.67 -18.38 -18.26
CA CYS B 1175 50.28 -19.68 -17.98
C CYS B 1175 50.80 -19.76 -16.55
N TYR B 1176 51.38 -18.67 -16.04
CA TYR B 1176 51.85 -18.64 -14.65
C TYR B 1176 50.69 -18.83 -13.67
N PHE B 1177 49.58 -18.12 -13.90
CA PHE B 1177 48.44 -18.29 -13.00
C PHE B 1177 47.86 -19.70 -13.07
N ILE B 1178 47.80 -20.26 -14.28
CA ILE B 1178 47.29 -21.63 -14.46
C ILE B 1178 48.16 -22.63 -13.70
N GLN B 1179 49.48 -22.52 -13.85
CA GLN B 1179 50.36 -23.49 -13.20
C GLN B 1179 50.39 -23.32 -11.70
N LYS B 1180 50.27 -22.09 -11.18
CA LYS B 1180 50.22 -21.90 -9.73
C LYS B 1180 48.98 -22.55 -9.11
N TYR B 1181 47.80 -22.26 -9.71
CA TYR B 1181 46.56 -22.83 -9.21
C TYR B 1181 46.55 -24.36 -9.34
N PHE B 1182 47.08 -24.87 -10.46
CA PHE B 1182 47.17 -26.31 -10.63
C PHE B 1182 48.11 -26.93 -9.60
N ARG B 1183 49.23 -26.27 -9.31
CA ARG B 1183 50.19 -26.85 -8.38
C ARG B 1183 49.62 -26.99 -6.98
N VAL B 1184 48.92 -25.96 -6.49
CA VAL B 1184 48.35 -26.08 -5.15
C VAL B 1184 47.23 -27.14 -5.13
N ALA B 1185 46.35 -27.13 -6.14
CA ALA B 1185 45.26 -28.10 -6.19
C ALA B 1185 45.80 -29.53 -6.33
N SER B 1186 46.81 -29.72 -7.17
CA SER B 1186 47.35 -31.04 -7.44
C SER B 1186 48.12 -31.59 -6.26
N ARG B 1187 48.82 -30.72 -5.52
CA ARG B 1187 49.49 -31.18 -4.31
C ARG B 1187 48.48 -31.70 -3.30
N ASP B 1188 47.41 -30.93 -3.07
CA ASP B 1188 46.37 -31.38 -2.13
C ASP B 1188 45.72 -32.68 -2.60
N LEU B 1189 45.44 -32.79 -3.91
CA LEU B 1189 44.76 -33.97 -4.43
C LEU B 1189 45.63 -35.22 -4.38
N GLN B 1190 46.93 -35.09 -4.68
CA GLN B 1190 47.83 -36.23 -4.61
C GLN B 1190 47.98 -36.75 -3.18
N GLN B 1191 48.18 -35.83 -2.23
CA GLN B 1191 48.29 -36.25 -0.83
C GLN B 1191 47.01 -36.92 -0.35
N LEU B 1192 45.85 -36.36 -0.75
CA LEU B 1192 44.58 -36.95 -0.38
C LEU B 1192 44.38 -38.32 -1.02
N ASP B 1193 44.87 -38.50 -2.25
CA ASP B 1193 44.75 -39.78 -2.93
C ASP B 1193 45.51 -40.87 -2.19
N ASP B 1194 46.76 -40.59 -1.78
CA ASP B 1194 47.51 -41.60 -1.03
C ASP B 1194 46.89 -41.89 0.34
N THR B 1195 46.47 -40.83 1.06
CA THR B 1195 45.85 -41.03 2.36
C THR B 1195 44.50 -41.73 2.28
N THR B 1196 43.83 -41.67 1.12
CA THR B 1196 42.63 -42.47 0.95
C THR B 1196 42.96 -43.90 0.52
N GLN B 1197 44.11 -44.12 -0.12
CA GLN B 1197 44.49 -45.48 -0.48
C GLN B 1197 44.82 -46.32 0.76
N LEU B 1198 45.44 -45.69 1.78
CA LEU B 1198 45.89 -46.46 2.94
C LEU B 1198 44.82 -47.26 3.69
N PRO B 1199 43.68 -46.68 4.13
CA PRO B 1199 42.76 -47.48 4.97
C PRO B 1199 42.03 -48.56 4.20
N LEU B 1200 41.94 -48.48 2.88
CA LEU B 1200 41.32 -49.54 2.09
C LEU B 1200 42.15 -50.83 2.16
N LEU B 1201 43.46 -50.72 1.96
CA LEU B 1201 44.34 -51.88 2.09
C LEU B 1201 44.39 -52.39 3.52
N SER B 1202 44.36 -51.47 4.50
CA SER B 1202 44.31 -51.91 5.89
C SER B 1202 43.02 -52.66 6.19
N HIS B 1203 41.90 -52.22 5.60
CA HIS B 1203 40.63 -52.91 5.77
C HIS B 1203 40.66 -54.30 5.15
N PHE B 1204 41.27 -54.42 3.97
CA PHE B 1204 41.43 -55.74 3.34
C PHE B 1204 42.22 -56.69 4.23
N ALA B 1205 43.34 -56.21 4.78
CA ALA B 1205 44.15 -57.03 5.68
C ALA B 1205 43.36 -57.43 6.93
N GLU B 1206 42.67 -56.47 7.54
CA GLU B 1206 41.91 -56.71 8.76
C GLU B 1206 40.78 -57.71 8.53
N THR B 1207 40.09 -57.61 7.40
CA THR B 1207 39.03 -58.57 7.10
C THR B 1207 39.58 -59.96 6.86
N VAL B 1208 40.72 -60.06 6.16
CA VAL B 1208 41.27 -61.39 5.86
C VAL B 1208 41.74 -62.09 7.13
N GLU B 1209 42.47 -61.38 8.00
CA GLU B 1209 42.99 -62.05 9.19
C GLU B 1209 41.96 -62.20 10.30
N GLY B 1210 40.76 -61.65 10.15
CA GLY B 1210 39.72 -61.80 11.15
C GLY B 1210 38.38 -62.24 10.59
N LEU B 1211 38.41 -63.09 9.57
CA LEU B 1211 37.20 -63.41 8.80
C LEU B 1211 36.20 -64.23 9.61
N THR B 1212 36.69 -65.19 10.41
CA THR B 1212 35.80 -66.03 11.21
C THR B 1212 35.03 -65.22 12.24
N THR B 1213 35.70 -64.27 12.88
CA THR B 1213 35.04 -63.40 13.85
C THR B 1213 33.99 -62.52 13.18
N ILE B 1214 34.30 -61.99 12.00
CA ILE B 1214 33.36 -61.14 11.28
C ILE B 1214 32.12 -61.92 10.88
N ARG B 1215 32.31 -63.13 10.34
CA ARG B 1215 31.17 -63.93 9.91
C ARG B 1215 30.41 -64.53 11.09
N ALA B 1216 31.03 -64.65 12.26
CA ALA B 1216 30.30 -65.15 13.43
C ALA B 1216 29.36 -64.09 13.99
N PHE B 1217 29.73 -62.82 13.89
CA PHE B 1217 28.88 -61.72 14.35
C PHE B 1217 27.81 -61.33 13.33
N ARG B 1218 27.79 -62.00 12.17
CA ARG B 1218 26.94 -61.63 11.02
C ARG B 1218 27.17 -60.18 10.61
N TYR B 1219 28.44 -59.76 10.64
CA TYR B 1219 28.84 -58.41 10.28
C TYR B 1219 29.40 -58.32 8.86
N GLU B 1220 28.98 -59.22 7.97
CA GLU B 1220 29.46 -59.19 6.60
C GLU B 1220 28.96 -57.95 5.86
N ALA B 1221 27.68 -57.61 6.03
CA ALA B 1221 27.11 -56.48 5.31
C ALA B 1221 27.70 -55.15 5.78
N ARG B 1222 27.92 -55.02 7.09
CA ARG B 1222 28.51 -53.78 7.62
C ARG B 1222 29.93 -53.58 7.13
N PHE B 1223 30.73 -54.65 7.11
CA PHE B 1223 32.10 -54.53 6.61
C PHE B 1223 32.14 -54.30 5.10
N GLN B 1224 31.19 -54.88 4.36
CA GLN B 1224 31.09 -54.61 2.93
C GLN B 1224 30.73 -53.15 2.67
N GLN B 1225 29.84 -52.59 3.49
CA GLN B 1225 29.50 -51.17 3.37
C GLN B 1225 30.69 -50.28 3.73
N LYS B 1226 31.46 -50.67 4.75
CA LYS B 1226 32.69 -49.95 5.10
C LYS B 1226 33.68 -49.96 3.95
N LEU B 1227 33.83 -51.12 3.29
CA LEU B 1227 34.70 -51.21 2.13
C LEU B 1227 34.20 -50.33 0.99
N LEU B 1228 32.88 -50.30 0.78
CA LEU B 1228 32.31 -49.46 -0.26
C LEU B 1228 32.60 -47.98 0.00
N GLU B 1229 32.48 -47.56 1.26
CA GLU B 1229 32.82 -46.17 1.61
C GLU B 1229 34.30 -45.88 1.39
N TYR B 1230 35.18 -46.82 1.78
CA TYR B 1230 36.62 -46.60 1.62
C TYR B 1230 37.02 -46.49 0.15
N THR B 1231 36.55 -47.43 -0.68
CA THR B 1231 36.91 -47.40 -2.08
C THR B 1231 36.20 -46.27 -2.84
N ASP B 1232 35.04 -45.81 -2.35
CA ASP B 1232 34.43 -44.63 -2.95
C ASP B 1232 35.24 -43.38 -2.64
N SER B 1233 35.79 -43.29 -1.42
CA SER B 1233 36.67 -42.18 -1.09
C SER B 1233 37.93 -42.20 -1.95
N ASN B 1234 38.53 -43.37 -2.14
CA ASN B 1234 39.70 -43.49 -2.99
C ASN B 1234 39.38 -43.14 -4.45
N ASN B 1235 38.22 -43.60 -4.94
CA ASN B 1235 37.82 -43.31 -6.31
C ASN B 1235 37.56 -41.83 -6.53
N ILE B 1236 36.90 -41.15 -5.59
CA ILE B 1236 36.61 -39.74 -5.79
C ILE B 1236 37.89 -38.91 -5.67
N ALA B 1237 38.84 -39.33 -4.82
CA ALA B 1237 40.14 -38.65 -4.79
C ALA B 1237 40.87 -38.80 -6.11
N SER B 1238 40.88 -40.01 -6.67
CA SER B 1238 41.53 -40.25 -7.96
C SER B 1238 40.86 -39.46 -9.09
N LEU B 1239 39.53 -39.39 -9.06
CA LEU B 1239 38.80 -38.68 -10.12
C LEU B 1239 39.04 -37.18 -10.04
N PHE B 1240 39.11 -36.61 -8.83
CA PHE B 1240 39.40 -35.18 -8.74
C PHE B 1240 40.85 -34.89 -9.15
N LEU B 1241 41.79 -35.79 -8.82
CA LEU B 1241 43.18 -35.59 -9.24
C LEU B 1241 43.31 -35.63 -10.76
N THR B 1242 42.66 -36.60 -11.41
CA THR B 1242 42.77 -36.66 -12.87
C THR B 1242 41.99 -35.53 -13.54
N ALA B 1243 40.92 -35.03 -12.91
CA ALA B 1243 40.22 -33.88 -13.46
C ALA B 1243 41.09 -32.63 -13.40
N ALA B 1244 41.84 -32.45 -12.31
CA ALA B 1244 42.79 -31.33 -12.24
C ALA B 1244 43.89 -31.47 -13.27
N ASN B 1245 44.39 -32.70 -13.48
CA ASN B 1245 45.41 -32.92 -14.51
C ASN B 1245 44.89 -32.57 -15.90
N ARG B 1246 43.66 -32.98 -16.22
CA ARG B 1246 43.09 -32.66 -17.52
C ARG B 1246 42.80 -31.17 -17.66
N TRP B 1247 42.42 -30.50 -16.57
CA TRP B 1247 42.24 -29.05 -16.58
C TRP B 1247 43.55 -28.35 -16.97
N LEU B 1248 44.65 -28.72 -16.30
CA LEU B 1248 45.95 -28.13 -16.61
C LEU B 1248 46.36 -28.41 -18.04
N GLU B 1249 46.19 -29.66 -18.49
CA GLU B 1249 46.66 -30.02 -19.82
C GLU B 1249 45.84 -29.33 -20.91
N VAL B 1250 44.52 -29.20 -20.71
CA VAL B 1250 43.68 -28.49 -21.67
C VAL B 1250 44.09 -27.02 -21.76
N ARG B 1251 44.36 -26.39 -20.60
CA ARG B 1251 44.78 -24.99 -20.62
C ARG B 1251 46.12 -24.82 -21.32
N MET B 1252 47.07 -25.72 -21.05
CA MET B 1252 48.39 -25.62 -21.67
C MET B 1252 48.34 -25.88 -23.17
N GLU B 1253 47.53 -26.84 -23.61
CA GLU B 1253 47.40 -27.10 -25.04
C GLU B 1253 46.69 -25.95 -25.75
N TYR B 1254 45.75 -25.28 -25.08
CA TYR B 1254 45.12 -24.12 -25.70
C TYR B 1254 46.09 -22.95 -25.79
N ILE B 1255 46.95 -22.79 -24.77
CA ILE B 1255 48.02 -21.79 -24.84
C ILE B 1255 48.95 -22.11 -26.00
N GLY B 1256 49.30 -23.38 -26.19
CA GLY B 1256 50.13 -23.76 -27.32
C GLY B 1256 49.48 -23.53 -28.67
N ALA B 1257 48.15 -23.72 -28.74
CA ALA B 1257 47.42 -23.42 -29.97
C ALA B 1257 47.45 -21.93 -30.27
N CYS B 1258 47.27 -21.09 -29.24
CA CYS B 1258 47.40 -19.64 -29.45
C CYS B 1258 48.81 -19.26 -29.86
N VAL B 1259 49.82 -19.93 -29.28
CA VAL B 1259 51.22 -19.66 -29.62
C VAL B 1259 51.49 -19.99 -31.08
N VAL B 1260 51.02 -21.15 -31.53
CA VAL B 1260 51.29 -21.55 -32.91
C VAL B 1260 50.49 -20.68 -33.89
N LEU B 1261 49.29 -20.23 -33.51
CA LEU B 1261 48.53 -19.34 -34.38
C LEU B 1261 49.23 -17.99 -34.53
N ILE B 1262 49.69 -17.41 -33.42
CA ILE B 1262 50.37 -16.12 -33.47
C ILE B 1262 51.69 -16.23 -34.22
N ALA B 1263 52.48 -17.28 -33.92
CA ALA B 1263 53.75 -17.47 -34.60
C ALA B 1263 53.55 -17.71 -36.10
N ALA B 1264 52.54 -18.50 -36.46
CA ALA B 1264 52.25 -18.77 -37.86
C ALA B 1264 51.85 -17.50 -38.60
N ALA B 1265 50.91 -16.73 -38.04
CA ALA B 1265 50.43 -15.52 -38.72
C ALA B 1265 51.54 -14.49 -38.86
N THR B 1266 52.30 -14.26 -37.79
CA THR B 1266 53.37 -13.25 -37.84
C THR B 1266 54.50 -13.70 -38.76
N SER B 1267 54.85 -14.99 -38.74
CA SER B 1267 55.92 -15.47 -39.61
C SER B 1267 55.51 -15.49 -41.07
N ILE B 1268 54.24 -15.77 -41.36
CA ILE B 1268 53.75 -15.70 -42.74
C ILE B 1268 53.75 -14.26 -43.23
N SER B 1269 53.34 -13.32 -42.37
CA SER B 1269 53.38 -11.91 -42.75
C SER B 1269 54.81 -11.42 -42.95
N ASN B 1270 55.75 -11.90 -42.13
CA ASN B 1270 57.15 -11.51 -42.29
C ASN B 1270 57.80 -12.19 -43.48
N SER B 1271 57.32 -13.37 -43.86
CA SER B 1271 57.93 -14.08 -44.98
C SER B 1271 57.37 -13.67 -46.32
N LEU B 1272 56.12 -13.20 -46.38
CA LEU B 1272 55.54 -12.81 -47.65
C LEU B 1272 56.13 -11.51 -48.16
N HIS B 1273 56.08 -10.45 -47.35
CA HIS B 1273 56.54 -9.13 -47.79
C HIS B 1273 57.37 -8.46 -46.70
N ARG B 1274 58.19 -9.23 -45.97
CA ARG B 1274 59.20 -8.60 -45.13
C ARG B 1274 60.56 -9.31 -45.19
N GLU B 1275 60.83 -10.11 -46.23
CA GLU B 1275 62.15 -10.70 -46.51
C GLU B 1275 62.59 -11.68 -45.42
N LEU B 1276 61.65 -12.47 -44.91
CA LEU B 1276 61.96 -13.59 -44.03
C LEU B 1276 61.93 -14.88 -44.85
N SER B 1277 62.93 -15.73 -44.62
CA SER B 1277 63.07 -16.96 -45.40
C SER B 1277 62.03 -18.00 -44.98
N ALA B 1278 61.80 -18.97 -45.88
CA ALA B 1278 60.82 -20.02 -45.61
C ALA B 1278 61.32 -21.02 -44.57
N GLY B 1279 62.63 -21.24 -44.52
CA GLY B 1279 63.19 -22.13 -43.52
C GLY B 1279 62.97 -21.65 -42.09
N LEU B 1280 63.03 -20.32 -41.88
CA LEU B 1280 62.86 -19.79 -40.53
C LEU B 1280 61.42 -19.90 -40.05
N VAL B 1281 60.45 -19.65 -40.93
CA VAL B 1281 59.05 -19.82 -40.52
C VAL B 1281 58.74 -21.31 -40.30
N GLY B 1282 59.32 -22.20 -41.12
CA GLY B 1282 59.16 -23.62 -40.86
C GLY B 1282 59.76 -24.05 -39.53
N LEU B 1283 60.93 -23.50 -39.20
CA LEU B 1283 61.57 -23.74 -37.91
C LEU B 1283 60.70 -23.29 -36.75
N GLY B 1284 60.19 -22.07 -36.84
CA GLY B 1284 59.29 -21.55 -35.82
C GLY B 1284 58.01 -22.33 -35.70
N LEU B 1285 57.49 -22.86 -36.81
CA LEU B 1285 56.27 -23.65 -36.77
C LEU B 1285 56.48 -24.97 -36.06
N THR B 1286 57.59 -25.67 -36.35
CA THR B 1286 57.87 -26.92 -35.64
C THR B 1286 58.07 -26.69 -34.14
N TYR B 1287 58.82 -25.64 -33.80
CA TYR B 1287 59.03 -25.35 -32.37
C TYR B 1287 57.74 -24.91 -31.69
N ALA B 1288 56.86 -24.20 -32.40
CA ALA B 1288 55.58 -23.80 -31.84
C ALA B 1288 54.67 -24.99 -31.64
N LEU B 1289 54.76 -26.00 -32.50
CA LEU B 1289 54.04 -27.25 -32.25
C LEU B 1289 54.57 -27.94 -31.00
N MET B 1290 55.88 -27.89 -30.77
CA MET B 1290 56.45 -28.57 -29.61
C MET B 1290 56.27 -27.81 -28.29
N VAL B 1291 56.00 -26.50 -28.36
CA VAL B 1291 55.79 -25.69 -27.15
C VAL B 1291 54.61 -26.23 -26.33
N SER B 1292 53.55 -26.66 -27.00
CA SER B 1292 52.33 -27.12 -26.33
C SER B 1292 52.57 -28.39 -25.51
N ASN B 1293 53.48 -29.26 -25.96
CA ASN B 1293 53.90 -30.39 -25.14
C ASN B 1293 54.82 -29.94 -24.00
N TYR B 1294 55.77 -29.05 -24.32
CA TYR B 1294 56.79 -28.67 -23.34
C TYR B 1294 56.20 -28.00 -22.12
N LEU B 1295 55.12 -27.22 -22.31
CA LEU B 1295 54.53 -26.49 -21.19
C LEU B 1295 53.95 -27.44 -20.13
N ASN B 1296 53.10 -28.38 -20.55
CA ASN B 1296 52.50 -29.29 -19.58
C ASN B 1296 53.52 -30.28 -19.03
N TRP B 1297 54.54 -30.63 -19.84
CA TRP B 1297 55.63 -31.44 -19.30
C TRP B 1297 56.35 -30.72 -18.15
N MET B 1298 56.63 -29.42 -18.35
CA MET B 1298 57.29 -28.63 -17.32
C MET B 1298 56.45 -28.53 -16.05
N VAL B 1299 55.15 -28.28 -16.20
CA VAL B 1299 54.31 -28.09 -15.00
C VAL B 1299 54.13 -29.40 -14.23
N ARG B 1300 53.87 -30.50 -14.95
CA ARG B 1300 53.71 -31.80 -14.28
C ARG B 1300 55.00 -32.23 -13.59
N ASN B 1301 56.15 -32.05 -14.26
CA ASN B 1301 57.41 -32.42 -13.63
C ASN B 1301 57.76 -31.50 -12.47
N LEU B 1302 57.32 -30.24 -12.52
CA LEU B 1302 57.55 -29.33 -11.39
C LEU B 1302 56.74 -29.74 -10.17
N ALA B 1303 55.47 -30.15 -10.38
CA ALA B 1303 54.66 -30.63 -9.27
C ALA B 1303 55.23 -31.92 -8.67
N ASP B 1304 55.65 -32.85 -9.53
CA ASP B 1304 56.29 -34.06 -9.04
C ASP B 1304 57.59 -33.74 -8.32
N MET B 1305 58.33 -32.74 -8.80
CA MET B 1305 59.60 -32.36 -8.18
C MET B 1305 59.37 -31.78 -6.79
N GLU B 1306 58.34 -30.95 -6.60
CA GLU B 1306 58.10 -30.39 -5.26
C GLU B 1306 57.61 -31.48 -4.30
N ILE B 1307 56.80 -32.42 -4.81
CA ILE B 1307 56.35 -33.55 -3.98
C ILE B 1307 57.55 -34.39 -3.53
N GLN B 1308 58.49 -34.65 -4.43
CA GLN B 1308 59.66 -35.44 -4.08
C GLN B 1308 60.68 -34.65 -3.26
N LEU B 1309 60.73 -33.32 -3.40
CA LEU B 1309 61.63 -32.52 -2.59
C LEU B 1309 61.14 -32.36 -1.17
N GLY B 1310 59.84 -32.59 -0.93
CA GLY B 1310 59.38 -32.75 0.44
C GLY B 1310 60.11 -33.84 1.20
N ALA B 1311 60.52 -34.91 0.50
CA ALA B 1311 61.27 -35.99 1.12
C ALA B 1311 62.64 -35.54 1.61
N VAL B 1312 63.39 -34.81 0.78
CA VAL B 1312 64.71 -34.35 1.21
C VAL B 1312 64.56 -33.26 2.26
N LYS B 1313 63.46 -32.51 2.23
CA LYS B 1313 63.18 -31.57 3.32
C LYS B 1313 63.00 -32.30 4.65
N ARG B 1314 62.27 -33.42 4.63
CA ARG B 1314 62.12 -34.23 5.84
C ARG B 1314 63.44 -34.85 6.28
N ILE B 1315 64.28 -35.25 5.31
CA ILE B 1315 65.59 -35.83 5.63
C ILE B 1315 66.46 -34.80 6.33
N HIS B 1316 66.50 -33.57 5.82
CA HIS B 1316 67.30 -32.53 6.49
C HIS B 1316 66.68 -32.10 7.82
N ALA B 1317 65.35 -32.15 7.94
CA ALA B 1317 64.71 -31.88 9.23
C ALA B 1317 65.11 -32.90 10.28
N LEU B 1318 65.20 -34.17 9.88
CA LEU B 1318 65.70 -35.19 10.80
C LEU B 1318 67.22 -35.10 10.98
N LEU B 1319 67.92 -34.49 10.02
CA LEU B 1319 69.34 -34.20 10.20
C LEU B 1319 69.58 -33.09 11.21
N LYS B 1320 68.60 -32.21 11.42
CA LYS B 1320 68.75 -31.13 12.38
C LYS B 1320 68.57 -31.55 13.83
N THR B 1321 68.35 -32.85 14.11
CA THR B 1321 68.27 -33.31 15.48
C THR B 1321 69.62 -33.17 16.17
N GLU B 1322 69.60 -32.67 17.40
CA GLU B 1322 70.83 -32.40 18.13
C GLU B 1322 71.56 -33.69 18.47
N ALA B 1323 72.88 -33.59 18.59
CA ALA B 1323 73.73 -34.74 18.83
C ALA B 1323 74.43 -34.60 20.18
N GLU B 1324 74.46 -35.69 20.94
CA GLU B 1324 75.18 -35.71 22.20
C GLU B 1324 76.68 -35.65 21.94
N SER B 1325 77.40 -34.93 22.81
CA SER B 1325 78.85 -34.82 22.68
C SER B 1325 79.51 -36.11 23.13
N TYR B 1326 80.40 -36.64 22.28
CA TYR B 1326 81.13 -37.85 22.58
C TYR B 1326 82.63 -37.60 22.79
N GLU B 1327 83.06 -36.34 22.72
CA GLU B 1327 84.50 -36.05 22.83
C GLU B 1327 85.00 -36.26 24.25
N GLY B 1328 84.28 -35.75 25.24
CA GLY B 1328 84.67 -35.90 26.63
C GLY B 1328 85.63 -34.81 27.07
N LEU B 1329 85.29 -34.12 28.16
CA LEU B 1329 86.12 -33.02 28.64
C LEU B 1329 87.40 -33.52 29.29
N LEU B 1330 87.38 -34.72 29.86
CA LEU B 1330 88.59 -35.29 30.44
C LEU B 1330 89.55 -35.70 29.34
N ALA B 1331 90.85 -35.52 29.60
CA ALA B 1331 91.87 -35.89 28.63
C ALA B 1331 91.90 -37.41 28.46
N PRO B 1332 91.93 -37.92 27.23
CA PRO B 1332 91.94 -39.38 27.03
C PRO B 1332 93.16 -40.07 27.62
N SER B 1333 94.32 -39.41 27.63
CA SER B 1333 95.52 -40.01 28.22
C SER B 1333 95.48 -40.01 29.74
N LEU B 1334 94.78 -39.04 30.35
CA LEU B 1334 94.65 -38.99 31.80
C LEU B 1334 93.77 -40.12 32.33
N ILE B 1335 92.88 -40.66 31.50
CA ILE B 1335 92.08 -41.83 31.91
C ILE B 1335 93.01 -43.02 32.09
N PRO B 1336 92.85 -43.80 33.15
CA PRO B 1336 93.69 -45.01 33.31
C PRO B 1336 93.37 -46.04 32.25
N LYS B 1337 94.33 -46.96 32.05
CA LYS B 1337 94.20 -47.99 31.03
C LYS B 1337 93.03 -48.93 31.34
N ASN B 1338 92.83 -49.22 32.62
CA ASN B 1338 91.74 -50.09 33.05
C ASN B 1338 90.70 -49.30 33.83
N TRP B 1339 89.45 -49.72 33.74
CA TRP B 1339 88.37 -49.03 34.44
C TRP B 1339 87.48 -50.01 35.19
N PRO B 1340 86.89 -49.56 36.31
CA PRO B 1340 86.00 -50.36 37.15
C PRO B 1340 84.95 -51.11 36.34
N GLY B 1343 85.29 -50.69 41.75
CA GLY B 1343 83.83 -50.71 41.69
C GLY B 1343 83.15 -49.68 42.59
N LYS B 1344 83.96 -48.85 43.24
CA LYS B 1344 83.44 -47.81 44.13
C LYS B 1344 82.72 -46.71 43.35
N ILE B 1345 81.64 -46.18 43.94
CA ILE B 1345 80.86 -45.12 43.30
C ILE B 1345 80.37 -44.09 44.32
N GLN B 1346 80.76 -42.84 44.12
CA GLN B 1346 80.34 -41.77 45.01
C GLN B 1346 79.30 -40.90 44.32
N ILE B 1347 78.24 -40.57 45.04
CA ILE B 1347 77.13 -39.79 44.53
C ILE B 1347 76.90 -38.62 45.49
N GLN B 1348 77.02 -37.40 44.98
CA GLN B 1348 76.99 -36.19 45.80
C GLN B 1348 75.93 -35.24 45.26
N ASN B 1349 74.81 -35.13 45.97
CA ASN B 1349 73.73 -34.18 45.66
C ASN B 1349 73.19 -34.38 44.24
N LEU B 1350 73.02 -35.63 43.85
CA LEU B 1350 72.54 -35.94 42.50
C LEU B 1350 71.07 -35.54 42.34
N SER B 1351 70.77 -34.89 41.24
CA SER B 1351 69.39 -34.65 40.84
C SER B 1351 69.35 -34.63 39.32
N VAL B 1352 68.49 -35.46 38.74
CA VAL B 1352 68.48 -35.68 37.30
C VAL B 1352 67.09 -35.46 36.75
N ARG B 1353 67.04 -35.08 35.47
CA ARG B 1353 65.80 -34.87 34.73
C ARG B 1353 65.93 -35.54 33.37
N TYR B 1354 64.82 -35.57 32.64
CA TYR B 1354 64.81 -35.99 31.24
C TYR B 1354 64.89 -34.81 30.29
N ASP B 1355 64.12 -33.76 30.56
CA ASP B 1355 64.22 -32.48 29.86
C ASP B 1355 64.52 -31.39 30.87
N SER B 1356 64.97 -30.23 30.37
CA SER B 1356 65.20 -29.10 31.26
C SER B 1356 63.89 -28.60 31.85
N SER B 1357 62.81 -28.62 31.05
CA SER B 1357 61.49 -28.20 31.52
C SER B 1357 60.69 -29.42 31.96
N LEU B 1358 61.14 -30.02 33.05
CA LEU B 1358 60.48 -31.19 33.61
C LEU B 1358 60.77 -31.27 35.10
N LYS B 1359 59.84 -31.86 35.84
CA LYS B 1359 60.05 -32.10 37.26
C LYS B 1359 61.15 -33.14 37.46
N PRO B 1360 62.05 -32.92 38.41
CA PRO B 1360 63.18 -33.86 38.59
C PRO B 1360 62.71 -35.21 39.13
N VAL B 1361 63.07 -36.27 38.40
CA VAL B 1361 62.73 -37.63 38.84
C VAL B 1361 63.53 -37.99 40.09
N LEU B 1362 64.74 -37.48 40.23
CA LEU B 1362 65.55 -37.64 41.43
C LEU B 1362 65.88 -36.26 41.98
N LYS B 1363 65.84 -36.13 43.31
CA LYS B 1363 66.01 -34.85 43.98
C LYS B 1363 66.99 -35.00 45.13
N HIS B 1364 68.19 -34.43 44.97
CA HIS B 1364 69.24 -34.39 45.98
C HIS B 1364 69.63 -35.81 46.44
N VAL B 1365 69.86 -36.69 45.47
CA VAL B 1365 70.33 -38.04 45.76
C VAL B 1365 71.79 -37.99 46.19
N ASN B 1366 72.09 -38.60 47.34
CA ASN B 1366 73.43 -38.56 47.91
C ASN B 1366 73.70 -39.90 48.59
N ALA B 1367 74.67 -40.64 48.08
CA ALA B 1367 75.02 -41.95 48.62
C ALA B 1367 76.45 -42.31 48.26
N LEU B 1368 77.08 -43.10 49.13
CA LEU B 1368 78.43 -43.64 48.90
C LEU B 1368 78.34 -45.15 48.85
N ILE B 1369 79.01 -45.75 47.86
CA ILE B 1369 79.01 -47.20 47.67
C ILE B 1369 80.43 -47.70 47.78
N SER B 1370 80.65 -48.67 48.67
CA SER B 1370 81.96 -49.29 48.85
C SER B 1370 82.30 -50.16 47.64
N PRO B 1371 83.61 -50.37 47.37
CA PRO B 1371 83.99 -51.31 46.31
C PRO B 1371 83.58 -52.74 46.65
N GLY B 1372 82.97 -53.41 45.67
CA GLY B 1372 82.65 -54.81 45.76
C GLY B 1372 81.34 -55.13 46.43
N GLN B 1373 80.73 -54.17 47.12
CA GLN B 1373 79.51 -54.46 47.86
C GLN B 1373 78.31 -54.50 46.93
N LYS B 1374 77.24 -55.12 47.42
CA LYS B 1374 76.02 -55.35 46.64
C LYS B 1374 74.93 -54.40 47.10
N ILE B 1375 74.33 -53.68 46.16
CA ILE B 1375 73.35 -52.65 46.46
C ILE B 1375 72.03 -53.02 45.82
N GLY B 1376 70.96 -53.05 46.62
CA GLY B 1376 69.63 -53.33 46.12
C GLY B 1376 68.73 -52.11 46.15
N ILE B 1377 68.43 -51.56 44.97
CA ILE B 1377 67.62 -50.35 44.87
C ILE B 1377 66.15 -50.74 44.77
N CYS B 1378 65.32 -50.17 45.63
CA CYS B 1378 63.88 -50.39 45.58
C CYS B 1378 63.16 -49.07 45.79
N GLY B 1379 61.93 -49.02 45.30
CA GLY B 1379 61.11 -47.84 45.46
C GLY B 1379 59.73 -48.08 44.87
N ARG B 1380 58.81 -47.19 45.26
CA ARG B 1380 57.46 -47.24 44.71
C ARG B 1380 57.48 -46.87 43.23
N THR B 1381 56.58 -47.50 42.47
CA THR B 1381 56.46 -47.21 41.04
C THR B 1381 55.99 -45.77 40.86
N GLY B 1382 56.77 -44.98 40.12
CA GLY B 1382 56.52 -43.57 39.99
C GLY B 1382 57.43 -42.68 40.81
N SER B 1383 58.38 -43.24 41.55
CA SER B 1383 59.34 -42.48 42.33
C SER B 1383 60.61 -42.19 41.54
N GLY B 1384 60.67 -42.58 40.28
CA GLY B 1384 61.85 -42.34 39.45
C GLY B 1384 63.07 -43.14 39.84
N LYS B 1385 62.88 -44.39 40.28
CA LYS B 1385 64.02 -45.24 40.61
C LYS B 1385 64.69 -45.81 39.36
N SER B 1386 64.01 -45.80 38.22
CA SER B 1386 64.60 -46.33 37.00
C SER B 1386 65.68 -45.40 36.44
N SER B 1387 65.53 -44.08 36.64
CA SER B 1387 66.52 -43.13 36.17
C SER B 1387 67.83 -43.21 36.95
N PHE B 1388 67.82 -43.82 38.13
CA PHE B 1388 69.03 -43.97 38.92
C PHE B 1388 70.05 -44.84 38.21
N SER B 1389 69.60 -45.91 37.53
CA SER B 1389 70.49 -46.73 36.75
C SER B 1389 71.04 -45.98 35.54
N LEU B 1390 70.18 -45.19 34.88
CA LEU B 1390 70.61 -44.43 33.71
C LEU B 1390 71.52 -43.26 34.05
N ALA B 1391 71.53 -42.85 35.33
CA ALA B 1391 72.40 -41.75 35.75
C ALA B 1391 73.87 -42.07 35.57
N PHE B 1392 74.25 -43.35 35.70
CA PHE B 1392 75.64 -43.73 35.55
C PHE B 1392 76.12 -43.68 34.10
N PHE B 1393 75.20 -43.65 33.14
CA PHE B 1393 75.54 -43.64 31.72
C PHE B 1393 75.32 -42.29 31.07
N ARG B 1394 75.00 -41.26 31.86
CA ARG B 1394 74.77 -39.88 31.38
C ARG B 1394 73.67 -39.83 30.32
N MET B 1395 72.63 -40.62 30.50
CA MET B 1395 71.46 -40.59 29.63
C MET B 1395 70.35 -39.73 30.21
N VAL B 1396 70.59 -39.09 31.35
CA VAL B 1396 69.65 -38.17 31.96
C VAL B 1396 70.39 -36.86 32.26
N ASP B 1397 69.64 -35.78 32.31
CA ASP B 1397 70.21 -34.45 32.48
C ASP B 1397 70.67 -34.28 33.92
N MET B 1398 71.99 -34.38 34.15
CA MET B 1398 72.57 -34.13 35.47
C MET B 1398 72.77 -32.62 35.62
N PHE B 1399 71.66 -31.93 35.90
CA PHE B 1399 71.71 -30.48 36.04
C PHE B 1399 72.41 -30.05 37.32
N GLU B 1400 72.48 -30.92 38.31
CA GLU B 1400 73.30 -30.68 39.50
C GLU B 1400 73.77 -32.03 40.04
N GLY B 1401 74.84 -31.99 40.81
CA GLY B 1401 75.41 -33.18 41.39
C GLY B 1401 76.62 -33.69 40.61
N ARG B 1402 77.24 -34.73 41.16
CA ARG B 1402 78.48 -35.26 40.59
C ARG B 1402 78.59 -36.73 40.96
N ILE B 1403 78.83 -37.58 39.96
CA ILE B 1403 79.04 -39.01 40.17
C ILE B 1403 80.54 -39.26 40.08
N ILE B 1404 81.18 -39.46 41.23
CA ILE B 1404 82.62 -39.70 41.30
C ILE B 1404 82.82 -41.20 41.39
N ILE B 1405 83.35 -41.80 40.33
CA ILE B 1405 83.62 -43.23 40.29
C ILE B 1405 85.13 -43.40 40.26
N ASP B 1406 85.68 -43.97 41.34
CA ASP B 1406 87.11 -44.21 41.50
C ASP B 1406 87.94 -42.93 41.34
N GLY B 1407 87.41 -41.84 41.90
CA GLY B 1407 88.08 -40.56 41.84
C GLY B 1407 87.89 -39.78 40.55
N ILE B 1408 87.10 -40.29 39.62
CA ILE B 1408 86.92 -39.68 38.30
C ILE B 1408 85.43 -39.47 38.06
N ASP B 1409 85.06 -38.22 37.77
CA ASP B 1409 83.68 -37.91 37.42
C ASP B 1409 83.34 -38.46 36.05
N ILE B 1410 82.10 -38.97 35.90
CA ILE B 1410 81.69 -39.50 34.62
C ILE B 1410 81.35 -38.39 33.63
N ALA B 1411 80.97 -37.21 34.13
CA ALA B 1411 80.60 -36.11 33.25
C ALA B 1411 81.79 -35.58 32.47
N LYS B 1412 82.98 -35.58 33.07
CA LYS B 1412 84.18 -35.19 32.34
C LYS B 1412 84.56 -36.24 31.30
N LEU B 1413 84.22 -37.51 31.55
CA LEU B 1413 84.69 -38.62 30.74
C LEU B 1413 83.91 -38.71 29.42
N PRO B 1414 84.54 -39.18 28.34
CA PRO B 1414 83.80 -39.45 27.11
C PRO B 1414 82.72 -40.51 27.28
N LEU B 1415 81.67 -40.38 26.47
CA LEU B 1415 80.54 -41.30 26.54
C LEU B 1415 80.92 -42.71 26.11
N HIS B 1416 81.77 -42.84 25.08
CA HIS B 1416 82.17 -44.16 24.61
C HIS B 1416 82.95 -44.93 25.67
N THR B 1417 83.91 -44.25 26.32
CA THR B 1417 84.69 -44.88 27.38
C THR B 1417 83.84 -45.18 28.61
N LEU B 1418 82.86 -44.33 28.93
CA LEU B 1418 81.98 -44.58 30.07
C LEU B 1418 81.06 -45.77 29.81
N ARG B 1419 80.42 -45.79 28.66
CA ARG B 1419 79.46 -46.84 28.34
C ARG B 1419 80.13 -48.13 27.87
N SER B 1420 81.44 -48.13 27.64
CA SER B 1420 82.16 -49.33 27.28
C SER B 1420 82.68 -50.13 28.48
N ARG B 1421 82.63 -49.56 29.69
CA ARG B 1421 83.18 -50.20 30.88
C ARG B 1421 82.15 -50.36 31.98
N LEU B 1422 80.87 -50.16 31.68
CA LEU B 1422 79.80 -50.40 32.65
C LEU B 1422 78.79 -51.37 32.06
N SER B 1423 78.35 -52.32 32.89
CA SER B 1423 77.39 -53.34 32.48
C SER B 1423 75.99 -53.00 33.00
N ILE B 1424 74.99 -53.35 32.21
CA ILE B 1424 73.62 -52.96 32.49
C ILE B 1424 72.67 -53.91 31.76
N ILE B 1425 71.58 -54.29 32.43
CA ILE B 1425 70.56 -55.17 31.88
C ILE B 1425 69.20 -54.57 32.20
N LEU B 1426 68.35 -54.43 31.18
CA LEU B 1426 67.05 -53.79 31.30
C LEU B 1426 65.93 -54.83 31.38
N GLN B 1427 64.68 -54.35 31.26
CA GLN B 1427 63.51 -55.20 31.40
C GLN B 1427 63.46 -56.28 30.32
N ASP B 1428 63.34 -55.86 29.07
CA ASP B 1428 63.12 -56.80 27.98
C ASP B 1428 64.45 -57.23 27.36
N PRO B 1429 64.57 -58.49 26.95
CA PRO B 1429 65.81 -58.95 26.30
C PRO B 1429 65.79 -58.65 24.81
N VAL B 1430 66.72 -57.79 24.38
CA VAL B 1430 66.83 -57.39 22.98
C VAL B 1430 67.95 -58.20 22.35
N LEU B 1431 67.60 -59.15 21.50
CA LEU B 1431 68.56 -59.95 20.76
C LEU B 1431 68.58 -59.52 19.30
N PHE B 1432 69.78 -59.39 18.74
CA PHE B 1432 69.95 -58.90 17.39
C PHE B 1432 70.28 -60.04 16.43
N SER B 1433 69.90 -59.84 15.17
CA SER B 1433 70.08 -60.88 14.16
C SER B 1433 71.56 -61.08 13.86
N GLY B 1434 71.99 -62.33 13.82
CA GLY B 1434 73.36 -62.69 13.57
C GLY B 1434 73.73 -63.92 14.39
N THR B 1435 75.03 -64.14 14.52
CA THR B 1435 75.54 -65.28 15.27
C THR B 1435 75.66 -64.93 16.75
N ILE B 1436 75.90 -65.98 17.56
CA ILE B 1436 76.14 -65.77 18.98
C ILE B 1436 77.44 -65.01 19.20
N ARG B 1437 78.41 -65.15 18.29
CA ARG B 1437 79.58 -64.30 18.30
C ARG B 1437 79.20 -62.82 18.17
N PHE B 1438 78.27 -62.52 17.26
CA PHE B 1438 77.89 -61.13 17.06
C PHE B 1438 77.04 -60.60 18.21
N ASN B 1439 76.17 -61.43 18.77
CA ASN B 1439 75.36 -60.98 19.90
C ASN B 1439 76.21 -60.79 21.14
N LEU B 1440 77.12 -61.72 21.43
CA LEU B 1440 77.85 -61.69 22.68
C LEU B 1440 79.03 -60.71 22.60
N ASP B 1441 79.87 -60.83 21.57
CA ASP B 1441 81.02 -59.95 21.37
C ASP B 1441 81.03 -59.44 19.94
N PRO B 1442 80.19 -58.44 19.62
CA PRO B 1442 80.14 -57.93 18.24
C PRO B 1442 81.44 -57.30 17.76
N GLU B 1443 82.20 -56.64 18.65
CA GLU B 1443 83.45 -56.02 18.27
C GLU B 1443 84.59 -57.02 18.13
N LYS B 1444 84.36 -58.28 18.49
CA LYS B 1444 85.35 -59.36 18.43
C LYS B 1444 86.60 -59.02 19.25
N LYS B 1445 86.40 -58.34 20.37
CA LYS B 1445 87.51 -57.97 21.25
C LYS B 1445 87.98 -59.13 22.11
N CYS B 1446 87.11 -60.11 22.39
CA CYS B 1446 87.45 -61.26 23.21
C CYS B 1446 87.54 -62.50 22.34
N SER B 1447 88.46 -63.40 22.70
CA SER B 1447 88.62 -64.65 21.98
C SER B 1447 87.44 -65.57 22.26
N ASP B 1448 87.31 -66.60 21.41
CA ASP B 1448 86.19 -67.55 21.52
C ASP B 1448 86.28 -68.34 22.82
N SER B 1449 87.49 -68.75 23.21
CA SER B 1449 87.69 -69.46 24.47
C SER B 1449 87.31 -68.60 25.67
N THR B 1450 87.49 -67.29 25.56
CA THR B 1450 86.98 -66.38 26.60
C THR B 1450 85.46 -66.33 26.58
N LEU B 1451 84.84 -66.47 25.40
CA LEU B 1451 83.39 -66.47 25.29
C LEU B 1451 82.74 -67.75 25.80
N TRP B 1452 83.48 -68.87 25.82
CA TRP B 1452 82.88 -70.14 26.21
C TRP B 1452 82.46 -70.15 27.68
N GLU B 1453 83.34 -69.72 28.59
CA GLU B 1453 82.98 -69.66 30.01
C GLU B 1453 81.94 -68.58 30.29
N ALA B 1454 82.01 -67.48 29.54
CA ALA B 1454 80.98 -66.44 29.61
C ALA B 1454 79.61 -67.00 29.27
N LEU B 1455 79.55 -67.88 28.28
CA LEU B 1455 78.30 -68.54 27.94
C LEU B 1455 77.94 -69.62 28.97
N GLU B 1456 78.95 -70.22 29.61
CA GLU B 1456 78.71 -71.21 30.66
C GLU B 1456 78.01 -70.60 31.87
N ILE B 1457 78.32 -69.34 32.19
CA ILE B 1457 77.69 -68.68 33.34
C ILE B 1457 76.17 -68.59 33.16
N ALA B 1458 75.72 -68.32 31.94
CA ALA B 1458 74.29 -68.16 31.67
C ALA B 1458 73.54 -69.48 31.59
N GLN B 1459 74.21 -70.61 31.77
CA GLN B 1459 73.64 -71.96 31.74
C GLN B 1459 73.03 -72.34 30.39
N LEU B 1460 73.28 -71.56 29.35
CA LEU B 1460 72.75 -71.81 28.02
C LEU B 1460 73.68 -72.66 27.18
N LYS B 1461 74.77 -73.18 27.75
CA LYS B 1461 75.73 -73.94 26.96
C LYS B 1461 75.14 -75.26 26.46
N LEU B 1462 74.21 -75.84 27.21
CA LEU B 1462 73.52 -77.04 26.72
C LEU B 1462 72.73 -76.74 25.45
N VAL B 1463 72.00 -75.62 25.44
CA VAL B 1463 71.23 -75.23 24.26
C VAL B 1463 72.15 -74.87 23.11
N VAL B 1464 73.16 -74.03 23.39
CA VAL B 1464 74.03 -73.51 22.33
C VAL B 1464 74.87 -74.62 21.71
N LYS B 1465 75.42 -75.51 22.54
CA LYS B 1465 76.12 -76.68 22.01
C LYS B 1465 75.17 -77.63 21.28
N ALA B 1466 73.93 -77.74 21.76
CA ALA B 1466 72.93 -78.54 21.06
C ALA B 1466 72.38 -77.88 19.81
N LEU B 1467 72.58 -76.57 19.64
CA LEU B 1467 72.11 -75.88 18.45
C LEU B 1467 72.89 -76.34 17.22
N PRO B 1468 72.25 -76.39 16.05
CA PRO B 1468 72.91 -76.95 14.86
C PRO B 1468 74.14 -76.20 14.39
N GLY B 1469 74.23 -74.90 14.66
CA GLY B 1469 75.37 -74.11 14.22
C GLY B 1469 76.54 -74.09 15.18
N GLY B 1470 76.50 -74.88 16.25
CA GLY B 1470 77.51 -74.75 17.29
C GLY B 1470 77.32 -73.42 18.01
N LEU B 1471 78.43 -72.70 18.21
CA LEU B 1471 78.32 -71.33 18.68
C LEU B 1471 77.94 -70.38 17.55
N ASP B 1472 78.00 -70.82 16.29
CA ASP B 1472 77.62 -70.00 15.16
C ASP B 1472 76.13 -70.07 14.85
N ALA B 1473 75.30 -70.45 15.83
CA ALA B 1473 73.87 -70.53 15.63
C ALA B 1473 73.28 -69.14 15.42
N ILE B 1474 72.37 -69.04 14.45
CA ILE B 1474 71.85 -67.74 14.00
C ILE B 1474 70.65 -67.37 14.86
N ILE B 1475 70.75 -66.24 15.55
CA ILE B 1475 69.63 -65.66 16.27
C ILE B 1475 68.76 -64.90 15.29
N THR B 1476 67.45 -65.14 15.33
CA THR B 1476 66.50 -64.47 14.46
C THR B 1476 66.23 -63.06 14.98
N GLU B 1477 65.25 -62.38 14.37
CA GLU B 1477 64.90 -61.01 14.77
C GLU B 1477 64.26 -61.02 16.15
N GLY B 1478 64.96 -60.49 17.14
CA GLY B 1478 64.46 -60.49 18.50
C GLY B 1478 64.62 -61.79 19.25
N GLY B 1479 65.32 -62.76 18.68
CA GLY B 1479 65.49 -64.05 19.34
C GLY B 1479 64.23 -64.87 19.46
N GLU B 1480 63.41 -64.93 18.40
CA GLU B 1480 62.16 -65.68 18.43
C GLU B 1480 62.37 -67.18 18.52
N ASN B 1481 63.57 -67.68 18.25
CA ASN B 1481 63.88 -69.09 18.38
C ASN B 1481 64.21 -69.51 19.81
N PHE B 1482 64.23 -68.56 20.74
CA PHE B 1482 64.47 -68.85 22.15
C PHE B 1482 63.30 -68.38 22.99
N SER B 1483 63.12 -69.00 24.15
CA SER B 1483 62.11 -68.54 25.10
C SER B 1483 62.58 -67.25 25.77
N GLN B 1484 61.64 -66.60 26.48
CA GLN B 1484 61.89 -65.29 27.07
C GLN B 1484 63.01 -65.34 28.10
N GLY B 1485 62.97 -66.34 28.99
CA GLY B 1485 64.03 -66.51 29.96
C GLY B 1485 65.37 -66.81 29.32
N GLN B 1486 65.37 -67.59 28.23
CA GLN B 1486 66.59 -67.87 27.49
C GLN B 1486 67.19 -66.60 26.91
N ARG B 1487 66.34 -65.72 26.35
CA ARG B 1487 66.83 -64.45 25.82
C ARG B 1487 67.43 -63.58 26.92
N GLN B 1488 66.79 -63.56 28.10
CA GLN B 1488 67.33 -62.79 29.21
C GLN B 1488 68.67 -63.34 29.69
N LEU B 1489 68.82 -64.67 29.72
CA LEU B 1489 70.09 -65.27 30.08
C LEU B 1489 71.18 -64.95 29.06
N PHE B 1490 70.79 -64.90 27.77
CA PHE B 1490 71.69 -64.43 26.72
C PHE B 1490 72.17 -63.01 27.02
N CYS B 1491 71.25 -62.14 27.45
CA CYS B 1491 71.63 -60.77 27.79
C CYS B 1491 72.59 -60.73 28.98
N LEU B 1492 72.38 -61.62 29.95
CA LEU B 1492 73.28 -61.67 31.11
C LEU B 1492 74.71 -62.05 30.71
N ALA B 1493 74.84 -63.11 29.91
CA ALA B 1493 76.17 -63.51 29.44
C ALA B 1493 76.79 -62.41 28.57
N ARG B 1494 75.95 -61.74 27.78
CA ARG B 1494 76.38 -60.61 26.96
C ARG B 1494 76.97 -59.49 27.82
N ALA B 1495 76.37 -59.24 28.98
CA ALA B 1495 76.93 -58.25 29.89
C ALA B 1495 78.20 -58.75 30.58
N PHE B 1496 78.29 -60.06 30.84
CA PHE B 1496 79.50 -60.58 31.48
C PHE B 1496 80.73 -60.48 30.57
N VAL B 1497 80.52 -60.55 29.26
CA VAL B 1497 81.64 -60.57 28.30
C VAL B 1497 82.54 -59.34 28.45
N ARG B 1498 81.97 -58.18 28.78
CA ARG B 1498 82.76 -56.96 28.93
C ARG B 1498 83.73 -57.04 30.12
N LYS B 1499 83.40 -57.81 31.15
CA LYS B 1499 84.26 -58.09 32.30
C LYS B 1499 84.66 -56.82 33.05
N THR B 1500 83.66 -56.16 33.63
CA THR B 1500 83.87 -55.04 34.52
C THR B 1500 83.29 -55.35 35.90
N SER B 1501 83.79 -54.64 36.91
CA SER B 1501 83.29 -54.87 38.26
C SER B 1501 81.93 -54.22 38.47
N ILE B 1502 81.70 -53.03 37.92
CA ILE B 1502 80.42 -52.36 38.13
C ILE B 1502 79.36 -53.06 37.28
N PHE B 1503 78.46 -53.78 37.95
CA PHE B 1503 77.43 -54.59 37.29
C PHE B 1503 76.08 -54.08 37.76
N ILE B 1504 75.39 -53.34 36.90
CA ILE B 1504 74.08 -52.77 37.24
C ILE B 1504 73.00 -53.70 36.69
N MET B 1505 72.18 -54.23 37.58
CA MET B 1505 71.11 -55.16 37.22
C MET B 1505 69.78 -54.43 37.39
N ASP B 1506 69.33 -53.78 36.32
CA ASP B 1506 68.15 -52.92 36.34
C ASP B 1506 66.91 -53.76 36.03
N GLU B 1507 66.36 -54.37 37.09
CA GLU B 1507 65.06 -55.06 37.05
C GLU B 1507 65.02 -56.18 36.01
N ALA B 1508 66.08 -56.99 35.99
CA ALA B 1508 66.15 -58.10 35.05
C ALA B 1508 65.21 -59.24 35.46
N THR B 1509 64.99 -59.41 36.75
CA THR B 1509 64.19 -60.52 37.26
C THR B 1509 62.69 -60.33 37.07
N ALA B 1510 62.25 -59.13 36.70
CA ALA B 1510 60.81 -58.83 36.68
C ALA B 1510 60.10 -59.58 35.56
N SER B 1511 60.71 -59.69 34.39
CA SER B 1511 60.08 -60.33 33.24
C SER B 1511 60.27 -61.84 33.19
N ILE B 1512 60.93 -62.42 34.18
CA ILE B 1512 61.39 -63.80 34.13
C ILE B 1512 60.73 -64.60 35.24
N ASP B 1513 60.37 -65.84 34.93
CA ASP B 1513 59.72 -66.73 35.90
C ASP B 1513 60.65 -67.03 37.07
N MET B 1514 60.04 -67.33 38.22
CA MET B 1514 60.77 -67.42 39.48
C MET B 1514 61.76 -68.57 39.49
N ALA B 1515 61.40 -69.70 38.89
CA ALA B 1515 62.27 -70.89 38.90
C ALA B 1515 63.58 -70.62 38.18
N THR B 1516 63.52 -69.98 37.01
CA THR B 1516 64.75 -69.56 36.34
C THR B 1516 65.39 -68.36 37.03
N GLU B 1517 64.57 -67.55 37.70
CA GLU B 1517 65.07 -66.35 38.37
C GLU B 1517 66.01 -66.70 39.52
N ASN B 1518 65.70 -67.75 40.28
CA ASN B 1518 66.53 -68.09 41.43
C ASN B 1518 67.91 -68.59 41.01
N ILE B 1519 67.96 -69.51 40.05
CA ILE B 1519 69.24 -70.01 39.56
C ILE B 1519 70.00 -68.90 38.83
N LEU B 1520 69.28 -68.02 38.13
CA LEU B 1520 69.90 -66.86 37.50
C LEU B 1520 70.55 -65.95 38.53
N GLN B 1521 69.85 -65.67 39.63
CA GLN B 1521 70.36 -64.76 40.65
C GLN B 1521 71.56 -65.37 41.37
N LYS B 1522 71.53 -66.67 41.67
CA LYS B 1522 72.65 -67.27 42.37
C LYS B 1522 73.88 -67.36 41.45
N VAL B 1523 73.69 -67.61 40.15
CA VAL B 1523 74.85 -67.62 39.26
C VAL B 1523 75.34 -66.20 38.97
N VAL B 1524 74.47 -65.20 39.09
CA VAL B 1524 74.92 -63.80 39.03
C VAL B 1524 75.80 -63.49 40.22
N MET B 1525 75.36 -63.89 41.42
CA MET B 1525 76.12 -63.59 42.63
C MET B 1525 77.45 -64.31 42.65
N THR B 1526 77.50 -65.55 42.14
CA THR B 1526 78.79 -66.25 42.05
C THR B 1526 79.68 -65.64 40.97
N ALA B 1527 79.09 -65.25 39.83
CA ALA B 1527 79.89 -64.75 38.71
C ALA B 1527 80.41 -63.34 38.95
N PHE B 1528 79.83 -62.61 39.90
CA PHE B 1528 80.14 -61.19 40.13
C PHE B 1528 80.48 -60.97 41.60
N ALA B 1529 81.38 -61.80 42.13
CA ALA B 1529 81.73 -61.73 43.55
C ALA B 1529 82.57 -60.50 43.86
N ASP B 1530 83.75 -60.39 43.23
CA ASP B 1530 84.54 -59.18 43.34
C ASP B 1530 83.88 -57.99 42.65
N ARG B 1531 82.95 -58.26 41.73
CA ARG B 1531 82.29 -57.23 40.96
C ARG B 1531 81.23 -56.52 41.80
N THR B 1532 81.21 -55.18 41.73
CA THR B 1532 80.21 -54.40 42.45
C THR B 1532 78.86 -54.49 41.75
N VAL B 1533 77.85 -54.93 42.48
CA VAL B 1533 76.52 -55.13 41.91
C VAL B 1533 75.58 -54.10 42.50
N VAL B 1534 75.16 -53.14 41.66
CA VAL B 1534 74.12 -52.18 42.02
C VAL B 1534 72.84 -52.64 41.35
N THR B 1535 71.93 -53.21 42.13
CA THR B 1535 70.72 -53.82 41.60
C THR B 1535 69.54 -52.87 41.79
N ILE B 1536 69.00 -52.36 40.70
CA ILE B 1536 67.70 -51.72 40.70
C ILE B 1536 66.68 -52.81 40.43
N ALA B 1537 65.81 -53.06 41.40
CA ALA B 1537 64.82 -54.13 41.29
C ALA B 1537 63.45 -53.59 41.68
N HIS B 1538 62.43 -54.10 40.99
CA HIS B 1538 61.06 -53.70 41.29
C HIS B 1538 60.48 -54.45 42.48
N ARG B 1539 60.99 -55.66 42.75
CA ARG B 1539 60.50 -56.50 43.83
C ARG B 1539 61.61 -56.69 44.86
N VAL B 1540 61.26 -56.49 46.13
CA VAL B 1540 62.26 -56.43 47.20
C VAL B 1540 62.77 -57.81 47.63
N HIS B 1541 62.03 -58.88 47.32
CA HIS B 1541 62.44 -60.21 47.75
C HIS B 1541 63.72 -60.66 47.07
N THR B 1542 64.02 -60.12 45.88
CA THR B 1542 65.28 -60.41 45.22
C THR B 1542 66.44 -59.73 45.93
N ILE B 1543 66.26 -58.49 46.36
CA ILE B 1543 67.32 -57.71 46.98
C ILE B 1543 67.30 -57.83 48.50
N LEU B 1544 66.57 -58.82 49.04
CA LEU B 1544 66.67 -59.12 50.46
C LEU B 1544 68.08 -59.52 50.87
N SER B 1545 68.85 -60.11 49.95
CA SER B 1545 70.20 -60.58 50.25
C SER B 1545 71.28 -59.55 49.94
N ALA B 1546 70.92 -58.35 49.49
CA ALA B 1546 71.90 -57.33 49.19
C ALA B 1546 72.52 -56.78 50.48
N ASP B 1547 73.71 -56.18 50.34
CA ASP B 1547 74.38 -55.60 51.50
C ASP B 1547 73.65 -54.35 51.99
N LEU B 1548 73.21 -53.51 51.07
CA LEU B 1548 72.48 -52.28 51.41
C LEU B 1548 71.24 -52.17 50.53
N VAL B 1549 70.16 -51.64 51.11
CA VAL B 1549 68.92 -51.39 50.40
C VAL B 1549 68.60 -49.91 50.50
N MET B 1550 68.40 -49.27 49.34
CA MET B 1550 68.02 -47.87 49.27
C MET B 1550 66.55 -47.76 48.89
N VAL B 1551 65.80 -46.96 49.64
CA VAL B 1551 64.38 -46.77 49.44
C VAL B 1551 64.15 -45.35 48.93
N LEU B 1552 63.45 -45.24 47.81
CA LEU B 1552 63.24 -43.97 47.13
C LEU B 1552 61.76 -43.61 47.16
N LYS B 1553 61.45 -42.40 47.63
CA LYS B 1553 60.08 -41.88 47.61
C LYS B 1553 60.12 -40.49 47.01
N ARG B 1554 59.57 -40.37 45.80
CA ARG B 1554 59.48 -39.10 45.05
C ARG B 1554 60.85 -38.46 44.86
N GLY B 1555 61.85 -39.28 44.55
CA GLY B 1555 63.19 -38.80 44.26
C GLY B 1555 64.07 -38.53 45.46
N ALA B 1556 63.69 -38.99 46.64
CA ALA B 1556 64.47 -38.78 47.85
C ALA B 1556 64.80 -40.11 48.50
N ILE B 1557 66.01 -40.21 49.05
CA ILE B 1557 66.48 -41.44 49.70
C ILE B 1557 65.94 -41.45 51.12
N LEU B 1558 64.90 -42.24 51.36
CA LEU B 1558 64.36 -42.38 52.72
C LEU B 1558 65.30 -43.18 53.61
N GLU B 1559 65.71 -44.35 53.14
CA GLU B 1559 66.42 -45.32 53.96
C GLU B 1559 67.67 -45.79 53.21
N PHE B 1560 68.82 -45.71 53.89
CA PHE B 1560 70.10 -46.18 53.32
C PHE B 1560 70.81 -46.97 54.41
N ASP B 1561 70.52 -48.27 54.49
CA ASP B 1561 71.15 -49.15 55.45
C ASP B 1561 70.89 -50.59 55.02
N LYS B 1562 71.46 -51.53 55.79
CA LYS B 1562 71.38 -52.94 55.47
C LYS B 1562 69.94 -53.46 55.66
N PRO B 1563 69.55 -54.49 54.89
CA PRO B 1563 68.16 -54.99 54.98
C PRO B 1563 67.78 -55.58 56.33
N GLU B 1564 68.74 -56.07 57.11
CA GLU B 1564 68.40 -56.68 58.40
C GLU B 1564 67.94 -55.62 59.40
N THR B 1565 68.75 -54.56 59.57
CA THR B 1565 68.36 -53.45 60.45
C THR B 1565 67.14 -52.72 59.92
N LEU B 1566 67.02 -52.63 58.59
CA LEU B 1566 65.86 -51.97 57.99
C LEU B 1566 64.58 -52.77 58.23
N LEU B 1567 64.66 -54.11 58.13
CA LEU B 1567 63.50 -54.95 58.40
C LEU B 1567 63.21 -55.08 59.88
N SER B 1568 64.18 -54.75 60.73
CA SER B 1568 63.92 -54.73 62.18
C SER B 1568 62.87 -53.67 62.54
N GLN B 1569 62.91 -52.52 61.88
CA GLN B 1569 61.96 -51.45 62.15
C GLN B 1569 60.59 -51.81 61.59
N LYS B 1570 59.54 -51.64 62.41
CA LYS B 1570 58.19 -51.95 61.98
C LYS B 1570 57.62 -50.87 61.05
N ASP B 1571 57.98 -49.62 61.26
CA ASP B 1571 57.44 -48.50 60.50
C ASP B 1571 58.24 -48.20 59.24
N SER B 1572 59.28 -48.96 58.95
CA SER B 1572 60.06 -48.73 57.74
C SER B 1572 59.26 -49.11 56.50
N VAL B 1573 59.41 -48.29 55.45
CA VAL B 1573 58.67 -48.51 54.21
C VAL B 1573 59.12 -49.79 53.51
N PHE B 1574 60.40 -50.13 53.62
CA PHE B 1574 60.90 -51.37 53.05
C PHE B 1574 60.27 -52.59 53.69
N ALA B 1575 59.95 -52.52 54.99
CA ALA B 1575 59.21 -53.59 55.64
C ALA B 1575 57.81 -53.73 55.05
N SER B 1576 57.16 -52.62 54.73
CA SER B 1576 55.86 -52.67 54.08
C SER B 1576 55.98 -53.24 52.67
N PHE B 1577 57.09 -52.95 51.98
CA PHE B 1577 57.31 -53.54 50.66
C PHE B 1577 57.49 -55.04 50.74
N VAL B 1578 58.22 -55.51 51.75
CA VAL B 1578 58.43 -56.96 51.91
C VAL B 1578 57.14 -57.65 52.31
N ARG B 1579 56.40 -57.07 53.25
CA ARG B 1579 55.15 -57.68 53.71
C ARG B 1579 54.08 -57.66 52.61
N ALA B 1580 54.01 -56.57 51.85
CA ALA B 1580 53.04 -56.47 50.76
C ALA B 1580 53.73 -56.65 49.41
N ARG C 31 10.52 28.81 25.17
CA ARG C 31 10.23 27.89 26.27
C ARG C 31 9.09 26.95 25.91
N ARG C 32 9.03 25.81 26.60
CA ARG C 32 8.02 24.76 26.41
C ARG C 32 7.99 24.29 24.95
N ALA C 33 9.11 23.67 24.56
CA ALA C 33 9.19 23.05 23.25
C ALA C 33 8.16 21.92 23.13
N ARG C 34 7.50 21.86 21.99
CA ARG C 34 6.50 20.83 21.73
C ARG C 34 7.04 19.84 20.69
N PHE C 35 6.71 18.56 20.89
CA PHE C 35 7.23 17.50 20.04
C PHE C 35 6.71 17.63 18.61
N VAL C 36 5.42 17.87 18.45
CA VAL C 36 4.79 18.09 17.15
C VAL C 36 3.90 19.32 17.29
N SER C 37 3.87 20.15 16.24
CA SER C 37 3.04 21.35 16.26
C SER C 37 1.56 21.00 16.06
N LYS C 38 0.71 22.03 16.07
CA LYS C 38 -0.72 21.82 15.87
C LYS C 38 -1.03 21.38 14.45
N LYS C 39 -0.23 21.80 13.48
CA LYS C 39 -0.46 21.46 12.08
C LYS C 39 0.22 20.16 11.66
N GLY C 40 0.84 19.44 12.60
CA GLY C 40 1.47 18.18 12.31
C GLY C 40 2.95 18.25 12.03
N ASN C 41 3.54 19.43 11.98
CA ASN C 41 4.97 19.55 11.75
C ASN C 41 5.74 19.09 12.98
N CYS C 42 6.76 18.27 12.77
CA CYS C 42 7.61 17.79 13.85
C CYS C 42 8.72 18.80 14.10
N ASN C 43 8.85 19.23 15.36
CA ASN C 43 9.76 20.31 15.72
C ASN C 43 11.09 19.80 16.26
N VAL C 44 11.43 18.54 16.00
CA VAL C 44 12.68 17.97 16.49
C VAL C 44 13.83 18.43 15.62
N ALA C 45 14.87 18.96 16.25
CA ALA C 45 16.11 19.30 15.56
C ALA C 45 17.08 18.14 15.67
N HIS C 46 17.70 17.77 14.56
CA HIS C 46 18.62 16.65 14.52
C HIS C 46 20.04 17.17 14.35
N LYS C 47 20.92 16.76 15.25
CA LYS C 47 22.28 17.29 15.31
C LYS C 47 23.30 16.15 15.24
N ASN C 48 24.49 16.49 14.73
CA ASN C 48 25.64 15.59 14.64
C ASN C 48 25.32 14.34 13.83
N ILE C 49 24.79 14.55 12.63
CA ILE C 49 24.39 13.46 11.74
C ILE C 49 25.57 13.15 10.84
N ARG C 50 26.26 12.04 11.10
CA ARG C 50 27.34 11.61 10.23
C ARG C 50 26.75 11.13 8.91
N GLU C 51 26.62 12.03 7.95
CA GLU C 51 26.16 11.64 6.63
C GLU C 51 27.28 10.93 5.90
N GLU C 52 27.00 9.76 5.36
CA GLU C 52 27.96 8.99 4.57
C GLU C 52 27.54 8.97 3.11
N GLY C 53 26.95 10.06 2.63
CA GLY C 53 26.35 10.12 1.32
C GLY C 53 24.93 9.59 1.25
N ARG C 54 24.40 9.06 2.35
CA ARG C 54 23.08 8.44 2.37
C ARG C 54 21.96 9.43 2.08
N PHE C 55 22.19 10.73 2.27
CA PHE C 55 21.17 11.72 1.98
C PHE C 55 21.06 11.99 0.48
N LEU C 56 22.17 11.89 -0.26
CA LEU C 56 22.15 12.11 -1.70
C LEU C 56 22.25 10.81 -2.51
N GLN C 57 22.52 9.67 -1.87
CA GLN C 57 22.36 8.40 -2.58
C GLN C 57 20.90 8.12 -2.87
N ASP C 58 20.01 8.59 -2.00
CA ASP C 58 18.56 8.56 -2.25
C ASP C 58 18.15 9.81 -3.01
N VAL C 59 18.76 9.99 -4.18
CA VAL C 59 18.68 11.25 -4.93
C VAL C 59 17.26 11.47 -5.46
N PHE C 60 16.58 10.40 -5.86
CA PHE C 60 15.24 10.56 -6.42
C PHE C 60 14.22 10.96 -5.35
N THR C 61 14.41 10.48 -4.12
CA THR C 61 13.55 10.94 -3.02
C THR C 61 13.76 12.42 -2.76
N THR C 62 15.00 12.90 -2.82
CA THR C 62 15.26 14.34 -2.71
C THR C 62 14.58 15.09 -3.85
N LEU C 63 14.70 14.58 -5.08
CA LEU C 63 14.19 15.27 -6.26
C LEU C 63 12.67 15.36 -6.22
N VAL C 64 12.00 14.32 -5.74
CA VAL C 64 10.55 14.40 -5.52
C VAL C 64 10.24 15.35 -4.37
N ASP C 65 11.08 15.34 -3.33
CA ASP C 65 10.80 16.10 -2.11
C ASP C 65 11.07 17.60 -2.24
N LEU C 66 11.77 18.03 -3.28
CA LEU C 66 11.95 19.47 -3.49
C LEU C 66 10.60 20.12 -3.76
N LYS C 67 10.43 21.34 -3.26
CA LYS C 67 9.21 22.09 -3.54
C LYS C 67 9.16 22.43 -5.03
N TRP C 68 7.95 22.65 -5.52
CA TRP C 68 7.68 22.69 -6.97
C TRP C 68 8.54 23.68 -7.76
N PRO C 69 8.74 24.94 -7.35
CA PRO C 69 9.68 25.79 -8.11
C PRO C 69 11.10 25.24 -8.14
N HIS C 70 11.57 24.65 -7.04
CA HIS C 70 12.89 24.04 -7.02
C HIS C 70 12.98 22.88 -8.00
N THR C 71 11.96 22.01 -8.01
CA THR C 71 11.95 20.85 -8.91
C THR C 71 11.92 21.29 -10.37
N LEU C 72 11.10 22.30 -10.70
CA LEU C 72 11.07 22.83 -12.05
C LEU C 72 12.42 23.41 -12.45
N LEU C 73 13.07 24.12 -11.51
CA LEU C 73 14.39 24.67 -11.78
C LEU C 73 15.42 23.57 -12.06
N ILE C 74 15.38 22.49 -11.27
CA ILE C 74 16.31 21.37 -11.46
C ILE C 74 16.12 20.77 -12.85
N PHE C 75 14.87 20.55 -13.24
CA PHE C 75 14.64 19.83 -14.48
C PHE C 75 14.91 20.70 -15.70
N THR C 76 14.55 21.99 -15.66
CA THR C 76 14.91 22.86 -16.78
C THR C 76 16.43 23.06 -16.84
N MET C 77 17.12 23.05 -15.69
CA MET C 77 18.57 23.19 -15.71
C MET C 77 19.23 21.95 -16.27
N SER C 78 18.71 20.76 -15.95
CA SER C 78 19.26 19.52 -16.48
C SER C 78 19.06 19.44 -17.99
N PHE C 79 17.86 19.80 -18.47
CA PHE C 79 17.62 19.79 -19.91
C PHE C 79 18.52 20.81 -20.63
N LEU C 80 18.65 22.01 -20.06
CA LEU C 80 19.50 23.04 -20.67
C LEU C 80 20.97 22.61 -20.67
N CYS C 81 21.44 21.96 -19.59
CA CYS C 81 22.82 21.51 -19.53
C CYS C 81 23.10 20.42 -20.55
N SER C 82 22.15 19.48 -20.72
CA SER C 82 22.32 18.45 -21.74
C SER C 82 22.34 19.05 -23.14
N TRP C 83 21.44 20.01 -23.41
CA TRP C 83 21.43 20.68 -24.70
C TRP C 83 22.73 21.42 -24.96
N LEU C 84 23.26 22.12 -23.95
CA LEU C 84 24.50 22.88 -24.14
C LEU C 84 25.70 21.96 -24.32
N LEU C 85 25.76 20.85 -23.56
CA LEU C 85 26.87 19.91 -23.69
C LEU C 85 26.90 19.28 -25.08
N PHE C 86 25.74 18.81 -25.55
CA PHE C 86 25.75 18.21 -26.89
C PHE C 86 25.84 19.27 -27.98
N ALA C 87 25.44 20.51 -27.71
CA ALA C 87 25.71 21.61 -28.63
C ALA C 87 27.21 21.83 -28.78
N MET C 88 27.94 21.78 -27.67
CA MET C 88 29.39 21.85 -27.72
C MET C 88 29.98 20.69 -28.52
N ALA C 89 29.41 19.49 -28.33
CA ALA C 89 29.87 18.32 -29.10
C ALA C 89 29.65 18.50 -30.59
N TRP C 90 28.45 18.93 -30.99
CA TRP C 90 28.14 19.12 -32.40
C TRP C 90 29.00 20.23 -33.01
N TRP C 91 29.20 21.32 -32.28
CA TRP C 91 30.03 22.42 -32.76
C TRP C 91 31.48 21.99 -32.92
N LEU C 92 31.99 21.18 -31.98
CA LEU C 92 33.34 20.68 -32.07
C LEU C 92 33.52 19.76 -33.27
N ILE C 93 32.55 18.87 -33.51
CA ILE C 93 32.60 17.98 -34.67
C ILE C 93 32.55 18.78 -35.97
N ALA C 94 31.69 19.80 -36.02
CA ALA C 94 31.56 20.61 -37.22
C ALA C 94 32.82 21.42 -37.50
N PHE C 95 33.49 21.92 -36.45
CA PHE C 95 34.78 22.57 -36.66
C PHE C 95 35.83 21.57 -37.15
N ALA C 96 35.94 20.42 -36.47
CA ALA C 96 36.98 19.44 -36.79
C ALA C 96 36.79 18.84 -38.17
N HIS C 97 35.58 18.85 -38.71
CA HIS C 97 35.35 18.45 -40.08
C HIS C 97 35.52 19.60 -41.07
N GLY C 98 35.71 20.82 -40.58
CA GLY C 98 35.84 21.97 -41.46
C GLY C 98 34.54 22.57 -41.94
N ASP C 99 33.41 22.19 -41.35
CA ASP C 99 32.12 22.73 -41.78
C ASP C 99 31.92 24.17 -41.37
N LEU C 100 32.72 24.68 -40.43
CA LEU C 100 32.57 26.06 -40.00
C LEU C 100 33.30 27.04 -40.93
N ALA C 101 34.34 26.57 -41.60
CA ALA C 101 34.99 27.40 -42.60
C ALA C 101 34.11 27.51 -43.85
N PRO C 102 33.86 28.70 -44.44
CA PRO C 102 33.04 28.69 -45.66
C PRO C 102 33.70 27.86 -46.75
N SER C 103 32.91 27.13 -47.50
CA SER C 103 33.50 26.30 -48.54
C SER C 103 32.64 26.25 -49.79
N GLU C 104 33.30 26.08 -50.94
CA GLU C 104 32.66 26.14 -52.24
C GLU C 104 31.61 25.05 -52.45
N GLY C 105 31.92 23.82 -52.07
CA GLY C 105 30.96 22.75 -52.23
C GLY C 105 31.41 21.36 -52.58
N THR C 106 32.70 21.08 -52.52
CA THR C 106 33.14 19.73 -52.85
C THR C 106 32.78 18.75 -51.73
N ALA C 107 33.03 19.13 -50.49
CA ALA C 107 32.84 18.24 -49.35
C ALA C 107 31.44 18.36 -48.79
N GLU C 108 30.99 17.33 -48.08
CA GLU C 108 29.70 17.34 -47.45
C GLU C 108 29.93 17.29 -45.97
N PRO C 109 29.18 18.09 -45.21
CA PRO C 109 29.29 18.24 -43.76
C PRO C 109 28.79 17.06 -42.98
N CYS C 110 29.18 16.95 -41.73
CA CYS C 110 28.68 15.86 -40.93
C CYS C 110 27.25 16.21 -40.70
N VAL C 111 27.01 17.43 -40.25
CA VAL C 111 25.65 17.91 -40.09
C VAL C 111 25.49 19.13 -40.98
N THR C 112 24.44 19.15 -41.80
CA THR C 112 24.22 20.23 -42.74
C THR C 112 23.91 21.53 -42.00
N SER C 113 24.32 22.66 -42.61
CA SER C 113 23.95 24.01 -42.19
C SER C 113 24.29 24.30 -40.72
N ILE C 114 25.47 23.86 -40.29
CA ILE C 114 26.00 24.23 -38.99
C ILE C 114 27.05 25.31 -39.24
N HIS C 115 26.67 26.56 -38.99
CA HIS C 115 27.52 27.71 -39.31
C HIS C 115 28.18 28.34 -38.10
N SER C 116 27.69 28.09 -36.89
CA SER C 116 28.24 28.67 -35.67
C SER C 116 27.82 27.79 -34.50
N PHE C 117 28.04 28.29 -33.28
CA PHE C 117 27.59 27.57 -32.10
C PHE C 117 26.08 27.70 -31.93
N SER C 118 25.47 28.76 -32.47
CA SER C 118 24.03 28.90 -32.42
C SER C 118 23.34 27.81 -33.24
N SER C 119 23.89 27.49 -34.41
CA SER C 119 23.36 26.40 -35.22
C SER C 119 23.49 25.06 -34.49
N ALA C 120 24.63 24.85 -33.82
CA ALA C 120 24.82 23.62 -33.05
C ALA C 120 23.86 23.54 -31.88
N PHE C 121 23.56 24.67 -31.24
CA PHE C 121 22.63 24.68 -30.11
C PHE C 121 21.20 24.41 -30.56
N LEU C 122 20.77 25.05 -31.66
CA LEU C 122 19.46 24.76 -32.23
C LEU C 122 19.36 23.31 -32.67
N PHE C 123 20.44 22.78 -33.27
CA PHE C 123 20.43 21.38 -33.70
C PHE C 123 20.37 20.41 -32.53
N SER C 124 21.11 20.71 -31.45
CA SER C 124 21.08 19.86 -30.26
C SER C 124 19.69 19.85 -29.64
N ILE C 125 19.04 21.02 -29.60
CA ILE C 125 17.65 21.11 -29.15
C ILE C 125 16.75 20.26 -30.05
N GLU C 126 16.96 20.36 -31.37
CA GLU C 126 16.12 19.62 -32.33
C GLU C 126 16.25 18.11 -32.15
N VAL C 127 17.48 17.62 -31.96
CA VAL C 127 17.65 16.18 -31.86
C VAL C 127 17.18 15.66 -30.50
N GLN C 128 17.46 16.41 -29.42
CA GLN C 128 17.12 15.90 -28.09
C GLN C 128 15.62 15.95 -27.83
N VAL C 129 14.95 17.06 -28.21
CA VAL C 129 13.50 17.12 -28.06
C VAL C 129 12.77 16.48 -29.22
N THR C 130 13.52 15.96 -30.21
CA THR C 130 12.99 15.22 -31.37
C THR C 130 12.01 16.06 -32.19
N ILE C 131 12.21 17.38 -32.21
CA ILE C 131 11.43 18.23 -33.11
C ILE C 131 11.86 18.00 -34.55
N GLY C 132 13.17 18.06 -34.80
CA GLY C 132 13.74 17.75 -36.10
C GLY C 132 13.25 18.60 -37.24
N PHE C 133 13.61 19.90 -37.24
CA PHE C 133 13.19 20.78 -38.33
C PHE C 133 13.79 20.35 -39.66
N GLY C 134 14.99 19.80 -39.66
CA GLY C 134 15.58 19.26 -40.86
C GLY C 134 16.41 20.22 -41.68
N GLY C 135 16.42 21.51 -41.34
CA GLY C 135 17.38 22.41 -41.93
C GLY C 135 18.81 22.03 -41.59
N ARG C 136 19.02 21.52 -40.39
CA ARG C 136 20.30 20.97 -39.96
C ARG C 136 20.07 19.50 -39.59
N MET C 137 20.66 18.60 -40.38
CA MET C 137 20.44 17.17 -40.21
C MET C 137 21.76 16.42 -40.31
N VAL C 138 21.82 15.27 -39.61
CA VAL C 138 23.00 14.42 -39.68
C VAL C 138 23.06 13.74 -41.03
N THR C 139 24.21 13.85 -41.70
CA THR C 139 24.47 13.11 -42.91
C THR C 139 25.38 11.92 -42.61
N GLU C 140 25.71 11.16 -43.65
CA GLU C 140 26.45 9.91 -43.51
C GLU C 140 27.96 10.09 -43.66
N GLU C 141 28.45 11.33 -43.56
CA GLU C 141 29.84 11.59 -43.89
C GLU C 141 30.79 11.12 -42.78
N CYS C 142 30.66 11.68 -41.58
CA CYS C 142 31.57 11.25 -40.53
C CYS C 142 30.83 10.40 -39.50
N PRO C 143 31.36 9.22 -39.18
CA PRO C 143 30.67 8.33 -38.22
C PRO C 143 30.65 8.86 -36.79
N LEU C 144 31.51 9.83 -36.45
CA LEU C 144 31.49 10.41 -35.12
C LEU C 144 30.18 11.16 -34.86
N ALA C 145 29.64 11.80 -35.90
CA ALA C 145 28.33 12.45 -35.78
C ALA C 145 27.24 11.41 -35.54
N ILE C 146 27.34 10.24 -36.17
CA ILE C 146 26.38 9.16 -35.95
C ILE C 146 26.46 8.67 -34.51
N LEU C 147 27.68 8.49 -34.00
CA LEU C 147 27.86 8.04 -32.61
C LEU C 147 27.31 9.07 -31.63
N ILE C 148 27.56 10.35 -31.88
CA ILE C 148 27.07 11.41 -31.00
C ILE C 148 25.54 11.50 -31.08
N LEU C 149 24.97 11.25 -32.26
CA LEU C 149 23.51 11.18 -32.41
C LEU C 149 22.93 10.06 -31.56
N ILE C 150 23.57 8.87 -31.60
CA ILE C 150 23.12 7.73 -30.79
C ILE C 150 23.20 8.08 -29.30
N VAL C 151 24.33 8.64 -28.87
CA VAL C 151 24.54 8.95 -27.46
C VAL C 151 23.55 9.99 -26.98
N GLN C 152 23.33 11.04 -27.79
CA GLN C 152 22.39 12.10 -27.41
C GLN C 152 20.97 11.58 -27.33
N ASN C 153 20.55 10.73 -28.28
CA ASN C 153 19.20 10.16 -28.22
C ASN C 153 19.03 9.28 -26.98
N ILE C 154 20.05 8.47 -26.67
CA ILE C 154 19.97 7.58 -25.52
C ILE C 154 19.87 8.38 -24.22
N VAL C 155 20.73 9.39 -24.05
CA VAL C 155 20.69 10.15 -22.81
C VAL C 155 19.49 11.08 -22.76
N GLY C 156 18.98 11.51 -23.91
CA GLY C 156 17.77 12.33 -23.91
C GLY C 156 16.56 11.55 -23.47
N LEU C 157 16.39 10.33 -24.01
CA LEU C 157 15.34 9.45 -23.52
C LEU C 157 15.55 9.11 -22.05
N MET C 158 16.80 8.94 -21.62
CA MET C 158 17.10 8.58 -20.25
C MET C 158 16.71 9.70 -19.27
N ILE C 159 17.14 10.93 -19.54
CA ILE C 159 16.86 12.01 -18.58
C ILE C 159 15.40 12.45 -18.69
N ASN C 160 14.80 12.34 -19.88
CA ASN C 160 13.36 12.58 -20.00
C ASN C 160 12.58 11.59 -19.17
N ALA C 161 12.99 10.32 -19.18
CA ALA C 161 12.36 9.31 -18.34
C ALA C 161 12.58 9.58 -16.86
N ILE C 162 13.79 10.01 -16.48
CA ILE C 162 14.08 10.27 -15.08
C ILE C 162 13.21 11.40 -14.55
N MET C 163 13.14 12.50 -15.29
CA MET C 163 12.28 13.62 -14.91
C MET C 163 10.81 13.22 -14.87
N LEU C 164 10.39 12.45 -15.88
CA LEU C 164 9.00 12.02 -15.99
C LEU C 164 8.59 11.19 -14.77
N GLY C 165 9.41 10.21 -14.40
CA GLY C 165 9.09 9.39 -13.24
C GLY C 165 9.15 10.15 -11.93
N CYS C 166 10.13 11.05 -11.80
CA CYS C 166 10.25 11.84 -10.57
C CYS C 166 9.02 12.71 -10.35
N ILE C 167 8.55 13.41 -11.39
CA ILE C 167 7.36 14.23 -11.16
C ILE C 167 6.06 13.46 -11.30
N PHE C 168 6.11 12.18 -11.70
CA PHE C 168 4.92 11.36 -11.53
C PHE C 168 4.76 10.94 -10.08
N MET C 169 5.88 10.64 -9.41
CA MET C 169 5.84 10.47 -7.96
C MET C 169 5.43 11.76 -7.27
N LYS C 170 5.93 12.90 -7.76
CA LYS C 170 5.61 14.18 -7.14
C LYS C 170 4.15 14.57 -7.35
N THR C 171 3.59 14.24 -8.52
CA THR C 171 2.17 14.51 -8.77
C THR C 171 1.27 13.67 -7.88
N ALA C 172 1.77 12.52 -7.42
CA ALA C 172 1.00 11.57 -6.62
C ALA C 172 1.17 11.78 -5.12
N GLN C 173 1.88 12.83 -4.70
CA GLN C 173 2.12 13.07 -3.28
C GLN C 173 0.81 13.44 -2.58
N ALA C 174 0.57 12.80 -1.43
CA ALA C 174 -0.65 12.97 -0.67
C ALA C 174 -0.46 13.83 0.56
N HIS C 175 0.66 14.57 0.65
CA HIS C 175 0.90 15.43 1.80
C HIS C 175 -0.06 16.62 1.82
N ARG C 176 -0.49 17.09 0.64
CA ARG C 176 -1.50 18.14 0.59
C ARG C 176 -2.89 17.61 0.92
N ARG C 177 -3.11 16.30 0.73
CA ARG C 177 -4.35 15.67 1.18
C ARG C 177 -4.38 15.51 2.70
N ALA C 178 -3.24 15.52 3.36
CA ALA C 178 -3.21 15.46 4.82
C ALA C 178 -3.54 16.80 5.46
N GLU C 179 -3.44 17.91 4.72
CA GLU C 179 -3.72 19.22 5.27
C GLU C 179 -5.20 19.51 5.39
N THR C 180 -6.04 18.80 4.65
CA THR C 180 -7.49 18.97 4.72
C THR C 180 -8.15 18.03 5.73
N LEU C 181 -7.35 17.30 6.51
CA LEU C 181 -7.84 16.55 7.65
C LEU C 181 -7.60 17.40 8.89
N ILE C 182 -8.68 17.85 9.52
CA ILE C 182 -8.57 18.80 10.62
C ILE C 182 -8.81 18.09 11.94
N PHE C 183 -8.10 18.55 12.96
CA PHE C 183 -8.33 18.15 14.34
C PHE C 183 -8.80 19.37 15.11
N SER C 184 -9.55 19.12 16.18
CA SER C 184 -9.97 20.22 17.05
C SER C 184 -8.76 20.85 17.72
N LYS C 185 -8.82 22.17 17.91
CA LYS C 185 -7.69 22.87 18.54
C LYS C 185 -7.57 22.50 20.01
N HIS C 186 -8.70 22.30 20.68
CA HIS C 186 -8.74 21.94 22.09
C HIS C 186 -9.24 20.51 22.22
N ALA C 187 -8.53 19.72 23.02
CA ALA C 187 -9.02 18.42 23.46
C ALA C 187 -9.66 18.57 24.83
N VAL C 188 -10.60 17.69 25.15
CA VAL C 188 -11.37 17.82 26.38
C VAL C 188 -11.33 16.53 27.17
N ILE C 189 -11.39 16.67 28.50
CA ILE C 189 -11.51 15.55 29.42
C ILE C 189 -12.86 15.67 30.10
N ALA C 190 -13.75 14.74 29.82
CA ALA C 190 -15.10 14.76 30.36
C ALA C 190 -15.49 13.38 30.84
N LEU C 191 -16.44 13.34 31.77
CA LEU C 191 -16.93 12.08 32.32
C LEU C 191 -17.90 11.45 31.33
N ARG C 192 -17.54 10.29 30.79
CA ARG C 192 -18.37 9.56 29.85
C ARG C 192 -18.59 8.15 30.39
N HIS C 193 -19.86 7.77 30.55
CA HIS C 193 -20.27 6.47 31.12
C HIS C 193 -19.66 6.24 32.50
N GLY C 194 -19.64 7.29 33.32
CA GLY C 194 -19.11 7.18 34.67
C GLY C 194 -17.61 7.04 34.75
N ARG C 195 -16.88 7.43 33.70
CA ARG C 195 -15.44 7.27 33.67
C ARG C 195 -14.83 8.40 32.85
N LEU C 196 -13.64 8.84 33.26
CA LEU C 196 -12.96 9.94 32.59
C LEU C 196 -12.50 9.52 31.19
N CYS C 197 -12.64 10.43 30.23
CA CYS C 197 -12.25 10.17 28.85
C CYS C 197 -11.57 11.40 28.27
N PHE C 198 -10.40 11.21 27.68
CA PHE C 198 -9.69 12.27 26.97
C PHE C 198 -10.21 12.30 25.55
N MET C 199 -10.93 13.37 25.19
CA MET C 199 -11.68 13.44 23.94
C MET C 199 -11.10 14.49 23.01
N LEU C 200 -11.08 14.16 21.71
CA LEU C 200 -10.75 15.11 20.65
C LEU C 200 -11.62 14.81 19.45
N ARG C 201 -11.75 15.79 18.56
CA ARG C 201 -12.56 15.65 17.35
C ARG C 201 -11.69 15.77 16.12
N VAL C 202 -11.85 14.83 15.18
CA VAL C 202 -11.15 14.84 13.90
C VAL C 202 -12.19 14.81 12.79
N GLY C 203 -11.98 15.63 11.75
CA GLY C 203 -12.90 15.69 10.64
C GLY C 203 -12.17 15.69 9.31
N ASP C 204 -12.94 15.44 8.25
CA ASP C 204 -12.44 15.44 6.88
C ASP C 204 -13.31 16.37 6.06
N LEU C 205 -12.66 17.25 5.28
CA LEU C 205 -13.38 18.29 4.54
C LEU C 205 -13.79 17.86 3.14
N ARG C 206 -13.18 16.81 2.59
CA ARG C 206 -13.40 16.43 1.21
C ARG C 206 -14.35 15.24 1.13
N LYS C 207 -15.02 15.13 -0.03
CA LYS C 207 -15.87 13.97 -0.30
C LYS C 207 -15.06 12.69 -0.46
N SER C 208 -13.78 12.81 -0.81
CA SER C 208 -12.94 11.62 -0.99
C SER C 208 -12.69 10.94 0.34
N MET C 209 -12.93 9.63 0.37
CA MET C 209 -12.71 8.85 1.58
C MET C 209 -11.21 8.63 1.81
N ILE C 210 -10.85 8.46 3.07
CA ILE C 210 -9.54 7.96 3.44
C ILE C 210 -9.72 6.49 3.83
N ILE C 211 -9.23 5.60 2.99
CA ILE C 211 -9.49 4.17 3.13
C ILE C 211 -8.57 3.61 4.21
N SER C 212 -9.14 2.76 5.08
CA SER C 212 -8.46 2.13 6.21
C SER C 212 -7.85 3.18 7.14
N ALA C 213 -8.71 4.05 7.64
CA ALA C 213 -8.29 5.15 8.50
C ALA C 213 -8.00 4.64 9.90
N THR C 214 -6.73 4.73 10.31
CA THR C 214 -6.29 4.30 11.62
C THR C 214 -5.75 5.49 12.40
N ILE C 215 -5.93 5.46 13.73
CA ILE C 215 -5.51 6.56 14.59
C ILE C 215 -4.65 5.99 15.72
N HIS C 216 -3.43 6.51 15.85
CA HIS C 216 -2.54 6.19 16.95
C HIS C 216 -2.39 7.44 17.82
N MET C 217 -2.53 7.26 19.13
CA MET C 217 -2.39 8.35 20.08
C MET C 217 -1.31 8.00 21.10
N GLN C 218 -0.47 8.99 21.42
CA GLN C 218 0.63 8.79 22.34
C GLN C 218 0.61 9.87 23.42
N VAL C 219 1.22 9.57 24.56
CA VAL C 219 1.49 10.54 25.60
C VAL C 219 3.00 10.75 25.63
N VAL C 220 3.45 11.89 25.10
CA VAL C 220 4.87 12.20 25.02
C VAL C 220 5.25 13.00 26.26
N ARG C 221 6.12 12.41 27.08
CA ARG C 221 6.40 12.96 28.40
C ARG C 221 7.73 12.38 28.90
N LYS C 222 8.50 13.21 29.59
CA LYS C 222 9.76 12.77 30.20
C LYS C 222 9.43 11.93 31.43
N THR C 223 9.70 10.62 31.35
CA THR C 223 9.35 9.67 32.39
C THR C 223 10.62 9.13 33.04
N THR C 224 10.58 8.98 34.36
CA THR C 224 11.70 8.44 35.12
C THR C 224 11.34 7.02 35.59
N SER C 225 12.18 6.06 35.23
CA SER C 225 11.99 4.68 35.65
C SER C 225 12.26 4.54 37.14
N PRO C 226 11.69 3.53 37.79
CA PRO C 226 12.03 3.26 39.20
C PRO C 226 13.50 2.94 39.43
N GLU C 227 14.22 2.46 38.42
CA GLU C 227 15.65 2.19 38.53
C GLU C 227 16.50 3.44 38.29
N GLY C 228 15.89 4.58 37.99
CA GLY C 228 16.63 5.80 37.74
C GLY C 228 16.89 6.11 36.28
N GLU C 229 16.25 5.40 35.35
CA GLU C 229 16.42 5.66 33.93
C GLU C 229 15.51 6.82 33.52
N VAL C 230 16.10 7.89 33.01
CA VAL C 230 15.38 9.09 32.61
C VAL C 230 15.40 9.19 31.10
N VAL C 231 14.22 9.14 30.49
CA VAL C 231 14.07 9.27 29.04
C VAL C 231 13.31 10.56 28.76
N PRO C 232 13.79 11.42 27.86
CA PRO C 232 13.24 12.78 27.74
C PRO C 232 11.93 12.87 26.96
N LEU C 233 11.78 12.03 25.94
CA LEU C 233 10.62 12.09 25.05
C LEU C 233 9.93 10.73 24.98
N HIS C 234 9.65 10.15 26.14
CA HIS C 234 9.06 8.82 26.20
C HIS C 234 7.62 8.85 25.68
N GLN C 235 7.36 8.07 24.63
CA GLN C 235 6.06 8.02 23.97
C GLN C 235 5.35 6.74 24.38
N VAL C 236 4.16 6.88 24.95
CA VAL C 236 3.37 5.74 25.42
C VAL C 236 2.11 5.69 24.57
N ASP C 237 1.96 4.64 23.77
CA ASP C 237 0.76 4.45 22.98
C ASP C 237 -0.46 4.26 23.88
N ILE C 238 -1.43 5.17 23.79
CA ILE C 238 -2.65 5.04 24.57
C ILE C 238 -3.73 4.47 23.67
N PRO C 239 -4.56 3.53 24.16
CA PRO C 239 -5.55 2.89 23.29
C PRO C 239 -6.74 3.82 23.02
N MET C 240 -7.05 3.99 21.75
CA MET C 240 -8.30 4.64 21.37
C MET C 240 -9.45 3.71 21.69
N GLU C 241 -10.49 4.23 22.35
CA GLU C 241 -11.62 3.40 22.74
C GLU C 241 -12.43 3.01 21.51
N ASN C 242 -12.60 1.71 21.30
CA ASN C 242 -13.28 1.21 20.13
C ASN C 242 -14.08 -0.02 20.52
N GLY C 243 -15.12 -0.30 19.73
CA GLY C 243 -15.94 -1.47 19.98
C GLY C 243 -15.21 -2.77 19.74
N VAL C 244 -14.33 -2.80 18.73
CA VAL C 244 -13.54 -3.99 18.44
C VAL C 244 -12.19 -3.98 19.16
N GLY C 245 -11.91 -2.97 19.96
CA GLY C 245 -10.66 -2.92 20.70
C GLY C 245 -9.43 -2.66 19.86
N GLY C 246 -9.60 -2.01 18.70
CA GLY C 246 -8.48 -1.72 17.83
C GLY C 246 -8.35 -0.25 17.51
N ASN C 247 -7.65 0.07 16.42
CA ASN C 247 -7.47 1.45 15.96
C ASN C 247 -7.88 1.52 14.50
N SER C 248 -9.17 1.74 14.26
CA SER C 248 -9.70 1.89 12.91
C SER C 248 -10.97 2.70 12.98
N ILE C 249 -11.03 3.78 12.18
CA ILE C 249 -12.18 4.68 12.18
C ILE C 249 -12.72 4.79 10.76
N PHE C 250 -14.01 5.08 10.66
CA PHE C 250 -14.68 5.33 9.39
C PHE C 250 -15.05 6.81 9.39
N LEU C 251 -14.26 7.63 8.71
CA LEU C 251 -14.32 9.08 8.83
C LEU C 251 -15.04 9.67 7.62
N VAL C 252 -16.33 9.90 7.75
CA VAL C 252 -17.10 10.70 6.79
C VAL C 252 -17.48 12.04 7.40
N ALA C 253 -18.20 12.02 8.49
CA ALA C 253 -18.54 13.14 9.37
C ALA C 253 -17.51 13.24 10.48
N PRO C 254 -17.28 14.46 11.00
CA PRO C 254 -16.33 14.61 12.12
C PRO C 254 -16.83 13.90 13.37
N LEU C 255 -16.06 12.91 13.81
CA LEU C 255 -16.42 12.08 14.95
C LEU C 255 -15.42 12.30 16.08
N ILE C 256 -15.91 12.15 17.30
CA ILE C 256 -15.09 12.42 18.49
C ILE C 256 -14.23 11.22 18.81
N ILE C 257 -12.92 11.41 18.77
CA ILE C 257 -11.96 10.37 19.16
C ILE C 257 -11.68 10.53 20.65
N TYR C 258 -11.88 9.46 21.41
CA TYR C 258 -11.69 9.56 22.84
C TYR C 258 -10.91 8.36 23.36
N HIS C 259 -10.06 8.61 24.36
CA HIS C 259 -9.30 7.59 25.05
C HIS C 259 -9.82 7.47 26.47
N VAL C 260 -10.20 6.26 26.86
CA VAL C 260 -10.78 6.04 28.18
C VAL C 260 -9.67 5.95 29.21
N ILE C 261 -9.72 6.82 30.21
CA ILE C 261 -8.74 6.83 31.29
C ILE C 261 -9.11 5.74 32.30
N ASP C 262 -8.52 4.57 32.14
CA ASP C 262 -8.76 3.43 33.02
C ASP C 262 -7.59 3.28 34.00
N ALA C 263 -7.57 2.16 34.73
CA ALA C 263 -6.61 1.96 35.80
C ALA C 263 -5.17 1.87 35.30
N ASN C 264 -4.96 1.39 34.09
CA ASN C 264 -3.63 1.33 33.49
C ASN C 264 -3.63 2.27 32.29
N SER C 265 -3.35 3.54 32.55
CA SER C 265 -3.29 4.60 31.55
C SER C 265 -2.30 5.65 32.01
N PRO C 266 -1.54 6.25 31.10
CA PRO C 266 -0.61 7.33 31.50
C PRO C 266 -1.28 8.54 32.14
N LEU C 267 -2.54 8.82 31.77
CA LEU C 267 -3.27 9.96 32.31
C LEU C 267 -4.12 9.59 33.52
N TYR C 268 -3.73 8.52 34.23
CA TYR C 268 -4.52 8.06 35.38
C TYR C 268 -4.47 9.05 36.53
N ASP C 269 -3.31 9.66 36.78
CA ASP C 269 -3.15 10.62 37.86
C ASP C 269 -3.19 12.06 37.37
N LEU C 270 -3.93 12.32 36.29
CA LEU C 270 -3.98 13.65 35.68
C LEU C 270 -5.05 14.48 36.37
N ALA C 271 -4.62 15.35 37.28
CA ALA C 271 -5.51 16.25 37.99
C ALA C 271 -5.93 17.41 37.09
N PRO C 272 -7.04 18.09 37.42
CA PRO C 272 -7.36 19.34 36.70
C PRO C 272 -6.31 20.41 36.84
N SER C 273 -5.59 20.46 37.96
CA SER C 273 -4.56 21.48 38.16
C SER C 273 -3.35 21.25 37.26
N ASP C 274 -3.15 20.04 36.75
CA ASP C 274 -2.03 19.75 35.88
C ASP C 274 -2.20 20.33 34.47
N LEU C 275 -3.38 20.84 34.13
CA LEU C 275 -3.62 21.37 32.80
C LEU C 275 -3.24 22.84 32.73
N HIS C 276 -1.93 23.08 32.74
CA HIS C 276 -1.36 24.41 32.55
C HIS C 276 -0.20 24.31 31.57
N HIS C 277 0.26 25.47 31.10
CA HIS C 277 1.17 25.53 29.95
C HIS C 277 2.52 24.89 30.25
N HIS C 278 3.12 25.21 31.39
CA HIS C 278 4.41 24.64 31.75
C HIS C 278 4.27 23.37 32.59
N GLN C 279 3.45 22.45 32.08
CA GLN C 279 3.37 21.08 32.59
C GLN C 279 3.93 20.15 31.54
N ASP C 280 4.78 19.22 31.97
CA ASP C 280 5.38 18.28 31.04
C ASP C 280 4.34 17.25 30.61
N LEU C 281 3.58 17.58 29.57
CA LEU C 281 2.55 16.68 29.06
C LEU C 281 2.20 17.11 27.64
N GLU C 282 2.28 16.17 26.70
CA GLU C 282 1.86 16.38 25.33
C GLU C 282 1.24 15.10 24.80
N ILE C 283 0.08 15.21 24.19
CA ILE C 283 -0.65 14.06 23.67
C ILE C 283 -0.75 14.23 22.16
N ILE C 284 0.03 13.46 21.42
CA ILE C 284 0.02 13.53 19.96
C ILE C 284 -0.97 12.52 19.43
N VAL C 285 -1.63 12.86 18.32
CA VAL C 285 -2.60 12.01 17.67
C VAL C 285 -2.19 11.86 16.21
N ILE C 286 -2.09 10.62 15.74
CA ILE C 286 -1.55 10.33 14.41
C ILE C 286 -2.64 9.61 13.62
N LEU C 287 -3.28 10.33 12.69
CA LEU C 287 -4.21 9.74 11.74
C LEU C 287 -3.45 9.22 10.52
N GLU C 288 -3.85 8.05 10.04
CA GLU C 288 -3.18 7.41 8.92
C GLU C 288 -4.20 6.71 8.04
N GLY C 289 -3.86 6.56 6.77
CA GLY C 289 -4.71 5.88 5.82
C GLY C 289 -4.31 6.23 4.40
N VAL C 290 -4.88 5.48 3.47
CA VAL C 290 -4.60 5.70 2.05
C VAL C 290 -5.71 6.55 1.46
N VAL C 291 -5.35 7.35 0.46
CA VAL C 291 -6.33 8.17 -0.24
C VAL C 291 -7.10 7.30 -1.22
N GLU C 292 -8.41 7.51 -1.29
CA GLU C 292 -9.24 6.77 -2.24
C GLU C 292 -8.86 7.08 -3.69
N THR C 293 -8.33 8.28 -3.94
CA THR C 293 -8.06 8.71 -5.30
C THR C 293 -6.73 8.14 -5.81
N THR C 294 -5.63 8.49 -5.14
CA THR C 294 -4.29 8.07 -5.58
C THR C 294 -3.89 6.69 -5.08
N GLY C 295 -4.58 6.15 -4.07
CA GLY C 295 -4.19 4.88 -3.50
C GLY C 295 -2.87 4.92 -2.76
N ILE C 296 -2.53 6.06 -2.16
CA ILE C 296 -1.23 6.27 -1.52
C ILE C 296 -1.46 6.62 -0.05
N THR C 297 -0.74 5.95 0.84
CA THR C 297 -0.88 6.17 2.27
C THR C 297 -0.43 7.58 2.65
N THR C 298 -1.27 8.28 3.38
CA THR C 298 -0.97 9.61 3.91
C THR C 298 -1.07 9.58 5.42
N GLN C 299 -0.47 10.57 6.06
CA GLN C 299 -0.48 10.67 7.52
C GLN C 299 -0.72 12.11 7.92
N ALA C 300 -1.74 12.33 8.74
CA ALA C 300 -1.99 13.62 9.37
C ALA C 300 -1.83 13.47 10.88
N ARG C 301 -1.38 14.56 11.51
CA ARG C 301 -1.10 14.49 12.93
C ARG C 301 -1.29 15.87 13.56
N THR C 302 -1.33 15.88 14.89
CA THR C 302 -1.48 17.10 15.69
C THR C 302 -0.99 16.78 17.09
N SER C 303 -1.03 17.79 17.96
CA SER C 303 -0.65 17.60 19.36
C SER C 303 -1.56 18.42 20.26
N TYR C 304 -1.54 18.05 21.53
CA TYR C 304 -2.30 18.74 22.57
C TYR C 304 -1.41 18.87 23.80
N LEU C 305 -0.99 20.10 24.09
CA LEU C 305 -0.28 20.36 25.33
C LEU C 305 -1.26 20.36 26.50
N ALA C 306 -0.73 20.50 27.72
CA ALA C 306 -1.58 20.42 28.90
C ALA C 306 -2.54 21.59 28.99
N ASP C 307 -2.11 22.79 28.57
CA ASP C 307 -3.01 23.94 28.56
C ASP C 307 -4.07 23.81 27.47
N GLU C 308 -3.73 23.15 26.35
CA GLU C 308 -4.68 22.94 25.27
C GLU C 308 -5.75 21.90 25.62
N ILE C 309 -5.55 21.13 26.69
CA ILE C 309 -6.55 20.17 27.14
C ILE C 309 -7.47 20.87 28.13
N LEU C 310 -8.77 20.82 27.86
CA LEU C 310 -9.77 21.46 28.69
C LEU C 310 -10.43 20.45 29.62
N TRP C 311 -10.74 20.89 30.83
CA TRP C 311 -11.36 20.03 31.84
C TRP C 311 -12.79 20.47 32.06
N GLY C 312 -13.69 19.50 32.24
CA GLY C 312 -15.09 19.81 32.48
C GLY C 312 -15.83 20.30 31.26
N GLN C 313 -15.33 20.00 30.07
CA GLN C 313 -15.98 20.40 28.82
C GLN C 313 -16.13 19.18 27.93
N ARG C 314 -17.11 19.24 27.03
CA ARG C 314 -17.29 18.22 26.01
C ARG C 314 -17.76 18.89 24.73
N PHE C 315 -17.49 18.24 23.61
CA PHE C 315 -17.80 18.82 22.31
C PHE C 315 -19.30 18.91 22.07
N VAL C 316 -19.72 20.00 21.43
CA VAL C 316 -21.11 20.23 21.10
C VAL C 316 -21.51 19.26 19.98
N PRO C 317 -22.79 18.90 19.85
CA PRO C 317 -23.20 18.08 18.70
C PRO C 317 -23.06 18.85 17.40
N ILE C 318 -22.40 18.22 16.43
CA ILE C 318 -22.05 18.88 15.18
C ILE C 318 -22.90 18.41 14.00
N VAL C 319 -23.53 17.24 14.09
CA VAL C 319 -24.31 16.68 12.99
C VAL C 319 -25.79 16.95 13.25
N ALA C 320 -26.51 17.34 12.20
CA ALA C 320 -27.95 17.52 12.27
C ALA C 320 -28.58 16.90 11.02
N GLU C 321 -29.85 16.52 11.17
CA GLU C 321 -30.62 15.94 10.06
C GLU C 321 -31.51 17.04 9.49
N GLU C 322 -31.11 17.58 8.34
CA GLU C 322 -31.79 18.69 7.70
C GLU C 322 -32.24 18.28 6.31
N ASP C 323 -33.57 18.31 6.09
CA ASP C 323 -34.18 18.12 4.76
C ASP C 323 -33.80 16.79 4.12
N GLY C 324 -33.88 15.72 4.90
CA GLY C 324 -33.65 14.39 4.37
C GLY C 324 -32.20 13.97 4.24
N ARG C 325 -31.26 14.79 4.73
CA ARG C 325 -29.85 14.44 4.73
C ARG C 325 -29.25 14.76 6.09
N TYR C 326 -28.15 14.09 6.40
CA TYR C 326 -27.35 14.41 7.57
C TYR C 326 -26.41 15.55 7.21
N SER C 327 -26.55 16.69 7.89
CA SER C 327 -25.76 17.87 7.62
C SER C 327 -24.77 18.10 8.74
N VAL C 328 -23.53 18.43 8.37
CA VAL C 328 -22.47 18.75 9.32
C VAL C 328 -22.20 20.24 9.24
N ASP C 329 -22.32 20.92 10.38
CA ASP C 329 -22.04 22.35 10.47
C ASP C 329 -20.63 22.52 11.00
N TYR C 330 -19.67 22.75 10.09
CA TYR C 330 -18.27 22.85 10.48
C TYR C 330 -17.94 24.13 11.23
N SER C 331 -18.87 25.08 11.32
CA SER C 331 -18.63 26.28 12.12
C SER C 331 -18.55 25.95 13.61
N LYS C 332 -19.22 24.88 14.03
CA LYS C 332 -19.18 24.39 15.41
C LYS C 332 -18.25 23.21 15.58
N PHE C 333 -17.12 23.20 14.86
CA PHE C 333 -16.23 22.03 14.87
C PHE C 333 -15.53 21.87 16.20
N GLY C 334 -15.11 22.96 16.82
CA GLY C 334 -14.34 22.87 18.05
C GLY C 334 -15.00 23.53 19.25
N ASN C 335 -16.30 23.77 19.17
CA ASN C 335 -17.02 24.39 20.28
C ASN C 335 -17.27 23.37 21.38
N THR C 336 -16.99 23.75 22.62
CA THR C 336 -17.17 22.89 23.77
C THR C 336 -18.10 23.57 24.78
N ILE C 337 -18.88 22.76 25.48
CA ILE C 337 -19.81 23.26 26.50
C ILE C 337 -19.30 22.81 27.86
N LYS C 338 -19.20 23.76 28.79
CA LYS C 338 -18.70 23.49 30.13
C LYS C 338 -19.69 22.62 30.88
N VAL C 339 -19.28 21.40 31.20
CA VAL C 339 -20.15 20.39 31.79
C VAL C 339 -19.70 20.10 33.22
N PRO C 340 -20.61 19.99 34.19
CA PRO C 340 -20.17 19.65 35.56
C PRO C 340 -19.66 18.23 35.67
N THR C 341 -18.34 18.11 35.80
CA THR C 341 -17.60 16.87 35.99
C THR C 341 -16.79 16.98 37.27
N PRO C 342 -16.49 15.86 37.95
CA PRO C 342 -15.71 15.94 39.19
C PRO C 342 -14.30 16.44 38.93
N LEU C 343 -13.90 17.48 39.66
CA LEU C 343 -12.59 18.10 39.50
C LEU C 343 -11.55 17.37 40.33
N CYS C 344 -11.33 16.11 39.97
CA CYS C 344 -10.31 15.27 40.58
C CYS C 344 -9.94 14.19 39.57
N THR C 345 -8.75 13.62 39.76
CA THR C 345 -8.23 12.68 38.77
C THR C 345 -8.94 11.32 38.88
N ALA C 346 -8.75 10.51 37.83
CA ALA C 346 -9.52 9.27 37.70
C ALA C 346 -9.12 8.23 38.74
N ARG C 347 -7.86 8.25 39.21
CA ARG C 347 -7.48 7.36 40.31
C ARG C 347 -8.26 7.70 41.57
N GLN C 348 -8.37 9.00 41.89
CA GLN C 348 -9.20 9.42 43.00
C GLN C 348 -10.66 9.08 42.77
N LEU C 349 -11.10 9.09 41.50
CA LEU C 349 -12.46 8.65 41.20
C LEU C 349 -12.66 7.17 41.52
N ASP C 350 -11.67 6.33 41.19
CA ASP C 350 -11.77 4.91 41.50
C ASP C 350 -11.76 4.66 43.00
N GLU C 351 -10.85 5.32 43.74
CA GLU C 351 -10.79 5.15 45.19
C GLU C 351 -12.07 5.65 45.85
N ASP C 352 -12.55 6.82 45.43
CA ASP C 352 -13.76 7.41 46.00
C ASP C 352 -14.99 6.59 45.66
N HIS C 353 -15.05 6.03 44.44
CA HIS C 353 -16.17 5.17 44.06
C HIS C 353 -16.17 3.88 44.86
N SER C 354 -14.98 3.31 45.12
CA SER C 354 -14.92 2.14 45.99
C SER C 354 -15.32 2.49 47.43
N LEU C 355 -15.01 3.71 47.87
CA LEU C 355 -15.50 4.17 49.17
C LEU C 355 -17.02 4.27 49.20
N LEU C 356 -17.61 4.82 48.12
CA LEU C 356 -19.07 4.96 48.06
C LEU C 356 -19.75 3.62 47.90
N GLU C 357 -19.16 2.71 47.13
CA GLU C 357 -19.73 1.39 46.94
C GLU C 357 -19.49 0.50 48.16
N PRO D 2 28.53 39.43 -36.14
CA PRO D 2 28.24 38.72 -34.89
C PRO D 2 29.50 38.17 -34.23
N LEU D 3 29.35 37.58 -33.04
CA LEU D 3 30.48 37.03 -32.33
C LEU D 3 30.97 35.74 -32.99
N ALA D 4 32.28 35.64 -33.17
CA ALA D 4 32.93 34.46 -33.72
C ALA D 4 34.00 33.98 -32.76
N PHE D 5 34.12 32.65 -32.63
CA PHE D 5 35.06 32.07 -31.67
C PHE D 5 36.50 32.34 -32.09
N CYS D 6 36.84 32.05 -33.34
CA CYS D 6 38.17 32.34 -33.87
C CYS D 6 38.27 33.74 -34.47
N GLY D 7 37.15 34.47 -34.57
CA GLY D 7 37.14 35.77 -35.20
C GLY D 7 36.96 35.68 -36.71
N THR D 8 36.46 36.76 -37.27
CA THR D 8 36.22 36.86 -38.72
C THR D 8 37.40 37.58 -39.35
N GLU D 9 38.41 36.81 -39.75
CA GLU D 9 39.61 37.34 -40.39
C GLU D 9 39.86 36.59 -41.69
N ASN D 10 40.08 37.34 -42.77
CA ASN D 10 40.35 36.80 -44.11
C ASN D 10 39.24 35.85 -44.56
N HIS D 11 38.00 36.34 -44.45
CA HIS D 11 36.78 35.57 -44.74
C HIS D 11 36.71 34.30 -43.91
N SER D 12 36.94 34.46 -42.60
CA SER D 12 36.90 33.38 -41.60
C SER D 12 37.87 32.25 -41.95
N ALA D 13 39.12 32.62 -42.25
CA ALA D 13 40.14 31.64 -42.60
C ALA D 13 40.69 30.91 -41.38
N ALA D 14 40.45 31.41 -40.18
CA ALA D 14 40.88 30.73 -38.96
C ALA D 14 40.04 29.50 -38.65
N TYR D 15 38.88 29.35 -39.28
CA TYR D 15 38.07 28.15 -39.16
C TYR D 15 38.49 27.07 -40.13
N ARG D 16 39.44 27.37 -41.03
CA ARG D 16 39.97 26.35 -41.94
C ARG D 16 40.83 25.37 -41.15
N VAL D 17 40.60 24.07 -41.38
CA VAL D 17 41.16 23.02 -40.55
C VAL D 17 42.00 22.02 -41.35
N ASP D 18 42.17 22.24 -42.66
CA ASP D 18 42.79 21.26 -43.54
C ASP D 18 44.26 21.00 -43.21
N GLN D 19 44.97 22.02 -42.72
CA GLN D 19 46.39 21.91 -42.41
C GLN D 19 46.67 20.92 -41.27
N GLY D 20 45.66 20.54 -40.52
CA GLY D 20 45.81 19.69 -39.36
C GLY D 20 44.91 20.20 -38.26
N VAL D 21 44.01 19.34 -37.78
CA VAL D 21 42.96 19.79 -36.88
C VAL D 21 43.53 20.08 -35.50
N LEU D 22 44.52 19.30 -35.05
CA LEU D 22 45.08 19.49 -33.72
C LEU D 22 46.05 20.67 -33.66
N ASN D 23 46.71 21.02 -34.78
CA ASN D 23 47.59 22.17 -34.81
C ASN D 23 46.90 23.45 -35.25
N ASN D 24 45.59 23.41 -35.50
CA ASN D 24 44.83 24.64 -35.63
C ASN D 24 44.65 25.24 -34.23
N GLY D 25 45.01 26.52 -34.08
CA GLY D 25 45.09 27.10 -32.75
C GLY D 25 43.76 27.22 -32.04
N CYS D 26 42.73 27.66 -32.74
CA CYS D 26 41.47 27.81 -32.03
C CYS D 26 40.70 26.49 -31.92
N PHE D 27 41.10 25.42 -32.61
CA PHE D 27 40.47 24.16 -32.29
C PHE D 27 40.98 23.58 -30.98
N VAL D 28 42.28 23.67 -30.71
CA VAL D 28 42.75 23.22 -29.39
C VAL D 28 42.28 24.18 -28.31
N ASP D 29 42.15 25.48 -28.65
CA ASP D 29 41.49 26.41 -27.74
C ASP D 29 40.03 26.04 -27.47
N ALA D 30 39.33 25.51 -28.48
CA ALA D 30 37.97 25.01 -28.27
C ALA D 30 37.94 23.70 -27.51
N LEU D 31 39.01 22.91 -27.67
CA LEU D 31 39.12 21.64 -26.97
C LEU D 31 39.27 21.95 -25.49
N ASN D 32 39.88 23.09 -25.19
CA ASN D 32 40.08 23.55 -23.82
C ASN D 32 38.76 23.80 -23.12
N VAL D 33 37.81 24.36 -23.86
CA VAL D 33 36.48 24.67 -23.34
C VAL D 33 35.74 23.41 -22.89
N VAL D 34 35.90 22.33 -23.65
CA VAL D 34 35.25 21.05 -23.39
C VAL D 34 35.15 20.61 -21.93
N PRO D 35 36.30 20.31 -21.29
CA PRO D 35 36.26 19.88 -19.87
C PRO D 35 35.50 20.82 -18.95
N HIS D 36 35.57 22.14 -19.17
CA HIS D 36 34.84 23.06 -18.31
C HIS D 36 33.33 22.92 -18.49
N VAL D 37 32.88 22.80 -19.75
CA VAL D 37 31.47 22.62 -20.04
C VAL D 37 30.97 21.29 -19.48
N PHE D 38 31.78 20.23 -19.62
CA PHE D 38 31.45 18.93 -19.06
C PHE D 38 31.32 18.99 -17.54
N LEU D 39 32.26 19.67 -16.89
CA LEU D 39 32.23 19.79 -15.43
C LEU D 39 30.99 20.53 -14.96
N LEU D 40 30.66 21.64 -15.63
CA LEU D 40 29.45 22.37 -15.29
C LEU D 40 28.21 21.50 -15.49
N PHE D 41 28.17 20.76 -16.60
CA PHE D 41 27.05 19.88 -16.95
C PHE D 41 26.81 18.82 -15.88
N ILE D 42 27.86 18.14 -15.42
CA ILE D 42 27.62 17.09 -14.43
C ILE D 42 27.39 17.71 -13.04
N THR D 43 28.20 18.70 -12.65
CA THR D 43 28.20 19.14 -11.27
C THR D 43 27.02 20.03 -10.92
N PHE D 44 26.47 20.78 -11.90
CA PHE D 44 25.39 21.70 -11.56
C PHE D 44 24.13 21.00 -11.04
N PRO D 45 23.58 19.94 -11.68
CA PRO D 45 22.40 19.29 -11.08
C PRO D 45 22.63 18.68 -9.69
N ILE D 46 23.83 18.17 -9.42
CA ILE D 46 24.12 17.62 -8.09
C ILE D 46 24.09 18.71 -7.02
N LEU D 47 24.78 19.82 -7.29
CA LEU D 47 24.81 20.94 -6.35
C LEU D 47 23.43 21.57 -6.19
N PHE D 48 22.70 21.71 -7.28
CA PHE D 48 21.37 22.31 -7.27
C PHE D 48 20.36 21.43 -6.53
N ILE D 49 20.48 20.11 -6.68
CA ILE D 49 19.64 19.18 -5.90
C ILE D 49 20.00 19.26 -4.42
N GLY D 50 21.30 19.26 -4.10
CA GLY D 50 21.72 19.35 -2.72
C GLY D 50 21.39 20.68 -2.06
N TRP D 51 21.26 21.75 -2.85
CA TRP D 51 20.90 23.07 -2.34
C TRP D 51 19.41 23.27 -2.15
N GLY D 52 18.58 22.29 -2.52
CA GLY D 52 17.14 22.40 -2.34
C GLY D 52 16.67 21.81 -1.02
N HIS D 61 19.41 20.19 9.63
CA HIS D 61 20.20 19.19 10.36
C HIS D 61 21.59 19.71 10.71
N HIS D 62 22.48 18.80 11.07
CA HIS D 62 23.86 19.15 11.38
C HIS D 62 24.74 17.95 11.01
N SER D 63 25.76 18.19 10.18
CA SER D 63 26.45 17.11 9.50
C SER D 63 27.73 16.63 10.16
N THR D 64 28.42 17.50 10.92
CA THR D 64 29.76 17.23 11.47
C THR D 64 30.70 16.68 10.39
N TRP D 65 30.92 17.56 9.43
CA TRP D 65 31.78 17.33 8.27
C TRP D 65 33.18 16.84 8.66
N LEU D 66 33.82 16.13 7.75
CA LEU D 66 35.22 15.79 7.88
C LEU D 66 35.97 16.44 6.72
N HIS D 67 37.29 16.30 6.74
CA HIS D 67 38.16 16.85 5.71
C HIS D 67 38.91 15.73 5.02
N PHE D 68 38.84 15.71 3.68
CA PHE D 68 39.59 14.76 2.89
C PHE D 68 41.08 15.07 2.98
N PRO D 69 41.94 14.08 2.73
CA PRO D 69 43.39 14.36 2.65
C PRO D 69 43.70 15.31 1.51
N GLY D 70 44.70 16.16 1.72
CA GLY D 70 45.02 17.18 0.74
C GLY D 70 44.01 18.29 0.64
N HIS D 71 43.24 18.52 1.72
CA HIS D 71 42.23 19.57 1.73
C HIS D 71 42.86 20.96 1.60
N ASN D 72 43.83 21.26 2.48
CA ASN D 72 44.52 22.55 2.43
C ASN D 72 45.29 22.71 1.13
N LEU D 73 45.93 21.63 0.67
CA LEU D 73 46.70 21.68 -0.56
C LEU D 73 45.83 22.00 -1.76
N ARG D 74 44.66 21.37 -1.87
CA ARG D 74 43.81 21.63 -3.02
C ARG D 74 43.11 22.99 -2.93
N TRP D 75 42.84 23.49 -1.72
CA TRP D 75 42.33 24.86 -1.61
C TRP D 75 43.38 25.87 -2.05
N ILE D 76 44.64 25.68 -1.63
CA ILE D 76 45.73 26.55 -2.07
C ILE D 76 45.91 26.46 -3.58
N LEU D 77 45.86 25.24 -4.13
CA LEU D 77 46.04 25.04 -5.56
C LEU D 77 44.93 25.71 -6.35
N THR D 78 43.69 25.66 -5.86
CA THR D 78 42.61 26.30 -6.59
C THR D 78 42.65 27.81 -6.46
N PHE D 79 43.15 28.34 -5.33
CA PHE D 79 43.37 29.79 -5.25
C PHE D 79 44.41 30.27 -6.26
N ILE D 80 45.52 29.53 -6.36
CA ILE D 80 46.53 29.83 -7.37
C ILE D 80 45.96 29.68 -8.77
N LEU D 81 45.11 28.67 -8.97
CA LEU D 81 44.47 28.44 -10.26
C LEU D 81 43.56 29.60 -10.65
N LEU D 82 42.78 30.12 -9.69
CA LEU D 82 41.92 31.27 -9.96
C LEU D 82 42.73 32.50 -10.31
N PHE D 83 43.85 32.71 -9.61
CA PHE D 83 44.73 33.84 -9.95
C PHE D 83 45.29 33.72 -11.37
N VAL D 84 45.77 32.51 -11.72
CA VAL D 84 46.33 32.31 -13.05
C VAL D 84 45.26 32.43 -14.13
N LEU D 85 44.03 31.99 -13.84
CA LEU D 85 42.96 32.14 -14.82
C LEU D 85 42.53 33.59 -14.98
N VAL D 86 42.58 34.39 -13.91
CA VAL D 86 42.36 35.82 -14.04
C VAL D 86 43.43 36.45 -14.93
N CYS D 87 44.69 36.03 -14.74
CA CYS D 87 45.77 36.50 -15.61
C CYS D 87 45.55 36.08 -17.06
N GLU D 88 45.04 34.87 -17.27
CA GLU D 88 44.75 34.38 -18.62
C GLU D 88 43.64 35.21 -19.29
N ILE D 89 42.56 35.51 -18.55
CA ILE D 89 41.49 36.35 -19.06
C ILE D 89 42.02 37.74 -19.39
N ALA D 90 42.85 38.28 -18.51
CA ALA D 90 43.40 39.62 -18.68
C ALA D 90 44.28 39.71 -19.93
N GLU D 91 45.16 38.72 -20.13
CA GLU D 91 46.02 38.74 -21.30
C GLU D 91 45.24 38.45 -22.58
N GLY D 92 44.21 37.62 -22.51
CA GLY D 92 43.39 37.37 -23.69
C GLY D 92 42.60 38.60 -24.13
N ILE D 93 42.04 39.33 -23.16
CA ILE D 93 41.35 40.58 -23.50
C ILE D 93 42.35 41.62 -23.97
N LEU D 94 43.54 41.64 -23.37
CA LEU D 94 44.55 42.62 -23.71
C LEU D 94 45.14 42.39 -25.10
N SER D 95 45.19 41.13 -25.55
CA SER D 95 45.91 40.78 -26.77
C SER D 95 45.10 40.88 -28.04
N ASP D 96 43.80 41.16 -27.97
CA ASP D 96 42.99 41.34 -29.18
C ASP D 96 42.39 42.75 -29.24
N GLY D 97 43.05 43.71 -28.61
CA GLY D 97 42.62 45.10 -28.68
C GLY D 97 43.01 45.83 -29.94
N VAL D 98 43.66 45.15 -30.88
CA VAL D 98 44.11 45.75 -32.12
C VAL D 98 43.25 45.31 -33.30
N THR D 99 42.81 44.05 -33.32
CA THR D 99 42.02 43.53 -34.42
C THR D 99 40.58 44.04 -34.34
N GLU D 100 39.97 44.20 -35.51
CA GLU D 100 38.59 44.71 -35.56
C GLU D 100 37.59 43.68 -35.06
N SER D 101 37.82 42.40 -35.31
CA SER D 101 36.92 41.35 -34.89
C SER D 101 37.33 40.82 -33.52
N ARG D 102 36.34 40.53 -32.68
CA ARG D 102 36.60 40.04 -31.33
C ARG D 102 36.91 38.55 -31.37
N HIS D 103 38.11 38.18 -30.92
CA HIS D 103 38.52 36.79 -30.84
C HIS D 103 38.10 36.25 -29.48
N LEU D 104 36.98 35.51 -29.46
CA LEU D 104 36.47 35.00 -28.19
C LEU D 104 37.37 33.91 -27.61
N HIS D 105 38.09 33.18 -28.47
CA HIS D 105 38.90 32.05 -28.01
C HIS D 105 40.09 32.46 -27.15
N LEU D 106 40.42 33.74 -27.09
CA LEU D 106 41.52 34.20 -26.25
C LEU D 106 41.14 34.26 -24.77
N TYR D 107 39.89 34.58 -24.44
CA TYR D 107 39.53 34.80 -23.05
C TYR D 107 38.32 33.99 -22.58
N MET D 108 37.39 33.69 -23.49
CA MET D 108 36.22 32.90 -23.12
C MET D 108 36.53 31.48 -22.64
N PRO D 109 37.48 30.71 -23.23
CA PRO D 109 37.89 29.46 -22.56
C PRO D 109 38.44 29.66 -21.16
N ALA D 110 39.20 30.74 -20.94
CA ALA D 110 39.73 31.02 -19.61
C ALA D 110 38.63 31.46 -18.64
N GLY D 111 37.62 32.18 -19.15
CA GLY D 111 36.50 32.54 -18.30
C GLY D 111 35.67 31.34 -17.87
N MET D 112 35.41 30.43 -18.81
CA MET D 112 34.72 29.19 -18.44
C MET D 112 35.59 28.32 -17.54
N ALA D 113 36.91 28.40 -17.68
CA ALA D 113 37.80 27.71 -16.76
C ALA D 113 37.69 28.29 -15.36
N PHE D 114 37.57 29.61 -15.25
CA PHE D 114 37.40 30.26 -13.94
C PHE D 114 36.09 29.83 -13.28
N MET D 115 35.00 29.82 -14.07
CA MET D 115 33.71 29.36 -13.56
C MET D 115 33.77 27.89 -13.15
N ALA D 116 34.46 27.07 -13.95
CA ALA D 116 34.59 25.66 -13.62
C ALA D 116 35.44 25.44 -12.38
N ALA D 117 36.45 26.27 -12.15
CA ALA D 117 37.27 26.13 -10.95
C ALA D 117 36.48 26.48 -9.69
N ILE D 118 35.68 27.55 -9.75
CA ILE D 118 34.81 27.88 -8.62
C ILE D 118 33.79 26.79 -8.39
N THR D 119 33.21 26.26 -9.48
CA THR D 119 32.26 25.16 -9.39
C THR D 119 32.90 23.91 -8.79
N SER D 120 34.16 23.64 -9.16
CA SER D 120 34.88 22.50 -8.61
C SER D 120 35.12 22.66 -7.12
N VAL D 121 35.44 23.88 -6.68
CA VAL D 121 35.63 24.11 -5.24
C VAL D 121 34.33 23.89 -4.48
N VAL D 122 33.20 24.38 -5.02
CA VAL D 122 31.92 24.21 -4.34
C VAL D 122 31.49 22.75 -4.34
N TYR D 123 31.70 22.07 -5.47
CA TYR D 123 31.36 20.65 -5.59
C TYR D 123 32.19 19.79 -4.66
N TYR D 124 33.50 20.10 -4.53
CA TYR D 124 34.33 19.38 -3.58
C TYR D 124 33.89 19.64 -2.15
N HIS D 125 33.50 20.88 -1.84
CA HIS D 125 33.04 21.19 -0.48
C HIS D 125 31.78 20.40 -0.14
N ASN D 126 30.84 20.30 -1.09
CA ASN D 126 29.62 19.57 -0.81
C ASN D 126 29.84 18.06 -0.79
N ILE D 127 30.82 17.56 -1.55
CA ILE D 127 31.21 16.15 -1.43
C ILE D 127 31.81 15.88 -0.06
N GLU D 128 32.73 16.76 0.36
CA GLU D 128 33.49 16.58 1.60
C GLU D 128 32.58 16.67 2.82
N THR D 129 31.62 17.59 2.80
CA THR D 129 30.69 17.73 3.92
C THR D 129 29.77 16.52 4.04
N SER D 130 29.21 16.07 2.92
CA SER D 130 28.31 14.93 2.94
C SER D 130 29.04 13.59 3.05
N ASN D 131 30.37 13.61 2.91
CA ASN D 131 31.23 12.41 3.02
C ASN D 131 30.79 11.32 2.05
N PHE D 132 30.70 11.68 0.78
CA PHE D 132 30.42 10.72 -0.29
C PHE D 132 31.53 10.86 -1.32
N PRO D 133 32.68 10.24 -1.07
CA PRO D 133 33.84 10.42 -1.96
C PRO D 133 33.66 9.84 -3.35
N LYS D 134 32.67 8.97 -3.57
CA LYS D 134 32.43 8.41 -4.89
C LYS D 134 31.96 9.44 -5.91
N LEU D 135 31.57 10.64 -5.47
CA LEU D 135 31.27 11.73 -6.40
C LEU D 135 32.51 12.48 -6.84
N LEU D 136 33.68 12.16 -6.29
CA LEU D 136 34.94 12.75 -6.74
C LEU D 136 35.43 12.16 -8.06
N ILE D 137 34.72 11.16 -8.60
CA ILE D 137 35.01 10.66 -9.94
C ILE D 137 34.83 11.76 -10.97
N ALA D 138 33.83 12.62 -10.77
CA ALA D 138 33.62 13.75 -11.67
C ALA D 138 34.80 14.71 -11.63
N LEU D 139 35.34 14.99 -10.44
CA LEU D 139 36.51 15.84 -10.34
C LEU D 139 37.75 15.17 -10.95
N LEU D 140 37.89 13.86 -10.78
CA LEU D 140 39.01 13.14 -11.36
C LEU D 140 38.96 13.20 -12.89
N ILE D 141 37.78 12.98 -13.48
CA ILE D 141 37.61 13.07 -14.92
C ILE D 141 37.86 14.50 -15.40
N TYR D 142 37.39 15.50 -14.65
CA TYR D 142 37.59 16.88 -15.05
C TYR D 142 39.06 17.28 -15.03
N TRP D 143 39.79 16.89 -13.98
CA TRP D 143 41.21 17.22 -13.92
C TRP D 143 41.98 16.49 -15.01
N THR D 144 41.59 15.24 -15.30
CA THR D 144 42.22 14.50 -16.40
C THR D 144 42.01 15.20 -17.74
N LEU D 145 40.76 15.58 -18.04
CA LEU D 145 40.46 16.22 -19.31
C LEU D 145 41.11 17.60 -19.43
N ALA D 146 41.07 18.39 -18.36
CA ALA D 146 41.69 19.72 -18.39
C ALA D 146 43.20 19.61 -18.54
N PHE D 147 43.83 18.66 -17.84
CA PHE D 147 45.26 18.46 -17.95
C PHE D 147 45.65 18.01 -19.36
N ILE D 148 44.85 17.11 -19.95
CA ILE D 148 45.15 16.62 -21.30
C ILE D 148 45.03 17.74 -22.33
N THR D 149 43.95 18.53 -22.25
CA THR D 149 43.75 19.60 -23.24
C THR D 149 44.77 20.71 -23.06
N LYS D 150 45.13 21.04 -21.82
CA LYS D 150 46.17 22.04 -21.58
C LYS D 150 47.54 21.54 -22.04
N THR D 151 47.80 20.23 -21.90
CA THR D 151 49.04 19.66 -22.41
C THR D 151 49.08 19.72 -23.93
N ILE D 152 47.94 19.49 -24.59
CA ILE D 152 47.89 19.61 -26.04
C ILE D 152 48.17 21.05 -26.47
N LYS D 153 47.58 22.02 -25.75
CA LYS D 153 47.84 23.43 -26.05
C LYS D 153 49.31 23.80 -25.85
N PHE D 154 49.91 23.31 -24.76
CA PHE D 154 51.33 23.60 -24.48
C PHE D 154 52.25 22.96 -25.51
N VAL D 155 51.95 21.72 -25.91
CA VAL D 155 52.80 21.02 -26.88
C VAL D 155 52.68 21.67 -28.26
N LYS D 156 51.47 22.06 -28.66
CA LYS D 156 51.32 22.74 -29.95
C LYS D 156 51.94 24.13 -29.93
N PHE D 157 51.91 24.81 -28.77
CA PHE D 157 52.64 26.08 -28.64
C PHE D 157 54.13 25.86 -28.82
N TYR D 158 54.69 24.82 -28.20
CA TYR D 158 56.11 24.53 -28.35
C TYR D 158 56.44 24.14 -29.79
N ASP D 159 55.53 23.44 -30.47
CA ASP D 159 55.74 23.09 -31.87
C ASP D 159 55.63 24.30 -32.79
N HIS D 160 54.93 25.34 -32.38
CA HIS D 160 54.77 26.55 -33.20
C HIS D 160 55.67 27.69 -32.72
N ALA D 161 56.82 27.35 -32.12
CA ALA D 161 57.88 28.28 -31.74
C ALA D 161 57.41 29.34 -30.75
N ILE D 162 56.44 29.01 -29.89
CA ILE D 162 56.04 29.91 -28.81
C ILE D 162 57.00 29.69 -27.65
N GLY D 163 57.72 30.74 -27.26
CA GLY D 163 58.66 30.68 -26.17
C GLY D 163 58.17 31.36 -24.91
N PHE D 164 59.08 31.53 -23.97
CA PHE D 164 58.76 32.17 -22.69
C PHE D 164 58.68 33.69 -22.80
N SER D 165 59.05 34.27 -23.94
CA SER D 165 58.88 35.71 -24.14
C SER D 165 57.42 36.11 -24.15
N GLN D 166 56.55 35.25 -24.68
CA GLN D 166 55.12 35.50 -24.73
C GLN D 166 54.47 34.96 -23.46
N LEU D 167 53.63 35.79 -22.83
CA LEU D 167 53.10 35.46 -21.50
C LEU D 167 52.16 34.27 -21.53
N ARG D 168 51.36 34.13 -22.60
CA ARG D 168 50.35 33.09 -22.70
C ARG D 168 50.96 31.69 -22.61
N PHE D 169 52.18 31.53 -23.14
CA PHE D 169 52.91 30.28 -22.99
C PHE D 169 53.21 29.98 -21.52
N CYS D 170 53.68 30.99 -20.79
CA CYS D 170 54.00 30.81 -19.37
C CYS D 170 52.74 30.51 -18.57
N LEU D 171 51.64 31.20 -18.87
CA LEU D 171 50.40 30.99 -18.15
C LEU D 171 49.81 29.61 -18.44
N THR D 172 49.88 29.15 -19.69
CA THR D 172 49.35 27.82 -19.98
C THR D 172 50.27 26.72 -19.45
N GLY D 173 51.57 26.98 -19.31
CA GLY D 173 52.43 26.05 -18.62
C GLY D 173 52.10 25.96 -17.13
N LEU D 174 51.82 27.12 -16.52
CA LEU D 174 51.34 27.14 -15.13
C LEU D 174 50.01 26.39 -15.01
N LEU D 175 49.14 26.51 -16.01
CA LEU D 175 47.87 25.79 -15.98
C LEU D 175 48.08 24.28 -16.10
N VAL D 176 49.03 23.86 -16.94
CA VAL D 176 49.37 22.44 -17.05
C VAL D 176 49.87 21.91 -15.71
N ILE D 177 50.77 22.66 -15.07
CA ILE D 177 51.34 22.24 -13.78
C ILE D 177 50.25 22.19 -12.71
N LEU D 178 49.37 23.21 -12.67
CA LEU D 178 48.34 23.26 -11.65
C LEU D 178 47.30 22.16 -11.83
N TYR D 179 46.89 21.89 -13.08
CA TYR D 179 45.95 20.81 -13.33
C TYR D 179 46.56 19.45 -13.00
N GLY D 180 47.86 19.27 -13.29
CA GLY D 180 48.54 18.06 -12.87
C GLY D 180 48.59 17.90 -11.36
N MET D 181 48.86 19.00 -10.65
CA MET D 181 48.90 18.94 -9.19
C MET D 181 47.53 18.61 -8.60
N LEU D 182 46.47 19.21 -9.14
CA LEU D 182 45.13 18.92 -8.64
C LEU D 182 44.71 17.48 -8.96
N LEU D 183 45.13 16.96 -10.13
CA LEU D 183 44.92 15.56 -10.45
C LEU D 183 45.65 14.66 -9.48
N LEU D 184 46.89 15.02 -9.11
CA LEU D 184 47.65 14.25 -8.13
C LEU D 184 46.96 14.29 -6.76
N VAL D 185 46.37 15.44 -6.40
CA VAL D 185 45.63 15.54 -5.14
C VAL D 185 44.42 14.61 -5.15
N GLU D 186 43.70 14.56 -6.27
CA GLU D 186 42.54 13.66 -6.37
C GLU D 186 42.95 12.20 -6.30
N VAL D 187 44.06 11.84 -6.97
CA VAL D 187 44.57 10.47 -6.90
C VAL D 187 45.05 10.14 -5.49
N ASN D 188 45.60 11.12 -4.77
CA ASN D 188 45.99 10.89 -3.38
C ASN D 188 44.76 10.68 -2.48
N VAL D 189 43.66 11.38 -2.79
CA VAL D 189 42.40 11.14 -2.07
C VAL D 189 41.92 9.72 -2.33
N ILE D 190 42.10 9.24 -3.57
CA ILE D 190 41.81 7.83 -3.88
C ILE D 190 42.68 6.91 -3.04
N ARG D 191 43.98 7.23 -2.95
CA ARG D 191 44.93 6.33 -2.30
C ARG D 191 44.71 6.24 -0.80
N VAL D 192 44.48 7.38 -0.13
CA VAL D 192 44.35 7.38 1.32
C VAL D 192 43.02 6.77 1.74
N ARG D 193 41.91 7.35 1.29
CA ARG D 193 40.58 6.81 1.52
C ARG D 193 40.15 6.07 0.26
N ARG D 194 40.04 4.75 0.37
CA ARG D 194 39.89 3.89 -0.81
C ARG D 194 38.42 3.74 -1.17
N TYR D 195 37.84 4.83 -1.68
CA TYR D 195 36.45 4.81 -2.09
C TYR D 195 36.23 4.12 -3.43
N ILE D 196 37.29 3.83 -4.18
CA ILE D 196 37.21 3.14 -5.46
C ILE D 196 38.36 2.15 -5.58
N PHE D 197 38.11 1.08 -6.34
CA PHE D 197 39.08 0.05 -6.77
C PHE D 197 39.55 -0.87 -5.65
N PHE D 198 39.18 -0.59 -4.41
CA PHE D 198 39.56 -1.41 -3.27
C PHE D 198 38.31 -2.03 -2.65
N LYS D 199 38.48 -3.25 -2.14
CA LYS D 199 37.33 -4.04 -1.70
C LYS D 199 36.63 -3.41 -0.49
N THR D 200 37.39 -2.92 0.47
CA THR D 200 36.84 -2.28 1.66
C THR D 200 37.38 -0.85 1.76
N PRO D 201 36.54 0.17 1.67
CA PRO D 201 37.02 1.54 1.90
C PRO D 201 37.43 1.74 3.36
N ARG D 202 38.41 2.64 3.54
CA ARG D 202 38.87 2.99 4.88
C ARG D 202 37.91 4.01 5.48
N LYS D 203 37.14 3.60 6.47
CA LYS D 203 36.17 4.49 7.10
C LYS D 203 36.89 5.48 8.00
N VAL D 204 36.54 6.76 7.86
CA VAL D 204 37.11 7.83 8.66
C VAL D 204 35.97 8.55 9.38
N LYS D 205 36.10 8.69 10.69
CA LYS D 205 35.13 9.41 11.50
C LYS D 205 35.55 10.87 11.64
N PRO D 206 34.59 11.80 11.71
CA PRO D 206 34.92 13.21 11.96
C PRO D 206 35.55 13.38 13.34
N PRO D 207 36.27 14.49 13.57
CA PRO D 207 36.97 14.68 14.84
C PRO D 207 36.03 14.70 16.04
N GLU D 208 36.53 14.17 17.16
CA GLU D 208 35.70 13.95 18.34
C GLU D 208 35.28 15.26 19.00
N ASP D 209 36.09 16.31 18.88
CA ASP D 209 35.69 17.61 19.41
C ASP D 209 34.67 18.31 18.52
N LEU D 210 34.60 17.95 17.24
CA LEU D 210 33.58 18.52 16.37
C LEU D 210 32.21 17.91 16.63
N GLN D 211 32.15 16.63 16.99
CA GLN D 211 30.90 15.96 17.31
C GLN D 211 30.30 16.44 18.63
N ASP D 212 31.07 17.12 19.46
CA ASP D 212 30.60 17.60 20.75
C ASP D 212 29.60 18.72 20.55
N LEU D 213 28.34 18.47 20.90
CA LEU D 213 27.33 19.52 20.91
C LEU D 213 27.63 20.45 22.07
N GLY D 214 28.37 21.52 21.80
CA GLY D 214 28.86 22.37 22.86
C GLY D 214 30.22 22.94 22.53
N VAL D 215 30.81 22.50 21.43
CA VAL D 215 32.01 23.12 20.87
C VAL D 215 31.56 24.01 19.73
N ARG D 216 31.58 25.33 19.97
CA ARG D 216 31.09 26.30 19.00
C ARG D 216 32.17 27.23 18.49
N PHE D 217 33.43 27.02 18.89
CA PHE D 217 34.56 27.71 18.26
C PHE D 217 35.05 26.80 17.13
N LEU D 218 34.30 26.81 16.04
CA LEU D 218 34.59 25.90 14.92
C LEU D 218 35.53 26.53 13.90
N GLN D 219 36.63 27.08 14.38
CA GLN D 219 37.70 27.58 13.51
C GLN D 219 38.63 26.47 13.01
N PRO D 220 39.14 25.54 13.82
CA PRO D 220 40.03 24.51 13.25
C PRO D 220 39.34 23.48 12.36
N PHE D 221 38.01 23.45 12.34
CA PHE D 221 37.30 22.41 11.61
C PHE D 221 36.69 22.87 10.29
N VAL D 222 36.58 24.18 10.06
CA VAL D 222 36.04 24.69 8.81
C VAL D 222 37.12 24.67 7.74
N ASN D 223 36.73 24.89 6.48
CA ASN D 223 37.67 24.82 5.38
C ASN D 223 38.60 26.03 5.38
N LEU D 224 39.60 25.99 4.48
CA LEU D 224 40.66 26.99 4.46
C LEU D 224 40.14 28.37 4.12
N LEU D 225 39.20 28.47 3.17
CA LEU D 225 38.59 29.76 2.87
C LEU D 225 37.75 30.25 4.04
N SER D 226 37.04 29.35 4.71
CA SER D 226 36.29 29.72 5.91
C SER D 226 37.20 30.02 7.09
N LYS D 227 38.42 29.48 7.09
CA LYS D 227 39.39 29.85 8.11
C LYS D 227 39.96 31.25 7.85
N GLY D 228 40.24 31.57 6.58
CA GLY D 228 40.80 32.87 6.27
C GLY D 228 39.78 34.00 6.30
N THR D 229 38.54 33.72 5.93
CA THR D 229 37.49 34.73 5.91
C THR D 229 36.63 34.72 7.17
N TYR D 230 36.80 33.73 8.06
CA TYR D 230 36.05 33.60 9.31
C TYR D 230 34.54 33.55 9.05
N TRP D 231 34.16 32.75 8.05
CA TRP D 231 32.77 32.66 7.63
C TRP D 231 31.88 31.95 8.65
N TRP D 232 32.48 31.13 9.53
CA TRP D 232 31.70 30.44 10.55
C TRP D 232 31.19 31.40 11.63
N MET D 233 31.77 32.60 11.71
CA MET D 233 31.31 33.60 12.65
C MET D 233 30.02 34.29 12.21
N ASN D 234 29.57 34.06 10.97
CA ASN D 234 28.35 34.70 10.49
C ASN D 234 27.13 34.28 11.29
N ALA D 235 26.95 32.97 11.48
CA ALA D 235 25.83 32.47 12.26
C ALA D 235 25.91 32.90 13.72
N PHE D 236 27.12 32.87 14.29
CA PHE D 236 27.30 33.26 15.68
C PHE D 236 26.95 34.73 15.91
N ILE D 237 27.41 35.60 15.02
CA ILE D 237 27.17 37.04 15.20
C ILE D 237 25.71 37.38 14.89
N LYS D 238 25.12 36.72 13.88
CA LYS D 238 23.71 36.96 13.58
C LYS D 238 22.81 36.47 14.71
N THR D 239 23.18 35.36 15.36
CA THR D 239 22.46 34.93 16.55
C THR D 239 22.69 35.87 17.72
N ALA D 240 23.91 36.40 17.84
CA ALA D 240 24.24 37.34 18.91
C ALA D 240 23.44 38.64 18.78
N HIS D 241 23.07 39.02 17.56
CA HIS D 241 22.18 40.15 17.39
C HIS D 241 20.79 39.84 17.96
N LYS D 242 20.32 38.61 17.80
CA LYS D 242 18.99 38.24 18.29
C LYS D 242 18.96 38.17 19.82
N LYS D 243 19.92 37.48 20.41
CA LYS D 243 19.94 37.25 21.85
C LYS D 243 21.34 37.49 22.39
N PRO D 244 21.47 37.94 23.65
CA PRO D 244 22.80 38.23 24.19
C PRO D 244 23.67 36.99 24.35
N ILE D 245 24.97 37.20 24.24
CA ILE D 245 25.95 36.13 24.38
C ILE D 245 26.17 35.85 25.86
N ASP D 246 26.07 34.57 26.24
CA ASP D 246 26.38 34.13 27.59
C ASP D 246 27.46 33.06 27.55
N LEU D 247 27.71 32.44 28.71
CA LEU D 247 28.67 31.34 28.80
C LEU D 247 28.16 30.06 28.17
N ARG D 248 26.90 30.01 27.75
CA ARG D 248 26.33 28.86 27.05
C ARG D 248 26.36 29.02 25.54
N ALA D 249 26.04 30.22 25.03
CA ALA D 249 26.17 30.48 23.59
C ALA D 249 27.64 30.43 23.17
N ILE D 250 28.53 30.91 24.04
CA ILE D 250 29.94 30.59 23.89
C ILE D 250 30.14 29.14 24.29
N GLY D 251 30.72 28.35 23.38
CA GLY D 251 30.79 26.91 23.56
C GLY D 251 31.92 26.46 24.46
N LYS D 252 32.37 25.24 24.21
CA LYS D 252 33.50 24.65 24.92
C LYS D 252 34.73 24.71 24.04
N LEU D 253 35.90 24.76 24.67
CA LEU D 253 37.15 24.82 23.95
C LEU D 253 37.40 23.51 23.19
N PRO D 254 37.87 23.58 21.95
CA PRO D 254 38.33 22.37 21.26
C PRO D 254 39.56 21.78 21.95
N ILE D 255 39.75 20.48 21.75
CA ILE D 255 40.79 19.73 22.45
C ILE D 255 42.18 20.24 22.10
N ALA D 256 42.36 20.75 20.87
CA ALA D 256 43.65 21.31 20.47
C ALA D 256 44.01 22.54 21.32
N MET D 257 43.03 23.37 21.63
CA MET D 257 43.24 24.56 22.46
C MET D 257 42.54 24.35 23.80
N ARG D 258 43.22 23.67 24.71
CA ARG D 258 42.75 23.51 26.08
C ARG D 258 43.92 23.65 27.02
N ALA D 259 43.64 24.08 28.25
CA ALA D 259 44.70 24.33 29.22
C ALA D 259 45.41 23.02 29.59
N LEU D 260 44.65 21.93 29.71
CA LEU D 260 45.26 20.63 29.98
C LEU D 260 46.15 20.19 28.82
N THR D 261 45.68 20.36 27.58
CA THR D 261 46.44 19.92 26.42
C THR D 261 47.70 20.76 26.22
N ASN D 262 47.56 22.08 26.27
CA ASN D 262 48.71 22.97 26.11
C ASN D 262 49.69 22.81 27.26
N TYR D 263 49.16 22.58 28.47
CA TYR D 263 50.00 22.37 29.64
C TYR D 263 50.80 21.06 29.52
N GLN D 264 50.16 20.00 29.03
CA GLN D 264 50.89 18.74 28.82
C GLN D 264 51.94 18.87 27.73
N ARG D 265 51.63 19.62 26.66
CA ARG D 265 52.62 19.88 25.62
C ARG D 265 53.81 20.66 26.17
N LEU D 266 53.54 21.68 26.98
CA LEU D 266 54.61 22.45 27.61
C LEU D 266 55.41 21.60 28.59
N CYS D 267 54.76 20.67 29.28
CA CYS D 267 55.47 19.76 30.18
C CYS D 267 56.39 18.82 29.42
N VAL D 268 55.94 18.32 28.26
CA VAL D 268 56.79 17.49 27.42
C VAL D 268 58.00 18.28 26.94
N ALA D 269 57.78 19.53 26.52
CA ALA D 269 58.89 20.39 26.11
C ALA D 269 59.85 20.66 27.26
N PHE D 270 59.31 20.87 28.47
CA PHE D 270 60.15 21.14 29.64
C PHE D 270 60.98 19.92 30.02
N ASP D 271 60.39 18.72 29.93
CA ASP D 271 61.14 17.49 30.21
C ASP D 271 62.26 17.28 29.19
N ALA D 272 61.96 17.55 27.91
CA ALA D 272 62.98 17.42 26.87
C ALA D 272 64.11 18.42 27.09
N GLN D 273 63.78 19.64 27.56
CA GLN D 273 64.83 20.61 27.87
C GLN D 273 65.62 20.22 29.11
N ALA D 274 64.94 19.66 30.12
CA ALA D 274 65.60 19.33 31.38
C ALA D 274 66.54 18.13 31.22
N ARG D 275 66.27 17.25 30.27
CA ARG D 275 67.20 16.15 30.00
C ARG D 275 68.53 16.68 29.46
N LYS D 276 68.49 17.74 28.65
CA LYS D 276 69.70 18.22 27.99
C LYS D 276 70.61 18.96 28.97
N ASP D 277 70.13 20.03 29.59
CA ASP D 277 70.89 20.82 30.54
C ASP D 277 70.31 20.64 31.93
N THR D 278 71.16 20.24 32.88
CA THR D 278 70.74 19.95 34.24
C THR D 278 71.25 20.94 35.26
N GLN D 279 72.07 21.91 34.86
CA GLN D 279 72.58 22.91 35.80
C GLN D 279 71.46 23.80 36.31
N SER D 280 70.56 24.21 35.42
CA SER D 280 69.39 25.00 35.81
C SER D 280 68.25 24.61 34.88
N PRO D 281 67.41 23.64 35.29
CA PRO D 281 66.34 23.17 34.41
C PRO D 281 65.14 24.09 34.33
N GLN D 282 65.05 25.08 35.21
CA GLN D 282 63.91 26.01 35.21
C GLN D 282 64.39 27.45 35.14
N GLY D 283 65.54 27.69 34.52
CA GLY D 283 66.02 29.03 34.30
C GLY D 283 65.29 29.68 33.14
N ALA D 284 65.64 30.95 32.89
CA ALA D 284 64.99 31.72 31.84
C ALA D 284 65.26 31.12 30.45
N ARG D 285 66.50 30.67 30.23
CA ARG D 285 66.84 30.04 28.96
C ARG D 285 66.06 28.74 28.75
N ALA D 286 65.95 27.94 29.80
CA ALA D 286 65.21 26.68 29.70
C ALA D 286 63.72 26.93 29.43
N ILE D 287 63.14 27.94 30.08
CA ILE D 287 61.75 28.27 29.85
C ILE D 287 61.54 28.79 28.43
N TRP D 288 62.46 29.62 27.93
CA TRP D 288 62.35 30.13 26.57
C TRP D 288 62.45 29.00 25.55
N ARG D 289 63.38 28.07 25.76
CA ARG D 289 63.51 26.94 24.84
C ARG D 289 62.31 26.00 24.93
N ALA D 290 61.72 25.84 26.12
CA ALA D 290 60.50 25.05 26.25
C ALA D 290 59.33 25.70 25.53
N LEU D 291 59.20 27.03 25.64
CA LEU D 291 58.13 27.73 24.92
C LEU D 291 58.34 27.63 23.41
N CYS D 292 59.59 27.71 22.95
CA CYS D 292 59.88 27.52 21.54
C CYS D 292 59.50 26.12 21.08
N HIS D 293 59.91 25.10 21.84
CA HIS D 293 59.58 23.72 21.48
C HIS D 293 58.08 23.45 21.54
N ALA D 294 57.35 24.21 22.35
CA ALA D 294 55.91 24.00 22.47
C ALA D 294 55.13 24.69 21.36
N PHE D 295 55.50 25.93 20.97
CA PHE D 295 54.63 26.71 20.10
C PHE D 295 55.35 27.27 18.87
N GLY D 296 56.53 26.73 18.52
CA GLY D 296 57.33 27.36 17.47
C GLY D 296 56.81 27.16 16.07
N ARG D 297 56.21 25.99 15.79
CA ARG D 297 55.67 25.76 14.45
C ARG D 297 54.51 26.70 14.16
N ARG D 298 53.64 26.91 15.13
CA ARG D 298 52.56 27.86 14.93
C ARG D 298 53.05 29.30 14.92
N LEU D 299 54.09 29.61 15.71
CA LEU D 299 54.67 30.95 15.66
C LEU D 299 55.29 31.25 14.30
N ILE D 300 56.01 30.28 13.72
CA ILE D 300 56.58 30.51 12.39
C ILE D 300 55.52 30.43 11.29
N LEU D 301 54.39 29.75 11.53
CA LEU D 301 53.28 29.83 10.58
C LEU D 301 52.70 31.24 10.56
N SER D 302 52.48 31.83 11.74
CA SER D 302 52.02 33.21 11.82
C SER D 302 53.03 34.17 11.21
N SER D 303 54.33 33.91 11.46
CA SER D 303 55.37 34.75 10.87
C SER D 303 55.42 34.62 9.36
N THR D 304 55.17 33.41 8.83
CA THR D 304 55.15 33.21 7.39
C THR D 304 53.99 33.98 6.75
N PHE D 305 52.80 33.90 7.37
CA PHE D 305 51.66 34.69 6.88
C PHE D 305 51.96 36.19 6.95
N ARG D 306 52.59 36.62 8.04
CA ARG D 306 52.91 38.04 8.21
C ARG D 306 53.94 38.53 7.20
N ILE D 307 54.97 37.72 6.91
CA ILE D 307 55.99 38.09 5.94
C ILE D 307 55.41 38.11 4.53
N LEU D 308 54.56 37.12 4.20
CA LEU D 308 53.91 37.13 2.89
C LEU D 308 52.99 38.33 2.74
N ALA D 309 52.28 38.71 3.79
CA ALA D 309 51.45 39.90 3.76
C ALA D 309 52.31 41.17 3.62
N ASP D 310 53.45 41.22 4.30
CA ASP D 310 54.33 42.38 4.20
C ASP D 310 54.89 42.53 2.79
N LEU D 311 55.24 41.42 2.15
CA LEU D 311 55.74 41.47 0.78
C LEU D 311 54.63 41.82 -0.21
N LEU D 312 53.43 41.27 -0.01
CA LEU D 312 52.33 41.53 -0.93
C LEU D 312 51.70 42.90 -0.72
N GLY D 313 51.94 43.56 0.42
CA GLY D 313 51.43 44.89 0.64
C GLY D 313 52.10 45.95 -0.23
N PHE D 314 53.31 45.69 -0.69
CA PHE D 314 54.00 46.60 -1.58
C PHE D 314 53.49 46.54 -3.02
N ALA D 315 52.58 45.61 -3.32
CA ALA D 315 51.90 45.63 -4.61
C ALA D 315 51.00 46.84 -4.77
N GLY D 316 50.61 47.48 -3.67
CA GLY D 316 49.91 48.75 -3.70
C GLY D 316 50.68 49.85 -4.40
N PRO D 317 51.81 50.27 -3.81
CA PRO D 317 52.63 51.30 -4.46
C PRO D 317 53.17 50.91 -5.82
N LEU D 318 53.48 49.62 -6.05
CA LEU D 318 54.02 49.22 -7.35
C LEU D 318 52.95 49.27 -8.44
N CYS D 319 51.74 48.80 -8.14
CA CYS D 319 50.66 48.92 -9.11
C CYS D 319 50.24 50.36 -9.30
N ILE D 320 50.30 51.19 -8.25
CA ILE D 320 50.05 52.61 -8.39
C ILE D 320 51.07 53.25 -9.31
N PHE D 321 52.35 52.91 -9.13
CA PHE D 321 53.42 53.43 -9.97
C PHE D 321 53.21 53.04 -11.43
N GLY D 322 52.88 51.77 -11.66
CA GLY D 322 52.63 51.32 -13.02
C GLY D 322 51.41 51.95 -13.66
N ILE D 323 50.31 52.06 -12.91
CA ILE D 323 49.06 52.61 -13.44
C ILE D 323 49.23 54.09 -13.78
N VAL D 324 49.81 54.87 -12.87
CA VAL D 324 49.96 56.30 -13.13
C VAL D 324 51.07 56.54 -14.15
N ASP D 325 52.07 55.65 -14.23
CA ASP D 325 53.08 55.76 -15.26
C ASP D 325 52.49 55.51 -16.64
N HIS D 326 51.59 54.52 -16.76
CA HIS D 326 50.89 54.28 -18.02
C HIS D 326 49.95 55.42 -18.38
N LEU D 327 49.18 55.91 -17.39
CA LEU D 327 48.25 57.01 -17.64
C LEU D 327 48.96 58.33 -17.89
N GLY D 328 50.20 58.48 -17.42
CA GLY D 328 51.00 59.64 -17.73
C GLY D 328 51.69 59.60 -19.07
N LYS D 329 51.59 58.48 -19.79
CA LYS D 329 52.20 58.35 -21.11
C LYS D 329 51.29 58.99 -22.15
N GLU D 330 51.83 59.96 -22.89
CA GLU D 330 51.05 60.73 -23.85
C GLU D 330 50.99 60.01 -25.19
N ASN D 331 49.79 59.96 -25.77
CA ASN D 331 49.54 59.35 -27.09
C ASN D 331 50.01 57.89 -27.12
N HIS D 332 49.67 57.15 -26.06
CA HIS D 332 50.02 55.74 -25.99
C HIS D 332 49.28 54.94 -27.05
N VAL D 333 50.03 54.17 -27.84
CA VAL D 333 49.46 53.37 -28.91
C VAL D 333 49.91 51.95 -28.66
N PHE D 334 49.09 51.18 -27.94
CA PHE D 334 49.47 49.80 -27.65
C PHE D 334 49.21 48.91 -28.85
N GLN D 335 50.22 48.14 -29.22
CA GLN D 335 50.16 47.21 -30.33
C GLN D 335 51.19 46.11 -30.09
N PRO D 336 50.77 44.91 -29.68
CA PRO D 336 51.74 43.83 -29.41
C PRO D 336 52.47 43.40 -30.68
N LYS D 337 53.80 43.34 -30.59
CA LYS D 337 54.61 43.11 -31.78
C LYS D 337 54.52 41.66 -32.24
N THR D 338 54.53 40.71 -31.30
CA THR D 338 54.55 39.30 -31.65
C THR D 338 53.18 38.83 -32.11
N GLN D 339 53.14 38.16 -33.25
CA GLN D 339 51.91 37.55 -33.77
C GLN D 339 52.24 36.17 -34.30
N PHE D 340 51.50 35.17 -33.84
CA PHE D 340 51.69 33.78 -34.26
C PHE D 340 50.37 33.20 -34.71
N LEU D 341 50.37 32.52 -35.87
CA LEU D 341 49.19 31.91 -36.48
C LEU D 341 48.09 32.94 -36.76
N GLY D 342 48.46 34.18 -37.01
CA GLY D 342 47.47 35.24 -37.13
C GLY D 342 46.84 35.66 -35.83
N VAL D 343 47.38 35.20 -34.69
CA VAL D 343 46.85 35.51 -33.38
C VAL D 343 47.92 36.25 -32.60
N TYR D 344 47.57 37.41 -32.07
CA TYR D 344 48.54 38.22 -31.35
C TYR D 344 48.84 37.62 -29.98
N PHE D 345 50.09 37.81 -29.54
CA PHE D 345 50.55 37.34 -28.24
C PHE D 345 51.17 38.52 -27.51
N VAL D 346 50.67 38.81 -26.31
CA VAL D 346 51.18 39.90 -25.48
C VAL D 346 52.35 39.38 -24.65
N SER D 347 53.48 40.08 -24.72
CA SER D 347 54.65 39.70 -23.94
C SER D 347 54.47 40.10 -22.49
N SER D 348 55.34 39.55 -21.62
CA SER D 348 55.20 39.80 -20.19
C SER D 348 55.54 41.24 -19.82
N GLN D 349 56.43 41.89 -20.57
CA GLN D 349 56.80 43.26 -20.27
C GLN D 349 55.64 44.22 -20.54
N GLU D 350 54.98 44.06 -21.69
CA GLU D 350 53.84 44.91 -22.03
C GLU D 350 52.53 44.41 -21.44
N PHE D 351 52.52 43.21 -20.86
CA PHE D 351 51.35 42.80 -20.09
C PHE D 351 51.22 43.62 -18.82
N LEU D 352 52.31 43.73 -18.05
CA LEU D 352 52.30 44.46 -16.80
C LEU D 352 52.37 45.97 -16.98
N GLY D 353 52.42 46.46 -18.21
CA GLY D 353 52.35 47.87 -18.50
C GLY D 353 50.96 48.43 -18.72
N ASN D 354 49.93 47.61 -18.57
CA ASN D 354 48.55 48.05 -18.77
C ASN D 354 47.92 48.41 -17.44
N ALA D 355 47.17 49.52 -17.43
CA ALA D 355 46.60 50.03 -16.20
C ALA D 355 45.49 49.14 -15.66
N TYR D 356 44.67 48.57 -16.54
CA TYR D 356 43.54 47.75 -16.11
C TYR D 356 44.01 46.47 -15.42
N VAL D 357 44.99 45.79 -16.01
CA VAL D 357 45.45 44.53 -15.41
C VAL D 357 46.24 44.80 -14.14
N LEU D 358 46.90 45.97 -14.05
CA LEU D 358 47.55 46.33 -12.80
C LEU D 358 46.53 46.63 -11.72
N ALA D 359 45.39 47.24 -12.09
CA ALA D 359 44.30 47.45 -11.14
C ALA D 359 43.72 46.12 -10.66
N VAL D 360 43.52 45.18 -11.59
CA VAL D 360 42.96 43.87 -11.22
C VAL D 360 43.94 43.08 -10.36
N LEU D 361 45.23 43.10 -10.72
CA LEU D 361 46.24 42.44 -9.90
C LEU D 361 46.40 43.12 -8.55
N LEU D 362 46.21 44.44 -8.48
CA LEU D 362 46.21 45.13 -7.20
C LEU D 362 45.04 44.69 -6.33
N PHE D 363 43.85 44.54 -6.94
CA PHE D 363 42.68 44.07 -6.21
C PHE D 363 42.91 42.67 -5.67
N LEU D 364 43.43 41.76 -6.50
CA LEU D 364 43.69 40.40 -6.07
C LEU D 364 44.81 40.34 -5.03
N ALA D 365 45.85 41.17 -5.19
CA ALA D 365 46.97 41.17 -4.25
C ALA D 365 46.55 41.69 -2.90
N LEU D 366 45.71 42.73 -2.85
CA LEU D 366 45.19 43.21 -1.58
C LEU D 366 44.24 42.20 -0.95
N LEU D 367 43.42 41.54 -1.78
CA LEU D 367 42.48 40.54 -1.30
C LEU D 367 43.21 39.37 -0.65
N LEU D 368 44.32 38.95 -1.23
CA LEU D 368 45.14 37.89 -0.64
C LEU D 368 45.95 38.41 0.55
N GLN D 369 46.47 39.64 0.44
CA GLN D 369 47.41 40.17 1.42
C GLN D 369 46.73 40.45 2.76
N ARG D 370 45.55 41.07 2.72
CA ARG D 370 44.85 41.38 3.97
C ARG D 370 44.32 40.12 4.64
N THR D 371 43.94 39.11 3.84
CA THR D 371 43.58 37.81 4.39
C THR D 371 44.77 37.17 5.09
N PHE D 372 45.96 37.24 4.47
CA PHE D 372 47.16 36.70 5.09
C PHE D 372 47.52 37.45 6.38
N LEU D 373 47.34 38.78 6.38
CA LEU D 373 47.62 39.57 7.57
C LEU D 373 46.69 39.22 8.72
N GLN D 374 45.39 39.07 8.43
CA GLN D 374 44.44 38.67 9.45
C GLN D 374 44.69 37.24 9.92
N ALA D 375 45.12 36.35 9.02
CA ALA D 375 45.46 34.99 9.44
C ALA D 375 46.68 34.98 10.36
N SER D 376 47.69 35.79 10.05
CA SER D 376 48.85 35.92 10.93
C SER D 376 48.45 36.45 12.30
N TYR D 377 47.59 37.47 12.32
CA TYR D 377 47.08 38.01 13.57
C TYR D 377 46.37 36.94 14.38
N TYR D 378 45.48 36.17 13.73
CA TYR D 378 44.71 35.16 14.45
C TYR D 378 45.60 34.04 15.00
N VAL D 379 46.56 33.58 14.19
CA VAL D 379 47.43 32.50 14.66
C VAL D 379 48.27 32.97 15.85
N ALA D 380 48.81 34.19 15.78
CA ALA D 380 49.56 34.73 16.91
C ALA D 380 48.71 34.86 18.15
N ILE D 381 47.46 35.32 18.00
CA ILE D 381 46.57 35.48 19.15
C ILE D 381 46.22 34.12 19.75
N GLU D 382 45.91 33.13 18.91
CA GLU D 382 45.54 31.81 19.40
C GLU D 382 46.69 31.15 20.15
N THR D 383 47.92 31.28 19.63
CA THR D 383 49.05 30.70 20.34
C THR D 383 49.37 31.45 21.62
N GLY D 384 49.16 32.77 21.64
CA GLY D 384 49.30 33.49 22.89
C GLY D 384 48.32 33.03 23.95
N ILE D 385 47.07 32.78 23.54
CA ILE D 385 46.05 32.32 24.47
C ILE D 385 46.36 30.91 24.98
N ASN D 386 46.80 30.02 24.07
CA ASN D 386 47.21 28.68 24.48
C ASN D 386 48.40 28.73 25.44
N LEU D 387 49.36 29.60 25.16
CA LEU D 387 50.49 29.80 26.06
C LEU D 387 50.03 30.32 27.42
N ARG D 388 49.07 31.24 27.44
CA ARG D 388 48.56 31.76 28.71
C ARG D 388 47.90 30.65 29.52
N GLY D 389 47.11 29.79 28.87
CA GLY D 389 46.50 28.67 29.58
C GLY D 389 47.53 27.70 30.14
N ALA D 390 48.53 27.35 29.32
CA ALA D 390 49.57 26.42 29.77
C ALA D 390 50.39 27.01 30.90
N ILE D 391 50.72 28.31 30.81
CA ILE D 391 51.54 28.96 31.83
C ILE D 391 50.76 29.11 33.13
N GLN D 392 49.47 29.44 33.05
CA GLN D 392 48.65 29.52 34.25
C GLN D 392 48.52 28.15 34.93
N THR D 393 48.35 27.09 34.13
CA THR D 393 48.32 25.74 34.71
C THR D 393 49.65 25.38 35.35
N LYS D 394 50.77 25.79 34.72
CA LYS D 394 52.09 25.53 35.28
C LYS D 394 52.29 26.26 36.61
N ILE D 395 51.88 27.53 36.67
CA ILE D 395 51.99 28.31 37.90
C ILE D 395 51.14 27.69 39.00
N TYR D 396 49.92 27.27 38.67
CA TYR D 396 49.04 26.68 39.67
C TYR D 396 49.55 25.33 40.14
N ASN D 397 50.18 24.54 39.25
CA ASN D 397 50.78 23.29 39.67
C ASN D 397 52.00 23.53 40.55
N LYS D 398 52.71 24.64 40.32
CA LYS D 398 53.78 25.04 41.24
C LYS D 398 53.21 25.47 42.60
N ILE D 399 52.04 26.10 42.61
CA ILE D 399 51.41 26.55 43.85
C ILE D 399 51.07 25.36 44.74
N MET D 400 50.60 24.27 44.15
CA MET D 400 50.21 23.08 44.89
C MET D 400 51.38 22.37 45.56
N HIS D 401 52.62 22.71 45.22
CA HIS D 401 53.79 22.06 45.79
C HIS D 401 54.68 22.97 46.62
N LEU D 402 54.55 24.29 46.51
CA LEU D 402 55.47 25.18 47.21
C LEU D 402 55.24 25.14 48.71
N SER D 403 56.34 25.20 49.46
CA SER D 403 56.27 25.27 50.91
C SER D 403 55.72 26.61 51.34
N THR D 404 54.97 26.61 52.45
CA THR D 404 54.44 27.85 53.01
C THR D 404 55.46 28.58 53.87
N SER D 405 56.63 27.99 54.08
CA SER D 405 57.70 28.68 54.82
C SER D 405 58.19 29.91 54.07
N ASN D 406 58.35 29.81 52.74
CA ASN D 406 58.77 30.98 51.98
C ASN D 406 57.66 32.02 51.90
N LEU D 407 56.40 31.58 52.00
CA LEU D 407 55.29 32.52 52.18
C LEU D 407 55.41 33.24 53.52
N SER D 408 55.86 32.53 54.56
CA SER D 408 56.02 33.15 55.87
C SER D 408 57.17 34.14 55.88
N MET D 409 58.27 33.83 55.19
CA MET D 409 59.47 34.66 55.25
C MET D 409 59.30 36.01 54.55
N GLY D 410 58.35 36.12 53.64
CA GLY D 410 58.08 37.40 52.99
C GLY D 410 58.68 37.59 51.62
N GLU D 411 59.49 36.65 51.14
CA GLU D 411 60.00 36.75 49.78
C GLU D 411 58.90 36.53 48.75
N MET D 412 57.79 35.93 49.14
CA MET D 412 56.59 35.85 48.32
C MET D 412 55.39 36.27 49.15
N THR D 413 54.37 36.79 48.46
CA THR D 413 53.08 37.07 49.05
C THR D 413 52.00 36.47 48.15
N ALA D 414 50.75 36.59 48.59
CA ALA D 414 49.64 36.26 47.70
C ALA D 414 49.58 37.23 46.52
N GLY D 415 49.86 38.51 46.78
CA GLY D 415 49.84 39.50 45.72
C GLY D 415 50.90 39.30 44.65
N GLN D 416 52.06 38.77 45.04
CA GLN D 416 53.12 38.52 44.06
C GLN D 416 52.72 37.45 43.06
N ILE D 417 52.17 36.33 43.53
CA ILE D 417 51.70 35.30 42.61
C ILE D 417 50.48 35.78 41.84
N CYS D 418 49.63 36.59 42.50
CA CYS D 418 48.45 37.12 41.85
C CYS D 418 48.80 38.01 40.67
N ASN D 419 49.77 38.92 40.85
CA ASN D 419 50.18 39.73 39.71
C ASN D 419 51.09 38.97 38.76
N LEU D 420 51.76 37.90 39.22
CA LEU D 420 52.47 37.03 38.30
C LEU D 420 51.53 36.38 37.30
N VAL D 421 50.31 36.07 37.74
CA VAL D 421 49.31 35.62 36.78
C VAL D 421 48.69 36.80 36.03
N ALA D 422 48.44 37.90 36.74
CA ALA D 422 47.61 38.98 36.18
C ALA D 422 48.36 39.78 35.11
N ILE D 423 49.61 40.15 35.36
CA ILE D 423 50.32 41.04 34.45
C ILE D 423 51.50 40.35 33.79
N ASP D 424 52.13 39.38 34.47
CA ASP D 424 53.34 38.78 33.91
C ASP D 424 53.01 37.76 32.83
N THR D 425 52.08 36.84 33.13
CA THR D 425 51.59 35.92 32.12
C THR D 425 50.91 36.67 30.98
N ASN D 426 50.21 37.75 31.31
CA ASN D 426 49.59 38.58 30.28
C ASN D 426 50.63 39.27 29.40
N GLN D 427 51.74 39.71 29.99
CA GLN D 427 52.82 40.31 29.21
C GLN D 427 53.48 39.30 28.29
N LEU D 428 53.70 38.08 28.77
CA LEU D 428 54.26 37.03 27.92
C LEU D 428 53.30 36.68 26.78
N MET D 429 52.00 36.63 27.09
CA MET D 429 50.98 36.39 26.08
C MET D 429 50.96 37.49 25.02
N TRP D 430 51.05 38.75 25.46
CA TRP D 430 51.04 39.87 24.53
C TRP D 430 52.34 39.95 23.73
N PHE D 431 53.45 39.45 24.29
CA PHE D 431 54.67 39.31 23.50
C PHE D 431 54.49 38.27 22.40
N PHE D 432 53.88 37.13 22.74
CA PHE D 432 53.58 36.13 21.71
C PHE D 432 52.54 36.62 20.71
N PHE D 433 51.75 37.64 21.08
CA PHE D 433 50.90 38.31 20.10
C PHE D 433 51.74 39.08 19.08
N LEU D 434 52.76 39.81 19.56
CA LEU D 434 53.57 40.67 18.73
C LEU D 434 54.88 40.02 18.31
N CYS D 435 55.01 38.71 18.51
CA CYS D 435 56.24 38.00 18.14
C CYS D 435 56.57 37.98 16.65
N PRO D 436 55.63 37.75 15.71
CA PRO D 436 56.03 37.84 14.29
C PRO D 436 56.47 39.24 13.84
N ASN D 437 56.09 40.28 14.57
CA ASN D 437 56.55 41.63 14.24
C ASN D 437 58.06 41.76 14.36
N LEU D 438 58.69 40.93 15.20
CA LEU D 438 60.11 41.04 15.53
C LEU D 438 61.00 40.96 14.30
N TRP D 439 60.62 40.12 13.33
CA TRP D 439 61.31 40.09 12.05
C TRP D 439 60.45 40.55 10.89
N ALA D 440 59.14 40.73 11.10
CA ALA D 440 58.30 41.26 10.04
C ALA D 440 58.57 42.75 9.80
N MET D 441 58.64 43.52 10.90
CA MET D 441 58.92 44.95 10.76
C MET D 441 60.29 45.27 10.17
N PRO D 442 61.40 44.63 10.55
CA PRO D 442 62.66 44.88 9.80
C PRO D 442 62.57 44.55 8.32
N VAL D 443 61.91 43.45 7.96
CA VAL D 443 61.79 43.07 6.55
C VAL D 443 60.98 44.09 5.78
N GLN D 444 59.82 44.48 6.34
CA GLN D 444 58.95 45.44 5.67
C GLN D 444 59.61 46.80 5.56
N ILE D 445 60.28 47.25 6.62
CA ILE D 445 60.95 48.56 6.61
C ILE D 445 62.10 48.57 5.59
N ILE D 446 62.91 47.50 5.57
CA ILE D 446 64.04 47.44 4.65
C ILE D 446 63.57 47.41 3.20
N VAL D 447 62.58 46.56 2.90
CA VAL D 447 62.08 46.47 1.53
C VAL D 447 61.39 47.77 1.11
N GLY D 448 60.69 48.42 2.05
CA GLY D 448 60.06 49.69 1.74
C GLY D 448 61.07 50.80 1.46
N VAL D 449 62.17 50.84 2.21
CA VAL D 449 63.20 51.84 1.97
C VAL D 449 63.91 51.56 0.64
N ILE D 450 64.13 50.28 0.31
CA ILE D 450 64.74 49.94 -0.98
C ILE D 450 63.83 50.34 -2.14
N LEU D 451 62.54 50.06 -2.02
CA LEU D 451 61.58 50.47 -3.04
C LEU D 451 61.46 51.99 -3.12
N LEU D 452 61.57 52.68 -1.99
CA LEU D 452 61.60 54.15 -2.01
C LEU D 452 62.80 54.67 -2.77
N TYR D 453 63.98 54.06 -2.55
CA TYR D 453 65.18 54.46 -3.27
C TYR D 453 65.03 54.23 -4.77
N TYR D 454 64.48 53.08 -5.16
CA TYR D 454 64.37 52.80 -6.59
C TYR D 454 63.29 53.64 -7.26
N ILE D 455 62.20 53.91 -6.55
CA ILE D 455 61.12 54.70 -7.13
C ILE D 455 61.51 56.17 -7.23
N LEU D 456 62.02 56.76 -6.14
CA LEU D 456 62.27 58.20 -6.09
C LEU D 456 63.75 58.57 -6.09
N GLY D 457 64.54 57.99 -5.20
CA GLY D 457 65.97 58.28 -5.15
C GLY D 457 66.52 58.50 -3.75
N VAL D 458 67.60 59.28 -3.66
CA VAL D 458 68.21 59.60 -2.38
C VAL D 458 67.35 60.56 -1.56
N SER D 459 66.50 61.35 -2.23
CA SER D 459 65.54 62.17 -1.51
C SER D 459 64.56 61.31 -0.72
N ALA D 460 64.15 60.18 -1.30
CA ALA D 460 63.37 59.20 -0.56
C ALA D 460 64.15 58.60 0.59
N LEU D 461 65.49 58.49 0.46
CA LEU D 461 66.29 58.03 1.59
C LEU D 461 66.30 59.04 2.72
N ILE D 462 66.35 60.34 2.40
CA ILE D 462 66.27 61.38 3.43
C ILE D 462 64.90 61.35 4.12
N GLY D 463 63.84 61.28 3.32
CA GLY D 463 62.50 61.20 3.90
C GLY D 463 62.28 59.93 4.70
N ALA D 464 62.88 58.82 4.26
CA ALA D 464 62.76 57.56 4.98
C ALA D 464 63.54 57.61 6.29
N ALA D 465 64.69 58.29 6.31
CA ALA D 465 65.41 58.48 7.56
C ALA D 465 64.61 59.29 8.56
N VAL D 466 63.96 60.36 8.08
CA VAL D 466 63.17 61.20 8.98
C VAL D 466 61.93 60.45 9.48
N ILE D 467 61.30 59.63 8.62
CA ILE D 467 60.16 58.85 9.09
C ILE D 467 60.60 57.67 9.96
N ILE D 468 61.84 57.19 9.81
CA ILE D 468 62.39 56.16 10.69
C ILE D 468 62.67 56.74 12.07
N LEU D 469 63.00 58.04 12.13
CA LEU D 469 63.16 58.75 13.41
C LEU D 469 61.91 58.76 14.28
N LEU D 470 60.74 58.33 13.75
CA LEU D 470 59.54 58.24 14.56
C LEU D 470 59.67 57.20 15.66
N ALA D 471 60.32 56.07 15.36
CA ALA D 471 60.42 54.99 16.35
C ALA D 471 61.23 55.35 17.60
N PRO D 472 62.43 55.98 17.52
CA PRO D 472 63.10 56.34 18.79
C PRO D 472 62.37 57.41 19.58
N VAL D 473 61.78 58.41 18.92
CA VAL D 473 61.06 59.44 19.66
C VAL D 473 59.77 58.87 20.25
N GLN D 474 59.13 57.91 19.57
CA GLN D 474 57.97 57.24 20.15
C GLN D 474 58.38 56.39 21.36
N TYR D 475 59.56 55.76 21.30
CA TYR D 475 60.06 55.01 22.44
C TYR D 475 60.31 55.92 23.64
N PHE D 476 60.94 57.08 23.41
CA PHE D 476 61.20 58.04 24.48
C PHE D 476 59.90 58.57 25.08
N VAL D 477 58.95 58.94 24.22
CA VAL D 477 57.67 59.48 24.68
C VAL D 477 56.87 58.41 25.42
N ALA D 478 56.95 57.15 24.97
CA ALA D 478 56.26 56.07 25.65
C ALA D 478 56.86 55.82 27.04
N THR D 479 58.18 55.89 27.17
CA THR D 479 58.81 55.74 28.48
C THR D 479 58.38 56.84 29.44
N LYS D 480 58.42 58.10 28.96
CA LYS D 480 57.98 59.22 29.79
C LYS D 480 56.49 59.12 30.13
N LEU D 481 55.69 58.65 29.19
CA LEU D 481 54.26 58.45 29.40
C LEU D 481 54.00 57.41 30.47
N SER D 482 54.75 56.30 30.42
CA SER D 482 54.59 55.24 31.41
C SER D 482 54.96 55.71 32.81
N GLN D 483 56.06 56.46 32.95
CA GLN D 483 56.41 56.91 34.29
C GLN D 483 55.47 58.00 34.80
N ALA D 484 54.95 58.85 33.90
CA ALA D 484 53.95 59.83 34.32
C ALA D 484 52.69 59.14 34.82
N GLN D 485 52.24 58.09 34.11
CA GLN D 485 51.08 57.36 34.60
C GLN D 485 51.40 56.53 35.84
N ARG D 486 52.67 56.20 36.08
CA ARG D 486 53.03 55.59 37.36
C ARG D 486 52.85 56.56 38.53
N SER D 487 53.30 57.81 38.36
CA SER D 487 53.06 58.82 39.39
C SER D 487 51.56 59.06 39.57
N THR D 488 50.81 59.09 38.45
CA THR D 488 49.36 59.21 38.53
C THR D 488 48.74 58.03 39.27
N LEU D 489 49.30 56.83 39.07
CA LEU D 489 48.79 55.63 39.74
C LEU D 489 49.01 55.70 41.24
N GLU D 490 50.18 56.18 41.68
CA GLU D 490 50.43 56.32 43.12
C GLU D 490 49.46 57.33 43.75
N HIS D 491 49.30 58.49 43.10
CA HIS D 491 48.38 59.49 43.64
C HIS D 491 46.93 59.02 43.60
N SER D 492 46.55 58.25 42.58
CA SER D 492 45.20 57.72 42.50
C SER D 492 44.95 56.66 43.56
N ASN D 493 45.97 55.86 43.89
CA ASN D 493 45.81 54.90 44.98
C ASN D 493 45.61 55.60 46.31
N GLU D 494 46.37 56.69 46.56
CA GLU D 494 46.15 57.47 47.77
C GLU D 494 44.75 58.10 47.81
N ARG D 495 44.29 58.62 46.66
CA ARG D 495 42.96 59.21 46.59
C ARG D 495 41.87 58.17 46.82
N LEU D 496 42.03 56.96 46.26
CA LEU D 496 41.06 55.90 46.49
C LEU D 496 41.07 55.44 47.94
N LYS D 497 42.25 55.44 48.58
CA LYS D 497 42.33 55.15 50.01
C LYS D 497 41.53 56.15 50.83
N GLN D 498 41.71 57.45 50.56
CA GLN D 498 40.97 58.48 51.29
C GLN D 498 39.47 58.40 50.99
N THR D 499 39.10 58.15 49.73
CA THR D 499 37.69 58.04 49.35
C THR D 499 37.03 56.85 50.02
N ASN D 500 37.74 55.70 50.09
CA ASN D 500 37.19 54.53 50.74
C ASN D 500 36.99 54.76 52.24
N GLU D 501 37.96 55.41 52.89
CA GLU D 501 37.81 55.71 54.31
C GLU D 501 36.65 56.68 54.55
N MET D 502 36.53 57.70 53.69
CA MET D 502 35.43 58.66 53.81
C MET D 502 34.07 57.98 53.63
N LEU D 503 33.96 57.12 52.62
CA LEU D 503 32.70 56.45 52.35
C LEU D 503 32.34 55.45 53.43
N ARG D 504 33.33 54.80 54.04
CA ARG D 504 33.01 53.85 55.10
C ARG D 504 32.68 54.56 56.41
N GLY D 505 33.37 55.66 56.74
CA GLY D 505 33.03 56.44 57.91
C GLY D 505 32.00 57.52 57.66
N MET D 506 31.32 57.47 56.51
CA MET D 506 30.33 58.46 56.12
C MET D 506 29.22 58.64 57.14
N LYS D 507 28.83 57.59 57.87
CA LYS D 507 27.80 57.74 58.89
C LYS D 507 28.26 58.69 60.01
N LEU D 508 29.46 58.46 60.52
CA LEU D 508 30.03 59.33 61.54
C LEU D 508 30.26 60.74 60.99
N LEU D 509 30.66 60.84 59.72
CA LEU D 509 30.84 62.15 59.09
C LEU D 509 29.53 62.90 58.97
N LYS D 510 28.43 62.20 58.64
CA LYS D 510 27.10 62.82 58.64
C LYS D 510 26.73 63.27 60.03
N LEU D 511 27.07 62.47 61.04
CA LEU D 511 26.73 62.81 62.42
C LEU D 511 27.44 64.08 62.89
N TYR D 512 28.71 64.21 62.57
CA TYR D 512 29.50 65.35 63.06
C TYR D 512 29.58 66.51 62.07
N ALA D 513 28.87 66.43 60.94
CA ALA D 513 28.95 67.41 59.84
C ALA D 513 30.39 67.59 59.37
N TRP D 514 31.09 66.46 59.22
CA TRP D 514 32.51 66.44 58.88
C TRP D 514 32.74 66.08 57.42
N GLU D 515 31.87 66.56 56.52
CA GLU D 515 32.04 66.25 55.10
C GLU D 515 33.09 67.15 54.46
N SER D 516 32.84 68.47 54.46
CA SER D 516 33.62 69.40 53.64
C SER D 516 35.09 69.42 54.01
N ILE D 517 35.42 69.17 55.29
CA ILE D 517 36.81 69.06 55.71
C ILE D 517 37.46 67.81 55.09
N PHE D 518 36.71 66.72 54.94
CA PHE D 518 37.22 65.55 54.23
C PHE D 518 37.26 65.77 52.73
N CYS D 519 36.29 66.52 52.20
CA CYS D 519 36.28 66.88 50.79
C CYS D 519 37.50 67.68 50.42
N SER D 520 37.94 68.57 51.33
CA SER D 520 39.14 69.36 51.09
C SER D 520 40.38 68.48 50.96
N ARG D 521 40.50 67.45 51.81
CA ARG D 521 41.66 66.57 51.73
C ARG D 521 41.61 65.68 50.49
N VAL D 522 40.43 65.14 50.18
CA VAL D 522 40.28 64.31 48.98
C VAL D 522 40.53 65.15 47.73
N GLU D 523 40.10 66.41 47.74
CA GLU D 523 40.35 67.29 46.61
C GLU D 523 41.81 67.77 46.55
N VAL D 524 42.49 67.84 47.68
CA VAL D 524 43.93 68.13 47.66
C VAL D 524 44.69 66.98 46.99
N THR D 525 44.35 65.75 47.37
CA THR D 525 44.95 64.59 46.71
C THR D 525 44.57 64.55 45.23
N ARG D 526 43.33 64.93 44.92
CA ARG D 526 42.87 65.00 43.53
C ARG D 526 43.64 66.07 42.74
N ARG D 527 43.93 67.21 43.37
CA ARG D 527 44.68 68.26 42.70
C ARG D 527 46.12 67.84 42.42
N LYS D 528 46.75 67.14 43.37
CA LYS D 528 48.09 66.61 43.11
C LYS D 528 48.07 65.54 42.02
N GLU D 529 47.04 64.69 42.02
CA GLU D 529 46.87 63.73 40.94
C GLU D 529 46.65 64.42 39.61
N MET D 530 45.96 65.56 39.61
CA MET D 530 45.77 66.34 38.39
C MET D 530 47.08 66.96 37.91
N THR D 531 47.95 67.37 38.85
CA THR D 531 49.26 67.87 38.44
C THR D 531 50.08 66.78 37.78
N SER D 532 49.99 65.54 38.27
CA SER D 532 50.65 64.43 37.59
C SER D 532 49.99 64.12 36.23
N LEU D 533 48.66 64.12 36.20
CA LEU D 533 47.91 63.79 35.00
C LEU D 533 48.07 64.83 33.91
N ARG D 534 48.41 66.08 34.27
CA ARG D 534 48.71 67.08 33.27
C ARG D 534 49.96 66.72 32.47
N ALA D 535 51.02 66.27 33.14
CA ALA D 535 52.20 65.80 32.44
C ALA D 535 51.91 64.54 31.63
N PHE D 536 51.06 63.65 32.18
CA PHE D 536 50.64 62.47 31.43
C PHE D 536 49.93 62.85 30.13
N ALA D 537 49.00 63.81 30.20
CA ALA D 537 48.29 64.24 29.01
C ALA D 537 49.19 65.00 28.04
N VAL D 538 50.18 65.73 28.56
CA VAL D 538 51.16 66.41 27.70
C VAL D 538 51.94 65.39 26.88
N TYR D 539 52.40 64.32 27.51
CA TYR D 539 53.14 63.31 26.77
C TYR D 539 52.24 62.52 25.82
N THR D 540 50.96 62.31 26.18
CA THR D 540 50.02 61.71 25.24
C THR D 540 49.82 62.60 24.01
N SER D 541 49.70 63.91 24.22
CA SER D 541 49.56 64.85 23.10
C SER D 541 50.80 64.85 22.24
N ILE D 542 51.99 64.77 22.86
CA ILE D 542 53.23 64.73 22.09
C ILE D 542 53.29 63.46 21.25
N SER D 543 52.87 62.32 21.81
CA SER D 543 52.83 61.07 21.05
C SER D 543 51.90 61.17 19.84
N ILE D 544 50.69 61.72 20.06
CA ILE D 544 49.71 61.85 18.98
C ILE D 544 50.21 62.79 17.90
N PHE D 545 50.76 63.95 18.32
CA PHE D 545 51.26 64.93 17.37
C PHE D 545 52.44 64.38 16.55
N MET D 546 53.35 63.67 17.21
CA MET D 546 54.48 63.10 16.48
C MET D 546 54.02 62.04 15.50
N ASN D 547 53.09 61.18 15.91
CA ASN D 547 52.59 60.12 15.04
C ASN D 547 51.87 60.69 13.81
N THR D 548 51.12 61.77 14.00
CA THR D 548 50.35 62.34 12.90
C THR D 548 51.06 63.47 12.17
N ALA D 549 52.28 63.84 12.58
CA ALA D 549 53.00 64.93 11.94
C ALA D 549 54.34 64.55 11.33
N ILE D 550 54.99 63.48 11.82
CA ILE D 550 56.23 63.04 11.20
C ILE D 550 56.07 62.60 9.75
N PRO D 551 55.02 61.84 9.35
CA PRO D 551 54.85 61.58 7.90
C PRO D 551 54.67 62.82 7.05
N ILE D 552 53.99 63.86 7.56
CA ILE D 552 53.84 65.10 6.79
C ILE D 552 55.19 65.76 6.58
N ALA D 553 56.02 65.82 7.63
CA ALA D 553 57.35 66.39 7.51
C ALA D 553 58.22 65.58 6.57
N ALA D 554 58.11 64.24 6.61
CA ALA D 554 58.90 63.38 5.74
C ALA D 554 58.51 63.59 4.27
N VAL D 555 57.21 63.64 3.99
CA VAL D 555 56.74 63.88 2.62
C VAL D 555 57.19 65.25 2.13
N LEU D 556 57.06 66.26 3.00
CA LEU D 556 57.49 67.61 2.66
C LEU D 556 58.98 67.65 2.30
N ILE D 557 59.83 67.09 3.16
CA ILE D 557 61.26 67.20 2.93
C ILE D 557 61.68 66.38 1.72
N THR D 558 61.06 65.20 1.50
CA THR D 558 61.49 64.37 0.38
C THR D 558 61.10 65.01 -0.95
N PHE D 559 59.88 65.57 -1.07
CA PHE D 559 59.51 66.15 -2.35
C PHE D 559 60.20 67.49 -2.59
N VAL D 560 60.29 68.33 -1.55
CA VAL D 560 60.93 69.63 -1.71
C VAL D 560 62.42 69.48 -1.98
N GLY D 561 63.10 68.56 -1.27
CA GLY D 561 64.50 68.31 -1.55
C GLY D 561 64.73 67.70 -2.91
N HIS D 562 63.82 66.81 -3.35
CA HIS D 562 63.94 66.19 -4.67
C HIS D 562 63.83 67.22 -5.78
N VAL D 563 62.94 68.21 -5.63
CA VAL D 563 62.78 69.20 -6.68
C VAL D 563 63.71 70.42 -6.54
N SER D 564 64.28 70.66 -5.35
CA SER D 564 65.02 71.88 -5.12
C SER D 564 66.49 71.64 -4.79
N PHE D 565 66.78 70.75 -3.84
CA PHE D 565 68.17 70.55 -3.43
C PHE D 565 68.90 69.60 -4.36
N PHE D 566 68.38 68.38 -4.51
CA PHE D 566 69.07 67.37 -5.31
C PHE D 566 68.99 67.69 -6.80
N LYS D 567 67.88 68.27 -7.25
CA LYS D 567 67.62 68.59 -8.67
C LYS D 567 67.79 67.35 -9.56
N GLU D 568 67.19 66.25 -9.11
CA GLU D 568 67.23 64.96 -9.80
C GLU D 568 66.25 64.94 -10.96
N SER D 569 65.94 63.73 -11.46
CA SER D 569 64.89 63.56 -12.46
C SER D 569 63.59 64.20 -12.00
N ASP D 570 62.86 64.79 -12.94
CA ASP D 570 61.70 65.61 -12.62
C ASP D 570 60.61 64.78 -11.97
N LEU D 571 59.89 65.42 -11.03
CA LEU D 571 58.83 64.74 -10.30
C LEU D 571 57.68 64.40 -11.22
N SER D 572 57.16 63.18 -11.08
CA SER D 572 56.07 62.64 -11.87
C SER D 572 55.00 62.15 -10.92
N PRO D 573 53.73 62.14 -11.35
CA PRO D 573 52.68 61.62 -10.45
C PRO D 573 52.86 60.17 -10.06
N SER D 574 53.44 59.34 -10.95
CA SER D 574 53.66 57.94 -10.64
C SER D 574 54.63 57.78 -9.47
N VAL D 575 55.81 58.41 -9.56
CA VAL D 575 56.81 58.27 -8.51
C VAL D 575 56.36 58.94 -7.22
N ALA D 576 55.75 60.12 -7.32
CA ALA D 576 55.34 60.86 -6.13
C ALA D 576 54.24 60.13 -5.38
N PHE D 577 53.22 59.63 -6.08
CA PHE D 577 52.14 58.95 -5.38
C PHE D 577 52.54 57.54 -4.95
N ALA D 578 53.45 56.88 -5.68
CA ALA D 578 53.98 55.60 -5.19
C ALA D 578 54.79 55.80 -3.91
N SER D 579 55.58 56.87 -3.84
CA SER D 579 56.34 57.18 -2.63
C SER D 579 55.41 57.54 -1.48
N LEU D 580 54.34 58.29 -1.77
CA LEU D 580 53.36 58.62 -0.74
C LEU D 580 52.68 57.37 -0.19
N SER D 581 52.33 56.44 -1.08
CA SER D 581 51.77 55.17 -0.63
C SER D 581 52.77 54.36 0.18
N LEU D 582 54.06 54.41 -0.21
CA LEU D 582 55.10 53.73 0.55
C LEU D 582 55.25 54.29 1.95
N PHE D 583 55.17 55.62 2.08
CA PHE D 583 55.21 56.24 3.41
C PHE D 583 53.97 55.87 4.22
N HIS D 584 52.80 55.84 3.58
CA HIS D 584 51.58 55.42 4.26
C HIS D 584 51.64 53.96 4.71
N ILE D 585 52.39 53.13 3.99
CA ILE D 585 52.60 51.76 4.45
C ILE D 585 53.61 51.70 5.59
N LEU D 586 54.69 52.48 5.49
CA LEU D 586 55.78 52.39 6.46
C LEU D 586 55.48 53.07 7.79
N VAL D 587 54.48 53.94 7.86
CA VAL D 587 54.25 54.70 9.10
C VAL D 587 53.80 53.78 10.24
N THR D 588 52.90 52.82 9.96
CA THR D 588 52.34 52.00 11.03
C THR D 588 53.35 51.06 11.69
N PRO D 589 54.14 50.25 10.96
CA PRO D 589 55.14 49.42 11.67
C PRO D 589 56.19 50.22 12.41
N LEU D 590 56.57 51.40 11.89
CA LEU D 590 57.51 52.25 12.60
C LEU D 590 56.92 52.76 13.91
N PHE D 591 55.62 53.06 13.91
CA PHE D 591 54.97 53.51 15.14
C PHE D 591 54.83 52.37 16.15
N LEU D 592 54.53 51.15 15.68
CA LEU D 592 54.33 50.03 16.60
C LEU D 592 55.63 49.32 16.96
N LEU D 593 56.75 49.70 16.34
CA LEU D 593 58.04 49.07 16.64
C LEU D 593 58.47 49.31 18.08
N SER D 594 58.23 50.53 18.59
CA SER D 594 58.55 50.83 19.98
C SER D 594 57.73 49.99 20.94
N SER D 595 56.44 49.82 20.65
CA SER D 595 55.59 48.97 21.48
C SER D 595 56.06 47.52 21.45
N VAL D 596 56.49 47.04 20.28
CA VAL D 596 56.99 45.66 20.15
C VAL D 596 58.28 45.49 20.95
N VAL D 597 59.18 46.48 20.90
CA VAL D 597 60.43 46.40 21.66
C VAL D 597 60.18 46.42 23.16
N ARG D 598 59.27 47.30 23.62
CA ARG D 598 58.92 47.34 25.04
C ARG D 598 58.24 46.04 25.48
N SER D 599 57.43 45.45 24.60
CA SER D 599 56.80 44.17 24.90
C SER D 599 57.85 43.07 25.02
N THR D 600 58.87 43.09 24.17
CA THR D 600 59.94 42.09 24.26
C THR D 600 60.73 42.23 25.56
N VAL D 601 61.03 43.47 25.97
CA VAL D 601 61.75 43.69 27.22
C VAL D 601 60.91 43.24 28.41
N LYS D 602 59.61 43.59 28.41
CA LYS D 602 58.72 43.14 29.48
C LYS D 602 58.55 41.64 29.48
N ALA D 603 58.62 40.99 28.31
CA ALA D 603 58.57 39.54 28.23
C ALA D 603 59.80 38.90 28.86
N LEU D 604 60.97 39.47 28.60
CA LEU D 604 62.20 38.97 29.23
C LEU D 604 62.12 39.07 30.75
N VAL D 605 61.64 40.22 31.24
CA VAL D 605 61.50 40.41 32.69
C VAL D 605 60.45 39.44 33.26
N SER D 606 59.35 39.24 32.53
CA SER D 606 58.28 38.35 33.00
C SER D 606 58.74 36.90 33.04
N VAL D 607 59.51 36.46 32.04
CA VAL D 607 60.01 35.09 32.03
C VAL D 607 61.05 34.89 33.13
N GLN D 608 61.88 35.91 33.39
CA GLN D 608 62.81 35.83 34.52
C GLN D 608 62.08 35.72 35.86
N LYS D 609 61.03 36.53 36.04
CA LYS D 609 60.24 36.47 37.27
C LYS D 609 59.54 35.14 37.43
N LEU D 610 58.99 34.61 36.33
CA LEU D 610 58.32 33.32 36.36
C LEU D 610 59.30 32.18 36.64
N SER D 611 60.52 32.29 36.12
CA SER D 611 61.56 31.30 36.43
C SER D 611 61.95 31.35 37.90
N GLU D 612 62.06 32.56 38.47
CA GLU D 612 62.37 32.69 39.89
C GLU D 612 61.23 32.15 40.74
N PHE D 613 59.99 32.21 40.26
CA PHE D 613 58.88 31.59 40.99
C PHE D 613 58.92 30.07 40.89
N LEU D 614 59.19 29.55 39.68
CA LEU D 614 59.19 28.10 39.48
C LEU D 614 60.40 27.42 40.10
N SER D 615 61.46 28.16 40.41
CA SER D 615 62.67 27.59 40.99
C SER D 615 62.73 27.77 42.51
N SER D 616 61.58 27.83 43.17
CA SER D 616 61.52 28.09 44.60
C SER D 616 61.37 26.80 45.39
N ALA D 617 61.21 26.95 46.70
CA ALA D 617 61.14 25.80 47.60
C ALA D 617 59.81 25.06 47.44
N GLU D 618 59.87 23.74 47.66
CA GLU D 618 58.70 22.88 47.57
C GLU D 618 58.67 21.94 48.76
N ILE D 619 57.46 21.46 49.09
CA ILE D 619 57.31 20.46 50.13
C ILE D 619 57.85 19.13 49.63
N ARG D 620 58.30 18.30 50.56
CA ARG D 620 58.84 17.00 50.20
C ARG D 620 57.71 15.99 50.01
N GLU D 621 58.00 14.96 49.22
CA GLU D 621 57.02 13.91 48.94
C GLU D 621 57.10 12.80 49.99
N ASP D 675 49.28 0.06 64.54
CA ASP D 675 48.29 -0.93 64.94
C ASP D 675 46.93 -0.28 65.20
N ASN D 676 46.72 0.14 66.44
CA ASN D 676 45.48 0.81 66.84
C ASN D 676 45.63 2.31 66.91
N PHE D 677 46.71 2.87 66.35
CA PHE D 677 47.00 4.29 66.45
C PHE D 677 47.02 4.93 65.06
N CYS D 678 46.71 6.22 65.02
CA CYS D 678 46.53 6.94 63.77
C CYS D 678 47.84 7.47 63.20
N VAL D 679 48.54 8.31 63.96
CA VAL D 679 49.77 8.95 63.51
C VAL D 679 50.90 8.53 64.44
N GLN D 680 52.02 8.09 63.85
CA GLN D 680 53.19 7.69 64.61
C GLN D 680 54.41 8.44 64.11
N ILE D 681 55.16 9.04 65.03
CA ILE D 681 56.44 9.68 64.73
C ILE D 681 57.47 9.11 65.69
N ILE D 682 58.63 8.74 65.15
CA ILE D 682 59.73 8.17 65.94
C ILE D 682 60.94 9.06 65.72
N GLY D 683 61.25 9.91 66.70
CA GLY D 683 62.43 10.77 66.62
C GLY D 683 62.41 11.77 65.50
N GLY D 684 61.26 12.41 65.26
CA GLY D 684 61.14 13.30 64.12
C GLY D 684 61.84 14.63 64.38
N PHE D 685 62.53 15.11 63.35
CA PHE D 685 63.16 16.42 63.36
C PHE D 685 62.63 17.21 62.17
N PHE D 686 62.02 18.36 62.44
CA PHE D 686 61.39 19.17 61.42
C PHE D 686 61.85 20.62 61.57
N THR D 687 62.23 21.23 60.45
CA THR D 687 62.59 22.64 60.39
C THR D 687 61.68 23.35 59.41
N TRP D 688 61.28 24.58 59.75
CA TRP D 688 60.55 25.40 58.79
C TRP D 688 61.46 25.88 57.67
N THR D 689 62.64 26.40 58.03
CA THR D 689 63.63 26.77 57.05
C THR D 689 64.24 25.51 56.42
N PRO D 690 64.72 25.60 55.17
CA PRO D 690 65.27 24.39 54.53
C PRO D 690 66.50 23.81 55.22
N ASP D 691 67.39 24.65 55.74
CA ASP D 691 68.65 24.18 56.31
C ASP D 691 68.96 24.93 57.60
N GLY D 692 67.97 25.07 58.48
CA GLY D 692 68.12 25.80 59.72
C GLY D 692 68.05 24.92 60.95
N ILE D 693 67.92 25.58 62.09
CA ILE D 693 67.82 24.90 63.39
C ILE D 693 66.51 24.13 63.45
N PRO D 694 66.49 22.90 63.98
CA PRO D 694 65.23 22.16 64.12
C PRO D 694 64.24 22.83 65.06
N THR D 695 63.13 23.30 64.49
CA THR D 695 62.04 23.83 65.32
C THR D 695 61.37 22.72 66.11
N LEU D 696 61.34 21.50 65.56
CA LEU D 696 60.83 20.33 66.26
C LEU D 696 61.97 19.33 66.41
N SER D 697 62.21 18.89 67.65
CA SER D 697 63.31 17.99 67.95
C SER D 697 62.82 16.86 68.83
N ASN D 698 63.28 15.64 68.51
CA ASN D 698 62.94 14.41 69.24
C ASN D 698 61.43 14.20 69.36
N ILE D 699 60.74 14.36 68.24
CA ILE D 699 59.29 14.24 68.20
C ILE D 699 58.91 12.76 68.25
N THR D 700 58.18 12.37 69.30
CA THR D 700 57.61 11.05 69.42
C THR D 700 56.14 11.21 69.73
N ILE D 701 55.27 10.61 68.91
CA ILE D 701 53.84 10.84 68.97
C ILE D 701 53.11 9.52 68.69
N ARG D 702 52.11 9.20 69.52
CA ARG D 702 51.27 8.02 69.37
C ARG D 702 49.81 8.45 69.53
N ILE D 703 49.17 8.83 68.42
CA ILE D 703 47.81 9.36 68.45
C ILE D 703 46.84 8.19 68.31
N PRO D 704 45.93 7.99 69.26
CA PRO D 704 44.93 6.92 69.12
C PRO D 704 43.91 7.24 68.02
N ARG D 705 43.37 6.18 67.43
CA ARG D 705 42.32 6.30 66.43
C ARG D 705 40.95 6.28 67.10
N GLY D 706 40.08 7.17 66.66
CA GLY D 706 38.73 7.24 67.19
C GLY D 706 38.62 7.91 68.55
N GLN D 707 39.69 8.56 69.01
CA GLN D 707 39.69 9.22 70.31
C GLN D 707 40.06 10.69 70.13
N LEU D 708 39.97 11.44 71.22
CA LEU D 708 40.33 12.84 71.24
C LEU D 708 41.74 12.98 71.83
N THR D 709 42.64 13.56 71.05
CA THR D 709 44.00 13.85 71.49
C THR D 709 44.17 15.36 71.56
N MET D 710 44.61 15.86 72.70
CA MET D 710 44.71 17.29 72.93
C MET D 710 46.16 17.69 73.16
N ILE D 711 46.63 18.63 72.35
CA ILE D 711 48.00 19.14 72.44
C ILE D 711 47.97 20.44 73.22
N VAL D 712 48.74 20.51 74.30
CA VAL D 712 48.76 21.67 75.18
C VAL D 712 50.19 22.16 75.33
N GLY D 713 50.33 23.46 75.55
CA GLY D 713 51.64 24.06 75.70
C GLY D 713 51.53 25.57 75.76
N GLN D 714 52.70 26.21 75.82
CA GLN D 714 52.76 27.66 75.88
C GLN D 714 52.71 28.24 74.46
N VAL D 715 52.91 29.54 74.35
CA VAL D 715 52.85 30.23 73.07
C VAL D 715 54.12 29.93 72.28
N GLY D 716 53.95 29.46 71.05
CA GLY D 716 55.07 29.18 70.16
C GLY D 716 55.95 28.02 70.59
N CYS D 717 55.36 26.98 71.15
CA CYS D 717 56.10 25.77 71.51
C CYS D 717 56.02 24.70 70.42
N GLY D 718 55.31 24.96 69.33
CA GLY D 718 55.29 24.06 68.19
C GLY D 718 54.05 23.21 68.02
N LYS D 719 52.92 23.60 68.61
CA LYS D 719 51.69 22.82 68.45
C LYS D 719 51.18 22.86 67.02
N SER D 720 51.07 24.05 66.44
CA SER D 720 50.71 24.18 65.04
C SER D 720 51.79 23.57 64.15
N SER D 721 53.05 23.71 64.54
CA SER D 721 54.14 23.10 63.80
C SER D 721 54.06 21.58 63.85
N LEU D 722 53.66 21.02 65.01
CA LEU D 722 53.47 19.57 65.09
C LEU D 722 52.32 19.12 64.20
N LEU D 723 51.21 19.87 64.19
CA LEU D 723 50.07 19.54 63.34
C LEU D 723 50.45 19.56 61.86
N LEU D 724 51.19 20.58 61.44
CA LEU D 724 51.60 20.68 60.04
C LEU D 724 52.74 19.71 59.70
N ALA D 725 53.54 19.31 60.69
CA ALA D 725 54.59 18.32 60.44
C ALA D 725 54.02 16.94 60.25
N THR D 726 52.91 16.62 60.93
CA THR D 726 52.22 15.37 60.64
C THR D 726 51.57 15.37 59.26
N LEU D 727 51.29 16.54 58.70
CA LEU D 727 50.67 16.66 57.39
C LEU D 727 51.69 16.78 56.26
N GLY D 728 52.99 16.75 56.56
CA GLY D 728 54.02 16.87 55.55
C GLY D 728 54.31 18.28 55.10
N GLU D 729 53.72 19.30 55.72
CA GLU D 729 53.96 20.68 55.36
C GLU D 729 55.33 21.17 55.79
N MET D 730 56.01 20.46 56.68
CA MET D 730 57.36 20.77 57.10
C MET D 730 58.31 19.69 56.60
N GLN D 731 59.47 20.11 56.10
CA GLN D 731 60.47 19.14 55.65
C GLN D 731 61.04 18.37 56.84
N LYS D 732 61.36 17.11 56.61
CA LYS D 732 61.80 16.21 57.66
C LYS D 732 63.31 16.02 57.57
N VAL D 733 64.00 16.30 58.66
CA VAL D 733 65.45 16.09 58.71
C VAL D 733 65.77 14.66 59.09
N SER D 734 65.16 14.16 60.17
CA SER D 734 65.40 12.80 60.62
C SER D 734 64.09 12.25 61.18
N GLY D 735 64.10 10.94 61.47
CA GLY D 735 62.92 10.28 61.96
C GLY D 735 62.02 9.81 60.84
N ALA D 736 60.90 9.20 61.24
CA ALA D 736 59.94 8.67 60.29
C ALA D 736 58.52 8.96 60.78
N VAL D 737 57.61 9.15 59.83
CA VAL D 737 56.21 9.42 60.12
C VAL D 737 55.37 8.31 59.51
N PHE D 738 54.52 7.68 60.31
CA PHE D 738 53.68 6.58 59.88
C PHE D 738 52.21 6.97 60.01
N TRP D 739 51.42 6.64 58.98
CA TRP D 739 49.98 6.82 59.00
C TRP D 739 49.31 5.47 58.78
N ASN D 740 48.47 5.07 59.72
CA ASN D 740 47.79 3.79 59.67
C ASN D 740 46.34 3.91 59.22
N SER D 741 45.99 5.03 58.60
CA SER D 741 44.62 5.25 58.14
C SER D 741 44.26 4.35 56.98
N SER D 766 50.62 8.15 51.68
CA SER D 766 49.47 7.36 52.08
C SER D 766 48.80 7.95 53.32
N ARG D 767 48.90 9.27 53.46
CA ARG D 767 48.29 9.94 54.61
C ARG D 767 46.77 9.90 54.53
N GLY D 768 46.20 10.16 53.35
CA GLY D 768 44.78 10.26 53.20
C GLY D 768 44.31 11.67 53.52
N PRO D 769 43.03 11.96 53.26
CA PRO D 769 42.49 13.27 53.61
C PRO D 769 42.43 13.46 55.12
N VAL D 770 42.62 14.71 55.55
CA VAL D 770 42.55 15.10 56.96
C VAL D 770 41.76 16.40 57.04
N ALA D 771 40.69 16.39 57.85
CA ALA D 771 39.92 17.61 58.08
C ALA D 771 40.73 18.55 58.96
N TYR D 772 41.08 19.72 58.43
CA TYR D 772 41.99 20.65 59.10
C TYR D 772 41.30 22.00 59.28
N ALA D 773 41.37 22.52 60.51
CA ALA D 773 40.93 23.87 60.83
C ALA D 773 42.15 24.65 61.30
N SER D 774 42.65 25.53 60.45
CA SER D 774 43.86 26.28 60.75
C SER D 774 43.62 27.28 61.88
N GLN D 775 44.73 27.71 62.50
CA GLN D 775 44.64 28.71 63.56
C GLN D 775 44.14 30.04 63.01
N LYS D 776 44.58 30.41 61.81
CA LYS D 776 43.97 31.50 61.08
C LYS D 776 42.87 30.93 60.20
N PRO D 777 41.60 31.29 60.42
CA PRO D 777 40.49 30.64 59.71
C PRO D 777 40.48 30.97 58.23
N TRP D 778 40.63 29.95 57.39
CA TRP D 778 40.60 30.14 55.95
C TRP D 778 39.16 30.17 55.45
N LEU D 779 38.86 31.12 54.58
CA LEU D 779 37.52 31.28 54.03
C LEU D 779 37.60 31.37 52.51
N LEU D 780 36.74 30.62 51.84
CA LEU D 780 36.64 30.69 50.38
C LEU D 780 35.89 31.95 49.98
N ASN D 781 35.84 32.19 48.67
CA ASN D 781 35.13 33.34 48.13
C ASN D 781 33.65 33.07 47.90
N ALA D 782 33.17 31.86 48.16
CA ALA D 782 31.81 31.48 47.87
C ALA D 782 30.90 31.81 49.05
N THR D 783 29.66 31.31 49.00
CA THR D 783 28.68 31.57 50.04
C THR D 783 28.99 30.76 51.29
N VAL D 784 28.22 31.02 52.35
CA VAL D 784 28.41 30.34 53.63
C VAL D 784 28.14 28.85 53.50
N GLU D 785 27.11 28.49 52.72
CA GLU D 785 26.80 27.08 52.47
C GLU D 785 27.95 26.37 51.77
N GLU D 786 28.56 27.02 50.78
CA GLU D 786 29.70 26.41 50.10
C GLU D 786 30.96 26.48 50.95
N ASN D 787 31.05 27.45 51.87
CA ASN D 787 32.17 27.47 52.80
C ASN D 787 32.10 26.31 53.80
N ILE D 788 30.89 25.91 54.17
CA ILE D 788 30.74 24.80 55.11
C ILE D 788 30.84 23.46 54.41
N THR D 789 30.15 23.30 53.26
CA THR D 789 30.18 22.02 52.54
C THR D 789 31.57 21.76 51.97
N PHE D 790 32.14 22.74 51.25
CA PHE D 790 33.52 22.71 50.74
C PHE D 790 33.77 21.49 49.86
N GLU D 791 33.10 21.50 48.70
CA GLU D 791 33.19 20.45 47.67
C GLU D 791 32.76 19.09 48.23
N SER D 792 31.56 19.07 48.78
CA SER D 792 30.95 17.88 49.35
C SER D 792 29.47 17.87 48.99
N PRO D 793 28.84 16.70 48.95
CA PRO D 793 27.38 16.67 48.74
C PRO D 793 26.64 17.35 49.89
N PHE D 794 25.66 18.17 49.53
CA PHE D 794 24.90 18.93 50.53
C PHE D 794 23.82 18.03 51.11
N ASN D 795 23.98 17.67 52.39
CA ASN D 795 22.95 17.00 53.16
C ASN D 795 22.38 18.03 54.14
N LYS D 796 21.07 18.29 54.03
CA LYS D 796 20.44 19.30 54.88
C LYS D 796 20.47 18.88 56.35
N GLN D 797 20.31 17.59 56.63
CA GLN D 797 20.38 17.11 58.01
C GLN D 797 21.77 17.32 58.60
N ARG D 798 22.82 16.94 57.87
CA ARG D 798 24.17 17.11 58.37
C ARG D 798 24.55 18.59 58.43
N TYR D 799 24.09 19.39 57.46
CA TYR D 799 24.35 20.82 57.47
C TYR D 799 23.74 21.50 58.69
N LYS D 800 22.48 21.17 58.98
CA LYS D 800 21.82 21.74 60.15
C LYS D 800 22.42 21.21 61.45
N MET D 801 22.83 19.94 61.46
CA MET D 801 23.46 19.38 62.66
C MET D 801 24.80 20.05 62.96
N VAL D 802 25.61 20.29 61.93
CA VAL D 802 26.90 20.96 62.12
C VAL D 802 26.68 22.42 62.52
N ILE D 803 25.66 23.07 61.93
CA ILE D 803 25.36 24.46 62.28
C ILE D 803 24.91 24.56 63.74
N GLU D 804 24.05 23.64 64.20
CA GLU D 804 23.64 23.62 65.60
C GLU D 804 24.81 23.27 66.52
N ALA D 805 25.74 22.43 66.06
CA ALA D 805 26.91 22.11 66.86
C ALA D 805 27.82 23.33 67.03
N CYS D 806 27.96 24.13 65.97
CA CYS D 806 28.79 25.33 66.02
C CYS D 806 28.01 26.57 66.43
N SER D 807 26.69 26.44 66.66
CA SER D 807 25.79 27.55 67.00
C SER D 807 25.86 28.67 65.96
N LEU D 808 25.95 28.28 64.69
CA LEU D 808 26.02 29.22 63.58
C LEU D 808 24.67 29.69 63.08
N GLN D 809 23.58 29.09 63.57
CA GLN D 809 22.25 29.46 63.10
C GLN D 809 21.87 30.92 63.38
N PRO D 810 21.93 31.46 64.62
CA PRO D 810 21.48 32.83 64.82
C PRO D 810 22.34 33.87 64.11
N ASP D 811 23.62 33.57 63.87
CA ASP D 811 24.50 34.51 63.19
C ASP D 811 24.25 34.55 61.69
N ILE D 812 23.93 33.40 61.07
CA ILE D 812 23.53 33.43 59.67
C ILE D 812 22.10 33.91 59.49
N ASP D 813 21.32 34.00 60.57
CA ASP D 813 20.02 34.66 60.48
C ASP D 813 20.16 36.16 60.26
N ILE D 814 21.22 36.78 60.77
CA ILE D 814 21.47 38.21 60.58
C ILE D 814 21.90 38.48 59.14
N LEU D 815 22.06 39.78 58.80
CA LEU D 815 22.74 40.30 57.60
C LEU D 815 21.86 40.10 56.36
N PRO D 816 22.22 40.63 55.16
CA PRO D 816 21.25 40.58 54.05
C PRO D 816 20.77 39.20 53.62
N HIS D 817 21.62 38.18 53.71
CA HIS D 817 21.21 36.85 53.30
C HIS D 817 21.43 35.79 54.37
N GLY D 818 20.80 34.64 54.18
CA GLY D 818 20.92 33.53 55.10
C GLY D 818 21.64 32.41 54.39
N ASP D 819 22.70 31.91 55.02
CA ASP D 819 23.56 30.84 54.50
C ASP D 819 23.85 30.93 53.00
N GLN D 820 23.69 32.13 52.43
CA GLN D 820 23.96 32.33 51.02
C GLN D 820 24.70 33.64 50.77
N THR D 821 25.14 34.33 51.83
CA THR D 821 25.92 35.55 51.65
C THR D 821 27.33 35.19 51.21
N GLN D 822 27.82 35.89 50.19
CA GLN D 822 29.23 35.79 49.83
C GLN D 822 30.06 36.44 50.93
N ILE D 823 31.06 35.72 51.43
CA ILE D 823 31.89 36.18 52.53
C ILE D 823 33.36 36.09 52.10
N GLY D 824 34.24 36.50 53.02
CA GLY D 824 35.65 36.62 52.66
C GLY D 824 35.86 37.80 51.74
N GLU D 825 36.69 37.61 50.72
CA GLU D 825 36.79 38.62 49.68
C GLU D 825 35.57 38.56 48.76
N ARG D 826 35.33 39.68 48.07
CA ARG D 826 34.14 39.87 47.21
C ARG D 826 32.85 39.70 47.99
N GLY D 827 32.87 40.06 49.27
CA GLY D 827 31.71 39.91 50.12
C GLY D 827 31.94 40.61 51.44
N ILE D 828 30.91 40.60 52.29
CA ILE D 828 30.97 41.31 53.56
C ILE D 828 31.91 40.58 54.51
N ASN D 829 32.71 41.35 55.25
CA ASN D 829 33.60 40.75 56.23
C ASN D 829 32.81 40.27 57.44
N LEU D 830 33.27 39.18 58.03
CA LEU D 830 32.67 38.63 59.23
C LEU D 830 33.58 38.89 60.43
N SER D 831 32.98 38.85 61.61
CA SER D 831 33.75 38.92 62.83
C SER D 831 34.57 37.63 63.01
N GLY D 832 35.63 37.73 63.82
CA GLY D 832 36.57 36.64 63.95
C GLY D 832 35.96 35.36 64.50
N GLY D 833 34.99 35.48 65.41
CA GLY D 833 34.27 34.32 65.88
C GLY D 833 33.50 33.61 64.79
N GLN D 834 32.84 34.40 63.92
CA GLN D 834 32.09 33.81 62.81
C GLN D 834 33.00 33.11 61.81
N ARG D 835 34.14 33.74 61.47
CA ARG D 835 35.09 33.13 60.56
C ARG D 835 35.66 31.84 61.14
N GLN D 836 36.03 31.87 62.43
CA GLN D 836 36.57 30.69 63.09
C GLN D 836 35.54 29.56 63.15
N ARG D 837 34.28 29.88 63.48
CA ARG D 837 33.28 28.84 63.60
C ARG D 837 32.83 28.32 62.24
N ILE D 838 32.91 29.13 61.19
CA ILE D 838 32.63 28.59 59.85
C ILE D 838 33.74 27.66 59.39
N SER D 839 34.99 27.99 59.72
CA SER D 839 36.10 27.07 59.44
C SER D 839 35.95 25.77 60.22
N VAL D 840 35.55 25.87 61.49
CA VAL D 840 35.33 24.67 62.31
C VAL D 840 34.15 23.86 61.77
N ALA D 841 33.10 24.54 61.29
CA ALA D 841 31.96 23.84 60.70
C ALA D 841 32.35 23.11 59.43
N ARG D 842 33.22 23.72 58.62
CA ARG D 842 33.77 23.03 57.46
C ARG D 842 34.57 21.81 57.87
N ALA D 843 35.36 21.92 58.94
CA ALA D 843 36.13 20.79 59.43
C ALA D 843 35.23 19.66 59.93
N LEU D 844 34.15 20.01 60.63
CA LEU D 844 33.22 19.01 61.17
C LEU D 844 32.32 18.40 60.11
N TYR D 845 32.08 19.10 59.00
CA TYR D 845 31.10 18.64 58.02
C TYR D 845 31.60 17.42 57.24
N GLN D 846 32.86 17.44 56.82
CA GLN D 846 33.36 16.45 55.88
C GLN D 846 33.48 15.08 56.54
N GLN D 847 33.18 14.03 55.78
CA GLN D 847 33.17 12.66 56.28
C GLN D 847 34.59 12.10 56.26
N THR D 848 35.44 12.67 57.11
CA THR D 848 36.84 12.31 57.20
C THR D 848 37.13 11.78 58.60
N ASN D 849 37.87 10.67 58.67
CA ASN D 849 38.11 10.03 59.96
C ASN D 849 39.07 10.84 60.84
N VAL D 850 39.95 11.61 60.23
CA VAL D 850 40.92 12.44 60.97
C VAL D 850 40.46 13.88 60.93
N VAL D 851 40.37 14.51 62.11
CA VAL D 851 40.01 15.91 62.22
C VAL D 851 41.13 16.62 62.99
N PHE D 852 41.78 17.58 62.34
CA PHE D 852 42.79 18.41 62.97
C PHE D 852 42.17 19.77 63.29
N LEU D 853 42.21 20.15 64.56
CA LEU D 853 41.67 21.44 65.02
C LEU D 853 42.78 22.20 65.72
N ASP D 854 43.10 23.39 65.20
CA ASP D 854 44.20 24.21 65.70
C ASP D 854 43.60 25.44 66.37
N ASP D 855 43.35 25.33 67.67
CA ASP D 855 42.75 26.35 68.53
C ASP D 855 41.43 26.88 67.98
N PRO D 856 40.35 26.10 68.01
CA PRO D 856 39.04 26.62 67.56
C PRO D 856 38.47 27.69 68.48
N PHE D 857 38.99 27.82 69.70
CA PHE D 857 38.47 28.77 70.68
C PHE D 857 39.40 29.97 70.85
N SER D 858 40.04 30.39 69.76
CA SER D 858 40.92 31.57 69.82
C SER D 858 40.12 32.85 70.05
N ALA D 859 39.02 33.01 69.34
CA ALA D 859 38.19 34.21 69.41
C ALA D 859 36.74 33.85 69.74
N LEU D 860 36.55 32.95 70.69
CA LEU D 860 35.23 32.53 71.13
C LEU D 860 35.08 32.76 72.62
N ASP D 861 33.85 33.07 73.03
CA ASP D 861 33.52 33.28 74.43
C ASP D 861 33.28 31.93 75.10
N VAL D 862 32.84 31.95 76.36
CA VAL D 862 32.68 30.71 77.13
C VAL D 862 31.52 29.88 76.61
N HIS D 863 30.39 30.51 76.33
CA HIS D 863 29.17 29.78 75.97
C HIS D 863 29.30 29.09 74.61
N LEU D 864 29.76 29.83 73.60
CA LEU D 864 29.88 29.26 72.27
C LEU D 864 30.97 28.20 72.21
N SER D 865 32.09 28.41 72.92
CA SER D 865 33.14 27.41 72.95
C SER D 865 32.70 26.15 73.70
N ASP D 866 31.94 26.31 74.79
CA ASP D 866 31.44 25.16 75.52
C ASP D 866 30.44 24.36 74.70
N HIS D 867 29.52 25.06 74.02
CA HIS D 867 28.57 24.35 73.16
C HIS D 867 29.26 23.70 71.98
N LEU D 868 30.28 24.36 71.41
CA LEU D 868 31.05 23.76 70.34
C LEU D 868 31.76 22.50 70.83
N MET D 869 32.41 22.59 72.00
CA MET D 869 33.12 21.45 72.57
C MET D 869 32.19 20.27 72.78
N GLN D 870 31.09 20.49 73.51
CA GLN D 870 30.13 19.42 73.75
C GLN D 870 29.50 18.91 72.45
N ALA D 871 28.70 19.75 71.78
CA ALA D 871 27.87 19.28 70.67
C ALA D 871 28.71 18.84 69.47
N GLY D 872 29.76 19.57 69.13
CA GLY D 872 30.65 19.09 68.09
C GLY D 872 31.53 17.95 68.56
N ILE D 873 32.48 18.21 69.46
CA ILE D 873 33.56 17.25 69.68
C ILE D 873 33.03 16.02 70.41
N LEU D 874 32.24 16.20 71.47
CA LEU D 874 31.84 15.07 72.29
C LEU D 874 30.59 14.37 71.77
N GLU D 875 29.90 14.94 70.77
CA GLU D 875 28.71 14.30 70.21
C GLU D 875 28.83 14.01 68.72
N LEU D 876 29.12 15.02 67.89
CA LEU D 876 29.15 14.85 66.44
C LEU D 876 30.39 14.12 65.97
N LEU D 877 31.47 14.13 66.76
CA LEU D 877 32.69 13.43 66.40
C LEU D 877 32.85 12.10 67.13
N ARG D 878 32.18 11.91 68.27
CA ARG D 878 32.27 10.65 69.00
C ARG D 878 31.38 9.57 68.39
N ASP D 879 30.24 9.94 67.82
CA ASP D 879 29.29 8.93 67.34
C ASP D 879 29.83 8.17 66.14
N ASP D 880 30.54 8.87 65.24
CA ASP D 880 31.18 8.22 64.11
C ASP D 880 32.63 7.85 64.39
N LYS D 881 33.12 8.10 65.61
CA LYS D 881 34.44 7.69 66.10
C LYS D 881 35.56 8.26 65.21
N ARG D 882 35.47 9.55 64.90
CA ARG D 882 36.50 10.21 64.13
C ARG D 882 37.69 10.56 65.03
N THR D 883 38.88 10.47 64.47
CA THR D 883 40.09 10.81 65.20
C THR D 883 40.23 12.33 65.26
N VAL D 884 40.15 12.88 66.47
CA VAL D 884 40.16 14.33 66.69
C VAL D 884 41.46 14.70 67.40
N VAL D 885 42.24 15.57 66.78
CA VAL D 885 43.42 16.15 67.42
C VAL D 885 43.13 17.63 67.64
N LEU D 886 43.10 18.04 68.90
CA LEU D 886 42.57 19.35 69.30
C LEU D 886 43.63 20.13 70.06
N VAL D 887 44.33 21.02 69.35
CA VAL D 887 45.17 22.00 70.02
C VAL D 887 44.28 23.04 70.67
N THR D 888 44.52 23.32 71.95
CA THR D 888 43.73 24.33 72.66
C THR D 888 44.55 24.89 73.82
N HIS D 889 44.23 26.13 74.19
CA HIS D 889 44.76 26.75 75.39
C HIS D 889 43.79 26.71 76.55
N LYS D 890 42.58 26.20 76.34
CA LYS D 890 41.57 26.07 77.38
C LYS D 890 41.77 24.71 78.05
N LEU D 891 42.29 24.72 79.27
CA LEU D 891 42.58 23.49 80.00
C LEU D 891 41.37 22.93 80.72
N GLN D 892 40.21 23.60 80.65
CA GLN D 892 39.01 23.08 81.27
C GLN D 892 38.42 21.89 80.53
N TYR D 893 38.88 21.62 79.31
CA TYR D 893 38.45 20.45 78.55
C TYR D 893 39.42 19.28 78.68
N LEU D 894 40.45 19.42 79.51
CA LEU D 894 41.37 18.31 79.75
C LEU D 894 40.73 17.04 80.33
N PRO D 895 39.72 17.09 81.21
CA PRO D 895 39.04 15.82 81.56
C PRO D 895 38.41 15.08 80.40
N HIS D 896 38.02 15.78 79.34
CA HIS D 896 37.42 15.14 78.16
C HIS D 896 38.46 14.61 77.18
N ALA D 897 39.72 14.49 77.59
CA ALA D 897 40.80 14.08 76.70
C ALA D 897 41.14 12.61 76.91
N ASP D 898 41.06 11.82 75.84
CA ASP D 898 41.54 10.45 75.90
C ASP D 898 43.07 10.40 75.89
N TRP D 899 43.69 11.26 75.10
CA TRP D 899 45.15 11.35 75.00
C TRP D 899 45.56 12.81 75.10
N ILE D 900 46.70 13.06 75.73
CA ILE D 900 47.21 14.41 75.97
C ILE D 900 48.66 14.49 75.51
N ILE D 901 48.98 15.51 74.72
CA ILE D 901 50.34 15.79 74.29
C ILE D 901 50.79 17.09 74.96
N ALA D 902 51.92 17.03 75.65
CA ALA D 902 52.51 18.19 76.30
C ALA D 902 53.77 18.59 75.54
N MET D 903 53.85 19.86 75.16
CA MET D 903 54.97 20.39 74.40
C MET D 903 55.61 21.55 75.14
N LYS D 904 56.92 21.69 74.95
CA LYS D 904 57.68 22.75 75.63
C LYS D 904 58.91 23.06 74.80
N ASP D 905 58.93 24.24 74.16
CA ASP D 905 60.07 24.75 73.40
C ASP D 905 60.47 23.81 72.26
N GLY D 906 59.49 23.45 71.43
CA GLY D 906 59.78 22.68 70.24
C GLY D 906 60.05 21.21 70.46
N THR D 907 59.87 20.70 71.67
CA THR D 907 59.97 19.28 71.92
C THR D 907 58.81 18.86 72.82
N ILE D 908 58.48 17.57 72.76
CA ILE D 908 57.27 17.04 73.39
C ILE D 908 57.66 16.46 74.73
N GLN D 909 56.99 16.93 75.79
CA GLN D 909 57.37 16.59 77.16
C GLN D 909 56.82 15.23 77.57
N ARG D 910 55.51 15.06 77.53
CA ARG D 910 54.86 13.87 78.04
C ARG D 910 53.78 13.40 77.06
N GLU D 911 53.15 12.28 77.40
CA GLU D 911 52.06 11.70 76.61
C GLU D 911 51.03 11.10 77.57
N GLY D 912 50.07 10.37 77.00
CA GLY D 912 49.17 9.56 77.78
C GLY D 912 47.93 10.29 78.28
N THR D 913 47.28 9.67 79.26
CA THR D 913 46.09 10.20 79.89
C THR D 913 46.49 11.05 81.10
N LEU D 914 45.49 11.68 81.74
CA LEU D 914 45.74 12.49 82.93
C LEU D 914 46.29 11.65 84.08
N LYS D 915 45.90 10.38 84.17
CA LYS D 915 46.42 9.49 85.20
C LYS D 915 47.92 9.30 85.06
N ASP D 916 48.43 9.28 83.83
CA ASP D 916 49.87 9.25 83.62
C ASP D 916 50.53 10.56 84.03
N PHE D 917 49.82 11.68 83.86
CA PHE D 917 50.35 12.97 84.31
C PHE D 917 50.31 13.12 85.82
N GLN D 918 49.53 12.28 86.52
CA GLN D 918 49.44 12.38 87.97
C GLN D 918 50.77 12.04 88.66
N ARG D 919 51.54 11.12 88.10
CA ARG D 919 52.72 10.59 88.77
C ARG D 919 54.03 11.05 88.15
N SER D 920 54.17 10.97 86.83
CA SER D 920 55.47 11.23 86.21
C SER D 920 55.81 12.72 86.24
N GLU D 921 54.83 13.58 85.96
CA GLU D 921 55.04 15.03 85.93
C GLU D 921 54.04 15.67 86.89
N CYS D 922 54.42 15.74 88.17
CA CYS D 922 53.54 16.31 89.17
C CYS D 922 53.43 17.83 89.05
N GLN D 923 54.52 18.49 88.63
CA GLN D 923 54.52 19.95 88.53
C GLN D 923 53.57 20.42 87.43
N LEU D 924 53.62 19.78 86.26
CA LEU D 924 52.72 20.15 85.17
C LEU D 924 51.27 19.85 85.53
N PHE D 925 51.03 18.73 86.22
CA PHE D 925 49.68 18.36 86.63
C PHE D 925 49.11 19.36 87.63
N GLU D 926 49.92 19.77 88.62
CA GLU D 926 49.46 20.79 89.57
C GLU D 926 49.31 22.15 88.91
N HIS D 927 50.14 22.46 87.91
CA HIS D 927 49.97 23.69 87.15
C HIS D 927 48.66 23.70 86.39
N TRP D 928 48.29 22.56 85.79
CA TRP D 928 46.99 22.43 85.14
C TRP D 928 45.85 22.59 86.13
N LYS D 929 46.01 22.04 87.34
CA LYS D 929 45.00 22.21 88.37
C LYS D 929 44.86 23.68 88.79
N THR D 930 45.98 24.39 88.90
CA THR D 930 45.92 25.78 89.33
C THR D 930 45.37 26.71 88.26
N LEU D 931 45.63 26.40 86.98
CA LEU D 931 45.13 27.27 85.91
C LEU D 931 43.61 27.22 85.76
N MET D 932 42.97 26.16 86.22
CA MET D 932 41.51 26.07 86.20
C MET D 932 40.97 25.74 87.59
N GLU D 938 39.60 16.08 91.00
CA GLU D 938 41.04 16.35 90.95
C GLU D 938 41.62 16.00 89.59
N LEU D 939 41.16 16.71 88.55
CA LEU D 939 41.56 16.49 87.16
C LEU D 939 41.33 15.05 86.73
N GLU D 940 40.18 14.49 87.12
CA GLU D 940 39.81 13.14 86.71
C GLU D 940 39.17 13.17 85.33
N LYS D 941 39.37 12.10 84.57
CA LYS D 941 38.86 12.03 83.20
C LYS D 941 37.34 12.00 83.19
N GLU D 942 36.76 12.78 82.28
CA GLU D 942 35.30 12.95 82.12
C GLU D 942 34.63 13.41 83.42
N LEU D 986 13.34 39.70 27.59
CA LEU D 986 13.81 41.04 27.92
C LEU D 986 14.16 41.82 26.66
N SER D 987 13.14 42.13 25.86
CA SER D 987 13.36 42.85 24.62
C SER D 987 13.76 44.30 24.86
N SER D 988 13.28 44.91 25.95
CA SER D 988 13.71 46.25 26.31
C SER D 988 15.19 46.28 26.69
N VAL D 989 15.65 45.23 27.38
CA VAL D 989 17.06 45.10 27.70
C VAL D 989 17.88 44.91 26.42
N LEU D 990 17.33 44.20 25.44
CA LEU D 990 18.00 44.05 24.15
C LEU D 990 18.07 45.38 23.41
N HIS D 991 17.02 46.19 23.48
CA HIS D 991 17.02 47.50 22.82
C HIS D 991 18.00 48.45 23.49
N GLN D 992 18.05 48.45 24.82
CA GLN D 992 19.02 49.30 25.52
C GLN D 992 20.44 48.78 25.37
N ARG D 993 20.60 47.47 25.14
CA ARG D 993 21.94 46.90 24.96
C ARG D 993 22.57 47.35 23.66
N ALA D 994 21.80 47.37 22.58
CA ALA D 994 22.29 47.76 21.26
C ALA D 994 22.23 49.25 21.02
N LYS D 995 21.90 50.05 22.04
CA LYS D 995 21.77 51.48 21.88
C LYS D 995 23.06 52.18 22.27
N ILE D 996 23.54 53.04 21.38
CA ILE D 996 24.72 53.86 21.66
C ILE D 996 24.37 54.90 22.71
N PRO D 997 25.20 55.09 23.76
CA PRO D 997 24.88 56.11 24.77
C PRO D 997 25.06 57.53 24.25
N TRP D 998 24.04 58.02 23.52
CA TRP D 998 24.12 59.37 22.96
C TRP D 998 24.05 60.44 24.05
N ARG D 999 23.19 60.23 25.06
CA ARG D 999 23.04 61.20 26.14
C ARG D 999 24.32 61.33 26.96
N ALA D 1000 24.99 60.20 27.23
CA ALA D 1000 26.24 60.23 27.98
C ALA D 1000 27.33 60.98 27.23
N CYS D 1001 27.43 60.75 25.91
CA CYS D 1001 28.40 61.48 25.10
C CYS D 1001 28.07 62.96 25.04
N THR D 1002 26.77 63.30 24.95
CA THR D 1002 26.36 64.70 24.93
C THR D 1002 26.73 65.41 26.23
N LYS D 1003 26.48 64.77 27.38
CA LYS D 1003 26.84 65.37 28.66
C LYS D 1003 28.36 65.47 28.82
N TYR D 1004 29.10 64.44 28.37
CA TYR D 1004 30.55 64.46 28.44
C TYR D 1004 31.13 65.60 27.62
N LEU D 1005 30.61 65.83 26.42
CA LEU D 1005 31.12 66.92 25.60
C LEU D 1005 30.62 68.28 26.09
N SER D 1006 29.43 68.34 26.69
CA SER D 1006 28.91 69.60 27.19
C SER D 1006 29.62 70.07 28.45
N SER D 1007 30.22 69.14 29.21
CA SER D 1007 31.02 69.56 30.35
C SER D 1007 32.31 70.27 29.96
N ALA D 1008 32.73 70.18 28.69
CA ALA D 1008 33.97 70.82 28.26
C ALA D 1008 33.82 72.32 28.07
N GLY D 1009 32.62 72.80 27.75
CA GLY D 1009 32.41 74.21 27.47
C GLY D 1009 32.31 74.48 25.97
N ILE D 1010 31.65 75.59 25.64
CA ILE D 1010 31.37 75.91 24.24
C ILE D 1010 32.65 76.32 23.51
N LEU D 1011 33.53 77.08 24.18
CA LEU D 1011 34.75 77.57 23.55
C LEU D 1011 35.70 76.43 23.19
N LEU D 1012 35.97 75.55 24.15
CA LEU D 1012 36.92 74.46 23.93
C LEU D 1012 36.40 73.43 22.95
N LEU D 1013 35.11 73.08 23.04
CA LEU D 1013 34.53 72.12 22.11
C LEU D 1013 34.46 72.69 20.70
N SER D 1014 34.12 73.98 20.57
CA SER D 1014 34.11 74.63 19.27
C SER D 1014 35.50 74.67 18.65
N LEU D 1015 36.52 74.97 19.48
CA LEU D 1015 37.89 74.96 18.99
C LEU D 1015 38.32 73.55 18.57
N LEU D 1016 37.89 72.53 19.31
CA LEU D 1016 38.22 71.15 18.95
C LEU D 1016 37.63 70.76 17.60
N VAL D 1017 36.34 71.05 17.41
CA VAL D 1017 35.67 70.70 16.16
C VAL D 1017 36.28 71.46 14.98
N PHE D 1018 36.51 72.77 15.16
CA PHE D 1018 37.09 73.58 14.10
C PHE D 1018 38.49 73.13 13.74
N SER D 1019 39.31 72.82 14.76
CA SER D 1019 40.69 72.39 14.52
C SER D 1019 40.73 71.05 13.80
N GLN D 1020 39.88 70.09 14.20
CA GLN D 1020 39.88 68.78 13.55
C GLN D 1020 39.45 68.89 12.09
N LEU D 1021 38.34 69.60 11.84
CA LEU D 1021 37.84 69.75 10.47
C LEU D 1021 38.83 70.49 9.59
N LEU D 1022 39.42 71.58 10.11
CA LEU D 1022 40.37 72.37 9.34
C LEU D 1022 41.64 71.59 9.06
N LYS D 1023 42.11 70.80 10.03
CA LYS D 1023 43.33 70.00 9.83
C LYS D 1023 43.13 68.95 8.75
N HIS D 1024 41.99 68.26 8.76
CA HIS D 1024 41.76 67.27 7.72
C HIS D 1024 41.57 67.92 6.35
N MET D 1025 40.94 69.10 6.31
CA MET D 1025 40.87 69.84 5.04
C MET D 1025 42.26 70.25 4.55
N VAL D 1026 43.15 70.62 5.47
CA VAL D 1026 44.51 70.99 5.08
C VAL D 1026 45.28 69.78 4.55
N LEU D 1027 45.07 68.61 5.16
CA LEU D 1027 45.71 67.39 4.63
C LEU D 1027 45.23 67.06 3.22
N VAL D 1028 43.91 67.19 2.99
CA VAL D 1028 43.35 67.01 1.65
C VAL D 1028 43.96 68.01 0.68
N ALA D 1029 44.14 69.26 1.13
CA ALA D 1029 44.75 70.29 0.30
C ALA D 1029 46.20 69.96 -0.04
N ILE D 1030 46.95 69.39 0.92
CA ILE D 1030 48.34 69.00 0.69
C ILE D 1030 48.42 67.96 -0.42
N ASP D 1031 47.60 66.91 -0.32
CA ASP D 1031 47.69 65.85 -1.31
C ASP D 1031 47.15 66.29 -2.68
N TYR D 1032 46.10 67.13 -2.69
CA TYR D 1032 45.59 67.68 -3.95
C TYR D 1032 46.63 68.58 -4.62
N TRP D 1033 47.33 69.40 -3.83
CA TRP D 1033 48.38 70.23 -4.40
C TRP D 1033 49.55 69.41 -4.89
N LEU D 1034 49.83 68.26 -4.26
CA LEU D 1034 50.82 67.34 -4.81
C LEU D 1034 50.40 66.83 -6.19
N ALA D 1035 49.11 66.50 -6.33
CA ALA D 1035 48.60 66.04 -7.63
C ALA D 1035 48.75 67.13 -8.70
N LYS D 1036 48.36 68.37 -8.37
CA LYS D 1036 48.48 69.47 -9.32
C LYS D 1036 49.94 69.78 -9.65
N TRP D 1037 50.81 69.69 -8.64
CA TRP D 1037 52.24 69.90 -8.82
C TRP D 1037 52.83 68.89 -9.80
N THR D 1038 52.48 67.61 -9.64
CA THR D 1038 53.00 66.58 -10.53
C THR D 1038 52.41 66.69 -11.93
N ASP D 1039 51.15 67.12 -12.06
CA ASP D 1039 50.59 67.36 -13.39
C ASP D 1039 51.31 68.52 -14.08
N SER D 1040 51.62 69.58 -13.34
CA SER D 1040 52.37 70.70 -13.90
C SER D 1040 53.76 70.27 -14.35
N ALA D 1041 54.41 69.40 -13.57
CA ALA D 1041 55.71 68.90 -13.98
C ALA D 1041 55.60 67.95 -15.17
N LEU D 1042 54.46 67.25 -15.31
CA LEU D 1042 54.25 66.40 -16.50
C LEU D 1042 54.12 67.23 -17.75
N VAL D 1043 53.34 68.33 -17.70
CA VAL D 1043 53.19 69.19 -18.87
C VAL D 1043 54.49 69.93 -19.19
N LEU D 1044 55.26 70.29 -18.16
CA LEU D 1044 56.51 71.03 -18.30
C LEU D 1044 57.55 70.31 -19.16
N ASP D 1060 56.83 77.96 -12.96
CA ASP D 1060 56.57 78.40 -11.59
C ASP D 1060 56.73 77.25 -10.61
N GLN D 1061 57.79 76.44 -10.81
CA GLN D 1061 58.02 75.28 -9.96
C GLN D 1061 58.41 75.69 -8.54
N SER D 1062 59.15 76.79 -8.39
CA SER D 1062 59.48 77.28 -7.06
C SER D 1062 58.25 77.76 -6.31
N VAL D 1063 57.29 78.35 -7.03
CA VAL D 1063 56.01 78.74 -6.43
C VAL D 1063 55.26 77.51 -5.93
N TYR D 1064 55.26 76.43 -6.72
CA TYR D 1064 54.66 75.17 -6.29
C TYR D 1064 55.33 74.62 -5.05
N ALA D 1065 56.66 74.66 -5.01
CA ALA D 1065 57.40 74.18 -3.83
C ALA D 1065 57.08 75.02 -2.60
N MET D 1066 56.97 76.35 -2.76
CA MET D 1066 56.67 77.22 -1.63
C MET D 1066 55.25 76.97 -1.11
N VAL D 1067 54.29 76.78 -2.00
CA VAL D 1067 52.91 76.52 -1.57
C VAL D 1067 52.82 75.15 -0.88
N PHE D 1068 53.54 74.15 -1.40
CA PHE D 1068 53.56 72.84 -0.76
C PHE D 1068 54.19 72.92 0.63
N THR D 1069 55.28 73.69 0.77
CA THR D 1069 55.91 73.88 2.07
C THR D 1069 54.99 74.57 3.05
N LEU D 1070 54.27 75.61 2.60
CA LEU D 1070 53.33 76.32 3.45
C LEU D 1070 52.20 75.40 3.91
N LEU D 1071 51.66 74.59 2.99
CA LEU D 1071 50.58 73.68 3.35
C LEU D 1071 51.05 72.61 4.33
N CYS D 1072 52.24 72.06 4.13
CA CYS D 1072 52.76 71.04 5.05
C CYS D 1072 53.03 71.61 6.43
N SER D 1073 53.59 72.82 6.49
CA SER D 1073 53.83 73.46 7.79
C SER D 1073 52.52 73.77 8.51
N LEU D 1074 51.51 74.22 7.76
CA LEU D 1074 50.19 74.46 8.36
C LEU D 1074 49.58 73.16 8.88
N GLY D 1075 49.76 72.06 8.15
CA GLY D 1075 49.28 70.77 8.61
C GLY D 1075 49.94 70.31 9.89
N ILE D 1076 51.26 70.50 9.99
CA ILE D 1076 51.98 70.12 11.21
C ILE D 1076 51.53 70.95 12.40
N VAL D 1077 51.37 72.26 12.20
CA VAL D 1077 50.89 73.15 13.26
C VAL D 1077 49.49 72.74 13.71
N LEU D 1078 48.61 72.42 12.76
CA LEU D 1078 47.24 72.05 13.12
C LEU D 1078 47.19 70.68 13.79
N CYS D 1079 48.11 69.77 13.45
CA CYS D 1079 48.22 68.51 14.18
C CYS D 1079 48.58 68.75 15.64
N LEU D 1080 49.55 69.65 15.89
CA LEU D 1080 49.88 70.00 17.26
C LEU D 1080 48.68 70.62 17.98
N VAL D 1081 47.94 71.49 17.29
CA VAL D 1081 46.80 72.17 17.89
C VAL D 1081 45.72 71.16 18.29
N THR D 1082 45.41 70.20 17.40
CA THR D 1082 44.32 69.27 17.70
C THR D 1082 44.73 68.27 18.79
N SER D 1083 46.00 67.86 18.84
CA SER D 1083 46.44 66.97 19.91
C SER D 1083 46.36 67.66 21.27
N VAL D 1084 46.87 68.89 21.35
CA VAL D 1084 46.82 69.64 22.60
C VAL D 1084 45.38 69.91 23.01
N THR D 1085 44.52 70.20 22.03
CA THR D 1085 43.11 70.51 22.31
C THR D 1085 42.37 69.30 22.87
N VAL D 1086 42.56 68.11 22.27
CA VAL D 1086 41.81 66.95 22.75
C VAL D 1086 42.31 66.53 24.13
N GLU D 1087 43.63 66.64 24.39
CA GLU D 1087 44.11 66.29 25.73
C GLU D 1087 43.64 67.29 26.78
N TRP D 1088 43.61 68.59 26.43
CA TRP D 1088 43.10 69.61 27.33
C TRP D 1088 41.62 69.39 27.63
N THR D 1089 40.84 69.01 26.61
CA THR D 1089 39.43 68.71 26.81
C THR D 1089 39.23 67.55 27.78
N GLY D 1090 40.04 66.49 27.60
CA GLY D 1090 39.97 65.37 28.53
C GLY D 1090 40.29 65.75 29.95
N LEU D 1091 41.34 66.57 30.14
CA LEU D 1091 41.72 67.00 31.48
C LEU D 1091 40.62 67.83 32.14
N LYS D 1092 40.04 68.79 31.40
CA LYS D 1092 39.02 69.65 31.98
C LYS D 1092 37.75 68.88 32.32
N VAL D 1093 37.32 67.98 31.44
CA VAL D 1093 36.13 67.17 31.70
C VAL D 1093 36.36 66.27 32.90
N ALA D 1094 37.56 65.67 33.00
CA ALA D 1094 37.89 64.80 34.13
C ALA D 1094 37.82 65.55 35.45
N LYS D 1095 38.41 66.74 35.49
CA LYS D 1095 38.44 67.53 36.73
C LYS D 1095 37.02 67.94 37.16
N ARG D 1096 36.25 68.50 36.22
CA ARG D 1096 34.89 68.95 36.56
C ARG D 1096 33.99 67.80 36.97
N LEU D 1097 34.10 66.67 36.27
CA LEU D 1097 33.25 65.53 36.54
C LEU D 1097 33.57 64.90 37.90
N HIS D 1098 34.86 64.78 38.24
CA HIS D 1098 35.20 64.24 39.56
C HIS D 1098 34.74 65.16 40.68
N ARG D 1099 34.89 66.48 40.50
CA ARG D 1099 34.44 67.41 41.53
C ARG D 1099 32.93 67.33 41.73
N SER D 1100 32.16 67.29 40.62
CA SER D 1100 30.71 67.20 40.72
C SER D 1100 30.27 65.88 41.37
N LEU D 1101 30.92 64.77 41.00
CA LEU D 1101 30.57 63.48 41.58
C LEU D 1101 30.86 63.44 43.08
N LEU D 1102 32.01 63.99 43.49
CA LEU D 1102 32.36 64.00 44.91
C LEU D 1102 31.36 64.83 45.71
N ASN D 1103 31.01 66.02 45.20
CA ASN D 1103 30.08 66.89 45.93
C ASN D 1103 28.68 66.26 46.02
N ARG D 1104 28.19 65.67 44.93
CA ARG D 1104 26.85 65.10 44.95
C ARG D 1104 26.79 63.85 45.82
N ILE D 1105 27.85 63.03 45.81
CA ILE D 1105 27.90 61.87 46.70
C ILE D 1105 27.93 62.31 48.16
N ILE D 1106 28.64 63.41 48.44
CA ILE D 1106 28.69 63.94 49.80
C ILE D 1106 27.32 64.43 50.26
N LEU D 1107 26.59 65.11 49.38
CA LEU D 1107 25.28 65.67 49.76
C LEU D 1107 24.17 64.62 49.86
N ALA D 1108 24.45 63.36 49.51
CA ALA D 1108 23.42 62.32 49.49
C ALA D 1108 22.96 61.96 50.91
N PRO D 1109 21.71 61.51 51.06
CA PRO D 1109 21.24 61.06 52.38
C PRO D 1109 21.92 59.77 52.80
N MET D 1110 21.88 59.51 54.11
CA MET D 1110 22.48 58.30 54.66
C MET D 1110 21.72 57.04 54.25
N ARG D 1111 20.44 57.16 53.89
CA ARG D 1111 19.68 56.02 53.40
C ARG D 1111 20.26 55.47 52.10
N PHE D 1112 20.78 56.37 51.25
CA PHE D 1112 21.43 55.96 50.01
C PHE D 1112 22.68 55.13 50.29
N PHE D 1113 23.45 55.51 51.33
CA PHE D 1113 24.62 54.73 51.69
C PHE D 1113 24.24 53.42 52.37
N GLU D 1114 23.16 53.41 53.14
CA GLU D 1114 22.72 52.18 53.81
C GLU D 1114 22.22 51.16 52.81
N THR D 1115 21.44 51.58 51.82
CA THR D 1115 20.82 50.62 50.92
C THR D 1115 21.73 50.22 49.77
N THR D 1116 22.42 51.17 49.16
CA THR D 1116 23.25 50.83 48.01
C THR D 1116 24.59 50.26 48.48
N PRO D 1117 25.13 49.27 47.75
CA PRO D 1117 26.43 48.70 48.12
C PRO D 1117 27.56 49.71 47.96
N LEU D 1118 28.58 49.53 48.80
CA LEU D 1118 29.77 50.38 48.73
C LEU D 1118 30.52 50.17 47.42
N GLY D 1119 30.47 48.95 46.88
CA GLY D 1119 31.18 48.66 45.64
C GLY D 1119 30.66 49.46 44.46
N SER D 1120 29.34 49.68 44.39
CA SER D 1120 28.76 50.45 43.31
C SER D 1120 29.21 51.91 43.35
N ILE D 1121 29.27 52.50 44.54
CA ILE D 1121 29.70 53.89 44.65
C ILE D 1121 31.20 54.00 44.40
N LEU D 1122 32.00 53.10 44.97
CA LEU D 1122 33.45 53.21 44.89
C LEU D 1122 33.99 52.82 43.52
N ASN D 1123 33.31 51.93 42.80
CA ASN D 1123 33.77 51.50 41.49
C ASN D 1123 33.75 52.65 40.48
N ARG D 1124 32.84 53.60 40.66
CA ARG D 1124 32.86 54.82 39.86
C ARG D 1124 34.19 55.55 40.04
N PHE D 1125 34.48 55.98 41.28
CA PHE D 1125 35.70 56.73 41.59
C PHE D 1125 36.97 55.95 41.23
N SER D 1126 36.92 54.62 41.27
CA SER D 1126 38.11 53.82 40.98
C SER D 1126 38.29 53.57 39.48
N SER D 1127 37.32 52.92 38.85
CA SER D 1127 37.45 52.48 37.47
C SER D 1127 36.89 53.49 36.47
N ASP D 1128 35.68 54.02 36.71
CA ASP D 1128 35.07 54.89 35.73
C ASP D 1128 35.79 56.23 35.67
N CYS D 1129 36.22 56.73 36.83
CA CYS D 1129 37.03 57.94 36.86
C CYS D 1129 38.37 57.73 36.15
N ASN D 1130 38.99 56.56 36.34
CA ASN D 1130 40.24 56.27 35.65
C ASN D 1130 40.04 56.21 34.14
N THR D 1131 38.94 55.59 33.70
CA THR D 1131 38.62 55.53 32.28
C THR D 1131 38.42 56.93 31.70
N ILE D 1132 37.62 57.76 32.37
CA ILE D 1132 37.35 59.11 31.88
C ILE D 1132 38.61 59.97 31.89
N ASP D 1133 39.47 59.77 32.90
CA ASP D 1133 40.69 60.57 33.02
C ASP D 1133 41.71 60.20 31.93
N GLN D 1134 41.83 58.91 31.61
CA GLN D 1134 42.95 58.52 30.77
C GLN D 1134 42.56 57.94 29.41
N HIS D 1135 41.57 57.03 29.35
CA HIS D 1135 41.30 56.29 28.13
C HIS D 1135 40.40 57.05 27.17
N ILE D 1136 39.38 57.73 27.70
CA ILE D 1136 38.43 58.45 26.83
C ILE D 1136 39.06 59.57 26.00
N PRO D 1137 40.01 60.39 26.50
CA PRO D 1137 40.65 61.37 25.60
C PRO D 1137 41.33 60.77 24.37
N SER D 1138 42.16 59.74 24.57
CA SER D 1138 42.86 59.12 23.45
C SER D 1138 41.90 58.40 22.52
N THR D 1139 40.89 57.72 23.08
CA THR D 1139 39.90 57.03 22.25
C THR D 1139 39.05 58.01 21.46
N LEU D 1140 38.69 59.14 22.07
CA LEU D 1140 37.95 60.18 21.36
C LEU D 1140 38.77 60.77 20.23
N GLU D 1141 40.06 61.03 20.48
CA GLU D 1141 40.94 61.52 19.42
C GLU D 1141 41.06 60.51 18.29
N CYS D 1142 41.23 59.23 18.62
CA CYS D 1142 41.39 58.21 17.60
C CYS D 1142 40.12 58.05 16.77
N LEU D 1143 38.96 58.04 17.43
CA LEU D 1143 37.69 57.92 16.71
C LEU D 1143 37.45 59.13 15.81
N SER D 1144 37.71 60.34 16.32
CA SER D 1144 37.52 61.55 15.52
C SER D 1144 38.45 61.57 14.32
N ARG D 1145 39.74 61.24 14.54
CA ARG D 1145 40.71 61.28 13.46
C ARG D 1145 40.42 60.21 12.41
N SER D 1146 40.06 58.99 12.85
CA SER D 1146 39.77 57.92 11.91
C SER D 1146 38.50 58.21 11.11
N THR D 1147 37.45 58.73 11.77
CA THR D 1147 36.22 59.05 11.07
C THR D 1147 36.44 60.18 10.06
N LEU D 1148 37.18 61.22 10.45
CA LEU D 1148 37.44 62.31 9.52
C LEU D 1148 38.34 61.88 8.37
N LEU D 1149 39.32 61.01 8.65
CA LEU D 1149 40.17 60.49 7.58
C LEU D 1149 39.37 59.64 6.59
N CYS D 1150 38.47 58.79 7.10
CA CYS D 1150 37.65 57.97 6.22
C CYS D 1150 36.70 58.83 5.38
N VAL D 1151 36.08 59.85 6.00
CA VAL D 1151 35.16 60.72 5.27
C VAL D 1151 35.91 61.53 4.23
N SER D 1152 37.08 62.07 4.57
CA SER D 1152 37.89 62.83 3.62
C SER D 1152 38.38 61.95 2.48
N ALA D 1153 38.76 60.70 2.79
CA ALA D 1153 39.24 59.79 1.75
C ALA D 1153 38.11 59.40 0.78
N LEU D 1154 36.93 59.10 1.32
CA LEU D 1154 35.77 58.84 0.47
C LEU D 1154 35.41 60.06 -0.37
N THR D 1155 35.52 61.26 0.22
CA THR D 1155 35.25 62.49 -0.52
C THR D 1155 36.24 62.70 -1.65
N VAL D 1156 37.51 62.41 -1.41
CA VAL D 1156 38.53 62.58 -2.45
C VAL D 1156 38.32 61.58 -3.59
N ILE D 1157 38.12 60.30 -3.24
CA ILE D 1157 37.94 59.29 -4.28
C ILE D 1157 36.59 59.43 -4.97
N SER D 1158 35.63 60.14 -4.36
CA SER D 1158 34.41 60.47 -5.08
C SER D 1158 34.56 61.75 -5.90
N TYR D 1159 35.49 62.64 -5.51
CA TYR D 1159 35.73 63.84 -6.30
C TYR D 1159 36.44 63.51 -7.60
N VAL D 1160 37.45 62.64 -7.55
CA VAL D 1160 38.14 62.26 -8.78
C VAL D 1160 37.23 61.42 -9.68
N THR D 1161 36.42 60.54 -9.08
CA THR D 1161 35.46 59.73 -9.82
C THR D 1161 34.07 59.93 -9.21
N PRO D 1162 33.25 60.81 -9.80
CA PRO D 1162 31.87 60.98 -9.30
C PRO D 1162 31.02 59.73 -9.45
N VAL D 1163 31.36 58.83 -10.38
CA VAL D 1163 30.63 57.59 -10.56
C VAL D 1163 30.88 56.60 -9.43
N PHE D 1164 31.89 56.87 -8.58
CA PHE D 1164 32.14 56.01 -7.42
C PHE D 1164 31.02 56.05 -6.40
N LEU D 1165 30.22 57.13 -6.35
CA LEU D 1165 29.13 57.23 -5.37
C LEU D 1165 28.06 56.17 -5.63
N VAL D 1166 27.83 55.83 -6.90
CA VAL D 1166 26.84 54.81 -7.28
C VAL D 1166 27.20 53.46 -6.66
N ALA D 1167 28.49 53.10 -6.68
CA ALA D 1167 28.94 51.90 -5.99
C ALA D 1167 29.20 52.13 -4.50
N LEU D 1168 29.29 53.39 -4.06
CA LEU D 1168 29.55 53.67 -2.66
C LEU D 1168 28.31 53.40 -1.82
N LEU D 1169 27.13 53.68 -2.37
CA LEU D 1169 25.90 53.45 -1.62
C LEU D 1169 25.70 51.98 -1.17
N PRO D 1170 25.80 50.96 -2.04
CA PRO D 1170 25.66 49.58 -1.52
C PRO D 1170 26.78 49.16 -0.60
N LEU D 1171 28.02 49.62 -0.87
CA LEU D 1171 29.13 49.32 0.02
C LEU D 1171 28.92 49.97 1.38
N ALA D 1172 28.34 51.17 1.41
CA ALA D 1172 28.01 51.82 2.68
C ALA D 1172 26.95 51.04 3.45
N VAL D 1173 25.93 50.52 2.75
CA VAL D 1173 24.90 49.72 3.41
C VAL D 1173 25.49 48.45 4.01
N VAL D 1174 26.33 47.76 3.23
CA VAL D 1174 26.95 46.51 3.69
C VAL D 1174 27.88 46.79 4.87
N CYS D 1175 28.65 47.87 4.79
CA CYS D 1175 29.55 48.25 5.88
C CYS D 1175 28.78 48.61 7.15
N TYR D 1176 27.64 49.29 7.01
CA TYR D 1176 26.81 49.62 8.16
C TYR D 1176 26.29 48.37 8.86
N PHE D 1177 25.80 47.40 8.07
CA PHE D 1177 25.31 46.16 8.68
C PHE D 1177 26.44 45.40 9.37
N ILE D 1178 27.63 45.36 8.74
CA ILE D 1178 28.78 44.67 9.31
C ILE D 1178 29.17 45.31 10.64
N GLN D 1179 29.24 46.64 10.69
CA GLN D 1179 29.68 47.29 11.92
C GLN D 1179 28.64 47.20 13.02
N LYS D 1180 27.34 47.21 12.67
CA LYS D 1180 26.30 47.05 13.70
C LYS D 1180 26.36 45.67 14.35
N TYR D 1181 26.43 44.62 13.52
CA TYR D 1181 26.50 43.27 14.05
C TYR D 1181 27.79 43.05 14.84
N PHE D 1182 28.91 43.59 14.34
CA PHE D 1182 30.16 43.48 15.08
C PHE D 1182 30.09 44.21 16.42
N ARG D 1183 29.45 45.39 16.45
CA ARG D 1183 29.41 46.16 17.69
C ARG D 1183 28.63 45.44 18.78
N VAL D 1184 27.47 44.86 18.44
CA VAL D 1184 26.73 44.14 19.47
C VAL D 1184 27.48 42.89 19.92
N ALA D 1185 28.03 42.11 18.97
CA ALA D 1185 28.77 40.90 19.34
C ALA D 1185 30.02 41.23 20.15
N SER D 1186 30.74 42.27 19.76
CA SER D 1186 31.99 42.63 20.42
C SER D 1186 31.75 43.19 21.81
N ARG D 1187 30.67 43.95 22.00
CA ARG D 1187 30.32 44.42 23.34
C ARG D 1187 30.06 43.25 24.28
N ASP D 1188 29.25 42.28 23.82
CA ASP D 1188 28.98 41.11 24.65
C ASP D 1188 30.25 40.32 24.94
N LEU D 1189 31.11 40.15 23.93
CA LEU D 1189 32.32 39.35 24.09
C LEU D 1189 33.33 40.02 25.02
N GLN D 1190 33.48 41.35 24.93
CA GLN D 1190 34.42 42.06 25.80
C GLN D 1190 33.96 42.00 27.26
N GLN D 1191 32.67 42.22 27.50
CA GLN D 1191 32.17 42.14 28.87
C GLN D 1191 32.32 40.72 29.43
N LEU D 1192 32.05 39.72 28.59
CA LEU D 1192 32.21 38.33 29.02
C LEU D 1192 33.67 38.00 29.30
N ASP D 1193 34.59 38.57 28.52
CA ASP D 1193 36.01 38.33 28.72
C ASP D 1193 36.48 38.85 30.08
N ASP D 1194 36.08 40.06 30.44
CA ASP D 1194 36.47 40.59 31.75
C ASP D 1194 35.83 39.81 32.89
N THR D 1195 34.53 39.47 32.76
CA THR D 1195 33.86 38.72 33.82
C THR D 1195 34.39 37.29 33.93
N THR D 1196 34.99 36.75 32.88
CA THR D 1196 35.67 35.46 33.01
C THR D 1196 37.08 35.62 33.57
N GLN D 1197 37.71 36.78 33.38
CA GLN D 1197 39.04 36.97 33.98
C GLN D 1197 38.97 37.06 35.49
N LEU D 1198 37.89 37.66 36.03
CA LEU D 1198 37.83 37.89 37.48
C LEU D 1198 37.93 36.62 38.37
N PRO D 1199 37.13 35.56 38.19
CA PRO D 1199 37.20 34.45 39.15
C PRO D 1199 38.48 33.64 39.08
N LEU D 1200 39.22 33.70 37.97
CA LEU D 1200 40.50 33.01 37.87
C LEU D 1200 41.52 33.61 38.82
N LEU D 1201 41.64 34.95 38.82
CA LEU D 1201 42.54 35.62 39.75
C LEU D 1201 42.06 35.45 41.19
N SER D 1202 40.75 35.48 41.41
CA SER D 1202 40.25 35.22 42.77
C SER D 1202 40.59 33.80 43.22
N HIS D 1203 40.53 32.83 42.31
CA HIS D 1203 40.89 31.45 42.63
C HIS D 1203 42.37 31.33 42.97
N PHE D 1204 43.22 32.04 42.22
CA PHE D 1204 44.65 32.05 42.53
C PHE D 1204 44.92 32.60 43.93
N ALA D 1205 44.27 33.73 44.26
CA ALA D 1205 44.42 34.31 45.60
C ALA D 1205 43.94 33.35 46.69
N GLU D 1206 42.76 32.75 46.48
CA GLU D 1206 42.16 31.85 47.46
C GLU D 1206 43.03 30.62 47.69
N THR D 1207 43.60 30.06 46.62
CA THR D 1207 44.47 28.90 46.76
C THR D 1207 45.76 29.26 47.49
N VAL D 1208 46.33 30.43 47.19
CA VAL D 1208 47.60 30.81 47.83
C VAL D 1208 47.41 31.04 49.33
N GLU D 1209 46.36 31.78 49.72
CA GLU D 1209 46.20 32.08 51.14
C GLU D 1209 45.58 30.93 51.94
N GLY D 1210 45.17 29.85 51.29
CA GLY D 1210 44.61 28.70 52.00
C GLY D 1210 45.22 27.38 51.57
N LEU D 1211 46.52 27.37 51.29
CA LEU D 1211 47.17 26.21 50.67
C LEU D 1211 47.26 25.03 51.62
N THR D 1212 47.56 25.29 52.90
CA THR D 1212 47.70 24.21 53.87
C THR D 1212 46.38 23.47 54.09
N THR D 1213 45.28 24.22 54.14
CA THR D 1213 43.96 23.59 54.29
C THR D 1213 43.61 22.76 53.06
N ILE D 1214 43.92 23.26 51.86
CA ILE D 1214 43.62 22.54 50.62
C ILE D 1214 44.41 21.24 50.57
N ARG D 1215 45.70 21.30 50.89
CA ARG D 1215 46.53 20.09 50.84
C ARG D 1215 46.25 19.14 51.99
N ALA D 1216 45.68 19.62 53.10
CA ALA D 1216 45.31 18.72 54.18
C ALA D 1216 44.08 17.90 53.84
N PHE D 1217 43.15 18.46 53.07
CA PHE D 1217 41.96 17.75 52.64
C PHE D 1217 42.19 16.85 51.44
N ARG D 1218 43.43 16.83 50.91
CA ARG D 1218 43.77 16.16 49.64
C ARG D 1218 42.90 16.67 48.49
N TYR D 1219 42.62 17.97 48.49
CA TYR D 1219 41.78 18.60 47.46
C TYR D 1219 42.61 19.30 46.40
N GLU D 1220 43.84 18.83 46.15
CA GLU D 1220 44.68 19.44 45.13
C GLU D 1220 44.12 19.22 43.73
N ALA D 1221 43.67 17.99 43.45
CA ALA D 1221 43.17 17.66 42.11
C ALA D 1221 41.87 18.40 41.80
N ARG D 1222 40.97 18.51 42.79
CA ARG D 1222 39.71 19.22 42.58
C ARG D 1222 39.95 20.70 42.31
N PHE D 1223 40.84 21.33 43.06
CA PHE D 1223 41.14 22.74 42.83
C PHE D 1223 41.88 22.96 41.52
N GLN D 1224 42.73 22.00 41.12
CA GLN D 1224 43.37 22.09 39.81
C GLN D 1224 42.35 21.99 38.68
N GLN D 1225 41.35 21.11 38.84
CA GLN D 1225 40.28 21.00 37.86
C GLN D 1225 39.43 22.27 37.81
N LYS D 1226 39.18 22.87 38.97
CA LYS D 1226 38.46 24.15 39.03
C LYS D 1226 39.23 25.25 38.29
N LEU D 1227 40.55 25.28 38.48
CA LEU D 1227 41.38 26.24 37.77
C LEU D 1227 41.34 25.98 36.26
N LEU D 1228 41.38 24.71 35.86
CA LEU D 1228 41.30 24.37 34.44
C LEU D 1228 40.00 24.86 33.83
N GLU D 1229 38.88 24.69 34.55
CA GLU D 1229 37.59 25.19 34.07
C GLU D 1229 37.60 26.71 33.97
N TYR D 1230 38.15 27.40 34.97
CA TYR D 1230 38.16 28.86 34.97
C TYR D 1230 39.00 29.41 33.81
N THR D 1231 40.21 28.89 33.63
CA THR D 1231 41.06 29.39 32.56
C THR D 1231 40.58 28.94 31.19
N ASP D 1232 39.86 27.82 31.10
CA ASP D 1232 39.24 27.45 29.83
C ASP D 1232 38.11 28.41 29.47
N SER D 1233 37.34 28.84 30.47
CA SER D 1233 36.31 29.84 30.23
C SER D 1233 36.92 31.16 29.76
N ASN D 1234 38.01 31.59 30.42
CA ASN D 1234 38.69 32.82 30.00
C ASN D 1234 39.27 32.68 28.60
N ASN D 1235 39.86 31.53 28.28
CA ASN D 1235 40.44 31.30 26.96
C ASN D 1235 39.39 31.29 25.86
N ILE D 1236 38.23 30.66 26.11
CA ILE D 1236 37.22 30.60 25.07
C ILE D 1236 36.57 31.98 24.88
N ALA D 1237 36.44 32.76 25.96
CA ALA D 1237 35.97 34.14 25.81
C ALA D 1237 36.93 34.97 24.96
N SER D 1238 38.24 34.84 25.25
CA SER D 1238 39.24 35.57 24.48
C SER D 1238 39.26 35.15 23.02
N LEU D 1239 39.11 33.84 22.76
CA LEU D 1239 39.13 33.33 21.39
C LEU D 1239 37.92 33.79 20.60
N PHE D 1240 36.74 33.82 21.23
CA PHE D 1240 35.57 34.33 20.52
C PHE D 1240 35.68 35.82 20.25
N LEU D 1241 36.24 36.58 21.20
CA LEU D 1241 36.43 38.02 20.99
C LEU D 1241 37.38 38.29 19.84
N THR D 1242 38.51 37.57 19.79
CA THR D 1242 39.45 37.81 18.69
C THR D 1242 38.91 37.28 17.37
N ALA D 1243 38.07 36.24 17.39
CA ALA D 1243 37.44 35.78 16.15
C ALA D 1243 36.48 36.82 15.61
N ALA D 1244 35.72 37.49 16.49
CA ALA D 1244 34.85 38.57 16.05
C ALA D 1244 35.65 39.74 15.50
N ASN D 1245 36.78 40.07 16.13
CA ASN D 1245 37.64 41.13 15.63
C ASN D 1245 38.17 40.81 14.24
N ARG D 1246 38.62 39.57 14.03
CA ARG D 1246 39.13 39.18 12.71
C ARG D 1246 38.01 39.13 11.67
N TRP D 1247 36.80 38.75 12.07
CA TRP D 1247 35.63 38.80 11.18
C TRP D 1247 35.39 40.22 10.68
N LEU D 1248 35.35 41.19 11.61
CA LEU D 1248 35.15 42.58 11.24
C LEU D 1248 36.27 43.09 10.34
N GLU D 1249 37.53 42.78 10.69
CA GLU D 1249 38.64 43.31 9.94
C GLU D 1249 38.71 42.71 8.53
N VAL D 1250 38.40 41.42 8.39
CA VAL D 1250 38.37 40.79 7.07
C VAL D 1250 37.28 41.43 6.20
N ARG D 1251 36.10 41.67 6.79
CA ARG D 1251 35.02 42.29 6.02
C ARG D 1251 35.39 43.72 5.59
N MET D 1252 36.02 44.48 6.50
CA MET D 1252 36.38 45.86 6.17
C MET D 1252 37.49 45.91 5.13
N GLU D 1253 38.47 45.01 5.21
CA GLU D 1253 39.54 44.99 4.22
C GLU D 1253 39.02 44.53 2.86
N TYR D 1254 38.02 43.64 2.83
CA TYR D 1254 37.44 43.25 1.55
C TYR D 1254 36.62 44.39 0.95
N ILE D 1255 35.94 45.17 1.81
CA ILE D 1255 35.25 46.37 1.34
C ILE D 1255 36.27 47.36 0.76
N GLY D 1256 37.41 47.52 1.43
CA GLY D 1256 38.44 48.40 0.91
C GLY D 1256 39.03 47.91 -0.41
N ALA D 1257 39.15 46.59 -0.57
CA ALA D 1257 39.62 46.04 -1.85
C ALA D 1257 38.62 46.32 -2.96
N CYS D 1258 37.32 46.17 -2.67
CA CYS D 1258 36.30 46.53 -3.67
C CYS D 1258 36.34 48.02 -3.98
N VAL D 1259 36.58 48.85 -2.96
CA VAL D 1259 36.66 50.30 -3.15
C VAL D 1259 37.82 50.66 -4.07
N VAL D 1260 38.99 50.07 -3.81
CA VAL D 1260 40.15 50.41 -4.63
C VAL D 1260 40.02 49.84 -6.04
N LEU D 1261 39.35 48.69 -6.21
CA LEU D 1261 39.13 48.17 -7.55
C LEU D 1261 38.19 49.08 -8.35
N ILE D 1262 37.09 49.51 -7.73
CA ILE D 1262 36.13 50.38 -8.42
C ILE D 1262 36.76 51.73 -8.74
N ALA D 1263 37.45 52.31 -7.75
CA ALA D 1263 38.11 53.60 -7.95
C ALA D 1263 39.19 53.52 -9.01
N ALA D 1264 39.96 52.44 -9.01
CA ALA D 1264 41.01 52.25 -10.01
C ALA D 1264 40.43 52.13 -11.40
N ALA D 1265 39.43 51.26 -11.57
CA ALA D 1265 38.85 51.04 -12.90
C ALA D 1265 38.19 52.29 -13.44
N THR D 1266 37.40 52.98 -12.61
CA THR D 1266 36.71 54.17 -13.06
C THR D 1266 37.67 55.32 -13.32
N SER D 1267 38.71 55.46 -12.50
CA SER D 1267 39.69 56.52 -12.72
C SER D 1267 40.56 56.26 -13.93
N ILE D 1268 40.89 54.99 -14.20
CA ILE D 1268 41.64 54.66 -15.41
C ILE D 1268 40.79 54.92 -16.66
N SER D 1269 39.50 54.58 -16.61
CA SER D 1269 38.61 54.86 -17.73
C SER D 1269 38.44 56.37 -17.93
N ASN D 1270 38.37 57.13 -16.84
CA ASN D 1270 38.24 58.59 -16.97
C ASN D 1270 39.55 59.24 -17.39
N SER D 1271 40.69 58.64 -17.08
CA SER D 1271 41.97 59.23 -17.43
C SER D 1271 42.42 58.87 -18.84
N LEU D 1272 42.00 57.72 -19.37
CA LEU D 1272 42.44 57.33 -20.70
C LEU D 1272 41.75 58.16 -21.78
N HIS D 1273 40.41 58.18 -21.77
CA HIS D 1273 39.66 58.88 -22.81
C HIS D 1273 38.52 59.69 -22.21
N ARG D 1274 38.74 60.31 -21.05
CA ARG D 1274 37.79 61.33 -20.58
C ARG D 1274 38.48 62.56 -19.98
N GLU D 1275 39.76 62.81 -20.29
CA GLU D 1275 40.47 64.04 -19.94
C GLU D 1275 40.63 64.23 -18.43
N LEU D 1276 40.87 63.14 -17.71
CA LEU D 1276 41.25 63.19 -16.31
C LEU D 1276 42.76 63.04 -16.19
N SER D 1277 43.37 63.86 -15.34
CA SER D 1277 44.82 63.90 -15.20
C SER D 1277 45.32 62.67 -14.43
N ALA D 1278 46.62 62.40 -14.60
CA ALA D 1278 47.24 61.25 -13.94
C ALA D 1278 47.42 61.48 -12.45
N GLY D 1279 47.65 62.74 -12.05
CA GLY D 1279 47.77 63.05 -10.64
C GLY D 1279 46.52 62.77 -9.85
N LEU D 1280 45.35 63.01 -10.45
CA LEU D 1280 44.10 62.80 -9.73
C LEU D 1280 43.80 61.32 -9.53
N VAL D 1281 44.08 60.48 -10.53
CA VAL D 1281 43.88 59.04 -10.34
C VAL D 1281 44.90 58.50 -9.34
N GLY D 1282 46.14 59.01 -9.37
CA GLY D 1282 47.10 58.61 -8.34
C GLY D 1282 46.67 59.00 -6.94
N LEU D 1283 46.11 60.21 -6.80
CA LEU D 1283 45.56 60.69 -5.54
C LEU D 1283 44.45 59.77 -5.04
N GLY D 1284 43.49 59.46 -5.93
CA GLY D 1284 42.41 58.57 -5.56
C GLY D 1284 42.88 57.16 -5.22
N LEU D 1285 43.94 56.69 -5.89
CA LEU D 1285 44.47 55.37 -5.59
C LEU D 1285 45.10 55.30 -4.20
N THR D 1286 45.90 56.32 -3.84
CA THR D 1286 46.48 56.34 -2.50
C THR D 1286 45.40 56.43 -1.42
N TYR D 1287 44.40 57.29 -1.64
CA TYR D 1287 43.32 57.40 -0.65
C TYR D 1287 42.47 56.13 -0.59
N ALA D 1288 42.29 55.45 -1.72
CA ALA D 1288 41.55 54.19 -1.72
C ALA D 1288 42.32 53.09 -1.01
N LEU D 1289 43.65 53.11 -1.08
CA LEU D 1289 44.44 52.20 -0.27
C LEU D 1289 44.26 52.49 1.22
N MET D 1290 44.16 53.77 1.59
CA MET D 1290 44.04 54.11 3.01
C MET D 1290 42.63 53.92 3.57
N VAL D 1291 41.60 53.85 2.69
CA VAL D 1291 40.22 53.64 3.13
C VAL D 1291 40.07 52.34 3.90
N SER D 1292 40.77 51.29 3.45
CA SER D 1292 40.64 49.97 4.04
C SER D 1292 41.16 49.93 5.48
N ASN D 1293 42.18 50.73 5.78
CA ASN D 1293 42.60 50.89 7.17
C ASN D 1293 41.63 51.77 7.96
N TYR D 1294 41.16 52.85 7.34
CA TYR D 1294 40.34 53.83 8.06
C TYR D 1294 39.02 53.22 8.52
N LEU D 1295 38.45 52.30 7.75
CA LEU D 1295 37.15 51.71 8.10
C LEU D 1295 37.24 50.90 9.40
N ASN D 1296 38.19 49.96 9.47
CA ASN D 1296 38.28 49.14 10.68
C ASN D 1296 38.78 49.95 11.86
N TRP D 1297 39.62 50.97 11.61
CA TRP D 1297 40.00 51.88 12.69
C TRP D 1297 38.78 52.58 13.29
N MET D 1298 37.88 53.06 12.42
CA MET D 1298 36.67 53.73 12.88
C MET D 1298 35.78 52.80 13.68
N VAL D 1299 35.59 51.57 13.20
CA VAL D 1299 34.66 50.67 13.89
C VAL D 1299 35.22 50.21 15.23
N ARG D 1300 36.51 49.87 15.28
CA ARG D 1300 37.12 49.46 16.54
C ARG D 1300 37.12 50.58 17.56
N ASN D 1301 37.46 51.80 17.12
CA ASN D 1301 37.45 52.93 18.05
C ASN D 1301 36.04 53.30 18.47
N LEU D 1302 35.04 53.07 17.62
CA LEU D 1302 33.65 53.31 18.01
C LEU D 1302 33.19 52.33 19.08
N ALA D 1303 33.56 51.06 18.94
CA ALA D 1303 33.22 50.07 19.97
C ALA D 1303 33.91 50.38 21.30
N ASP D 1304 35.19 50.74 21.24
CA ASP D 1304 35.91 51.14 22.46
C ASP D 1304 35.29 52.40 23.06
N MET D 1305 34.83 53.32 22.20
CA MET D 1305 34.22 54.56 22.67
C MET D 1305 32.90 54.30 23.39
N GLU D 1306 32.07 53.38 22.88
CA GLU D 1306 30.82 53.10 23.56
C GLU D 1306 31.06 52.36 24.89
N ILE D 1307 32.06 51.47 24.91
CA ILE D 1307 32.42 50.78 26.15
C ILE D 1307 32.89 51.78 27.20
N GLN D 1308 33.71 52.76 26.80
CA GLN D 1308 34.18 53.76 27.75
C GLN D 1308 33.13 54.81 28.09
N LEU D 1309 32.17 55.06 27.21
CA LEU D 1309 31.09 56.00 27.52
C LEU D 1309 30.07 55.40 28.47
N GLY D 1310 30.03 54.06 28.57
CA GLY D 1310 29.30 53.45 29.68
C GLY D 1310 29.75 53.94 31.04
N ALA D 1311 31.04 54.25 31.19
CA ALA D 1311 31.57 54.75 32.44
C ALA D 1311 30.98 56.12 32.79
N VAL D 1312 30.97 57.06 31.83
CA VAL D 1312 30.43 58.37 32.12
C VAL D 1312 28.90 58.31 32.27
N LYS D 1313 28.27 57.33 31.63
CA LYS D 1313 26.85 57.08 31.89
C LYS D 1313 26.61 56.68 33.33
N ARG D 1314 27.47 55.78 33.86
CA ARG D 1314 27.35 55.40 35.27
C ARG D 1314 27.67 56.57 36.20
N ILE D 1315 28.62 57.42 35.82
CA ILE D 1315 28.97 58.59 36.63
C ILE D 1315 27.78 59.54 36.72
N HIS D 1316 27.11 59.81 35.60
CA HIS D 1316 25.94 60.69 35.64
C HIS D 1316 24.75 60.02 36.34
N ALA D 1317 24.64 58.69 36.24
CA ALA D 1317 23.60 57.98 36.99
C ALA D 1317 23.80 58.11 38.48
N LEU D 1318 25.06 58.04 38.94
CA LEU D 1318 25.33 58.30 40.35
C LEU D 1318 25.24 59.79 40.70
N LEU D 1319 25.39 60.67 39.70
CA LEU D 1319 25.14 62.09 39.90
C LEU D 1319 23.66 62.39 40.09
N LYS D 1320 22.78 61.54 39.57
CA LYS D 1320 21.34 61.76 39.70
C LYS D 1320 20.79 61.37 41.07
N THR D 1321 21.63 60.94 42.02
CA THR D 1321 21.16 60.66 43.36
C THR D 1321 20.71 61.94 44.05
N GLU D 1322 19.57 61.87 44.73
CA GLU D 1322 18.99 63.05 45.35
C GLU D 1322 19.86 63.54 46.50
N ALA D 1323 19.78 64.85 46.76
CA ALA D 1323 20.59 65.49 47.77
C ALA D 1323 19.71 66.07 48.87
N GLU D 1324 20.11 65.86 50.12
CA GLU D 1324 19.41 66.45 51.24
C GLU D 1324 19.61 67.96 51.24
N SER D 1325 18.56 68.69 51.63
CA SER D 1325 18.63 70.14 51.71
C SER D 1325 19.43 70.56 52.94
N TYR D 1326 20.42 71.43 52.74
CA TYR D 1326 21.24 71.95 53.81
C TYR D 1326 21.01 73.43 54.08
N GLU D 1327 20.08 74.07 53.35
CA GLU D 1327 19.87 75.50 53.51
C GLU D 1327 19.20 75.83 54.84
N GLY D 1328 18.15 75.09 55.19
CA GLY D 1328 17.45 75.33 56.44
C GLY D 1328 16.38 76.39 56.31
N LEU D 1329 15.15 76.04 56.71
CA LEU D 1329 14.04 76.99 56.57
C LEU D 1329 14.12 78.11 57.59
N LEU D 1330 14.72 77.86 58.76
CA LEU D 1330 14.90 78.90 59.76
C LEU D 1330 15.96 79.89 59.29
N ALA D 1331 15.73 81.17 59.60
CA ALA D 1331 16.68 82.21 59.23
C ALA D 1331 17.98 82.04 60.00
N PRO D 1332 19.14 82.10 59.34
CA PRO D 1332 20.41 81.92 60.04
C PRO D 1332 20.69 82.96 61.12
N SER D 1333 20.22 84.20 60.93
CA SER D 1333 20.41 85.22 61.95
C SER D 1333 19.49 85.04 63.14
N LEU D 1334 18.30 84.45 62.93
CA LEU D 1334 17.38 84.18 64.03
C LEU D 1334 17.90 83.10 64.98
N ILE D 1335 18.77 82.21 64.48
CA ILE D 1335 19.41 81.22 65.35
C ILE D 1335 20.30 81.94 66.36
N PRO D 1336 20.26 81.56 67.64
CA PRO D 1336 21.17 82.18 68.62
C PRO D 1336 22.62 81.81 68.34
N LYS D 1337 23.52 82.64 68.88
CA LYS D 1337 24.95 82.45 68.67
C LYS D 1337 25.44 81.14 69.27
N ASN D 1338 24.88 80.77 70.42
CA ASN D 1338 25.25 79.53 71.08
C ASN D 1338 24.07 78.55 71.06
N TRP D 1339 24.39 77.26 71.03
CA TRP D 1339 23.35 76.23 70.99
C TRP D 1339 23.62 75.13 72.02
N PRO D 1340 22.54 74.52 72.53
CA PRO D 1340 22.61 73.44 73.52
C PRO D 1340 23.64 72.38 73.15
N GLY D 1343 20.05 72.24 77.21
CA GLY D 1343 20.00 70.82 76.95
C GLY D 1343 18.61 70.22 76.93
N LYS D 1344 17.59 71.07 77.08
CA LYS D 1344 16.20 70.63 77.09
C LYS D 1344 15.76 70.16 75.70
N ILE D 1345 14.92 69.13 75.67
CA ILE D 1345 14.42 68.57 74.41
C ILE D 1345 12.96 68.15 74.52
N GLN D 1346 12.10 68.74 73.68
CA GLN D 1346 10.69 68.41 73.69
C GLN D 1346 10.35 67.58 72.45
N ILE D 1347 9.60 66.51 72.66
CA ILE D 1347 9.22 65.59 71.60
C ILE D 1347 7.69 65.45 71.63
N GLN D 1348 7.04 65.80 70.53
CA GLN D 1348 5.58 65.87 70.46
C GLN D 1348 5.10 65.03 69.28
N ASN D 1349 4.51 63.86 69.60
CA ASN D 1349 3.88 62.97 68.61
C ASN D 1349 4.86 62.55 67.51
N LEU D 1350 6.09 62.23 67.91
CA LEU D 1350 7.11 61.85 66.95
C LEU D 1350 6.81 60.48 66.35
N SER D 1351 6.94 60.38 65.04
CA SER D 1351 6.91 59.10 64.35
C SER D 1351 7.82 59.21 63.14
N VAL D 1352 8.77 58.30 63.03
CA VAL D 1352 9.82 58.40 62.01
C VAL D 1352 9.88 57.11 61.21
N ARG D 1353 10.36 57.25 59.97
CA ARG D 1353 10.56 56.13 59.06
C ARG D 1353 11.93 56.29 58.40
N TYR D 1354 12.32 55.26 57.66
CA TYR D 1354 13.51 55.33 56.81
C TYR D 1354 13.16 55.67 55.37
N ASP D 1355 12.11 55.05 54.83
CA ASP D 1355 11.53 55.40 53.55
C ASP D 1355 10.06 55.77 53.75
N SER D 1356 9.48 56.43 52.74
CA SER D 1356 8.06 56.73 52.81
C SER D 1356 7.23 55.47 52.76
N SER D 1357 7.66 54.48 51.97
CA SER D 1357 6.96 53.20 51.86
C SER D 1357 7.62 52.19 52.79
N LEU D 1358 7.46 52.44 54.09
CA LEU D 1358 8.01 51.56 55.11
C LEU D 1358 7.18 51.69 56.38
N LYS D 1359 7.15 50.60 57.16
CA LYS D 1359 6.48 50.64 58.44
C LYS D 1359 7.26 51.55 59.40
N PRO D 1360 6.57 52.37 60.19
CA PRO D 1360 7.27 53.33 61.06
C PRO D 1360 7.98 52.61 62.21
N VAL D 1361 9.29 52.88 62.33
CA VAL D 1361 10.07 52.30 63.42
C VAL D 1361 9.65 52.90 64.76
N LEU D 1362 9.24 54.16 64.77
CA LEU D 1362 8.68 54.81 65.94
C LEU D 1362 7.28 55.30 65.62
N LYS D 1363 6.37 55.15 66.58
CA LYS D 1363 4.95 55.45 66.38
C LYS D 1363 4.44 56.28 67.54
N HIS D 1364 4.16 57.55 67.28
CA HIS D 1364 3.57 58.50 68.24
C HIS D 1364 4.43 58.63 69.50
N VAL D 1365 5.74 58.82 69.29
CA VAL D 1365 6.66 59.03 70.40
C VAL D 1365 6.45 60.44 70.95
N ASN D 1366 6.26 60.53 72.27
CA ASN D 1366 5.96 61.80 72.92
C ASN D 1366 6.62 61.80 74.29
N ALA D 1367 7.58 62.70 74.50
CA ALA D 1367 8.31 62.78 75.76
C ALA D 1367 8.91 64.17 75.91
N LEU D 1368 9.04 64.61 77.18
CA LEU D 1368 9.69 65.86 77.54
C LEU D 1368 10.93 65.55 78.38
N ILE D 1369 12.03 66.21 78.08
CA ILE D 1369 13.30 66.01 78.77
C ILE D 1369 13.72 67.33 79.40
N SER D 1370 13.96 67.31 80.71
CA SER D 1370 14.41 68.49 81.43
C SER D 1370 15.86 68.82 81.06
N PRO D 1371 16.26 70.09 81.18
CA PRO D 1371 17.68 70.42 80.97
C PRO D 1371 18.59 69.78 82.01
N GLY D 1372 19.68 69.18 81.52
CA GLY D 1372 20.72 68.65 82.38
C GLY D 1372 20.48 67.24 82.88
N GLN D 1373 19.26 66.72 82.75
CA GLN D 1373 18.97 65.41 83.30
C GLN D 1373 19.48 64.30 82.39
N LYS D 1374 19.62 63.11 82.97
CA LYS D 1374 20.20 61.95 82.27
C LYS D 1374 19.10 60.98 81.89
N ILE D 1375 19.06 60.59 80.63
CA ILE D 1375 18.00 59.75 80.09
C ILE D 1375 18.62 58.45 79.58
N GLY D 1376 18.07 57.33 80.05
CA GLY D 1376 18.52 56.02 79.59
C GLY D 1376 17.48 55.31 78.74
N ILE D 1377 17.74 55.21 77.45
CA ILE D 1377 16.79 54.61 76.52
C ILE D 1377 17.07 53.11 76.42
N CYS D 1378 16.05 52.30 76.62
CA CYS D 1378 16.17 50.86 76.48
C CYS D 1378 14.95 50.32 75.74
N GLY D 1379 15.14 49.17 75.11
CA GLY D 1379 14.05 48.52 74.41
C GLY D 1379 14.51 47.19 73.85
N ARG D 1380 13.52 46.38 73.47
CA ARG D 1380 13.80 45.10 72.84
C ARG D 1380 14.41 45.32 71.47
N THR D 1381 15.32 44.41 71.09
CA THR D 1381 15.94 44.47 69.77
C THR D 1381 14.89 44.24 68.69
N GLY D 1382 14.75 45.20 67.78
CA GLY D 1382 13.70 45.18 66.78
C GLY D 1382 12.55 46.12 67.06
N SER D 1383 12.61 46.90 68.15
CA SER D 1383 11.59 47.89 68.46
C SER D 1383 11.91 49.26 67.89
N GLY D 1384 12.99 49.39 67.13
CA GLY D 1384 13.38 50.66 66.53
C GLY D 1384 13.85 51.70 67.52
N LYS D 1385 14.56 51.29 68.57
CA LYS D 1385 15.11 52.25 69.53
C LYS D 1385 16.35 52.95 68.99
N SER D 1386 17.01 52.39 67.98
CA SER D 1386 18.20 53.01 67.42
C SER D 1386 17.86 54.26 66.61
N SER D 1387 16.69 54.29 65.97
CA SER D 1387 16.29 55.46 65.20
C SER D 1387 15.95 56.66 66.07
N PHE D 1388 15.73 56.44 67.37
CA PHE D 1388 15.44 57.53 68.29
C PHE D 1388 16.62 58.47 68.41
N SER D 1389 17.84 57.93 68.43
CA SER D 1389 19.04 58.77 68.45
C SER D 1389 19.20 59.53 67.13
N LEU D 1390 18.92 58.88 66.00
CA LEU D 1390 19.06 59.52 64.70
C LEU D 1390 17.97 60.55 64.44
N ALA D 1391 16.87 60.50 65.20
CA ALA D 1391 15.80 61.49 65.03
C ALA D 1391 16.26 62.91 65.33
N PHE D 1392 17.22 63.06 66.25
CA PHE D 1392 17.70 64.39 66.60
C PHE D 1392 18.57 65.01 65.51
N PHE D 1393 19.06 64.20 64.56
CA PHE D 1393 19.95 64.68 63.51
C PHE D 1393 19.25 64.74 62.15
N ARG D 1394 17.94 64.50 62.11
CA ARG D 1394 17.13 64.52 60.89
C ARG D 1394 17.65 63.56 59.83
N MET D 1395 18.12 62.39 60.27
CA MET D 1395 18.54 61.34 59.37
C MET D 1395 17.44 60.31 59.13
N VAL D 1396 16.26 60.54 59.68
CA VAL D 1396 15.09 59.68 59.47
C VAL D 1396 13.93 60.58 59.06
N ASP D 1397 12.98 60.00 58.33
CA ASP D 1397 11.87 60.76 57.77
C ASP D 1397 10.88 61.09 58.89
N MET D 1398 10.91 62.34 59.35
CA MET D 1398 9.95 62.83 60.34
C MET D 1398 8.68 63.24 59.61
N PHE D 1399 7.89 62.22 59.22
CA PHE D 1399 6.65 62.48 58.49
C PHE D 1399 5.58 63.10 59.36
N GLU D 1400 5.68 62.95 60.68
CA GLU D 1400 4.82 63.67 61.61
C GLU D 1400 5.58 63.88 62.91
N GLY D 1401 5.14 64.87 63.68
CA GLY D 1401 5.78 65.20 64.93
C GLY D 1401 6.72 66.38 64.82
N ARG D 1402 7.25 66.78 65.96
CA ARG D 1402 8.10 67.97 66.05
C ARG D 1402 9.04 67.83 67.23
N ILE D 1403 10.34 68.04 66.98
CA ILE D 1403 11.36 68.01 68.02
C ILE D 1403 11.71 69.45 68.35
N ILE D 1404 11.20 69.94 69.48
CA ILE D 1404 11.44 71.32 69.92
C ILE D 1404 12.58 71.28 70.93
N ILE D 1405 13.74 71.80 70.52
CA ILE D 1405 14.91 71.87 71.38
C ILE D 1405 15.16 73.33 71.72
N ASP D 1406 14.98 73.68 72.99
CA ASP D 1406 15.17 75.04 73.50
C ASP D 1406 14.30 76.05 72.76
N GLY D 1407 13.06 75.65 72.46
CA GLY D 1407 12.12 76.50 71.78
C GLY D 1407 12.29 76.56 70.27
N ILE D 1408 13.20 75.78 69.70
CA ILE D 1408 13.51 75.84 68.27
C ILE D 1408 13.39 74.43 67.70
N ASP D 1409 12.56 74.28 66.67
CA ASP D 1409 12.44 73.00 65.99
C ASP D 1409 13.69 72.71 65.16
N ILE D 1410 14.10 71.44 65.14
CA ILE D 1410 15.28 71.07 64.38
C ILE D 1410 14.98 71.01 62.89
N ALA D 1411 13.72 70.77 62.52
CA ALA D 1411 13.35 70.65 61.11
C ALA D 1411 13.48 71.98 60.38
N LYS D 1412 13.19 73.09 61.05
CA LYS D 1412 13.41 74.40 60.45
C LYS D 1412 14.88 74.71 60.31
N LEU D 1413 15.71 74.17 61.20
CA LEU D 1413 17.12 74.54 61.30
C LEU D 1413 17.94 73.88 60.17
N PRO D 1414 19.01 74.54 59.73
CA PRO D 1414 19.92 73.90 58.78
C PRO D 1414 20.59 72.66 59.36
N LEU D 1415 20.93 71.72 58.46
CA LEU D 1415 21.54 70.46 58.87
C LEU D 1415 22.94 70.66 59.43
N HIS D 1416 23.71 71.58 58.84
CA HIS D 1416 25.08 71.82 59.31
C HIS D 1416 25.09 72.37 60.74
N THR D 1417 24.21 73.35 61.01
CA THR D 1417 24.12 73.92 62.35
C THR D 1417 23.56 72.92 63.36
N LEU D 1418 22.63 72.05 62.94
CA LEU D 1418 22.08 71.04 63.85
C LEU D 1418 23.12 69.99 64.20
N ARG D 1419 23.81 69.46 63.18
CA ARG D 1419 24.78 68.39 63.39
C ARG D 1419 26.12 68.89 63.89
N SER D 1420 26.33 70.22 63.93
CA SER D 1420 27.56 70.78 64.48
C SER D 1420 27.48 71.04 65.98
N ARG D 1421 26.30 70.97 66.58
CA ARG D 1421 26.13 71.30 68.00
C ARG D 1421 25.51 70.15 68.79
N LEU D 1422 25.46 68.95 68.22
CA LEU D 1422 25.00 67.77 68.95
C LEU D 1422 26.06 66.68 68.89
N SER D 1423 26.28 66.03 70.02
CA SER D 1423 27.27 64.97 70.14
C SER D 1423 26.61 63.61 70.12
N ILE D 1424 27.31 62.63 69.54
CA ILE D 1424 26.74 61.31 69.29
C ILE D 1424 27.89 60.32 69.13
N ILE D 1425 27.70 59.12 69.70
CA ILE D 1425 28.67 58.03 69.60
C ILE D 1425 27.92 56.75 69.27
N LEU D 1426 28.38 56.04 68.24
CA LEU D 1426 27.72 54.85 67.74
C LEU D 1426 28.42 53.59 68.23
N GLN D 1427 28.04 52.44 67.66
CA GLN D 1427 28.57 51.14 68.07
C GLN D 1427 30.07 51.04 67.83
N ASP D 1428 30.48 51.11 66.58
CA ASP D 1428 31.88 50.86 66.25
C ASP D 1428 32.67 52.16 66.23
N PRO D 1429 33.93 52.13 66.67
CA PRO D 1429 34.76 53.34 66.64
C PRO D 1429 35.43 53.51 65.28
N VAL D 1430 35.07 54.59 64.59
CA VAL D 1430 35.61 54.89 63.28
C VAL D 1430 36.70 55.94 63.44
N LEU D 1431 37.94 55.53 63.27
CA LEU D 1431 39.09 56.42 63.32
C LEU D 1431 39.63 56.65 61.92
N PHE D 1432 39.95 57.91 61.61
CA PHE D 1432 40.38 58.28 60.27
C PHE D 1432 41.88 58.52 60.24
N SER D 1433 42.48 58.30 59.07
CA SER D 1433 43.93 58.43 58.92
C SER D 1433 44.36 59.88 59.05
N GLY D 1434 45.40 60.11 59.83
CA GLY D 1434 45.92 61.43 60.08
C GLY D 1434 46.41 61.54 61.51
N THR D 1435 46.61 62.77 61.96
CA THR D 1435 47.07 63.03 63.31
C THR D 1435 45.91 63.05 64.30
N ILE D 1436 46.26 63.06 65.59
CA ILE D 1436 45.24 63.18 66.64
C ILE D 1436 44.59 64.56 66.58
N ARG D 1437 45.32 65.58 66.09
CA ARG D 1437 44.70 66.87 65.80
C ARG D 1437 43.59 66.71 64.77
N PHE D 1438 43.84 65.95 63.70
CA PHE D 1438 42.84 65.79 62.66
C PHE D 1438 41.68 64.92 63.12
N ASN D 1439 41.95 63.89 63.91
CA ASN D 1439 40.85 63.04 64.39
C ASN D 1439 39.99 63.79 65.41
N LEU D 1440 40.61 64.51 66.33
CA LEU D 1440 39.87 65.13 67.42
C LEU D 1440 39.21 66.43 66.98
N ASP D 1441 39.98 67.34 66.38
CA ASP D 1441 39.48 68.63 65.90
C ASP D 1441 39.95 68.86 64.47
N PRO D 1442 39.30 68.20 63.49
CA PRO D 1442 39.72 68.37 62.09
C PRO D 1442 39.60 69.79 61.56
N GLU D 1443 38.59 70.54 61.98
CA GLU D 1443 38.40 71.91 61.53
C GLU D 1443 39.35 72.89 62.20
N LYS D 1444 40.11 72.44 63.20
CA LYS D 1444 41.06 73.27 63.96
C LYS D 1444 40.38 74.46 64.61
N LYS D 1445 39.14 74.26 65.07
CA LYS D 1445 38.39 75.32 65.73
C LYS D 1445 38.82 75.53 67.17
N CYS D 1446 39.35 74.50 67.82
CA CYS D 1446 39.80 74.58 69.20
C CYS D 1446 41.32 74.57 69.27
N SER D 1447 41.87 75.30 70.23
CA SER D 1447 43.31 75.34 70.44
C SER D 1447 43.80 74.01 71.00
N ASP D 1448 45.12 73.80 70.91
CA ASP D 1448 45.72 72.57 71.37
C ASP D 1448 45.58 72.40 72.88
N SER D 1449 45.73 73.50 73.64
CA SER D 1449 45.55 73.47 75.08
C SER D 1449 44.11 73.09 75.46
N THR D 1450 43.14 73.49 74.63
CA THR D 1450 41.77 73.02 74.82
C THR D 1450 41.65 71.53 74.52
N LEU D 1451 42.45 71.02 73.58
CA LEU D 1451 42.41 69.61 73.24
C LEU D 1451 43.07 68.72 74.29
N TRP D 1452 44.01 69.27 75.09
CA TRP D 1452 44.74 68.46 76.05
C TRP D 1452 43.82 67.89 77.15
N GLU D 1453 42.99 68.74 77.75
CA GLU D 1453 42.07 68.25 78.78
C GLU D 1453 40.97 67.38 78.19
N ALA D 1454 40.56 67.67 76.95
CA ALA D 1454 39.63 66.82 76.23
C ALA D 1454 40.19 65.42 76.07
N LEU D 1455 41.49 65.31 75.79
CA LEU D 1455 42.14 64.02 75.71
C LEU D 1455 42.35 63.41 77.09
N GLU D 1456 42.50 64.25 78.11
CA GLU D 1456 42.63 63.77 79.50
C GLU D 1456 41.37 63.05 79.97
N ILE D 1457 40.20 63.52 79.53
CA ILE D 1457 38.93 62.88 79.94
C ILE D 1457 38.88 61.42 79.49
N ALA D 1458 39.37 61.14 78.30
CA ALA D 1458 39.33 59.78 77.75
C ALA D 1458 40.37 58.84 78.34
N GLN D 1459 41.21 59.32 79.26
CA GLN D 1459 42.26 58.56 79.94
C GLN D 1459 43.33 58.03 79.00
N LEU D 1460 43.37 58.50 77.75
CA LEU D 1460 44.35 58.06 76.77
C LEU D 1460 45.59 58.93 76.76
N LYS D 1461 45.72 59.87 77.69
CA LYS D 1461 46.86 60.78 77.69
C LYS D 1461 48.17 60.05 77.97
N LEU D 1462 48.12 58.97 78.76
CA LEU D 1462 49.32 58.16 78.96
C LEU D 1462 49.81 57.55 77.65
N VAL D 1463 48.88 57.01 76.85
CA VAL D 1463 49.24 56.42 75.57
C VAL D 1463 49.70 57.50 74.59
N VAL D 1464 48.94 58.59 74.49
CA VAL D 1464 49.21 59.62 73.49
C VAL D 1464 50.53 60.34 73.80
N LYS D 1465 50.77 60.67 75.07
CA LYS D 1465 52.05 61.24 75.46
C LYS D 1465 53.18 60.23 75.30
N ALA D 1466 52.91 58.93 75.52
CA ALA D 1466 53.91 57.90 75.28
C ALA D 1466 54.10 57.58 73.80
N LEU D 1467 53.18 58.00 72.93
CA LEU D 1467 53.33 57.75 71.51
C LEU D 1467 54.49 58.58 70.95
N PRO D 1468 55.20 58.05 69.93
CA PRO D 1468 56.41 58.73 69.45
C PRO D 1468 56.17 60.10 68.84
N GLY D 1469 54.98 60.36 68.29
CA GLY D 1469 54.69 61.63 67.69
C GLY D 1469 54.17 62.69 68.62
N GLY D 1470 54.14 62.43 69.92
CA GLY D 1470 53.47 63.35 70.83
C GLY D 1470 51.98 63.30 70.60
N LEU D 1471 51.34 64.47 70.52
CA LEU D 1471 49.96 64.52 70.04
C LEU D 1471 49.87 64.41 68.53
N ASP D 1472 50.99 64.52 67.81
CA ASP D 1472 51.00 64.37 66.36
C ASP D 1472 51.15 62.92 65.91
N ALA D 1473 50.82 61.96 66.77
CA ALA D 1473 50.91 60.55 66.41
C ALA D 1473 49.90 60.20 65.32
N ILE D 1474 50.35 59.43 64.35
CA ILE D 1474 49.57 59.15 63.15
C ILE D 1474 48.68 57.94 63.40
N ILE D 1475 47.37 58.15 63.29
CA ILE D 1475 46.41 57.05 63.34
C ILE D 1475 46.34 56.40 61.97
N THR D 1476 46.43 55.08 61.92
CA THR D 1476 46.37 54.34 60.67
C THR D 1476 44.92 54.23 60.20
N GLU D 1477 44.68 53.43 59.17
CA GLU D 1477 43.34 53.25 58.61
C GLU D 1477 42.48 52.47 59.59
N GLY D 1478 41.49 53.16 60.18
CA GLY D 1478 40.63 52.53 61.16
C GLY D 1478 41.22 52.41 62.55
N GLY D 1479 42.37 53.02 62.80
CA GLY D 1479 43.01 52.93 64.11
C GLY D 1479 43.51 51.54 64.47
N GLU D 1480 44.15 50.85 63.54
CA GLU D 1480 44.65 49.50 63.80
C GLU D 1480 45.80 49.47 64.79
N ASN D 1481 46.43 50.60 65.08
CA ASN D 1481 47.50 50.68 66.06
C ASN D 1481 46.98 50.80 67.49
N PHE D 1482 45.66 50.88 67.67
CA PHE D 1482 45.06 50.94 69.00
C PHE D 1482 44.09 49.77 69.18
N SER D 1483 43.87 49.38 70.43
CA SER D 1483 42.87 48.37 70.74
C SER D 1483 41.46 48.96 70.59
N GLN D 1484 40.47 48.07 70.60
CA GLN D 1484 39.08 48.45 70.34
C GLN D 1484 38.56 49.44 71.37
N GLY D 1485 38.82 49.17 72.65
CA GLY D 1485 38.43 50.10 73.69
C GLY D 1485 39.14 51.43 73.59
N GLN D 1486 40.42 51.41 73.19
CA GLN D 1486 41.16 52.66 72.99
C GLN D 1486 40.54 53.49 71.87
N ARG D 1487 40.14 52.85 70.77
CA ARG D 1487 39.48 53.56 69.68
C ARG D 1487 38.16 54.17 70.14
N GLN D 1488 37.39 53.43 70.95
CA GLN D 1488 36.13 53.97 71.45
C GLN D 1488 36.36 55.17 72.39
N LEU D 1489 37.41 55.11 73.22
CA LEU D 1489 37.75 56.23 74.08
C LEU D 1489 38.18 57.45 73.26
N PHE D 1490 38.90 57.20 72.16
CA PHE D 1490 39.21 58.26 71.20
C PHE D 1490 37.94 58.91 70.68
N CYS D 1491 36.93 58.10 70.35
CA CYS D 1491 35.66 58.65 69.87
C CYS D 1491 34.97 59.48 70.95
N LEU D 1492 35.06 59.06 72.20
CA LEU D 1492 34.45 59.81 73.30
C LEU D 1492 35.10 61.20 73.44
N ALA D 1493 36.43 61.25 73.46
CA ALA D 1493 37.10 62.54 73.54
C ALA D 1493 36.80 63.40 72.32
N ARG D 1494 36.70 62.75 71.16
CA ARG D 1494 36.33 63.42 69.92
C ARG D 1494 34.96 64.08 70.04
N ALA D 1495 34.02 63.42 70.70
CA ALA D 1495 32.71 64.03 70.92
C ALA D 1495 32.76 65.13 71.98
N PHE D 1496 33.66 65.01 72.98
CA PHE D 1496 33.75 66.06 73.99
C PHE D 1496 34.29 67.37 73.42
N VAL D 1497 35.15 67.28 72.39
CA VAL D 1497 35.81 68.48 71.84
C VAL D 1497 34.80 69.53 71.37
N ARG D 1498 33.64 69.11 70.86
CA ARG D 1498 32.62 70.05 70.39
C ARG D 1498 32.04 70.88 71.53
N LYS D 1499 32.00 70.34 72.75
CA LYS D 1499 31.58 71.03 73.97
C LYS D 1499 30.14 71.55 73.88
N THR D 1500 29.20 70.60 73.77
CA THR D 1500 27.77 70.90 73.85
C THR D 1500 27.16 70.15 75.02
N SER D 1501 26.01 70.65 75.49
CA SER D 1501 25.34 69.98 76.60
C SER D 1501 24.63 68.72 76.15
N ILE D 1502 23.99 68.74 74.98
CA ILE D 1502 23.26 67.55 74.53
C ILE D 1502 24.27 66.49 74.10
N PHE D 1503 24.38 65.43 74.90
CA PHE D 1503 25.35 64.36 74.69
C PHE D 1503 24.58 63.05 74.53
N ILE D 1504 24.48 62.57 73.29
CA ILE D 1504 23.74 61.34 73.00
C ILE D 1504 24.74 60.20 72.94
N MET D 1505 24.57 59.21 73.82
CA MET D 1505 25.47 58.06 73.91
C MET D 1505 24.71 56.85 73.38
N ASP D 1506 24.81 56.61 72.08
CA ASP D 1506 24.04 55.57 71.39
C ASP D 1506 24.82 54.26 71.44
N GLU D 1507 24.63 53.52 72.54
CA GLU D 1507 25.12 52.14 72.71
C GLU D 1507 26.63 52.03 72.54
N ALA D 1508 27.35 52.97 73.17
CA ALA D 1508 28.81 52.94 73.10
C ALA D 1508 29.41 51.82 73.94
N THR D 1509 28.74 51.44 75.03
CA THR D 1509 29.26 50.45 75.94
C THR D 1509 29.13 49.01 75.43
N ALA D 1510 28.39 48.80 74.35
CA ALA D 1510 28.07 47.44 73.92
C ALA D 1510 29.30 46.71 73.37
N SER D 1511 30.14 47.42 72.61
CA SER D 1511 31.29 46.81 71.96
C SER D 1511 32.53 46.79 72.84
N ILE D 1512 32.43 47.25 74.09
CA ILE D 1512 33.59 47.51 74.94
C ILE D 1512 33.51 46.63 76.18
N ASP D 1513 34.66 46.11 76.61
CA ASP D 1513 34.74 45.25 77.79
C ASP D 1513 34.32 45.99 79.04
N MET D 1514 33.82 45.24 80.02
CA MET D 1514 33.16 45.82 81.20
C MET D 1514 34.14 46.64 82.05
N ALA D 1515 35.38 46.17 82.18
CA ALA D 1515 36.35 46.84 83.04
C ALA D 1515 36.67 48.24 82.54
N THR D 1516 36.87 48.39 81.22
CA THR D 1516 37.02 49.72 80.66
C THR D 1516 35.69 50.46 80.60
N GLU D 1517 34.59 49.72 80.51
CA GLU D 1517 33.26 50.32 80.41
C GLU D 1517 32.90 51.09 81.68
N ASN D 1518 33.25 50.55 82.85
CA ASN D 1518 32.87 51.21 84.10
C ASN D 1518 33.61 52.53 84.30
N ILE D 1519 34.93 52.53 84.09
CA ILE D 1519 35.70 53.76 84.22
C ILE D 1519 35.31 54.76 83.11
N LEU D 1520 34.99 54.24 81.92
CA LEU D 1520 34.49 55.09 80.83
C LEU D 1520 33.18 55.76 81.22
N GLN D 1521 32.26 55.00 81.80
CA GLN D 1521 30.95 55.55 82.16
C GLN D 1521 31.06 56.57 83.29
N LYS D 1522 31.91 56.31 84.29
CA LYS D 1522 32.03 57.27 85.39
C LYS D 1522 32.74 58.55 84.93
N VAL D 1523 33.71 58.44 84.01
CA VAL D 1523 34.33 59.66 83.51
C VAL D 1523 33.42 60.40 82.53
N VAL D 1524 32.49 59.68 81.87
CA VAL D 1524 31.45 60.33 81.08
C VAL D 1524 30.53 61.13 81.98
N MET D 1525 30.09 60.52 83.09
CA MET D 1525 29.17 61.20 84.00
C MET D 1525 29.82 62.40 84.67
N THR D 1526 31.11 62.32 85.01
CA THR D 1526 31.79 63.48 85.56
C THR D 1526 32.03 64.55 84.50
N ALA D 1527 32.37 64.15 83.27
CA ALA D 1527 32.69 65.11 82.23
C ALA D 1527 31.46 65.81 81.66
N PHE D 1528 30.27 65.27 81.88
CA PHE D 1528 29.04 65.76 81.29
C PHE D 1528 27.98 65.99 82.36
N ALA D 1529 28.37 66.68 83.44
CA ALA D 1529 27.49 66.91 84.57
C ALA D 1529 26.37 67.89 84.23
N ASP D 1530 26.74 69.12 83.86
CA ASP D 1530 25.75 70.08 83.37
C ASP D 1530 25.20 69.67 82.01
N ARG D 1531 25.91 68.82 81.28
CA ARG D 1531 25.52 68.39 79.95
C ARG D 1531 24.38 67.38 80.03
N THR D 1532 23.36 67.55 79.17
CA THR D 1532 22.24 66.62 79.11
C THR D 1532 22.65 65.35 78.39
N VAL D 1533 22.50 64.21 79.05
CA VAL D 1533 22.94 62.94 78.50
C VAL D 1533 21.70 62.10 78.19
N VAL D 1534 21.41 61.92 76.90
CA VAL D 1534 20.37 61.01 76.44
C VAL D 1534 21.07 59.74 75.97
N THR D 1535 20.99 58.68 76.77
CA THR D 1535 21.72 57.45 76.50
C THR D 1535 20.78 56.42 75.90
N ILE D 1536 21.01 56.07 74.64
CA ILE D 1536 20.41 54.89 74.05
C ILE D 1536 21.38 53.74 74.31
N ALA D 1537 20.94 52.76 75.07
CA ALA D 1537 21.78 51.63 75.45
C ALA D 1537 21.05 50.33 75.21
N HIS D 1538 21.80 49.31 74.79
CA HIS D 1538 21.22 47.99 74.57
C HIS D 1538 21.06 47.20 75.86
N ARG D 1539 21.88 47.49 76.87
CA ARG D 1539 21.86 46.78 78.14
C ARG D 1539 21.46 47.74 79.25
N VAL D 1540 20.51 47.31 80.08
CA VAL D 1540 19.87 48.19 81.05
C VAL D 1540 20.73 48.44 82.29
N HIS D 1541 21.73 47.59 82.55
CA HIS D 1541 22.55 47.75 83.75
C HIS D 1541 23.40 49.01 83.68
N THR D 1542 23.70 49.50 82.48
CA THR D 1542 24.41 50.75 82.34
C THR D 1542 23.52 51.94 82.70
N ILE D 1543 22.25 51.90 82.26
CA ILE D 1543 21.33 53.01 82.48
C ILE D 1543 20.51 52.82 83.74
N LEU D 1544 20.91 51.90 84.62
CA LEU D 1544 20.29 51.81 85.95
C LEU D 1544 20.46 53.10 86.75
N SER D 1545 21.52 53.86 86.50
CA SER D 1545 21.80 55.09 87.23
C SER D 1545 21.24 56.34 86.56
N ALA D 1546 20.54 56.21 85.44
CA ALA D 1546 19.97 57.36 84.76
C ALA D 1546 18.79 57.92 85.56
N ASP D 1547 18.47 59.20 85.30
CA ASP D 1547 17.35 59.83 85.98
C ASP D 1547 16.02 59.25 85.51
N LEU D 1548 15.87 59.03 84.21
CA LEU D 1548 14.66 58.46 83.63
C LEU D 1548 15.02 57.34 82.67
N VAL D 1549 14.19 56.31 82.63
CA VAL D 1549 14.35 55.19 81.72
C VAL D 1549 13.10 55.09 80.86
N MET D 1550 13.27 55.10 79.54
CA MET D 1550 12.19 54.95 78.58
C MET D 1550 12.24 53.56 77.98
N VAL D 1551 11.10 52.88 77.98
CA VAL D 1551 10.98 51.51 77.46
C VAL D 1551 10.16 51.55 76.18
N LEU D 1552 10.70 50.99 75.12
CA LEU D 1552 10.10 51.04 73.79
C LEU D 1552 9.71 49.64 73.35
N LYS D 1553 8.44 49.46 72.96
CA LYS D 1553 7.96 48.20 72.42
C LYS D 1553 7.22 48.50 71.11
N ARG D 1554 7.83 48.10 69.99
CA ARG D 1554 7.26 48.27 68.65
C ARG D 1554 6.97 49.74 68.34
N GLY D 1555 7.86 50.62 68.76
CA GLY D 1555 7.74 52.04 68.47
C GLY D 1555 6.86 52.83 69.40
N ALA D 1556 6.48 52.28 70.54
CA ALA D 1556 5.62 52.96 71.50
C ALA D 1556 6.31 53.02 72.85
N ILE D 1557 6.12 54.14 73.55
CA ILE D 1557 6.73 54.36 74.86
C ILE D 1557 5.84 53.70 75.90
N LEU D 1558 6.26 52.52 76.39
CA LEU D 1558 5.51 51.84 77.45
C LEU D 1558 5.66 52.56 78.78
N GLU D 1559 6.90 52.83 79.17
CA GLU D 1559 7.23 53.31 80.51
C GLU D 1559 8.12 54.54 80.42
N PHE D 1560 7.73 55.62 81.09
CA PHE D 1560 8.51 56.85 81.13
C PHE D 1560 8.53 57.34 82.58
N ASP D 1561 9.48 56.84 83.36
CA ASP D 1561 9.65 57.24 84.76
C ASP D 1561 11.03 56.82 85.22
N LYS D 1562 11.34 57.15 86.47
CA LYS D 1562 12.65 56.88 87.05
C LYS D 1562 12.86 55.39 87.25
N PRO D 1563 14.11 54.91 87.19
CA PRO D 1563 14.37 53.47 87.32
C PRO D 1563 14.00 52.88 88.67
N GLU D 1564 13.97 53.67 89.74
CA GLU D 1564 13.64 53.12 91.05
C GLU D 1564 12.18 52.73 91.15
N THR D 1565 11.28 53.66 90.79
CA THR D 1565 9.85 53.37 90.77
C THR D 1565 9.52 52.33 89.71
N LEU D 1566 10.23 52.35 88.58
CA LEU D 1566 10.01 51.36 87.53
C LEU D 1566 10.42 49.96 87.98
N LEU D 1567 11.54 49.84 88.70
CA LEU D 1567 11.99 48.55 89.21
C LEU D 1567 11.17 48.11 90.42
N SER D 1568 10.44 49.03 91.06
CA SER D 1568 9.54 48.63 92.14
C SER D 1568 8.42 47.73 91.62
N GLN D 1569 7.91 48.01 90.43
CA GLN D 1569 6.84 47.20 89.85
C GLN D 1569 7.37 45.85 89.39
N LYS D 1570 6.68 44.77 89.76
CA LYS D 1570 7.10 43.44 89.37
C LYS D 1570 6.78 43.13 87.91
N ASP D 1571 5.67 43.65 87.39
CA ASP D 1571 5.22 43.35 86.04
C ASP D 1571 5.79 44.31 85.00
N SER D 1572 6.65 45.25 85.40
CA SER D 1572 7.25 46.17 84.45
C SER D 1572 8.24 45.44 83.55
N VAL D 1573 8.25 45.82 82.27
CA VAL D 1573 9.12 45.18 81.29
C VAL D 1573 10.58 45.49 81.57
N PHE D 1574 10.86 46.70 82.08
CA PHE D 1574 12.23 47.06 82.45
C PHE D 1574 12.77 46.18 83.57
N ALA D 1575 11.91 45.76 84.50
CA ALA D 1575 12.32 44.81 85.51
C ALA D 1575 12.71 43.46 84.90
N SER D 1576 11.96 43.03 83.88
CA SER D 1576 12.33 41.81 83.17
C SER D 1576 13.64 41.96 82.42
N PHE D 1577 13.90 43.16 81.89
CA PHE D 1577 15.17 43.42 81.23
C PHE D 1577 16.33 43.38 82.22
N VAL D 1578 16.14 43.93 83.42
CA VAL D 1578 17.19 43.90 84.43
C VAL D 1578 17.43 42.48 84.94
N ARG D 1579 16.35 41.74 85.22
CA ARG D 1579 16.48 40.38 85.73
C ARG D 1579 17.06 39.44 84.67
N ALA D 1580 16.66 39.60 83.41
CA ALA D 1580 17.18 38.78 82.33
C ALA D 1580 18.18 39.56 81.48
N ARG E 31 -37.51 12.22 4.64
CA ARG E 31 -37.46 11.68 6.00
C ARG E 31 -36.58 10.45 6.08
N ARG E 32 -36.09 10.17 7.28
CA ARG E 32 -35.20 9.03 7.59
C ARG E 32 -33.95 9.07 6.70
N ALA E 33 -33.15 10.11 6.95
CA ALA E 33 -31.85 10.23 6.29
C ALA E 33 -30.95 9.06 6.70
N ARG E 34 -30.25 8.51 5.72
CA ARG E 34 -29.33 7.40 5.96
C ARG E 34 -27.90 7.89 5.81
N PHE E 35 -27.02 7.34 6.66
CA PHE E 35 -25.63 7.78 6.70
C PHE E 35 -24.90 7.44 5.41
N VAL E 36 -25.07 6.20 4.92
CA VAL E 36 -24.50 5.74 3.67
C VAL E 36 -25.61 5.06 2.89
N SER E 37 -25.64 5.25 1.56
CA SER E 37 -26.65 4.61 0.73
C SER E 37 -26.34 3.13 0.53
N LYS E 38 -27.21 2.44 -0.21
CA LYS E 38 -27.02 1.03 -0.49
C LYS E 38 -25.82 0.79 -1.40
N LYS E 39 -25.52 1.73 -2.28
CA LYS E 39 -24.42 1.60 -3.22
C LYS E 39 -23.09 2.11 -2.66
N GLY E 40 -23.07 2.52 -1.40
CA GLY E 40 -21.84 2.98 -0.79
C GLY E 40 -21.63 4.47 -0.79
N ASN E 41 -22.50 5.23 -1.43
CA ASN E 41 -22.38 6.69 -1.44
C ASN E 41 -22.71 7.25 -0.06
N CYS E 42 -21.86 8.16 0.43
CA CYS E 42 -22.09 8.80 1.71
C CYS E 42 -22.97 10.03 1.50
N ASN E 43 -24.07 10.10 2.25
CA ASN E 43 -25.09 11.12 2.06
C ASN E 43 -24.92 12.29 3.02
N VAL E 44 -23.75 12.47 3.61
CA VAL E 44 -23.52 13.56 4.55
C VAL E 44 -23.28 14.85 3.78
N ALA E 45 -24.03 15.90 4.14
CA ALA E 45 -23.80 17.23 3.60
C ALA E 45 -22.90 17.99 4.55
N HIS E 46 -21.88 18.65 3.99
CA HIS E 46 -20.91 19.40 4.77
C HIS E 46 -21.13 20.89 4.57
N LYS E 47 -21.31 21.61 5.68
CA LYS E 47 -21.68 23.02 5.64
C LYS E 47 -20.68 23.85 6.43
N ASN E 48 -20.56 25.13 6.02
CA ASN E 48 -19.72 26.13 6.69
C ASN E 48 -18.26 25.71 6.73
N ILE E 49 -17.72 25.35 5.56
CA ILE E 49 -16.35 24.87 5.44
C ILE E 49 -15.48 26.08 5.11
N ARG E 50 -14.72 26.55 6.09
CA ARG E 50 -13.78 27.64 5.83
C ARG E 50 -12.64 27.11 4.97
N GLU E 51 -12.78 27.22 3.66
CA GLU E 51 -11.70 26.84 2.76
C GLU E 51 -10.63 27.91 2.81
N GLU E 52 -9.38 27.50 3.03
CA GLU E 52 -8.25 28.41 3.01
C GLU E 52 -7.36 28.14 1.80
N GLY E 53 -7.98 27.77 0.68
CA GLY E 53 -7.27 27.32 -0.49
C GLY E 53 -6.89 25.86 -0.47
N ARG E 54 -7.18 25.14 0.62
CA ARG E 54 -6.77 23.75 0.77
C ARG E 54 -7.45 22.82 -0.22
N PHE E 55 -8.58 23.23 -0.79
CA PHE E 55 -9.26 22.40 -1.78
C PHE E 55 -8.56 22.48 -3.14
N LEU E 56 -7.98 23.62 -3.48
CA LEU E 56 -7.26 23.78 -4.75
C LEU E 56 -5.75 23.76 -4.61
N GLN E 57 -5.21 23.80 -3.39
CA GLN E 57 -3.79 23.52 -3.22
C GLN E 57 -3.48 22.07 -3.54
N ASP E 58 -4.43 21.17 -3.29
CA ASP E 58 -4.34 19.78 -3.70
C ASP E 58 -4.90 19.63 -5.11
N VAL E 59 -4.30 20.38 -6.04
CA VAL E 59 -4.84 20.56 -7.39
C VAL E 59 -4.80 19.25 -8.18
N PHE E 60 -3.73 18.45 -7.98
CA PHE E 60 -3.61 17.22 -8.74
C PHE E 60 -4.62 16.18 -8.30
N THR E 61 -4.99 16.16 -7.01
CA THR E 61 -6.07 15.28 -6.56
C THR E 61 -7.39 15.68 -7.20
N THR E 62 -7.66 16.99 -7.32
CA THR E 62 -8.85 17.44 -8.04
C THR E 62 -8.80 17.01 -9.50
N LEU E 63 -7.63 17.17 -10.14
CA LEU E 63 -7.49 16.88 -11.56
C LEU E 63 -7.70 15.39 -11.85
N VAL E 64 -7.19 14.52 -10.98
CA VAL E 64 -7.48 13.10 -11.09
C VAL E 64 -8.96 12.83 -10.79
N ASP E 65 -9.52 13.54 -9.82
CA ASP E 65 -10.88 13.27 -9.35
C ASP E 65 -11.97 13.76 -10.30
N LEU E 66 -11.65 14.63 -11.26
CA LEU E 66 -12.65 15.04 -12.23
C LEU E 66 -13.08 13.84 -13.07
N LYS E 67 -14.37 13.80 -13.41
CA LYS E 67 -14.86 12.75 -14.29
C LYS E 67 -14.24 12.90 -15.67
N TRP E 68 -14.18 11.78 -16.40
CA TRP E 68 -13.35 11.67 -17.61
C TRP E 68 -13.60 12.73 -18.68
N PRO E 69 -14.85 13.08 -19.06
CA PRO E 69 -14.99 14.22 -20.00
C PRO E 69 -14.46 15.53 -19.46
N HIS E 70 -14.63 15.80 -18.16
CA HIS E 70 -14.08 17.00 -17.56
C HIS E 70 -12.55 17.01 -17.63
N THR E 71 -11.93 15.87 -17.31
CA THR E 71 -10.47 15.77 -17.34
C THR E 71 -9.92 15.96 -18.75
N LEU E 72 -10.59 15.34 -19.74
CA LEU E 72 -10.18 15.52 -21.13
C LEU E 72 -10.32 16.97 -21.56
N LEU E 73 -11.40 17.63 -21.13
CA LEU E 73 -11.60 19.05 -21.44
C LEU E 73 -10.50 19.91 -20.83
N ILE E 74 -10.13 19.63 -19.57
CA ILE E 74 -9.06 20.39 -18.91
C ILE E 74 -7.76 20.26 -19.69
N PHE E 75 -7.42 19.03 -20.08
CA PHE E 75 -6.10 18.82 -20.67
C PHE E 75 -6.04 19.34 -22.11
N THR E 76 -7.11 19.17 -22.89
CA THR E 76 -7.11 19.77 -24.23
C THR E 76 -7.14 21.29 -24.14
N MET E 77 -7.78 21.86 -23.12
CA MET E 77 -7.80 23.31 -22.96
C MET E 77 -6.42 23.84 -22.56
N SER E 78 -5.72 23.10 -21.69
CA SER E 78 -4.37 23.52 -21.29
C SER E 78 -3.40 23.45 -22.46
N PHE E 79 -3.47 22.38 -23.26
CA PHE E 79 -2.61 22.29 -24.44
C PHE E 79 -2.92 23.38 -25.45
N LEU E 80 -4.22 23.64 -25.68
CA LEU E 80 -4.60 24.69 -26.62
C LEU E 80 -4.19 26.08 -26.13
N CYS E 81 -4.30 26.33 -24.82
CA CYS E 81 -3.89 27.61 -24.27
C CYS E 81 -2.38 27.82 -24.37
N SER E 82 -1.60 26.76 -24.12
CA SER E 82 -0.15 26.88 -24.29
C SER E 82 0.22 27.12 -25.74
N TRP E 83 -0.43 26.42 -26.67
CA TRP E 83 -0.19 26.63 -28.10
C TRP E 83 -0.53 28.05 -28.51
N LEU E 84 -1.66 28.57 -28.04
CA LEU E 84 -2.08 29.92 -28.44
C LEU E 84 -1.17 30.99 -27.82
N LEU E 85 -0.74 30.80 -26.57
CA LEU E 85 0.15 31.76 -25.92
C LEU E 85 1.49 31.83 -26.63
N PHE E 86 2.08 30.68 -26.93
CA PHE E 86 3.37 30.72 -27.63
C PHE E 86 3.20 31.07 -29.10
N ALA E 87 2.02 30.84 -29.69
CA ALA E 87 1.73 31.37 -31.01
C ALA E 87 1.74 32.89 -31.01
N MET E 88 1.15 33.50 -29.98
CA MET E 88 1.21 34.94 -29.82
C MET E 88 2.65 35.42 -29.66
N ALA E 89 3.46 34.66 -28.91
CA ALA E 89 4.87 35.01 -28.73
C ALA E 89 5.63 34.97 -30.06
N TRP E 90 5.45 33.89 -30.84
CA TRP E 90 6.13 33.76 -32.12
C TRP E 90 5.68 34.83 -33.10
N TRP E 91 4.38 35.11 -33.14
CA TRP E 91 3.84 36.14 -34.03
C TRP E 91 4.37 37.53 -33.65
N LEU E 92 4.47 37.81 -32.35
CA LEU E 92 5.02 39.07 -31.89
C LEU E 92 6.49 39.22 -32.26
N ILE E 93 7.28 38.16 -32.09
CA ILE E 93 8.69 38.19 -32.47
C ILE E 93 8.83 38.40 -33.98
N ALA E 94 8.00 37.71 -34.77
CA ALA E 94 8.08 37.82 -36.22
C ALA E 94 7.68 39.20 -36.70
N PHE E 95 6.70 39.84 -36.06
CA PHE E 95 6.39 41.23 -36.39
C PHE E 95 7.53 42.14 -36.00
N ALA E 96 8.04 42.01 -34.77
CA ALA E 96 9.07 42.92 -34.27
C ALA E 96 10.38 42.79 -35.04
N HIS E 97 10.63 41.65 -35.67
CA HIS E 97 11.76 41.50 -36.56
C HIS E 97 11.45 41.94 -38.00
N GLY E 98 10.20 42.26 -38.29
CA GLY E 98 9.83 42.66 -39.64
C GLY E 98 9.57 41.52 -40.60
N ASP E 99 9.44 40.28 -40.10
CA ASP E 99 9.20 39.13 -40.97
C ASP E 99 7.79 39.12 -41.53
N LEU E 100 6.86 39.89 -40.96
CA LEU E 100 5.49 39.91 -41.45
C LEU E 100 5.34 40.86 -42.63
N ALA E 101 6.18 41.89 -42.73
CA ALA E 101 6.17 42.75 -43.90
C ALA E 101 6.78 42.01 -45.09
N PRO E 102 6.49 42.44 -46.41
CA PRO E 102 7.27 41.96 -47.56
C PRO E 102 8.68 42.53 -47.52
N SER E 103 9.65 41.68 -47.17
CA SER E 103 11.00 42.17 -46.94
C SER E 103 11.69 42.49 -48.26
N GLU E 104 12.78 43.25 -48.17
CA GLU E 104 13.57 43.59 -49.34
C GLU E 104 14.24 42.37 -49.95
N GLY E 105 14.27 41.24 -49.23
CA GLY E 105 14.88 40.02 -49.70
C GLY E 105 16.23 39.71 -49.10
N THR E 106 16.81 40.65 -48.36
CA THR E 106 18.12 40.44 -47.74
C THR E 106 17.99 39.91 -46.32
N ALA E 107 16.97 40.33 -45.59
CA ALA E 107 16.83 39.93 -44.19
C ALA E 107 16.53 38.44 -44.08
N GLU E 108 17.06 37.83 -43.02
CA GLU E 108 16.82 36.44 -42.70
C GLU E 108 15.89 36.37 -41.50
N PRO E 109 14.77 35.65 -41.58
CA PRO E 109 13.77 35.73 -40.51
C PRO E 109 14.24 35.09 -39.22
N CYS E 110 13.72 35.50 -38.08
CA CYS E 110 13.89 34.73 -36.85
C CYS E 110 13.40 33.30 -37.04
N VAL E 111 12.16 33.16 -37.50
CA VAL E 111 11.60 31.88 -37.90
C VAL E 111 11.16 32.00 -39.35
N THR E 112 11.58 31.04 -40.17
CA THR E 112 11.26 31.08 -41.59
C THR E 112 9.78 30.90 -41.83
N SER E 113 9.28 31.54 -42.90
CA SER E 113 7.93 31.34 -43.43
C SER E 113 6.83 31.57 -42.39
N ILE E 114 6.99 32.61 -41.59
CA ILE E 114 5.93 33.07 -40.69
C ILE E 114 5.30 34.29 -41.36
N HIS E 115 4.13 34.09 -41.95
CA HIS E 115 3.46 35.12 -42.73
C HIS E 115 2.27 35.75 -42.04
N SER E 116 1.71 35.10 -41.03
CA SER E 116 0.54 35.61 -40.31
C SER E 116 0.50 34.95 -38.95
N PHE E 117 -0.61 35.14 -38.23
CA PHE E 117 -0.79 34.45 -36.96
C PHE E 117 -1.08 32.98 -37.15
N SER E 118 -1.64 32.59 -38.31
CA SER E 118 -1.86 31.18 -38.60
C SER E 118 -0.54 30.42 -38.71
N SER E 119 0.45 31.04 -39.36
CA SER E 119 1.78 30.43 -39.44
C SER E 119 2.40 30.28 -38.06
N ALA E 120 2.24 31.30 -37.21
CA ALA E 120 2.75 31.23 -35.85
C ALA E 120 2.05 30.15 -35.04
N PHE E 121 0.74 29.97 -35.26
CA PHE E 121 0.00 28.95 -34.52
C PHE E 121 0.40 27.54 -34.96
N LEU E 122 0.53 27.33 -36.27
CA LEU E 122 1.02 26.05 -36.78
C LEU E 122 2.44 25.77 -36.29
N PHE E 123 3.29 26.81 -36.25
CA PHE E 123 4.65 26.64 -35.78
C PHE E 123 4.70 26.32 -34.30
N SER E 124 3.86 26.98 -33.50
CA SER E 124 3.81 26.70 -32.06
C SER E 124 3.36 25.28 -31.80
N ILE E 125 2.37 24.82 -32.57
CA ILE E 125 1.94 23.42 -32.50
C ILE E 125 3.11 22.49 -32.86
N GLU E 126 3.85 22.83 -33.93
CA GLU E 126 4.95 22.00 -34.39
C GLU E 126 6.06 21.89 -33.34
N VAL E 127 6.41 22.99 -32.69
CA VAL E 127 7.50 22.94 -31.73
C VAL E 127 7.05 22.27 -30.43
N GLN E 128 5.82 22.54 -29.97
CA GLN E 128 5.40 22.00 -28.68
C GLN E 128 5.11 20.51 -28.76
N VAL E 129 4.43 20.05 -29.82
CA VAL E 129 4.19 18.62 -29.99
C VAL E 129 5.36 17.92 -30.65
N THR E 130 6.42 18.68 -31.00
CA THR E 130 7.67 18.16 -31.57
C THR E 130 7.45 17.41 -32.88
N ILE E 131 6.42 17.80 -33.64
CA ILE E 131 6.25 17.24 -34.98
C ILE E 131 7.33 17.78 -35.91
N GLY E 132 7.51 19.10 -35.92
CA GLY E 132 8.58 19.75 -36.66
C GLY E 132 8.57 19.50 -38.15
N PHE E 133 7.56 20.05 -38.86
CA PHE E 133 7.49 19.89 -40.31
C PHE E 133 8.67 20.53 -41.01
N GLY E 134 9.19 21.64 -40.47
CA GLY E 134 10.38 22.25 -41.00
C GLY E 134 10.17 23.28 -42.08
N GLY E 135 8.94 23.46 -42.56
CA GLY E 135 8.64 24.60 -43.41
C GLY E 135 8.82 25.91 -42.68
N ARG E 136 8.51 25.93 -41.38
CA ARG E 136 8.76 27.06 -40.50
C ARG E 136 9.70 26.59 -39.39
N MET E 137 10.92 27.10 -39.38
CA MET E 137 11.94 26.65 -38.43
C MET E 137 12.68 27.84 -37.84
N VAL E 138 13.16 27.67 -36.61
CA VAL E 138 13.95 28.71 -35.96
C VAL E 138 15.32 28.80 -36.62
N THR E 139 15.71 30.01 -37.01
CA THR E 139 17.05 30.27 -37.49
C THR E 139 17.86 30.96 -36.39
N GLU E 140 19.11 31.27 -36.71
CA GLU E 140 20.06 31.80 -35.74
C GLU E 140 20.10 33.32 -35.71
N GLU E 141 19.09 33.97 -36.28
CA GLU E 141 19.16 35.42 -36.46
C GLU E 141 18.93 36.17 -35.15
N CYS E 142 17.75 36.02 -34.55
CA CYS E 142 17.51 36.74 -33.31
C CYS E 142 17.52 35.78 -32.13
N PRO E 143 18.29 36.10 -31.08
CA PRO E 143 18.37 35.19 -29.92
C PRO E 143 17.08 35.10 -29.11
N LEU E 144 16.16 36.06 -29.26
CA LEU E 144 14.89 36.00 -28.55
C LEU E 144 14.07 34.80 -29.01
N ALA E 145 14.15 34.47 -30.31
CA ALA E 145 13.48 33.27 -30.81
C ALA E 145 14.09 32.01 -30.20
N ILE E 146 15.41 32.00 -30.00
CA ILE E 146 16.07 30.86 -29.34
C ILE E 146 15.60 30.73 -27.90
N LEU E 147 15.51 31.86 -27.18
CA LEU E 147 15.03 31.83 -25.79
C LEU E 147 13.59 31.35 -25.71
N ILE E 148 12.73 31.82 -26.63
CA ILE E 148 11.34 31.39 -26.64
C ILE E 148 11.22 29.92 -27.02
N LEU E 149 12.09 29.43 -27.91
CA LEU E 149 12.16 28.01 -28.22
C LEU E 149 12.50 27.18 -26.99
N ILE E 150 13.49 27.64 -26.21
CA ILE E 150 13.88 26.95 -24.98
C ILE E 150 12.71 26.92 -23.99
N VAL E 151 12.08 28.08 -23.80
CA VAL E 151 10.99 28.20 -22.82
C VAL E 151 9.80 27.33 -23.23
N GLN E 152 9.45 27.34 -24.52
CA GLN E 152 8.33 26.55 -25.00
C GLN E 152 8.61 25.06 -24.88
N ASN E 153 9.83 24.62 -25.20
CA ASN E 153 10.16 23.21 -25.04
C ASN E 153 10.10 22.78 -23.57
N ILE E 154 10.62 23.63 -22.68
CA ILE E 154 10.62 23.30 -21.25
C ILE E 154 9.19 23.19 -20.73
N VAL E 155 8.35 24.18 -21.04
CA VAL E 155 6.98 24.13 -20.51
C VAL E 155 6.14 23.09 -21.23
N GLY E 156 6.46 22.76 -22.48
CA GLY E 156 5.74 21.69 -23.17
C GLY E 156 6.02 20.34 -22.55
N LEU E 157 7.30 20.05 -22.29
CA LEU E 157 7.65 18.83 -21.56
C LEU E 157 7.04 18.83 -20.17
N MET E 158 6.99 20.00 -19.53
CA MET E 158 6.45 20.11 -18.17
C MET E 158 4.95 19.79 -18.12
N ILE E 159 4.16 20.43 -18.99
CA ILE E 159 2.72 20.22 -18.92
C ILE E 159 2.34 18.87 -19.51
N ASN E 160 3.10 18.37 -20.49
CA ASN E 160 2.90 17.02 -20.98
C ASN E 160 3.14 16.01 -19.85
N ALA E 161 4.18 16.22 -19.05
CA ALA E 161 4.44 15.37 -17.90
C ALA E 161 3.33 15.48 -16.85
N ILE E 162 2.84 16.70 -16.61
CA ILE E 162 1.80 16.88 -15.60
C ILE E 162 0.53 16.14 -15.99
N MET E 163 0.09 16.32 -17.24
CA MET E 163 -1.07 15.61 -17.74
C MET E 163 -0.86 14.10 -17.72
N LEU E 164 0.33 13.66 -18.16
CA LEU E 164 0.65 12.24 -18.21
C LEU E 164 0.56 11.60 -16.83
N GLY E 165 1.16 12.22 -15.82
CA GLY E 165 1.09 11.66 -14.47
C GLY E 165 -0.31 11.70 -13.89
N CYS E 166 -1.05 12.79 -14.14
CA CYS E 166 -2.41 12.91 -13.61
C CYS E 166 -3.31 11.81 -14.16
N ILE E 167 -3.26 11.55 -15.47
CA ILE E 167 -4.13 10.49 -15.98
C ILE E 167 -3.51 9.11 -15.85
N PHE E 168 -2.26 9.00 -15.41
CA PHE E 168 -1.77 7.69 -14.98
C PHE E 168 -2.34 7.32 -13.63
N MET E 169 -2.43 8.31 -12.73
CA MET E 169 -3.17 8.11 -11.50
C MET E 169 -4.64 7.83 -11.78
N LYS E 170 -5.21 8.54 -12.76
CA LYS E 170 -6.63 8.36 -13.07
C LYS E 170 -6.90 7.01 -13.72
N THR E 171 -5.97 6.51 -14.54
CA THR E 171 -6.11 5.20 -15.14
C THR E 171 -6.03 4.09 -14.09
N ALA E 172 -5.37 4.36 -12.97
CA ALA E 172 -5.16 3.38 -11.91
C ALA E 172 -6.22 3.44 -10.82
N GLN E 173 -7.26 4.25 -10.99
CA GLN E 173 -8.30 4.38 -9.96
C GLN E 173 -9.10 3.08 -9.85
N ALA E 174 -9.30 2.63 -8.60
CA ALA E 174 -9.97 1.38 -8.31
C ALA E 174 -11.40 1.59 -7.82
N HIS E 175 -11.96 2.79 -7.99
CA HIS E 175 -13.32 3.04 -7.55
C HIS E 175 -14.34 2.27 -8.40
N ARG E 176 -14.03 2.03 -9.68
CA ARG E 176 -14.88 1.20 -10.51
C ARG E 176 -14.75 -0.27 -10.17
N ARG E 177 -13.61 -0.67 -9.59
CA ARG E 177 -13.46 -2.03 -9.07
C ARG E 177 -14.25 -2.24 -7.78
N ALA E 178 -14.59 -1.17 -7.07
CA ALA E 178 -15.43 -1.30 -5.88
C ALA E 178 -16.90 -1.48 -6.21
N GLU E 179 -17.32 -1.14 -7.45
CA GLU E 179 -18.72 -1.28 -7.83
C GLU E 179 -19.10 -2.71 -8.15
N THR E 180 -18.15 -3.57 -8.45
CA THR E 180 -18.42 -4.97 -8.76
C THR E 180 -18.32 -5.85 -7.52
N LEU E 181 -18.16 -5.26 -6.33
CA LEU E 181 -18.29 -5.96 -5.07
C LEU E 181 -19.71 -5.72 -4.56
N ILE E 182 -20.51 -6.77 -4.51
CA ILE E 182 -21.92 -6.64 -4.18
C ILE E 182 -22.16 -7.11 -2.76
N PHE E 183 -23.11 -6.45 -2.10
CA PHE E 183 -23.64 -6.86 -0.82
C PHE E 183 -25.11 -7.22 -1.01
N SER E 184 -25.61 -8.10 -0.14
CA SER E 184 -27.03 -8.43 -0.18
C SER E 184 -27.86 -7.22 0.18
N LYS E 185 -29.03 -7.08 -0.46
CA LYS E 185 -29.89 -5.93 -0.17
C LYS E 185 -30.48 -6.02 1.23
N HIS E 186 -30.80 -7.23 1.68
CA HIS E 186 -31.36 -7.45 3.00
C HIS E 186 -30.34 -8.18 3.87
N ALA E 187 -30.15 -7.68 5.08
CA ALA E 187 -29.42 -8.40 6.11
C ALA E 187 -30.42 -9.14 6.99
N VAL E 188 -29.97 -10.23 7.60
CA VAL E 188 -30.87 -11.08 8.36
C VAL E 188 -30.31 -11.32 9.76
N ILE E 189 -31.23 -11.49 10.71
CA ILE E 189 -30.90 -11.86 12.08
C ILE E 189 -31.50 -13.25 12.32
N ALA E 190 -30.65 -14.24 12.50
CA ALA E 190 -31.07 -15.61 12.68
C ALA E 190 -30.29 -16.25 13.81
N LEU E 191 -30.89 -17.28 14.41
CA LEU E 191 -30.25 -18.01 15.50
C LEU E 191 -29.21 -18.96 14.92
N ARG E 192 -27.94 -18.72 15.24
CA ARG E 192 -26.84 -19.57 14.79
C ARG E 192 -26.06 -20.04 16.01
N HIS E 193 -25.93 -21.36 16.15
CA HIS E 193 -25.28 -22.02 17.29
C HIS E 193 -25.89 -21.58 18.62
N GLY E 194 -27.22 -21.50 18.66
CA GLY E 194 -27.91 -21.12 19.88
C GLY E 194 -27.75 -19.68 20.27
N ARG E 195 -27.39 -18.80 19.34
CA ARG E 195 -27.15 -17.40 19.65
C ARG E 195 -27.52 -16.55 18.45
N LEU E 196 -28.04 -15.36 18.71
CA LEU E 196 -28.46 -14.45 17.64
C LEU E 196 -27.25 -13.93 16.88
N CYS E 197 -27.40 -13.84 15.56
CA CYS E 197 -26.34 -13.35 14.68
C CYS E 197 -26.93 -12.45 13.61
N PHE E 198 -26.35 -11.26 13.46
CA PHE E 198 -26.72 -10.33 12.39
C PHE E 198 -25.91 -10.70 11.15
N MET E 199 -26.58 -11.21 10.12
CA MET E 199 -25.92 -11.81 8.97
C MET E 199 -26.16 -10.99 7.71
N LEU E 200 -25.12 -10.89 6.88
CA LEU E 200 -25.21 -10.32 5.55
C LEU E 200 -24.29 -11.10 4.62
N ARG E 201 -24.54 -10.99 3.32
CA ARG E 201 -23.75 -11.70 2.31
C ARG E 201 -23.03 -10.70 1.42
N VAL E 202 -21.74 -10.91 1.20
CA VAL E 202 -20.94 -10.10 0.31
C VAL E 202 -20.30 -11.01 -0.73
N GLY E 203 -20.29 -10.57 -2.00
CA GLY E 203 -19.73 -11.36 -3.06
C GLY E 203 -18.87 -10.52 -3.99
N ASP E 204 -18.08 -11.21 -4.80
CA ASP E 204 -17.23 -10.58 -5.81
C ASP E 204 -17.51 -11.21 -7.16
N LEU E 205 -17.70 -10.38 -8.17
CA LEU E 205 -18.13 -10.85 -9.49
C LEU E 205 -16.97 -11.17 -10.42
N ARG E 206 -15.77 -10.67 -10.13
CA ARG E 206 -14.63 -10.82 -11.02
C ARG E 206 -13.70 -11.94 -10.55
N LYS E 207 -12.95 -12.49 -11.51
CA LYS E 207 -11.92 -13.47 -11.18
C LYS E 207 -10.76 -12.85 -10.43
N SER E 208 -10.56 -11.54 -10.54
CA SER E 208 -9.46 -10.88 -9.86
C SER E 208 -9.70 -10.86 -8.35
N MET E 209 -8.70 -11.30 -7.60
CA MET E 209 -8.80 -11.32 -6.15
C MET E 209 -8.68 -9.90 -5.59
N ILE E 210 -9.28 -9.69 -4.43
CA ILE E 210 -9.03 -8.51 -3.62
C ILE E 210 -8.12 -8.95 -2.47
N ILE E 211 -6.86 -8.53 -2.53
CA ILE E 211 -5.84 -9.00 -1.61
C ILE E 211 -5.98 -8.30 -0.27
N SER E 212 -5.88 -9.07 0.81
CA SER E 212 -6.01 -8.61 2.19
C SER E 212 -7.37 -7.94 2.41
N ALA E 213 -8.42 -8.71 2.15
CA ALA E 213 -9.79 -8.21 2.24
C ALA E 213 -10.22 -8.13 3.71
N THR E 214 -10.46 -6.92 4.19
CA THR E 214 -10.89 -6.67 5.55
C THR E 214 -12.27 -6.04 5.56
N ILE E 215 -13.05 -6.35 6.59
CA ILE E 215 -14.43 -5.86 6.70
C ILE E 215 -14.61 -5.21 8.06
N HIS E 216 -15.02 -3.95 8.06
CA HIS E 216 -15.38 -3.22 9.28
C HIS E 216 -16.89 -2.97 9.26
N MET E 217 -17.55 -3.27 10.37
CA MET E 217 -18.99 -3.07 10.50
C MET E 217 -19.26 -2.16 11.68
N GLN E 218 -20.18 -1.22 11.51
CA GLN E 218 -20.52 -0.25 12.54
C GLN E 218 -22.03 -0.21 12.74
N VAL E 219 -22.44 0.23 13.93
CA VAL E 219 -23.83 0.55 14.23
C VAL E 219 -23.91 2.06 14.37
N VAL E 220 -24.48 2.72 13.36
CA VAL E 220 -24.59 4.17 13.36
C VAL E 220 -25.95 4.54 13.94
N ARG E 221 -25.93 5.23 15.08
CA ARG E 221 -27.14 5.47 15.85
C ARG E 221 -26.91 6.63 16.80
N LYS E 222 -27.93 7.45 16.99
CA LYS E 222 -27.88 8.55 17.95
C LYS E 222 -27.97 7.99 19.35
N THR E 223 -26.87 8.07 20.10
CA THR E 223 -26.78 7.48 21.43
C THR E 223 -26.66 8.58 22.48
N THR E 224 -27.33 8.39 23.60
CA THR E 224 -27.31 9.33 24.72
C THR E 224 -26.50 8.73 25.85
N SER E 225 -25.45 9.44 26.28
CA SER E 225 -24.63 9.00 27.39
C SER E 225 -25.41 9.09 28.70
N PRO E 226 -25.02 8.31 29.72
CA PRO E 226 -25.64 8.47 31.04
C PRO E 226 -25.44 9.85 31.66
N GLU E 227 -24.40 10.59 31.26
CA GLU E 227 -24.18 11.94 31.75
C GLU E 227 -24.97 13.00 30.98
N GLY E 228 -25.72 12.59 29.96
CA GLY E 228 -26.49 13.53 29.16
C GLY E 228 -25.85 13.97 27.87
N GLU E 229 -24.75 13.33 27.45
CA GLU E 229 -24.09 13.67 26.20
C GLU E 229 -24.82 12.99 25.05
N VAL E 230 -25.31 13.78 24.11
CA VAL E 230 -26.08 13.29 22.97
C VAL E 230 -25.24 13.47 21.72
N VAL E 231 -24.90 12.38 21.06
CA VAL E 231 -24.14 12.39 19.82
C VAL E 231 -25.04 11.86 18.71
N PRO E 232 -25.14 12.55 17.57
CA PRO E 232 -26.18 12.23 16.58
C PRO E 232 -25.86 11.03 15.70
N LEU E 233 -24.58 10.85 15.35
CA LEU E 233 -24.16 9.81 14.42
C LEU E 233 -23.09 8.94 15.05
N HIS E 234 -23.35 8.46 16.26
CA HIS E 234 -22.36 7.67 17.00
C HIS E 234 -22.17 6.31 16.32
N GLN E 235 -20.93 6.04 15.91
CA GLN E 235 -20.57 4.82 15.20
C GLN E 235 -19.83 3.89 16.16
N VAL E 236 -20.37 2.68 16.33
CA VAL E 236 -19.79 1.69 17.23
C VAL E 236 -19.32 0.52 16.37
N ASP E 237 -18.01 0.29 16.34
CA ASP E 237 -17.45 -0.85 15.62
C ASP E 237 -17.92 -2.15 16.25
N ILE E 238 -18.65 -2.95 15.47
CA ILE E 238 -19.09 -4.26 15.96
C ILE E 238 -18.16 -5.32 15.39
N PRO E 239 -17.75 -6.31 16.19
CA PRO E 239 -16.79 -7.31 15.71
C PRO E 239 -17.43 -8.31 14.76
N MET E 240 -16.82 -8.48 13.59
CA MET E 240 -17.19 -9.57 12.71
C MET E 240 -16.71 -10.88 13.31
N GLU E 241 -17.59 -11.87 13.34
CA GLU E 241 -17.23 -13.14 13.96
C GLU E 241 -16.24 -13.88 13.08
N ASN E 242 -15.08 -14.22 13.66
CA ASN E 242 -14.00 -14.85 12.91
C ASN E 242 -13.31 -15.87 13.80
N GLY E 243 -12.69 -16.86 13.16
CA GLY E 243 -11.96 -17.87 13.91
C GLY E 243 -10.74 -17.31 14.62
N VAL E 244 -10.06 -16.36 13.99
CA VAL E 244 -8.88 -15.73 14.60
C VAL E 244 -9.23 -14.48 15.39
N GLY E 245 -10.51 -14.13 15.48
CA GLY E 245 -10.92 -12.97 16.24
C GLY E 245 -10.54 -11.63 15.62
N GLY E 246 -10.36 -11.58 14.31
CA GLY E 246 -10.01 -10.35 13.64
C GLY E 246 -10.97 -9.97 12.54
N ASN E 247 -10.52 -9.12 11.61
CA ASN E 247 -11.33 -8.69 10.46
C ASN E 247 -10.52 -8.95 9.19
N SER E 248 -10.64 -10.16 8.66
CA SER E 248 -9.96 -10.51 7.42
C SER E 248 -10.73 -11.66 6.77
N ILE E 249 -11.09 -11.48 5.50
CA ILE E 249 -11.87 -12.48 4.77
C ILE E 249 -11.14 -12.84 3.49
N PHE E 250 -11.39 -14.06 3.02
CA PHE E 250 -10.87 -14.56 1.76
C PHE E 250 -12.07 -14.71 0.82
N LEU E 251 -12.24 -13.73 -0.05
CA LEU E 251 -13.47 -13.58 -0.84
C LEU E 251 -13.24 -14.07 -2.26
N VAL E 252 -13.60 -15.32 -2.51
CA VAL E 252 -13.69 -15.88 -3.86
C VAL E 252 -15.15 -16.11 -4.25
N ALA E 253 -15.85 -16.92 -3.50
CA ALA E 253 -17.27 -17.18 -3.51
C ALA E 253 -17.98 -16.25 -2.54
N PRO E 254 -19.23 -15.89 -2.79
CA PRO E 254 -19.97 -15.06 -1.84
C PRO E 254 -20.21 -15.77 -0.52
N LEU E 255 -19.65 -15.21 0.54
CA LEU E 255 -19.69 -15.79 1.87
C LEU E 255 -20.49 -14.89 2.81
N ILE E 256 -21.13 -15.51 3.79
CA ILE E 256 -22.03 -14.80 4.69
C ILE E 256 -21.20 -14.15 5.79
N ILE E 257 -21.26 -12.83 5.88
CA ILE E 257 -20.63 -12.08 6.96
C ILE E 257 -21.63 -11.92 8.09
N TYR E 258 -21.25 -12.36 9.29
CA TYR E 258 -22.19 -12.30 10.40
C TYR E 258 -21.50 -11.77 11.64
N HIS E 259 -22.26 -10.99 12.42
CA HIS E 259 -21.81 -10.46 13.70
C HIS E 259 -22.61 -11.13 14.81
N VAL E 260 -21.91 -11.73 15.76
CA VAL E 260 -22.57 -12.46 16.84
C VAL E 260 -23.06 -11.49 17.89
N ILE E 261 -24.36 -11.51 18.16
CA ILE E 261 -24.95 -10.64 19.18
C ILE E 261 -24.73 -11.28 20.54
N ASP E 262 -23.66 -10.85 21.22
CA ASP E 262 -23.31 -11.34 22.55
C ASP E 262 -23.71 -10.31 23.60
N ALA E 263 -23.27 -10.53 24.84
CA ALA E 263 -23.71 -9.72 25.97
C ALA E 263 -23.24 -8.27 25.87
N ASN E 264 -22.10 -8.02 25.23
CA ASN E 264 -21.61 -6.66 25.02
C ASN E 264 -21.63 -6.39 23.52
N SER E 265 -22.79 -5.95 23.02
CA SER E 265 -23.01 -5.64 21.62
C SER E 265 -24.07 -4.55 21.53
N PRO E 266 -23.95 -3.63 20.58
CA PRO E 266 -24.98 -2.59 20.43
C PRO E 266 -26.37 -3.13 20.09
N LEU E 267 -26.45 -4.28 19.42
CA LEU E 267 -27.73 -4.90 19.05
C LEU E 267 -28.22 -5.89 20.09
N TYR E 268 -27.78 -5.75 21.35
CA TYR E 268 -28.15 -6.71 22.39
C TYR E 268 -29.63 -6.63 22.72
N ASP E 269 -30.20 -5.42 22.76
CA ASP E 269 -31.60 -5.22 23.07
C ASP E 269 -32.46 -4.99 21.82
N LEU E 270 -32.05 -5.57 20.69
CA LEU E 270 -32.74 -5.36 19.42
C LEU E 270 -33.88 -6.36 19.30
N ALA E 271 -35.09 -5.90 19.57
CA ALA E 271 -36.29 -6.70 19.45
C ALA E 271 -36.69 -6.85 17.99
N PRO E 272 -37.50 -7.87 17.66
CA PRO E 272 -38.07 -7.93 16.30
C PRO E 272 -38.94 -6.74 15.94
N SER E 273 -39.62 -6.14 16.93
CA SER E 273 -40.49 -5.00 16.67
C SER E 273 -39.69 -3.75 16.30
N ASP E 274 -38.41 -3.69 16.64
CA ASP E 274 -37.58 -2.54 16.31
C ASP E 274 -37.20 -2.48 14.84
N LEU E 275 -37.48 -3.53 14.06
CA LEU E 275 -37.08 -3.57 12.65
C LEU E 275 -38.20 -2.96 11.79
N HIS E 276 -38.31 -1.64 11.88
CA HIS E 276 -39.21 -0.85 11.05
C HIS E 276 -38.47 0.37 10.53
N HIS E 277 -39.08 1.04 9.55
CA HIS E 277 -38.37 2.06 8.76
C HIS E 277 -37.96 3.25 9.61
N HIS E 278 -38.88 3.78 10.43
CA HIS E 278 -38.56 4.93 11.26
C HIS E 278 -38.07 4.52 12.64
N GLN E 279 -37.08 3.63 12.65
CA GLN E 279 -36.32 3.29 13.84
C GLN E 279 -34.89 3.81 13.66
N ASP E 280 -34.37 4.47 14.68
CA ASP E 280 -33.02 5.01 14.61
C ASP E 280 -32.01 3.87 14.71
N LEU E 281 -31.68 3.26 13.57
CA LEU E 281 -30.74 2.16 13.51
C LEU E 281 -30.23 2.03 12.08
N GLU E 282 -28.92 2.06 11.91
CA GLU E 282 -28.28 1.81 10.62
C GLU E 282 -26.99 1.06 10.87
N ILE E 283 -26.76 0.00 10.12
CA ILE E 283 -25.58 -0.84 10.27
C ILE E 283 -24.81 -0.77 8.95
N ILE E 284 -23.70 -0.04 8.95
CA ILE E 284 -22.88 0.11 7.76
C ILE E 284 -21.81 -0.98 7.77
N VAL E 285 -21.45 -1.46 6.58
CA VAL E 285 -20.43 -2.49 6.40
C VAL E 285 -19.41 -1.95 5.41
N ILE E 286 -18.13 -2.00 5.78
CA ILE E 286 -17.06 -1.38 5.00
C ILE E 286 -16.08 -2.48 4.61
N LEU E 287 -16.14 -2.91 3.35
CA LEU E 287 -15.14 -3.82 2.79
C LEU E 287 -13.95 -3.04 2.26
N GLU E 288 -12.75 -3.56 2.51
CA GLU E 288 -11.53 -2.88 2.10
C GLU E 288 -10.49 -3.91 1.66
N GLY E 289 -9.59 -3.46 0.80
CA GLY E 289 -8.53 -4.32 0.30
C GLY E 289 -7.92 -3.73 -0.95
N VAL E 290 -6.80 -4.30 -1.35
CA VAL E 290 -6.10 -3.86 -2.55
C VAL E 290 -6.47 -4.77 -3.70
N VAL E 291 -6.48 -4.20 -4.90
CA VAL E 291 -6.77 -4.96 -6.11
C VAL E 291 -5.54 -5.75 -6.50
N GLU E 292 -5.74 -7.01 -6.90
CA GLU E 292 -4.63 -7.84 -7.35
C GLU E 292 -3.98 -7.28 -8.61
N THR E 293 -4.74 -6.56 -9.43
CA THR E 293 -4.24 -6.09 -10.71
C THR E 293 -3.40 -4.82 -10.55
N THR E 294 -4.01 -3.74 -10.04
CA THR E 294 -3.33 -2.46 -9.92
C THR E 294 -2.52 -2.31 -8.63
N GLY E 295 -2.73 -3.18 -7.64
CA GLY E 295 -2.07 -3.04 -6.36
C GLY E 295 -2.45 -1.81 -5.58
N ILE E 296 -3.70 -1.36 -5.72
CA ILE E 296 -4.18 -0.12 -5.12
C ILE E 296 -5.36 -0.43 -4.22
N THR E 297 -5.32 0.09 -3.00
CA THR E 297 -6.37 -0.16 -2.02
C THR E 297 -7.68 0.46 -2.48
N THR E 298 -8.75 -0.34 -2.46
CA THR E 298 -10.09 0.13 -2.76
C THR E 298 -11.00 -0.14 -1.57
N GLN E 299 -12.14 0.54 -1.55
CA GLN E 299 -13.09 0.40 -0.46
C GLN E 299 -14.50 0.35 -1.03
N ALA E 300 -15.23 -0.71 -0.69
CA ALA E 300 -16.65 -0.82 -0.99
C ALA E 300 -17.44 -0.83 0.30
N ARG E 301 -18.66 -0.29 0.24
CA ARG E 301 -19.45 -0.16 1.45
C ARG E 301 -20.93 -0.21 1.10
N THR E 302 -21.74 -0.38 2.14
CA THR E 302 -23.20 -0.42 2.03
C THR E 302 -23.78 -0.12 3.41
N SER E 303 -25.11 -0.09 3.49
CA SER E 303 -25.77 0.12 4.76
C SER E 303 -27.02 -0.75 4.85
N TYR E 304 -27.51 -0.90 6.07
CA TYR E 304 -28.73 -1.65 6.35
C TYR E 304 -29.53 -0.88 7.39
N LEU E 305 -30.65 -0.31 6.98
CA LEU E 305 -31.56 0.32 7.92
C LEU E 305 -32.33 -0.77 8.67
N ALA E 306 -33.15 -0.35 9.64
CA ALA E 306 -33.85 -1.31 10.48
C ALA E 306 -34.89 -2.09 9.69
N ASP E 307 -35.56 -1.44 8.73
CA ASP E 307 -36.52 -2.16 7.89
C ASP E 307 -35.83 -3.10 6.93
N GLU E 308 -34.61 -2.76 6.50
CA GLU E 308 -33.85 -3.63 5.61
C GLU E 308 -33.30 -4.87 6.31
N ILE E 309 -33.33 -4.90 7.63
CA ILE E 309 -32.89 -6.07 8.40
C ILE E 309 -34.10 -6.96 8.61
N LEU E 310 -33.97 -8.22 8.21
CA LEU E 310 -35.06 -9.20 8.31
C LEU E 310 -34.85 -10.09 9.52
N TRP E 311 -35.95 -10.44 10.18
CA TRP E 311 -35.92 -11.28 11.37
C TRP E 311 -36.50 -12.65 11.05
N GLY E 312 -35.89 -13.69 11.62
CA GLY E 312 -36.36 -15.03 11.37
C GLY E 312 -36.06 -15.58 10.00
N GLN E 313 -35.06 -15.02 9.32
CA GLN E 313 -34.67 -15.48 8.00
C GLN E 313 -33.16 -15.72 7.97
N ARG E 314 -32.74 -16.58 7.06
CA ARG E 314 -31.32 -16.82 6.84
C ARG E 314 -31.10 -17.05 5.36
N PHE E 315 -29.89 -16.78 4.90
CA PHE E 315 -29.58 -16.86 3.48
C PHE E 315 -29.60 -18.30 2.98
N VAL E 316 -30.10 -18.48 1.77
CA VAL E 316 -30.16 -19.79 1.12
C VAL E 316 -28.74 -20.21 0.75
N PRO E 317 -28.47 -21.51 0.64
CA PRO E 317 -27.14 -21.93 0.15
C PRO E 317 -26.95 -21.54 -1.31
N ILE E 318 -25.82 -20.89 -1.60
CA ILE E 318 -25.57 -20.33 -2.91
C ILE E 318 -24.53 -21.12 -3.71
N VAL E 319 -23.70 -21.93 -3.06
CA VAL E 319 -22.64 -22.67 -3.72
C VAL E 319 -23.10 -24.11 -3.94
N ALA E 320 -22.81 -24.65 -5.12
CA ALA E 320 -23.09 -26.05 -5.41
C ALA E 320 -21.89 -26.65 -6.13
N GLU E 321 -21.74 -27.97 -6.01
CA GLU E 321 -20.67 -28.71 -6.67
C GLU E 321 -21.24 -29.35 -7.92
N GLU E 322 -20.94 -28.76 -9.08
CA GLU E 322 -21.49 -29.20 -10.36
C GLU E 322 -20.34 -29.57 -11.28
N ASP E 323 -20.31 -30.84 -11.70
CA ASP E 323 -19.40 -31.35 -12.74
C ASP E 323 -17.93 -31.12 -12.40
N GLY E 324 -17.55 -31.43 -11.16
CA GLY E 324 -16.17 -31.36 -10.76
C GLY E 324 -15.67 -29.98 -10.38
N ARG E 325 -16.55 -28.98 -10.31
CA ARG E 325 -16.19 -27.65 -9.86
C ARG E 325 -17.23 -27.14 -8.88
N TYR E 326 -16.82 -26.19 -8.05
CA TYR E 326 -17.74 -25.47 -7.18
C TYR E 326 -18.37 -24.34 -7.98
N SER E 327 -19.69 -24.38 -8.13
CA SER E 327 -20.42 -23.39 -8.92
C SER E 327 -21.21 -22.49 -7.99
N VAL E 328 -21.17 -21.19 -8.27
CA VAL E 328 -21.94 -20.19 -7.53
C VAL E 328 -23.05 -19.69 -8.43
N ASP E 329 -24.29 -19.81 -7.95
CA ASP E 329 -25.47 -19.34 -8.67
C ASP E 329 -25.85 -17.98 -8.12
N TYR E 330 -25.41 -16.92 -8.81
CA TYR E 330 -25.63 -15.56 -8.33
C TYR E 330 -27.09 -15.11 -8.43
N SER E 331 -27.96 -15.88 -9.08
CA SER E 331 -29.38 -15.55 -9.10
C SER E 331 -30.01 -15.67 -7.72
N LYS E 332 -29.46 -16.53 -6.87
CA LYS E 332 -29.92 -16.70 -5.49
C LYS E 332 -29.01 -15.98 -4.51
N PHE E 333 -28.50 -14.80 -4.87
CA PHE E 333 -27.53 -14.10 -4.04
C PHE E 333 -28.16 -13.57 -2.76
N GLY E 334 -29.38 -13.04 -2.84
CA GLY E 334 -30.01 -12.43 -1.68
C GLY E 334 -31.30 -13.09 -1.25
N ASN E 335 -31.52 -14.33 -1.67
CA ASN E 335 -32.73 -15.05 -1.28
C ASN E 335 -32.59 -15.56 0.15
N THR E 336 -33.64 -15.35 0.95
CA THR E 336 -33.67 -15.77 2.34
C THR E 336 -34.86 -16.68 2.57
N ILE E 337 -34.71 -17.64 3.46
CA ILE E 337 -35.76 -18.58 3.82
C ILE E 337 -36.20 -18.28 5.25
N LYS E 338 -37.51 -18.14 5.43
CA LYS E 338 -38.07 -17.80 6.74
C LYS E 338 -37.90 -18.99 7.69
N VAL E 339 -37.11 -18.81 8.73
CA VAL E 339 -36.71 -19.87 9.63
C VAL E 339 -37.32 -19.61 11.01
N PRO E 340 -37.88 -20.62 11.70
CA PRO E 340 -38.41 -20.39 13.05
C PRO E 340 -37.32 -20.09 14.06
N THR E 341 -37.22 -18.82 14.46
CA THR E 341 -36.31 -18.31 15.46
C THR E 341 -37.12 -17.62 16.55
N PRO E 342 -36.62 -17.55 17.79
CA PRO E 342 -37.39 -16.90 18.85
C PRO E 342 -37.55 -15.40 18.59
N LEU E 343 -38.80 -14.94 18.62
CA LEU E 343 -39.11 -13.54 18.34
C LEU E 343 -38.97 -12.70 19.62
N CYS E 344 -37.73 -12.64 20.11
CA CYS E 344 -37.38 -11.83 21.26
C CYS E 344 -35.89 -11.52 21.16
N THR E 345 -35.47 -10.46 21.85
CA THR E 345 -34.10 -9.99 21.71
C THR E 345 -33.14 -10.91 22.47
N ALA E 346 -31.84 -10.74 22.17
CA ALA E 346 -30.82 -11.66 22.66
C ALA E 346 -30.60 -11.53 24.16
N ARG E 347 -30.83 -10.35 24.73
CA ARG E 347 -30.76 -10.21 26.18
C ARG E 347 -31.85 -11.05 26.85
N GLN E 348 -33.07 -10.99 26.32
CA GLN E 348 -34.13 -11.85 26.81
C GLN E 348 -33.81 -13.32 26.58
N LEU E 349 -33.09 -13.64 25.50
CA LEU E 349 -32.63 -15.01 25.29
C LEU E 349 -31.67 -15.45 26.38
N ASP E 350 -30.74 -14.57 26.78
CA ASP E 350 -29.81 -14.91 27.85
C ASP E 350 -30.52 -15.09 29.19
N GLU E 351 -31.42 -14.16 29.53
CA GLU E 351 -32.17 -14.28 30.78
C GLU E 351 -33.05 -15.52 30.79
N ASP E 352 -33.75 -15.78 29.69
CA ASP E 352 -34.63 -16.93 29.59
C ASP E 352 -33.85 -18.24 29.60
N HIS E 353 -32.68 -18.27 28.95
CA HIS E 353 -31.84 -19.45 28.98
C HIS E 353 -31.30 -19.73 30.37
N SER E 354 -30.93 -18.68 31.11
CA SER E 354 -30.53 -18.87 32.50
C SER E 354 -31.69 -19.35 33.35
N LEU E 355 -32.91 -18.91 33.03
CA LEU E 355 -34.10 -19.45 33.72
C LEU E 355 -34.28 -20.93 33.42
N LEU E 356 -34.11 -21.33 32.14
CA LEU E 356 -34.28 -22.73 31.77
C LEU E 356 -33.15 -23.59 32.32
N GLU E 357 -31.93 -23.07 32.35
CA GLU E 357 -30.79 -23.81 32.87
C GLU E 357 -30.81 -23.82 34.40
N PRO F 2 -7.69 37.58 -46.98
CA PRO F 2 -7.91 37.06 -45.62
C PRO F 2 -7.78 38.14 -44.56
N LEU F 3 -8.04 37.79 -43.30
CA LEU F 3 -7.97 38.75 -42.22
C LEU F 3 -6.52 39.11 -41.90
N ALA F 4 -6.26 40.40 -41.77
CA ALA F 4 -4.94 40.91 -41.41
C ALA F 4 -5.08 41.79 -40.17
N PHE F 5 -4.10 41.69 -39.27
CA PHE F 5 -4.16 42.44 -38.01
C PHE F 5 -4.04 43.95 -38.25
N CYS F 6 -3.02 44.35 -39.01
CA CYS F 6 -2.86 45.76 -39.38
C CYS F 6 -3.60 46.12 -40.65
N GLY F 7 -4.17 45.14 -41.35
CA GLY F 7 -4.83 45.39 -42.62
C GLY F 7 -3.86 45.36 -43.78
N THR F 8 -4.40 45.08 -44.96
CA THR F 8 -3.62 45.00 -46.20
C THR F 8 -3.74 46.33 -46.92
N GLU F 9 -2.82 47.24 -46.61
CA GLU F 9 -2.78 48.57 -47.24
C GLU F 9 -1.38 48.83 -47.77
N ASN F 10 -1.31 49.27 -49.02
CA ASN F 10 -0.05 49.58 -49.72
C ASN F 10 0.91 48.39 -49.70
N HIS F 11 0.37 47.23 -50.12
CA HIS F 11 1.09 45.95 -50.11
C HIS F 11 1.58 45.60 -48.70
N SER F 12 0.68 45.73 -47.73
CA SER F 12 0.93 45.43 -46.30
C SER F 12 2.10 46.25 -45.75
N ALA F 13 2.07 47.56 -46.00
CA ALA F 13 3.11 48.45 -45.52
C ALA F 13 2.99 48.75 -44.03
N ALA F 14 1.84 48.48 -43.42
CA ALA F 14 1.68 48.69 -41.98
C ALA F 14 2.42 47.64 -41.16
N TYR F 15 2.84 46.54 -41.76
CA TYR F 15 3.67 45.55 -41.10
C TYR F 15 5.15 45.90 -41.15
N ARG F 16 5.52 46.96 -41.88
CA ARG F 16 6.90 47.42 -41.90
C ARG F 16 7.25 48.04 -40.56
N VAL F 17 8.41 47.65 -40.02
CA VAL F 17 8.77 47.95 -38.64
C VAL F 17 10.10 48.70 -38.54
N ASP F 18 10.72 49.03 -39.67
CA ASP F 18 12.08 49.58 -39.69
C ASP F 18 12.17 50.95 -39.03
N GLN F 19 11.11 51.76 -39.12
CA GLN F 19 11.09 53.11 -38.57
C GLN F 19 11.21 53.12 -37.04
N GLY F 20 11.00 51.99 -36.39
CA GLY F 20 10.98 51.90 -34.95
C GLY F 20 9.84 50.99 -34.54
N VAL F 21 10.19 49.93 -33.80
CA VAL F 21 9.22 48.88 -33.54
C VAL F 21 8.18 49.35 -32.52
N LEU F 22 8.60 50.15 -31.54
CA LEU F 22 7.68 50.60 -30.51
C LEU F 22 6.77 51.72 -31.00
N ASN F 23 7.19 52.53 -31.97
CA ASN F 23 6.36 53.58 -32.52
C ASN F 23 5.57 53.13 -33.74
N ASN F 24 5.67 51.87 -34.13
CA ASN F 24 4.73 51.31 -35.09
C ASN F 24 3.39 51.09 -34.37
N GLY F 25 2.32 51.62 -34.95
CA GLY F 25 1.04 51.67 -34.22
C GLY F 25 0.45 50.30 -33.95
N CYS F 26 0.45 49.43 -34.95
CA CYS F 26 -0.16 48.14 -34.69
C CYS F 26 0.75 47.18 -33.96
N PHE F 27 2.05 47.47 -33.80
CA PHE F 27 2.83 46.62 -32.90
C PHE F 27 2.52 46.91 -31.44
N VAL F 28 2.36 48.18 -31.07
CA VAL F 28 1.95 48.44 -29.68
C VAL F 28 0.51 48.02 -29.48
N ASP F 29 -0.33 48.11 -30.53
CA ASP F 29 -1.66 47.53 -30.47
C ASP F 29 -1.62 46.01 -30.29
N ALA F 30 -0.63 45.34 -30.88
CA ALA F 30 -0.45 43.90 -30.67
C ALA F 30 0.14 43.62 -29.30
N LEU F 31 0.93 44.55 -28.77
CA LEU F 31 1.51 44.40 -27.46
C LEU F 31 0.38 44.44 -26.44
N ASN F 32 -0.67 45.18 -26.78
CA ASN F 32 -1.85 45.33 -25.93
C ASN F 32 -2.55 43.99 -25.75
N VAL F 33 -2.60 43.21 -26.82
CA VAL F 33 -3.24 41.90 -26.82
C VAL F 33 -2.57 40.94 -25.86
N VAL F 34 -1.24 41.01 -25.79
CA VAL F 34 -0.41 40.16 -24.94
C VAL F 34 -0.96 39.86 -23.54
N PRO F 35 -1.05 40.87 -22.66
CA PRO F 35 -1.56 40.63 -21.30
C PRO F 35 -2.92 39.92 -21.25
N HIS F 36 -3.82 40.21 -22.19
CA HIS F 36 -5.13 39.55 -22.18
C HIS F 36 -4.99 38.06 -22.50
N VAL F 37 -4.16 37.73 -23.49
CA VAL F 37 -3.92 36.34 -23.86
C VAL F 37 -3.24 35.60 -22.72
N PHE F 38 -2.26 36.25 -22.07
CA PHE F 38 -1.60 35.66 -20.90
C PHE F 38 -2.57 35.40 -19.76
N LEU F 39 -3.46 36.37 -19.49
CA LEU F 39 -4.42 36.21 -18.42
C LEU F 39 -5.37 35.06 -18.69
N LEU F 40 -5.88 34.96 -19.93
CA LEU F 40 -6.74 33.84 -20.31
C LEU F 40 -5.99 32.52 -20.16
N PHE F 41 -4.73 32.48 -20.60
CA PHE F 41 -3.90 31.28 -20.55
C PHE F 41 -3.72 30.77 -19.13
N ILE F 42 -3.40 31.66 -18.18
CA ILE F 42 -3.18 31.17 -16.83
C ILE F 42 -4.52 30.90 -16.12
N THR F 43 -5.49 31.80 -16.26
CA THR F 43 -6.68 31.73 -15.44
C THR F 43 -7.67 30.68 -15.89
N PHE F 44 -7.70 30.35 -17.19
CA PHE F 44 -8.70 29.39 -17.65
C PHE F 44 -8.54 27.99 -17.05
N PRO F 45 -7.35 27.35 -17.01
CA PRO F 45 -7.26 26.04 -16.35
C PRO F 45 -7.61 26.03 -14.86
N ILE F 46 -7.30 27.12 -14.13
CA ILE F 46 -7.65 27.18 -12.72
C ILE F 46 -9.17 27.22 -12.53
N LEU F 47 -9.85 28.09 -13.27
CA LEU F 47 -11.31 28.19 -13.18
C LEU F 47 -11.98 26.91 -13.66
N PHE F 48 -11.46 26.32 -14.74
CA PHE F 48 -12.04 25.11 -15.30
C PHE F 48 -11.85 23.91 -14.37
N ILE F 49 -10.71 23.84 -13.67
CA ILE F 49 -10.49 22.80 -12.67
C ILE F 49 -11.42 23.01 -11.49
N GLY F 50 -11.54 24.26 -11.01
CA GLY F 50 -12.44 24.55 -9.91
C GLY F 50 -13.90 24.37 -10.23
N TRP F 51 -14.27 24.47 -11.50
CA TRP F 51 -15.65 24.27 -11.93
C TRP F 51 -16.01 22.81 -12.16
N GLY F 52 -15.06 21.89 -12.01
CA GLY F 52 -15.35 20.48 -12.18
C GLY F 52 -15.70 19.79 -10.87
N HIS F 61 -20.70 21.20 -1.03
CA HIS F 61 -20.31 21.75 0.25
C HIS F 61 -20.86 23.16 0.45
N HIS F 62 -20.30 23.86 1.44
CA HIS F 62 -20.67 25.25 1.70
C HIS F 62 -19.45 25.97 2.26
N SER F 63 -19.07 27.08 1.64
CA SER F 63 -17.75 27.66 1.86
C SER F 63 -17.70 28.80 2.88
N THR F 64 -18.81 29.52 3.09
CA THR F 64 -18.85 30.74 3.92
C THR F 64 -17.70 31.68 3.55
N TRP F 65 -17.80 32.14 2.30
CA TRP F 65 -16.86 33.07 1.67
C TRP F 65 -16.64 34.33 2.49
N LEU F 66 -15.48 34.94 2.31
CA LEU F 66 -15.19 36.25 2.85
C LEU F 66 -14.96 37.21 1.69
N HIS F 67 -14.79 38.49 2.01
CA HIS F 67 -14.55 39.52 1.01
C HIS F 67 -13.19 40.15 1.25
N PHE F 68 -12.38 40.22 0.20
CA PHE F 68 -11.10 40.89 0.26
C PHE F 68 -11.30 42.40 0.40
N PRO F 69 -10.32 43.12 0.94
CA PRO F 69 -10.40 44.58 0.95
C PRO F 69 -10.44 45.15 -0.47
N GLY F 70 -11.18 46.25 -0.62
CA GLY F 70 -11.37 46.81 -1.95
C GLY F 70 -12.26 45.98 -2.85
N HIS F 71 -13.14 45.17 -2.27
CA HIS F 71 -14.04 44.33 -3.05
C HIS F 71 -15.03 45.17 -3.86
N ASN F 72 -15.74 46.07 -3.18
CA ASN F 72 -16.69 46.95 -3.86
C ASN F 72 -15.98 47.87 -4.85
N LEU F 73 -14.81 48.38 -4.47
CA LEU F 73 -14.06 49.27 -5.34
C LEU F 73 -13.63 48.57 -6.63
N ARG F 74 -13.14 47.33 -6.54
CA ARG F 74 -12.71 46.66 -7.75
C ARG F 74 -13.87 46.17 -8.59
N TRP F 75 -15.03 45.85 -7.98
CA TRP F 75 -16.21 45.55 -8.78
C TRP F 75 -16.68 46.78 -9.56
N ILE F 76 -16.70 47.94 -8.90
CA ILE F 76 -17.06 49.19 -9.57
C ILE F 76 -16.07 49.51 -10.68
N LEU F 77 -14.77 49.34 -10.40
CA LEU F 77 -13.73 49.61 -11.38
C LEU F 77 -13.85 48.69 -12.59
N THR F 78 -14.18 47.42 -12.38
CA THR F 78 -14.31 46.53 -13.52
C THR F 78 -15.60 46.79 -14.31
N PHE F 79 -16.66 47.25 -13.65
CA PHE F 79 -17.85 47.66 -14.39
C PHE F 79 -17.55 48.86 -15.30
N ILE F 80 -16.84 49.86 -14.75
CA ILE F 80 -16.41 51.00 -15.55
C ILE F 80 -15.48 50.54 -16.68
N LEU F 81 -14.60 49.58 -16.38
CA LEU F 81 -13.68 49.05 -17.37
C LEU F 81 -14.42 48.37 -18.51
N LEU F 82 -15.46 47.58 -18.19
CA LEU F 82 -16.26 46.93 -19.23
C LEU F 82 -16.98 47.96 -20.09
N PHE F 83 -17.49 49.02 -19.48
CA PHE F 83 -18.13 50.09 -20.26
C PHE F 83 -17.15 50.76 -21.21
N VAL F 84 -15.94 51.08 -20.70
CA VAL F 84 -14.94 51.74 -21.53
C VAL F 84 -14.44 50.81 -22.65
N LEU F 85 -14.35 49.50 -22.37
CA LEU F 85 -13.94 48.57 -23.41
C LEU F 85 -15.02 48.37 -24.47
N VAL F 86 -16.30 48.45 -24.07
CA VAL F 86 -17.37 48.46 -25.07
C VAL F 86 -17.26 49.69 -25.95
N CYS F 87 -16.97 50.84 -25.35
CA CYS F 87 -16.76 52.07 -26.13
C CYS F 87 -15.55 51.93 -27.07
N GLU F 88 -14.49 51.27 -26.60
CA GLU F 88 -13.31 51.03 -27.43
C GLU F 88 -13.63 50.14 -28.63
N ILE F 89 -14.37 49.05 -28.40
CA ILE F 89 -14.80 48.18 -29.49
C ILE F 89 -15.67 48.94 -30.48
N ALA F 90 -16.59 49.76 -29.95
CA ALA F 90 -17.51 50.51 -30.80
C ALA F 90 -16.76 51.51 -31.68
N GLU F 91 -15.81 52.24 -31.10
CA GLU F 91 -15.07 53.22 -31.90
C GLU F 91 -14.11 52.53 -32.87
N GLY F 92 -13.55 51.37 -32.50
CA GLY F 92 -12.70 50.65 -33.42
C GLY F 92 -13.45 50.11 -34.62
N ILE F 93 -14.65 49.57 -34.39
CA ILE F 93 -15.48 49.11 -35.50
C ILE F 93 -15.97 50.30 -36.33
N LEU F 94 -16.26 51.41 -35.66
CA LEU F 94 -16.77 52.59 -36.33
C LEU F 94 -15.71 53.27 -37.19
N SER F 95 -14.44 53.17 -36.80
CA SER F 95 -13.38 53.95 -37.43
C SER F 95 -12.74 53.28 -38.65
N ASP F 96 -13.07 52.04 -38.97
CA ASP F 96 -12.54 51.39 -40.16
C ASP F 96 -13.65 51.02 -41.15
N GLY F 97 -14.76 51.75 -41.11
CA GLY F 97 -15.84 51.55 -42.05
C GLY F 97 -15.64 52.17 -43.41
N VAL F 98 -14.49 52.80 -43.64
CA VAL F 98 -14.18 53.45 -44.91
C VAL F 98 -13.17 52.65 -45.72
N THR F 99 -12.19 52.04 -45.06
CA THR F 99 -11.17 51.28 -45.76
C THR F 99 -11.71 49.95 -46.23
N GLU F 100 -11.16 49.47 -47.36
CA GLU F 100 -11.62 48.21 -47.94
C GLU F 100 -11.17 47.01 -47.11
N SER F 101 -9.98 47.08 -46.51
CA SER F 101 -9.47 45.98 -45.71
C SER F 101 -9.84 46.18 -44.24
N ARG F 102 -10.18 45.07 -43.58
CA ARG F 102 -10.59 45.12 -42.18
C ARG F 102 -9.37 45.21 -41.28
N HIS F 103 -9.28 46.28 -40.49
CA HIS F 103 -8.19 46.47 -39.54
C HIS F 103 -8.61 45.85 -38.22
N LEU F 104 -8.12 44.63 -37.96
CA LEU F 104 -8.50 43.93 -36.74
C LEU F 104 -7.93 44.60 -35.49
N HIS F 105 -6.80 45.28 -35.62
CA HIS F 105 -6.12 45.85 -34.45
C HIS F 105 -6.90 47.00 -33.81
N LEU F 106 -7.94 47.51 -34.47
CA LEU F 106 -8.74 48.58 -33.88
C LEU F 106 -9.71 48.08 -32.81
N TYR F 107 -10.24 46.86 -32.96
CA TYR F 107 -11.28 46.40 -32.04
C TYR F 107 -10.99 45.04 -31.41
N MET F 108 -10.26 44.17 -32.11
CA MET F 108 -9.93 42.86 -31.55
C MET F 108 -9.08 42.92 -30.27
N PRO F 109 -8.05 43.78 -30.13
CA PRO F 109 -7.44 43.94 -28.79
C PRO F 109 -8.42 44.37 -27.71
N ALA F 110 -9.35 45.26 -28.04
CA ALA F 110 -10.34 45.69 -27.07
C ALA F 110 -11.35 44.58 -26.76
N GLY F 111 -11.69 43.75 -27.74
CA GLY F 111 -12.56 42.61 -27.48
C GLY F 111 -11.90 41.57 -26.58
N MET F 112 -10.63 41.27 -26.83
CA MET F 112 -9.91 40.38 -25.93
C MET F 112 -9.71 41.00 -24.55
N ALA F 113 -9.61 42.33 -24.48
CA ALA F 113 -9.57 43.02 -23.19
C ALA F 113 -10.89 42.86 -22.45
N PHE F 114 -12.01 42.92 -23.16
CA PHE F 114 -13.32 42.73 -22.55
C PHE F 114 -13.45 41.30 -21.99
N MET F 115 -13.05 40.32 -22.80
CA MET F 115 -13.07 38.93 -22.34
C MET F 115 -12.15 38.72 -21.14
N ALA F 116 -10.97 39.35 -21.16
CA ALA F 116 -10.03 39.24 -20.05
C ALA F 116 -10.56 39.92 -18.80
N ALA F 117 -11.30 41.02 -18.94
CA ALA F 117 -11.86 41.69 -17.77
C ALA F 117 -12.95 40.83 -17.12
N ILE F 118 -13.82 40.21 -17.93
CA ILE F 118 -14.82 39.30 -17.38
C ILE F 118 -14.15 38.10 -16.73
N THR F 119 -13.11 37.56 -17.37
CA THR F 119 -12.35 36.45 -16.81
C THR F 119 -11.69 36.84 -15.50
N SER F 120 -11.17 38.07 -15.41
CA SER F 120 -10.54 38.55 -14.19
C SER F 120 -11.57 38.68 -13.06
N VAL F 121 -12.78 39.12 -13.38
CA VAL F 121 -13.82 39.20 -12.35
C VAL F 121 -14.19 37.81 -11.84
N VAL F 122 -14.31 36.83 -12.74
CA VAL F 122 -14.68 35.48 -12.32
C VAL F 122 -13.54 34.84 -11.53
N TYR F 123 -12.31 35.06 -11.98
CA TYR F 123 -11.12 34.52 -11.31
C TYR F 123 -10.96 35.12 -9.92
N TYR F 124 -11.20 36.42 -9.78
CA TYR F 124 -11.16 37.06 -8.47
C TYR F 124 -12.25 36.52 -7.56
N HIS F 125 -13.46 36.28 -8.12
CA HIS F 125 -14.55 35.75 -7.30
C HIS F 125 -14.21 34.35 -6.79
N ASN F 126 -13.61 33.52 -7.63
CA ASN F 126 -13.27 32.17 -7.18
C ASN F 126 -12.07 32.15 -6.25
N ILE F 127 -11.15 33.12 -6.38
CA ILE F 127 -10.09 33.28 -5.39
C ILE F 127 -10.67 33.69 -4.05
N GLU F 128 -11.56 34.69 -4.08
CA GLU F 128 -12.12 35.28 -2.87
C GLU F 128 -12.99 34.29 -2.11
N THR F 129 -13.77 33.47 -2.83
CA THR F 129 -14.61 32.48 -2.18
C THR F 129 -13.79 31.39 -1.53
N SER F 130 -12.79 30.86 -2.25
CA SER F 130 -11.94 29.81 -1.70
C SER F 130 -10.91 30.32 -0.71
N ASN F 131 -10.75 31.65 -0.60
CA ASN F 131 -9.82 32.30 0.33
C ASN F 131 -8.39 31.80 0.14
N PHE F 132 -7.90 31.88 -1.10
CA PHE F 132 -6.53 31.57 -1.44
C PHE F 132 -5.94 32.78 -2.14
N PRO F 133 -5.52 33.80 -1.37
CA PRO F 133 -5.07 35.05 -1.99
C PRO F 133 -3.77 34.93 -2.77
N LYS F 134 -3.01 33.84 -2.60
CA LYS F 134 -1.77 33.66 -3.34
C LYS F 134 -2.00 33.45 -4.84
N LEU F 135 -3.24 33.19 -5.27
CA LEU F 135 -3.56 33.16 -6.69
C LEU F 135 -3.82 34.54 -7.28
N LEU F 136 -3.83 35.59 -6.45
CA LEU F 136 -3.94 36.96 -6.94
C LEU F 136 -2.65 37.48 -7.55
N ILE F 137 -1.57 36.68 -7.51
CA ILE F 137 -0.34 37.02 -8.22
C ILE F 137 -0.60 37.11 -9.72
N ALA F 138 -1.47 36.24 -10.24
CA ALA F 138 -1.83 36.29 -11.66
C ALA F 138 -2.54 37.60 -11.99
N LEU F 139 -3.45 38.06 -11.13
CA LEU F 139 -4.12 39.33 -11.34
C LEU F 139 -3.15 40.49 -11.23
N LEU F 140 -2.20 40.42 -10.29
CA LEU F 140 -1.20 41.47 -10.13
C LEU F 140 -0.33 41.59 -11.39
N ILE F 141 0.13 40.45 -11.91
CA ILE F 141 0.92 40.43 -13.14
C ILE F 141 0.10 40.95 -14.32
N TYR F 142 -1.18 40.56 -14.39
CA TYR F 142 -2.03 41.00 -15.49
C TYR F 142 -2.27 42.51 -15.46
N TRP F 143 -2.55 43.06 -14.28
CA TRP F 143 -2.76 44.50 -14.19
C TRP F 143 -1.48 45.26 -14.49
N THR F 144 -0.33 44.72 -14.05
CA THR F 144 0.96 45.33 -14.38
C THR F 144 1.21 45.37 -15.88
N LEU F 145 1.00 44.23 -16.55
CA LEU F 145 1.25 44.15 -17.99
C LEU F 145 0.28 45.01 -18.78
N ALA F 146 -1.00 44.98 -18.41
CA ALA F 146 -2.00 45.79 -19.10
C ALA F 146 -1.74 47.28 -18.91
N PHE F 147 -1.37 47.69 -17.69
CA PHE F 147 -1.05 49.08 -17.43
C PHE F 147 0.18 49.53 -18.19
N ILE F 148 1.21 48.67 -18.27
CA ILE F 148 2.43 49.02 -18.99
C ILE F 148 2.15 49.17 -20.49
N THR F 149 1.42 48.22 -21.08
CA THR F 149 1.15 48.28 -22.52
C THR F 149 0.23 49.44 -22.87
N LYS F 150 -0.77 49.71 -22.01
CA LYS F 150 -1.64 50.87 -22.24
C LYS F 150 -0.88 52.17 -22.07
N THR F 151 0.09 52.22 -21.15
CA THR F 151 0.92 53.40 -21.00
C THR F 151 1.80 53.61 -22.23
N ILE F 152 2.32 52.52 -22.81
CA ILE F 152 3.10 52.63 -24.04
C ILE F 152 2.23 53.16 -25.18
N LYS F 153 0.99 52.66 -25.28
CA LYS F 153 0.06 53.15 -26.30
C LYS F 153 -0.25 54.63 -26.11
N PHE F 154 -0.49 55.05 -24.86
CA PHE F 154 -0.80 56.45 -24.56
C PHE F 154 0.39 57.37 -24.86
N VAL F 155 1.59 56.93 -24.50
CA VAL F 155 2.79 57.75 -24.71
C VAL F 155 3.10 57.87 -26.19
N LYS F 156 2.96 56.77 -26.95
CA LYS F 156 3.19 56.86 -28.39
C LYS F 156 2.11 57.68 -29.09
N PHE F 157 0.87 57.63 -28.58
CA PHE F 157 -0.17 58.53 -29.09
C PHE F 157 0.20 59.99 -28.86
N TYR F 158 0.68 60.32 -27.66
CA TYR F 158 1.10 61.68 -27.38
C TYR F 158 2.30 62.10 -28.23
N ASP F 159 3.21 61.16 -28.50
CA ASP F 159 4.35 61.45 -29.36
C ASP F 159 3.94 61.62 -30.82
N HIS F 160 2.82 61.04 -31.24
CA HIS F 160 2.35 61.15 -32.60
C HIS F 160 1.21 62.16 -32.76
N ALA F 161 1.19 63.18 -31.88
CA ALA F 161 0.28 64.33 -31.96
C ALA F 161 -1.19 63.92 -31.89
N ILE F 162 -1.50 62.84 -31.17
CA ILE F 162 -2.89 62.48 -30.91
C ILE F 162 -3.37 63.26 -29.70
N GLY F 163 -4.39 64.09 -29.90
CA GLY F 163 -4.94 64.91 -28.85
C GLY F 163 -6.28 64.40 -28.34
N PHE F 164 -6.93 65.24 -27.53
CA PHE F 164 -8.23 64.89 -26.97
C PHE F 164 -9.37 65.05 -27.96
N SER F 165 -9.12 65.60 -29.14
CA SER F 165 -10.16 65.68 -30.17
C SER F 165 -10.55 64.29 -30.66
N GLN F 166 -9.60 63.37 -30.72
CA GLN F 166 -9.87 62.00 -31.15
C GLN F 166 -10.24 61.16 -29.94
N LEU F 167 -11.33 60.40 -30.07
CA LEU F 167 -11.91 59.70 -28.92
C LEU F 167 -11.00 58.60 -28.40
N ARG F 168 -10.30 57.90 -29.31
CA ARG F 168 -9.47 56.75 -28.93
C ARG F 168 -8.38 57.13 -27.94
N PHE F 169 -7.86 58.36 -28.05
CA PHE F 169 -6.91 58.87 -27.07
C PHE F 169 -7.54 58.99 -25.69
N CYS F 170 -8.76 59.53 -25.62
CA CYS F 170 -9.46 59.66 -24.34
C CYS F 170 -9.78 58.30 -23.74
N LEU F 171 -10.21 57.37 -24.59
CA LEU F 171 -10.56 56.03 -24.09
C LEU F 171 -9.33 55.27 -23.61
N THR F 172 -8.19 55.41 -24.32
CA THR F 172 -7.00 54.70 -23.85
C THR F 172 -6.40 55.39 -22.63
N GLY F 173 -6.61 56.70 -22.46
CA GLY F 173 -6.23 57.34 -21.21
C GLY F 173 -7.08 56.86 -20.04
N LEU F 174 -8.39 56.69 -20.29
CA LEU F 174 -9.27 56.09 -19.29
C LEU F 174 -8.84 54.66 -18.97
N LEU F 175 -8.38 53.92 -19.97
CA LEU F 175 -7.91 52.55 -19.74
C LEU F 175 -6.62 52.54 -18.91
N VAL F 176 -5.72 53.50 -19.17
CA VAL F 176 -4.50 53.63 -18.36
C VAL F 176 -4.87 53.90 -16.90
N ILE F 177 -5.80 54.84 -16.69
CA ILE F 177 -6.21 55.21 -15.33
C ILE F 177 -6.89 54.03 -14.63
N LEU F 178 -7.76 53.32 -15.35
CA LEU F 178 -8.49 52.21 -14.75
C LEU F 178 -7.57 51.03 -14.42
N TYR F 179 -6.63 50.72 -15.32
CA TYR F 179 -5.67 49.66 -15.03
C TYR F 179 -4.76 50.02 -13.87
N GLY F 180 -4.37 51.30 -13.77
CA GLY F 180 -3.60 51.74 -12.62
C GLY F 180 -4.39 51.63 -11.32
N MET F 181 -5.69 51.98 -11.35
CA MET F 181 -6.52 51.87 -10.17
C MET F 181 -6.70 50.41 -9.74
N LEU F 182 -6.91 49.51 -10.70
CA LEU F 182 -7.06 48.10 -10.36
C LEU F 182 -5.75 47.50 -9.84
N LEU F 183 -4.62 47.95 -10.39
CA LEU F 183 -3.31 47.56 -9.85
C LEU F 183 -3.14 48.05 -8.41
N LEU F 184 -3.58 49.28 -8.14
CA LEU F 184 -3.53 49.81 -6.77
C LEU F 184 -4.43 49.02 -5.83
N VAL F 185 -5.59 48.57 -6.33
CA VAL F 185 -6.48 47.74 -5.52
C VAL F 185 -5.79 46.41 -5.18
N GLU F 186 -5.13 45.80 -6.16
CA GLU F 186 -4.43 44.53 -5.90
C GLU F 186 -3.29 44.71 -4.91
N VAL F 187 -2.53 45.81 -5.04
CA VAL F 187 -1.46 46.10 -4.10
C VAL F 187 -2.02 46.39 -2.70
N ASN F 188 -3.19 47.01 -2.62
CA ASN F 188 -3.83 47.21 -1.32
C ASN F 188 -4.28 45.89 -0.71
N VAL F 189 -4.72 44.94 -1.54
CA VAL F 189 -5.04 43.60 -1.04
C VAL F 189 -3.78 42.93 -0.50
N ILE F 190 -2.65 43.15 -1.16
CA ILE F 190 -1.36 42.69 -0.63
C ILE F 190 -1.08 43.32 0.73
N ARG F 191 -1.31 44.64 0.84
CA ARG F 191 -0.93 45.38 2.04
C ARG F 191 -1.79 45.00 3.25
N VAL F 192 -3.11 44.89 3.05
CA VAL F 192 -4.00 44.61 4.18
C VAL F 192 -3.84 43.17 4.65
N ARG F 193 -4.10 42.22 3.75
CA ARG F 193 -3.90 40.80 4.04
C ARG F 193 -2.57 40.39 3.40
N ARG F 194 -1.59 40.06 4.25
CA ARG F 194 -0.22 39.91 3.79
C ARG F 194 0.04 38.47 3.35
N TYR F 195 -0.56 38.12 2.21
CA TYR F 195 -0.37 36.78 1.67
C TYR F 195 0.98 36.60 0.98
N ILE F 196 1.73 37.67 0.73
CA ILE F 196 3.04 37.61 0.11
C ILE F 196 3.97 38.60 0.80
N PHE F 197 5.26 38.28 0.80
CA PHE F 197 6.39 39.11 1.22
C PHE F 197 6.48 39.33 2.73
N PHE F 198 5.48 38.88 3.48
CA PHE F 198 5.47 39.03 4.93
C PHE F 198 5.50 37.65 5.57
N LYS F 199 6.17 37.56 6.73
CA LYS F 199 6.46 36.28 7.35
C LYS F 199 5.20 35.56 7.80
N THR F 200 4.27 36.29 8.41
CA THR F 200 3.00 35.73 8.86
C THR F 200 1.85 36.47 8.20
N PRO F 201 1.04 35.81 7.38
CA PRO F 201 -0.16 36.46 6.85
C PRO F 201 -1.18 36.76 7.94
N ARG F 202 -1.94 37.83 7.73
CA ARG F 202 -3.00 38.21 8.66
C ARG F 202 -4.24 37.36 8.36
N LYS F 203 -4.55 36.44 9.26
CA LYS F 203 -5.70 35.56 9.06
C LYS F 203 -6.99 36.33 9.31
N VAL F 204 -7.94 36.19 8.40
CA VAL F 204 -9.25 36.84 8.47
C VAL F 204 -10.31 35.75 8.43
N LYS F 205 -11.22 35.77 9.41
CA LYS F 205 -12.33 34.85 9.45
C LYS F 205 -13.55 35.47 8.78
N PRO F 206 -14.39 34.66 8.12
CA PRO F 206 -15.64 35.18 7.55
C PRO F 206 -16.58 35.67 8.63
N PRO F 207 -17.55 36.53 8.28
CA PRO F 207 -18.43 37.13 9.30
C PRO F 207 -19.23 36.08 10.07
N GLU F 208 -19.45 36.39 11.35
CA GLU F 208 -20.04 35.42 12.27
C GLU F 208 -21.51 35.13 11.95
N ASP F 209 -22.22 36.10 11.37
CA ASP F 209 -23.60 35.85 10.96
C ASP F 209 -23.68 35.05 9.67
N LEU F 210 -22.62 35.04 8.86
CA LEU F 210 -22.60 34.21 7.67
C LEU F 210 -22.36 32.75 8.00
N GLN F 211 -21.56 32.46 9.03
CA GLN F 211 -21.31 31.10 9.46
C GLN F 211 -22.52 30.46 10.12
N ASP F 212 -23.52 31.24 10.50
CA ASP F 212 -24.71 30.72 11.16
C ASP F 212 -25.54 29.92 10.17
N LEU F 213 -25.63 28.61 10.38
CA LEU F 213 -26.53 27.78 9.60
C LEU F 213 -27.96 28.10 10.02
N GLY F 214 -28.59 29.01 9.30
CA GLY F 214 -29.88 29.53 9.71
C GLY F 214 -30.05 30.98 9.35
N VAL F 215 -29.00 31.59 8.84
CA VAL F 215 -29.08 32.93 8.24
C VAL F 215 -29.13 32.72 6.73
N ARG F 216 -30.31 32.92 6.15
CA ARG F 216 -30.52 32.69 4.73
C ARG F 216 -30.88 33.95 3.97
N PHE F 217 -30.89 35.11 4.60
CA PHE F 217 -30.98 36.38 3.91
C PHE F 217 -29.55 36.84 3.63
N LEU F 218 -28.93 36.21 2.64
CA LEU F 218 -27.52 36.46 2.34
C LEU F 218 -27.35 37.58 1.32
N GLN F 219 -28.01 38.71 1.56
CA GLN F 219 -27.81 39.91 0.77
C GLN F 219 -26.56 40.71 1.17
N PRO F 220 -26.28 41.00 2.46
CA PRO F 220 -25.07 41.78 2.76
C PRO F 220 -23.77 41.02 2.55
N PHE F 221 -23.80 39.71 2.33
CA PHE F 221 -22.58 38.92 2.24
C PHE F 221 -22.18 38.54 0.82
N VAL F 222 -23.10 38.64 -0.14
CA VAL F 222 -22.77 38.31 -1.53
C VAL F 222 -22.04 39.48 -2.18
N ASN F 223 -21.47 39.26 -3.35
CA ASN F 223 -20.70 40.27 -4.05
C ASN F 223 -21.60 41.37 -4.59
N LEU F 224 -20.96 42.43 -5.11
CA LEU F 224 -21.67 43.63 -5.53
C LEU F 224 -22.61 43.35 -6.71
N LEU F 225 -22.16 42.55 -7.67
CA LEU F 225 -23.04 42.17 -8.78
C LEU F 225 -24.19 41.30 -8.28
N SER F 226 -23.92 40.40 -7.34
CA SER F 226 -24.99 39.61 -6.74
C SER F 226 -25.88 40.43 -5.84
N LYS F 227 -25.38 41.55 -5.31
CA LYS F 227 -26.24 42.46 -4.55
C LYS F 227 -27.15 43.26 -5.48
N GLY F 228 -26.62 43.70 -6.63
CA GLY F 228 -27.43 44.48 -7.56
C GLY F 228 -28.41 43.65 -8.36
N THR F 229 -28.04 42.42 -8.70
CA THR F 229 -28.89 41.54 -9.49
C THR F 229 -29.70 40.56 -8.64
N TYR F 230 -29.44 40.49 -7.32
CA TYR F 230 -30.14 39.61 -6.38
C TYR F 230 -30.04 38.15 -6.82
N TRP F 231 -28.82 37.75 -7.20
CA TRP F 231 -28.58 36.41 -7.72
C TRP F 231 -28.68 35.34 -6.64
N TRP F 232 -28.52 35.70 -5.37
CA TRP F 232 -28.66 34.73 -4.28
C TRP F 232 -30.09 34.27 -4.08
N MET F 233 -31.07 35.02 -4.61
CA MET F 233 -32.47 34.61 -4.55
C MET F 233 -32.81 33.50 -5.52
N ASN F 234 -31.91 33.15 -6.44
CA ASN F 234 -32.19 32.09 -7.41
C ASN F 234 -32.43 30.75 -6.73
N ALA F 235 -31.51 30.36 -5.84
CA ALA F 235 -31.65 29.09 -5.12
C ALA F 235 -32.87 29.10 -4.21
N PHE F 236 -33.12 30.23 -3.54
CA PHE F 236 -34.26 30.34 -2.64
C PHE F 236 -35.58 30.18 -3.39
N ILE F 237 -35.73 30.87 -4.53
CA ILE F 237 -36.98 30.82 -5.27
C ILE F 237 -37.15 29.47 -5.97
N LYS F 238 -36.06 28.89 -6.46
CA LYS F 238 -36.14 27.57 -7.08
C LYS F 238 -36.50 26.50 -6.06
N THR F 239 -36.00 26.62 -4.83
CA THR F 239 -36.40 25.73 -3.76
C THR F 239 -37.85 25.99 -3.35
N ALA F 240 -38.27 27.25 -3.37
CA ALA F 240 -39.64 27.61 -3.02
C ALA F 240 -40.65 27.04 -4.02
N HIS F 241 -40.22 26.86 -5.27
CA HIS F 241 -41.07 26.17 -6.23
C HIS F 241 -41.27 24.70 -5.83
N LYS F 242 -40.21 24.07 -5.31
CA LYS F 242 -40.30 22.65 -4.93
C LYS F 242 -41.17 22.46 -3.69
N LYS F 243 -40.93 23.24 -2.64
CA LYS F 243 -41.62 23.09 -1.37
C LYS F 243 -42.05 24.45 -0.85
N PRO F 244 -43.15 24.52 -0.09
CA PRO F 244 -43.64 25.82 0.38
C PRO F 244 -42.69 26.46 1.39
N ILE F 245 -42.72 27.80 1.40
CA ILE F 245 -41.90 28.58 2.31
C ILE F 245 -42.55 28.61 3.68
N ASP F 246 -41.78 28.29 4.71
CA ASP F 246 -42.24 28.38 6.10
C ASP F 246 -41.29 29.29 6.88
N LEU F 247 -41.48 29.33 8.20
CA LEU F 247 -40.61 30.10 9.08
C LEU F 247 -39.24 29.47 9.26
N ARG F 248 -39.02 28.25 8.74
CA ARG F 248 -37.72 27.59 8.77
C ARG F 248 -36.93 27.79 7.48
N ALA F 249 -37.59 27.71 6.33
CA ALA F 249 -36.92 28.02 5.06
C ALA F 249 -36.54 29.49 5.01
N ILE F 250 -37.39 30.36 5.56
CA ILE F 250 -36.96 31.73 5.87
C ILE F 250 -36.04 31.66 7.07
N GLY F 251 -34.83 32.19 6.92
CA GLY F 251 -33.79 32.03 7.92
C GLY F 251 -33.91 32.98 9.09
N LYS F 252 -32.76 33.27 9.69
CA LYS F 252 -32.65 34.22 10.79
C LYS F 252 -32.09 35.54 10.26
N LEU F 253 -32.44 36.62 10.94
CA LEU F 253 -31.97 37.94 10.54
C LEU F 253 -30.46 38.06 10.75
N PRO F 254 -29.74 38.66 9.81
CA PRO F 254 -28.33 38.99 10.06
C PRO F 254 -28.21 40.04 11.15
N ILE F 255 -27.04 40.05 11.80
CA ILE F 255 -26.81 40.90 12.97
C ILE F 255 -26.91 42.38 12.62
N ALA F 256 -26.57 42.74 11.39
CA ALA F 256 -26.70 44.14 10.96
C ALA F 256 -28.15 44.59 10.96
N MET F 257 -29.07 43.73 10.56
CA MET F 257 -30.49 44.04 10.55
C MET F 257 -31.18 43.18 11.60
N ARG F 258 -31.16 43.66 12.85
CA ARG F 258 -31.89 43.03 13.93
C ARG F 258 -32.50 44.12 14.80
N ALA F 259 -33.60 43.78 15.46
CA ALA F 259 -34.31 44.77 16.27
C ALA F 259 -33.47 45.23 17.45
N LEU F 260 -32.71 44.31 18.06
CA LEU F 260 -31.81 44.69 19.14
C LEU F 260 -30.71 45.61 18.64
N THR F 261 -30.12 45.30 17.49
CA THR F 261 -29.01 46.09 16.95
C THR F 261 -29.48 47.48 16.51
N ASN F 262 -30.58 47.53 15.73
CA ASN F 262 -31.10 48.81 15.29
C ASN F 262 -31.63 49.63 16.47
N TYR F 263 -32.21 48.97 17.47
CA TYR F 263 -32.69 49.66 18.65
C TYR F 263 -31.54 50.24 19.47
N GLN F 264 -30.43 49.51 19.60
CA GLN F 264 -29.27 50.05 20.29
C GLN F 264 -28.65 51.22 19.54
N ARG F 265 -28.61 51.12 18.20
CA ARG F 265 -28.12 52.24 17.39
C ARG F 265 -29.00 53.47 17.56
N LEU F 266 -30.32 53.29 17.56
CA LEU F 266 -31.25 54.38 17.78
C LEU F 266 -31.12 54.96 19.19
N CYS F 267 -30.84 54.10 20.18
CA CYS F 267 -30.63 54.58 21.54
C CYS F 267 -29.36 55.41 21.65
N VAL F 268 -28.29 55.01 20.95
CA VAL F 268 -27.06 55.81 20.93
C VAL F 268 -27.33 57.17 20.28
N ALA F 269 -28.08 57.18 19.18
CA ALA F 269 -28.44 58.44 18.53
C ALA F 269 -29.30 59.32 19.46
N PHE F 270 -30.23 58.70 20.19
CA PHE F 270 -31.10 59.45 21.09
C PHE F 270 -30.31 60.03 22.27
N ASP F 271 -29.34 59.28 22.80
CA ASP F 271 -28.50 59.81 23.87
C ASP F 271 -27.65 60.97 23.37
N ALA F 272 -27.09 60.85 22.16
CA ALA F 272 -26.30 61.94 21.58
C ALA F 272 -27.16 63.19 21.36
N GLN F 273 -28.42 63.00 20.96
CA GLN F 273 -29.32 64.14 20.80
C GLN F 273 -29.71 64.74 22.14
N ALA F 274 -29.93 63.88 23.15
CA ALA F 274 -30.38 64.36 24.46
C ALA F 274 -29.28 65.13 25.20
N ARG F 275 -28.02 64.81 24.92
CA ARG F 275 -26.93 65.59 25.51
C ARG F 275 -26.93 67.03 25.00
N LYS F 276 -27.29 67.23 23.73
CA LYS F 276 -27.20 68.56 23.13
C LYS F 276 -28.32 69.47 23.63
N ASP F 277 -29.57 69.09 23.40
CA ASP F 277 -30.73 69.87 23.81
C ASP F 277 -31.47 69.14 24.92
N THR F 278 -31.68 69.82 26.05
CA THR F 278 -32.29 69.22 27.22
C THR F 278 -33.67 69.78 27.54
N GLN F 279 -34.14 70.78 26.78
CA GLN F 279 -35.47 71.33 27.03
C GLN F 279 -36.56 70.32 26.71
N SER F 280 -36.41 69.58 25.60
CA SER F 280 -37.33 68.51 25.25
C SER F 280 -36.52 67.42 24.56
N PRO F 281 -36.06 66.41 25.31
CA PRO F 281 -35.22 65.37 24.71
C PRO F 281 -35.97 64.33 23.90
N GLN F 282 -37.30 64.30 24.00
CA GLN F 282 -38.11 63.33 23.26
C GLN F 282 -39.18 64.02 22.43
N GLY F 283 -38.92 65.26 22.01
CA GLY F 283 -39.82 65.95 21.12
C GLY F 283 -39.69 65.44 19.69
N ALA F 284 -40.51 66.01 18.81
CA ALA F 284 -40.53 65.59 17.41
C ALA F 284 -39.21 65.90 16.73
N ARG F 285 -38.63 67.07 17.01
CA ARG F 285 -37.33 67.43 16.44
C ARG F 285 -36.23 66.51 16.90
N ALA F 286 -36.23 66.15 18.20
CA ALA F 286 -35.23 65.25 18.74
C ALA F 286 -35.35 63.85 18.13
N ILE F 287 -36.58 63.37 17.95
CA ILE F 287 -36.79 62.07 17.33
C ILE F 287 -36.35 62.08 15.87
N TRP F 288 -36.66 63.16 15.15
CA TRP F 288 -36.23 63.26 13.74
C TRP F 288 -34.71 63.30 13.62
N ARG F 289 -34.04 64.05 14.49
CA ARG F 289 -32.58 64.09 14.46
C ARG F 289 -31.97 62.76 14.88
N ALA F 290 -32.61 62.04 15.80
CA ALA F 290 -32.13 60.72 16.17
C ALA F 290 -32.28 59.73 15.02
N LEU F 291 -33.40 59.79 14.30
CA LEU F 291 -33.59 58.93 13.14
C LEU F 291 -32.59 59.25 12.04
N CYS F 292 -32.29 60.53 11.85
CA CYS F 292 -31.26 60.94 10.89
C CYS F 292 -29.90 60.39 11.29
N HIS F 293 -29.52 60.57 12.57
CA HIS F 293 -28.24 60.07 13.04
C HIS F 293 -28.15 58.56 12.98
N ALA F 294 -29.29 57.86 13.06
CA ALA F 294 -29.28 56.41 13.02
C ALA F 294 -29.21 55.85 11.61
N PHE F 295 -29.93 56.44 10.65
CA PHE F 295 -30.08 55.80 9.35
C PHE F 295 -29.73 56.71 8.16
N GLY F 296 -29.02 57.81 8.39
CA GLY F 296 -28.84 58.80 7.34
C GLY F 296 -27.86 58.40 6.27
N ARG F 297 -26.80 57.67 6.63
CA ARG F 297 -25.83 57.23 5.62
C ARG F 297 -26.47 56.26 4.64
N ARG F 298 -27.28 55.33 5.14
CA ARG F 298 -27.98 54.43 4.23
C ARG F 298 -29.08 55.14 3.46
N LEU F 299 -29.75 56.13 4.08
CA LEU F 299 -30.75 56.91 3.34
C LEU F 299 -30.12 57.69 2.20
N ILE F 300 -28.95 58.32 2.43
CA ILE F 300 -28.30 59.03 1.34
C ILE F 300 -27.64 58.10 0.34
N LEU F 301 -27.31 56.86 0.74
CA LEU F 301 -26.87 55.87 -0.24
C LEU F 301 -28.01 55.50 -1.20
N SER F 302 -29.21 55.27 -0.64
CA SER F 302 -30.38 55.02 -1.47
C SER F 302 -30.70 56.22 -2.34
N SER F 303 -30.57 57.43 -1.78
CA SER F 303 -30.82 58.64 -2.56
C SER F 303 -29.79 58.83 -3.67
N THR F 304 -28.54 58.45 -3.41
CA THR F 304 -27.50 58.53 -4.44
C THR F 304 -27.79 57.57 -5.59
N PHE F 305 -28.18 56.33 -5.26
CA PHE F 305 -28.58 55.38 -6.30
C PHE F 305 -29.78 55.89 -7.08
N ARG F 306 -30.76 56.47 -6.38
CA ARG F 306 -31.96 56.98 -7.01
C ARG F 306 -31.67 58.17 -7.93
N ILE F 307 -30.79 59.08 -7.50
CA ILE F 307 -30.45 60.24 -8.32
C ILE F 307 -29.64 59.81 -9.54
N LEU F 308 -28.71 58.87 -9.37
CA LEU F 308 -27.96 58.36 -10.51
C LEU F 308 -28.87 57.64 -11.50
N ALA F 309 -29.86 56.89 -11.00
CA ALA F 309 -30.84 56.27 -11.88
C ALA F 309 -31.70 57.30 -12.59
N ASP F 310 -32.09 58.37 -11.89
CA ASP F 310 -32.90 59.42 -12.51
C ASP F 310 -32.12 60.13 -13.61
N LEU F 311 -30.83 60.37 -13.39
CA LEU F 311 -30.01 61.01 -14.43
C LEU F 311 -29.76 60.07 -15.60
N LEU F 312 -29.51 58.78 -15.33
CA LEU F 312 -29.24 57.83 -16.40
C LEU F 312 -30.49 57.40 -17.15
N GLY F 313 -31.68 57.62 -16.58
CA GLY F 313 -32.91 57.30 -17.29
C GLY F 313 -33.18 58.20 -18.48
N PHE F 314 -32.61 59.40 -18.49
CA PHE F 314 -32.76 60.30 -19.62
C PHE F 314 -31.88 59.93 -20.80
N ALA F 315 -31.00 58.93 -20.64
CA ALA F 315 -30.28 58.38 -21.78
C ALA F 315 -31.21 57.71 -22.79
N GLY F 316 -32.40 57.31 -22.36
CA GLY F 316 -33.43 56.81 -23.24
C GLY F 316 -33.83 57.81 -24.32
N PRO F 317 -34.45 58.92 -23.91
CA PRO F 317 -34.82 59.96 -24.89
C PRO F 317 -33.65 60.56 -25.64
N LEU F 318 -32.48 60.70 -25.01
CA LEU F 318 -31.34 61.28 -25.71
C LEU F 318 -30.78 60.36 -26.78
N CYS F 319 -30.66 59.05 -26.47
CA CYS F 319 -30.24 58.10 -27.49
C CYS F 319 -31.30 57.93 -28.57
N ILE F 320 -32.58 58.02 -28.20
CA ILE F 320 -33.64 57.99 -29.21
C ILE F 320 -33.53 59.19 -30.14
N PHE F 321 -33.29 60.38 -29.58
CA PHE F 321 -33.14 61.59 -30.37
C PHE F 321 -31.96 61.47 -31.31
N GLY F 322 -30.82 60.97 -30.81
CA GLY F 322 -29.65 60.79 -31.66
C GLY F 322 -29.84 59.75 -32.74
N ILE F 323 -30.46 58.61 -32.40
CA ILE F 323 -30.65 57.53 -33.36
C ILE F 323 -31.60 57.95 -34.47
N VAL F 324 -32.74 58.54 -34.11
CA VAL F 324 -33.70 58.93 -35.14
C VAL F 324 -33.21 60.17 -35.90
N ASP F 325 -32.39 61.02 -35.26
CA ASP F 325 -31.79 62.13 -35.97
C ASP F 325 -30.79 61.64 -37.02
N HIS F 326 -30.00 60.62 -36.67
CA HIS F 326 -29.08 60.02 -37.65
C HIS F 326 -29.83 59.30 -38.76
N LEU F 327 -30.87 58.53 -38.40
CA LEU F 327 -31.64 57.80 -39.40
C LEU F 327 -32.50 58.72 -40.26
N GLY F 328 -32.81 59.92 -39.77
CA GLY F 328 -33.50 60.91 -40.56
C GLY F 328 -32.61 61.71 -41.48
N LYS F 329 -31.29 61.52 -41.40
CA LYS F 329 -30.35 62.23 -42.27
C LYS F 329 -30.29 61.54 -43.63
N GLU F 330 -30.59 62.28 -44.68
CA GLU F 330 -30.65 61.72 -46.03
C GLU F 330 -29.28 61.69 -46.67
N ASN F 331 -28.95 60.55 -47.31
CA ASN F 331 -27.69 60.36 -48.03
C ASN F 331 -26.48 60.60 -47.11
N HIS F 332 -26.56 60.05 -45.90
CA HIS F 332 -25.47 60.17 -44.95
C HIS F 332 -24.24 59.43 -45.44
N VAL F 333 -23.10 60.13 -45.49
CA VAL F 333 -21.85 59.55 -45.96
C VAL F 333 -20.83 59.74 -44.85
N PHE F 334 -20.72 58.76 -43.96
CA PHE F 334 -19.79 58.90 -42.86
C PHE F 334 -18.36 58.62 -43.32
N GLN F 335 -17.47 59.54 -42.98
CA GLN F 335 -16.05 59.46 -43.32
C GLN F 335 -15.27 60.28 -42.31
N PRO F 336 -14.58 59.64 -41.35
CA PRO F 336 -13.84 60.41 -40.34
C PRO F 336 -12.69 61.17 -40.96
N LYS F 337 -12.61 62.47 -40.62
CA LYS F 337 -11.65 63.35 -41.29
C LYS F 337 -10.23 63.10 -40.81
N THR F 338 -10.04 62.86 -39.51
CA THR F 338 -8.71 62.71 -38.95
C THR F 338 -8.15 61.33 -39.26
N GLN F 339 -6.93 61.30 -39.78
CA GLN F 339 -6.21 60.06 -40.05
C GLN F 339 -4.77 60.22 -39.60
N PHE F 340 -4.30 59.29 -38.77
CA PHE F 340 -2.94 59.32 -38.25
C PHE F 340 -2.28 57.97 -38.48
N LEU F 341 -1.04 57.99 -38.99
CA LEU F 341 -0.25 56.79 -39.32
C LEU F 341 -0.97 55.88 -40.32
N GLY F 342 -1.79 56.47 -41.20
CA GLY F 342 -2.61 55.67 -42.08
C GLY F 342 -3.77 54.98 -41.41
N VAL F 343 -4.06 55.33 -40.16
CA VAL F 343 -5.14 54.72 -39.38
C VAL F 343 -6.12 55.81 -39.03
N TYR F 344 -7.40 55.59 -39.35
CA TYR F 344 -8.41 56.59 -39.09
C TYR F 344 -8.75 56.67 -37.61
N PHE F 345 -9.09 57.88 -37.17
CA PHE F 345 -9.47 58.14 -35.79
C PHE F 345 -10.82 58.85 -35.79
N VAL F 346 -11.80 58.29 -35.10
CA VAL F 346 -13.12 58.87 -35.01
C VAL F 346 -13.15 59.87 -33.85
N SER F 347 -13.60 61.10 -34.13
CA SER F 347 -13.69 62.10 -33.09
C SER F 347 -14.91 61.84 -32.20
N SER F 348 -14.95 62.52 -31.05
CA SER F 348 -16.02 62.29 -30.09
C SER F 348 -17.37 62.80 -30.59
N GLN F 349 -17.37 63.85 -31.41
CA GLN F 349 -18.62 64.40 -31.93
C GLN F 349 -19.28 63.43 -32.91
N GLU F 350 -18.51 62.87 -33.83
CA GLU F 350 -19.04 61.91 -34.79
C GLU F 350 -19.08 60.49 -34.25
N PHE F 351 -18.48 60.23 -33.09
CA PHE F 351 -18.69 58.94 -32.43
C PHE F 351 -20.12 58.82 -31.93
N LEU F 352 -20.60 59.83 -31.21
CA LEU F 352 -21.95 59.80 -30.65
C LEU F 352 -23.03 60.12 -31.68
N GLY F 353 -22.66 60.36 -32.93
CA GLY F 353 -23.62 60.54 -34.00
C GLY F 353 -24.01 59.28 -34.74
N ASN F 354 -23.53 58.12 -34.31
CA ASN F 354 -23.83 56.86 -34.96
C ASN F 354 -24.96 56.15 -34.23
N ALA F 355 -25.88 55.58 -35.01
CA ALA F 355 -27.09 54.98 -34.43
C ALA F 355 -26.77 53.70 -33.66
N TYR F 356 -25.83 52.90 -34.17
CA TYR F 356 -25.50 51.62 -33.53
C TYR F 356 -24.88 51.82 -32.16
N VAL F 357 -23.92 52.74 -32.05
CA VAL F 357 -23.26 52.94 -30.76
C VAL F 357 -24.20 53.63 -29.79
N LEU F 358 -25.14 54.44 -30.28
CA LEU F 358 -26.15 55.02 -29.40
C LEU F 358 -27.10 53.95 -28.91
N ALA F 359 -27.42 52.96 -29.75
CA ALA F 359 -28.23 51.84 -29.30
C ALA F 359 -27.50 51.01 -28.24
N VAL F 360 -26.20 50.77 -28.44
CA VAL F 360 -25.43 49.99 -27.49
C VAL F 360 -25.26 50.74 -26.17
N LEU F 361 -24.98 52.05 -26.25
CA LEU F 361 -24.89 52.87 -25.05
C LEU F 361 -26.24 52.99 -24.35
N LEU F 362 -27.34 53.00 -25.11
CA LEU F 362 -28.66 52.97 -24.50
C LEU F 362 -28.91 51.67 -23.76
N PHE F 363 -28.50 50.54 -24.35
CA PHE F 363 -28.64 49.25 -23.68
C PHE F 363 -27.84 49.20 -22.39
N LEU F 364 -26.59 49.67 -22.43
CA LEU F 364 -25.75 49.68 -21.24
C LEU F 364 -26.28 50.66 -20.19
N ALA F 365 -26.75 51.83 -20.64
CA ALA F 365 -27.26 52.83 -19.72
C ALA F 365 -28.52 52.36 -19.02
N LEU F 366 -29.42 51.70 -19.75
CA LEU F 366 -30.61 51.13 -19.10
C LEU F 366 -30.24 49.98 -18.18
N LEU F 367 -29.26 49.15 -18.58
CA LEU F 367 -28.83 48.03 -17.76
C LEU F 367 -28.24 48.50 -16.44
N LEU F 368 -27.49 49.60 -16.46
CA LEU F 368 -26.96 50.18 -15.23
C LEU F 368 -28.05 50.94 -14.47
N GLN F 369 -28.92 51.64 -15.19
CA GLN F 369 -29.88 52.56 -14.57
C GLN F 369 -30.95 51.80 -13.79
N ARG F 370 -31.50 50.74 -14.38
CA ARG F 370 -32.53 49.98 -13.69
C ARG F 370 -31.97 49.19 -12.52
N THR F 371 -30.72 48.74 -12.63
CA THR F 371 -30.04 48.14 -11.48
C THR F 371 -29.87 49.15 -10.34
N PHE F 372 -29.49 50.39 -10.68
CA PHE F 372 -29.37 51.43 -9.66
C PHE F 372 -30.72 51.77 -9.03
N LEU F 373 -31.78 51.79 -9.85
CA LEU F 373 -33.12 52.07 -9.33
C LEU F 373 -33.59 50.99 -8.37
N GLN F 374 -33.38 49.72 -8.73
CA GLN F 374 -33.73 48.62 -7.84
C GLN F 374 -32.88 48.61 -6.57
N ALA F 375 -31.60 48.97 -6.70
CA ALA F 375 -30.74 49.07 -5.52
C ALA F 375 -31.22 50.17 -4.57
N SER F 376 -31.62 51.32 -5.13
CA SER F 376 -32.18 52.40 -4.31
C SER F 376 -33.45 51.95 -3.61
N TYR F 377 -34.33 51.26 -4.34
CA TYR F 377 -35.55 50.71 -3.75
C TYR F 377 -35.23 49.77 -2.60
N TYR F 378 -34.29 48.85 -2.81
CA TYR F 378 -33.97 47.87 -1.78
C TYR F 378 -33.35 48.51 -0.55
N VAL F 379 -32.44 49.48 -0.74
CA VAL F 379 -31.81 50.12 0.42
C VAL F 379 -32.85 50.90 1.22
N ALA F 380 -33.75 51.62 0.54
CA ALA F 380 -34.81 52.34 1.23
C ALA F 380 -35.72 51.38 2.00
N ILE F 381 -36.07 50.24 1.38
CA ILE F 381 -36.95 49.27 2.05
C ILE F 381 -36.26 48.67 3.28
N GLU F 382 -34.97 48.30 3.14
CA GLU F 382 -34.25 47.69 4.24
C GLU F 382 -34.10 48.64 5.42
N THR F 383 -33.83 49.93 5.14
CA THR F 383 -33.73 50.88 6.23
C THR F 383 -35.08 51.19 6.86
N GLY F 384 -36.15 51.19 6.06
CA GLY F 384 -37.48 51.30 6.64
C GLY F 384 -37.81 50.16 7.58
N ILE F 385 -37.43 48.93 7.20
CA ILE F 385 -37.70 47.77 8.04
C ILE F 385 -36.86 47.81 9.31
N ASN F 386 -35.59 48.21 9.21
CA ASN F 386 -34.75 48.36 10.39
C ASN F 386 -35.29 49.44 11.32
N LEU F 387 -35.77 50.55 10.74
CA LEU F 387 -36.40 51.60 11.52
C LEU F 387 -37.66 51.10 12.22
N ARG F 388 -38.45 50.29 11.53
CA ARG F 388 -39.66 49.73 12.13
C ARG F 388 -39.32 48.84 13.32
N GLY F 389 -38.29 48.00 13.17
CA GLY F 389 -37.87 47.16 14.29
C GLY F 389 -37.37 47.97 15.48
N ALA F 390 -36.54 48.98 15.22
CA ALA F 390 -36.01 49.81 16.29
C ALA F 390 -37.12 50.61 16.97
N ILE F 391 -38.07 51.13 16.19
CA ILE F 391 -39.15 51.94 16.75
C ILE F 391 -40.11 51.07 17.55
N GLN F 392 -40.40 49.84 17.08
CA GLN F 392 -41.25 48.93 17.85
C GLN F 392 -40.58 48.54 19.17
N THR F 393 -39.26 48.30 19.14
CA THR F 393 -38.55 48.00 20.38
C THR F 393 -38.56 49.20 21.32
N LYS F 394 -38.44 50.42 20.78
CA LYS F 394 -38.49 51.63 21.59
C LYS F 394 -39.87 51.80 22.24
N ILE F 395 -40.93 51.58 21.48
CA ILE F 395 -42.29 51.69 22.00
C ILE F 395 -42.52 50.65 23.10
N TYR F 396 -42.06 49.42 22.88
CA TYR F 396 -42.25 48.36 23.86
C TYR F 396 -41.43 48.62 25.13
N ASN F 397 -40.23 49.20 24.98
CA ASN F 397 -39.46 49.57 26.16
C ASN F 397 -40.11 50.71 26.91
N LYS F 398 -40.81 51.61 26.21
CA LYS F 398 -41.62 52.62 26.88
C LYS F 398 -42.81 52.01 27.60
N ILE F 399 -43.38 50.94 27.04
CA ILE F 399 -44.54 50.27 27.65
C ILE F 399 -44.15 49.67 28.99
N MET F 400 -42.95 49.09 29.09
CA MET F 400 -42.48 48.45 30.31
C MET F 400 -42.26 49.44 31.46
N HIS F 401 -42.25 50.74 31.19
CA HIS F 401 -42.00 51.73 32.23
C HIS F 401 -43.17 52.67 32.50
N LEU F 402 -44.16 52.76 31.61
CA LEU F 402 -45.24 53.72 31.79
C LEU F 402 -46.13 53.34 32.96
N SER F 403 -46.56 54.35 33.70
CA SER F 403 -47.49 54.15 34.79
C SER F 403 -48.87 53.77 34.26
N THR F 404 -49.57 52.93 35.00
CA THR F 404 -50.93 52.54 34.62
C THR F 404 -51.97 53.57 35.04
N SER F 405 -51.56 54.62 35.76
CA SER F 405 -52.49 55.69 36.11
C SER F 405 -52.98 56.44 34.87
N ASN F 406 -52.08 56.71 33.93
CA ASN F 406 -52.52 57.37 32.70
C ASN F 406 -53.37 56.44 31.83
N LEU F 407 -53.16 55.13 31.96
CA LEU F 407 -54.08 54.17 31.36
C LEU F 407 -55.45 54.25 32.01
N SER F 408 -55.50 54.49 33.32
CA SER F 408 -56.77 54.61 34.02
C SER F 408 -57.50 55.90 33.63
N MET F 409 -56.75 57.01 33.47
CA MET F 409 -57.39 58.30 33.22
C MET F 409 -58.04 58.41 31.85
N GLY F 410 -57.64 57.57 30.89
CA GLY F 410 -58.27 57.55 29.59
C GLY F 410 -57.56 58.32 28.50
N GLU F 411 -56.47 59.03 28.81
CA GLU F 411 -55.69 59.67 27.76
C GLU F 411 -54.95 58.67 26.89
N MET F 412 -54.80 57.43 27.37
CA MET F 412 -54.30 56.32 26.57
C MET F 412 -55.21 55.12 26.77
N THR F 413 -55.27 54.27 25.75
CA THR F 413 -55.93 52.98 25.82
C THR F 413 -54.98 51.92 25.29
N ALA F 414 -55.42 50.67 25.34
CA ALA F 414 -54.69 49.61 24.65
C ALA F 414 -54.73 49.81 23.14
N GLY F 415 -55.88 50.26 22.63
CA GLY F 415 -56.03 50.48 21.21
C GLY F 415 -55.16 51.61 20.67
N GLN F 416 -54.90 52.63 21.49
CA GLN F 416 -54.06 53.73 21.04
C GLN F 416 -52.62 53.28 20.80
N ILE F 417 -52.06 52.53 21.75
CA ILE F 417 -50.71 52.00 21.55
C ILE F 417 -50.70 50.94 20.45
N CYS F 418 -51.79 50.17 20.35
CA CYS F 418 -51.89 49.14 19.32
C CYS F 418 -51.86 49.75 17.93
N ASN F 419 -52.64 50.82 17.70
CA ASN F 419 -52.56 51.45 16.39
C ASN F 419 -51.32 52.33 16.25
N LEU F 420 -50.72 52.78 17.34
CA LEU F 420 -49.42 53.44 17.26
C LEU F 420 -48.35 52.51 16.70
N VAL F 421 -48.45 51.22 17.01
CA VAL F 421 -47.58 50.26 16.36
C VAL F 421 -48.10 49.90 14.97
N ALA F 422 -49.41 49.75 14.82
CA ALA F 422 -49.98 49.17 13.61
C ALA F 422 -49.92 50.12 12.42
N ILE F 423 -50.29 51.39 12.62
CA ILE F 423 -50.41 52.30 11.49
C ILE F 423 -49.39 53.43 11.58
N ASP F 424 -48.99 53.83 12.79
CA ASP F 424 -48.10 54.99 12.91
C ASP F 424 -46.65 54.61 12.61
N THR F 425 -46.17 53.53 13.23
CA THR F 425 -44.85 53.01 12.89
C THR F 425 -44.79 52.57 11.44
N ASN F 426 -45.89 52.00 10.93
CA ASN F 426 -45.98 51.62 9.52
C ASN F 426 -45.92 52.83 8.60
N GLN F 427 -46.56 53.95 8.99
CA GLN F 427 -46.50 55.16 8.20
C GLN F 427 -45.09 55.76 8.18
N LEU F 428 -44.41 55.73 9.33
CA LEU F 428 -43.02 56.22 9.36
C LEU F 428 -42.12 55.33 8.52
N MET F 429 -42.35 54.01 8.57
CA MET F 429 -41.59 53.08 7.74
C MET F 429 -41.84 53.32 6.24
N TRP F 430 -43.09 53.56 5.87
CA TRP F 430 -43.41 53.82 4.47
C TRP F 430 -42.92 55.18 4.01
N PHE F 431 -42.79 56.13 4.93
CA PHE F 431 -42.13 57.39 4.60
C PHE F 431 -40.66 57.17 4.31
N PHE F 432 -39.99 56.36 5.15
CA PHE F 432 -38.60 56.03 4.87
C PHE F 432 -38.44 55.18 3.63
N PHE F 433 -39.51 54.51 3.19
CA PHE F 433 -39.50 53.88 1.88
C PHE F 433 -39.45 54.91 0.76
N LEU F 434 -40.25 55.98 0.87
CA LEU F 434 -40.38 56.99 -0.16
C LEU F 434 -39.54 58.22 0.12
N CYS F 435 -38.61 58.14 1.07
CA CYS F 435 -37.75 59.28 1.41
C CYS F 435 -36.81 59.75 0.30
N PRO F 436 -36.12 58.89 -0.47
CA PRO F 436 -35.30 59.41 -1.58
C PRO F 436 -36.10 60.10 -2.68
N ASN F 437 -37.40 59.82 -2.78
CA ASN F 437 -38.25 60.51 -3.76
C ASN F 437 -38.32 62.00 -3.49
N LEU F 438 -38.14 62.41 -2.22
CA LEU F 438 -38.35 63.79 -1.78
C LEU F 438 -37.47 64.78 -2.56
N TRP F 439 -36.25 64.38 -2.90
CA TRP F 439 -35.41 65.18 -3.77
C TRP F 439 -35.12 64.51 -5.11
N ALA F 440 -35.46 63.23 -5.27
CA ALA F 440 -35.30 62.59 -6.57
C ALA F 440 -36.32 63.09 -7.57
N MET F 441 -37.58 63.19 -7.16
CA MET F 441 -38.63 63.67 -8.06
C MET F 441 -38.44 65.13 -8.49
N PRO F 442 -38.08 66.10 -7.61
CA PRO F 442 -37.77 67.44 -8.15
C PRO F 442 -36.61 67.45 -9.14
N VAL F 443 -35.56 66.68 -8.88
CA VAL F 443 -34.40 66.64 -9.79
C VAL F 443 -34.81 66.06 -11.13
N GLN F 444 -35.52 64.93 -11.12
CA GLN F 444 -35.93 64.29 -12.37
C GLN F 444 -36.90 65.15 -13.15
N ILE F 445 -37.86 65.78 -12.46
CA ILE F 445 -38.84 66.63 -13.13
C ILE F 445 -38.16 67.86 -13.74
N ILE F 446 -37.26 68.51 -12.99
CA ILE F 446 -36.58 69.70 -13.48
C ILE F 446 -35.71 69.37 -14.69
N VAL F 447 -34.92 68.29 -14.60
CA VAL F 447 -34.05 67.92 -15.71
C VAL F 447 -34.87 67.47 -16.92
N GLY F 448 -35.99 66.80 -16.68
CA GLY F 448 -36.86 66.41 -17.79
C GLY F 448 -37.50 67.60 -18.49
N VAL F 449 -37.91 68.61 -17.73
CA VAL F 449 -38.50 69.81 -18.34
C VAL F 449 -37.44 70.58 -19.11
N ILE F 450 -36.21 70.65 -18.59
CA ILE F 450 -35.12 71.32 -19.28
C ILE F 450 -34.79 70.60 -20.60
N LEU F 451 -34.71 69.26 -20.55
CA LEU F 451 -34.48 68.49 -21.77
C LEU F 451 -35.64 68.61 -22.75
N LEU F 452 -36.87 68.72 -22.25
CA LEU F 452 -38.02 68.95 -23.12
C LEU F 452 -37.90 70.30 -23.83
N TYR F 453 -37.48 71.34 -23.09
CA TYR F 453 -37.29 72.65 -23.69
C TYR F 453 -36.21 72.62 -24.76
N TYR F 454 -35.09 71.94 -24.49
CA TYR F 454 -34.01 71.95 -25.47
C TYR F 454 -34.34 71.07 -26.68
N ILE F 455 -35.05 69.96 -26.46
CA ILE F 455 -35.39 69.08 -27.57
C ILE F 455 -36.47 69.70 -28.44
N LEU F 456 -37.56 70.17 -27.85
CA LEU F 456 -38.72 70.64 -28.61
C LEU F 456 -38.92 72.14 -28.59
N GLY F 457 -38.96 72.75 -27.40
CA GLY F 457 -39.12 74.19 -27.29
C GLY F 457 -40.12 74.62 -26.24
N VAL F 458 -40.72 75.80 -26.43
CA VAL F 458 -41.72 76.32 -25.50
C VAL F 458 -43.03 75.54 -25.57
N SER F 459 -43.29 74.88 -26.70
CA SER F 459 -44.45 74.00 -26.79
C SER F 459 -44.30 72.83 -25.82
N ALA F 460 -43.08 72.32 -25.68
CA ALA F 460 -42.80 71.32 -24.65
C ALA F 460 -42.98 71.89 -23.26
N LEU F 461 -42.73 73.20 -23.07
CA LEU F 461 -42.99 73.81 -21.77
C LEU F 461 -44.49 73.85 -21.47
N ILE F 462 -45.31 74.13 -22.49
CA ILE F 462 -46.77 74.12 -22.30
C ILE F 462 -47.25 72.70 -21.97
N GLY F 463 -46.77 71.71 -22.74
CA GLY F 463 -47.14 70.33 -22.46
C GLY F 463 -46.63 69.84 -21.12
N ALA F 464 -45.46 70.31 -20.71
CA ALA F 464 -44.90 69.93 -19.41
C ALA F 464 -45.68 70.57 -18.28
N ALA F 465 -46.16 71.81 -18.47
CA ALA F 465 -47.01 72.43 -17.46
C ALA F 465 -48.32 71.65 -17.31
N VAL F 466 -48.92 71.23 -18.42
CA VAL F 466 -50.18 70.48 -18.33
C VAL F 466 -49.96 69.10 -17.71
N ILE F 467 -48.83 68.45 -18.01
CA ILE F 467 -48.56 67.16 -17.37
C ILE F 467 -48.13 67.33 -15.91
N ILE F 468 -47.58 68.49 -15.54
CA ILE F 468 -47.27 68.79 -14.14
C ILE F 468 -48.55 69.02 -13.35
N LEU F 469 -49.59 69.53 -14.01
CA LEU F 469 -50.91 69.68 -13.39
C LEU F 469 -51.52 68.35 -12.93
N LEU F 470 -50.94 67.20 -13.29
CA LEU F 470 -51.43 65.91 -12.80
C LEU F 470 -51.27 65.79 -11.29
N ALA F 471 -50.15 66.29 -10.75
CA ALA F 471 -49.88 66.12 -9.32
C ALA F 471 -50.88 66.85 -8.42
N PRO F 472 -51.26 68.13 -8.64
CA PRO F 472 -52.27 68.72 -7.74
C PRO F 472 -53.65 68.09 -7.86
N VAL F 473 -54.06 67.73 -9.08
CA VAL F 473 -55.37 67.09 -9.22
C VAL F 473 -55.36 65.69 -8.64
N GLN F 474 -54.23 64.98 -8.71
CA GLN F 474 -54.13 63.68 -8.06
C GLN F 474 -54.15 63.84 -6.54
N TYR F 475 -53.54 64.91 -6.02
CA TYR F 475 -53.61 65.18 -4.58
C TYR F 475 -55.05 65.43 -4.13
N PHE F 476 -55.78 66.25 -4.89
CA PHE F 476 -57.18 66.55 -4.57
C PHE F 476 -58.05 65.29 -4.63
N VAL F 477 -57.87 64.50 -5.69
CA VAL F 477 -58.66 63.28 -5.86
C VAL F 477 -58.31 62.26 -4.78
N ALA F 478 -57.04 62.19 -4.38
CA ALA F 478 -56.63 61.28 -3.31
C ALA F 478 -57.23 61.69 -1.97
N THR F 479 -57.29 62.99 -1.69
CA THR F 479 -57.92 63.46 -0.46
C THR F 479 -59.41 63.11 -0.43
N LYS F 480 -60.11 63.37 -1.53
CA LYS F 480 -61.53 63.04 -1.61
C LYS F 480 -61.75 61.53 -1.53
N LEU F 481 -60.85 60.75 -2.15
CA LEU F 481 -60.91 59.31 -2.10
C LEU F 481 -60.75 58.78 -0.68
N SER F 482 -59.79 59.36 0.06
CA SER F 482 -59.56 58.93 1.44
C SER F 482 -60.76 59.23 2.32
N GLN F 483 -61.37 60.42 2.18
CA GLN F 483 -62.52 60.71 3.04
C GLN F 483 -63.76 59.90 2.63
N ALA F 484 -63.91 59.60 1.34
CA ALA F 484 -65.01 58.72 0.92
C ALA F 484 -64.84 57.33 1.50
N GLN F 485 -63.61 56.80 1.49
CA GLN F 485 -63.39 55.50 2.10
C GLN F 485 -63.46 55.56 3.63
N ARG F 486 -63.28 56.74 4.23
CA ARG F 486 -63.54 56.88 5.67
C ARG F 486 -65.03 56.73 5.99
N SER F 487 -65.88 57.38 5.19
CA SER F 487 -67.33 57.19 5.36
C SER F 487 -67.72 55.73 5.11
N THR F 488 -67.12 55.12 4.09
CA THR F 488 -67.35 53.70 3.83
C THR F 488 -66.89 52.85 5.01
N LEU F 489 -65.78 53.23 5.65
CA LEU F 489 -65.27 52.48 6.80
C LEU F 489 -66.23 52.55 7.99
N GLU F 490 -66.80 53.73 8.24
CA GLU F 490 -67.77 53.86 9.33
C GLU F 490 -69.00 53.00 9.08
N HIS F 491 -69.55 53.08 7.86
CA HIS F 491 -70.72 52.28 7.53
C HIS F 491 -70.42 50.78 7.54
N SER F 492 -69.21 50.39 7.12
CA SER F 492 -68.82 49.00 7.13
C SER F 492 -68.64 48.47 8.55
N ASN F 493 -68.14 49.32 9.47
CA ASN F 493 -68.05 48.92 10.86
C ASN F 493 -69.44 48.71 11.46
N GLU F 494 -70.39 49.58 11.14
CA GLU F 494 -71.76 49.37 11.61
C GLU F 494 -72.37 48.09 11.02
N ARG F 495 -72.11 47.83 9.74
CA ARG F 495 -72.61 46.61 9.11
C ARG F 495 -72.00 45.36 9.72
N LEU F 496 -70.70 45.38 10.01
CA LEU F 496 -70.05 44.26 10.67
C LEU F 496 -70.56 44.05 12.08
N LYS F 497 -70.89 45.14 12.78
CA LYS F 497 -71.51 45.04 14.10
C LYS F 497 -72.85 44.31 14.02
N GLN F 498 -73.70 44.72 13.08
CA GLN F 498 -75.00 44.08 12.91
C GLN F 498 -74.85 42.62 12.47
N THR F 499 -73.92 42.34 11.56
CA THR F 499 -73.70 40.98 11.09
C THR F 499 -73.18 40.08 12.21
N ASN F 500 -72.27 40.60 13.06
CA ASN F 500 -71.77 39.82 14.18
C ASN F 500 -72.87 39.52 15.18
N GLU F 501 -73.73 40.50 15.48
CA GLU F 501 -74.84 40.26 16.40
C GLU F 501 -75.82 39.25 15.82
N MET F 502 -76.12 39.36 14.52
CA MET F 502 -77.02 38.41 13.87
C MET F 502 -76.45 37.00 13.88
N LEU F 503 -75.16 36.85 13.58
CA LEU F 503 -74.54 35.54 13.54
C LEU F 503 -74.43 34.91 14.93
N ARG F 504 -74.21 35.73 15.97
CA ARG F 504 -74.14 35.18 17.31
C ARG F 504 -75.51 34.83 17.87
N GLY F 505 -76.53 35.64 17.59
CA GLY F 505 -77.88 35.31 18.00
C GLY F 505 -78.65 34.48 16.99
N MET F 506 -77.95 33.92 16.00
CA MET F 506 -78.57 33.14 14.93
C MET F 506 -79.40 31.98 15.45
N LYS F 507 -79.03 31.36 16.58
CA LYS F 507 -79.83 30.27 17.12
C LYS F 507 -81.23 30.75 17.53
N LEU F 508 -81.28 31.86 18.27
CA LEU F 508 -82.56 32.44 18.65
C LEU F 508 -83.33 32.93 17.42
N LEU F 509 -82.61 33.46 16.42
CA LEU F 509 -83.26 33.90 15.20
C LEU F 509 -83.87 32.73 14.42
N LYS F 510 -83.18 31.58 14.40
CA LYS F 510 -83.75 30.37 13.80
C LYS F 510 -84.98 29.93 14.57
N LEU F 511 -84.93 30.05 15.90
CA LEU F 511 -86.05 29.63 16.73
C LEU F 511 -87.30 30.47 16.47
N TYR F 512 -87.14 31.79 16.36
CA TYR F 512 -88.28 32.68 16.20
C TYR F 512 -88.60 33.03 14.76
N ALA F 513 -87.90 32.43 13.79
CA ALA F 513 -88.01 32.76 12.36
C ALA F 513 -87.78 34.25 12.12
N TRP F 514 -86.75 34.79 12.79
CA TRP F 514 -86.44 36.21 12.77
C TRP F 514 -85.26 36.52 11.87
N GLU F 515 -85.14 35.84 10.74
CA GLU F 515 -84.03 36.09 9.82
C GLU F 515 -84.28 37.32 8.97
N SER F 516 -85.35 37.28 8.15
CA SER F 516 -85.54 38.27 7.09
C SER F 516 -85.69 39.68 7.62
N ILE F 517 -86.24 39.83 8.82
CA ILE F 517 -86.33 41.15 9.45
C ILE F 517 -84.93 41.66 9.81
N PHE F 518 -84.02 40.78 10.21
CA PHE F 518 -82.63 41.18 10.43
C PHE F 518 -81.89 41.39 9.12
N CYS F 519 -82.23 40.60 8.09
CA CYS F 519 -81.65 40.78 6.77
C CYS F 519 -82.00 42.15 6.21
N SER F 520 -83.22 42.62 6.48
CA SER F 520 -83.64 43.94 6.03
C SER F 520 -82.78 45.04 6.66
N ARG F 521 -82.47 44.91 7.95
CA ARG F 521 -81.65 45.93 8.61
C ARG F 521 -80.20 45.88 8.15
N VAL F 522 -79.64 44.67 8.02
CA VAL F 522 -78.28 44.51 7.53
C VAL F 522 -78.16 45.01 6.09
N GLU F 523 -79.20 44.78 5.29
CA GLU F 523 -79.20 45.26 3.91
C GLU F 523 -79.45 46.76 3.83
N VAL F 524 -80.16 47.35 4.80
CA VAL F 524 -80.29 48.81 4.85
C VAL F 524 -78.93 49.45 5.14
N THR F 525 -78.20 48.90 6.10
CA THR F 525 -76.84 49.36 6.37
C THR F 525 -75.93 49.12 5.16
N ARG F 526 -76.12 47.99 4.47
CA ARG F 526 -75.36 47.70 3.26
C ARG F 526 -75.68 48.69 2.14
N ARG F 527 -76.95 49.09 2.01
CA ARG F 527 -77.33 50.06 0.98
C ARG F 527 -76.74 51.42 1.26
N LYS F 528 -76.72 51.84 2.53
CA LYS F 528 -76.08 53.11 2.87
C LYS F 528 -74.57 53.04 2.63
N GLU F 529 -73.95 51.90 2.96
CA GLU F 529 -72.54 51.69 2.66
C GLU F 529 -72.30 51.71 1.15
N MET F 530 -73.25 51.20 0.36
CA MET F 530 -73.14 51.26 -1.10
C MET F 530 -73.26 52.68 -1.61
N THR F 531 -74.09 53.51 -0.98
CA THR F 531 -74.17 54.91 -1.37
C THR F 531 -72.84 55.63 -1.11
N SER F 532 -72.17 55.30 0.00
CA SER F 532 -70.83 55.85 0.22
C SER F 532 -69.81 55.29 -0.78
N LEU F 533 -69.87 53.98 -1.03
CA LEU F 533 -68.92 53.30 -1.90
C LEU F 533 -69.08 53.74 -3.36
N ARG F 534 -70.27 54.23 -3.74
CA ARG F 534 -70.45 54.77 -5.09
C ARG F 534 -69.59 56.01 -5.29
N ALA F 535 -69.58 56.92 -4.30
CA ALA F 535 -68.71 58.09 -4.38
C ALA F 535 -67.24 57.69 -4.33
N PHE F 536 -66.92 56.66 -3.52
CA PHE F 536 -65.55 56.15 -3.48
C PHE F 536 -65.11 55.64 -4.86
N ALA F 537 -65.96 54.86 -5.52
CA ALA F 537 -65.63 54.34 -6.84
C ALA F 537 -65.60 55.44 -7.90
N VAL F 538 -66.43 56.47 -7.74
CA VAL F 538 -66.38 57.61 -8.66
C VAL F 538 -65.04 58.32 -8.59
N TYR F 539 -64.54 58.55 -7.36
CA TYR F 539 -63.24 59.19 -7.22
C TYR F 539 -62.09 58.28 -7.67
N THR F 540 -62.23 56.96 -7.48
CA THR F 540 -61.24 56.03 -8.02
C THR F 540 -61.20 56.09 -9.55
N SER F 541 -62.39 56.14 -10.19
CA SER F 541 -62.47 56.26 -11.63
C SER F 541 -61.87 57.57 -12.12
N ILE F 542 -62.10 58.66 -11.38
CA ILE F 542 -61.52 59.95 -11.74
C ILE F 542 -60.00 59.91 -11.66
N SER F 543 -59.47 59.26 -10.61
CA SER F 543 -58.02 59.11 -10.48
C SER F 543 -57.43 58.32 -11.65
N ILE F 544 -58.07 57.20 -12.01
CA ILE F 544 -57.57 56.37 -13.09
C ILE F 544 -57.63 57.11 -14.43
N PHE F 545 -58.77 57.78 -14.69
CA PHE F 545 -58.95 58.52 -15.93
C PHE F 545 -57.95 59.66 -16.05
N MET F 546 -57.73 60.40 -14.96
CA MET F 546 -56.76 61.49 -15.00
C MET F 546 -55.36 60.97 -15.24
N ASN F 547 -54.98 59.89 -14.55
CA ASN F 547 -53.63 59.32 -14.71
C ASN F 547 -53.40 58.83 -16.13
N THR F 548 -54.41 58.22 -16.75
CA THR F 548 -54.24 57.66 -18.09
C THR F 548 -54.65 58.61 -19.21
N ALA F 549 -55.12 59.82 -18.90
CA ALA F 549 -55.55 60.75 -19.93
C ALA F 549 -54.80 62.08 -19.95
N ILE F 550 -54.21 62.50 -18.83
CA ILE F 550 -53.40 63.73 -18.84
C ILE F 550 -52.18 63.63 -19.75
N PRO F 551 -51.41 62.53 -19.81
CA PRO F 551 -50.33 62.46 -20.82
C PRO F 551 -50.81 62.57 -22.26
N ILE F 552 -51.98 62.00 -22.58
CA ILE F 552 -52.52 62.11 -23.94
C ILE F 552 -52.83 63.57 -24.27
N ALA F 553 -53.45 64.28 -23.34
CA ALA F 553 -53.76 65.69 -23.54
C ALA F 553 -52.49 66.52 -23.65
N ALA F 554 -51.47 66.19 -22.85
CA ALA F 554 -50.21 66.94 -22.91
C ALA F 554 -49.50 66.73 -24.24
N VAL F 555 -49.46 65.48 -24.73
CA VAL F 555 -48.84 65.19 -26.03
C VAL F 555 -49.60 65.89 -27.15
N LEU F 556 -50.94 65.84 -27.08
CA LEU F 556 -51.78 66.50 -28.07
C LEU F 556 -51.52 67.99 -28.13
N ILE F 557 -51.53 68.67 -26.97
CA ILE F 557 -51.39 70.12 -26.98
C ILE F 557 -49.97 70.51 -27.37
N THR F 558 -48.96 69.74 -26.95
CA THR F 558 -47.58 70.16 -27.28
C THR F 558 -47.31 70.01 -28.78
N PHE F 559 -47.75 68.90 -29.40
CA PHE F 559 -47.46 68.75 -30.82
C PHE F 559 -48.35 69.65 -31.69
N VAL F 560 -49.63 69.76 -31.34
CA VAL F 560 -50.53 70.61 -32.12
C VAL F 560 -50.14 72.08 -31.99
N GLY F 561 -49.81 72.54 -30.79
CA GLY F 561 -49.36 73.90 -30.62
C GLY F 561 -48.03 74.17 -31.30
N HIS F 562 -47.11 73.18 -31.27
CA HIS F 562 -45.83 73.34 -31.92
C HIS F 562 -45.97 73.50 -33.43
N VAL F 563 -46.90 72.75 -34.04
CA VAL F 563 -47.07 72.87 -35.49
C VAL F 563 -48.05 73.94 -35.93
N SER F 564 -48.93 74.41 -35.04
CA SER F 564 -50.00 75.32 -35.45
C SER F 564 -49.91 76.68 -34.81
N PHE F 565 -49.77 76.74 -33.48
CA PHE F 565 -49.78 78.04 -32.79
C PHE F 565 -48.41 78.70 -32.85
N PHE F 566 -47.38 78.02 -32.33
CA PHE F 566 -46.05 78.62 -32.26
C PHE F 566 -45.41 78.75 -33.63
N LYS F 567 -45.66 77.78 -34.52
CA LYS F 567 -45.08 77.72 -35.87
C LYS F 567 -43.55 77.79 -35.81
N GLU F 568 -42.98 76.98 -34.91
CA GLU F 568 -41.54 76.90 -34.69
C GLU F 568 -40.87 76.05 -35.76
N SER F 569 -39.64 75.60 -35.50
CA SER F 569 -38.96 74.65 -36.36
C SER F 569 -39.83 73.42 -36.59
N ASP F 570 -39.76 72.88 -37.81
CA ASP F 570 -40.68 71.83 -38.24
C ASP F 570 -40.49 70.57 -37.41
N LEU F 571 -41.61 69.87 -37.18
CA LEU F 571 -41.57 68.66 -36.39
C LEU F 571 -40.80 67.55 -37.10
N SER F 572 -39.96 66.86 -36.36
CA SER F 572 -39.12 65.78 -36.86
C SER F 572 -39.37 64.55 -35.99
N PRO F 573 -39.18 63.35 -36.53
CA PRO F 573 -39.38 62.14 -35.70
C PRO F 573 -38.45 62.07 -34.51
N SER F 574 -37.23 62.59 -34.62
CA SER F 574 -36.29 62.57 -33.51
C SER F 574 -36.81 63.39 -32.33
N VAL F 575 -37.18 64.64 -32.57
CA VAL F 575 -37.65 65.51 -31.50
C VAL F 575 -38.98 65.03 -30.94
N ALA F 576 -39.91 64.63 -31.83
CA ALA F 576 -41.23 64.21 -31.39
C ALA F 576 -41.18 62.95 -30.55
N PHE F 577 -40.42 61.95 -30.99
CA PHE F 577 -40.36 60.71 -30.22
C PHE F 577 -39.49 60.84 -28.97
N ALA F 578 -38.46 61.71 -29.00
CA ALA F 578 -37.72 62.00 -27.78
C ALA F 578 -38.60 62.70 -26.75
N SER F 579 -39.43 63.63 -27.20
CA SER F 579 -40.37 64.31 -26.29
C SER F 579 -41.41 63.33 -25.75
N LEU F 580 -41.89 62.42 -26.60
CA LEU F 580 -42.84 61.41 -26.14
C LEU F 580 -42.23 60.50 -25.10
N SER F 581 -40.97 60.09 -25.29
CA SER F 581 -40.27 59.30 -24.30
C SER F 581 -40.05 60.10 -23.01
N LEU F 582 -39.78 61.40 -23.13
CA LEU F 582 -39.62 62.25 -21.95
C LEU F 582 -40.92 62.35 -21.16
N PHE F 583 -42.06 62.46 -21.85
CA PHE F 583 -43.36 62.46 -21.15
C PHE F 583 -43.63 61.11 -20.50
N HIS F 584 -43.28 60.02 -21.19
CA HIS F 584 -43.44 58.68 -20.61
C HIS F 584 -42.56 58.47 -19.39
N ILE F 585 -41.41 59.17 -19.34
CA ILE F 585 -40.59 59.11 -18.14
C ILE F 585 -41.17 59.99 -17.03
N LEU F 586 -41.66 61.18 -17.38
CA LEU F 586 -42.11 62.14 -16.38
C LEU F 586 -43.47 61.82 -15.78
N VAL F 587 -44.27 60.95 -16.41
CA VAL F 587 -45.64 60.72 -15.92
C VAL F 587 -45.63 60.02 -14.55
N THR F 588 -44.75 59.03 -14.36
CA THR F 588 -44.78 58.24 -13.12
C THR F 588 -44.37 59.03 -11.88
N PRO F 589 -43.25 59.77 -11.84
CA PRO F 589 -42.95 60.54 -10.62
C PRO F 589 -43.97 61.63 -10.33
N LEU F 590 -44.57 62.23 -11.38
CA LEU F 590 -45.62 63.22 -11.16
C LEU F 590 -46.85 62.58 -10.53
N PHE F 591 -47.17 61.34 -10.91
CA PHE F 591 -48.31 60.65 -10.32
C PHE F 591 -48.02 60.25 -8.88
N LEU F 592 -46.80 59.80 -8.58
CA LEU F 592 -46.48 59.37 -7.23
C LEU F 592 -46.04 60.50 -6.30
N LEU F 593 -45.90 61.72 -6.82
CA LEU F 593 -45.51 62.86 -5.99
C LEU F 593 -46.56 63.17 -4.93
N SER F 594 -47.84 63.08 -5.28
CA SER F 594 -48.90 63.31 -4.31
C SER F 594 -48.87 62.28 -3.20
N SER F 595 -48.63 61.01 -3.55
CA SER F 595 -48.51 59.96 -2.53
C SER F 595 -47.30 60.21 -1.62
N VAL F 596 -46.19 60.67 -2.20
CA VAL F 596 -45.00 60.97 -1.39
C VAL F 596 -45.27 62.13 -0.43
N VAL F 597 -45.97 63.17 -0.92
CA VAL F 597 -46.28 64.32 -0.06
C VAL F 597 -47.23 63.91 1.07
N ARG F 598 -48.26 63.12 0.75
CA ARG F 598 -49.16 62.64 1.79
C ARG F 598 -48.44 61.74 2.79
N SER F 599 -47.51 60.92 2.31
CA SER F 599 -46.71 60.09 3.21
C SER F 599 -45.84 60.94 4.12
N THR F 600 -45.28 62.04 3.61
CA THR F 600 -44.48 62.93 4.45
C THR F 600 -45.33 63.59 5.54
N VAL F 601 -46.54 64.03 5.18
CA VAL F 601 -47.43 64.65 6.16
C VAL F 601 -47.84 63.64 7.22
N LYS F 602 -48.20 62.42 6.79
CA LYS F 602 -48.54 61.37 7.73
C LYS F 602 -47.36 60.98 8.62
N ALA F 603 -46.14 61.06 8.07
CA ALA F 603 -44.95 60.80 8.86
C ALA F 603 -44.75 61.86 9.94
N LEU F 604 -44.97 63.13 9.60
CA LEU F 604 -44.87 64.19 10.61
C LEU F 604 -45.88 63.98 11.72
N VAL F 605 -47.12 63.63 11.36
CA VAL F 605 -48.15 63.37 12.37
C VAL F 605 -47.79 62.15 13.20
N SER F 606 -47.26 61.10 12.57
CA SER F 606 -46.90 59.88 13.27
C SER F 606 -45.75 60.11 14.25
N VAL F 607 -44.75 60.88 13.84
CA VAL F 607 -43.62 61.17 14.73
C VAL F 607 -44.07 62.05 15.89
N GLN F 608 -44.99 62.99 15.64
CA GLN F 608 -45.54 63.79 16.73
C GLN F 608 -46.31 62.93 17.73
N LYS F 609 -47.12 62.00 17.22
CA LYS F 609 -47.89 61.09 18.09
C LYS F 609 -46.96 60.19 18.89
N LEU F 610 -45.91 59.67 18.23
CA LEU F 610 -44.94 58.82 18.91
C LEU F 610 -44.16 59.58 19.97
N SER F 611 -43.84 60.85 19.71
CA SER F 611 -43.19 61.70 20.70
C SER F 611 -44.10 61.94 21.90
N GLU F 612 -45.38 62.18 21.65
CA GLU F 612 -46.32 62.36 22.75
C GLU F 612 -46.50 61.07 23.56
N PHE F 613 -46.31 59.91 22.92
CA PHE F 613 -46.34 58.66 23.67
C PHE F 613 -45.07 58.48 24.50
N LEU F 614 -43.91 58.79 23.91
CA LEU F 614 -42.65 58.58 24.60
C LEU F 614 -42.40 59.61 25.69
N SER F 615 -43.11 60.73 25.68
CA SER F 615 -42.94 61.78 26.68
C SER F 615 -44.00 61.72 27.78
N SER F 616 -44.51 60.53 28.07
CA SER F 616 -45.59 60.37 29.03
C SER F 616 -45.05 59.95 30.39
N ALA F 617 -45.98 59.68 31.31
CA ALA F 617 -45.62 59.35 32.69
C ALA F 617 -45.01 57.95 32.78
N GLU F 618 -44.11 57.79 33.74
CA GLU F 618 -43.44 56.52 33.98
C GLU F 618 -43.41 56.22 35.47
N ILE F 619 -43.31 54.93 35.80
CA ILE F 619 -43.15 54.53 37.19
C ILE F 619 -41.76 54.91 37.68
N ARG F 620 -41.64 55.14 38.98
CA ARG F 620 -40.36 55.50 39.55
C ARG F 620 -39.51 54.26 39.80
N GLU F 621 -38.19 54.48 39.84
CA GLU F 621 -37.25 53.39 40.07
C GLU F 621 -37.00 53.18 41.56
N ASP F 675 -36.19 42.14 59.24
CA ASP F 675 -35.70 40.98 59.98
C ASP F 675 -36.45 39.72 59.57
N ASN F 676 -37.56 39.44 60.26
CA ASN F 676 -38.40 38.29 59.97
C ASN F 676 -39.64 38.66 59.17
N PHE F 677 -39.66 39.85 58.58
CA PHE F 677 -40.83 40.35 57.87
C PHE F 677 -40.51 40.60 56.41
N CYS F 678 -41.52 40.49 55.56
CA CYS F 678 -41.34 40.54 54.11
C CYS F 678 -41.34 41.97 53.57
N VAL F 679 -42.42 42.71 53.79
CA VAL F 679 -42.58 44.06 53.27
C VAL F 679 -42.73 45.02 54.45
N GLN F 680 -41.97 46.11 54.43
CA GLN F 680 -42.04 47.13 55.46
C GLN F 680 -42.26 48.49 54.82
N ILE F 681 -43.25 49.23 55.32
CA ILE F 681 -43.50 50.61 54.93
C ILE F 681 -43.56 51.46 56.20
N ILE F 682 -42.86 52.59 56.20
CA ILE F 682 -42.84 53.51 57.34
C ILE F 682 -43.33 54.86 56.84
N GLY F 683 -44.58 55.20 57.16
CA GLY F 683 -45.14 56.49 56.81
C GLY F 683 -45.25 56.73 55.31
N GLY F 684 -45.68 55.71 54.56
CA GLY F 684 -45.72 55.84 53.12
C GLY F 684 -46.88 56.70 52.64
N PHE F 685 -46.59 57.56 51.67
CA PHE F 685 -47.60 58.39 51.00
C PHE F 685 -47.54 58.09 49.52
N PHE F 686 -48.65 57.64 48.95
CA PHE F 686 -48.72 57.24 47.56
C PHE F 686 -49.93 57.89 46.90
N THR F 687 -49.70 58.48 45.72
CA THR F 687 -50.77 59.05 44.91
C THR F 687 -50.80 58.36 43.56
N TRP F 688 -52.00 58.11 43.03
CA TRP F 688 -52.11 57.61 41.67
C TRP F 688 -51.76 58.69 40.66
N THR F 689 -52.32 59.89 40.83
CA THR F 689 -51.96 61.03 40.00
C THR F 689 -50.54 61.49 40.35
N PRO F 690 -49.83 62.10 39.39
CA PRO F 690 -48.45 62.52 39.69
C PRO F 690 -48.33 63.58 40.78
N ASP F 691 -49.25 64.53 40.85
CA ASP F 691 -49.15 65.64 41.80
C ASP F 691 -50.51 65.93 42.43
N GLY F 692 -51.22 64.89 42.87
CA GLY F 692 -52.53 65.02 43.44
C GLY F 692 -52.58 64.70 44.92
N ILE F 693 -53.81 64.57 45.41
CA ILE F 693 -54.06 64.24 46.82
C ILE F 693 -53.57 62.83 47.11
N PRO F 694 -52.91 62.58 48.25
CA PRO F 694 -52.49 61.20 48.58
C PRO F 694 -53.64 60.24 48.76
N THR F 695 -53.75 59.27 47.84
CA THR F 695 -54.74 58.21 48.01
C THR F 695 -54.38 57.30 49.17
N LEU F 696 -53.08 57.14 49.44
CA LEU F 696 -52.60 56.39 50.60
C LEU F 696 -51.83 57.34 51.50
N SER F 697 -52.22 57.39 52.78
CA SER F 697 -51.63 58.31 53.74
C SER F 697 -51.28 57.57 55.03
N ASN F 698 -50.09 57.87 55.56
CA ASN F 698 -49.58 57.28 56.81
C ASN F 698 -49.58 55.75 56.76
N ILE F 699 -49.07 55.21 55.66
CA ILE F 699 -49.04 53.77 55.46
C ILE F 699 -47.93 53.17 56.31
N THR F 700 -48.30 52.29 57.25
CA THR F 700 -47.35 51.52 58.03
C THR F 700 -47.76 50.05 57.93
N ILE F 701 -46.84 49.20 57.49
CA ILE F 701 -47.14 47.82 57.16
C ILE F 701 -45.97 46.93 57.59
N ARG F 702 -46.29 45.81 58.25
CA ARG F 702 -45.30 44.83 58.70
C ARG F 702 -45.83 43.44 58.33
N ILE F 703 -45.51 42.97 57.12
CA ILE F 703 -46.02 41.71 56.60
C ILE F 703 -45.07 40.60 57.01
N PRO F 704 -45.54 39.58 57.72
CA PRO F 704 -44.66 38.44 58.07
C PRO F 704 -44.32 37.60 56.85
N ARG F 705 -43.15 36.97 56.92
CA ARG F 705 -42.70 36.05 55.88
C ARG F 705 -43.18 34.64 56.19
N GLY F 706 -43.67 33.96 55.16
CA GLY F 706 -44.14 32.59 55.32
C GLY F 706 -45.50 32.45 55.96
N GLN F 707 -46.22 33.54 56.14
CA GLN F 707 -47.54 33.53 56.77
C GLN F 707 -48.56 34.12 55.82
N LEU F 708 -49.83 34.03 56.23
CA LEU F 708 -50.94 34.61 55.48
C LEU F 708 -51.32 35.95 56.10
N THR F 709 -51.24 37.00 55.30
CA THR F 709 -51.65 38.34 55.70
C THR F 709 -52.88 38.73 54.89
N MET F 710 -53.94 39.12 55.58
CA MET F 710 -55.21 39.41 54.93
C MET F 710 -55.58 40.87 55.11
N ILE F 711 -55.82 41.57 54.00
CA ILE F 711 -56.18 42.99 54.01
C ILE F 711 -57.70 43.07 53.85
N VAL F 712 -58.35 43.73 54.80
CA VAL F 712 -59.80 43.84 54.81
C VAL F 712 -60.20 45.31 54.88
N GLY F 713 -61.35 45.61 54.32
CA GLY F 713 -61.84 46.98 54.29
C GLY F 713 -63.07 47.10 53.43
N GLN F 714 -63.55 48.33 53.30
CA GLN F 714 -64.73 48.62 52.50
C GLN F 714 -64.34 48.79 51.03
N VAL F 715 -65.30 49.20 50.21
CA VAL F 715 -65.07 49.37 48.79
C VAL F 715 -64.28 50.65 48.55
N GLY F 716 -63.17 50.53 47.83
CA GLY F 716 -62.34 51.68 47.49
C GLY F 716 -61.63 52.32 48.65
N CYS F 717 -61.17 51.53 49.62
CA CYS F 717 -60.38 52.04 50.73
C CYS F 717 -58.88 51.90 50.50
N GLY F 718 -58.47 51.36 49.36
CA GLY F 718 -57.07 51.32 48.99
C GLY F 718 -56.37 49.99 49.14
N LYS F 719 -57.11 48.86 49.18
CA LYS F 719 -56.47 47.56 49.32
C LYS F 719 -55.65 47.21 48.07
N SER F 720 -56.27 47.33 46.90
CA SER F 720 -55.53 47.14 45.65
C SER F 720 -54.45 48.19 45.48
N SER F 721 -54.72 49.42 45.92
CA SER F 721 -53.71 50.47 45.88
C SER F 721 -52.55 50.16 46.82
N LEU F 722 -52.82 49.57 47.99
CA LEU F 722 -51.74 49.14 48.88
C LEU F 722 -50.91 48.03 48.24
N LEU F 723 -51.58 47.07 47.60
CA LEU F 723 -50.86 45.98 46.93
C LEU F 723 -49.96 46.50 45.82
N LEU F 724 -50.47 47.42 45.00
CA LEU F 724 -49.67 47.97 43.92
C LEU F 724 -48.63 48.98 44.42
N ALA F 725 -48.85 49.61 45.57
CA ALA F 725 -47.87 50.52 46.14
C ALA F 725 -46.68 49.77 46.71
N THR F 726 -46.91 48.57 47.25
CA THR F 726 -45.80 47.73 47.64
C THR F 726 -44.99 47.23 46.43
N LEU F 727 -45.60 47.18 45.25
CA LEU F 727 -44.94 46.72 44.04
C LEU F 727 -44.28 47.85 43.25
N GLY F 728 -44.36 49.09 43.73
CA GLY F 728 -43.79 50.22 43.03
C GLY F 728 -44.61 50.77 41.89
N GLU F 729 -45.83 50.27 41.69
CA GLU F 729 -46.69 50.76 40.62
C GLU F 729 -47.26 52.14 40.91
N MET F 730 -47.19 52.61 42.15
CA MET F 730 -47.61 53.95 42.52
C MET F 730 -46.39 54.76 42.93
N GLN F 731 -46.35 56.02 42.49
CA GLN F 731 -45.25 56.90 42.87
C GLN F 731 -45.33 57.23 44.35
N LYS F 732 -44.16 57.38 44.97
CA LYS F 732 -44.06 57.57 46.41
C LYS F 732 -43.76 59.04 46.70
N VAL F 733 -44.61 59.65 47.52
CA VAL F 733 -44.38 61.04 47.92
C VAL F 733 -43.45 61.10 49.12
N SER F 734 -43.75 60.32 50.16
CA SER F 734 -42.93 60.29 51.37
C SER F 734 -42.92 58.88 51.91
N GLY F 735 -42.06 58.66 52.91
CA GLY F 735 -41.89 57.35 53.49
C GLY F 735 -40.90 56.49 52.73
N ALA F 736 -40.72 55.28 53.22
CA ALA F 736 -39.79 54.34 52.61
C ALA F 736 -40.41 52.95 52.59
N VAL F 737 -40.04 52.17 51.57
CA VAL F 737 -40.51 50.80 51.41
C VAL F 737 -39.30 49.88 51.43
N PHE F 738 -39.36 48.86 52.29
CA PHE F 738 -38.26 47.91 52.46
C PHE F 738 -38.74 46.51 52.09
N TRP F 739 -37.91 45.79 51.34
CA TRP F 739 -38.16 44.40 50.99
C TRP F 739 -36.99 43.56 51.50
N ASN F 740 -37.29 42.58 52.35
CA ASN F 740 -36.28 41.72 52.96
C ASN F 740 -36.19 40.36 52.28
N SER F 741 -36.73 40.23 51.07
CA SER F 741 -36.72 38.96 50.34
C SER F 741 -35.31 38.58 49.90
N SER F 766 -34.74 45.94 44.54
CA SER F 766 -34.42 44.65 45.14
C SER F 766 -35.67 43.96 45.66
N ARG F 767 -36.81 44.24 45.00
CA ARG F 767 -38.07 43.63 45.40
C ARG F 767 -38.09 42.13 45.11
N GLY F 768 -37.60 41.74 43.94
CA GLY F 768 -37.69 40.36 43.51
C GLY F 768 -39.03 40.08 42.85
N PRO F 769 -39.17 38.91 42.26
CA PRO F 769 -40.47 38.53 41.67
C PRO F 769 -41.54 38.35 42.74
N VAL F 770 -42.77 38.68 42.37
CA VAL F 770 -43.93 38.54 43.24
C VAL F 770 -45.06 37.94 42.42
N ALA F 771 -45.61 36.82 42.87
CA ALA F 771 -46.77 36.22 42.20
C ALA F 771 -48.00 37.07 42.49
N TYR F 772 -48.58 37.64 41.43
CA TYR F 772 -49.67 38.60 41.57
C TYR F 772 -50.89 38.12 40.80
N ALA F 773 -52.04 38.14 41.47
CA ALA F 773 -53.34 37.88 40.85
C ALA F 773 -54.16 39.15 40.98
N SER F 774 -54.32 39.87 39.86
CA SER F 774 -55.02 41.14 39.87
C SER F 774 -56.51 40.94 40.12
N GLN F 775 -57.16 42.03 40.55
CA GLN F 775 -58.61 41.99 40.77
C GLN F 775 -59.35 41.75 39.47
N LYS F 776 -58.90 42.36 38.39
CA LYS F 776 -59.36 42.00 37.06
C LYS F 776 -58.43 40.91 36.53
N PRO F 777 -58.94 39.70 36.26
CA PRO F 777 -58.04 38.58 35.91
C PRO F 777 -57.42 38.76 34.53
N TRP F 778 -56.10 38.84 34.50
CA TRP F 778 -55.37 38.99 33.25
C TRP F 778 -55.18 37.62 32.60
N LEU F 779 -55.43 37.55 31.30
CA LEU F 779 -55.30 36.32 30.53
C LEU F 779 -54.44 36.56 29.30
N LEU F 780 -53.49 35.67 29.07
CA LEU F 780 -52.68 35.71 27.86
C LEU F 780 -53.48 35.21 26.66
N ASN F 781 -52.89 35.33 25.48
CA ASN F 781 -53.51 34.85 24.26
C ASN F 781 -53.25 33.38 23.98
N ALA F 782 -52.48 32.71 24.83
CA ALA F 782 -52.08 31.33 24.58
C ALA F 782 -53.11 30.37 25.17
N THR F 783 -52.76 29.09 25.21
CA THR F 783 -53.65 28.06 25.72
C THR F 783 -53.75 28.11 27.24
N VAL F 784 -54.65 27.29 27.79
CA VAL F 784 -54.87 27.26 29.23
C VAL F 784 -53.63 26.77 29.96
N GLU F 785 -52.93 25.78 29.39
CA GLU F 785 -51.69 25.29 29.97
C GLU F 785 -50.63 26.39 30.02
N GLU F 786 -50.51 27.18 28.96
CA GLU F 786 -49.54 28.27 28.99
C GLU F 786 -50.03 29.44 29.83
N ASN F 787 -51.35 29.58 30.00
CA ASN F 787 -51.86 30.60 30.91
C ASN F 787 -51.56 30.25 32.37
N ILE F 788 -51.53 28.97 32.70
CA ILE F 788 -51.23 28.56 34.07
C ILE F 788 -49.73 28.52 34.31
N THR F 789 -48.96 27.94 33.39
CA THR F 789 -47.51 27.85 33.58
C THR F 789 -46.86 29.23 33.52
N PHE F 790 -47.16 30.00 32.47
CA PHE F 790 -46.76 31.41 32.32
C PHE F 790 -45.24 31.56 32.39
N GLU F 791 -44.59 31.01 31.35
CA GLU F 791 -43.13 31.05 31.17
C GLU F 791 -42.41 30.37 32.34
N SER F 792 -42.80 29.12 32.58
CA SER F 792 -42.24 28.29 33.63
C SER F 792 -42.11 26.88 33.10
N PRO F 793 -41.19 26.07 33.65
CA PRO F 793 -41.12 24.66 33.26
C PRO F 793 -42.41 23.92 33.64
N PHE F 794 -42.90 23.11 32.71
CA PHE F 794 -44.15 22.38 32.92
C PHE F 794 -43.87 21.13 33.73
N ASN F 795 -44.34 21.11 34.97
CA ASN F 795 -44.34 19.91 35.80
C ASN F 795 -45.78 19.41 35.88
N LYS F 796 -46.01 18.18 35.42
CA LYS F 796 -47.36 17.63 35.38
C LYS F 796 -47.91 17.44 36.79
N GLN F 797 -47.07 17.07 37.76
CA GLN F 797 -47.51 16.93 39.13
C GLN F 797 -47.96 18.27 39.72
N ARG F 798 -47.14 19.31 39.54
CA ARG F 798 -47.51 20.63 40.05
C ARG F 798 -48.70 21.20 39.30
N TYR F 799 -48.77 20.97 37.98
CA TYR F 799 -49.89 21.45 37.19
C TYR F 799 -51.21 20.83 37.66
N LYS F 800 -51.21 19.50 37.86
CA LYS F 800 -52.41 18.83 38.33
C LYS F 800 -52.73 19.21 39.77
N MET F 801 -51.71 19.43 40.60
CA MET F 801 -51.94 19.84 41.99
C MET F 801 -52.58 21.23 42.06
N VAL F 802 -52.10 22.17 41.24
CA VAL F 802 -52.67 23.51 41.22
C VAL F 802 -54.08 23.48 40.63
N ILE F 803 -54.30 22.64 39.62
CA ILE F 803 -55.63 22.51 39.02
C ILE F 803 -56.63 21.93 40.02
N GLU F 804 -56.22 20.92 40.79
CA GLU F 804 -57.09 20.38 41.83
C GLU F 804 -57.29 21.38 42.97
N ALA F 805 -56.29 22.21 43.26
CA ALA F 805 -56.45 23.24 44.28
C ALA F 805 -57.47 24.30 43.84
N CYS F 806 -57.45 24.67 42.56
CA CYS F 806 -58.38 25.65 42.04
C CYS F 806 -59.67 25.03 41.50
N SER F 807 -59.78 23.70 41.53
CA SER F 807 -60.92 22.94 40.99
C SER F 807 -61.17 23.28 39.52
N LEU F 808 -60.09 23.44 38.76
CA LEU F 808 -60.16 23.76 37.34
C LEU F 808 -60.31 22.54 36.45
N GLN F 809 -60.20 21.33 37.00
CA GLN F 809 -60.29 20.13 36.18
C GLN F 809 -61.64 19.95 35.48
N PRO F 810 -62.81 19.97 36.17
CA PRO F 810 -64.06 19.70 35.42
C PRO F 810 -64.39 20.78 34.40
N ASP F 811 -63.93 22.02 34.61
CA ASP F 811 -64.22 23.09 33.65
C ASP F 811 -63.35 23.00 32.41
N ILE F 812 -62.09 22.57 32.55
CA ILE F 812 -61.28 22.32 31.35
C ILE F 812 -61.65 21.01 30.68
N ASP F 813 -62.42 20.14 31.36
CA ASP F 813 -62.96 18.97 30.67
C ASP F 813 -64.02 19.36 29.64
N ILE F 814 -64.74 20.46 29.86
CA ILE F 814 -65.75 20.93 28.91
C ILE F 814 -65.07 21.52 27.68
N LEU F 815 -65.88 21.92 26.67
CA LEU F 815 -65.52 22.78 25.54
C LEU F 815 -64.67 22.01 24.52
N PRO F 816 -64.34 22.56 23.32
CA PRO F 816 -63.69 21.71 22.31
C PRO F 816 -62.36 21.08 22.71
N HIS F 817 -61.56 21.75 23.53
CA HIS F 817 -60.27 21.19 23.91
C HIS F 817 -60.08 21.13 25.42
N GLY F 818 -59.08 20.36 25.83
CA GLY F 818 -58.75 20.22 27.23
C GLY F 818 -57.38 20.84 27.46
N ASP F 819 -57.31 21.74 28.44
CA ASP F 819 -56.09 22.46 28.81
C ASP F 819 -55.23 22.93 27.61
N GLN F 820 -55.85 22.99 26.43
CA GLN F 820 -55.14 23.42 25.24
C GLN F 820 -55.98 24.38 24.41
N THR F 821 -57.14 24.81 24.90
CA THR F 821 -57.96 25.78 24.18
C THR F 821 -57.33 27.16 24.27
N GLN F 822 -57.22 27.84 23.14
CA GLN F 822 -56.85 29.25 23.16
C GLN F 822 -57.98 30.05 23.78
N ILE F 823 -57.65 30.88 24.77
CA ILE F 823 -58.62 31.66 25.51
C ILE F 823 -58.21 33.14 25.47
N GLY F 824 -59.03 33.98 26.10
CA GLY F 824 -58.83 35.41 25.99
C GLY F 824 -59.19 35.88 24.60
N GLU F 825 -58.37 36.77 24.05
CA GLU F 825 -58.53 37.13 22.64
C GLU F 825 -58.00 36.01 21.75
N ARG F 826 -58.48 36.02 20.50
CA ARG F 826 -58.20 34.97 19.51
C ARG F 826 -58.61 33.58 20.01
N GLY F 827 -59.67 33.53 20.82
CA GLY F 827 -60.14 32.28 21.38
C GLY F 827 -61.49 32.49 22.04
N ILE F 828 -62.05 31.39 22.53
CA ILE F 828 -63.37 31.43 23.14
C ILE F 828 -63.31 32.15 24.48
N ASN F 829 -64.32 32.97 24.74
CA ASN F 829 -64.38 33.67 26.02
C ASN F 829 -64.79 32.70 27.13
N LEU F 830 -64.25 32.93 28.31
CA LEU F 830 -64.58 32.14 29.49
C LEU F 830 -65.45 32.96 30.43
N SER F 831 -66.18 32.24 31.29
CA SER F 831 -66.93 32.89 32.35
C SER F 831 -65.96 33.49 33.37
N GLY F 832 -66.47 34.46 34.14
CA GLY F 832 -65.62 35.21 35.05
C GLY F 832 -64.98 34.37 36.13
N GLY F 833 -65.69 33.35 36.61
CA GLY F 833 -65.09 32.41 37.56
C GLY F 833 -63.92 31.66 36.97
N GLN F 834 -64.04 31.21 35.72
CA GLN F 834 -62.96 30.49 35.06
C GLN F 834 -61.75 31.38 34.83
N ARG F 835 -61.97 32.63 34.39
CA ARG F 835 -60.87 33.57 34.19
C ARG F 835 -60.17 33.87 35.51
N GLN F 836 -60.95 34.10 36.57
CA GLN F 836 -60.38 34.40 37.88
C GLN F 836 -59.59 33.21 38.42
N ARG F 837 -60.12 32.00 38.27
CA ARG F 837 -59.42 30.83 38.81
C ARG F 837 -58.21 30.45 37.98
N ILE F 838 -58.21 30.75 36.68
CA ILE F 838 -56.99 30.52 35.88
C ILE F 838 -55.91 31.52 36.27
N SER F 839 -56.30 32.78 36.54
CA SER F 839 -55.33 33.75 37.05
C SER F 839 -54.78 33.33 38.41
N VAL F 840 -55.64 32.82 39.29
CA VAL F 840 -55.21 32.34 40.61
C VAL F 840 -54.31 31.12 40.45
N ALA F 841 -54.62 30.24 39.50
CA ALA F 841 -53.79 29.07 39.25
C ALA F 841 -52.41 29.47 38.74
N ARG F 842 -52.35 30.50 37.89
CA ARG F 842 -51.06 31.04 37.48
C ARG F 842 -50.29 31.61 38.65
N ALA F 843 -50.99 32.30 39.56
CA ALA F 843 -50.33 32.84 40.76
C ALA F 843 -49.79 31.73 41.66
N LEU F 844 -50.56 30.65 41.82
CA LEU F 844 -50.16 29.54 42.69
C LEU F 844 -49.09 28.65 42.06
N TYR F 845 -48.99 28.63 40.73
CA TYR F 845 -48.08 27.70 40.06
C TYR F 845 -46.62 28.09 40.25
N GLN F 846 -46.30 29.38 40.11
CA GLN F 846 -44.91 29.81 40.05
C GLN F 846 -44.22 29.65 41.39
N GLN F 847 -42.94 29.28 41.35
CA GLN F 847 -42.16 29.01 42.57
C GLN F 847 -41.60 30.32 43.11
N THR F 848 -42.54 31.15 43.60
CA THR F 848 -42.22 32.47 44.12
C THR F 848 -42.62 32.54 45.59
N ASN F 849 -41.75 33.09 46.42
CA ASN F 849 -42.00 33.11 47.86
C ASN F 849 -43.11 34.08 48.23
N VAL F 850 -43.31 35.14 47.44
CA VAL F 850 -44.35 36.14 47.71
C VAL F 850 -45.51 35.91 46.75
N VAL F 851 -46.72 35.80 47.29
CA VAL F 851 -47.93 35.65 46.49
C VAL F 851 -48.88 36.77 46.87
N PHE F 852 -49.22 37.61 45.90
CA PHE F 852 -50.20 38.67 46.08
C PHE F 852 -51.50 38.24 45.43
N LEU F 853 -52.58 38.22 46.21
CA LEU F 853 -53.89 37.83 45.72
C LEU F 853 -54.86 38.97 46.01
N ASP F 854 -55.46 39.51 44.96
CA ASP F 854 -56.36 40.67 45.06
C ASP F 854 -57.78 40.20 44.75
N ASP F 855 -58.50 39.80 45.80
CA ASP F 855 -59.86 39.29 45.79
C ASP F 855 -60.03 38.13 44.81
N PRO F 856 -59.49 36.94 45.11
CA PRO F 856 -59.71 35.78 44.23
C PRO F 856 -61.14 35.29 44.23
N PHE F 857 -61.96 35.70 45.20
CA PHE F 857 -63.34 35.23 45.33
C PHE F 857 -64.34 36.31 44.90
N SER F 858 -63.98 37.12 43.90
CA SER F 858 -64.88 38.15 43.41
C SER F 858 -66.09 37.53 42.70
N ALA F 859 -65.86 36.54 41.85
CA ALA F 859 -66.90 35.90 41.07
C ALA F 859 -66.90 34.39 41.29
N LEU F 860 -66.77 33.97 42.55
CA LEU F 860 -66.78 32.57 42.91
C LEU F 860 -67.88 32.30 43.93
N ASP F 861 -68.45 31.10 43.86
CA ASP F 861 -69.49 30.68 44.79
C ASP F 861 -68.84 30.16 46.08
N VAL F 862 -69.64 29.61 46.98
CA VAL F 862 -69.14 29.21 48.29
C VAL F 862 -68.23 27.98 48.17
N HIS F 863 -68.64 26.99 47.38
CA HIS F 863 -67.91 25.72 47.33
C HIS F 863 -66.53 25.87 46.69
N LEU F 864 -66.48 26.54 45.53
CA LEU F 864 -65.21 26.71 44.83
C LEU F 864 -64.27 27.63 45.61
N SER F 865 -64.81 28.68 46.22
CA SER F 865 -63.96 29.57 47.03
C SER F 865 -63.44 28.86 48.28
N ASP F 866 -64.28 28.04 48.92
CA ASP F 866 -63.83 27.30 50.09
C ASP F 866 -62.76 26.27 49.74
N HIS F 867 -62.96 25.54 48.63
CA HIS F 867 -61.94 24.58 48.21
C HIS F 867 -60.67 25.28 47.77
N LEU F 868 -60.79 26.43 47.11
CA LEU F 868 -59.61 27.21 46.76
C LEU F 868 -58.88 27.67 48.01
N MET F 869 -59.61 28.21 48.98
CA MET F 869 -59.00 28.69 50.23
C MET F 869 -58.26 27.56 50.93
N GLN F 870 -58.94 26.45 51.19
CA GLN F 870 -58.29 25.31 51.84
C GLN F 870 -57.14 24.74 51.02
N ALA F 871 -57.45 24.15 49.86
CA ALA F 871 -56.46 23.37 49.11
C ALA F 871 -55.32 24.25 48.57
N GLY F 872 -55.64 25.44 48.04
CA GLY F 872 -54.58 26.33 47.66
C GLY F 872 -53.90 26.98 48.86
N ILE F 873 -54.59 27.88 49.57
CA ILE F 873 -53.90 28.76 50.51
C ILE F 873 -53.39 27.98 51.71
N LEU F 874 -54.23 27.14 52.31
CA LEU F 874 -53.85 26.49 53.56
C LEU F 874 -53.06 25.21 53.35
N GLU F 875 -52.95 24.71 52.11
CA GLU F 875 -52.19 23.50 51.84
C GLU F 875 -51.03 23.71 50.86
N LEU F 876 -51.32 24.23 49.65
CA LEU F 876 -50.31 24.38 48.60
C LEU F 876 -49.36 25.54 48.88
N LEU F 877 -49.78 26.52 49.68
CA LEU F 877 -48.93 27.65 50.02
C LEU F 877 -48.31 27.53 51.40
N ARG F 878 -48.89 26.74 52.30
CA ARG F 878 -48.33 26.57 53.63
C ARG F 878 -47.15 25.59 53.65
N ASP F 879 -47.17 24.57 52.78
CA ASP F 879 -46.14 23.53 52.83
C ASP F 879 -44.77 24.08 52.42
N ASP F 880 -44.73 24.95 51.43
CA ASP F 880 -43.50 25.61 51.03
C ASP F 880 -43.29 26.95 51.71
N LYS F 881 -44.21 27.34 52.61
CA LYS F 881 -44.09 28.54 53.45
C LYS F 881 -43.93 29.81 52.61
N ARG F 882 -44.78 29.95 51.59
CA ARG F 882 -44.78 31.14 50.77
C ARG F 882 -45.52 32.27 51.47
N THR F 883 -45.04 33.49 51.27
CA THR F 883 -45.68 34.67 51.86
C THR F 883 -46.91 35.02 51.05
N VAL F 884 -48.09 34.91 51.66
CA VAL F 884 -49.36 35.12 50.97
C VAL F 884 -50.01 36.37 51.54
N VAL F 885 -50.28 37.34 50.68
CA VAL F 885 -51.05 38.51 51.03
C VAL F 885 -52.38 38.44 50.28
N LEU F 886 -53.47 38.35 51.03
CA LEU F 886 -54.78 37.98 50.49
C LEU F 886 -55.80 39.07 50.80
N VAL F 887 -56.03 39.96 49.84
CA VAL F 887 -57.16 40.88 49.93
C VAL F 887 -58.44 40.09 49.69
N THR F 888 -59.42 40.23 50.57
CA THR F 888 -60.69 39.55 50.40
C THR F 888 -61.79 40.32 51.13
N HIS F 889 -63.02 40.16 50.63
CA HIS F 889 -64.21 40.66 51.30
C HIS F 889 -64.95 39.57 52.08
N LYS F 890 -64.48 38.33 52.00
CA LYS F 890 -65.07 37.22 52.74
C LYS F 890 -64.38 37.14 54.10
N LEU F 891 -65.10 37.54 55.15
CA LEU F 891 -64.55 37.56 56.49
C LEU F 891 -64.62 36.21 57.19
N GLN F 892 -65.18 35.19 56.54
CA GLN F 892 -65.22 33.86 57.13
C GLN F 892 -63.85 33.18 57.14
N TYR F 893 -62.87 33.71 56.42
CA TYR F 893 -61.51 33.19 56.43
C TYR F 893 -60.60 33.95 57.39
N LEU F 894 -61.15 34.90 58.14
CA LEU F 894 -60.37 35.62 59.16
C LEU F 894 -59.74 34.74 60.24
N PRO F 895 -60.37 33.67 60.74
CA PRO F 895 -59.63 32.77 61.65
C PRO F 895 -58.37 32.15 61.06
N HIS F 896 -58.30 31.98 59.74
CA HIS F 896 -57.13 31.41 59.09
C HIS F 896 -56.04 32.45 58.81
N ALA F 897 -56.11 33.63 59.42
CA ALA F 897 -55.19 34.73 59.14
C ALA F 897 -54.13 34.80 60.23
N ASP F 898 -52.87 34.72 59.84
CA ASP F 898 -51.78 34.97 60.78
C ASP F 898 -51.64 36.47 61.05
N TRP F 899 -51.81 37.30 60.03
CA TRP F 899 -51.73 38.74 60.14
C TRP F 899 -52.93 39.36 59.44
N ILE F 900 -53.43 40.47 59.98
CA ILE F 900 -54.62 41.13 59.45
C ILE F 900 -54.32 42.62 59.29
N ILE F 901 -54.63 43.17 58.12
CA ILE F 901 -54.50 44.60 57.84
C ILE F 901 -55.90 45.16 57.68
N ALA F 902 -56.22 46.20 58.45
CA ALA F 902 -57.50 46.90 58.38
C ALA F 902 -57.28 48.27 57.76
N MET F 903 -58.05 48.58 56.72
CA MET F 903 -57.94 49.83 56.00
C MET F 903 -59.26 50.57 56.00
N LYS F 904 -59.19 51.90 55.99
CA LYS F 904 -60.39 52.73 56.04
C LYS F 904 -60.07 54.08 55.41
N ASP F 905 -60.61 54.34 54.21
CA ASP F 905 -60.48 55.61 53.50
C ASP F 905 -59.01 55.97 53.23
N GLY F 906 -58.29 55.04 52.62
CA GLY F 906 -56.94 55.32 52.18
C GLY F 906 -55.89 55.34 53.26
N THR F 907 -56.23 54.96 54.49
CA THR F 907 -55.25 54.83 55.55
C THR F 907 -55.53 53.54 56.31
N ILE F 908 -54.50 53.02 56.96
CA ILE F 908 -54.53 51.70 57.56
C ILE F 908 -54.86 51.86 59.04
N GLN F 909 -55.91 51.17 59.48
CA GLN F 909 -56.45 51.35 60.82
C GLN F 909 -55.65 50.57 61.86
N ARG F 910 -55.57 49.25 61.70
CA ARG F 910 -54.97 48.38 62.70
C ARG F 910 -54.08 47.35 62.03
N GLU F 911 -53.43 46.51 62.85
CA GLU F 911 -52.57 45.45 62.37
C GLU F 911 -52.73 44.25 63.31
N GLY F 912 -51.87 43.26 63.13
CA GLY F 912 -51.75 42.16 64.08
C GLY F 912 -52.71 41.01 63.82
N THR F 913 -52.84 40.18 64.86
CA THR F 913 -53.73 39.02 64.83
C THR F 913 -55.11 39.42 65.36
N LEU F 914 -56.05 38.47 65.33
CA LEU F 914 -57.39 38.72 65.83
C LEU F 914 -57.41 39.03 67.32
N LYS F 915 -56.47 38.43 68.08
CA LYS F 915 -56.36 38.71 69.50
C LYS F 915 -56.03 40.18 69.76
N ASP F 916 -55.24 40.79 68.89
CA ASP F 916 -54.99 42.23 68.99
C ASP F 916 -56.24 43.04 68.65
N PHE F 917 -57.07 42.52 67.74
CA PHE F 917 -58.34 43.19 67.42
C PHE F 917 -59.38 43.03 68.52
N GLN F 918 -59.19 42.06 69.42
CA GLN F 918 -60.14 41.85 70.51
C GLN F 918 -60.21 43.03 71.47
N ARG F 919 -59.09 43.71 71.70
CA ARG F 919 -59.00 44.73 72.75
C ARG F 919 -58.91 46.15 72.22
N SER F 920 -58.05 46.41 71.24
CA SER F 920 -57.80 47.78 70.81
C SER F 920 -58.97 48.34 70.01
N GLU F 921 -59.55 47.54 69.11
CA GLU F 921 -60.67 47.96 68.28
C GLU F 921 -61.81 46.98 68.49
N CYS F 922 -62.63 47.23 69.52
CA CYS F 922 -63.74 46.34 69.83
C CYS F 922 -64.88 46.49 68.82
N GLN F 923 -65.09 47.69 68.28
CA GLN F 923 -66.18 47.93 67.34
C GLN F 923 -65.95 47.18 66.03
N LEU F 924 -64.72 47.24 65.49
CA LEU F 924 -64.41 46.52 64.27
C LEU F 924 -64.47 45.01 64.48
N PHE F 925 -64.03 44.55 65.64
CA PHE F 925 -64.07 43.12 65.96
C PHE F 925 -65.50 42.61 66.05
N GLU F 926 -66.38 43.36 66.73
CA GLU F 926 -67.78 42.99 66.81
C GLU F 926 -68.47 43.11 65.46
N HIS F 927 -68.05 44.07 64.63
CA HIS F 927 -68.58 44.17 63.27
C HIS F 927 -68.21 42.94 62.45
N TRP F 928 -66.98 42.47 62.58
CA TRP F 928 -66.55 41.23 61.92
C TRP F 928 -67.35 40.04 62.42
N LYS F 929 -67.63 40.00 63.72
CA LYS F 929 -68.46 38.92 64.27
C LYS F 929 -69.88 38.97 63.71
N THR F 930 -70.45 40.17 63.56
CA THR F 930 -71.82 40.28 63.07
C THR F 930 -71.93 39.98 61.59
N LEU F 931 -70.90 40.32 60.80
CA LEU F 931 -70.97 40.06 59.37
C LEU F 931 -70.93 38.58 59.02
N MET F 932 -70.41 37.73 59.90
CA MET F 932 -70.41 36.29 59.68
C MET F 932 -71.02 35.57 60.88
N GLU F 938 -65.51 32.44 69.05
CA GLU F 938 -65.62 33.89 69.09
C GLU F 938 -64.48 34.55 68.32
N LEU F 939 -64.44 34.30 67.01
CA LEU F 939 -63.40 34.80 66.11
C LEU F 939 -62.00 34.39 66.58
N GLU F 940 -61.87 33.15 67.02
CA GLU F 940 -60.57 32.62 67.43
C GLU F 940 -59.80 32.13 66.20
N LYS F 941 -58.47 32.25 66.27
CA LYS F 941 -57.62 31.86 65.16
C LYS F 941 -57.69 30.37 64.91
N GLU F 942 -57.80 30.00 63.62
CA GLU F 942 -57.92 28.61 63.15
C GLU F 942 -59.11 27.89 63.79
N LEU F 986 -47.45 16.39 0.60
CA LEU F 986 -48.68 17.03 0.16
C LEU F 986 -48.51 17.62 -1.24
N SER F 987 -48.33 16.74 -2.23
CA SER F 987 -48.14 17.19 -3.60
C SER F 987 -49.41 17.78 -4.19
N SER F 988 -50.59 17.29 -3.78
CA SER F 988 -51.84 17.87 -4.22
C SER F 988 -52.00 19.29 -3.68
N VAL F 989 -51.56 19.52 -2.44
CA VAL F 989 -51.56 20.88 -1.87
C VAL F 989 -50.59 21.77 -2.63
N LEU F 990 -49.46 21.21 -3.08
CA LEU F 990 -48.53 21.98 -3.89
C LEU F 990 -49.12 22.33 -5.26
N HIS F 991 -49.88 21.39 -5.85
CA HIS F 991 -50.51 21.66 -7.14
C HIS F 991 -51.61 22.70 -7.01
N GLN F 992 -52.41 22.63 -5.95
CA GLN F 992 -53.46 23.63 -5.72
C GLN F 992 -52.86 24.97 -5.31
N ARG F 993 -51.68 24.96 -4.70
CA ARG F 993 -51.04 26.20 -4.26
C ARG F 993 -50.57 27.03 -5.45
N ALA F 994 -49.97 26.37 -6.45
CA ALA F 994 -49.45 27.04 -7.64
C ALA F 994 -50.50 27.24 -8.72
N LYS F 995 -51.76 26.93 -8.43
CA LYS F 995 -52.82 27.02 -9.43
C LYS F 995 -53.52 28.37 -9.32
N ILE F 996 -53.64 29.05 -10.45
CA ILE F 996 -54.38 30.32 -10.51
C ILE F 996 -55.88 30.03 -10.35
N PRO F 997 -56.60 30.76 -9.50
CA PRO F 997 -58.04 30.51 -9.36
C PRO F 997 -58.85 30.94 -10.57
N TRP F 998 -58.85 30.09 -11.61
CA TRP F 998 -59.58 30.42 -12.83
C TRP F 998 -61.09 30.40 -12.62
N ARG F 999 -61.59 29.44 -11.84
CA ARG F 999 -63.03 29.33 -11.59
C ARG F 999 -63.55 30.52 -10.79
N ALA F 1000 -62.77 30.99 -9.81
CA ALA F 1000 -63.18 32.15 -9.01
C ALA F 1000 -63.25 33.40 -9.87
N CYS F 1001 -62.26 33.61 -10.76
CA CYS F 1001 -62.28 34.74 -11.66
C CYS F 1001 -63.45 34.65 -12.64
N THR F 1002 -63.74 33.43 -13.12
CA THR F 1002 -64.86 33.23 -14.04
C THR F 1002 -66.19 33.58 -13.37
N LYS F 1003 -66.40 33.13 -12.13
CA LYS F 1003 -67.63 33.45 -11.41
C LYS F 1003 -67.72 34.94 -11.08
N TYR F 1004 -66.58 35.55 -10.70
CA TYR F 1004 -66.54 36.98 -10.41
C TYR F 1004 -66.93 37.80 -11.64
N LEU F 1005 -66.41 37.44 -12.81
CA LEU F 1005 -66.74 38.19 -14.02
C LEU F 1005 -68.15 37.86 -14.52
N SER F 1006 -68.63 36.63 -14.28
CA SER F 1006 -69.98 36.26 -14.72
C SER F 1006 -71.06 36.91 -13.88
N SER F 1007 -70.75 37.29 -12.63
CA SER F 1007 -71.72 38.02 -11.83
C SER F 1007 -71.96 39.44 -12.35
N ALA F 1008 -71.11 39.96 -13.22
CA ALA F 1008 -71.27 41.32 -13.73
C ALA F 1008 -72.36 41.42 -14.80
N GLY F 1009 -72.62 40.34 -15.54
CA GLY F 1009 -73.57 40.37 -16.62
C GLY F 1009 -72.89 40.46 -17.98
N ILE F 1010 -73.62 40.01 -19.01
CA ILE F 1010 -73.04 39.92 -20.35
C ILE F 1010 -72.84 41.32 -20.95
N LEU F 1011 -73.79 42.24 -20.72
CA LEU F 1011 -73.73 43.57 -21.30
C LEU F 1011 -72.55 44.37 -20.75
N LEU F 1012 -72.42 44.40 -19.43
CA LEU F 1012 -71.37 45.20 -18.80
C LEU F 1012 -69.98 44.63 -19.07
N LEU F 1013 -69.84 43.31 -18.99
CA LEU F 1013 -68.54 42.68 -19.26
C LEU F 1013 -68.14 42.83 -20.73
N SER F 1014 -69.12 42.70 -21.64
CA SER F 1014 -68.84 42.92 -23.06
C SER F 1014 -68.42 44.35 -23.33
N LEU F 1015 -69.09 45.32 -22.69
CA LEU F 1015 -68.70 46.72 -22.82
C LEU F 1015 -67.30 46.97 -22.27
N LEU F 1016 -66.96 46.31 -21.16
CA LEU F 1016 -65.64 46.47 -20.56
C LEU F 1016 -64.54 45.96 -21.49
N VAL F 1017 -64.74 44.75 -22.04
CA VAL F 1017 -63.74 44.16 -22.93
C VAL F 1017 -63.59 45.00 -24.20
N PHE F 1018 -64.72 45.40 -24.79
CA PHE F 1018 -64.70 46.19 -26.02
C PHE F 1018 -64.04 47.55 -25.79
N SER F 1019 -64.36 48.21 -24.67
CA SER F 1019 -63.79 49.52 -24.37
C SER F 1019 -62.28 49.43 -24.15
N GLN F 1020 -61.82 48.41 -23.40
CA GLN F 1020 -60.39 48.27 -23.14
C GLN F 1020 -59.61 48.01 -24.44
N LEU F 1021 -60.10 47.05 -25.24
CA LEU F 1021 -59.41 46.72 -26.49
C LEU F 1021 -59.41 47.90 -27.46
N LEU F 1022 -60.55 48.58 -27.59
CA LEU F 1022 -60.65 49.71 -28.50
C LEU F 1022 -59.79 50.88 -28.04
N LYS F 1023 -59.72 51.12 -26.73
CA LYS F 1023 -58.89 52.21 -26.22
C LYS F 1023 -57.41 51.97 -26.48
N HIS F 1024 -56.94 50.73 -26.26
CA HIS F 1024 -55.53 50.47 -26.53
C HIS F 1024 -55.23 50.51 -28.04
N MET F 1025 -56.18 50.08 -28.88
CA MET F 1025 -56.01 50.24 -30.32
C MET F 1025 -55.94 51.72 -30.72
N VAL F 1026 -56.74 52.56 -30.05
CA VAL F 1026 -56.73 53.99 -30.35
C VAL F 1026 -55.40 54.62 -29.93
N LEU F 1027 -54.84 54.19 -28.79
CA LEU F 1027 -53.52 54.67 -28.37
C LEU F 1027 -52.43 54.29 -29.37
N VAL F 1028 -52.48 53.03 -29.85
CA VAL F 1028 -51.56 52.60 -30.90
C VAL F 1028 -51.73 53.44 -32.16
N ALA F 1029 -52.98 53.76 -32.51
CA ALA F 1029 -53.26 54.60 -33.68
C ALA F 1029 -52.70 56.00 -33.51
N ILE F 1030 -52.79 56.55 -32.28
CA ILE F 1030 -52.25 57.89 -32.00
C ILE F 1030 -50.75 57.92 -32.24
N ASP F 1031 -50.03 56.95 -31.69
CA ASP F 1031 -48.58 56.97 -31.82
C ASP F 1031 -48.14 56.65 -33.26
N TYR F 1032 -48.85 55.74 -33.94
CA TYR F 1032 -48.55 55.46 -35.34
C TYR F 1032 -48.81 56.67 -36.23
N TRP F 1033 -49.88 57.41 -35.96
CA TRP F 1033 -50.15 58.62 -36.72
C TRP F 1033 -49.11 59.69 -36.44
N LEU F 1034 -48.58 59.73 -35.22
CA LEU F 1034 -47.45 60.63 -34.94
C LEU F 1034 -46.24 60.27 -35.79
N ALA F 1035 -45.96 58.96 -35.93
CA ALA F 1035 -44.85 58.52 -36.78
C ALA F 1035 -45.05 58.93 -38.23
N LYS F 1036 -46.26 58.71 -38.77
CA LYS F 1036 -46.56 59.08 -40.15
C LYS F 1036 -46.50 60.60 -40.34
N TRP F 1037 -46.99 61.34 -39.35
CA TRP F 1037 -46.96 62.80 -39.36
C TRP F 1037 -45.53 63.33 -39.45
N THR F 1038 -44.64 62.77 -38.62
CA THR F 1038 -43.25 63.21 -38.63
C THR F 1038 -42.52 62.80 -39.89
N ASP F 1039 -42.86 61.63 -40.47
CA ASP F 1039 -42.28 61.26 -41.76
C ASP F 1039 -42.73 62.19 -42.87
N SER F 1040 -44.01 62.59 -42.85
CA SER F 1040 -44.51 63.54 -43.84
C SER F 1040 -43.82 64.90 -43.70
N ALA F 1041 -43.56 65.33 -42.46
CA ALA F 1041 -42.83 66.58 -42.27
C ALA F 1041 -41.36 66.43 -42.68
N LEU F 1042 -40.79 65.23 -42.56
CA LEU F 1042 -39.42 65.01 -43.02
C LEU F 1042 -39.32 65.12 -44.54
N VAL F 1043 -40.27 64.53 -45.27
CA VAL F 1043 -40.25 64.61 -46.72
C VAL F 1043 -40.56 66.04 -47.19
N LEU F 1044 -41.43 66.75 -46.47
CA LEU F 1044 -41.85 68.10 -46.80
C LEU F 1044 -40.69 69.10 -46.88
N ASP F 1060 -50.57 68.94 -46.62
CA ASP F 1060 -51.76 68.61 -45.84
C ASP F 1060 -51.44 68.51 -44.35
N GLN F 1061 -50.60 69.44 -43.86
CA GLN F 1061 -50.19 69.41 -42.46
C GLN F 1061 -51.35 69.71 -41.52
N SER F 1062 -52.26 70.60 -41.92
CA SER F 1062 -53.44 70.87 -41.11
C SER F 1062 -54.35 69.65 -41.01
N VAL F 1063 -54.44 68.86 -42.09
CA VAL F 1063 -55.19 67.61 -42.06
C VAL F 1063 -54.56 66.64 -41.06
N TYR F 1064 -53.23 66.55 -41.05
CA TYR F 1064 -52.53 65.72 -40.08
C TYR F 1064 -52.80 66.18 -38.65
N ALA F 1065 -52.79 67.50 -38.42
CA ALA F 1065 -53.06 68.03 -37.10
C ALA F 1065 -54.50 67.72 -36.66
N MET F 1066 -55.46 67.84 -37.59
CA MET F 1066 -56.85 67.55 -37.26
C MET F 1066 -57.06 66.08 -36.94
N VAL F 1067 -56.42 65.18 -37.71
CA VAL F 1067 -56.57 63.74 -37.44
C VAL F 1067 -55.91 63.38 -36.11
N PHE F 1068 -54.75 63.99 -35.80
CA PHE F 1068 -54.11 63.75 -34.51
C PHE F 1068 -54.96 64.25 -33.36
N THR F 1069 -55.59 65.41 -33.53
CA THR F 1069 -56.49 65.95 -32.50
C THR F 1069 -57.70 65.03 -32.29
N LEU F 1070 -58.28 64.54 -33.38
CA LEU F 1070 -59.42 63.63 -33.28
C LEU F 1070 -59.05 62.33 -32.58
N LEU F 1071 -57.88 61.78 -32.91
CA LEU F 1071 -57.43 60.54 -32.28
C LEU F 1071 -57.15 60.74 -30.78
N CYS F 1072 -56.52 61.87 -30.42
CA CYS F 1072 -56.24 62.12 -29.01
C CYS F 1072 -57.51 62.33 -28.21
N SER F 1073 -58.48 63.07 -28.78
CA SER F 1073 -59.76 63.26 -28.09
C SER F 1073 -60.51 61.95 -27.91
N LEU F 1074 -60.49 61.09 -28.95
CA LEU F 1074 -61.11 59.78 -28.85
C LEU F 1074 -60.44 58.93 -27.77
N GLY F 1075 -59.10 59.03 -27.67
CA GLY F 1075 -58.40 58.29 -26.63
C GLY F 1075 -58.75 58.77 -25.22
N ILE F 1076 -58.90 60.08 -25.04
CA ILE F 1076 -59.28 60.62 -23.73
C ILE F 1076 -60.69 60.17 -23.36
N VAL F 1077 -61.62 60.23 -24.32
CA VAL F 1077 -62.99 59.79 -24.09
C VAL F 1077 -63.04 58.31 -23.73
N LEU F 1078 -62.26 57.48 -24.44
CA LEU F 1078 -62.26 56.05 -24.17
C LEU F 1078 -61.58 55.72 -22.84
N CYS F 1079 -60.60 56.53 -22.42
CA CYS F 1079 -60.04 56.37 -21.07
C CYS F 1079 -61.09 56.62 -20.00
N LEU F 1080 -61.89 57.69 -20.17
CA LEU F 1080 -62.99 57.93 -19.24
C LEU F 1080 -63.99 56.78 -19.24
N VAL F 1081 -64.30 56.25 -20.42
CA VAL F 1081 -65.27 55.16 -20.55
C VAL F 1081 -64.78 53.91 -19.82
N THR F 1082 -63.50 53.55 -20.02
CA THR F 1082 -63.01 52.32 -19.40
C THR F 1082 -62.86 52.45 -17.90
N SER F 1083 -62.48 53.64 -17.40
CA SER F 1083 -62.40 53.83 -15.94
C SER F 1083 -63.77 53.71 -15.29
N VAL F 1084 -64.76 54.40 -15.86
CA VAL F 1084 -66.13 54.34 -15.33
C VAL F 1084 -66.67 52.92 -15.42
N THR F 1085 -66.36 52.21 -16.51
CA THR F 1085 -66.86 50.85 -16.70
C THR F 1085 -66.28 49.89 -15.68
N VAL F 1086 -64.97 49.95 -15.42
CA VAL F 1086 -64.38 49.00 -14.48
C VAL F 1086 -64.86 49.28 -13.05
N GLU F 1087 -65.02 50.56 -12.69
CA GLU F 1087 -65.52 50.85 -11.34
C GLU F 1087 -66.99 50.46 -11.18
N TRP F 1088 -67.80 50.64 -12.23
CA TRP F 1088 -69.19 50.21 -12.22
C TRP F 1088 -69.29 48.69 -12.09
N THR F 1089 -68.41 47.97 -12.81
CA THR F 1089 -68.39 46.51 -12.71
C THR F 1089 -68.06 46.05 -11.30
N GLY F 1090 -67.07 46.70 -10.68
CA GLY F 1090 -66.74 46.37 -9.30
C GLY F 1090 -67.89 46.61 -8.33
N LEU F 1091 -68.59 47.75 -8.49
CA LEU F 1091 -69.72 48.05 -7.63
C LEU F 1091 -70.85 47.03 -7.78
N LYS F 1092 -71.19 46.69 -9.02
CA LYS F 1092 -72.30 45.74 -9.26
C LYS F 1092 -71.96 44.35 -8.73
N VAL F 1093 -70.74 43.88 -8.98
CA VAL F 1093 -70.33 42.56 -8.50
C VAL F 1093 -70.33 42.53 -6.98
N ALA F 1094 -69.84 43.60 -6.35
CA ALA F 1094 -69.81 43.69 -4.90
C ALA F 1094 -71.21 43.60 -4.30
N LYS F 1095 -72.16 44.37 -4.87
CA LYS F 1095 -73.53 44.38 -4.35
C LYS F 1095 -74.19 43.01 -4.49
N ARG F 1096 -74.12 42.43 -5.70
CA ARG F 1096 -74.77 41.14 -5.93
C ARG F 1096 -74.15 40.04 -5.07
N LEU F 1097 -72.82 40.04 -4.94
CA LEU F 1097 -72.13 39.00 -4.19
C LEU F 1097 -72.44 39.09 -2.70
N HIS F 1098 -72.47 40.30 -2.14
CA HIS F 1098 -72.83 40.43 -0.73
C HIS F 1098 -74.26 40.01 -0.46
N ARG F 1099 -75.19 40.37 -1.35
CA ARG F 1099 -76.58 39.96 -1.18
C ARG F 1099 -76.73 38.44 -1.22
N SER F 1100 -76.07 37.80 -2.19
CA SER F 1100 -76.15 36.34 -2.31
C SER F 1100 -75.52 35.65 -1.10
N LEU F 1101 -74.38 36.15 -0.63
CA LEU F 1101 -73.73 35.56 0.53
C LEU F 1101 -74.59 35.69 1.78
N LEU F 1102 -75.19 36.86 1.99
CA LEU F 1102 -76.06 37.07 3.16
C LEU F 1102 -77.26 36.14 3.14
N ASN F 1103 -77.91 36.02 1.97
CA ASN F 1103 -79.09 35.16 1.87
C ASN F 1103 -78.75 33.68 2.08
N ARG F 1104 -77.64 33.23 1.48
CA ARG F 1104 -77.28 31.81 1.61
C ARG F 1104 -76.81 31.48 3.03
N ILE F 1105 -76.10 32.40 3.69
CA ILE F 1105 -75.72 32.19 5.07
C ILE F 1105 -76.95 32.15 5.96
N ILE F 1106 -77.94 32.98 5.67
CA ILE F 1106 -79.19 32.98 6.43
C ILE F 1106 -79.94 31.66 6.28
N LEU F 1107 -79.99 31.12 5.05
CA LEU F 1107 -80.74 29.88 4.81
C LEU F 1107 -80.04 28.63 5.32
N ALA F 1108 -78.81 28.74 5.84
CA ALA F 1108 -78.04 27.58 6.25
C ALA F 1108 -78.64 26.92 7.50
N PRO F 1109 -78.46 25.62 7.68
CA PRO F 1109 -78.92 24.96 8.91
C PRO F 1109 -78.10 25.39 10.12
N MET F 1110 -78.70 25.19 11.30
CA MET F 1110 -78.03 25.54 12.55
C MET F 1110 -76.83 24.64 12.84
N ARG F 1111 -76.80 23.43 12.27
CA ARG F 1111 -75.64 22.56 12.42
C ARG F 1111 -74.38 23.18 11.81
N PHE F 1112 -74.55 23.90 10.71
CA PHE F 1112 -73.43 24.61 10.08
C PHE F 1112 -72.87 25.69 11.01
N PHE F 1113 -73.75 26.39 11.73
CA PHE F 1113 -73.28 27.39 12.68
C PHE F 1113 -72.67 26.76 13.92
N GLU F 1114 -73.21 25.62 14.35
CA GLU F 1114 -72.66 24.94 15.53
C GLU F 1114 -71.26 24.39 15.26
N THR F 1115 -71.05 23.78 14.09
CA THR F 1115 -69.77 23.10 13.84
C THR F 1115 -68.71 24.06 13.33
N THR F 1116 -69.06 24.94 12.39
CA THR F 1116 -68.04 25.83 11.84
C THR F 1116 -67.79 27.01 12.77
N PRO F 1117 -66.53 27.45 12.87
CA PRO F 1117 -66.23 28.61 13.72
C PRO F 1117 -66.86 29.89 13.19
N LEU F 1118 -67.16 30.79 14.13
CA LEU F 1118 -67.72 32.09 13.77
C LEU F 1118 -66.71 32.93 12.99
N GLY F 1119 -65.42 32.75 13.27
CA GLY F 1119 -64.39 33.52 12.59
C GLY F 1119 -64.35 33.26 11.10
N SER F 1120 -64.56 32.00 10.69
CA SER F 1120 -64.55 31.64 9.28
C SER F 1120 -65.70 32.31 8.53
N ILE F 1121 -66.89 32.33 9.13
CA ILE F 1121 -68.03 32.95 8.48
C ILE F 1121 -67.88 34.48 8.46
N LEU F 1122 -67.46 35.06 9.58
CA LEU F 1122 -67.41 36.52 9.69
C LEU F 1122 -66.24 37.14 8.94
N ASN F 1123 -65.14 36.39 8.78
CA ASN F 1123 -63.98 36.91 8.07
C ASN F 1123 -64.27 37.17 6.60
N ARG F 1124 -65.20 36.39 6.03
CA ARG F 1124 -65.68 36.68 4.68
C ARG F 1124 -66.28 38.08 4.62
N PHE F 1125 -67.36 38.31 5.37
CA PHE F 1125 -68.06 39.59 5.40
C PHE F 1125 -67.15 40.76 5.79
N SER F 1126 -66.12 40.50 6.60
CA SER F 1126 -65.24 41.57 7.04
C SER F 1126 -64.12 41.87 6.04
N SER F 1127 -63.28 40.88 5.75
CA SER F 1127 -62.09 41.07 4.94
C SER F 1127 -62.32 40.78 3.46
N ASP F 1128 -62.96 39.64 3.15
CA ASP F 1128 -63.10 39.26 1.74
C ASP F 1128 -64.08 40.18 1.03
N CYS F 1129 -65.15 40.56 1.73
CA CYS F 1129 -66.08 41.54 1.17
C CYS F 1129 -65.40 42.89 0.97
N ASN F 1130 -64.56 43.32 1.91
CA ASN F 1130 -63.83 44.58 1.75
C ASN F 1130 -62.88 44.52 0.56
N THR F 1131 -62.19 43.37 0.38
CA THR F 1131 -61.30 43.18 -0.76
C THR F 1131 -62.06 43.26 -2.07
N ILE F 1132 -63.18 42.54 -2.17
CA ILE F 1132 -63.98 42.52 -3.40
C ILE F 1132 -64.58 43.90 -3.68
N ASP F 1133 -64.99 44.61 -2.62
CA ASP F 1133 -65.61 45.92 -2.80
C ASP F 1133 -64.61 46.97 -3.26
N GLN F 1134 -63.38 46.93 -2.74
CA GLN F 1134 -62.48 48.05 -2.98
C GLN F 1134 -61.22 47.71 -3.77
N HIS F 1135 -60.54 46.61 -3.45
CA HIS F 1135 -59.22 46.36 -4.03
C HIS F 1135 -59.30 45.68 -5.39
N ILE F 1136 -60.23 44.72 -5.55
CA ILE F 1136 -60.33 43.98 -6.81
C ILE F 1136 -60.67 44.86 -8.02
N PRO F 1137 -61.56 45.87 -7.94
CA PRO F 1137 -61.75 46.73 -9.14
C PRO F 1137 -60.49 47.43 -9.62
N SER F 1138 -59.74 48.07 -8.73
CA SER F 1138 -58.53 48.78 -9.13
C SER F 1138 -57.46 47.81 -9.60
N THR F 1139 -57.33 46.66 -8.93
CA THR F 1139 -56.33 45.67 -9.34
C THR F 1139 -56.68 45.06 -10.69
N LEU F 1140 -57.97 44.81 -10.93
CA LEU F 1140 -58.41 44.31 -12.23
C LEU F 1140 -58.15 45.32 -13.34
N GLU F 1141 -58.42 46.60 -13.07
CA GLU F 1141 -58.12 47.65 -14.04
C GLU F 1141 -56.63 47.71 -14.32
N CYS F 1142 -55.80 47.66 -13.27
CA CYS F 1142 -54.35 47.77 -13.46
C CYS F 1142 -53.80 46.57 -14.23
N LEU F 1143 -54.26 45.37 -13.90
CA LEU F 1143 -53.82 44.17 -14.62
C LEU F 1143 -54.25 44.20 -16.08
N SER F 1144 -55.50 44.59 -16.34
CA SER F 1144 -55.98 44.67 -17.72
C SER F 1144 -55.22 45.71 -18.52
N ARG F 1145 -55.02 46.90 -17.94
CA ARG F 1145 -54.32 47.97 -18.65
C ARG F 1145 -52.86 47.62 -18.89
N SER F 1146 -52.18 47.04 -17.88
CA SER F 1146 -50.78 46.68 -18.06
C SER F 1146 -50.60 45.56 -19.07
N THR F 1147 -51.49 44.55 -19.03
CA THR F 1147 -51.39 43.45 -19.99
C THR F 1147 -51.65 43.93 -21.40
N LEU F 1148 -52.67 44.78 -21.58
CA LEU F 1148 -52.96 45.29 -22.92
C LEU F 1148 -51.87 46.23 -23.42
N LEU F 1149 -51.28 47.04 -22.52
CA LEU F 1149 -50.16 47.89 -22.91
C LEU F 1149 -48.95 47.09 -23.33
N CYS F 1150 -48.64 46.02 -22.58
CA CYS F 1150 -47.50 45.17 -22.94
C CYS F 1150 -47.74 44.45 -24.27
N VAL F 1151 -48.95 43.92 -24.47
CA VAL F 1151 -49.27 43.23 -25.72
C VAL F 1151 -49.22 44.19 -26.91
N SER F 1152 -49.79 45.39 -26.75
CA SER F 1152 -49.76 46.39 -27.81
C SER F 1152 -48.35 46.86 -28.10
N ALA F 1153 -47.52 47.00 -27.07
CA ALA F 1153 -46.14 47.44 -27.28
C ALA F 1153 -45.32 46.38 -27.99
N LEU F 1154 -45.48 45.12 -27.59
CA LEU F 1154 -44.82 44.02 -28.31
C LEU F 1154 -45.31 43.93 -29.75
N THR F 1155 -46.60 44.16 -29.97
CA THR F 1155 -47.15 44.15 -31.32
C THR F 1155 -46.57 45.27 -32.18
N VAL F 1156 -46.41 46.46 -31.60
CA VAL F 1156 -45.85 47.59 -32.34
C VAL F 1156 -44.38 47.33 -32.69
N ILE F 1157 -43.58 46.91 -31.70
CA ILE F 1157 -42.17 46.68 -31.95
C ILE F 1157 -41.94 45.44 -32.80
N SER F 1158 -42.93 44.55 -32.91
CA SER F 1158 -42.85 43.47 -33.87
C SER F 1158 -43.35 43.88 -35.25
N TYR F 1159 -44.22 44.89 -35.31
CA TYR F 1159 -44.69 45.40 -36.61
C TYR F 1159 -43.59 46.17 -37.31
N VAL F 1160 -42.87 47.03 -36.59
CA VAL F 1160 -41.78 47.78 -37.23
C VAL F 1160 -40.64 46.84 -37.59
N THR F 1161 -40.35 45.85 -36.73
CA THR F 1161 -39.32 44.85 -37.00
C THR F 1161 -39.93 43.47 -36.88
N PRO F 1162 -40.33 42.84 -38.01
CA PRO F 1162 -40.84 41.47 -37.94
C PRO F 1162 -39.81 40.45 -37.47
N VAL F 1163 -38.52 40.74 -37.62
CA VAL F 1163 -37.46 39.85 -37.14
C VAL F 1163 -37.35 39.85 -35.63
N PHE F 1164 -38.00 40.79 -34.94
CA PHE F 1164 -38.02 40.80 -33.48
C PHE F 1164 -38.74 39.59 -32.88
N LEU F 1165 -39.67 38.97 -33.61
CA LEU F 1165 -40.40 37.82 -33.09
C LEU F 1165 -39.48 36.63 -32.84
N VAL F 1166 -38.45 36.47 -33.69
CA VAL F 1166 -37.48 35.39 -33.55
C VAL F 1166 -36.75 35.49 -32.22
N ALA F 1167 -36.39 36.69 -31.79
CA ALA F 1167 -35.83 36.90 -30.47
C ALA F 1167 -36.88 37.03 -29.38
N LEU F 1168 -38.14 37.27 -29.76
CA LEU F 1168 -39.21 37.43 -28.77
C LEU F 1168 -39.59 36.10 -28.17
N LEU F 1169 -39.54 35.02 -28.96
CA LEU F 1169 -39.88 33.70 -28.43
C LEU F 1169 -39.00 33.24 -27.26
N PRO F 1170 -37.66 33.27 -27.32
CA PRO F 1170 -36.89 32.86 -26.13
C PRO F 1170 -37.05 33.83 -24.96
N LEU F 1171 -37.17 35.13 -25.24
CA LEU F 1171 -37.41 36.10 -24.17
C LEU F 1171 -38.76 35.85 -23.51
N ALA F 1172 -39.77 35.45 -24.30
CA ALA F 1172 -41.06 35.10 -23.73
C ALA F 1172 -40.97 33.87 -22.85
N VAL F 1173 -40.20 32.86 -23.27
CA VAL F 1173 -40.04 31.66 -22.45
C VAL F 1173 -39.35 31.99 -21.12
N VAL F 1174 -38.28 32.79 -21.19
CA VAL F 1174 -37.54 33.17 -19.98
C VAL F 1174 -38.41 34.00 -19.06
N CYS F 1175 -39.18 34.94 -19.63
CA CYS F 1175 -40.08 35.77 -18.83
C CYS F 1175 -41.18 34.95 -18.18
N TYR F 1176 -41.70 33.94 -18.89
CA TYR F 1176 -42.72 33.07 -18.32
C TYR F 1176 -42.17 32.29 -17.12
N PHE F 1177 -40.97 31.74 -17.25
CA PHE F 1177 -40.38 31.02 -16.11
C PHE F 1177 -40.12 31.94 -14.93
N ILE F 1178 -39.64 33.16 -15.21
CA ILE F 1178 -39.37 34.13 -14.16
C ILE F 1178 -40.65 34.49 -13.40
N GLN F 1179 -41.74 34.76 -14.15
CA GLN F 1179 -42.98 35.16 -13.49
C GLN F 1179 -43.63 34.01 -12.74
N LYS F 1180 -43.50 32.77 -13.23
CA LYS F 1180 -44.06 31.62 -12.52
C LYS F 1180 -43.36 31.41 -11.17
N TYR F 1181 -42.02 31.40 -11.20
CA TYR F 1181 -41.26 31.22 -9.96
C TYR F 1181 -41.48 32.37 -8.99
N PHE F 1182 -41.55 33.60 -9.51
CA PHE F 1182 -41.83 34.74 -8.65
C PHE F 1182 -43.22 34.66 -8.05
N ARG F 1183 -44.21 34.19 -8.82
CA ARG F 1183 -45.58 34.16 -8.31
C ARG F 1183 -45.71 33.17 -7.15
N VAL F 1184 -45.12 31.98 -7.27
CA VAL F 1184 -45.23 31.03 -6.16
C VAL F 1184 -44.46 31.55 -4.94
N ALA F 1185 -43.23 32.06 -5.14
CA ALA F 1185 -42.45 32.57 -4.02
C ALA F 1185 -43.12 33.76 -3.36
N SER F 1186 -43.68 34.68 -4.15
CA SER F 1186 -44.29 35.89 -3.63
C SER F 1186 -45.59 35.61 -2.90
N ARG F 1187 -46.37 34.63 -3.39
CA ARG F 1187 -47.57 34.24 -2.67
C ARG F 1187 -47.23 33.71 -1.27
N ASP F 1188 -46.24 32.81 -1.21
CA ASP F 1188 -45.82 32.29 0.10
C ASP F 1188 -45.29 33.39 1.01
N LEU F 1189 -44.49 34.31 0.45
CA LEU F 1189 -43.88 35.36 1.26
C LEU F 1189 -44.92 36.37 1.76
N GLN F 1190 -45.91 36.72 0.93
CA GLN F 1190 -46.95 37.66 1.37
C GLN F 1190 -47.81 37.07 2.48
N GLN F 1191 -48.21 35.80 2.32
CA GLN F 1191 -49.00 35.16 3.36
C GLN F 1191 -48.21 35.04 4.66
N LEU F 1192 -46.92 34.71 4.55
CA LEU F 1192 -46.08 34.62 5.74
C LEU F 1192 -45.89 35.97 6.40
N ASP F 1193 -45.81 37.05 5.59
CA ASP F 1193 -45.65 38.39 6.14
C ASP F 1193 -46.85 38.79 6.98
N ASP F 1194 -48.07 38.54 6.48
CA ASP F 1194 -49.26 38.88 7.28
C ASP F 1194 -49.37 38.02 8.54
N THR F 1195 -49.10 36.71 8.40
CA THR F 1195 -49.18 35.82 9.57
C THR F 1195 -48.09 36.12 10.59
N THR F 1196 -46.98 36.73 10.18
CA THR F 1196 -46.00 37.20 11.16
C THR F 1196 -46.38 38.55 11.75
N GLN F 1197 -47.15 39.37 11.02
CA GLN F 1197 -47.58 40.64 11.60
C GLN F 1197 -48.57 40.43 12.74
N LEU F 1198 -49.44 39.41 12.63
CA LEU F 1198 -50.50 39.24 13.63
C LEU F 1198 -50.03 39.07 15.09
N PRO F 1199 -49.12 38.14 15.44
CA PRO F 1199 -48.82 37.94 16.88
C PRO F 1199 -48.06 39.08 17.50
N LEU F 1200 -47.39 39.92 16.71
CA LEU F 1200 -46.70 41.09 17.26
C LEU F 1200 -47.70 42.10 17.83
N LEU F 1201 -48.75 42.42 17.06
CA LEU F 1201 -49.79 43.31 17.56
C LEU F 1201 -50.55 42.68 18.71
N SER F 1202 -50.79 41.36 18.65
CA SER F 1202 -51.43 40.70 19.78
C SER F 1202 -50.57 40.77 21.04
N HIS F 1203 -49.25 40.66 20.88
CA HIS F 1203 -48.33 40.77 22.01
C HIS F 1203 -48.35 42.18 22.60
N PHE F 1204 -48.41 43.20 21.73
CA PHE F 1204 -48.51 44.58 22.21
C PHE F 1204 -49.78 44.78 23.04
N ALA F 1205 -50.91 44.29 22.53
CA ALA F 1205 -52.17 44.39 23.26
C ALA F 1205 -52.10 43.67 24.60
N GLU F 1206 -51.58 42.44 24.59
CA GLU F 1206 -51.50 41.62 25.80
C GLU F 1206 -50.60 42.26 26.86
N THR F 1207 -49.47 42.83 26.43
CA THR F 1207 -48.59 43.51 27.38
C THR F 1207 -49.24 44.76 27.96
N VAL F 1208 -49.96 45.53 27.14
CA VAL F 1208 -50.56 46.76 27.63
C VAL F 1208 -51.67 46.47 28.65
N GLU F 1209 -52.55 45.51 28.33
CA GLU F 1209 -53.66 45.26 29.25
C GLU F 1209 -53.27 44.40 30.45
N GLY F 1210 -52.04 43.89 30.50
CA GLY F 1210 -51.59 43.11 31.65
C GLY F 1210 -50.24 43.54 32.20
N LEU F 1211 -49.99 44.85 32.20
CA LEU F 1211 -48.66 45.36 32.51
C LEU F 1211 -48.29 45.19 33.97
N THR F 1212 -49.25 45.40 34.89
CA THR F 1212 -48.98 45.27 36.32
C THR F 1212 -48.60 43.85 36.69
N THR F 1213 -49.29 42.87 36.10
CA THR F 1213 -48.97 41.47 36.36
C THR F 1213 -47.59 41.12 35.82
N ILE F 1214 -47.25 41.61 34.64
CA ILE F 1214 -45.94 41.33 34.04
C ILE F 1214 -44.82 41.92 34.90
N ARG F 1215 -44.98 43.17 35.34
CA ARG F 1215 -43.95 43.81 36.14
C ARG F 1215 -43.91 43.27 37.57
N ALA F 1216 -44.99 42.67 38.06
CA ALA F 1216 -44.96 42.08 39.38
C ALA F 1216 -44.17 40.76 39.39
N PHE F 1217 -44.21 40.01 38.29
CA PHE F 1217 -43.45 38.77 38.18
C PHE F 1217 -41.99 38.99 37.79
N ARG F 1218 -41.59 40.25 37.59
CA ARG F 1218 -40.28 40.62 37.04
C ARG F 1218 -40.03 39.94 35.70
N TYR F 1219 -41.07 39.86 34.88
CA TYR F 1219 -41.00 39.24 33.56
C TYR F 1219 -40.87 40.27 32.44
N GLU F 1220 -40.27 41.43 32.74
CA GLU F 1220 -40.08 42.44 31.70
C GLU F 1220 -39.09 41.99 30.64
N ALA F 1221 -37.97 41.40 31.07
CA ALA F 1221 -36.94 40.99 30.13
C ALA F 1221 -37.41 39.85 29.22
N ARG F 1222 -38.16 38.90 29.79
CA ARG F 1222 -38.66 37.78 28.98
C ARG F 1222 -39.66 38.26 27.93
N PHE F 1223 -40.57 39.16 28.31
CA PHE F 1223 -41.53 39.69 27.35
C PHE F 1223 -40.85 40.58 26.31
N GLN F 1224 -39.81 41.31 26.70
CA GLN F 1224 -39.04 42.08 25.72
C GLN F 1224 -38.33 41.17 24.72
N GLN F 1225 -37.80 40.04 25.20
CA GLN F 1225 -37.18 39.07 24.30
C GLN F 1225 -38.22 38.43 23.37
N LYS F 1226 -39.41 38.16 23.89
CA LYS F 1226 -40.50 37.64 23.06
C LYS F 1226 -40.88 38.64 21.97
N LEU F 1227 -40.94 39.93 22.32
CA LEU F 1227 -41.21 40.96 21.32
C LEU F 1227 -40.11 41.02 20.29
N LEU F 1228 -38.85 40.90 20.72
CA LEU F 1228 -37.72 40.92 19.79
C LEU F 1228 -37.82 39.76 18.80
N GLU F 1229 -38.19 38.58 19.28
CA GLU F 1229 -38.37 37.43 18.39
C GLU F 1229 -39.52 37.67 17.41
N TYR F 1230 -40.64 38.22 17.89
CA TYR F 1230 -41.80 38.46 17.02
C TYR F 1230 -41.49 39.47 15.93
N THR F 1231 -40.89 40.61 16.30
CA THR F 1231 -40.59 41.63 15.30
C THR F 1231 -39.41 41.22 14.41
N ASP F 1232 -38.52 40.34 14.88
CA ASP F 1232 -37.49 39.80 13.98
C ASP F 1232 -38.11 38.88 12.95
N SER F 1233 -39.10 38.08 13.35
CA SER F 1233 -39.81 37.24 12.38
C SER F 1233 -40.54 38.09 11.34
N ASN F 1234 -41.21 39.15 11.80
CA ASN F 1234 -41.90 40.05 10.86
C ASN F 1234 -40.90 40.75 9.92
N ASN F 1235 -39.76 41.18 10.46
CA ASN F 1235 -38.75 41.85 9.65
C ASN F 1235 -38.14 40.92 8.62
N ILE F 1236 -37.85 39.67 8.99
CA ILE F 1236 -37.23 38.76 8.02
C ILE F 1236 -38.25 38.35 6.96
N ALA F 1237 -39.54 38.24 7.31
CA ALA F 1237 -40.57 37.99 6.30
C ALA F 1237 -40.66 39.15 5.32
N SER F 1238 -40.65 40.39 5.83
CA SER F 1238 -40.70 41.57 4.97
C SER F 1238 -39.47 41.66 4.07
N LEU F 1239 -38.30 41.34 4.61
CA LEU F 1239 -37.06 41.42 3.83
C LEU F 1239 -37.02 40.38 2.73
N PHE F 1240 -37.50 39.16 3.01
CA PHE F 1240 -37.53 38.15 1.95
C PHE F 1240 -38.56 38.51 0.87
N LEU F 1241 -39.70 39.09 1.28
CA LEU F 1241 -40.70 39.50 0.29
C LEU F 1241 -40.16 40.60 -0.62
N THR F 1242 -39.49 41.61 -0.04
CA THR F 1242 -38.96 42.67 -0.88
C THR F 1242 -37.77 42.20 -1.71
N ALA F 1243 -37.01 41.21 -1.22
CA ALA F 1243 -35.93 40.64 -2.03
C ALA F 1243 -36.48 39.90 -3.25
N ALA F 1244 -37.60 39.17 -3.06
CA ALA F 1244 -38.24 38.52 -4.20
C ALA F 1244 -38.78 39.54 -5.20
N ASN F 1245 -39.37 40.63 -4.69
CA ASN F 1245 -39.84 41.70 -5.57
C ASN F 1245 -38.71 42.31 -6.38
N ARG F 1246 -37.57 42.58 -5.75
CA ARG F 1246 -36.43 43.14 -6.47
C ARG F 1246 -35.84 42.15 -7.46
N TRP F 1247 -35.85 40.85 -7.12
CA TRP F 1247 -35.42 39.81 -8.05
C TRP F 1247 -36.26 39.84 -9.33
N LEU F 1248 -37.59 39.85 -9.16
CA LEU F 1248 -38.49 39.90 -10.32
C LEU F 1248 -38.28 41.16 -11.13
N GLU F 1249 -38.17 42.31 -10.47
CA GLU F 1249 -38.06 43.57 -11.18
C GLU F 1249 -36.74 43.69 -11.92
N VAL F 1250 -35.64 43.20 -11.32
CA VAL F 1250 -34.34 43.20 -12.00
C VAL F 1250 -34.40 42.32 -13.24
N ARG F 1251 -35.01 41.14 -13.12
CA ARG F 1251 -35.11 40.25 -14.28
C ARG F 1251 -35.95 40.86 -15.39
N MET F 1252 -37.07 41.50 -15.03
CA MET F 1252 -37.94 42.10 -16.03
C MET F 1252 -37.29 43.31 -16.70
N GLU F 1253 -36.57 44.13 -15.94
CA GLU F 1253 -35.88 45.27 -16.53
C GLU F 1253 -34.73 44.82 -17.42
N TYR F 1254 -34.06 43.71 -17.09
CA TYR F 1254 -33.01 43.20 -17.98
C TYR F 1254 -33.60 42.63 -19.25
N ILE F 1255 -34.77 41.99 -19.16
CA ILE F 1255 -35.50 41.55 -20.34
C ILE F 1255 -35.87 42.74 -21.22
N GLY F 1256 -36.33 43.82 -20.59
CA GLY F 1256 -36.64 45.03 -21.34
C GLY F 1256 -35.43 45.67 -22.00
N ALA F 1257 -34.28 45.60 -21.32
CA ALA F 1257 -33.03 46.09 -21.93
C ALA F 1257 -32.63 45.26 -23.14
N CYS F 1258 -32.77 43.94 -23.05
CA CYS F 1258 -32.52 43.09 -24.21
C CYS F 1258 -33.51 43.39 -25.34
N VAL F 1259 -34.77 43.64 -24.98
CA VAL F 1259 -35.80 43.96 -25.97
C VAL F 1259 -35.46 45.24 -26.71
N VAL F 1260 -35.07 46.28 -25.97
CA VAL F 1260 -34.78 47.57 -26.61
C VAL F 1260 -33.48 47.48 -27.41
N LEU F 1261 -32.52 46.66 -26.98
CA LEU F 1261 -31.29 46.50 -27.77
C LEU F 1261 -31.58 45.80 -29.09
N ILE F 1262 -32.38 44.71 -29.06
CA ILE F 1262 -32.70 43.97 -30.27
C ILE F 1262 -33.55 44.83 -31.20
N ALA F 1263 -34.57 45.50 -30.66
CA ALA F 1263 -35.43 46.35 -31.47
C ALA F 1263 -34.65 47.51 -32.08
N ALA F 1264 -33.74 48.11 -31.30
CA ALA F 1264 -32.93 49.21 -31.80
C ALA F 1264 -32.02 48.76 -32.92
N ALA F 1265 -31.29 47.65 -32.72
CA ALA F 1265 -30.35 47.19 -33.73
C ALA F 1265 -31.05 46.78 -35.01
N THR F 1266 -32.15 46.02 -34.89
CA THR F 1266 -32.86 45.56 -36.07
C THR F 1266 -33.55 46.72 -36.80
N SER F 1267 -34.11 47.68 -36.05
CA SER F 1267 -34.76 48.82 -36.69
C SER F 1267 -33.75 49.76 -37.34
N ILE F 1268 -32.57 49.92 -36.75
CA ILE F 1268 -31.52 50.71 -37.38
C ILE F 1268 -31.03 50.05 -38.66
N SER F 1269 -30.87 48.72 -38.63
CA SER F 1269 -30.47 48.00 -39.84
C SER F 1269 -31.55 48.08 -40.92
N ASN F 1270 -32.83 48.03 -40.53
CA ASN F 1270 -33.90 48.12 -41.50
C ASN F 1270 -34.09 49.56 -42.00
N SER F 1271 -33.73 50.55 -41.21
CA SER F 1271 -33.91 51.94 -41.62
C SER F 1271 -32.74 52.46 -42.44
N LEU F 1272 -31.54 51.93 -42.25
CA LEU F 1272 -30.39 52.42 -43.00
C LEU F 1272 -30.45 51.98 -44.45
N HIS F 1273 -30.55 50.68 -44.69
CA HIS F 1273 -30.52 50.14 -46.04
C HIS F 1273 -31.58 49.08 -46.24
N ARG F 1274 -32.78 49.28 -45.65
CA ARG F 1274 -33.92 48.45 -46.05
C ARG F 1274 -35.22 49.25 -46.18
N GLU F 1275 -35.15 50.57 -46.36
CA GLU F 1275 -36.30 51.44 -46.68
C GLU F 1275 -37.35 51.47 -45.57
N LEU F 1276 -36.90 51.47 -44.32
CA LEU F 1276 -37.77 51.72 -43.18
C LEU F 1276 -37.63 53.17 -42.75
N SER F 1277 -38.77 53.81 -42.46
CA SER F 1277 -38.79 55.22 -42.13
C SER F 1277 -38.26 55.46 -40.72
N ALA F 1278 -37.84 56.71 -40.46
CA ALA F 1278 -37.30 57.08 -39.16
C ALA F 1278 -38.38 57.15 -38.09
N GLY F 1279 -39.60 57.52 -38.48
CA GLY F 1279 -40.70 57.56 -37.52
C GLY F 1279 -41.04 56.19 -36.95
N LEU F 1280 -40.93 55.14 -37.76
CA LEU F 1280 -41.28 53.81 -37.28
C LEU F 1280 -40.24 53.27 -36.30
N VAL F 1281 -38.95 53.52 -36.54
CA VAL F 1281 -37.94 53.09 -35.58
C VAL F 1281 -38.05 53.91 -34.30
N GLY F 1282 -38.37 55.21 -34.41
CA GLY F 1282 -38.61 56.00 -33.21
C GLY F 1282 -39.80 55.50 -32.40
N LEU F 1283 -40.87 55.12 -33.10
CA LEU F 1283 -42.05 54.52 -32.48
C LEU F 1283 -41.69 53.24 -31.73
N GLY F 1284 -40.97 52.34 -32.41
CA GLY F 1284 -40.54 51.10 -31.78
C GLY F 1284 -39.61 51.32 -30.60
N LEU F 1285 -38.77 52.36 -30.67
CA LEU F 1285 -37.86 52.65 -29.56
C LEU F 1285 -38.61 53.12 -28.32
N THR F 1286 -39.59 54.02 -28.50
CA THR F 1286 -40.38 54.47 -27.35
C THR F 1286 -41.18 53.31 -26.74
N TYR F 1287 -41.79 52.47 -27.59
CA TYR F 1287 -42.54 51.34 -27.05
C TYR F 1287 -41.62 50.30 -26.41
N ALA F 1288 -40.40 50.13 -26.93
CA ALA F 1288 -39.44 49.23 -26.32
C ALA F 1288 -38.97 49.74 -24.97
N LEU F 1289 -38.85 51.06 -24.81
CA LEU F 1289 -38.58 51.62 -23.50
C LEU F 1289 -39.72 51.34 -22.53
N MET F 1290 -40.96 51.40 -23.01
CA MET F 1290 -42.10 51.19 -22.11
C MET F 1290 -42.38 49.71 -21.80
N VAL F 1291 -41.85 48.79 -22.61
CA VAL F 1291 -42.05 47.35 -22.39
C VAL F 1291 -41.48 46.93 -21.03
N SER F 1292 -40.34 47.49 -20.65
CA SER F 1292 -39.65 47.12 -19.42
C SER F 1292 -40.45 47.48 -18.18
N ASN F 1293 -41.22 48.57 -18.23
CA ASN F 1293 -42.16 48.88 -17.17
C ASN F 1293 -43.39 47.97 -17.22
N TYR F 1294 -43.91 47.74 -18.44
CA TYR F 1294 -45.17 47.00 -18.58
C TYR F 1294 -45.05 45.57 -18.07
N LEU F 1295 -43.87 44.95 -18.25
CA LEU F 1295 -43.70 43.55 -17.84
C LEU F 1295 -43.84 43.39 -16.33
N ASN F 1296 -43.09 44.17 -15.55
CA ASN F 1296 -43.16 44.02 -14.09
C ASN F 1296 -44.49 44.52 -13.56
N TRP F 1297 -45.10 45.53 -14.21
CA TRP F 1297 -46.45 45.93 -13.83
C TRP F 1297 -47.43 44.77 -13.97
N MET F 1298 -47.35 44.05 -15.11
CA MET F 1298 -48.23 42.91 -15.35
C MET F 1298 -48.03 41.82 -14.31
N VAL F 1299 -46.78 41.48 -14.00
CA VAL F 1299 -46.53 40.37 -13.08
C VAL F 1299 -46.96 40.72 -11.66
N ARG F 1300 -46.63 41.94 -11.19
CA ARG F 1300 -47.03 42.35 -9.84
C ARG F 1300 -48.54 42.42 -9.71
N ASN F 1301 -49.23 42.98 -10.72
CA ASN F 1301 -50.68 43.05 -10.65
C ASN F 1301 -51.32 41.67 -10.78
N LEU F 1302 -50.68 40.73 -11.48
CA LEU F 1302 -51.20 39.38 -11.55
C LEU F 1302 -51.09 38.67 -10.20
N ALA F 1303 -49.97 38.86 -9.50
CA ALA F 1303 -49.83 38.27 -8.17
C ALA F 1303 -50.84 38.87 -7.19
N ASP F 1304 -51.01 40.18 -7.22
CA ASP F 1304 -52.02 40.82 -6.38
C ASP F 1304 -53.42 40.35 -6.75
N MET F 1305 -53.67 40.12 -8.05
CA MET F 1305 -54.98 39.66 -8.51
C MET F 1305 -55.28 38.27 -8.00
N GLU F 1306 -54.30 37.35 -8.02
CA GLU F 1306 -54.57 36.01 -7.52
C GLU F 1306 -54.77 36.00 -6.00
N ILE F 1307 -54.01 36.86 -5.29
CA ILE F 1307 -54.20 36.98 -3.84
C ILE F 1307 -55.60 37.50 -3.52
N GLN F 1308 -56.07 38.48 -4.28
CA GLN F 1308 -57.42 39.01 -4.04
C GLN F 1308 -58.52 38.09 -4.56
N LEU F 1309 -58.25 37.27 -5.59
CA LEU F 1309 -59.25 36.33 -6.06
C LEU F 1309 -59.41 35.14 -5.13
N GLY F 1310 -58.41 34.89 -4.27
CA GLY F 1310 -58.63 33.96 -3.16
C GLY F 1310 -59.82 34.34 -2.29
N ALA F 1311 -60.07 35.66 -2.15
CA ALA F 1311 -61.21 36.12 -1.36
C ALA F 1311 -62.54 35.73 -1.99
N VAL F 1312 -62.70 35.95 -3.30
CA VAL F 1312 -63.95 35.58 -3.95
C VAL F 1312 -64.09 34.06 -4.04
N LYS F 1313 -62.96 33.34 -4.08
CA LYS F 1313 -63.01 31.89 -3.98
C LYS F 1313 -63.57 31.45 -2.62
N ARG F 1314 -63.14 32.10 -1.54
CA ARG F 1314 -63.69 31.79 -0.22
C ARG F 1314 -65.16 32.19 -0.12
N ILE F 1315 -65.55 33.29 -0.77
CA ILE F 1315 -66.95 33.73 -0.77
C ILE F 1315 -67.83 32.70 -1.45
N HIS F 1316 -67.41 32.19 -2.61
CA HIS F 1316 -68.20 31.17 -3.29
C HIS F 1316 -68.17 29.83 -2.55
N ALA F 1317 -67.06 29.53 -1.85
CA ALA F 1317 -67.00 28.33 -1.03
C ALA F 1317 -68.01 28.40 0.11
N LEU F 1318 -68.16 29.58 0.73
CA LEU F 1318 -69.20 29.75 1.73
C LEU F 1318 -70.59 29.84 1.12
N LEU F 1319 -70.67 30.23 -0.17
CA LEU F 1319 -71.94 30.17 -0.89
C LEU F 1319 -72.38 28.74 -1.18
N LYS F 1320 -71.44 27.80 -1.22
CA LYS F 1320 -71.78 26.40 -1.48
C LYS F 1320 -72.35 25.67 -0.27
N THR F 1321 -72.52 26.34 0.86
CA THR F 1321 -73.15 25.70 2.02
C THR F 1321 -74.60 25.39 1.72
N GLU F 1322 -75.03 24.18 2.11
CA GLU F 1322 -76.38 23.72 1.80
C GLU F 1322 -77.42 24.54 2.57
N ALA F 1323 -78.61 24.64 1.99
CA ALA F 1323 -79.69 25.44 2.54
C ALA F 1323 -80.86 24.55 2.92
N GLU F 1324 -81.42 24.80 4.10
CA GLU F 1324 -82.63 24.08 4.52
C GLU F 1324 -83.81 24.51 3.67
N SER F 1325 -84.68 23.55 3.37
CA SER F 1325 -85.88 23.83 2.58
C SER F 1325 -86.91 24.55 3.45
N TYR F 1326 -87.41 25.68 2.93
CA TYR F 1326 -88.43 26.46 3.62
C TYR F 1326 -89.77 26.42 2.91
N GLU F 1327 -89.90 25.68 1.81
CA GLU F 1327 -91.14 25.67 1.05
C GLU F 1327 -92.25 24.94 1.79
N GLY F 1328 -91.94 23.76 2.33
CA GLY F 1328 -92.93 22.98 3.06
C GLY F 1328 -93.76 22.10 2.15
N LEU F 1329 -93.80 20.80 2.46
CA LEU F 1329 -94.53 19.87 1.60
C LEU F 1329 -96.04 20.01 1.76
N LEU F 1330 -96.50 20.45 2.94
CA LEU F 1330 -97.93 20.69 3.13
C LEU F 1330 -98.37 21.92 2.35
N ALA F 1331 -99.58 21.86 1.82
CA ALA F 1331 -100.13 22.99 1.06
C ALA F 1331 -100.37 24.16 2.00
N PRO F 1332 -99.96 25.38 1.63
CA PRO F 1332 -100.16 26.54 2.51
C PRO F 1332 -101.62 26.85 2.79
N SER F 1333 -102.52 26.60 1.84
CA SER F 1333 -103.94 26.84 2.07
C SER F 1333 -104.56 25.78 2.97
N LEU F 1334 -104.04 24.56 2.95
CA LEU F 1334 -104.55 23.50 3.81
C LEU F 1334 -104.23 23.75 5.28
N ILE F 1335 -103.18 24.52 5.57
CA ILE F 1335 -102.88 24.91 6.96
C ILE F 1335 -104.00 25.80 7.48
N PRO F 1336 -104.49 25.58 8.70
CA PRO F 1336 -105.52 26.47 9.25
C PRO F 1336 -104.97 27.87 9.50
N LYS F 1337 -105.90 28.83 9.59
CA LYS F 1337 -105.53 30.23 9.78
C LYS F 1337 -104.82 30.45 11.11
N ASN F 1338 -105.26 29.73 12.13
CA ASN F 1338 -104.66 29.84 13.46
C ASN F 1338 -103.93 28.55 13.82
N TRP F 1339 -102.87 28.66 14.60
CA TRP F 1339 -102.10 27.49 15.01
C TRP F 1339 -101.84 27.48 16.52
N PRO F 1340 -101.72 26.29 17.10
CA PRO F 1340 -101.47 26.09 18.52
C PRO F 1340 -100.33 26.97 19.03
N GLY F 1343 -102.91 23.03 21.72
CA GLY F 1343 -101.62 22.80 22.34
C GLY F 1343 -101.22 21.33 22.44
N LYS F 1344 -102.05 20.45 21.89
CA LYS F 1344 -101.79 19.01 21.91
C LYS F 1344 -100.60 18.64 21.03
N ILE F 1345 -99.81 17.66 21.47
CA ILE F 1345 -98.65 17.21 20.71
C ILE F 1345 -98.47 15.70 20.80
N GLN F 1346 -98.47 15.03 19.65
CA GLN F 1346 -98.30 13.59 19.61
C GLN F 1346 -96.92 13.26 19.06
N ILE F 1347 -96.24 12.33 19.73
CA ILE F 1347 -94.89 11.92 19.37
C ILE F 1347 -94.89 10.40 19.22
N GLN F 1348 -94.54 9.92 18.03
CA GLN F 1348 -94.64 8.50 17.69
C GLN F 1348 -93.29 8.01 17.18
N ASN F 1349 -92.59 7.22 18.01
CA ASN F 1349 -91.32 6.56 17.65
C ASN F 1349 -90.27 7.57 17.20
N LEU F 1350 -90.18 8.70 17.91
CA LEU F 1350 -89.24 9.74 17.56
C LEU F 1350 -87.81 9.29 17.84
N SER F 1351 -86.92 9.54 16.89
CA SER F 1351 -85.49 9.38 17.09
C SER F 1351 -84.80 10.41 16.21
N VAL F 1352 -83.94 11.22 16.83
CA VAL F 1352 -83.35 12.37 16.15
C VAL F 1352 -81.84 12.32 16.28
N ARG F 1353 -81.16 12.93 15.31
CA ARG F 1353 -79.71 13.06 15.28
C ARG F 1353 -79.36 14.48 14.90
N TYR F 1354 -78.07 14.79 14.99
CA TYR F 1354 -77.53 16.05 14.47
C TYR F 1354 -76.95 15.90 13.08
N ASP F 1355 -76.20 14.83 12.84
CA ASP F 1355 -75.73 14.44 11.52
C ASP F 1355 -76.23 13.03 11.22
N SER F 1356 -76.19 12.65 9.94
CA SER F 1356 -76.56 11.29 9.57
C SER F 1356 -75.57 10.29 10.14
N SER F 1357 -74.28 10.65 10.15
CA SER F 1357 -73.25 9.78 10.72
C SER F 1357 -72.97 10.18 12.16
N LEU F 1358 -73.95 9.92 13.02
CA LEU F 1358 -73.84 10.24 14.43
C LEU F 1358 -74.77 9.32 15.22
N LYS F 1359 -74.39 9.05 16.46
CA LYS F 1359 -75.23 8.27 17.34
C LYS F 1359 -76.49 9.07 17.70
N PRO F 1360 -77.66 8.44 17.71
CA PRO F 1360 -78.91 9.19 17.96
C PRO F 1360 -78.98 9.68 19.40
N VAL F 1361 -79.19 10.99 19.57
CA VAL F 1361 -79.34 11.56 20.89
C VAL F 1361 -80.65 11.10 21.53
N LEU F 1362 -81.69 10.89 20.72
CA LEU F 1362 -82.95 10.33 21.17
C LEU F 1362 -83.23 9.05 20.39
N LYS F 1363 -83.74 8.04 21.09
CA LYS F 1363 -83.94 6.71 20.51
C LYS F 1363 -85.34 6.21 20.85
N HIS F 1364 -86.21 6.15 19.84
CA HIS F 1364 -87.58 5.63 19.95
C HIS F 1364 -88.39 6.38 21.01
N VAL F 1365 -88.33 7.70 20.96
CA VAL F 1365 -89.12 8.53 21.86
C VAL F 1365 -90.58 8.49 21.43
N ASN F 1366 -91.46 8.17 22.38
CA ASN F 1366 -92.89 8.02 22.10
C ASN F 1366 -93.67 8.54 23.30
N ALA F 1367 -94.45 9.59 23.09
CA ALA F 1367 -95.24 10.20 24.16
C ALA F 1367 -96.40 10.99 23.56
N LEU F 1368 -97.50 11.06 24.33
CA LEU F 1368 -98.68 11.84 23.99
C LEU F 1368 -98.87 12.92 25.04
N ILE F 1369 -99.14 14.15 24.60
CA ILE F 1369 -99.32 15.30 25.48
C ILE F 1369 -100.73 15.85 25.26
N SER F 1370 -101.48 15.95 26.36
CA SER F 1370 -102.83 16.50 26.31
C SER F 1370 -102.78 18.01 26.06
N PRO F 1371 -103.83 18.59 25.48
CA PRO F 1371 -103.89 20.06 25.35
C PRO F 1371 -103.95 20.75 26.71
N GLY F 1372 -103.11 21.77 26.87
CA GLY F 1372 -103.15 22.63 28.03
C GLY F 1372 -102.35 22.14 29.21
N GLN F 1373 -101.93 20.88 29.21
CA GLN F 1373 -101.24 20.33 30.37
C GLN F 1373 -99.78 20.77 30.40
N LYS F 1374 -99.17 20.67 31.57
CA LYS F 1374 -97.80 21.13 31.80
C LYS F 1374 -96.87 19.93 31.90
N ILE F 1375 -95.79 19.97 31.12
CA ILE F 1375 -94.86 18.85 31.02
C ILE F 1375 -93.49 19.30 31.48
N GLY F 1376 -92.91 18.56 32.42
CA GLY F 1376 -91.57 18.85 32.90
C GLY F 1376 -90.57 17.80 32.47
N ILE F 1377 -89.68 18.17 31.56
CA ILE F 1377 -88.70 17.23 31.02
C ILE F 1377 -87.43 17.30 31.87
N CYS F 1378 -86.97 16.14 32.33
CA CYS F 1378 -85.74 16.05 33.09
C CYS F 1378 -84.94 14.85 32.62
N GLY F 1379 -83.62 14.92 32.83
CA GLY F 1379 -82.75 13.82 32.47
C GLY F 1379 -81.34 14.12 32.91
N ARG F 1380 -80.52 13.07 32.91
CA ARG F 1380 -79.11 13.21 33.22
C ARG F 1380 -78.41 13.99 32.11
N THR F 1381 -77.41 14.78 32.49
CA THR F 1381 -76.62 15.54 31.52
C THR F 1381 -75.84 14.57 30.63
N GLY F 1382 -76.06 14.67 29.32
CA GLY F 1382 -75.52 13.72 28.37
C GLY F 1382 -76.50 12.71 27.84
N SER F 1383 -77.77 12.78 28.25
CA SER F 1383 -78.81 11.90 27.74
C SER F 1383 -79.53 12.47 26.53
N GLY F 1384 -79.10 13.63 26.04
CA GLY F 1384 -79.73 14.26 24.88
C GLY F 1384 -81.12 14.79 25.13
N LYS F 1385 -81.39 15.32 26.32
CA LYS F 1385 -82.69 15.90 26.61
C LYS F 1385 -82.84 17.29 25.99
N SER F 1386 -81.74 17.95 25.61
CA SER F 1386 -81.83 19.28 25.01
C SER F 1386 -82.36 19.21 23.58
N SER F 1387 -82.07 18.13 22.86
CA SER F 1387 -82.55 17.98 21.50
C SER F 1387 -84.05 17.75 21.43
N PHE F 1388 -84.67 17.36 22.54
CA PHE F 1388 -86.11 17.15 22.57
C PHE F 1388 -86.87 18.44 22.31
N SER F 1389 -86.38 19.56 22.85
CA SER F 1389 -86.98 20.86 22.57
C SER F 1389 -86.78 21.27 21.11
N LEU F 1390 -85.59 21.00 20.56
CA LEU F 1390 -85.30 21.37 19.18
C LEU F 1390 -86.02 20.48 18.18
N ALA F 1391 -86.52 19.31 18.62
CA ALA F 1391 -87.25 18.42 17.72
C ALA F 1391 -88.54 19.06 17.21
N PHE F 1392 -89.16 19.94 18.00
CA PHE F 1392 -90.40 20.58 17.56
C PHE F 1392 -90.17 21.63 16.49
N PHE F 1393 -88.94 22.09 16.31
CA PHE F 1393 -88.62 23.13 15.33
C PHE F 1393 -87.89 22.59 14.11
N ARG F 1394 -87.75 21.27 14.00
CA ARG F 1394 -87.07 20.59 12.89
C ARG F 1394 -85.64 21.07 12.71
N MET F 1395 -84.95 21.31 13.82
CA MET F 1395 -83.54 21.65 13.80
C MET F 1395 -82.65 20.44 14.04
N VAL F 1396 -83.24 19.25 14.14
CA VAL F 1396 -82.50 18.00 14.28
C VAL F 1396 -83.03 17.04 13.23
N ASP F 1397 -82.19 16.08 12.84
CA ASP F 1397 -82.53 15.16 11.76
C ASP F 1397 -83.51 14.13 12.27
N MET F 1398 -84.79 14.30 11.91
CA MET F 1398 -85.83 13.34 12.24
C MET F 1398 -85.79 12.21 11.21
N PHE F 1399 -84.81 11.32 11.37
CA PHE F 1399 -84.64 10.23 10.42
C PHE F 1399 -85.73 9.17 10.56
N GLU F 1400 -86.40 9.11 11.71
CA GLU F 1400 -87.58 8.29 11.88
C GLU F 1400 -88.49 8.94 12.90
N GLY F 1401 -89.77 8.58 12.85
CA GLY F 1401 -90.75 9.14 13.77
C GLY F 1401 -91.56 10.26 13.13
N ARG F 1402 -92.55 10.73 13.89
CA ARG F 1402 -93.48 11.72 13.40
C ARG F 1402 -94.03 12.53 14.58
N ILE F 1403 -93.97 13.84 14.47
CA ILE F 1403 -94.51 14.75 15.50
C ILE F 1403 -95.84 15.27 14.95
N ILE F 1404 -96.94 14.74 15.47
CA ILE F 1404 -98.28 15.13 15.04
C ILE F 1404 -98.79 16.16 16.06
N ILE F 1405 -98.90 17.41 15.63
CA ILE F 1405 -99.40 18.49 16.46
C ILE F 1405 -100.74 18.93 15.90
N ASP F 1406 -101.81 18.67 16.68
CA ASP F 1406 -103.18 19.02 16.31
C ASP F 1406 -103.58 18.38 14.98
N GLY F 1407 -103.17 17.14 14.78
CA GLY F 1407 -103.48 16.41 13.56
C GLY F 1407 -102.60 16.73 12.38
N ILE F 1408 -101.59 17.57 12.53
CA ILE F 1408 -100.74 18.02 11.43
C ILE F 1408 -99.29 17.75 11.78
N ASP F 1409 -98.59 17.01 10.92
CA ASP F 1409 -97.17 16.76 11.11
C ASP F 1409 -96.37 18.03 10.85
N ILE F 1410 -95.33 18.24 11.65
CA ILE F 1410 -94.50 19.43 11.46
C ILE F 1410 -93.56 19.27 10.28
N ALA F 1411 -93.22 18.02 9.92
CA ALA F 1411 -92.30 17.78 8.81
C ALA F 1411 -92.89 18.18 7.47
N LYS F 1412 -94.20 17.99 7.30
CA LYS F 1412 -94.87 18.47 6.09
C LYS F 1412 -94.95 19.98 6.04
N LEU F 1413 -95.00 20.63 7.21
CA LEU F 1413 -95.26 22.06 7.30
C LEU F 1413 -94.02 22.87 6.94
N PRO F 1414 -94.20 24.07 6.38
CA PRO F 1414 -93.05 24.97 6.16
C PRO F 1414 -92.38 25.38 7.46
N LEU F 1415 -91.08 25.65 7.37
CA LEU F 1415 -90.29 26.02 8.54
C LEU F 1415 -90.70 27.38 9.10
N HIS F 1416 -91.03 28.34 8.23
CA HIS F 1416 -91.42 29.67 8.69
C HIS F 1416 -92.72 29.62 9.48
N THR F 1417 -93.71 28.89 8.97
CA THR F 1417 -94.99 28.74 9.68
C THR F 1417 -94.84 27.94 10.97
N LEU F 1418 -93.95 26.94 11.00
CA LEU F 1418 -93.73 26.16 12.22
C LEU F 1418 -93.04 26.99 13.29
N ARG F 1419 -91.97 27.69 12.91
CA ARG F 1419 -91.18 28.46 13.87
C ARG F 1419 -91.81 29.81 14.19
N SER F 1420 -92.87 30.21 13.49
CA SER F 1420 -93.58 31.44 13.80
C SER F 1420 -94.70 31.26 14.82
N ARG F 1421 -95.08 30.03 15.14
CA ARG F 1421 -96.21 29.77 16.03
C ARG F 1421 -95.81 28.92 17.23
N LEU F 1422 -94.52 28.73 17.48
CA LEU F 1422 -94.05 28.03 18.66
C LEU F 1422 -93.09 28.92 19.44
N SER F 1423 -93.24 28.93 20.77
CA SER F 1423 -92.42 29.73 21.65
C SER F 1423 -91.36 28.87 22.32
N ILE F 1424 -90.19 29.47 22.55
CA ILE F 1424 -89.03 28.74 23.04
C ILE F 1424 -88.07 29.73 23.69
N ILE F 1425 -87.48 29.32 24.83
CA ILE F 1425 -86.50 30.12 25.55
C ILE F 1425 -85.32 29.22 25.91
N LEU F 1426 -84.11 29.66 25.61
CA LEU F 1426 -82.90 28.88 25.80
C LEU F 1426 -82.16 29.33 27.05
N GLN F 1427 -80.92 28.84 27.21
CA GLN F 1427 -80.11 29.12 28.39
C GLN F 1427 -79.79 30.61 28.52
N ASP F 1428 -79.07 31.15 27.56
CA ASP F 1428 -78.58 32.52 27.67
C ASP F 1428 -79.56 33.50 27.03
N PRO F 1429 -79.72 34.69 27.61
CA PRO F 1429 -80.61 35.69 27.02
C PRO F 1429 -79.88 36.50 25.96
N VAL F 1430 -80.34 36.38 24.71
CA VAL F 1430 -79.75 37.08 23.58
C VAL F 1430 -80.62 38.30 23.28
N LEU F 1431 -80.11 39.48 23.60
CA LEU F 1431 -80.79 40.74 23.31
C LEU F 1431 -80.09 41.44 22.15
N PHE F 1432 -80.86 41.98 21.23
CA PHE F 1432 -80.33 42.59 20.02
C PHE F 1432 -80.41 44.11 20.12
N SER F 1433 -79.49 44.77 19.41
CA SER F 1433 -79.41 46.23 19.46
C SER F 1433 -80.61 46.86 18.78
N GLY F 1434 -81.21 47.84 19.44
CA GLY F 1434 -82.37 48.53 18.95
C GLY F 1434 -83.30 48.90 20.10
N THR F 1435 -84.53 49.22 19.76
CA THR F 1435 -85.52 49.59 20.75
C THR F 1435 -86.21 48.35 21.32
N ILE F 1436 -86.98 48.56 22.40
CA ILE F 1436 -87.78 47.48 22.98
C ILE F 1436 -88.88 47.05 22.01
N ARG F 1437 -89.34 47.97 21.15
CA ARG F 1437 -90.22 47.59 20.05
C ARG F 1437 -89.55 46.57 19.14
N PHE F 1438 -88.28 46.81 18.80
CA PHE F 1438 -87.58 45.90 17.90
C PHE F 1438 -87.25 44.58 18.57
N ASN F 1439 -86.88 44.61 19.86
CA ASN F 1439 -86.58 43.37 20.55
C ASN F 1439 -87.83 42.53 20.75
N LEU F 1440 -88.93 43.17 21.17
CA LEU F 1440 -90.12 42.41 21.54
C LEU F 1440 -90.94 42.01 20.31
N ASP F 1441 -91.24 42.96 19.43
CA ASP F 1441 -92.01 42.70 18.21
C ASP F 1441 -91.28 43.35 17.02
N PRO F 1442 -90.21 42.71 16.52
CA PRO F 1442 -89.47 43.28 15.38
C PRO F 1442 -90.28 43.42 14.11
N GLU F 1443 -91.20 42.51 13.84
CA GLU F 1443 -92.03 42.58 12.64
C GLU F 1443 -93.16 43.58 12.75
N LYS F 1444 -93.35 44.17 13.93
CA LYS F 1444 -94.41 45.16 14.21
C LYS F 1444 -95.79 44.60 13.90
N LYS F 1445 -95.98 43.31 14.17
CA LYS F 1445 -97.26 42.67 13.93
C LYS F 1445 -98.29 42.97 15.02
N CYS F 1446 -97.82 43.29 16.24
CA CYS F 1446 -98.71 43.60 17.35
C CYS F 1446 -98.63 45.08 17.67
N SER F 1447 -99.78 45.63 18.10
CA SER F 1447 -99.84 47.03 18.48
C SER F 1447 -99.10 47.27 19.79
N ASP F 1448 -98.80 48.55 20.06
CA ASP F 1448 -98.05 48.91 21.27
C ASP F 1448 -98.86 48.59 22.53
N SER F 1449 -100.17 48.83 22.49
CA SER F 1449 -101.03 48.51 23.63
C SER F 1449 -101.05 47.01 23.90
N THR F 1450 -100.93 46.19 22.85
CA THR F 1450 -100.76 44.76 23.04
C THR F 1450 -99.40 44.43 23.66
N LEU F 1451 -98.37 45.24 23.36
CA LEU F 1451 -97.04 45.03 23.92
C LEU F 1451 -96.94 45.44 25.39
N TRP F 1452 -97.80 46.35 25.84
CA TRP F 1452 -97.69 46.86 27.22
C TRP F 1452 -97.97 45.76 28.25
N GLU F 1453 -99.05 45.02 28.09
CA GLU F 1453 -99.35 43.93 29.03
C GLU F 1453 -98.35 42.78 28.90
N ALA F 1454 -97.87 42.54 27.68
CA ALA F 1454 -96.81 41.57 27.45
C ALA F 1454 -95.57 41.93 28.25
N LEU F 1455 -95.25 43.22 28.30
CA LEU F 1455 -94.12 43.66 29.12
C LEU F 1455 -94.47 43.65 30.61
N GLU F 1456 -95.74 43.81 30.95
CA GLU F 1456 -96.19 43.73 32.34
C GLU F 1456 -95.99 42.34 32.93
N ILE F 1457 -96.16 41.30 32.11
CA ILE F 1457 -95.98 39.92 32.60
C ILE F 1457 -94.56 39.70 33.08
N ALA F 1458 -93.57 40.26 32.39
CA ALA F 1458 -92.17 40.06 32.75
C ALA F 1458 -91.71 40.88 33.94
N GLN F 1459 -92.60 41.69 34.54
CA GLN F 1459 -92.35 42.55 35.71
C GLN F 1459 -91.29 43.61 35.46
N LEU F 1460 -90.91 43.84 34.20
CA LEU F 1460 -89.91 44.83 33.85
C LEU F 1460 -90.51 46.19 33.53
N LYS F 1461 -91.82 46.36 33.75
CA LYS F 1461 -92.46 47.62 33.40
C LYS F 1461 -91.98 48.78 34.28
N LEU F 1462 -91.60 48.49 35.52
CA LEU F 1462 -91.01 49.52 36.37
C LEU F 1462 -89.71 50.04 35.76
N VAL F 1463 -88.84 49.13 35.31
CA VAL F 1463 -87.58 49.52 34.70
C VAL F 1463 -87.82 50.23 33.37
N VAL F 1464 -88.67 49.65 32.51
CA VAL F 1464 -88.86 50.19 31.16
C VAL F 1464 -89.54 51.54 31.21
N LYS F 1465 -90.55 51.71 32.06
CA LYS F 1465 -91.16 53.02 32.25
C LYS F 1465 -90.20 54.00 32.91
N ALA F 1466 -89.32 53.52 33.79
CA ALA F 1466 -88.30 54.36 34.38
C ALA F 1466 -87.13 54.65 33.44
N LEU F 1467 -86.99 53.90 32.36
CA LEU F 1467 -85.93 54.15 31.40
C LEU F 1467 -86.17 55.46 30.67
N PRO F 1468 -85.09 56.18 30.30
CA PRO F 1468 -85.27 57.52 29.71
C PRO F 1468 -86.00 57.55 28.38
N GLY F 1469 -85.94 56.47 27.60
CA GLY F 1469 -86.59 56.45 26.32
C GLY F 1469 -88.04 56.00 26.34
N GLY F 1470 -88.62 55.80 27.52
CA GLY F 1470 -89.95 55.19 27.59
C GLY F 1470 -89.85 53.74 27.17
N LEU F 1471 -90.77 53.29 26.31
CA LEU F 1471 -90.61 52.00 25.68
C LEU F 1471 -89.60 52.03 24.53
N ASP F 1472 -89.19 53.22 24.09
CA ASP F 1472 -88.20 53.36 23.04
C ASP F 1472 -86.76 53.33 23.56
N ALA F 1473 -86.55 52.77 24.75
CA ALA F 1473 -85.21 52.68 25.31
C ALA F 1473 -84.33 51.75 24.49
N ILE F 1474 -83.09 52.17 24.25
CA ILE F 1474 -82.20 51.48 23.34
C ILE F 1474 -81.45 50.39 24.10
N ILE F 1475 -81.63 49.14 23.67
CA ILE F 1475 -80.84 48.03 24.19
C ILE F 1475 -79.50 48.00 23.47
N THR F 1476 -78.41 47.89 24.24
CA THR F 1476 -77.07 47.84 23.68
C THR F 1476 -76.80 46.44 23.12
N GLU F 1477 -75.54 46.19 22.74
CA GLU F 1477 -75.14 44.91 22.18
C GLU F 1477 -75.18 43.83 23.26
N GLY F 1478 -76.14 42.92 23.17
CA GLY F 1478 -76.29 41.88 24.17
C GLY F 1478 -77.01 42.30 25.42
N GLY F 1479 -77.56 43.51 25.46
CA GLY F 1479 -78.25 44.00 26.65
C GLY F 1479 -77.34 44.23 27.84
N GLU F 1480 -76.18 44.85 27.62
CA GLU F 1480 -75.24 45.11 28.71
C GLU F 1480 -75.74 46.15 29.71
N ASN F 1481 -76.78 46.91 29.37
CA ASN F 1481 -77.37 47.87 30.29
C ASN F 1481 -78.36 47.24 31.24
N PHE F 1482 -78.62 45.93 31.13
CA PHE F 1482 -79.51 45.21 32.03
C PHE F 1482 -78.74 44.07 32.69
N SER F 1483 -79.21 43.68 33.88
CA SER F 1483 -78.66 42.52 34.55
C SER F 1483 -79.13 41.24 33.85
N GLN F 1484 -78.48 40.12 34.22
CA GLN F 1484 -78.70 38.84 33.55
C GLN F 1484 -80.15 38.37 33.69
N GLY F 1485 -80.69 38.47 34.91
CA GLY F 1485 -82.09 38.12 35.12
C GLY F 1485 -83.04 39.02 34.36
N GLN F 1486 -82.71 40.32 34.29
CA GLN F 1486 -83.52 41.25 33.51
C GLN F 1486 -83.54 40.88 32.04
N ARG F 1487 -82.40 40.50 31.48
CA ARG F 1487 -82.33 40.06 30.08
C ARG F 1487 -83.18 38.81 29.86
N GLN F 1488 -83.13 37.87 30.80
CA GLN F 1488 -83.95 36.66 30.68
C GLN F 1488 -85.44 36.98 30.74
N LEU F 1489 -85.83 37.91 31.61
CA LEU F 1489 -87.23 38.33 31.69
C LEU F 1489 -87.67 39.02 30.40
N PHE F 1490 -86.76 39.80 29.79
CA PHE F 1490 -86.99 40.35 28.46
C PHE F 1490 -87.28 39.25 27.45
N CYS F 1491 -86.50 38.18 27.49
CA CYS F 1491 -86.71 37.05 26.58
C CYS F 1491 -88.07 36.39 26.83
N LEU F 1492 -88.49 36.30 28.09
CA LEU F 1492 -89.79 35.71 28.40
C LEU F 1492 -90.94 36.53 27.81
N ALA F 1493 -90.92 37.85 28.01
CA ALA F 1493 -91.96 38.71 27.43
C ALA F 1493 -91.91 38.66 25.90
N ARG F 1494 -90.70 38.57 25.36
CA ARG F 1494 -90.50 38.43 23.92
C ARG F 1494 -91.18 37.17 23.39
N ALA F 1495 -91.11 36.08 24.14
CA ALA F 1495 -91.81 34.86 23.74
C ALA F 1495 -93.32 34.98 23.93
N PHE F 1496 -93.77 35.73 24.94
CA PHE F 1496 -95.22 35.89 25.15
C PHE F 1496 -95.87 36.67 24.02
N VAL F 1497 -95.13 37.61 23.39
CA VAL F 1497 -95.70 38.49 22.36
C VAL F 1497 -96.32 37.70 21.20
N ARG F 1498 -95.74 36.55 20.85
CA ARG F 1498 -96.28 35.74 19.75
C ARG F 1498 -97.66 35.17 20.05
N LYS F 1499 -97.96 34.93 21.34
CA LYS F 1499 -99.28 34.50 21.82
C LYS F 1499 -99.72 33.17 21.20
N THR F 1500 -98.96 32.12 21.52
CA THR F 1500 -99.33 30.76 21.17
C THR F 1500 -99.49 29.93 22.43
N SER F 1501 -100.24 28.83 22.30
CA SER F 1501 -100.42 27.96 23.46
C SER F 1501 -99.19 27.10 23.73
N ILE F 1502 -98.53 26.59 22.69
CA ILE F 1502 -97.36 25.74 22.91
C ILE F 1502 -96.21 26.62 23.37
N PHE F 1503 -95.84 26.50 24.65
CA PHE F 1503 -94.80 27.30 25.27
C PHE F 1503 -93.71 26.37 25.78
N ILE F 1504 -92.59 26.31 25.07
CA ILE F 1504 -91.49 25.44 25.45
C ILE F 1504 -90.48 26.25 26.24
N MET F 1505 -90.24 25.85 27.49
CA MET F 1505 -89.33 26.54 28.39
C MET F 1505 -88.09 25.67 28.57
N ASP F 1506 -87.11 25.86 27.69
CA ASP F 1506 -85.91 25.01 27.63
C ASP F 1506 -84.86 25.57 28.57
N GLU F 1507 -84.94 25.18 29.85
CA GLU F 1507 -83.92 25.43 30.87
C GLU F 1507 -83.65 26.92 31.06
N ALA F 1508 -84.72 27.70 31.14
CA ALA F 1508 -84.57 29.15 31.34
C ALA F 1508 -84.15 29.48 32.76
N THR F 1509 -84.55 28.66 33.73
CA THR F 1509 -84.28 28.93 35.14
C THR F 1509 -82.85 28.63 35.56
N ALA F 1510 -82.07 27.97 34.69
CA ALA F 1510 -80.74 27.50 35.10
C ALA F 1510 -79.76 28.66 35.31
N SER F 1511 -79.82 29.66 34.44
CA SER F 1511 -78.86 30.77 34.48
C SER F 1511 -79.31 31.90 35.40
N ILE F 1512 -80.44 31.75 36.09
CA ILE F 1512 -81.08 32.84 36.80
C ILE F 1512 -81.15 32.50 38.29
N ASP F 1513 -80.92 33.52 39.13
CA ASP F 1513 -80.94 33.36 40.58
C ASP F 1513 -82.33 32.93 41.05
N MET F 1514 -82.35 32.22 42.19
CA MET F 1514 -83.56 31.55 42.67
C MET F 1514 -84.67 32.54 43.04
N ALA F 1515 -84.29 33.69 43.62
CA ALA F 1515 -85.29 34.67 44.06
C ALA F 1515 -86.08 35.24 42.89
N THR F 1516 -85.39 35.59 41.80
CA THR F 1516 -86.10 35.99 40.60
C THR F 1516 -86.72 34.79 39.89
N GLU F 1517 -86.15 33.61 40.06
CA GLU F 1517 -86.66 32.40 39.40
C GLU F 1517 -88.05 32.03 39.89
N ASN F 1518 -88.31 32.19 41.19
CA ASN F 1518 -89.61 31.79 41.74
C ASN F 1518 -90.73 32.69 41.24
N ILE F 1519 -90.53 34.02 41.30
CA ILE F 1519 -91.54 34.95 40.79
C ILE F 1519 -91.67 34.82 39.27
N LEU F 1520 -90.56 34.54 38.58
CA LEU F 1520 -90.61 34.29 37.15
C LEU F 1520 -91.47 33.07 36.83
N GLN F 1521 -91.27 31.98 37.58
CA GLN F 1521 -92.00 30.74 37.32
C GLN F 1521 -93.49 30.90 37.63
N LYS F 1522 -93.83 31.59 38.71
CA LYS F 1522 -95.25 31.75 39.03
C LYS F 1522 -95.94 32.69 38.03
N VAL F 1523 -95.24 33.72 37.54
CA VAL F 1523 -95.87 34.57 36.53
C VAL F 1523 -95.92 33.86 35.17
N VAL F 1524 -95.01 32.92 34.92
CA VAL F 1524 -95.11 32.07 33.72
C VAL F 1524 -96.35 31.18 33.81
N MET F 1525 -96.57 30.57 34.97
CA MET F 1525 -97.70 29.66 35.14
C MET F 1525 -99.02 30.42 35.07
N THR F 1526 -99.08 31.64 35.60
CA THR F 1526 -100.30 32.43 35.46
C THR F 1526 -100.50 32.93 34.03
N ALA F 1527 -99.40 33.33 33.36
CA ALA F 1527 -99.52 33.90 32.02
C ALA F 1527 -99.81 32.85 30.95
N PHE F 1528 -99.57 31.57 31.25
CA PHE F 1528 -99.69 30.49 30.29
C PHE F 1528 -100.59 29.38 30.81
N ALA F 1529 -101.76 29.77 31.32
CA ALA F 1529 -102.68 28.82 31.93
C ALA F 1529 -103.32 27.91 30.90
N ASP F 1530 -104.06 28.49 29.94
CA ASP F 1530 -104.57 27.71 28.82
C ASP F 1530 -103.46 27.23 27.89
N ARG F 1531 -102.30 27.88 27.95
CA ARG F 1531 -101.18 27.56 27.08
C ARG F 1531 -100.48 26.28 27.54
N THR F 1532 -100.18 25.39 26.59
CA THR F 1532 -99.47 24.15 26.90
C THR F 1532 -98.00 24.44 27.14
N VAL F 1533 -97.50 24.05 28.32
CA VAL F 1533 -96.13 24.34 28.71
C VAL F 1533 -95.36 23.03 28.75
N VAL F 1534 -94.46 22.84 27.79
CA VAL F 1534 -93.51 21.73 27.78
C VAL F 1534 -92.18 22.26 28.28
N THR F 1535 -91.83 21.95 29.52
CA THR F 1535 -90.64 22.52 30.17
C THR F 1535 -89.52 21.48 30.14
N ILE F 1536 -88.47 21.79 29.38
CA ILE F 1536 -87.20 21.08 29.51
C ILE F 1536 -86.39 21.83 30.56
N ALA F 1537 -86.10 21.18 31.68
CA ALA F 1537 -85.38 21.80 32.78
C ALA F 1537 -84.25 20.90 33.23
N HIS F 1538 -83.15 21.53 33.63
CA HIS F 1538 -82.00 20.78 34.13
C HIS F 1538 -82.16 20.38 35.59
N ARG F 1539 -82.95 21.13 36.35
CA ARG F 1539 -83.16 20.88 37.77
C ARG F 1539 -84.62 20.52 38.01
N VAL F 1540 -84.84 19.44 38.76
CA VAL F 1540 -86.17 18.85 38.90
C VAL F 1540 -87.06 19.61 39.88
N HIS F 1541 -86.48 20.43 40.75
CA HIS F 1541 -87.29 21.14 41.75
C HIS F 1541 -88.19 22.18 41.09
N THR F 1542 -87.83 22.67 39.91
CA THR F 1542 -88.71 23.58 39.17
C THR F 1542 -89.91 22.83 38.61
N ILE F 1543 -89.70 21.63 38.08
CA ILE F 1543 -90.77 20.87 37.44
C ILE F 1543 -91.43 19.90 38.41
N LEU F 1544 -91.21 20.08 39.72
CA LEU F 1544 -91.98 19.32 40.71
C LEU F 1544 -93.48 19.61 40.61
N SER F 1545 -93.86 20.79 40.14
CA SER F 1545 -95.27 21.17 40.05
C SER F 1545 -95.88 20.88 38.68
N ALA F 1546 -95.14 20.28 37.76
CA ALA F 1546 -95.69 19.97 36.44
C ALA F 1546 -96.68 18.81 36.54
N ASP F 1547 -97.55 18.71 35.53
CA ASP F 1547 -98.53 17.64 35.50
C ASP F 1547 -97.88 16.29 35.24
N LEU F 1548 -96.92 16.24 34.33
CA LEU F 1548 -96.20 15.01 34.00
C LEU F 1548 -94.71 15.30 33.96
N VAL F 1549 -93.92 14.33 34.40
CA VAL F 1549 -92.46 14.41 34.36
C VAL F 1549 -91.94 13.24 33.53
N MET F 1550 -91.14 13.55 32.52
CA MET F 1550 -90.51 12.55 31.66
C MET F 1550 -89.02 12.45 32.02
N VAL F 1551 -88.55 11.23 32.23
CA VAL F 1551 -87.17 10.96 32.60
C VAL F 1551 -86.48 10.28 31.43
N LEU F 1552 -85.34 10.83 31.01
CA LEU F 1552 -84.63 10.37 29.84
C LEU F 1552 -83.27 9.83 30.25
N LYS F 1553 -82.97 8.60 29.84
CA LYS F 1553 -81.67 7.98 30.05
C LYS F 1553 -81.17 7.43 28.74
N ARG F 1554 -80.12 8.07 28.18
CA ARG F 1554 -79.48 7.68 26.93
C ARG F 1554 -80.48 7.63 25.77
N GLY F 1555 -81.38 8.61 25.72
CA GLY F 1555 -82.33 8.73 24.63
C GLY F 1555 -83.59 7.90 24.77
N ALA F 1556 -83.86 7.31 25.93
CA ALA F 1556 -85.03 6.49 26.14
C ALA F 1556 -85.87 7.04 27.29
N ILE F 1557 -87.18 6.96 27.14
CA ILE F 1557 -88.11 7.47 28.15
C ILE F 1557 -88.27 6.38 29.22
N LEU F 1558 -87.61 6.58 30.37
CA LEU F 1558 -87.75 5.63 31.47
C LEU F 1558 -89.12 5.75 32.12
N GLU F 1559 -89.51 6.98 32.49
CA GLU F 1559 -90.67 7.23 33.32
C GLU F 1559 -91.53 8.30 32.67
N PHE F 1560 -92.82 8.01 32.50
CA PHE F 1560 -93.78 8.97 31.94
C PHE F 1560 -95.04 8.92 32.79
N ASP F 1561 -95.06 9.71 33.86
CA ASP F 1561 -96.20 9.79 34.76
C ASP F 1561 -96.07 11.04 35.61
N LYS F 1562 -97.08 11.28 36.45
CA LYS F 1562 -97.14 12.46 37.28
C LYS F 1562 -96.06 12.43 38.36
N PRO F 1563 -95.57 13.59 38.80
CA PRO F 1563 -94.48 13.61 39.80
C PRO F 1563 -94.86 13.03 41.15
N GLU F 1564 -96.13 13.02 41.54
CA GLU F 1564 -96.52 12.49 42.84
C GLU F 1564 -96.35 10.97 42.89
N THR F 1565 -96.93 10.27 41.92
CA THR F 1565 -96.78 8.82 41.83
C THR F 1565 -95.32 8.44 41.55
N LEU F 1566 -94.61 9.26 40.76
CA LEU F 1566 -93.21 8.99 40.48
C LEU F 1566 -92.34 9.13 41.73
N LEU F 1567 -92.62 10.16 42.55
CA LEU F 1567 -91.88 10.34 43.80
C LEU F 1567 -92.30 9.36 44.87
N SER F 1568 -93.47 8.71 44.71
CA SER F 1568 -93.86 7.66 45.64
C SER F 1568 -92.90 6.48 45.59
N GLN F 1569 -92.43 6.13 44.39
CA GLN F 1569 -91.51 5.02 44.23
C GLN F 1569 -90.13 5.39 44.75
N LYS F 1570 -89.54 4.49 45.56
CA LYS F 1570 -88.21 4.76 46.12
C LYS F 1570 -87.11 4.53 45.09
N ASP F 1571 -87.28 3.57 44.19
CA ASP F 1571 -86.25 3.22 43.22
C ASP F 1571 -86.34 4.03 41.93
N SER F 1572 -87.28 4.97 41.84
CA SER F 1572 -87.39 5.79 40.64
C SER F 1572 -86.22 6.75 40.53
N VAL F 1573 -85.73 6.94 39.30
CA VAL F 1573 -84.58 7.79 39.05
C VAL F 1573 -84.91 9.25 39.32
N PHE F 1574 -86.16 9.66 39.07
CA PHE F 1574 -86.58 11.02 39.37
C PHE F 1574 -86.53 11.31 40.88
N ALA F 1575 -86.81 10.31 41.71
CA ALA F 1575 -86.64 10.47 43.15
C ALA F 1575 -85.18 10.71 43.52
N SER F 1576 -84.27 10.01 42.84
CA SER F 1576 -82.84 10.25 43.07
C SER F 1576 -82.44 11.64 42.60
N PHE F 1577 -83.05 12.13 41.51
CA PHE F 1577 -82.78 13.49 41.06
C PHE F 1577 -83.27 14.52 42.07
N VAL F 1578 -84.45 14.30 42.66
CA VAL F 1578 -84.98 15.24 43.65
C VAL F 1578 -84.14 15.20 44.93
N ARG F 1579 -83.79 14.00 45.40
CA ARG F 1579 -83.01 13.87 46.62
C ARG F 1579 -81.59 14.40 46.45
N ALA F 1580 -80.98 14.16 45.28
CA ALA F 1580 -79.64 14.66 45.02
C ALA F 1580 -79.68 15.83 44.05
N ARG G 31 -14.82 -35.53 -9.87
CA ARG G 31 -15.22 -35.69 -8.48
C ARG G 31 -14.23 -35.01 -7.55
N ARG G 32 -14.71 -34.69 -6.33
CA ARG G 32 -13.95 -34.03 -5.28
C ARG G 32 -13.36 -32.70 -5.80
N ALA G 33 -14.28 -31.78 -6.08
CA ALA G 33 -13.89 -30.43 -6.44
C ALA G 33 -13.17 -29.76 -5.29
N ARG G 34 -12.09 -29.04 -5.60
CA ARG G 34 -11.31 -28.33 -4.61
C ARG G 34 -11.51 -26.83 -4.77
N PHE G 35 -11.55 -26.14 -3.63
CA PHE G 35 -11.83 -24.71 -3.62
C PHE G 35 -10.73 -23.91 -4.32
N VAL G 36 -9.47 -24.22 -4.01
CA VAL G 36 -8.31 -23.60 -4.63
C VAL G 36 -7.36 -24.72 -5.03
N SER G 37 -6.71 -24.59 -6.19
CA SER G 37 -5.76 -25.60 -6.64
C SER G 37 -4.45 -25.51 -5.85
N LYS G 38 -3.51 -26.39 -6.19
CA LYS G 38 -2.20 -26.39 -5.54
C LYS G 38 -1.39 -25.15 -5.92
N LYS G 39 -1.58 -24.63 -7.12
CA LYS G 39 -0.84 -23.48 -7.60
C LYS G 39 -1.50 -22.15 -7.24
N GLY G 40 -2.60 -22.17 -6.47
CA GLY G 40 -3.26 -20.97 -6.05
C GLY G 40 -4.42 -20.54 -6.91
N ASN G 41 -4.69 -21.22 -8.01
CA ASN G 41 -5.83 -20.87 -8.85
C ASN G 41 -7.13 -21.26 -8.16
N CYS G 42 -8.10 -20.33 -8.16
CA CYS G 42 -9.41 -20.59 -7.57
C CYS G 42 -10.29 -21.25 -8.61
N ASN G 43 -10.88 -22.39 -8.24
CA ASN G 43 -11.63 -23.22 -9.16
C ASN G 43 -13.13 -22.98 -9.08
N VAL G 44 -13.56 -21.85 -8.51
CA VAL G 44 -14.98 -21.55 -8.39
C VAL G 44 -15.52 -21.06 -9.72
N ALA G 45 -16.62 -21.66 -10.17
CA ALA G 45 -17.33 -21.19 -11.35
C ALA G 45 -18.45 -20.27 -10.90
N HIS G 46 -18.58 -19.12 -11.56
CA HIS G 46 -19.58 -18.13 -11.22
C HIS G 46 -20.66 -18.11 -12.29
N LYS G 47 -21.92 -18.28 -11.88
CA LYS G 47 -23.03 -18.43 -12.80
C LYS G 47 -24.10 -17.39 -12.50
N ASN G 48 -24.86 -17.05 -13.55
CA ASN G 48 -26.02 -16.14 -13.48
C ASN G 48 -25.61 -14.77 -12.95
N ILE G 49 -24.58 -14.19 -13.57
CA ILE G 49 -24.06 -12.89 -13.15
C ILE G 49 -24.75 -11.82 -13.98
N ARG G 50 -25.67 -11.10 -13.36
CA ARG G 50 -26.32 -9.99 -14.05
C ARG G 50 -25.32 -8.86 -14.22
N GLU G 51 -24.62 -8.85 -15.35
CA GLU G 51 -23.70 -7.76 -15.65
C GLU G 51 -24.52 -6.55 -16.07
N GLU G 52 -24.25 -5.41 -15.44
CA GLU G 52 -24.89 -4.15 -15.80
C GLU G 52 -23.89 -3.20 -16.44
N GLY G 53 -22.95 -3.76 -17.21
CA GLY G 53 -21.84 -3.01 -17.75
C GLY G 53 -20.67 -2.86 -16.81
N ARG G 54 -20.79 -3.36 -15.57
CA ARG G 54 -19.75 -3.18 -14.56
C ARG G 54 -18.45 -3.89 -14.92
N PHE G 55 -18.50 -4.89 -15.79
CA PHE G 55 -17.28 -5.57 -16.20
C PHE G 55 -16.48 -4.75 -17.20
N LEU G 56 -17.14 -3.96 -18.05
CA LEU G 56 -16.47 -3.13 -19.02
C LEU G 56 -16.43 -1.65 -18.64
N GLN G 57 -17.17 -1.23 -17.61
CA GLN G 57 -16.96 0.11 -17.08
C GLN G 57 -15.60 0.23 -16.42
N ASP G 58 -15.11 -0.86 -15.84
CA ASP G 58 -13.74 -0.94 -15.33
C ASP G 58 -12.80 -1.38 -16.46
N VAL G 59 -12.79 -0.58 -17.53
CA VAL G 59 -12.15 -0.97 -18.78
C VAL G 59 -10.63 -1.03 -18.63
N PHE G 60 -10.06 -0.13 -17.83
CA PHE G 60 -8.61 -0.11 -17.67
C PHE G 60 -8.11 -1.32 -16.89
N THR G 61 -8.90 -1.81 -15.92
CA THR G 61 -8.55 -3.04 -15.23
C THR G 61 -8.55 -4.23 -16.18
N THR G 62 -9.53 -4.28 -17.10
CA THR G 62 -9.53 -5.30 -18.13
C THR G 62 -8.30 -5.18 -19.02
N LEU G 63 -7.96 -3.96 -19.43
CA LEU G 63 -6.86 -3.72 -20.36
C LEU G 63 -5.52 -4.11 -19.75
N VAL G 64 -5.34 -3.84 -18.45
CA VAL G 64 -4.15 -4.32 -17.75
C VAL G 64 -4.20 -5.84 -17.60
N ASP G 65 -5.40 -6.39 -17.36
CA ASP G 65 -5.54 -7.81 -17.06
C ASP G 65 -5.43 -8.72 -18.27
N LEU G 66 -5.51 -8.18 -19.48
CA LEU G 66 -5.31 -8.99 -20.66
C LEU G 66 -3.88 -9.52 -20.70
N LYS G 67 -3.73 -10.75 -21.16
CA LYS G 67 -2.39 -11.32 -21.32
C LYS G 67 -1.62 -10.54 -22.37
N TRP G 68 -0.29 -10.60 -22.29
CA TRP G 68 0.58 -9.68 -23.03
C TRP G 68 0.36 -9.66 -24.54
N PRO G 69 0.24 -10.79 -25.27
CA PRO G 69 -0.10 -10.68 -26.70
C PRO G 69 -1.43 -10.00 -26.97
N HIS G 70 -2.43 -10.26 -26.12
CA HIS G 70 -3.72 -9.59 -26.28
C HIS G 70 -3.59 -8.09 -26.08
N THR G 71 -2.85 -7.67 -25.04
CA THR G 71 -2.67 -6.24 -24.76
C THR G 71 -1.92 -5.55 -25.90
N LEU G 72 -0.87 -6.19 -26.42
CA LEU G 72 -0.15 -5.64 -27.57
C LEU G 72 -1.05 -5.52 -28.78
N LEU G 73 -1.90 -6.52 -29.00
CA LEU G 73 -2.84 -6.47 -30.12
C LEU G 73 -3.84 -5.32 -29.96
N ILE G 74 -4.35 -5.11 -28.74
CA ILE G 74 -5.29 -4.01 -28.50
C ILE G 74 -4.63 -2.67 -28.81
N PHE G 75 -3.40 -2.49 -28.33
CA PHE G 75 -2.79 -1.17 -28.46
C PHE G 75 -2.33 -0.89 -29.89
N THR G 76 -1.78 -1.89 -30.59
CA THR G 76 -1.45 -1.67 -31.99
C THR G 76 -2.72 -1.48 -32.83
N MET G 77 -3.83 -2.12 -32.46
CA MET G 77 -5.07 -1.94 -33.20
C MET G 77 -5.64 -0.54 -32.96
N SER G 78 -5.55 -0.05 -31.73
CA SER G 78 -6.03 1.30 -31.43
C SER G 78 -5.21 2.36 -32.15
N PHE G 79 -3.88 2.20 -32.16
CA PHE G 79 -3.04 3.16 -32.89
C PHE G 79 -3.32 3.10 -34.39
N LEU G 80 -3.46 1.90 -34.95
CA LEU G 80 -3.75 1.76 -36.38
C LEU G 80 -5.11 2.34 -36.73
N CYS G 81 -6.12 2.14 -35.86
CA CYS G 81 -7.45 2.69 -36.12
C CYS G 81 -7.45 4.20 -36.07
N SER G 82 -6.72 4.79 -35.11
CA SER G 82 -6.62 6.25 -35.07
C SER G 82 -5.92 6.79 -36.30
N TRP G 83 -4.83 6.14 -36.73
CA TRP G 83 -4.12 6.54 -37.93
C TRP G 83 -5.02 6.46 -39.16
N LEU G 84 -5.79 5.38 -39.29
CA LEU G 84 -6.64 5.22 -40.47
C LEU G 84 -7.81 6.21 -40.46
N LEU G 85 -8.39 6.48 -39.29
CA LEU G 85 -9.49 7.44 -39.20
C LEU G 85 -9.03 8.84 -39.57
N PHE G 86 -7.91 9.28 -39.02
CA PHE G 86 -7.43 10.61 -39.39
C PHE G 86 -6.83 10.65 -40.78
N ALA G 87 -6.36 9.51 -41.31
CA ALA G 87 -5.99 9.43 -42.72
C ALA G 87 -7.20 9.67 -43.61
N MET G 88 -8.34 9.08 -43.25
CA MET G 88 -9.58 9.34 -43.97
C MET G 88 -9.96 10.80 -43.89
N ALA G 89 -9.78 11.42 -42.70
CA ALA G 89 -10.07 12.84 -42.54
C ALA G 89 -9.18 13.71 -43.43
N TRP G 90 -7.88 13.45 -43.43
CA TRP G 90 -6.95 14.23 -44.26
C TRP G 90 -7.23 14.04 -45.74
N TRP G 91 -7.51 12.80 -46.16
CA TRP G 91 -7.83 12.52 -47.55
C TRP G 91 -9.11 13.21 -47.99
N LEU G 92 -10.12 13.22 -47.11
CA LEU G 92 -11.37 13.90 -47.41
C LEU G 92 -11.18 15.41 -47.54
N ILE G 93 -10.38 16.00 -46.64
CA ILE G 93 -10.10 17.44 -46.72
C ILE G 93 -9.33 17.76 -48.01
N ALA G 94 -8.36 16.92 -48.36
CA ALA G 94 -7.56 17.16 -49.56
C ALA G 94 -8.39 17.02 -50.84
N PHE G 95 -9.35 16.08 -50.86
CA PHE G 95 -10.26 16.02 -52.00
C PHE G 95 -11.16 17.24 -52.04
N ALA G 96 -11.77 17.60 -50.90
CA ALA G 96 -12.73 18.70 -50.87
C ALA G 96 -12.08 20.05 -51.18
N HIS G 97 -10.78 20.18 -50.96
CA HIS G 97 -10.05 21.36 -51.39
C HIS G 97 -9.54 21.26 -52.83
N GLY G 98 -9.69 20.11 -53.47
CA GLY G 98 -9.22 19.93 -54.83
C GLY G 98 -7.75 19.61 -54.95
N ASP G 99 -7.07 19.24 -53.86
CA ASP G 99 -5.65 18.92 -53.90
C ASP G 99 -5.39 17.58 -54.58
N LEU G 100 -6.40 16.73 -54.72
CA LEU G 100 -6.20 15.43 -55.37
C LEU G 100 -6.25 15.54 -56.89
N ALA G 101 -6.95 16.52 -57.42
CA ALA G 101 -6.93 16.76 -58.85
C ALA G 101 -5.58 17.37 -59.26
N PRO G 102 -5.19 17.10 -60.64
CA PRO G 102 -3.94 17.65 -61.13
C PRO G 102 -4.14 19.13 -61.05
N SER G 103 -3.51 19.76 -60.07
CA SER G 103 -3.65 21.20 -59.84
C SER G 103 -2.93 22.12 -60.80
N GLU G 104 -3.49 23.33 -60.93
CA GLU G 104 -2.94 24.43 -61.73
C GLU G 104 -1.62 24.93 -61.16
N GLY G 105 -1.50 24.91 -59.83
CA GLY G 105 -0.32 25.39 -59.15
C GLY G 105 -0.45 26.85 -58.73
N THR G 106 -1.63 27.40 -58.95
CA THR G 106 -1.93 28.77 -58.58
C THR G 106 -2.26 28.77 -57.11
N ALA G 107 -3.10 27.82 -56.72
CA ALA G 107 -3.51 27.67 -55.33
C ALA G 107 -2.53 26.83 -54.54
N GLU G 108 -2.74 26.81 -53.23
CA GLU G 108 -1.92 26.06 -52.31
C GLU G 108 -2.81 25.05 -51.61
N PRO G 109 -2.29 23.84 -51.37
CA PRO G 109 -3.02 22.77 -50.74
C PRO G 109 -3.22 22.96 -49.25
N CYS G 110 -4.18 22.27 -48.66
CA CYS G 110 -4.41 22.38 -47.23
C CYS G 110 -3.18 21.76 -46.63
N VAL G 111 -2.84 20.60 -47.13
CA VAL G 111 -1.62 19.88 -46.78
C VAL G 111 -0.86 19.61 -48.07
N THR G 112 0.42 19.96 -48.09
CA THR G 112 1.23 19.80 -49.30
C THR G 112 1.43 18.33 -49.62
N SER G 113 1.54 18.04 -50.92
CA SER G 113 1.94 16.73 -51.45
C SER G 113 1.06 15.59 -50.95
N ILE G 114 -0.25 15.82 -50.91
CA ILE G 114 -1.22 14.77 -50.64
C ILE G 114 -1.82 14.38 -51.99
N HIS G 115 -1.37 13.26 -52.55
CA HIS G 115 -1.75 12.84 -53.89
C HIS G 115 -2.74 11.70 -53.92
N SER G 116 -2.88 10.95 -52.83
CA SER G 116 -3.79 9.80 -52.76
C SER G 116 -4.10 9.54 -51.30
N PHE G 117 -4.74 8.39 -51.03
CA PHE G 117 -4.98 7.99 -49.65
C PHE G 117 -3.71 7.50 -48.98
N SER G 118 -2.75 7.01 -49.76
CA SER G 118 -1.46 6.61 -49.19
C SER G 118 -0.71 7.80 -48.61
N SER G 119 -0.74 8.93 -49.32
CA SER G 119 -0.14 10.16 -48.80
C SER G 119 -0.82 10.61 -47.52
N ALA G 120 -2.15 10.52 -47.48
CA ALA G 120 -2.89 10.89 -46.27
C ALA G 120 -2.56 9.95 -45.12
N PHE G 121 -2.37 8.66 -45.40
CA PHE G 121 -2.05 7.70 -44.34
C PHE G 121 -0.64 7.93 -43.78
N LEU G 122 0.33 8.16 -44.68
CA LEU G 122 1.67 8.50 -44.24
C LEU G 122 1.68 9.79 -43.45
N PHE G 123 0.89 10.79 -43.89
CA PHE G 123 0.83 12.06 -43.20
C PHE G 123 0.18 11.91 -41.82
N SER G 124 -0.88 11.11 -41.72
CA SER G 124 -1.54 10.88 -40.43
C SER G 124 -0.59 10.20 -39.46
N ILE G 125 0.18 9.23 -39.96
CA ILE G 125 1.22 8.59 -39.15
C ILE G 125 2.25 9.64 -38.70
N GLU G 126 2.67 10.52 -39.62
CA GLU G 126 3.68 11.52 -39.30
C GLU G 126 3.20 12.48 -38.22
N VAL G 127 1.95 12.94 -38.30
CA VAL G 127 1.47 13.92 -37.32
C VAL G 127 1.19 13.24 -35.98
N GLN G 128 0.62 12.03 -35.98
CA GLN G 128 0.24 11.41 -34.72
C GLN G 128 1.46 10.91 -33.95
N VAL G 129 2.42 10.28 -34.64
CA VAL G 129 3.64 9.84 -33.96
C VAL G 129 4.66 10.95 -33.87
N THR G 130 4.34 12.14 -34.42
CA THR G 130 5.17 13.35 -34.35
C THR G 130 6.56 13.14 -34.97
N ILE G 131 6.64 12.27 -35.97
CA ILE G 131 7.89 12.14 -36.74
C ILE G 131 8.08 13.38 -37.61
N GLY G 132 7.06 13.75 -38.37
CA GLY G 132 7.07 14.97 -39.15
C GLY G 132 8.16 15.07 -40.19
N PHE G 133 8.08 14.24 -41.24
CA PHE G 133 9.10 14.29 -42.29
C PHE G 133 9.08 15.61 -43.03
N GLY G 134 7.91 16.23 -43.18
CA GLY G 134 7.82 17.55 -43.75
C GLY G 134 7.64 17.60 -45.25
N GLY G 135 7.71 16.46 -45.94
CA GLY G 135 7.30 16.42 -47.33
C GLY G 135 5.84 16.72 -47.50
N ARG G 136 5.02 16.30 -46.54
CA ARG G 136 3.61 16.63 -46.47
C ARG G 136 3.36 17.36 -45.15
N MET G 137 3.02 18.65 -45.25
CA MET G 137 2.87 19.48 -44.06
C MET G 137 1.61 20.33 -44.17
N VAL G 138 1.04 20.67 -43.03
CA VAL G 138 -0.14 21.53 -42.98
C VAL G 138 0.27 22.96 -43.33
N THR G 139 -0.43 23.56 -44.29
CA THR G 139 -0.26 24.97 -44.60
C THR G 139 -1.42 25.76 -44.00
N GLU G 140 -1.40 27.07 -44.22
CA GLU G 140 -2.34 27.99 -43.60
C GLU G 140 -3.57 28.25 -44.48
N GLU G 141 -3.81 27.42 -45.48
CA GLU G 141 -4.84 27.72 -46.47
C GLU G 141 -6.25 27.47 -45.91
N CYS G 142 -6.56 26.23 -45.55
CA CYS G 142 -7.90 25.98 -45.04
C CYS G 142 -7.86 25.74 -43.54
N PRO G 143 -8.69 26.44 -42.77
CA PRO G 143 -8.68 26.27 -41.30
C PRO G 143 -9.17 24.91 -40.83
N LEU G 144 -9.90 24.16 -41.67
CA LEU G 144 -10.36 22.83 -41.29
C LEU G 144 -9.18 21.89 -41.09
N ALA G 145 -8.12 22.04 -41.89
CA ALA G 145 -6.91 21.26 -41.69
C ALA G 145 -6.24 21.61 -40.36
N ILE G 146 -6.29 22.88 -39.98
CA ILE G 146 -5.73 23.30 -38.68
C ILE G 146 -6.54 22.68 -37.53
N LEU G 147 -7.87 22.69 -37.65
CA LEU G 147 -8.71 22.07 -36.64
C LEU G 147 -8.47 20.58 -36.52
N ILE G 148 -8.34 19.89 -37.66
CA ILE G 148 -8.08 18.45 -37.67
C ILE G 148 -6.69 18.16 -37.11
N LEU G 149 -5.72 19.03 -37.38
CA LEU G 149 -4.40 18.91 -36.77
C LEU G 149 -4.46 19.01 -35.25
N ILE G 150 -5.24 19.97 -34.74
CA ILE G 150 -5.41 20.13 -33.29
C ILE G 150 -6.06 18.88 -32.70
N VAL G 151 -7.15 18.41 -33.33
CA VAL G 151 -7.89 17.27 -32.82
C VAL G 151 -7.02 16.01 -32.82
N GLN G 152 -6.27 15.79 -33.91
CA GLN G 152 -5.42 14.61 -34.01
C GLN G 152 -4.30 14.65 -32.98
N ASN G 153 -3.68 15.82 -32.77
CA ASN G 153 -2.63 15.91 -31.76
C ASN G 153 -3.18 15.65 -30.36
N ILE G 154 -4.37 16.19 -30.07
CA ILE G 154 -4.98 16.01 -28.75
C ILE G 154 -5.30 14.53 -28.51
N VAL G 155 -5.94 13.88 -29.49
CA VAL G 155 -6.31 12.49 -29.27
C VAL G 155 -5.09 11.57 -29.36
N GLY G 156 -4.05 11.96 -30.09
CA GLY G 156 -2.84 11.16 -30.13
C GLY G 156 -2.12 11.17 -28.80
N LEU G 157 -1.97 12.35 -28.20
CA LEU G 157 -1.42 12.45 -26.85
C LEU G 157 -2.31 11.71 -25.86
N MET G 158 -3.64 11.77 -26.05
CA MET G 158 -4.57 11.13 -25.13
C MET G 158 -4.44 9.61 -25.16
N ILE G 159 -4.47 9.01 -26.35
CA ILE G 159 -4.44 7.55 -26.42
C ILE G 159 -3.02 7.02 -26.15
N ASN G 160 -1.98 7.81 -26.50
CA ASN G 160 -0.63 7.45 -26.11
C ASN G 160 -0.50 7.42 -24.60
N ALA G 161 -1.08 8.41 -23.92
CA ALA G 161 -1.10 8.42 -22.45
C ALA G 161 -1.89 7.24 -21.89
N ILE G 162 -3.04 6.92 -22.49
CA ILE G 162 -3.86 5.81 -21.98
C ILE G 162 -3.11 4.50 -22.06
N MET G 163 -2.51 4.23 -23.23
CA MET G 163 -1.72 3.00 -23.40
C MET G 163 -0.52 2.99 -22.46
N LEU G 164 0.16 4.13 -22.34
CA LEU G 164 1.34 4.26 -21.50
C LEU G 164 1.01 3.92 -20.05
N GLY G 165 -0.05 4.51 -19.51
CA GLY G 165 -0.44 4.22 -18.13
C GLY G 165 -0.92 2.80 -17.92
N CYS G 166 -1.67 2.26 -18.89
CA CYS G 166 -2.17 0.89 -18.78
C CYS G 166 -1.01 -0.11 -18.71
N ILE G 167 -0.02 0.03 -19.59
CA ILE G 167 1.08 -0.93 -19.50
C ILE G 167 2.14 -0.54 -18.48
N PHE G 168 2.04 0.64 -17.86
CA PHE G 168 2.85 0.86 -16.67
C PHE G 168 2.27 0.13 -15.47
N MET G 169 0.94 0.09 -15.38
CA MET G 169 0.31 -0.79 -14.40
C MET G 169 0.61 -2.25 -14.70
N LYS G 170 0.61 -2.61 -15.98
CA LYS G 170 0.85 -4.00 -16.37
C LYS G 170 2.31 -4.41 -16.13
N THR G 171 3.25 -3.48 -16.32
CA THR G 171 4.66 -3.76 -16.04
C THR G 171 4.89 -3.95 -14.55
N ALA G 172 4.03 -3.37 -13.72
CA ALA G 172 4.18 -3.41 -12.27
C ALA G 172 3.42 -4.56 -11.61
N GLN G 173 2.81 -5.44 -12.41
CA GLN G 173 2.02 -6.54 -11.84
C GLN G 173 2.93 -7.53 -11.12
N ALA G 174 2.52 -7.92 -9.92
CA ALA G 174 3.30 -8.80 -9.06
C ALA G 174 2.75 -10.21 -9.02
N HIS G 175 1.86 -10.57 -9.96
CA HIS G 175 1.33 -11.92 -9.99
C HIS G 175 2.38 -12.95 -10.39
N ARG G 176 3.36 -12.55 -11.20
CA ARG G 176 4.48 -13.44 -11.51
C ARG G 176 5.44 -13.56 -10.34
N ARG G 177 5.48 -12.56 -9.46
CA ARG G 177 6.25 -12.67 -8.22
C ARG G 177 5.59 -13.61 -7.22
N ALA G 178 4.28 -13.85 -7.35
CA ALA G 178 3.61 -14.80 -6.48
C ALA G 178 3.88 -16.25 -6.88
N GLU G 179 4.32 -16.49 -8.12
CA GLU G 179 4.58 -17.84 -8.58
C GLU G 179 5.89 -18.41 -8.06
N THR G 180 6.82 -17.57 -7.62
CA THR G 180 8.08 -18.02 -7.07
C THR G 180 8.05 -18.17 -5.56
N LEU G 181 6.87 -18.05 -4.95
CA LEU G 181 6.65 -18.41 -3.55
C LEU G 181 6.06 -19.81 -3.53
N ILE G 182 6.82 -20.76 -3.01
CA ILE G 182 6.43 -22.16 -3.07
C ILE G 182 5.92 -22.61 -1.71
N PHE G 183 4.94 -23.51 -1.75
CA PHE G 183 4.45 -24.22 -0.57
C PHE G 183 4.77 -25.69 -0.76
N SER G 184 4.91 -26.40 0.36
CA SER G 184 5.12 -27.85 0.29
C SER G 184 3.87 -28.52 -0.29
N LYS G 185 4.08 -29.59 -1.06
CA LYS G 185 2.96 -30.29 -1.67
C LYS G 185 2.14 -31.01 -0.61
N HIS G 186 2.80 -31.55 0.40
CA HIS G 186 2.15 -32.27 1.48
C HIS G 186 2.26 -31.46 2.77
N ALA G 187 1.14 -31.32 3.47
CA ALA G 187 1.13 -30.80 4.83
C ALA G 187 1.12 -31.98 5.79
N VAL G 188 1.63 -31.76 7.00
CA VAL G 188 1.80 -32.85 7.95
C VAL G 188 1.18 -32.48 9.29
N ILE G 189 0.67 -33.49 9.98
CA ILE G 189 0.16 -33.37 11.34
C ILE G 189 1.07 -34.19 12.24
N ALA G 190 1.81 -33.51 13.11
CA ALA G 190 2.76 -34.16 13.99
C ALA G 190 2.63 -33.59 15.40
N LEU G 191 3.04 -34.39 16.38
CA LEU G 191 3.00 -33.98 17.78
C LEU G 191 4.17 -33.04 18.06
N ARG G 192 3.85 -31.79 18.39
CA ARG G 192 4.87 -30.79 18.72
C ARG G 192 4.55 -30.21 20.09
N HIS G 193 5.53 -30.29 21.00
CA HIS G 193 5.39 -29.86 22.40
C HIS G 193 4.20 -30.53 23.08
N GLY G 194 4.03 -31.83 22.84
CA GLY G 194 2.95 -32.57 23.47
C GLY G 194 1.56 -32.24 22.96
N ARG G 195 1.46 -31.66 21.76
CA ARG G 195 0.18 -31.26 21.22
C ARG G 195 0.21 -31.37 19.69
N LEU G 196 -0.93 -31.73 19.11
CA LEU G 196 -1.02 -31.89 17.67
C LEU G 196 -0.88 -30.56 16.95
N CYS G 197 -0.17 -30.56 15.83
CA CYS G 197 0.04 -29.36 15.04
C CYS G 197 -0.07 -29.69 13.56
N PHE G 198 -0.88 -28.93 12.83
CA PHE G 198 -0.99 -29.05 11.39
C PHE G 198 0.10 -28.19 10.76
N MET G 199 1.09 -28.83 10.14
CA MET G 199 2.30 -28.15 9.70
C MET G 199 2.41 -28.14 8.18
N LEU G 200 2.89 -27.02 7.64
CA LEU G 200 3.24 -26.89 6.23
C LEU G 200 4.48 -26.02 6.12
N ARG G 201 5.17 -26.12 4.99
CA ARG G 201 6.38 -25.35 4.75
C ARG G 201 6.18 -24.41 3.57
N VAL G 202 6.55 -23.15 3.74
CA VAL G 202 6.51 -22.15 2.68
C VAL G 202 7.90 -21.55 2.52
N GLY G 203 8.32 -21.37 1.26
CA GLY G 203 9.62 -20.82 0.97
C GLY G 203 9.57 -19.76 -0.11
N ASP G 204 10.66 -19.00 -0.21
CA ASP G 204 10.82 -17.98 -1.23
C ASP G 204 12.13 -18.22 -1.97
N LEU G 205 12.06 -18.19 -3.30
CA LEU G 205 13.22 -18.54 -4.13
C LEU G 205 14.11 -17.35 -4.47
N ARG G 206 13.61 -16.13 -4.34
CA ARG G 206 14.34 -14.95 -4.77
C ARG G 206 14.99 -14.25 -3.59
N LYS G 207 16.05 -13.49 -3.88
CA LYS G 207 16.69 -12.66 -2.87
C LYS G 207 15.82 -11.49 -2.44
N SER G 208 14.86 -11.09 -3.28
CA SER G 208 13.98 -9.98 -2.95
C SER G 208 13.05 -10.37 -1.80
N MET G 209 12.99 -9.53 -0.78
CA MET G 209 12.12 -9.76 0.35
C MET G 209 10.67 -9.48 -0.01
N ILE G 210 9.77 -10.16 0.68
CA ILE G 210 8.35 -9.81 0.66
C ILE G 210 8.06 -9.10 1.97
N ILE G 211 7.83 -7.79 1.88
CA ILE G 211 7.72 -6.95 3.07
C ILE G 211 6.34 -7.10 3.67
N SER G 212 6.30 -7.23 5.01
CA SER G 212 5.09 -7.43 5.80
C SER G 212 4.34 -8.69 5.35
N ALA G 213 5.06 -9.81 5.42
CA ALA G 213 4.51 -11.09 4.97
C ALA G 213 3.55 -11.64 6.02
N THR G 214 2.27 -11.74 5.62
CA THR G 214 1.22 -12.26 6.49
C THR G 214 0.63 -13.52 5.89
N ILE G 215 0.20 -14.44 6.75
CA ILE G 215 -0.33 -15.73 6.33
C ILE G 215 -1.69 -15.94 6.98
N HIS G 216 -2.72 -16.16 6.17
CA HIS G 216 -4.04 -16.54 6.63
C HIS G 216 -4.32 -17.97 6.22
N MET G 217 -4.80 -18.78 7.15
CA MET G 217 -5.13 -20.17 6.91
C MET G 217 -6.60 -20.42 7.26
N GLN G 218 -7.28 -21.17 6.40
CA GLN G 218 -8.69 -21.46 6.59
C GLN G 218 -8.94 -22.95 6.48
N VAL G 219 -10.04 -23.40 7.08
CA VAL G 219 -10.55 -24.76 6.89
C VAL G 219 -11.84 -24.63 6.10
N VAL G 220 -11.79 -24.98 4.82
CA VAL G 220 -12.94 -24.87 3.93
C VAL G 220 -13.67 -26.21 3.94
N ARG G 221 -14.91 -26.20 4.45
CA ARG G 221 -15.64 -27.44 4.70
C ARG G 221 -17.12 -27.13 4.81
N LYS G 222 -17.95 -28.03 4.30
CA LYS G 222 -19.40 -27.90 4.41
C LYS G 222 -19.81 -28.22 5.84
N THR G 223 -20.25 -27.20 6.58
CA THR G 223 -20.59 -27.33 7.98
C THR G 223 -22.09 -27.14 8.18
N THR G 224 -22.67 -27.95 9.07
CA THR G 224 -24.09 -27.88 9.39
C THR G 224 -24.24 -27.28 10.78
N SER G 225 -25.01 -26.20 10.87
CA SER G 225 -25.28 -25.55 12.15
C SER G 225 -26.20 -26.44 12.99
N PRO G 226 -26.18 -26.28 14.32
CA PRO G 226 -27.15 -26.99 15.16
C PRO G 226 -28.60 -26.65 14.87
N GLU G 227 -28.87 -25.48 14.30
CA GLU G 227 -30.23 -25.09 13.92
C GLU G 227 -30.64 -25.64 12.56
N GLY G 228 -29.75 -26.35 11.87
CA GLY G 228 -30.06 -26.89 10.56
C GLY G 228 -29.58 -26.06 9.39
N GLU G 229 -28.76 -25.04 9.62
CA GLU G 229 -28.23 -24.22 8.54
C GLU G 229 -27.04 -24.92 7.91
N VAL G 230 -27.13 -25.20 6.62
CA VAL G 230 -26.10 -25.91 5.87
C VAL G 230 -25.43 -24.93 4.92
N VAL G 231 -24.14 -24.71 5.11
CA VAL G 231 -23.35 -23.83 4.26
C VAL G 231 -22.31 -24.69 3.54
N PRO G 232 -22.17 -24.57 2.21
CA PRO G 232 -21.38 -25.55 1.45
C PRO G 232 -19.87 -25.32 1.51
N LEU G 233 -19.45 -24.07 1.56
CA LEU G 233 -18.03 -23.71 1.51
C LEU G 233 -17.66 -22.84 2.70
N HIS G 234 -18.03 -23.29 3.90
CA HIS G 234 -17.79 -22.52 5.12
C HIS G 234 -16.29 -22.46 5.42
N GLN G 235 -15.74 -21.24 5.47
CA GLN G 235 -14.33 -21.00 5.68
C GLN G 235 -14.13 -20.52 7.11
N VAL G 236 -13.31 -21.24 7.88
CA VAL G 236 -13.03 -20.91 9.26
C VAL G 236 -11.56 -20.53 9.36
N ASP G 237 -11.28 -19.27 9.70
CA ASP G 237 -9.90 -18.82 9.89
C ASP G 237 -9.28 -19.54 11.07
N ILE G 238 -8.22 -20.31 10.82
CA ILE G 238 -7.51 -20.98 11.89
C ILE G 238 -6.26 -20.17 12.23
N PRO G 239 -5.94 -20.01 13.52
CA PRO G 239 -4.79 -19.15 13.89
C PRO G 239 -3.47 -19.84 13.62
N MET G 240 -2.59 -19.16 12.89
CA MET G 240 -1.21 -19.59 12.79
C MET G 240 -0.51 -19.37 14.11
N GLU G 241 0.21 -20.39 14.59
CA GLU G 241 0.87 -20.30 15.88
C GLU G 241 2.05 -19.33 15.79
N ASN G 242 2.03 -18.31 16.63
CA ASN G 242 3.06 -17.28 16.60
C ASN G 242 3.36 -16.84 18.03
N GLY G 243 4.57 -16.30 18.22
CA GLY G 243 4.96 -15.81 19.53
C GLY G 243 4.16 -14.60 19.96
N VAL G 244 3.83 -13.72 19.01
CA VAL G 244 3.04 -12.53 19.32
C VAL G 244 1.54 -12.77 19.14
N GLY G 245 1.13 -13.98 18.78
CA GLY G 245 -0.28 -14.27 18.63
C GLY G 245 -0.94 -13.66 17.42
N GLY G 246 -0.17 -13.33 16.39
CA GLY G 246 -0.71 -12.73 15.20
C GLY G 246 -0.41 -13.52 13.94
N ASN G 247 -0.49 -12.86 12.77
CA ASN G 247 -0.18 -13.48 11.48
C ASN G 247 0.83 -12.60 10.77
N SER G 248 2.11 -12.84 11.05
CA SER G 248 3.19 -12.11 10.39
C SER G 248 4.45 -12.97 10.42
N ILE G 249 5.05 -13.18 9.25
CA ILE G 249 6.23 -14.03 9.13
C ILE G 249 7.35 -13.23 8.47
N PHE G 250 8.58 -13.61 8.77
CA PHE G 250 9.77 -13.06 8.15
C PHE G 250 10.39 -14.16 7.30
N LEU G 251 10.13 -14.11 6.00
CA LEU G 251 10.41 -15.22 5.10
C LEU G 251 11.68 -14.93 4.30
N VAL G 252 12.80 -15.44 4.78
CA VAL G 252 14.06 -15.48 4.02
C VAL G 252 14.39 -16.91 3.61
N ALA G 253 14.54 -17.79 4.57
CA ALA G 253 14.66 -19.23 4.47
C ALA G 253 13.29 -19.88 4.57
N PRO G 254 13.08 -21.04 3.95
CA PRO G 254 11.79 -21.74 4.08
C PRO G 254 11.55 -22.20 5.50
N LEU G 255 10.50 -21.67 6.10
CA LEU G 255 10.14 -21.93 7.49
C LEU G 255 8.82 -22.67 7.56
N ILE G 256 8.67 -23.49 8.59
CA ILE G 256 7.50 -24.36 8.74
C ILE G 256 6.37 -23.56 9.37
N ILE G 257 5.27 -23.42 8.64
CA ILE G 257 4.06 -22.79 9.15
C ILE G 257 3.19 -23.86 9.78
N TYR G 258 2.83 -23.67 11.05
CA TYR G 258 2.05 -24.69 11.74
C TYR G 258 0.92 -24.06 12.52
N HIS G 259 -0.22 -24.76 12.55
CA HIS G 259 -1.39 -24.37 13.32
C HIS G 259 -1.58 -25.37 14.45
N VAL G 260 -1.64 -24.86 15.67
CA VAL G 260 -1.74 -25.72 16.86
C VAL G 260 -3.19 -26.16 17.01
N ILE G 261 -3.42 -27.47 17.03
CA ILE G 261 -4.75 -28.03 17.22
C ILE G 261 -5.07 -28.03 18.70
N ASP G 262 -5.75 -26.98 19.17
CA ASP G 262 -6.14 -26.85 20.57
C ASP G 262 -7.62 -27.18 20.72
N ALA G 263 -8.17 -26.89 21.91
CA ALA G 263 -9.53 -27.32 22.24
C ALA G 263 -10.58 -26.63 21.38
N ASN G 264 -10.33 -25.41 20.93
CA ASN G 264 -11.25 -24.71 20.03
C ASN G 264 -10.55 -24.54 18.69
N SER G 265 -10.66 -25.56 17.84
CA SER G 265 -10.07 -25.59 16.52
C SER G 265 -10.96 -26.47 15.63
N PRO G 266 -11.10 -26.12 14.35
CA PRO G 266 -11.89 -26.97 13.44
C PRO G 266 -11.35 -28.38 13.27
N LEU G 267 -10.03 -28.57 13.41
CA LEU G 267 -9.40 -29.87 13.26
C LEU G 267 -9.27 -30.61 14.59
N TYR G 268 -10.11 -30.28 15.56
CA TYR G 268 -10.01 -30.89 16.89
C TYR G 268 -10.38 -32.37 16.85
N ASP G 269 -11.38 -32.74 16.07
CA ASP G 269 -11.82 -34.13 15.96
C ASP G 269 -11.29 -34.81 14.70
N LEU G 270 -10.13 -34.40 14.22
CA LEU G 270 -9.56 -34.91 12.98
C LEU G 270 -8.76 -36.18 13.29
N ALA G 271 -9.37 -37.33 13.02
CA ALA G 271 -8.73 -38.61 13.20
C ALA G 271 -7.75 -38.89 12.07
N PRO G 272 -6.80 -39.81 12.27
CA PRO G 272 -5.95 -40.24 11.15
C PRO G 272 -6.73 -40.89 10.00
N SER G 273 -7.84 -41.56 10.31
CA SER G 273 -8.65 -42.21 9.29
C SER G 273 -9.36 -41.21 8.39
N ASP G 274 -9.55 -39.97 8.84
CA ASP G 274 -10.20 -38.95 8.04
C ASP G 274 -9.33 -38.42 6.91
N LEU G 275 -8.04 -38.77 6.87
CA LEU G 275 -7.14 -38.26 5.85
C LEU G 275 -7.17 -39.18 4.62
N HIS G 276 -8.28 -39.10 3.89
CA HIS G 276 -8.45 -39.79 2.62
C HIS G 276 -9.06 -38.82 1.61
N HIS G 277 -9.03 -39.22 0.34
CA HIS G 277 -9.32 -38.31 -0.77
C HIS G 277 -10.76 -37.80 -0.74
N HIS G 278 -11.72 -38.70 -0.55
CA HIS G 278 -13.12 -38.31 -0.52
C HIS G 278 -13.60 -38.02 0.89
N GLN G 279 -12.85 -37.18 1.59
CA GLN G 279 -13.25 -36.59 2.86
C GLN G 279 -13.47 -35.10 2.65
N ASP G 280 -14.58 -34.58 3.16
CA ASP G 280 -14.88 -33.17 3.01
C ASP G 280 -13.97 -32.35 3.93
N LEU G 281 -12.78 -32.01 3.43
CA LEU G 281 -11.81 -31.23 4.20
C LEU G 281 -10.81 -30.62 3.24
N GLU G 282 -10.65 -29.30 3.31
CA GLU G 282 -9.64 -28.59 2.55
C GLU G 282 -9.11 -27.45 3.41
N ILE G 283 -7.80 -27.33 3.48
CA ILE G 283 -7.15 -26.29 4.29
C ILE G 283 -6.37 -25.40 3.34
N ILE G 284 -6.88 -24.20 3.09
CA ILE G 284 -6.23 -23.26 2.21
C ILE G 284 -5.30 -22.36 3.04
N VAL G 285 -4.18 -21.97 2.45
CA VAL G 285 -3.19 -21.11 3.08
C VAL G 285 -2.95 -19.92 2.16
N ILE G 286 -3.07 -18.71 2.69
CA ILE G 286 -3.02 -17.49 1.88
C ILE G 286 -1.85 -16.66 2.39
N LEU G 287 -0.75 -16.65 1.64
CA LEU G 287 0.37 -15.75 1.91
C LEU G 287 0.15 -14.41 1.23
N GLU G 288 0.49 -13.33 1.94
CA GLU G 288 0.27 -11.98 1.42
C GLU G 288 1.41 -11.08 1.85
N GLY G 289 1.64 -10.04 1.06
CA GLY G 289 2.68 -9.07 1.35
C GLY G 289 3.01 -8.26 0.12
N VAL G 290 3.77 -7.20 0.34
CA VAL G 290 4.19 -6.33 -0.75
C VAL G 290 5.59 -6.73 -1.19
N VAL G 291 5.87 -6.54 -2.47
CA VAL G 291 7.18 -6.82 -3.03
C VAL G 291 8.13 -5.68 -2.66
N GLU G 292 9.35 -6.03 -2.28
CA GLU G 292 10.36 -5.01 -1.94
C GLU G 292 10.71 -4.17 -3.15
N THR G 293 10.59 -4.74 -4.36
CA THR G 293 11.02 -4.05 -5.57
C THR G 293 9.97 -3.04 -6.06
N THR G 294 8.77 -3.53 -6.38
CA THR G 294 7.72 -2.69 -6.93
C THR G 294 6.87 -1.99 -5.87
N GLY G 295 6.95 -2.43 -4.61
CA GLY G 295 6.10 -1.86 -3.58
C GLY G 295 4.63 -2.15 -3.75
N ILE G 296 4.28 -3.29 -4.34
CA ILE G 296 2.90 -3.64 -4.68
C ILE G 296 2.54 -4.93 -3.97
N THR G 297 1.38 -4.94 -3.32
CA THR G 297 0.92 -6.10 -2.58
C THR G 297 0.62 -7.26 -3.53
N THR G 298 1.18 -8.42 -3.21
CA THR G 298 0.93 -9.65 -3.95
C THR G 298 0.36 -10.70 -3.01
N GLN G 299 -0.26 -11.72 -3.59
CA GLN G 299 -0.88 -12.78 -2.81
C GLN G 299 -0.57 -14.12 -3.46
N ALA G 300 0.01 -15.03 -2.69
CA ALA G 300 0.20 -16.41 -3.10
C ALA G 300 -0.62 -17.32 -2.21
N ARG G 301 -1.09 -18.43 -2.78
CA ARG G 301 -1.98 -19.31 -2.03
C ARG G 301 -1.82 -20.74 -2.53
N THR G 302 -2.37 -21.66 -1.75
CA THR G 302 -2.36 -23.09 -2.06
C THR G 302 -3.46 -23.75 -1.24
N SER G 303 -3.61 -25.06 -1.42
CA SER G 303 -4.60 -25.81 -0.64
C SER G 303 -4.03 -27.18 -0.29
N TYR G 304 -4.68 -27.79 0.70
CA TYR G 304 -4.33 -29.14 1.15
C TYR G 304 -5.62 -29.91 1.38
N LEU G 305 -5.89 -30.88 0.53
CA LEU G 305 -7.01 -31.78 0.75
C LEU G 305 -6.65 -32.78 1.85
N ALA G 306 -7.62 -33.62 2.23
CA ALA G 306 -7.41 -34.53 3.35
C ALA G 306 -6.38 -35.60 3.01
N ASP G 307 -6.35 -36.06 1.76
CA ASP G 307 -5.34 -37.04 1.36
C ASP G 307 -3.96 -36.40 1.26
N GLU G 308 -3.89 -35.11 0.93
CA GLU G 308 -2.62 -34.40 0.87
C GLU G 308 -2.03 -34.11 2.25
N ILE G 309 -2.81 -34.27 3.31
CA ILE G 309 -2.32 -34.10 4.67
C ILE G 309 -1.82 -35.43 5.17
N LEU G 310 -0.57 -35.46 5.62
CA LEU G 310 0.08 -36.69 6.09
C LEU G 310 0.06 -36.73 7.61
N TRP G 311 -0.13 -37.94 8.15
CA TRP G 311 -0.18 -38.14 9.59
C TRP G 311 1.07 -38.88 10.04
N GLY G 312 1.59 -38.50 11.21
CA GLY G 312 2.77 -39.14 11.74
C GLY G 312 4.05 -38.79 11.03
N GLN G 313 4.08 -37.66 10.32
CA GLN G 313 5.27 -37.22 9.62
C GLN G 313 5.57 -35.78 9.99
N ARG G 314 6.83 -35.39 9.87
CA ARG G 314 7.24 -34.01 10.06
C ARG G 314 8.35 -33.69 9.06
N PHE G 315 8.47 -32.41 8.75
CA PHE G 315 9.42 -31.97 7.72
C PHE G 315 10.86 -32.16 8.18
N VAL G 316 11.71 -32.57 7.23
CA VAL G 316 13.14 -32.75 7.50
C VAL G 316 13.78 -31.39 7.69
N PRO G 317 14.90 -31.30 8.42
CA PRO G 317 15.61 -30.01 8.50
C PRO G 317 16.19 -29.63 7.15
N ILE G 318 15.92 -28.39 6.74
CA ILE G 318 16.29 -27.93 5.41
C ILE G 318 17.45 -26.94 5.42
N VAL G 319 17.76 -26.32 6.55
CA VAL G 319 18.82 -25.32 6.65
C VAL G 319 20.05 -25.97 7.26
N ALA G 320 21.22 -25.65 6.70
CA ALA G 320 22.49 -26.10 7.24
C ALA G 320 23.46 -24.93 7.23
N GLU G 321 24.45 -25.00 8.12
CA GLU G 321 25.50 -23.98 8.22
C GLU G 321 26.74 -24.53 7.51
N GLU G 322 26.99 -24.04 6.30
CA GLU G 322 28.09 -24.52 5.46
C GLU G 322 29.02 -23.35 5.14
N ASP G 323 30.28 -23.47 5.57
CA ASP G 323 31.37 -22.55 5.21
C ASP G 323 31.06 -21.10 5.57
N GLY G 324 30.58 -20.91 6.81
CA GLY G 324 30.36 -19.57 7.32
C GLY G 324 29.07 -18.91 6.89
N ARG G 325 28.18 -19.63 6.20
CA ARG G 325 26.87 -19.12 5.82
C ARG G 325 25.82 -20.17 6.13
N TYR G 326 24.58 -19.70 6.29
CA TYR G 326 23.42 -20.58 6.39
C TYR G 326 22.97 -20.95 4.99
N SER G 327 23.02 -22.24 4.67
CA SER G 327 22.67 -22.73 3.35
C SER G 327 21.35 -23.47 3.40
N VAL G 328 20.49 -23.21 2.42
CA VAL G 328 19.20 -23.88 2.29
C VAL G 328 19.28 -24.82 1.10
N ASP G 329 19.02 -26.10 1.34
CA ASP G 329 19.01 -27.12 0.29
C ASP G 329 17.56 -27.34 -0.14
N TYR G 330 17.17 -26.69 -1.24
CA TYR G 330 15.79 -26.75 -1.70
C TYR G 330 15.41 -28.11 -2.29
N SER G 331 16.37 -29.01 -2.48
CA SER G 331 16.02 -30.36 -2.94
C SER G 331 15.25 -31.12 -1.88
N LYS G 332 15.44 -30.80 -0.62
CA LYS G 332 14.71 -31.41 0.50
C LYS G 332 13.59 -30.50 1.00
N PHE G 333 12.91 -29.79 0.10
CA PHE G 333 11.92 -28.81 0.51
C PHE G 333 10.67 -29.48 1.10
N GLY G 334 10.24 -30.60 0.51
CA GLY G 334 9.02 -31.23 0.97
C GLY G 334 9.19 -32.64 1.48
N ASN G 335 10.42 -33.00 1.84
CA ASN G 335 10.69 -34.33 2.37
C ASN G 335 10.22 -34.42 3.83
N THR G 336 9.51 -35.49 4.15
CA THR G 336 9.00 -35.73 5.50
C THR G 336 9.51 -37.06 6.01
N ILE G 337 9.74 -37.13 7.32
CA ILE G 337 10.20 -38.34 7.98
C ILE G 337 9.07 -38.88 8.85
N LYS G 338 8.77 -40.16 8.69
CA LYS G 338 7.67 -40.79 9.42
C LYS G 338 8.05 -40.90 10.90
N VAL G 339 7.32 -40.19 11.75
CA VAL G 339 7.64 -40.05 13.17
C VAL G 339 6.56 -40.74 13.99
N PRO G 340 6.91 -41.51 15.04
CA PRO G 340 5.87 -42.12 15.86
C PRO G 340 5.09 -41.11 16.68
N THR G 341 3.85 -40.86 16.26
CA THR G 341 2.89 -39.98 16.90
C THR G 341 1.63 -40.79 17.21
N PRO G 342 0.86 -40.41 18.24
CA PRO G 342 -0.35 -41.17 18.57
C PRO G 342 -1.39 -41.07 17.46
N LEU G 343 -1.84 -42.23 16.98
CA LEU G 343 -2.82 -42.31 15.89
C LEU G 343 -4.24 -42.17 16.42
N CYS G 344 -4.51 -40.99 16.97
CA CYS G 344 -5.83 -40.62 17.47
C CYS G 344 -5.92 -39.10 17.47
N THR G 345 -7.16 -38.61 17.44
CA THR G 345 -7.36 -37.17 17.30
C THR G 345 -7.04 -36.44 18.59
N ALA G 346 -6.90 -35.11 18.48
CA ALA G 346 -6.41 -34.29 19.58
C ALA G 346 -7.41 -34.20 20.73
N ARG G 347 -8.71 -34.30 20.44
CA ARG G 347 -9.70 -34.36 21.51
C ARG G 347 -9.51 -35.61 22.36
N GLN G 348 -9.31 -36.76 21.70
CA GLN G 348 -8.98 -37.98 22.41
C GLN G 348 -7.66 -37.86 23.15
N LEU G 349 -6.71 -37.08 22.60
CA LEU G 349 -5.47 -36.83 23.33
C LEU G 349 -5.72 -36.05 24.61
N ASP G 350 -6.60 -35.05 24.57
CA ASP G 350 -6.92 -34.29 25.77
C ASP G 350 -7.63 -35.14 26.81
N GLU G 351 -8.63 -35.93 26.38
CA GLU G 351 -9.35 -36.80 27.31
C GLU G 351 -8.42 -37.86 27.91
N ASP G 352 -7.59 -38.48 27.07
CA ASP G 352 -6.68 -39.51 27.52
C ASP G 352 -5.59 -38.94 28.42
N HIS G 353 -5.11 -37.73 28.14
CA HIS G 353 -4.12 -37.07 28.99
C HIS G 353 -4.72 -36.72 30.35
N SER G 354 -5.98 -36.27 30.37
CA SER G 354 -6.65 -36.04 31.66
C SER G 354 -6.86 -37.34 32.42
N LEU G 355 -7.08 -38.45 31.70
CA LEU G 355 -7.14 -39.76 32.35
C LEU G 355 -5.79 -40.13 32.96
N LEU G 356 -4.70 -39.89 32.23
CA LEU G 356 -3.37 -40.23 32.72
C LEU G 356 -2.95 -39.31 33.86
N GLU G 357 -3.31 -38.03 33.78
CA GLU G 357 -2.98 -37.08 34.83
C GLU G 357 -3.89 -37.24 36.03
N PRO H 2 -1.80 2.65 -60.57
CA PRO H 2 -2.23 2.23 -59.23
C PRO H 2 -3.72 2.41 -59.01
N LEU H 3 -4.22 1.98 -57.85
CA LEU H 3 -5.64 2.08 -57.55
C LEU H 3 -6.02 3.53 -57.27
N ALA H 4 -7.11 3.98 -57.88
CA ALA H 4 -7.66 5.31 -57.67
C ALA H 4 -9.11 5.18 -57.25
N PHE H 5 -9.53 6.05 -56.30
CA PHE H 5 -10.88 5.98 -55.76
C PHE H 5 -11.92 6.35 -56.82
N CYS H 6 -11.73 7.48 -57.49
CA CYS H 6 -12.60 7.90 -58.58
C CYS H 6 -12.17 7.34 -59.93
N GLY H 7 -11.00 6.70 -60.01
CA GLY H 7 -10.47 6.22 -61.26
C GLY H 7 -9.68 7.28 -62.00
N THR H 8 -8.78 6.81 -62.85
CA THR H 8 -7.91 7.69 -63.64
C THR H 8 -8.54 7.85 -65.03
N GLU H 9 -9.39 8.86 -65.17
CA GLU H 9 -10.06 9.15 -66.43
C GLU H 9 -9.86 10.62 -66.77
N ASN H 10 -9.45 10.88 -68.02
CA ASN H 10 -9.19 12.23 -68.53
C ASN H 10 -8.20 13.00 -67.66
N HIS H 11 -7.07 12.35 -67.39
CA HIS H 11 -6.01 12.85 -66.50
C HIS H 11 -6.57 13.15 -65.10
N SER H 12 -7.31 12.18 -64.56
CA SER H 12 -7.91 12.25 -63.22
C SER H 12 -8.82 13.46 -63.07
N ALA H 13 -9.72 13.65 -64.05
CA ALA H 13 -10.65 14.76 -64.01
C ALA H 13 -11.80 14.55 -63.04
N ALA H 14 -12.02 13.32 -62.59
CA ALA H 14 -13.07 13.05 -61.61
C ALA H 14 -12.70 13.54 -60.22
N TYR H 15 -11.42 13.84 -59.98
CA TYR H 15 -11.00 14.45 -58.72
C TYR H 15 -11.15 15.96 -58.72
N ARG H 16 -11.53 16.55 -59.86
CA ARG H 16 -11.79 17.98 -59.92
C ARG H 16 -13.08 18.29 -59.16
N VAL H 17 -13.03 19.32 -58.32
CA VAL H 17 -14.08 19.59 -57.34
C VAL H 17 -14.66 21.00 -57.48
N ASP H 18 -14.19 21.77 -58.47
CA ASP H 18 -14.53 23.19 -58.58
C ASP H 18 -16.02 23.42 -58.86
N GLN H 19 -16.67 22.50 -59.57
CA GLN H 19 -18.08 22.64 -59.94
C GLN H 19 -19.00 22.61 -58.73
N GLY H 20 -18.52 22.16 -57.58
CA GLY H 20 -19.32 21.99 -56.39
C GLY H 20 -18.92 20.70 -55.71
N VAL H 21 -18.50 20.81 -54.46
CA VAL H 21 -17.89 19.67 -53.78
C VAL H 21 -18.94 18.62 -53.43
N LEU H 22 -20.14 19.05 -53.07
CA LEU H 22 -21.19 18.12 -52.68
C LEU H 22 -21.83 17.43 -53.88
N ASN H 23 -21.85 18.07 -55.05
CA ASN H 23 -22.41 17.47 -56.25
C ASN H 23 -21.36 16.73 -57.08
N ASN H 24 -20.11 16.69 -56.63
CA ASN H 24 -19.15 15.77 -57.20
C ASN H 24 -19.49 14.35 -56.73
N GLY H 25 -19.63 13.43 -57.68
CA GLY H 25 -20.18 12.12 -57.36
C GLY H 25 -19.30 11.29 -56.44
N CYS H 26 -18.00 11.26 -56.71
CA CYS H 26 -17.17 10.44 -55.84
C CYS H 26 -16.80 11.13 -54.54
N PHE H 27 -17.05 12.43 -54.38
CA PHE H 27 -16.87 12.98 -53.03
C PHE H 27 -18.00 12.58 -52.10
N VAL H 28 -19.25 12.58 -52.58
CA VAL H 28 -20.32 12.08 -51.71
C VAL H 28 -20.20 10.56 -51.55
N ASP H 29 -19.69 9.87 -52.57
CA ASP H 29 -19.34 8.45 -52.41
C ASP H 29 -18.24 8.26 -51.35
N ALA H 30 -17.29 9.20 -51.26
CA ALA H 30 -16.28 9.13 -50.21
C ALA H 30 -16.84 9.53 -48.86
N LEU H 31 -17.85 10.40 -48.87
CA LEU H 31 -18.49 10.82 -47.64
C LEU H 31 -19.21 9.61 -47.06
N ASN H 32 -19.67 8.73 -47.94
CA ASN H 32 -20.36 7.51 -47.55
C ASN H 32 -19.45 6.59 -46.74
N VAL H 33 -18.18 6.53 -47.14
CA VAL H 33 -17.19 5.70 -46.47
C VAL H 33 -16.97 6.14 -45.02
N VAL H 34 -16.98 7.45 -44.79
CA VAL H 34 -16.78 8.05 -43.47
C VAL H 34 -17.42 7.33 -42.29
N PRO H 35 -18.76 7.30 -42.21
CA PRO H 35 -19.41 6.63 -41.07
C PRO H 35 -18.98 5.19 -40.85
N HIS H 36 -18.70 4.43 -41.91
CA HIS H 36 -18.25 3.05 -41.73
C HIS H 36 -16.88 2.99 -41.08
N VAL H 37 -15.95 3.85 -41.54
CA VAL H 37 -14.62 3.92 -40.96
C VAL H 37 -14.67 4.36 -39.49
N PHE H 38 -15.53 5.35 -39.21
CA PHE H 38 -15.73 5.81 -37.84
C PHE H 38 -16.27 4.70 -36.94
N LEU H 39 -17.26 3.95 -37.44
CA LEU H 39 -17.85 2.87 -36.67
C LEU H 39 -16.82 1.78 -36.36
N LEU H 40 -16.02 1.41 -37.38
CA LEU H 40 -14.97 0.43 -37.15
C LEU H 40 -13.96 0.95 -36.13
N PHE H 41 -13.58 2.23 -36.25
CA PHE H 41 -12.61 2.86 -35.35
C PHE H 41 -13.06 2.82 -33.90
N ILE H 42 -14.32 3.18 -33.63
CA ILE H 42 -14.73 3.18 -32.22
C ILE H 42 -15.03 1.77 -31.74
N THR H 43 -15.72 0.96 -32.55
CA THR H 43 -16.24 -0.32 -32.05
C THR H 43 -15.19 -1.40 -31.95
N PHE H 44 -14.14 -1.36 -32.79
CA PHE H 44 -13.16 -2.44 -32.75
C PHE H 44 -12.42 -2.54 -31.42
N PRO H 45 -11.86 -1.48 -30.82
CA PRO H 45 -11.20 -1.66 -29.50
C PRO H 45 -12.13 -2.13 -28.39
N ILE H 46 -13.41 -1.74 -28.41
CA ILE H 46 -14.34 -2.21 -27.38
C ILE H 46 -14.57 -3.71 -27.51
N LEU H 47 -14.85 -4.19 -28.73
CA LEU H 47 -15.07 -5.61 -28.96
C LEU H 47 -13.81 -6.42 -28.70
N PHE H 48 -12.66 -5.90 -29.11
CA PHE H 48 -11.40 -6.58 -28.94
C PHE H 48 -11.00 -6.67 -27.46
N ILE H 49 -11.29 -5.62 -26.68
CA ILE H 49 -11.07 -5.67 -25.24
C ILE H 49 -12.02 -6.67 -24.59
N GLY H 50 -13.30 -6.64 -24.97
CA GLY H 50 -14.25 -7.58 -24.41
C GLY H 50 -14.00 -9.03 -24.81
N TRP H 51 -13.32 -9.25 -25.93
CA TRP H 51 -13.00 -10.60 -26.40
C TRP H 51 -11.73 -11.16 -25.77
N GLY H 52 -11.02 -10.37 -24.95
CA GLY H 52 -9.82 -10.85 -24.29
C GLY H 52 -10.09 -11.43 -22.92
N HIS H 61 -17.47 -17.10 -16.83
CA HIS H 61 -18.66 -16.75 -16.06
C HIS H 61 -19.94 -17.10 -16.83
N HIS H 62 -21.06 -16.54 -16.39
CA HIS H 62 -22.35 -16.72 -17.05
C HIS H 62 -23.18 -15.47 -16.82
N SER H 63 -23.66 -14.87 -17.92
CA SER H 63 -24.18 -13.50 -17.87
C SER H 63 -25.68 -13.39 -17.72
N THR H 64 -26.47 -14.38 -18.17
CA THR H 64 -27.93 -14.32 -18.24
C THR H 64 -28.39 -13.01 -18.90
N TRP H 65 -28.00 -12.92 -20.17
CA TRP H 65 -28.29 -11.79 -21.06
C TRP H 65 -29.78 -11.46 -21.11
N LEU H 66 -30.08 -10.22 -21.42
CA LEU H 66 -31.43 -9.79 -21.73
C LEU H 66 -31.47 -9.31 -23.18
N HIS H 67 -32.67 -8.97 -23.65
CA HIS H 67 -32.86 -8.49 -25.00
C HIS H 67 -33.43 -7.08 -24.96
N PHE H 68 -32.79 -6.17 -25.69
CA PHE H 68 -33.29 -4.81 -25.82
C PHE H 68 -34.58 -4.81 -26.64
N PRO H 69 -35.41 -3.78 -26.48
CA PRO H 69 -36.60 -3.64 -27.34
C PRO H 69 -36.19 -3.45 -28.80
N GLY H 70 -37.01 -4.01 -29.70
CA GLY H 70 -36.66 -3.99 -31.11
C GLY H 70 -35.51 -4.89 -31.48
N HIS H 71 -35.27 -5.94 -30.69
CA HIS H 71 -34.18 -6.87 -30.96
C HIS H 71 -34.42 -7.64 -32.26
N ASN H 72 -35.60 -8.26 -32.38
CA ASN H 72 -35.94 -9.00 -33.60
C ASN H 72 -36.01 -8.07 -34.80
N LEU H 73 -36.57 -6.87 -34.60
CA LEU H 73 -36.71 -5.92 -35.69
C LEU H 73 -35.35 -5.48 -36.22
N ARG H 74 -34.39 -5.20 -35.34
CA ARG H 74 -33.10 -4.75 -35.82
C ARG H 74 -32.27 -5.89 -36.39
N TRP H 75 -32.47 -7.13 -35.91
CA TRP H 75 -31.81 -8.26 -36.58
C TRP H 75 -32.34 -8.47 -37.99
N ILE H 76 -33.67 -8.37 -38.16
CA ILE H 76 -34.27 -8.47 -39.49
C ILE H 76 -33.79 -7.34 -40.38
N LEU H 77 -33.74 -6.12 -39.84
CA LEU H 77 -33.30 -4.96 -40.60
C LEU H 77 -31.84 -5.10 -41.04
N THR H 78 -30.98 -5.64 -40.18
CA THR H 78 -29.59 -5.79 -40.58
C THR H 78 -29.40 -6.94 -41.55
N PHE H 79 -30.24 -7.98 -41.49
CA PHE H 79 -30.19 -9.02 -42.52
C PHE H 79 -30.56 -8.45 -43.89
N ILE H 80 -31.64 -7.65 -43.93
CA ILE H 80 -32.04 -6.97 -45.16
C ILE H 80 -30.94 -6.02 -45.62
N LEU H 81 -30.30 -5.33 -44.67
CA LEU H 81 -29.21 -4.41 -44.98
C LEU H 81 -28.03 -5.13 -45.61
N LEU H 82 -27.66 -6.30 -45.07
CA LEU H 82 -26.56 -7.08 -45.63
C LEU H 82 -26.90 -7.55 -47.05
N PHE H 83 -28.15 -7.96 -47.28
CA PHE H 83 -28.56 -8.35 -48.63
C PHE H 83 -28.46 -7.18 -49.61
N VAL H 84 -28.94 -6.01 -49.21
CA VAL H 84 -28.90 -4.84 -50.08
C VAL H 84 -27.46 -4.39 -50.32
N LEU H 85 -26.59 -4.51 -49.32
CA LEU H 85 -25.19 -4.15 -49.51
C LEU H 85 -24.47 -5.14 -50.41
N VAL H 86 -24.83 -6.43 -50.36
CA VAL H 86 -24.31 -7.38 -51.33
C VAL H 86 -24.74 -7.00 -52.75
N CYS H 87 -26.00 -6.59 -52.90
CA CYS H 87 -26.49 -6.12 -54.20
C CYS H 87 -25.74 -4.87 -54.65
N GLU H 88 -25.43 -3.98 -53.72
CA GLU H 88 -24.66 -2.77 -54.04
C GLU H 88 -23.25 -3.10 -54.51
N ILE H 89 -22.57 -4.02 -53.81
CA ILE H 89 -21.25 -4.45 -54.22
C ILE H 89 -21.30 -5.11 -55.60
N ALA H 90 -22.32 -5.94 -55.83
CA ALA H 90 -22.46 -6.65 -57.09
C ALA H 90 -22.68 -5.68 -58.24
N GLU H 91 -23.56 -4.69 -58.07
CA GLU H 91 -23.79 -3.74 -59.15
C GLU H 91 -22.60 -2.80 -59.34
N GLY H 92 -21.89 -2.46 -58.27
CA GLY H 92 -20.69 -1.64 -58.42
C GLY H 92 -19.58 -2.34 -59.19
N ILE H 93 -19.36 -3.62 -58.89
CA ILE H 93 -18.37 -4.40 -59.63
C ILE H 93 -18.85 -4.62 -61.06
N LEU H 94 -20.15 -4.81 -61.25
CA LEU H 94 -20.71 -5.08 -62.57
C LEU H 94 -20.66 -3.84 -63.47
N SER H 95 -20.74 -2.65 -62.89
CA SER H 95 -20.92 -1.42 -63.66
C SER H 95 -19.62 -0.77 -64.12
N ASP H 96 -18.46 -1.26 -63.70
CA ASP H 96 -17.19 -0.72 -64.17
C ASP H 96 -16.37 -1.77 -64.90
N GLY H 97 -17.03 -2.75 -65.50
CA GLY H 97 -16.36 -3.75 -66.30
C GLY H 97 -16.02 -3.33 -67.71
N VAL H 98 -16.31 -2.09 -68.07
CA VAL H 98 -16.04 -1.56 -69.39
C VAL H 98 -14.85 -0.60 -69.40
N THR H 99 -14.71 0.21 -68.36
CA THR H 99 -13.62 1.17 -68.28
C THR H 99 -12.30 0.48 -67.96
N GLU H 100 -11.21 1.05 -68.48
CA GLU H 100 -9.89 0.47 -68.26
C GLU H 100 -9.42 0.66 -66.82
N SER H 101 -9.75 1.77 -66.19
CA SER H 101 -9.35 2.05 -64.82
C SER H 101 -10.41 1.55 -63.85
N ARG H 102 -9.96 0.99 -62.73
CA ARG H 102 -10.87 0.46 -61.73
C ARG H 102 -11.41 1.59 -60.86
N HIS H 103 -12.73 1.76 -60.86
CA HIS H 103 -13.40 2.77 -60.04
C HIS H 103 -13.72 2.13 -58.70
N LEU H 104 -12.90 2.41 -57.69
CA LEU H 104 -13.10 1.81 -56.38
C LEU H 104 -14.35 2.34 -55.69
N HIS H 105 -14.74 3.58 -56.00
CA HIS H 105 -15.87 4.21 -55.31
C HIS H 105 -17.21 3.55 -55.61
N LEU H 106 -17.28 2.67 -56.61
CA LEU H 106 -18.54 1.99 -56.91
C LEU H 106 -18.84 0.85 -55.93
N TYR H 107 -17.82 0.17 -55.42
CA TYR H 107 -18.07 -1.01 -54.60
C TYR H 107 -17.36 -0.99 -53.24
N MET H 108 -16.20 -0.34 -53.16
CA MET H 108 -15.49 -0.26 -51.89
C MET H 108 -16.25 0.46 -50.77
N PRO H 109 -16.96 1.58 -51.00
CA PRO H 109 -17.86 2.08 -49.92
C PRO H 109 -18.92 1.08 -49.50
N ALA H 110 -19.48 0.32 -50.45
CA ALA H 110 -20.47 -0.69 -50.09
C ALA H 110 -19.84 -1.87 -49.36
N GLY H 111 -18.61 -2.23 -49.71
CA GLY H 111 -17.92 -3.28 -48.97
C GLY H 111 -17.60 -2.88 -47.54
N MET H 112 -17.13 -1.65 -47.34
CA MET H 112 -16.93 -1.17 -45.98
C MET H 112 -18.24 -1.01 -45.23
N ALA H 113 -19.34 -0.71 -45.95
CA ALA H 113 -20.65 -0.70 -45.33
C ALA H 113 -21.06 -2.09 -44.85
N PHE H 114 -20.76 -3.12 -45.66
CA PHE H 114 -21.04 -4.50 -45.28
C PHE H 114 -20.26 -4.90 -44.02
N MET H 115 -18.96 -4.57 -44.00
CA MET H 115 -18.14 -4.84 -42.82
C MET H 115 -18.65 -4.08 -41.60
N ALA H 116 -19.06 -2.83 -41.79
CA ALA H 116 -19.59 -2.03 -40.69
C ALA H 116 -20.92 -2.57 -40.19
N ALA H 117 -21.76 -3.11 -41.08
CA ALA H 117 -23.03 -3.69 -40.65
C ALA H 117 -22.81 -4.95 -39.81
N ILE H 118 -21.89 -5.81 -40.24
CA ILE H 118 -21.56 -7.00 -39.43
C ILE H 118 -20.96 -6.59 -38.10
N THR H 119 -20.08 -5.58 -38.11
CA THR H 119 -19.49 -5.05 -36.88
C THR H 119 -20.56 -4.47 -35.97
N SER H 120 -21.55 -3.78 -36.54
CA SER H 120 -22.64 -3.21 -35.75
C SER H 120 -23.48 -4.31 -35.10
N VAL H 121 -23.72 -5.41 -35.82
CA VAL H 121 -24.47 -6.52 -35.24
C VAL H 121 -23.70 -7.13 -34.06
N VAL H 122 -22.38 -7.32 -34.23
CA VAL H 122 -21.59 -7.92 -33.16
C VAL H 122 -21.49 -6.97 -31.96
N TYR H 123 -21.31 -5.69 -32.24
CA TYR H 123 -21.22 -4.67 -31.19
C TYR H 123 -22.52 -4.56 -30.42
N TYR H 124 -23.66 -4.60 -31.12
CA TYR H 124 -24.95 -4.60 -30.46
C TYR H 124 -25.14 -5.85 -29.60
N HIS H 125 -24.70 -7.00 -30.11
CA HIS H 125 -24.83 -8.24 -29.33
C HIS H 125 -24.02 -8.18 -28.04
N ASN H 126 -22.81 -7.61 -28.11
CA ASN H 126 -21.99 -7.53 -26.90
C ASN H 126 -22.48 -6.45 -25.96
N ILE H 127 -23.10 -5.39 -26.48
CA ILE H 127 -23.76 -4.41 -25.62
C ILE H 127 -24.94 -5.05 -24.90
N GLU H 128 -25.77 -5.78 -25.66
CA GLU H 128 -27.01 -6.36 -25.15
C GLU H 128 -26.73 -7.44 -24.11
N THR H 129 -25.69 -8.25 -24.33
CA THR H 129 -25.35 -9.29 -23.37
C THR H 129 -24.83 -8.71 -22.07
N SER H 130 -23.92 -7.74 -22.16
CA SER H 130 -23.36 -7.11 -20.98
C SER H 130 -24.31 -6.12 -20.31
N ASN H 131 -25.42 -5.77 -20.98
CA ASN H 131 -26.45 -4.86 -20.48
C ASN H 131 -25.84 -3.50 -20.09
N PHE H 132 -25.14 -2.90 -21.04
CA PHE H 132 -24.60 -1.55 -20.89
C PHE H 132 -25.10 -0.72 -22.06
N PRO H 133 -26.34 -0.24 -21.98
CA PRO H 133 -26.93 0.46 -23.13
C PRO H 133 -26.28 1.79 -23.45
N LYS H 134 -25.48 2.36 -22.55
CA LYS H 134 -24.80 3.63 -22.82
C LYS H 134 -23.74 3.52 -23.92
N LEU H 135 -23.36 2.30 -24.32
CA LEU H 135 -22.48 2.11 -25.47
C LEU H 135 -23.24 2.13 -26.79
N LEU H 136 -24.57 2.20 -26.77
CA LEU H 136 -25.37 2.34 -27.98
C LEU H 136 -25.33 3.75 -28.55
N ILE H 137 -24.66 4.68 -27.87
CA ILE H 137 -24.42 6.01 -28.42
C ILE H 137 -23.60 5.92 -29.70
N ALA H 138 -22.64 4.99 -29.74
CA ALA H 138 -21.85 4.77 -30.94
C ALA H 138 -22.73 4.31 -32.11
N LEU H 139 -23.67 3.39 -31.84
CA LEU H 139 -24.59 2.95 -32.88
C LEU H 139 -25.52 4.08 -33.31
N LEU H 140 -25.97 4.90 -32.37
CA LEU H 140 -26.84 6.02 -32.70
C LEU H 140 -26.12 7.02 -33.61
N ILE H 141 -24.87 7.35 -33.28
CA ILE H 141 -24.06 8.24 -34.11
C ILE H 141 -23.82 7.63 -35.48
N TYR H 142 -23.53 6.33 -35.52
CA TYR H 142 -23.27 5.66 -36.79
C TYR H 142 -24.50 5.64 -37.69
N TRP H 143 -25.67 5.33 -37.14
CA TRP H 143 -26.88 5.34 -37.96
C TRP H 143 -27.22 6.75 -38.42
N THR H 144 -26.99 7.75 -37.57
CA THR H 144 -27.20 9.14 -37.97
C THR H 144 -26.30 9.53 -39.13
N LEU H 145 -24.99 9.24 -39.02
CA LEU H 145 -24.05 9.61 -40.06
C LEU H 145 -24.31 8.85 -41.37
N ALA H 146 -24.59 7.55 -41.28
CA ALA H 146 -24.88 6.75 -42.47
C ALA H 146 -26.16 7.23 -43.15
N PHE H 147 -27.20 7.53 -42.36
CA PHE H 147 -28.45 8.03 -42.92
C PHE H 147 -28.26 9.39 -43.59
N ILE H 148 -27.47 10.28 -42.97
CA ILE H 148 -27.24 11.59 -43.54
C ILE H 148 -26.46 11.49 -44.85
N THR H 149 -25.39 10.69 -44.88
CA THR H 149 -24.59 10.57 -46.09
C THR H 149 -25.35 9.86 -47.22
N LYS H 150 -26.14 8.85 -46.87
CA LYS H 150 -26.98 8.18 -47.87
C LYS H 150 -28.06 9.11 -48.40
N THR H 151 -28.60 9.97 -47.53
CA THR H 151 -29.58 10.97 -47.97
C THR H 151 -28.95 11.98 -48.91
N ILE H 152 -27.70 12.38 -48.64
CA ILE H 152 -27.00 13.29 -49.54
C ILE H 152 -26.79 12.63 -50.90
N LYS H 153 -26.40 11.34 -50.89
CA LYS H 153 -26.23 10.60 -52.15
C LYS H 153 -27.54 10.49 -52.93
N PHE H 154 -28.64 10.20 -52.23
CA PHE H 154 -29.94 10.07 -52.87
C PHE H 154 -30.41 11.40 -53.44
N VAL H 155 -30.23 12.50 -52.70
CA VAL H 155 -30.67 13.81 -53.15
C VAL H 155 -29.84 14.29 -54.34
N LYS H 156 -28.53 14.06 -54.31
CA LYS H 156 -27.70 14.43 -55.45
C LYS H 156 -28.00 13.56 -56.67
N PHE H 157 -28.35 12.29 -56.46
CA PHE H 157 -28.80 11.45 -57.57
C PHE H 157 -30.08 12.01 -58.18
N TYR H 158 -31.03 12.41 -57.34
CA TYR H 158 -32.27 13.00 -57.86
C TYR H 158 -32.01 14.32 -58.57
N ASP H 159 -31.05 15.11 -58.08
CA ASP H 159 -30.68 16.36 -58.74
C ASP H 159 -29.96 16.13 -60.06
N HIS H 160 -29.31 14.97 -60.23
CA HIS H 160 -28.60 14.66 -61.46
C HIS H 160 -29.38 13.71 -62.37
N ALA H 161 -30.71 13.75 -62.29
CA ALA H 161 -31.63 13.04 -63.17
C ALA H 161 -31.44 11.52 -63.13
N ILE H 162 -31.04 10.99 -61.98
CA ILE H 162 -31.00 9.53 -61.80
C ILE H 162 -32.38 9.07 -61.38
N GLY H 163 -32.98 8.20 -62.20
CA GLY H 163 -34.30 7.68 -61.94
C GLY H 163 -34.29 6.24 -61.46
N PHE H 164 -35.48 5.65 -61.43
CA PHE H 164 -35.63 4.26 -61.00
C PHE H 164 -35.23 3.26 -62.06
N SER H 165 -34.93 3.71 -63.29
CA SER H 165 -34.43 2.80 -64.32
C SER H 165 -33.05 2.25 -63.96
N GLN H 166 -32.23 3.05 -63.29
CA GLN H 166 -30.90 2.63 -62.88
C GLN H 166 -31.00 2.02 -61.49
N LEU H 167 -30.37 0.84 -61.32
CA LEU H 167 -30.55 0.06 -60.10
C LEU H 167 -29.93 0.74 -58.88
N ARG H 168 -28.79 1.41 -59.07
CA ARG H 168 -28.06 2.01 -57.96
C ARG H 168 -28.90 3.05 -57.21
N PHE H 169 -29.77 3.76 -57.93
CA PHE H 169 -30.72 4.68 -57.31
C PHE H 169 -31.68 3.93 -56.38
N CYS H 170 -32.23 2.81 -56.87
CA CYS H 170 -33.15 2.02 -56.05
C CYS H 170 -32.45 1.44 -54.83
N LEU H 171 -31.23 0.96 -55.01
CA LEU H 171 -30.48 0.36 -53.89
C LEU H 171 -30.11 1.42 -52.85
N THR H 172 -29.71 2.62 -53.30
CA THR H 172 -29.36 3.64 -52.32
C THR H 172 -30.61 4.22 -51.66
N GLY H 173 -31.77 4.20 -52.33
CA GLY H 173 -33.01 4.53 -51.65
C GLY H 173 -33.38 3.51 -50.60
N LEU H 174 -33.19 2.22 -50.92
CA LEU H 174 -33.37 1.17 -49.92
C LEU H 174 -32.41 1.35 -48.75
N LEU H 175 -31.18 1.78 -49.03
CA LEU H 175 -30.21 2.04 -47.96
C LEU H 175 -30.62 3.21 -47.08
N VAL H 176 -31.18 4.27 -47.69
CA VAL H 176 -31.69 5.40 -46.93
C VAL H 176 -32.82 4.94 -46.00
N ILE H 177 -33.75 4.15 -46.55
CA ILE H 177 -34.89 3.66 -45.76
C ILE H 177 -34.42 2.75 -44.63
N LEU H 178 -33.47 1.85 -44.92
CA LEU H 178 -32.99 0.91 -43.91
C LEU H 178 -32.21 1.61 -42.80
N TYR H 179 -31.36 2.58 -43.17
CA TYR H 179 -30.63 3.33 -42.15
C TYR H 179 -31.57 4.16 -41.30
N GLY H 180 -32.61 4.74 -41.91
CA GLY H 180 -33.62 5.44 -41.13
C GLY H 180 -34.36 4.52 -40.17
N MET H 181 -34.71 3.31 -40.63
CA MET H 181 -35.39 2.34 -39.76
C MET H 181 -34.51 1.91 -38.60
N LEU H 182 -33.22 1.67 -38.86
CA LEU H 182 -32.31 1.28 -37.77
C LEU H 182 -32.08 2.43 -36.79
N LEU H 183 -32.04 3.66 -37.30
CA LEU H 183 -31.98 4.82 -36.43
C LEU H 183 -33.22 4.93 -35.55
N LEU H 184 -34.40 4.66 -36.15
CA LEU H 184 -35.63 4.66 -35.37
C LEU H 184 -35.63 3.56 -34.31
N VAL H 185 -35.05 2.41 -34.63
CA VAL H 185 -34.93 1.33 -33.65
C VAL H 185 -34.04 1.76 -32.48
N GLU H 186 -32.92 2.42 -32.78
CA GLU H 186 -32.03 2.89 -31.72
C GLU H 186 -32.71 3.95 -30.85
N VAL H 187 -33.45 4.87 -31.47
CA VAL H 187 -34.19 5.88 -30.71
C VAL H 187 -35.29 5.23 -29.88
N ASN H 188 -35.91 4.16 -30.38
CA ASN H 188 -36.90 3.43 -29.59
C ASN H 188 -36.25 2.74 -28.39
N VAL H 189 -35.02 2.24 -28.56
CA VAL H 189 -34.27 1.68 -27.43
C VAL H 189 -34.00 2.76 -26.39
N ILE H 190 -33.71 3.98 -26.86
CA ILE H 190 -33.59 5.13 -25.94
C ILE H 190 -34.90 5.36 -25.20
N ARG H 191 -36.01 5.32 -25.94
CA ARG H 191 -37.31 5.69 -25.36
C ARG H 191 -37.80 4.67 -24.33
N VAL H 192 -37.66 3.38 -24.63
CA VAL H 192 -38.19 2.35 -23.73
C VAL H 192 -37.32 2.24 -22.49
N ARG H 193 -36.03 1.93 -22.67
CA ARG H 193 -35.07 1.89 -21.58
C ARG H 193 -34.28 3.19 -21.61
N ARG H 194 -34.47 4.03 -20.59
CA ARG H 194 -33.99 5.40 -20.62
C ARG H 194 -32.56 5.48 -20.08
N TYR H 195 -31.63 4.95 -20.87
CA TYR H 195 -30.24 4.99 -20.48
C TYR H 195 -29.58 6.35 -20.68
N ILE H 196 -30.25 7.27 -21.39
CA ILE H 196 -29.74 8.62 -21.62
C ILE H 196 -30.89 9.61 -21.51
N PHE H 197 -30.55 10.84 -21.11
CA PHE H 197 -31.40 12.04 -21.07
C PHE H 197 -32.49 12.01 -19.99
N PHE H 198 -32.64 10.88 -19.31
CA PHE H 198 -33.63 10.75 -18.24
C PHE H 198 -32.93 10.51 -16.92
N LYS H 199 -33.53 11.04 -15.85
CA LYS H 199 -32.86 11.08 -14.55
C LYS H 199 -32.65 9.68 -13.98
N THR H 200 -33.65 8.82 -14.08
CA THR H 200 -33.56 7.44 -13.61
C THR H 200 -33.81 6.48 -14.76
N PRO H 201 -32.84 5.67 -15.16
CA PRO H 201 -33.10 4.64 -16.17
C PRO H 201 -34.07 3.58 -15.65
N ARG H 202 -34.84 3.01 -16.58
CA ARG H 202 -35.77 1.93 -16.25
C ARG H 202 -34.99 0.62 -16.20
N LYS H 203 -34.82 0.08 -14.99
CA LYS H 203 -34.08 -1.16 -14.82
C LYS H 203 -34.91 -2.34 -15.29
N VAL H 204 -34.29 -3.21 -16.10
CA VAL H 204 -34.95 -4.40 -16.63
C VAL H 204 -34.12 -5.61 -16.21
N LYS H 205 -34.79 -6.59 -15.60
CA LYS H 205 -34.15 -7.84 -15.21
C LYS H 205 -34.30 -8.87 -16.32
N PRO H 206 -33.32 -9.75 -16.49
CA PRO H 206 -33.45 -10.85 -17.46
C PRO H 206 -34.57 -11.81 -17.06
N PRO H 207 -35.09 -12.59 -18.01
CA PRO H 207 -36.23 -13.47 -17.69
C PRO H 207 -35.92 -14.49 -16.61
N GLU H 208 -36.95 -14.79 -15.81
CA GLU H 208 -36.78 -15.61 -14.61
C GLU H 208 -36.45 -17.06 -14.95
N ASP H 209 -36.91 -17.56 -16.10
CA ASP H 209 -36.54 -18.91 -16.51
C ASP H 209 -35.13 -18.98 -17.06
N LEU H 210 -34.58 -17.87 -17.52
CA LEU H 210 -33.19 -17.85 -17.97
C LEU H 210 -32.21 -17.88 -16.81
N GLN H 211 -32.56 -17.23 -15.69
CA GLN H 211 -31.72 -17.23 -14.50
C GLN H 211 -31.69 -18.58 -13.80
N ASP H 212 -32.61 -19.49 -14.14
CA ASP H 212 -32.67 -20.80 -13.50
C ASP H 212 -31.49 -21.64 -13.96
N LEU H 213 -30.58 -21.94 -13.03
CA LEU H 213 -29.49 -22.88 -13.30
C LEU H 213 -30.09 -24.27 -13.40
N GLY H 214 -30.42 -24.69 -14.61
CA GLY H 214 -31.15 -25.92 -14.81
C GLY H 214 -32.09 -25.83 -15.98
N VAL H 215 -32.21 -24.65 -16.57
CA VAL H 215 -32.91 -24.48 -17.85
C VAL H 215 -31.83 -24.41 -18.93
N ARG H 216 -31.71 -25.49 -19.70
CA ARG H 216 -30.67 -25.59 -20.71
C ARG H 216 -31.23 -25.68 -22.13
N PHE H 217 -32.55 -25.58 -22.30
CA PHE H 217 -33.13 -25.40 -23.63
C PHE H 217 -33.24 -23.91 -23.87
N LEU H 218 -32.10 -23.29 -24.19
CA LEU H 218 -32.04 -21.84 -24.32
C LEU H 218 -32.29 -21.40 -25.77
N GLN H 219 -33.38 -21.91 -26.35
CA GLN H 219 -33.84 -21.45 -27.66
C GLN H 219 -34.63 -20.14 -27.59
N PRO H 220 -35.64 -19.95 -26.71
CA PRO H 220 -36.36 -18.67 -26.72
C PRO H 220 -35.55 -17.48 -26.23
N PHE H 221 -34.37 -17.69 -25.64
CA PHE H 221 -33.63 -16.60 -25.03
C PHE H 221 -32.44 -16.13 -25.85
N VAL H 222 -31.99 -16.92 -26.83
CA VAL H 222 -30.86 -16.51 -27.67
C VAL H 222 -31.36 -15.56 -28.76
N ASN H 223 -30.43 -14.92 -29.46
CA ASN H 223 -30.77 -13.94 -30.47
C ASN H 223 -31.36 -14.60 -31.71
N LEU H 224 -31.84 -13.77 -32.62
CA LEU H 224 -32.59 -14.24 -33.78
C LEU H 224 -31.72 -15.09 -34.71
N LEU H 225 -30.47 -14.68 -34.93
CA LEU H 225 -29.55 -15.49 -35.71
C LEU H 225 -29.23 -16.80 -35.01
N SER H 226 -29.07 -16.76 -33.69
CA SER H 226 -28.86 -17.99 -32.93
C SER H 226 -30.12 -18.83 -32.84
N LYS H 227 -31.30 -18.23 -33.00
CA LYS H 227 -32.53 -19.01 -33.10
C LYS H 227 -32.65 -19.69 -34.46
N GLY H 228 -32.28 -19.00 -35.53
CA GLY H 228 -32.39 -19.58 -36.86
C GLY H 228 -31.29 -20.59 -37.17
N THR H 229 -30.09 -20.38 -36.64
CA THR H 229 -28.97 -21.27 -36.89
C THR H 229 -28.75 -22.30 -35.78
N TYR H 230 -29.49 -22.18 -34.66
CA TYR H 230 -29.40 -23.10 -33.52
C TYR H 230 -27.98 -23.17 -32.97
N TRP H 231 -27.35 -21.99 -32.84
CA TRP H 231 -25.96 -21.91 -32.41
C TRP H 231 -25.77 -22.27 -30.94
N TRP H 232 -26.82 -22.19 -30.13
CA TRP H 232 -26.72 -22.57 -28.73
C TRP H 232 -26.56 -24.07 -28.54
N MET H 233 -26.89 -24.87 -29.56
CA MET H 233 -26.69 -26.31 -29.51
C MET H 233 -25.24 -26.72 -29.67
N ASN H 234 -24.35 -25.80 -30.04
CA ASN H 234 -22.94 -26.14 -30.24
C ASN H 234 -22.31 -26.64 -28.94
N ALA H 235 -22.49 -25.88 -27.85
CA ALA H 235 -21.92 -26.29 -26.56
C ALA H 235 -22.55 -27.57 -26.05
N PHE H 236 -23.87 -27.71 -26.23
CA PHE H 236 -24.57 -28.91 -25.77
C PHE H 236 -24.08 -30.16 -26.50
N ILE H 237 -23.94 -30.08 -27.82
CA ILE H 237 -23.52 -31.25 -28.59
C ILE H 237 -22.04 -31.55 -28.37
N LYS H 238 -21.21 -30.51 -28.24
CA LYS H 238 -19.80 -30.74 -27.97
C LYS H 238 -19.58 -31.34 -26.57
N THR H 239 -20.41 -30.95 -25.61
CA THR H 239 -20.37 -31.60 -24.29
C THR H 239 -20.91 -33.03 -24.37
N ALA H 240 -21.93 -33.24 -25.21
CA ALA H 240 -22.50 -34.58 -25.37
C ALA H 240 -21.51 -35.54 -25.99
N HIS H 241 -20.58 -35.04 -26.80
CA HIS H 241 -19.50 -35.88 -27.28
C HIS H 241 -18.59 -36.33 -26.14
N LYS H 242 -18.34 -35.44 -25.17
CA LYS H 242 -17.47 -35.78 -24.06
C LYS H 242 -18.11 -36.78 -23.11
N LYS H 243 -19.35 -36.53 -22.70
CA LYS H 243 -20.04 -37.36 -21.73
C LYS H 243 -21.46 -37.63 -22.19
N PRO H 244 -22.05 -38.77 -21.82
CA PRO H 244 -23.40 -39.10 -22.29
C PRO H 244 -24.47 -38.18 -21.73
N ILE H 245 -25.52 -38.00 -22.51
CA ILE H 245 -26.64 -37.16 -22.11
C ILE H 245 -27.54 -37.94 -21.16
N ASP H 246 -27.87 -37.32 -20.03
CA ASP H 246 -28.80 -37.89 -19.07
C ASP H 246 -29.95 -36.90 -18.83
N LEU H 247 -30.78 -37.22 -17.84
CA LEU H 247 -31.87 -36.33 -17.45
C LEU H 247 -31.40 -35.09 -16.71
N ARG H 248 -30.11 -35.01 -16.36
CA ARG H 248 -29.53 -33.83 -15.74
C ARG H 248 -28.85 -32.90 -16.74
N ALA H 249 -28.12 -33.45 -17.72
CA ALA H 249 -27.57 -32.62 -18.78
C ALA H 249 -28.68 -32.01 -19.62
N ILE H 250 -29.75 -32.77 -19.85
CA ILE H 250 -30.99 -32.19 -20.34
C ILE H 250 -31.62 -31.40 -19.19
N GLY H 251 -31.87 -30.12 -19.43
CA GLY H 251 -32.29 -29.22 -18.37
C GLY H 251 -33.76 -29.30 -18.03
N LYS H 252 -34.28 -28.18 -17.53
CA LYS H 252 -35.69 -28.04 -17.20
C LYS H 252 -36.39 -27.25 -18.30
N LEU H 253 -37.67 -27.50 -18.48
CA LEU H 253 -38.45 -26.80 -19.49
C LEU H 253 -38.59 -25.32 -19.13
N PRO H 254 -38.44 -24.42 -20.10
CA PRO H 254 -38.77 -23.01 -19.87
C PRO H 254 -40.26 -22.84 -19.60
N ILE H 255 -40.59 -21.75 -18.90
CA ILE H 255 -41.96 -21.51 -18.44
C ILE H 255 -42.93 -21.35 -19.61
N ALA H 256 -42.45 -20.84 -20.75
CA ALA H 256 -43.30 -20.72 -21.92
C ALA H 256 -43.76 -22.09 -22.43
N MET H 257 -42.87 -23.07 -22.40
CA MET H 257 -43.20 -24.44 -22.83
C MET H 257 -43.20 -25.35 -21.61
N ARG H 258 -44.33 -25.37 -20.91
CA ARG H 258 -44.54 -26.28 -19.80
C ARG H 258 -45.97 -26.80 -19.86
N ALA H 259 -46.17 -28.00 -19.32
CA ALA H 259 -47.49 -28.63 -19.39
C ALA H 259 -48.51 -27.85 -18.58
N LEU H 260 -48.11 -27.30 -17.44
CA LEU H 260 -49.01 -26.47 -16.65
C LEU H 260 -49.37 -25.19 -17.41
N THR H 261 -48.38 -24.55 -18.04
CA THR H 261 -48.62 -23.29 -18.75
C THR H 261 -49.48 -23.50 -19.98
N ASN H 262 -49.12 -24.49 -20.81
CA ASN H 262 -49.91 -24.78 -22.01
C ASN H 262 -51.29 -25.28 -21.66
N TYR H 263 -51.41 -26.05 -20.57
CA TYR H 263 -52.70 -26.54 -20.12
C TYR H 263 -53.59 -25.40 -19.63
N GLN H 264 -53.02 -24.42 -18.91
CA GLN H 264 -53.81 -23.27 -18.48
C GLN H 264 -54.22 -22.42 -19.67
N ARG H 265 -53.34 -22.26 -20.66
CA ARG H 265 -53.71 -21.54 -21.87
C ARG H 265 -54.84 -22.23 -22.62
N LEU H 266 -54.78 -23.56 -22.73
CA LEU H 266 -55.85 -24.33 -23.36
C LEU H 266 -57.14 -24.24 -22.56
N CYS H 267 -57.05 -24.20 -21.23
CA CYS H 267 -58.24 -24.05 -20.40
C CYS H 267 -58.88 -22.68 -20.59
N VAL H 268 -58.08 -21.62 -20.73
CA VAL H 268 -58.62 -20.30 -21.02
C VAL H 268 -59.32 -20.29 -22.36
N ALA H 269 -58.70 -20.92 -23.38
CA ALA H 269 -59.34 -21.03 -24.68
C ALA H 269 -60.64 -21.83 -24.62
N PHE H 270 -60.66 -22.92 -23.85
CA PHE H 270 -61.85 -23.74 -23.71
C PHE H 270 -62.98 -23.00 -23.01
N ASP H 271 -62.64 -22.20 -21.98
CA ASP H 271 -63.67 -21.40 -21.31
C ASP H 271 -64.24 -20.33 -22.24
N ALA H 272 -63.36 -19.69 -23.03
CA ALA H 272 -63.84 -18.70 -24.00
C ALA H 272 -64.73 -19.32 -25.06
N GLN H 273 -64.42 -20.56 -25.47
CA GLN H 273 -65.28 -21.26 -26.41
C GLN H 273 -66.59 -21.69 -25.77
N ALA H 274 -66.56 -22.12 -24.51
CA ALA H 274 -67.75 -22.62 -23.83
C ALA H 274 -68.73 -21.51 -23.52
N ARG H 275 -68.24 -20.28 -23.34
CA ARG H 275 -69.15 -19.15 -23.16
C ARG H 275 -69.98 -18.89 -24.41
N LYS H 276 -69.38 -19.08 -25.59
CA LYS H 276 -70.07 -18.74 -26.84
C LYS H 276 -71.16 -19.75 -27.17
N ASP H 277 -70.80 -21.02 -27.34
CA ASP H 277 -71.74 -22.08 -27.67
C ASP H 277 -71.87 -23.03 -26.49
N THR H 278 -73.11 -23.23 -26.03
CA THR H 278 -73.38 -24.05 -24.85
C THR H 278 -74.11 -25.35 -25.17
N GLN H 279 -74.47 -25.59 -26.43
CA GLN H 279 -75.14 -26.84 -26.80
C GLN H 279 -74.20 -28.03 -26.63
N SER H 280 -72.94 -27.89 -27.03
CA SER H 280 -71.93 -28.92 -26.83
C SER H 280 -70.60 -28.22 -26.60
N PRO H 281 -70.23 -27.99 -25.33
CA PRO H 281 -68.99 -27.26 -25.05
C PRO H 281 -67.72 -28.08 -25.21
N GLN H 282 -67.84 -29.40 -25.34
CA GLN H 282 -66.67 -30.26 -25.48
C GLN H 282 -66.78 -31.14 -26.72
N GLY H 283 -67.48 -30.66 -27.74
CA GLY H 283 -67.55 -31.34 -29.00
C GLY H 283 -66.27 -31.16 -29.80
N ALA H 284 -66.24 -31.80 -30.98
CA ALA H 284 -65.06 -31.74 -31.83
C ALA H 284 -64.81 -30.32 -32.34
N ARG H 285 -65.88 -29.61 -32.70
CA ARG H 285 -65.74 -28.23 -33.16
C ARG H 285 -65.21 -27.32 -32.05
N ALA H 286 -65.72 -27.51 -30.83
CA ALA H 286 -65.26 -26.71 -29.70
C ALA H 286 -63.81 -26.97 -29.38
N ILE H 287 -63.38 -28.24 -29.44
CA ILE H 287 -61.99 -28.58 -29.19
C ILE H 287 -61.08 -28.01 -30.28
N TRP H 288 -61.52 -28.08 -31.54
CA TRP H 288 -60.73 -27.51 -32.64
C TRP H 288 -60.59 -26.00 -32.49
N ARG H 289 -61.68 -25.30 -32.13
CA ARG H 289 -61.59 -23.85 -31.95
C ARG H 289 -60.76 -23.49 -30.72
N ALA H 290 -60.80 -24.32 -29.68
CA ALA H 290 -59.93 -24.09 -28.51
C ALA H 290 -58.46 -24.27 -28.87
N LEU H 291 -58.14 -25.29 -29.66
CA LEU H 291 -56.76 -25.49 -30.10
C LEU H 291 -56.29 -24.35 -30.99
N CYS H 292 -57.18 -23.85 -31.86
CA CYS H 292 -56.85 -22.69 -32.68
C CYS H 292 -56.58 -21.46 -31.81
N HIS H 293 -57.47 -21.19 -30.84
CA HIS H 293 -57.29 -20.05 -29.96
C HIS H 293 -56.04 -20.18 -29.09
N ALA H 294 -55.62 -21.42 -28.82
CA ALA H 294 -54.44 -21.63 -27.99
C ALA H 294 -53.13 -21.49 -28.76
N PHE H 295 -53.06 -22.03 -29.98
CA PHE H 295 -51.76 -22.14 -30.66
C PHE H 295 -51.76 -21.55 -32.07
N GLY H 296 -52.73 -20.70 -32.42
CA GLY H 296 -52.86 -20.27 -33.80
C GLY H 296 -51.84 -19.26 -34.24
N ARG H 297 -51.41 -18.37 -33.35
CA ARG H 297 -50.39 -17.39 -33.72
C ARG H 297 -49.06 -18.06 -34.04
N ARG H 298 -48.68 -19.05 -33.24
CA ARG H 298 -47.46 -19.78 -33.53
C ARG H 298 -47.62 -20.68 -34.74
N LEU H 299 -48.82 -21.25 -34.96
CA LEU H 299 -49.05 -22.04 -36.16
C LEU H 299 -48.95 -21.19 -37.43
N ILE H 300 -49.50 -19.98 -37.41
CA ILE H 300 -49.38 -19.12 -38.59
C ILE H 300 -47.99 -18.52 -38.70
N LEU H 301 -47.23 -18.42 -37.61
CA LEU H 301 -45.81 -18.04 -37.72
C LEU H 301 -45.02 -19.12 -38.45
N SER H 302 -45.24 -20.39 -38.07
CA SER H 302 -44.61 -21.50 -38.77
C SER H 302 -45.06 -21.55 -40.24
N SER H 303 -46.34 -21.29 -40.48
CA SER H 303 -46.85 -21.28 -41.85
C SER H 303 -46.26 -20.13 -42.65
N THR H 304 -46.03 -18.98 -42.03
CA THR H 304 -45.42 -17.85 -42.71
C THR H 304 -43.98 -18.17 -43.10
N PHE H 305 -43.21 -18.76 -42.18
CA PHE H 305 -41.86 -19.20 -42.50
C PHE H 305 -41.86 -20.24 -43.62
N ARG H 306 -42.81 -21.18 -43.57
CA ARG H 306 -42.90 -22.23 -44.58
C ARG H 306 -43.26 -21.66 -45.96
N ILE H 307 -44.19 -20.71 -46.00
CA ILE H 307 -44.60 -20.10 -47.27
C ILE H 307 -43.47 -19.27 -47.85
N LEU H 308 -42.76 -18.50 -47.01
CA LEU H 308 -41.63 -17.73 -47.48
C LEU H 308 -40.51 -18.64 -48.00
N ALA H 309 -40.28 -19.77 -47.32
CA ALA H 309 -39.31 -20.75 -47.81
C ALA H 309 -39.76 -21.37 -49.13
N ASP H 310 -41.06 -21.66 -49.27
CA ASP H 310 -41.56 -22.23 -50.51
C ASP H 310 -41.41 -21.26 -51.68
N LEU H 311 -41.65 -19.98 -51.43
CA LEU H 311 -41.47 -18.97 -52.48
C LEU H 311 -40.00 -18.74 -52.81
N LEU H 312 -39.13 -18.73 -51.80
CA LEU H 312 -37.71 -18.50 -52.03
C LEU H 312 -36.99 -19.72 -52.58
N GLY H 313 -37.59 -20.91 -52.46
CA GLY H 313 -36.98 -22.09 -53.03
C GLY H 313 -36.98 -22.11 -54.54
N PHE H 314 -37.90 -21.38 -55.17
CA PHE H 314 -37.94 -21.28 -56.63
C PHE H 314 -36.87 -20.35 -57.19
N ALA H 315 -36.12 -19.65 -56.33
CA ALA H 315 -34.95 -18.91 -56.78
C ALA H 315 -33.87 -19.82 -57.33
N GLY H 316 -33.88 -21.10 -56.95
CA GLY H 316 -33.02 -22.10 -57.53
C GLY H 316 -33.17 -22.24 -59.04
N PRO H 317 -34.35 -22.72 -59.48
CA PRO H 317 -34.58 -22.84 -60.93
C PRO H 317 -34.53 -21.52 -61.68
N LEU H 318 -34.96 -20.41 -61.06
CA LEU H 318 -34.93 -19.13 -61.77
C LEU H 318 -33.51 -18.63 -61.98
N CYS H 319 -32.66 -18.73 -60.94
CA CYS H 319 -31.26 -18.35 -61.12
C CYS H 319 -30.54 -19.32 -62.04
N ILE H 320 -30.91 -20.60 -62.01
CA ILE H 320 -30.34 -21.56 -62.97
C ILE H 320 -30.72 -21.18 -64.39
N PHE H 321 -31.98 -20.82 -64.61
CA PHE H 321 -32.46 -20.40 -65.93
C PHE H 321 -31.72 -19.16 -66.41
N GLY H 322 -31.56 -18.18 -65.53
CA GLY H 322 -30.84 -16.97 -65.89
C GLY H 322 -29.36 -17.21 -66.17
N ILE H 323 -28.71 -18.01 -65.33
CA ILE H 323 -27.27 -18.27 -65.47
C ILE H 323 -26.99 -19.03 -66.76
N VAL H 324 -27.74 -20.10 -67.02
CA VAL H 324 -27.49 -20.89 -68.22
C VAL H 324 -27.98 -20.15 -69.46
N ASP H 325 -28.99 -19.28 -69.32
CA ASP H 325 -29.40 -18.46 -70.44
C ASP H 325 -28.32 -17.43 -70.81
N HIS H 326 -27.67 -16.84 -69.81
CA HIS H 326 -26.55 -15.93 -70.06
C HIS H 326 -25.36 -16.67 -70.64
N LEU H 327 -25.02 -17.84 -70.08
CA LEU H 327 -23.88 -18.62 -70.57
C LEU H 327 -24.15 -19.24 -71.93
N GLY H 328 -25.41 -19.42 -72.30
CA GLY H 328 -25.75 -19.86 -73.63
C GLY H 328 -25.79 -18.78 -74.68
N LYS H 329 -25.59 -17.52 -74.29
CA LYS H 329 -25.58 -16.41 -75.23
C LYS H 329 -24.21 -16.32 -75.88
N GLU H 330 -24.17 -16.40 -77.20
CA GLU H 330 -22.91 -16.41 -77.94
C GLU H 330 -22.42 -15.00 -78.20
N ASN H 331 -21.12 -14.79 -77.98
CA ASN H 331 -20.44 -13.50 -78.22
C ASN H 331 -21.11 -12.37 -77.44
N HIS H 332 -21.41 -12.64 -76.17
CA HIS H 332 -22.03 -11.65 -75.30
C HIS H 332 -21.07 -10.50 -75.05
N VAL H 333 -21.53 -9.28 -75.30
CA VAL H 333 -20.70 -8.09 -75.12
C VAL H 333 -21.48 -7.17 -74.19
N PHE H 334 -21.22 -7.29 -72.90
CA PHE H 334 -21.94 -6.45 -71.95
C PHE H 334 -21.35 -5.05 -71.91
N GLN H 335 -22.23 -4.06 -72.04
CA GLN H 335 -21.87 -2.65 -72.01
C GLN H 335 -23.10 -1.85 -71.56
N PRO H 336 -23.13 -1.37 -70.32
CA PRO H 336 -24.30 -0.63 -69.84
C PRO H 336 -24.47 0.68 -70.60
N LYS H 337 -25.69 0.92 -71.09
CA LYS H 337 -25.92 2.06 -71.97
C LYS H 337 -25.93 3.38 -71.21
N THR H 338 -26.51 3.40 -70.02
CA THR H 338 -26.65 4.63 -69.25
C THR H 338 -25.34 5.00 -68.59
N GLN H 339 -24.92 6.26 -68.78
CA GLN H 339 -23.74 6.80 -68.12
C GLN H 339 -24.06 8.20 -67.62
N PHE H 340 -23.79 8.44 -66.34
CA PHE H 340 -24.05 9.74 -65.72
C PHE H 340 -22.79 10.20 -65.00
N LEU H 341 -22.43 11.47 -65.20
CA LEU H 341 -21.23 12.10 -64.62
C LEU H 341 -19.94 11.36 -65.00
N GLY H 342 -19.93 10.73 -66.17
CA GLY H 342 -18.80 9.89 -66.54
C GLY H 342 -18.74 8.58 -65.80
N VAL H 343 -19.79 8.22 -65.05
CA VAL H 343 -19.85 7.00 -64.27
C VAL H 343 -20.99 6.14 -64.81
N TYR H 344 -20.69 4.90 -65.14
CA TYR H 344 -21.70 4.03 -65.70
C TYR H 344 -22.69 3.56 -64.63
N PHE H 345 -23.94 3.36 -65.05
CA PHE H 345 -25.00 2.89 -64.18
C PHE H 345 -25.65 1.67 -64.83
N VAL H 346 -25.68 0.56 -64.12
CA VAL H 346 -26.28 -0.68 -64.62
C VAL H 346 -27.77 -0.66 -64.29
N SER H 347 -28.60 -0.89 -65.31
CA SER H 347 -30.04 -0.93 -65.11
C SER H 347 -30.44 -2.26 -64.46
N SER H 348 -31.68 -2.30 -63.96
CA SER H 348 -32.15 -3.49 -63.24
C SER H 348 -32.32 -4.69 -64.16
N GLN H 349 -32.67 -4.45 -65.44
CA GLN H 349 -32.85 -5.55 -66.38
C GLN H 349 -31.54 -6.25 -66.69
N GLU H 350 -30.48 -5.48 -66.95
CA GLU H 350 -29.17 -6.06 -67.23
C GLU H 350 -28.38 -6.37 -65.97
N PHE H 351 -28.84 -5.92 -64.80
CA PHE H 351 -28.23 -6.38 -63.55
C PHE H 351 -28.52 -7.86 -63.34
N LEU H 352 -29.79 -8.25 -63.44
CA LEU H 352 -30.19 -9.63 -63.21
C LEU H 352 -29.90 -10.55 -64.39
N GLY H 353 -29.29 -10.03 -65.46
CA GLY H 353 -28.85 -10.85 -66.57
C GLY H 353 -27.42 -11.34 -66.48
N ASN H 354 -26.73 -11.08 -65.37
CA ASN H 354 -25.35 -11.51 -65.19
C ASN H 354 -25.30 -12.79 -64.39
N ALA H 355 -24.44 -13.71 -64.82
CA ALA H 355 -24.40 -15.05 -64.21
C ALA H 355 -23.83 -15.00 -62.80
N TYR H 356 -22.82 -14.15 -62.56
CA TYR H 356 -22.18 -14.09 -61.24
C TYR H 356 -23.13 -13.57 -60.18
N VAL H 357 -23.86 -12.50 -60.47
CA VAL H 357 -24.76 -11.95 -59.47
C VAL H 357 -25.96 -12.87 -59.26
N LEU H 358 -26.36 -13.61 -60.30
CA LEU H 358 -27.41 -14.60 -60.11
C LEU H 358 -26.93 -15.75 -59.24
N ALA H 359 -25.65 -16.14 -59.38
CA ALA H 359 -25.07 -17.14 -58.50
C ALA H 359 -25.02 -16.66 -57.06
N VAL H 360 -24.63 -15.40 -56.86
CA VAL H 360 -24.54 -14.84 -55.50
C VAL H 360 -25.93 -14.69 -54.89
N LEU H 361 -26.90 -14.21 -55.66
CA LEU H 361 -28.28 -14.12 -55.19
C LEU H 361 -28.88 -15.49 -54.94
N LEU H 362 -28.49 -16.50 -55.72
CA LEU H 362 -28.92 -17.87 -55.46
C LEU H 362 -28.34 -18.38 -54.14
N PHE H 363 -27.07 -18.09 -53.87
CA PHE H 363 -26.45 -18.48 -52.61
C PHE H 363 -27.15 -17.83 -51.42
N LEU H 364 -27.42 -16.52 -51.52
CA LEU H 364 -28.10 -15.82 -50.44
C LEU H 364 -29.55 -16.28 -50.29
N ALA H 365 -30.23 -16.54 -51.40
CA ALA H 365 -31.62 -16.98 -51.36
C ALA H 365 -31.74 -18.36 -50.74
N LEU H 366 -30.83 -19.28 -51.08
CA LEU H 366 -30.85 -20.59 -50.44
C LEU H 366 -30.47 -20.48 -48.96
N LEU H 367 -29.51 -19.61 -48.63
CA LEU H 367 -29.09 -19.43 -47.25
C LEU H 367 -30.23 -18.91 -46.38
N LEU H 368 -31.05 -18.01 -46.92
CA LEU H 368 -32.22 -17.52 -46.21
C LEU H 368 -33.35 -18.54 -46.23
N GLN H 369 -33.53 -19.24 -47.36
CA GLN H 369 -34.69 -20.10 -47.58
C GLN H 369 -34.63 -21.34 -46.69
N ARG H 370 -33.46 -21.98 -46.62
CA ARG H 370 -33.33 -23.18 -45.81
C ARG H 370 -33.39 -22.87 -44.32
N THR H 371 -32.89 -21.68 -43.93
CA THR H 371 -33.07 -21.21 -42.56
C THR H 371 -34.54 -21.01 -42.23
N PHE H 372 -35.30 -20.42 -43.17
CA PHE H 372 -36.74 -20.24 -42.95
C PHE H 372 -37.46 -21.59 -42.88
N LEU H 373 -37.06 -22.55 -43.72
CA LEU H 373 -37.68 -23.87 -43.70
C LEU H 373 -37.42 -24.59 -42.38
N GLN H 374 -36.19 -24.53 -41.87
CA GLN H 374 -35.88 -25.13 -40.59
C GLN H 374 -36.58 -24.41 -39.45
N ALA H 375 -36.72 -23.09 -39.54
CA ALA H 375 -37.47 -22.35 -38.52
C ALA H 375 -38.93 -22.74 -38.50
N SER H 376 -39.53 -22.92 -39.69
CA SER H 376 -40.92 -23.38 -39.77
C SER H 376 -41.06 -24.77 -39.17
N TYR H 377 -40.13 -25.67 -39.49
CA TYR H 377 -40.12 -27.01 -38.91
C TYR H 377 -40.06 -26.95 -37.39
N TYR H 378 -39.14 -26.13 -36.86
CA TYR H 378 -38.97 -26.07 -35.41
C TYR H 378 -40.19 -25.49 -34.70
N VAL H 379 -40.79 -24.43 -35.27
CA VAL H 379 -41.96 -23.82 -34.64
C VAL H 379 -43.13 -24.80 -34.64
N ALA H 380 -43.34 -25.51 -35.76
CA ALA H 380 -44.39 -26.52 -35.81
C ALA H 380 -44.15 -27.64 -34.80
N ILE H 381 -42.90 -28.09 -34.66
CA ILE H 381 -42.60 -29.16 -33.71
C ILE H 381 -42.82 -28.70 -32.27
N GLU H 382 -42.36 -27.48 -31.95
CA GLU H 382 -42.50 -26.96 -30.59
C GLU H 382 -43.96 -26.80 -30.21
N THR H 383 -44.79 -26.30 -31.13
CA THR H 383 -46.21 -26.16 -30.83
C THR H 383 -46.91 -27.50 -30.74
N GLY H 384 -46.49 -28.49 -31.54
CA GLY H 384 -47.02 -29.83 -31.37
C GLY H 384 -46.70 -30.42 -30.02
N ILE H 385 -45.47 -30.20 -29.53
CA ILE H 385 -45.07 -30.72 -28.23
C ILE H 385 -45.82 -30.01 -27.10
N ASN H 386 -46.00 -28.69 -27.21
CA ASN H 386 -46.78 -27.95 -26.23
C ASN H 386 -48.24 -28.41 -26.22
N LEU H 387 -48.80 -28.66 -27.41
CA LEU H 387 -50.15 -29.20 -27.52
C LEU H 387 -50.25 -30.58 -26.89
N ARG H 388 -49.23 -31.42 -27.08
CA ARG H 388 -49.23 -32.75 -26.48
C ARG H 388 -49.22 -32.66 -24.97
N GLY H 389 -48.40 -31.76 -24.41
CA GLY H 389 -48.39 -31.58 -22.96
C GLY H 389 -49.72 -31.10 -22.42
N ALA H 390 -50.32 -30.08 -23.09
CA ALA H 390 -51.60 -29.55 -22.65
C ALA H 390 -52.71 -30.59 -22.76
N ILE H 391 -52.71 -31.37 -23.84
CA ILE H 391 -53.74 -32.37 -24.06
C ILE H 391 -53.61 -33.52 -23.07
N GLN H 392 -52.37 -33.95 -22.78
CA GLN H 392 -52.17 -34.98 -21.78
C GLN H 392 -52.61 -34.52 -20.39
N THR H 393 -52.32 -33.25 -20.04
CA THR H 393 -52.80 -32.72 -18.78
C THR H 393 -54.32 -32.64 -18.74
N LYS H 394 -54.94 -32.28 -19.86
CA LYS H 394 -56.40 -32.24 -19.94
C LYS H 394 -57.03 -33.62 -19.76
N ILE H 395 -56.44 -34.64 -20.41
CA ILE H 395 -56.92 -36.01 -20.29
C ILE H 395 -56.78 -36.49 -18.87
N TYR H 396 -55.64 -36.20 -18.23
CA TYR H 396 -55.43 -36.65 -16.86
C TYR H 396 -56.34 -35.93 -15.87
N ASN H 397 -56.64 -34.65 -16.13
CA ASN H 397 -57.60 -33.94 -15.29
C ASN H 397 -59.01 -34.48 -15.48
N LYS H 398 -59.32 -34.97 -16.68
CA LYS H 398 -60.59 -35.68 -16.89
C LYS H 398 -60.61 -37.02 -16.15
N ILE H 399 -59.45 -37.68 -16.06
CA ILE H 399 -59.36 -38.98 -15.39
C ILE H 399 -59.68 -38.82 -13.90
N MET H 400 -59.21 -37.74 -13.28
CA MET H 400 -59.42 -37.48 -11.87
C MET H 400 -60.88 -37.24 -11.50
N HIS H 401 -61.75 -37.00 -12.48
CA HIS H 401 -63.14 -36.71 -12.21
C HIS H 401 -64.13 -37.74 -12.74
N LEU H 402 -63.72 -38.62 -13.66
CA LEU H 402 -64.65 -39.56 -14.27
C LEU H 402 -65.12 -40.60 -13.27
N SER H 403 -66.40 -40.95 -13.35
CA SER H 403 -66.96 -42.01 -12.53
C SER H 403 -66.42 -43.36 -12.97
N THR H 404 -66.23 -44.26 -12.00
CA THR H 404 -65.78 -45.61 -12.30
C THR H 404 -66.92 -46.52 -12.75
N SER H 405 -68.16 -46.03 -12.74
CA SER H 405 -69.28 -46.81 -13.24
C SER H 405 -69.15 -47.07 -14.74
N ASN H 406 -68.74 -46.05 -15.51
CA ASN H 406 -68.54 -46.26 -16.94
C ASN H 406 -67.34 -47.15 -17.21
N LEU H 407 -66.36 -47.16 -16.31
CA LEU H 407 -65.28 -48.15 -16.36
C LEU H 407 -65.83 -49.54 -16.14
N SER H 408 -66.81 -49.68 -15.24
CA SER H 408 -67.42 -50.99 -14.98
C SER H 408 -68.25 -51.47 -16.16
N MET H 409 -68.97 -50.56 -16.82
CA MET H 409 -69.89 -50.96 -17.88
C MET H 409 -69.18 -51.45 -19.15
N GLY H 410 -67.92 -51.09 -19.34
CA GLY H 410 -67.15 -51.59 -20.46
C GLY H 410 -67.05 -50.67 -21.66
N GLU H 411 -67.74 -49.52 -21.64
CA GLU H 411 -67.57 -48.56 -22.73
C GLU H 411 -66.20 -47.90 -22.69
N MET H 412 -65.50 -47.97 -21.56
CA MET H 412 -64.11 -47.58 -21.45
C MET H 412 -63.33 -48.66 -20.74
N THR H 413 -62.04 -48.76 -21.05
CA THR H 413 -61.10 -49.61 -20.34
C THR H 413 -59.88 -48.77 -19.98
N ALA H 414 -58.94 -49.39 -19.27
CA ALA H 414 -57.64 -48.76 -19.07
C ALA H 414 -56.89 -48.64 -20.38
N GLY H 415 -57.00 -49.66 -21.24
CA GLY H 415 -56.33 -49.63 -22.53
C GLY H 415 -56.84 -48.56 -23.46
N GLN H 416 -58.13 -48.22 -23.38
CA GLN H 416 -58.68 -47.19 -24.25
C GLN H 416 -58.10 -45.82 -23.92
N ILE H 417 -58.03 -45.46 -22.63
CA ILE H 417 -57.41 -44.20 -22.25
C ILE H 417 -55.91 -44.24 -22.49
N CYS H 418 -55.30 -45.42 -22.30
CA CYS H 418 -53.87 -45.57 -22.53
C CYS H 418 -53.50 -45.32 -23.98
N ASN H 419 -54.25 -45.89 -24.91
CA ASN H 419 -53.96 -45.59 -26.31
C ASN H 419 -54.49 -44.23 -26.74
N LEU H 420 -55.47 -43.67 -26.03
CA LEU H 420 -55.87 -42.30 -26.28
C LEU H 420 -54.73 -41.34 -25.98
N VAL H 421 -53.91 -41.65 -24.99
CA VAL H 421 -52.70 -40.86 -24.79
C VAL H 421 -51.61 -41.29 -25.77
N ALA H 422 -51.48 -42.60 -26.01
CA ALA H 422 -50.30 -43.13 -26.72
C ALA H 422 -50.33 -42.81 -28.21
N ILE H 423 -51.49 -43.00 -28.87
CA ILE H 423 -51.53 -42.87 -30.32
C ILE H 423 -52.42 -41.71 -30.75
N ASP H 424 -53.45 -41.38 -29.96
CA ASP H 424 -54.38 -40.34 -30.40
C ASP H 424 -53.82 -38.94 -30.18
N THR H 425 -53.31 -38.68 -28.97
CA THR H 425 -52.60 -37.44 -28.70
C THR H 425 -51.37 -37.30 -29.58
N ASN H 426 -50.69 -38.42 -29.82
CA ASN H 426 -49.53 -38.42 -30.72
C ASN H 426 -49.93 -38.09 -32.16
N GLN H 427 -51.09 -38.59 -32.61
CA GLN H 427 -51.58 -38.27 -33.95
C GLN H 427 -51.95 -36.81 -34.08
N LEU H 428 -52.59 -36.24 -33.05
CA LEU H 428 -52.89 -34.82 -33.07
C LEU H 428 -51.62 -33.97 -33.06
N MET H 429 -50.62 -34.39 -32.28
CA MET H 429 -49.33 -33.72 -32.26
C MET H 429 -48.64 -33.78 -33.62
N TRP H 430 -48.68 -34.95 -34.27
CA TRP H 430 -48.05 -35.08 -35.58
C TRP H 430 -48.83 -34.35 -36.66
N PHE H 431 -50.13 -34.16 -36.48
CA PHE H 431 -50.89 -33.29 -37.37
C PHE H 431 -50.45 -31.85 -37.21
N PHE H 432 -50.27 -31.40 -35.98
CA PHE H 432 -49.77 -30.05 -35.75
C PHE H 432 -48.32 -29.90 -36.21
N PHE H 433 -47.58 -31.02 -36.34
CA PHE H 433 -46.28 -30.98 -37.00
C PHE H 433 -46.43 -30.65 -38.49
N LEU H 434 -47.39 -31.30 -39.15
CA LEU H 434 -47.58 -31.17 -40.59
C LEU H 434 -48.66 -30.18 -40.96
N CYS H 435 -49.12 -29.37 -40.00
CA CYS H 435 -50.19 -28.40 -40.27
C CYS H 435 -49.82 -27.29 -41.25
N PRO H 436 -48.63 -26.66 -41.23
CA PRO H 436 -48.32 -25.67 -42.29
C PRO H 436 -48.26 -26.25 -43.70
N ASN H 437 -48.05 -27.56 -43.84
CA ASN H 437 -48.05 -28.19 -45.15
C ASN H 437 -49.40 -28.07 -45.84
N LEU H 438 -50.48 -27.95 -45.05
CA LEU H 438 -51.86 -27.99 -45.55
C LEU H 438 -52.11 -26.90 -46.60
N TRP H 439 -51.52 -25.73 -46.43
CA TRP H 439 -51.58 -24.70 -47.44
C TRP H 439 -50.21 -24.38 -48.05
N ALA H 440 -49.13 -24.89 -47.48
CA ALA H 440 -47.82 -24.70 -48.10
C ALA H 440 -47.67 -25.53 -49.37
N MET H 441 -48.07 -26.81 -49.31
CA MET H 441 -47.98 -27.67 -50.49
C MET H 441 -48.86 -27.22 -51.65
N PRO H 442 -50.14 -26.82 -51.47
CA PRO H 442 -50.86 -26.24 -52.63
C PRO H 442 -50.20 -25.01 -53.22
N VAL H 443 -49.67 -24.12 -52.38
CA VAL H 443 -49.02 -22.90 -52.89
C VAL H 443 -47.77 -23.25 -53.68
N GLN H 444 -46.93 -24.12 -53.12
CA GLN H 444 -45.69 -24.50 -53.78
C GLN H 444 -45.96 -25.26 -55.08
N ILE H 445 -46.93 -26.17 -55.06
CA ILE H 445 -47.26 -26.94 -56.26
C ILE H 445 -47.82 -26.03 -57.36
N ILE H 446 -48.73 -25.12 -56.99
CA ILE H 446 -49.34 -24.22 -57.99
C ILE H 446 -48.29 -23.30 -58.60
N VAL H 447 -47.44 -22.69 -57.75
CA VAL H 447 -46.42 -21.77 -58.26
C VAL H 447 -45.39 -22.53 -59.09
N GLY H 448 -45.06 -23.77 -58.69
CA GLY H 448 -44.14 -24.58 -59.48
C GLY H 448 -44.69 -24.96 -60.84
N VAL H 449 -45.97 -25.29 -60.91
CA VAL H 449 -46.59 -25.62 -62.19
C VAL H 449 -46.68 -24.39 -63.09
N ILE H 450 -46.97 -23.22 -62.50
CA ILE H 450 -47.01 -21.98 -63.27
C ILE H 450 -45.63 -21.64 -63.82
N LEU H 451 -44.59 -21.76 -62.99
CA LEU H 451 -43.23 -21.53 -63.45
C LEU H 451 -42.80 -22.55 -64.48
N LEU H 452 -43.25 -23.81 -64.36
CA LEU H 452 -42.99 -24.81 -65.39
C LEU H 452 -43.62 -24.43 -66.71
N TYR H 453 -44.87 -23.93 -66.67
CA TYR H 453 -45.53 -23.48 -67.89
C TYR H 453 -44.79 -22.31 -68.54
N TYR H 454 -44.35 -21.35 -67.73
CA TYR H 454 -43.69 -20.18 -68.33
C TYR H 454 -42.29 -20.52 -68.82
N ILE H 455 -41.58 -21.41 -68.11
CA ILE H 455 -40.23 -21.77 -68.52
C ILE H 455 -40.25 -22.66 -69.77
N LEU H 456 -41.06 -23.72 -69.77
CA LEU H 456 -41.03 -24.72 -70.84
C LEU H 456 -42.26 -24.69 -71.73
N GLY H 457 -43.46 -24.75 -71.16
CA GLY H 457 -44.68 -24.71 -71.96
C GLY H 457 -45.72 -25.72 -71.54
N VAL H 458 -46.57 -26.13 -72.50
CA VAL H 458 -47.61 -27.11 -72.24
C VAL H 458 -47.03 -28.51 -72.06
N SER H 459 -45.83 -28.76 -72.61
CA SER H 459 -45.15 -30.02 -72.34
C SER H 459 -44.81 -30.15 -70.87
N ALA H 460 -44.41 -29.03 -70.25
CA ALA H 460 -44.23 -29.02 -68.79
C ALA H 460 -45.54 -29.23 -68.06
N LEU H 461 -46.66 -28.81 -68.64
CA LEU H 461 -47.96 -29.11 -68.03
C LEU H 461 -48.26 -30.61 -68.06
N ILE H 462 -47.92 -31.27 -69.17
CA ILE H 462 -48.10 -32.72 -69.26
C ILE H 462 -47.22 -33.44 -68.24
N GLY H 463 -45.94 -33.04 -68.18
CA GLY H 463 -45.03 -33.64 -67.21
C GLY H 463 -45.44 -33.35 -65.78
N ALA H 464 -45.98 -32.15 -65.53
CA ALA H 464 -46.43 -31.79 -64.19
C ALA H 464 -47.67 -32.58 -63.81
N ALA H 465 -48.57 -32.84 -64.77
CA ALA H 465 -49.72 -33.69 -64.48
C ALA H 465 -49.28 -35.11 -64.12
N VAL H 466 -48.31 -35.65 -64.85
CA VAL H 466 -47.84 -37.01 -64.56
C VAL H 466 -47.11 -37.06 -63.21
N ILE H 467 -46.34 -36.02 -62.87
CA ILE H 467 -45.70 -36.01 -61.56
C ILE H 467 -46.69 -35.71 -60.44
N ILE H 468 -47.80 -35.03 -60.74
CA ILE H 468 -48.86 -34.80 -59.76
C ILE H 468 -49.61 -36.12 -59.48
N LEU H 469 -49.68 -37.00 -60.48
CA LEU H 469 -50.25 -38.34 -60.30
C LEU H 469 -49.52 -39.18 -59.25
N LEU H 470 -48.35 -38.75 -58.76
CA LEU H 470 -47.66 -39.47 -57.70
C LEU H 470 -48.45 -39.48 -56.41
N ALA H 471 -49.11 -38.35 -56.08
CA ALA H 471 -49.84 -38.25 -54.82
C ALA H 471 -51.03 -39.22 -54.70
N PRO H 472 -51.92 -39.37 -55.69
CA PRO H 472 -53.00 -40.37 -55.50
C PRO H 472 -52.51 -41.80 -55.46
N VAL H 473 -51.51 -42.15 -56.27
CA VAL H 473 -51.01 -43.52 -56.24
C VAL H 473 -50.24 -43.78 -54.94
N GLN H 474 -49.56 -42.76 -54.40
CA GLN H 474 -48.93 -42.92 -53.09
C GLN H 474 -49.97 -43.06 -51.99
N TYR H 475 -51.10 -42.36 -52.11
CA TYR H 475 -52.19 -42.53 -51.14
C TYR H 475 -52.75 -43.94 -51.18
N PHE H 476 -52.98 -44.47 -52.39
CA PHE H 476 -53.50 -45.83 -52.55
C PHE H 476 -52.52 -46.87 -52.00
N VAL H 477 -51.24 -46.71 -52.33
CA VAL H 477 -50.21 -47.65 -51.88
C VAL H 477 -50.04 -47.57 -50.37
N ALA H 478 -50.15 -46.36 -49.80
CA ALA H 478 -50.05 -46.21 -48.36
C ALA H 478 -51.23 -46.87 -47.64
N THR H 479 -52.44 -46.76 -48.19
CA THR H 479 -53.59 -47.43 -47.60
C THR H 479 -53.42 -48.95 -47.62
N LYS H 480 -53.00 -49.48 -48.78
CA LYS H 480 -52.77 -50.93 -48.88
C LYS H 480 -51.63 -51.37 -47.96
N LEU H 481 -50.60 -50.55 -47.84
CA LEU H 481 -49.48 -50.84 -46.95
C LEU H 481 -49.92 -50.89 -45.49
N SER H 482 -50.76 -49.94 -45.09
CA SER H 482 -51.25 -49.90 -43.72
C SER H 482 -52.10 -51.12 -43.39
N GLN H 483 -52.99 -51.53 -44.31
CA GLN H 483 -53.80 -52.70 -44.00
C GLN H 483 -52.99 -54.00 -44.04
N ALA H 484 -51.98 -54.08 -44.92
CA ALA H 484 -51.10 -55.24 -44.92
C ALA H 484 -50.33 -55.35 -43.60
N GLN H 485 -49.83 -54.22 -43.09
CA GLN H 485 -49.16 -54.25 -41.80
C GLN H 485 -50.14 -54.47 -40.65
N ARG H 486 -51.43 -54.16 -40.83
CA ARG H 486 -52.43 -54.53 -39.83
C ARG H 486 -52.60 -56.05 -39.74
N SER H 487 -52.68 -56.72 -40.90
CA SER H 487 -52.72 -58.18 -40.90
C SER H 487 -51.43 -58.77 -40.30
N THR H 488 -50.29 -58.17 -40.64
CA THR H 488 -49.03 -58.58 -40.04
C THR H 488 -49.03 -58.38 -38.54
N LEU H 489 -49.66 -57.30 -38.06
CA LEU H 489 -49.73 -57.02 -36.63
C LEU H 489 -50.56 -58.05 -35.89
N GLU H 490 -51.70 -58.47 -36.49
CA GLU H 490 -52.52 -59.51 -35.87
C GLU H 490 -51.76 -60.83 -35.77
N HIS H 491 -51.10 -61.23 -36.87
CA HIS H 491 -50.35 -62.48 -36.85
C HIS H 491 -49.15 -62.41 -35.91
N SER H 492 -48.51 -61.23 -35.81
CA SER H 492 -47.38 -61.05 -34.90
C SER H 492 -47.83 -61.10 -33.44
N ASN H 493 -49.02 -60.58 -33.14
CA ASN H 493 -49.55 -60.67 -31.79
C ASN H 493 -49.82 -62.12 -31.42
N GLU H 494 -50.38 -62.91 -32.35
CA GLU H 494 -50.58 -64.34 -32.09
C GLU H 494 -49.25 -65.06 -31.89
N ARG H 495 -48.24 -64.73 -32.71
CA ARG H 495 -46.92 -65.34 -32.58
C ARG H 495 -46.26 -64.98 -31.25
N LEU H 496 -46.39 -63.72 -30.81
CA LEU H 496 -45.84 -63.32 -29.53
C LEU H 496 -46.57 -64.00 -28.37
N LYS H 497 -47.89 -64.22 -28.52
CA LYS H 497 -48.64 -64.98 -27.53
C LYS H 497 -48.10 -66.40 -27.38
N GLN H 498 -47.90 -67.07 -28.52
CA GLN H 498 -47.37 -68.44 -28.48
C GLN H 498 -45.94 -68.48 -27.94
N THR H 499 -45.11 -67.50 -28.34
CA THR H 499 -43.73 -67.44 -27.87
C THR H 499 -43.67 -67.18 -26.36
N ASN H 500 -44.53 -66.30 -25.85
CA ASN H 500 -44.57 -66.02 -24.42
C ASN H 500 -45.00 -67.26 -23.63
N GLU H 501 -46.02 -67.98 -24.13
CA GLU H 501 -46.45 -69.20 -23.44
C GLU H 501 -45.36 -70.26 -23.47
N MET H 502 -44.66 -70.41 -24.62
CA MET H 502 -43.58 -71.38 -24.72
C MET H 502 -42.43 -71.03 -23.78
N LEU H 503 -42.06 -69.75 -23.72
CA LEU H 503 -40.95 -69.34 -22.85
C LEU H 503 -41.30 -69.46 -21.38
N ARG H 504 -42.56 -69.22 -21.01
CA ARG H 504 -42.93 -69.36 -19.61
C ARG H 504 -43.07 -70.82 -19.19
N GLY H 505 -43.62 -71.67 -20.06
CA GLY H 505 -43.68 -73.09 -19.78
C GLY H 505 -42.46 -73.87 -20.21
N MET H 506 -41.37 -73.17 -20.55
CA MET H 506 -40.14 -73.79 -21.02
C MET H 506 -39.58 -74.84 -20.07
N LYS H 507 -39.76 -74.67 -18.75
CA LYS H 507 -39.27 -75.68 -17.82
C LYS H 507 -39.98 -77.02 -18.02
N LEU H 508 -41.31 -76.98 -18.09
CA LEU H 508 -42.08 -78.19 -18.35
C LEU H 508 -41.77 -78.75 -19.74
N LEU H 509 -41.54 -77.86 -20.72
CA LEU H 509 -41.19 -78.32 -22.05
C LEU H 509 -39.83 -79.02 -22.08
N LYS H 510 -38.86 -78.50 -21.30
CA LYS H 510 -37.58 -79.19 -21.15
C LYS H 510 -37.77 -80.55 -20.49
N LEU H 511 -38.66 -80.61 -19.51
CA LEU H 511 -38.90 -81.86 -18.79
C LEU H 511 -39.49 -82.93 -19.70
N TYR H 512 -40.45 -82.56 -20.54
CA TYR H 512 -41.14 -83.54 -21.38
C TYR H 512 -40.55 -83.66 -22.78
N ALA H 513 -39.45 -82.96 -23.07
CA ALA H 513 -38.85 -82.88 -24.41
C ALA H 513 -39.88 -82.40 -25.45
N TRP H 514 -40.64 -81.39 -25.07
CA TRP H 514 -41.74 -80.86 -25.88
C TRP H 514 -41.37 -79.56 -26.57
N GLU H 515 -40.13 -79.45 -27.04
CA GLU H 515 -39.72 -78.22 -27.72
C GLU H 515 -40.18 -78.21 -29.16
N SER H 516 -39.72 -79.18 -29.96
CA SER H 516 -39.87 -79.12 -31.42
C SER H 516 -41.32 -79.11 -31.86
N ILE H 517 -42.20 -79.74 -31.09
CA ILE H 517 -43.63 -79.69 -31.38
C ILE H 517 -44.18 -78.27 -31.17
N PHE H 518 -43.66 -77.55 -30.18
CA PHE H 518 -44.03 -76.14 -30.00
C PHE H 518 -43.36 -75.25 -31.04
N CYS H 519 -42.13 -75.60 -31.44
CA CYS H 519 -41.43 -74.88 -32.50
C CYS H 519 -42.20 -74.97 -33.81
N SER H 520 -42.80 -76.12 -34.08
CA SER H 520 -43.61 -76.29 -35.29
C SER H 520 -44.80 -75.34 -35.29
N ARG H 521 -45.47 -75.18 -34.15
CA ARG H 521 -46.64 -74.29 -34.09
C ARG H 521 -46.22 -72.82 -34.17
N VAL H 522 -45.15 -72.45 -33.47
CA VAL H 522 -44.65 -71.07 -33.53
C VAL H 522 -44.17 -70.75 -34.94
N GLU H 523 -43.55 -71.73 -35.62
CA GLU H 523 -43.11 -71.52 -36.99
C GLU H 523 -44.27 -71.52 -37.98
N VAL H 524 -45.36 -72.23 -37.68
CA VAL H 524 -46.55 -72.14 -38.52
C VAL H 524 -47.14 -70.74 -38.46
N THR H 525 -47.25 -70.19 -37.23
CA THR H 525 -47.70 -68.82 -37.07
C THR H 525 -46.73 -67.85 -37.74
N ARG H 526 -45.43 -68.14 -37.64
CA ARG H 526 -44.41 -67.32 -38.31
C ARG H 526 -44.53 -67.37 -39.81
N ARG H 527 -44.84 -68.55 -40.37
CA ARG H 527 -45.02 -68.68 -41.82
C ARG H 527 -46.23 -67.92 -42.31
N LYS H 528 -47.33 -67.96 -41.55
CA LYS H 528 -48.50 -67.16 -41.92
C LYS H 528 -48.22 -65.66 -41.82
N GLU H 529 -47.47 -65.26 -40.77
CA GLU H 529 -47.03 -63.87 -40.66
C GLU H 529 -46.12 -63.49 -41.82
N MET H 530 -45.30 -64.42 -42.30
CA MET H 530 -44.45 -64.16 -43.46
C MET H 530 -45.27 -64.02 -44.73
N THR H 531 -46.36 -64.78 -44.86
CA THR H 531 -47.25 -64.60 -46.01
C THR H 531 -47.89 -63.22 -46.01
N SER H 532 -48.26 -62.71 -44.82
CA SER H 532 -48.75 -61.34 -44.75
C SER H 532 -47.64 -60.32 -45.03
N LEU H 533 -46.45 -60.55 -44.46
CA LEU H 533 -45.33 -59.64 -44.60
C LEU H 533 -44.79 -59.59 -46.03
N ARG H 534 -45.02 -60.63 -46.82
CA ARG H 534 -44.65 -60.60 -48.23
C ARG H 534 -45.46 -59.56 -48.98
N ALA H 535 -46.78 -59.50 -48.74
CA ALA H 535 -47.60 -58.46 -49.34
C ALA H 535 -47.23 -57.07 -48.82
N PHE H 536 -46.90 -57.00 -47.52
CA PHE H 536 -46.42 -55.73 -46.95
C PHE H 536 -45.16 -55.24 -47.67
N ALA H 537 -44.19 -56.14 -47.88
CA ALA H 537 -42.95 -55.77 -48.55
C ALA H 537 -43.19 -55.45 -50.03
N VAL H 538 -44.15 -56.13 -50.66
CA VAL H 538 -44.49 -55.83 -52.05
C VAL H 538 -45.01 -54.41 -52.17
N TYR H 539 -45.90 -54.00 -51.26
CA TYR H 539 -46.42 -52.64 -51.32
C TYR H 539 -45.36 -51.61 -50.93
N THR H 540 -44.44 -51.95 -50.03
CA THR H 540 -43.31 -51.07 -49.74
C THR H 540 -42.43 -50.87 -50.98
N SER H 541 -42.16 -51.97 -51.71
CA SER H 541 -41.38 -51.88 -52.94
C SER H 541 -42.08 -51.05 -53.99
N ILE H 542 -43.41 -51.19 -54.09
CA ILE H 542 -44.19 -50.39 -55.04
C ILE H 542 -44.10 -48.92 -54.69
N SER H 543 -44.19 -48.59 -53.40
CA SER H 543 -44.06 -47.19 -52.96
C SER H 543 -42.69 -46.62 -53.32
N ILE H 544 -41.63 -47.38 -53.05
CA ILE H 544 -40.28 -46.91 -53.32
C ILE H 544 -40.06 -46.73 -54.83
N PHE H 545 -40.50 -47.72 -55.62
CA PHE H 545 -40.34 -47.66 -57.07
C PHE H 545 -41.12 -46.51 -57.67
N MET H 546 -42.36 -46.28 -57.21
CA MET H 546 -43.14 -45.16 -57.73
C MET H 546 -42.50 -43.83 -57.37
N ASN H 547 -42.03 -43.69 -56.12
CA ASN H 547 -41.40 -42.44 -55.68
C ASN H 547 -40.13 -42.14 -56.47
N THR H 548 -39.33 -43.17 -56.78
CA THR H 548 -38.08 -42.95 -57.47
C THR H 548 -38.18 -43.11 -58.99
N ALA H 549 -39.35 -43.42 -59.54
CA ALA H 549 -39.48 -43.60 -60.97
C ALA H 549 -40.48 -42.66 -61.65
N ILE H 550 -41.46 -42.13 -60.91
CA ILE H 550 -42.38 -41.14 -61.50
C ILE H 550 -41.67 -39.87 -61.97
N PRO H 551 -40.72 -39.27 -61.23
CA PRO H 551 -39.98 -38.13 -61.80
C PRO H 551 -39.22 -38.44 -63.08
N ILE H 552 -38.65 -39.64 -63.20
CA ILE H 552 -37.95 -40.02 -64.43
C ILE H 552 -38.92 -40.07 -65.60
N ALA H 553 -40.09 -40.68 -65.38
CA ALA H 553 -41.10 -40.74 -66.43
C ALA H 553 -41.61 -39.36 -66.80
N ALA H 554 -41.79 -38.49 -65.81
CA ALA H 554 -42.26 -37.12 -66.07
C ALA H 554 -41.25 -36.33 -66.89
N VAL H 555 -39.96 -36.42 -66.53
CA VAL H 555 -38.90 -35.74 -67.28
C VAL H 555 -38.82 -36.27 -68.70
N LEU H 556 -38.90 -37.60 -68.84
CA LEU H 556 -38.88 -38.24 -70.16
C LEU H 556 -40.01 -37.74 -71.04
N ILE H 557 -41.24 -37.77 -70.53
CA ILE H 557 -42.38 -37.41 -71.36
C ILE H 557 -42.37 -35.92 -71.67
N THR H 558 -41.96 -35.07 -70.72
CA THR H 558 -42.00 -33.64 -70.99
C THR H 558 -40.95 -33.24 -72.04
N PHE H 559 -39.73 -33.79 -71.95
CA PHE H 559 -38.73 -33.38 -72.93
C PHE H 559 -38.97 -34.02 -74.29
N VAL H 560 -39.35 -35.31 -74.30
CA VAL H 560 -39.60 -35.99 -75.57
C VAL H 560 -40.82 -35.41 -76.28
N GLY H 561 -41.90 -35.13 -75.53
CA GLY H 561 -43.05 -34.49 -76.14
C GLY H 561 -42.77 -33.08 -76.60
N HIS H 562 -41.95 -32.33 -75.85
CA HIS H 562 -41.60 -30.97 -76.23
C HIS H 562 -40.82 -30.95 -77.54
N VAL H 563 -39.92 -31.91 -77.74
CA VAL H 563 -39.14 -31.91 -78.98
C VAL H 563 -39.78 -32.69 -80.13
N SER H 564 -40.75 -33.56 -79.85
CA SER H 564 -41.28 -34.44 -80.89
C SER H 564 -42.75 -34.21 -81.16
N PHE H 565 -43.59 -34.18 -80.13
CA PHE H 565 -45.03 -34.07 -80.37
C PHE H 565 -45.44 -32.62 -80.57
N PHE H 566 -45.16 -31.76 -79.59
CA PHE H 566 -45.60 -30.38 -79.66
C PHE H 566 -44.82 -29.58 -80.70
N LYS H 567 -43.53 -29.89 -80.88
CA LYS H 567 -42.64 -29.19 -81.80
C LYS H 567 -42.63 -27.69 -81.54
N GLU H 568 -42.49 -27.34 -80.27
CA GLU H 568 -42.49 -25.96 -79.80
C GLU H 568 -41.12 -25.33 -80.02
N SER H 569 -40.86 -24.20 -79.35
CA SER H 569 -39.53 -23.59 -79.35
C SER H 569 -38.46 -24.60 -78.96
N ASP H 570 -37.30 -24.50 -79.59
CA ASP H 570 -36.26 -25.52 -79.47
C ASP H 570 -35.74 -25.61 -78.03
N LEU H 571 -35.41 -26.83 -77.63
CA LEU H 571 -34.92 -27.06 -76.26
C LEU H 571 -33.57 -26.40 -76.06
N SER H 572 -33.41 -25.74 -74.92
CA SER H 572 -32.21 -25.03 -74.53
C SER H 572 -31.77 -25.55 -73.17
N PRO H 573 -30.48 -25.48 -72.85
CA PRO H 573 -30.05 -25.94 -71.52
C PRO H 573 -30.65 -25.16 -70.37
N SER H 574 -30.92 -23.86 -70.57
CA SER H 574 -31.52 -23.05 -69.51
C SER H 574 -32.92 -23.56 -69.16
N VAL H 575 -33.79 -23.71 -70.15
CA VAL H 575 -35.16 -24.14 -69.89
C VAL H 575 -35.19 -25.59 -69.40
N ALA H 576 -34.39 -26.46 -70.02
CA ALA H 576 -34.41 -27.88 -69.65
C ALA H 576 -33.92 -28.10 -68.23
N PHE H 577 -32.80 -27.45 -67.85
CA PHE H 577 -32.29 -27.66 -66.51
C PHE H 577 -33.10 -26.90 -65.46
N ALA H 578 -33.71 -25.76 -65.82
CA ALA H 578 -34.63 -25.11 -64.90
C ALA H 578 -35.86 -25.96 -64.65
N SER H 579 -36.39 -26.61 -65.70
CA SER H 579 -37.52 -27.51 -65.54
C SER H 579 -37.15 -28.74 -64.71
N LEU H 580 -35.93 -29.27 -64.92
CA LEU H 580 -35.47 -30.40 -64.12
C LEU H 580 -35.34 -30.03 -62.65
N SER H 581 -34.83 -28.83 -62.37
CA SER H 581 -34.77 -28.35 -60.99
C SER H 581 -36.16 -28.14 -60.40
N LEU H 582 -37.11 -27.67 -61.23
CA LEU H 582 -38.49 -27.51 -60.77
C LEU H 582 -39.12 -28.85 -60.42
N PHE H 583 -38.85 -29.89 -61.22
CA PHE H 583 -39.36 -31.22 -60.89
C PHE H 583 -38.70 -31.76 -59.63
N HIS H 584 -37.39 -31.52 -59.46
CA HIS H 584 -36.69 -31.93 -58.24
C HIS H 584 -37.22 -31.21 -57.01
N ILE H 585 -37.73 -29.99 -57.18
CA ILE H 585 -38.37 -29.30 -56.07
C ILE H 585 -39.77 -29.85 -55.81
N LEU H 586 -40.52 -30.12 -56.87
CA LEU H 586 -41.93 -30.51 -56.72
C LEU H 586 -42.12 -31.97 -56.29
N VAL H 587 -41.10 -32.82 -56.42
CA VAL H 587 -41.30 -34.24 -56.12
C VAL H 587 -41.57 -34.48 -54.63
N THR H 588 -40.85 -33.77 -53.74
CA THR H 588 -40.97 -34.05 -52.30
C THR H 588 -42.32 -33.64 -51.72
N PRO H 589 -42.86 -32.43 -51.93
CA PRO H 589 -44.21 -32.15 -51.38
C PRO H 589 -45.30 -33.01 -51.98
N LEU H 590 -45.18 -33.40 -53.25
CA LEU H 590 -46.16 -34.32 -53.84
C LEU H 590 -46.11 -35.69 -53.17
N PHE H 591 -44.91 -36.15 -52.80
CA PHE H 591 -44.79 -37.43 -52.11
C PHE H 591 -45.34 -37.35 -50.68
N LEU H 592 -45.10 -36.24 -49.98
CA LEU H 592 -45.54 -36.12 -48.60
C LEU H 592 -46.98 -35.61 -48.46
N LEU H 593 -47.61 -35.23 -49.58
CA LEU H 593 -49.00 -34.76 -49.53
C LEU H 593 -49.95 -35.85 -49.05
N SER H 594 -49.74 -37.09 -49.49
CA SER H 594 -50.58 -38.20 -49.04
C SER H 594 -50.44 -38.43 -47.54
N SER H 595 -49.20 -38.35 -47.02
CA SER H 595 -48.98 -38.49 -45.59
C SER H 595 -49.66 -37.36 -44.82
N VAL H 596 -49.61 -36.14 -45.35
CA VAL H 596 -50.26 -35.01 -44.70
C VAL H 596 -51.78 -35.18 -44.68
N VAL H 597 -52.36 -35.66 -45.78
CA VAL H 597 -53.80 -35.88 -45.84
C VAL H 597 -54.23 -36.98 -44.86
N ARG H 598 -53.47 -38.09 -44.82
CA ARG H 598 -53.77 -39.15 -43.87
C ARG H 598 -53.62 -38.68 -42.43
N SER H 599 -52.63 -37.82 -42.17
CA SER H 599 -52.46 -37.25 -40.84
C SER H 599 -53.63 -36.36 -40.46
N THR H 600 -54.16 -35.59 -41.42
CA THR H 600 -55.33 -34.76 -41.16
C THR H 600 -56.56 -35.60 -40.83
N VAL H 601 -56.77 -36.69 -41.58
CA VAL H 601 -57.92 -37.56 -41.32
C VAL H 601 -57.77 -38.23 -39.95
N LYS H 602 -56.58 -38.72 -39.63
CA LYS H 602 -56.33 -39.31 -38.32
C LYS H 602 -56.48 -38.29 -37.21
N ALA H 603 -56.15 -37.02 -37.48
CA ALA H 603 -56.35 -35.96 -36.50
C ALA H 603 -57.82 -35.72 -36.24
N LEU H 604 -58.64 -35.71 -37.29
CA LEU H 604 -60.08 -35.56 -37.11
C LEU H 604 -60.66 -36.69 -36.28
N VAL H 605 -60.24 -37.92 -36.56
CA VAL H 605 -60.71 -39.07 -35.79
C VAL H 605 -60.23 -39.00 -34.35
N SER H 606 -58.97 -38.57 -34.14
CA SER H 606 -58.41 -38.46 -32.80
C SER H 606 -59.11 -37.39 -31.97
N VAL H 607 -59.42 -36.24 -32.59
CA VAL H 607 -60.11 -35.18 -31.86
C VAL H 607 -61.55 -35.60 -31.55
N GLN H 608 -62.20 -36.33 -32.45
CA GLN H 608 -63.53 -36.87 -32.16
C GLN H 608 -63.49 -37.86 -30.99
N LYS H 609 -62.49 -38.75 -30.98
CA LYS H 609 -62.36 -39.71 -29.88
C LYS H 609 -62.05 -39.02 -28.56
N LEU H 610 -61.20 -38.00 -28.60
CA LEU H 610 -60.87 -37.23 -27.40
C LEU H 610 -62.07 -36.46 -26.88
N SER H 611 -62.89 -35.94 -27.79
CA SER H 611 -64.13 -35.27 -27.39
C SER H 611 -65.10 -36.23 -26.74
N GLU H 612 -65.22 -37.44 -27.29
CA GLU H 612 -66.09 -38.45 -26.69
C GLU H 612 -65.56 -38.88 -25.32
N PHE H 613 -64.25 -38.82 -25.11
CA PHE H 613 -63.72 -39.11 -23.78
C PHE H 613 -64.00 -37.96 -22.81
N LEU H 614 -63.81 -36.72 -23.26
CA LEU H 614 -63.99 -35.57 -22.38
C LEU H 614 -65.46 -35.29 -22.08
N SER H 615 -66.38 -35.82 -22.88
CA SER H 615 -67.81 -35.59 -22.69
C SER H 615 -68.49 -36.75 -21.95
N SER H 616 -67.76 -37.46 -21.10
CA SER H 616 -68.28 -38.64 -20.43
C SER H 616 -68.74 -38.30 -19.02
N ALA H 617 -69.14 -39.35 -18.29
CA ALA H 617 -69.69 -39.17 -16.96
C ALA H 617 -68.60 -38.79 -15.95
N GLU H 618 -68.99 -38.02 -14.95
CA GLU H 618 -68.09 -37.58 -13.90
C GLU H 618 -68.76 -37.74 -12.54
N ILE H 619 -67.93 -37.87 -11.50
CA ILE H 619 -68.45 -37.90 -10.14
C ILE H 619 -68.96 -36.52 -9.74
N ARG H 620 -69.92 -36.50 -8.83
CA ARG H 620 -70.48 -35.24 -8.38
C ARG H 620 -69.60 -34.62 -7.31
N GLU H 621 -69.71 -33.30 -7.17
CA GLU H 621 -68.92 -32.56 -6.19
C GLU H 621 -69.66 -32.49 -4.86
N ASP H 675 -71.57 -35.06 15.75
CA ASP H 675 -71.08 -34.84 17.10
C ASP H 675 -69.88 -35.73 17.40
N ASN H 676 -70.14 -36.91 17.92
CA ASN H 676 -69.10 -37.89 18.23
C ASN H 676 -68.98 -38.97 17.17
N PHE H 677 -69.57 -38.77 16.00
CA PHE H 677 -69.61 -39.78 14.95
C PHE H 677 -68.89 -39.26 13.70
N CYS H 678 -68.36 -40.21 12.92
CA CYS H 678 -67.51 -39.88 11.78
C CYS H 678 -68.32 -39.60 10.52
N VAL H 679 -69.10 -40.59 10.07
CA VAL H 679 -69.87 -40.49 8.83
C VAL H 679 -71.35 -40.61 9.17
N GLN H 680 -72.16 -39.70 8.63
CA GLN H 680 -73.60 -39.71 8.83
C GLN H 680 -74.30 -39.65 7.49
N ILE H 681 -75.26 -40.57 7.29
CA ILE H 681 -76.13 -40.56 6.11
C ILE H 681 -77.56 -40.63 6.61
N ILE H 682 -78.42 -39.77 6.05
CA ILE H 682 -79.83 -39.72 6.42
C ILE H 682 -80.64 -39.95 5.14
N GLY H 683 -81.17 -41.16 4.99
CA GLY H 683 -82.01 -41.48 3.85
C GLY H 683 -81.31 -41.42 2.51
N GLY H 684 -80.08 -41.92 2.44
CA GLY H 684 -79.30 -41.79 1.23
C GLY H 684 -79.77 -42.76 0.14
N PHE H 685 -79.84 -42.25 -1.08
CA PHE H 685 -80.15 -43.05 -2.26
C PHE H 685 -79.01 -42.90 -3.25
N PHE H 686 -78.38 -44.01 -3.62
CA PHE H 686 -77.22 -43.99 -4.49
C PHE H 686 -77.41 -45.01 -5.61
N THR H 687 -77.15 -44.60 -6.84
CA THR H 687 -77.17 -45.49 -8.00
C THR H 687 -75.80 -45.47 -8.66
N TRP H 688 -75.37 -46.65 -9.13
CA TRP H 688 -74.15 -46.70 -9.93
C TRP H 688 -74.37 -46.09 -11.32
N THR H 689 -75.46 -46.48 -11.97
CA THR H 689 -75.84 -45.87 -13.24
C THR H 689 -76.33 -44.45 -13.00
N PRO H 690 -76.19 -43.56 -13.99
CA PRO H 690 -76.62 -42.16 -13.77
C PRO H 690 -78.12 -41.99 -13.52
N ASP H 691 -78.97 -42.77 -14.19
CA ASP H 691 -80.41 -42.60 -14.08
C ASP H 691 -81.12 -43.95 -13.98
N GLY H 692 -80.59 -44.84 -13.13
CA GLY H 692 -81.12 -46.17 -12.98
C GLY H 692 -81.78 -46.41 -11.64
N ILE H 693 -82.04 -47.69 -11.37
CA ILE H 693 -82.65 -48.13 -10.12
C ILE H 693 -81.67 -47.88 -8.97
N PRO H 694 -82.13 -47.38 -7.81
CA PRO H 694 -81.21 -47.21 -6.67
C PRO H 694 -80.63 -48.50 -6.15
N THR H 695 -79.31 -48.67 -6.32
CA THR H 695 -78.63 -49.81 -5.72
C THR H 695 -78.59 -49.70 -4.21
N LEU H 696 -78.55 -48.49 -3.68
CA LEU H 696 -78.63 -48.23 -2.24
C LEU H 696 -79.89 -47.42 -1.97
N SER H 697 -80.72 -47.92 -1.05
CA SER H 697 -81.99 -47.29 -0.74
C SER H 697 -82.17 -47.19 0.77
N ASN H 698 -82.65 -46.02 1.23
CA ASN H 698 -82.92 -45.73 2.63
C ASN H 698 -81.68 -45.96 3.50
N ILE H 699 -80.55 -45.43 3.04
CA ILE H 699 -79.28 -45.59 3.74
C ILE H 699 -79.25 -44.67 4.96
N THR H 700 -79.15 -45.27 6.15
CA THR H 700 -78.95 -44.52 7.39
C THR H 700 -77.76 -45.13 8.10
N ILE H 701 -76.75 -44.31 8.40
CA ILE H 701 -75.48 -44.78 8.91
C ILE H 701 -74.97 -43.81 9.97
N ARG H 702 -74.51 -44.36 11.11
CA ARG H 702 -73.93 -43.57 12.20
C ARG H 702 -72.63 -44.28 12.64
N ILE H 703 -71.52 -43.90 12.02
CA ILE H 703 -70.23 -44.55 12.26
C ILE H 703 -69.54 -43.82 13.41
N PRO H 704 -69.19 -44.51 14.50
CA PRO H 704 -68.46 -43.85 15.58
C PRO H 704 -67.02 -43.51 15.18
N ARG H 705 -66.49 -42.47 15.81
CA ARG H 705 -65.10 -42.07 15.61
C ARG H 705 -64.20 -42.77 16.60
N GLY H 706 -63.07 -43.26 16.11
CA GLY H 706 -62.11 -43.94 16.96
C GLY H 706 -62.47 -45.36 17.33
N GLN H 707 -63.48 -45.93 16.70
CA GLN H 707 -63.94 -47.28 16.98
C GLN H 707 -63.89 -48.12 15.71
N LEU H 708 -64.15 -49.41 15.88
CA LEU H 708 -64.22 -50.35 14.75
C LEU H 708 -65.68 -50.57 14.38
N THR H 709 -66.02 -50.27 13.15
CA THR H 709 -67.35 -50.51 12.60
C THR H 709 -67.25 -51.59 11.53
N MET H 710 -68.04 -52.64 11.66
CA MET H 710 -67.95 -53.78 10.75
C MET H 710 -69.26 -53.93 9.98
N ILE H 711 -69.14 -53.95 8.65
CA ILE H 711 -70.29 -54.11 7.76
C ILE H 711 -70.35 -55.56 7.33
N VAL H 712 -71.49 -56.21 7.58
CA VAL H 712 -71.67 -57.62 7.27
C VAL H 712 -72.90 -57.79 6.40
N GLY H 713 -72.88 -58.83 5.58
CA GLY H 713 -73.98 -59.10 4.68
C GLY H 713 -73.61 -60.20 3.71
N GLN H 714 -74.54 -60.47 2.81
CA GLN H 714 -74.36 -61.53 1.80
C GLN H 714 -73.58 -60.97 0.62
N VAL H 715 -73.46 -61.76 -0.44
CA VAL H 715 -72.72 -61.38 -1.63
C VAL H 715 -73.54 -60.38 -2.44
N GLY H 716 -72.94 -59.24 -2.75
CA GLY H 716 -73.59 -58.22 -3.56
C GLY H 716 -74.77 -57.53 -2.90
N CYS H 717 -74.69 -57.30 -1.59
CA CYS H 717 -75.73 -56.56 -0.88
C CYS H 717 -75.39 -55.08 -0.73
N GLY H 718 -74.24 -54.64 -1.24
CA GLY H 718 -73.90 -53.23 -1.26
C GLY H 718 -72.89 -52.76 -0.25
N LYS H 719 -72.08 -53.65 0.32
CA LYS H 719 -71.08 -53.24 1.31
C LYS H 719 -70.00 -52.36 0.67
N SER H 720 -69.43 -52.84 -0.43
CA SER H 720 -68.46 -52.03 -1.18
C SER H 720 -69.13 -50.78 -1.75
N SER H 721 -70.39 -50.91 -2.18
CA SER H 721 -71.14 -49.75 -2.65
C SER H 721 -71.38 -48.75 -1.54
N LEU H 722 -71.65 -49.22 -0.32
CA LEU H 722 -71.79 -48.31 0.82
C LEU H 722 -70.47 -47.59 1.12
N LEU H 723 -69.35 -48.33 1.08
CA LEU H 723 -68.05 -47.74 1.31
C LEU H 723 -67.72 -46.66 0.28
N LEU H 724 -68.00 -46.94 -1.00
CA LEU H 724 -67.74 -45.96 -2.05
C LEU H 724 -68.77 -44.84 -2.09
N ALA H 725 -69.97 -45.08 -1.58
CA ALA H 725 -70.98 -44.02 -1.51
C ALA H 725 -70.65 -43.03 -0.41
N THR H 726 -70.04 -43.49 0.69
CA THR H 726 -69.55 -42.55 1.68
C THR H 726 -68.38 -41.72 1.17
N LEU H 727 -67.66 -42.21 0.15
CA LEU H 727 -66.53 -41.50 -0.42
C LEU H 727 -66.90 -40.61 -1.60
N GLY H 728 -68.17 -40.55 -1.97
CA GLY H 728 -68.60 -39.75 -3.09
C GLY H 728 -68.40 -40.36 -4.45
N GLU H 729 -67.96 -41.63 -4.52
CA GLU H 729 -67.75 -42.30 -5.81
C GLU H 729 -69.05 -42.67 -6.49
N MET H 730 -70.18 -42.65 -5.77
CA MET H 730 -71.49 -42.90 -6.34
C MET H 730 -72.31 -41.63 -6.30
N GLN H 731 -73.03 -41.35 -7.38
CA GLN H 731 -73.89 -40.18 -7.41
C GLN H 731 -75.07 -40.35 -6.45
N LYS H 732 -75.49 -39.24 -5.86
CA LYS H 732 -76.50 -39.25 -4.81
C LYS H 732 -77.82 -38.76 -5.39
N VAL H 733 -78.87 -39.59 -5.26
CA VAL H 733 -80.19 -39.20 -5.73
C VAL H 733 -80.92 -38.39 -4.65
N SER H 734 -80.94 -38.89 -3.42
CA SER H 734 -81.60 -38.22 -2.32
C SER H 734 -80.81 -38.46 -1.05
N GLY H 735 -81.19 -37.74 0.01
CA GLY H 735 -80.49 -37.84 1.27
C GLY H 735 -79.30 -36.91 1.34
N ALA H 736 -78.61 -36.97 2.48
CA ALA H 736 -77.44 -36.14 2.72
C ALA H 736 -76.37 -36.95 3.42
N VAL H 737 -75.11 -36.60 3.14
CA VAL H 737 -73.94 -37.26 3.73
C VAL H 737 -73.17 -36.21 4.50
N PHE H 738 -72.88 -36.50 5.77
CA PHE H 738 -72.16 -35.59 6.64
C PHE H 738 -70.86 -36.22 7.11
N TRP H 739 -69.78 -35.44 7.07
CA TRP H 739 -68.48 -35.86 7.58
C TRP H 739 -68.06 -34.89 8.67
N ASN H 740 -67.81 -35.42 9.87
CA ASN H 740 -67.43 -34.61 11.03
C ASN H 740 -65.94 -34.66 11.31
N SER H 741 -65.14 -35.09 10.34
CA SER H 741 -63.69 -35.20 10.52
C SER H 741 -63.04 -33.82 10.62
N SER H 766 -65.58 -31.63 2.16
CA SER H 766 -64.90 -31.58 3.44
C SER H 766 -64.76 -32.97 4.04
N ARG H 767 -64.65 -33.97 3.18
CA ARG H 767 -64.47 -35.34 3.64
C ARG H 767 -63.12 -35.56 4.29
N GLY H 768 -62.06 -35.02 3.68
CA GLY H 768 -60.71 -35.28 4.14
C GLY H 768 -60.17 -36.57 3.56
N PRO H 769 -58.89 -36.84 3.76
CA PRO H 769 -58.32 -38.10 3.30
C PRO H 769 -58.89 -39.28 4.07
N VAL H 770 -59.00 -40.42 3.37
CA VAL H 770 -59.49 -41.66 3.96
C VAL H 770 -58.58 -42.79 3.47
N ALA H 771 -58.00 -43.55 4.39
CA ALA H 771 -57.19 -44.70 4.02
C ALA H 771 -58.11 -45.82 3.54
N TYR H 772 -57.96 -46.20 2.28
CA TYR H 772 -58.87 -47.14 1.64
C TYR H 772 -58.10 -48.34 1.11
N ALA H 773 -58.59 -49.53 1.43
CA ALA H 773 -58.09 -50.78 0.87
C ALA H 773 -59.22 -51.42 0.07
N SER H 774 -59.11 -51.36 -1.24
CA SER H 774 -60.17 -51.86 -2.11
C SER H 774 -60.26 -53.38 -2.04
N GLN H 775 -61.43 -53.89 -2.45
CA GLN H 775 -61.62 -55.34 -2.50
C GLN H 775 -60.69 -55.99 -3.51
N LYS H 776 -60.49 -55.34 -4.66
CA LYS H 776 -59.42 -55.72 -5.56
C LYS H 776 -58.18 -54.93 -5.19
N PRO H 777 -57.09 -55.57 -4.76
CA PRO H 777 -55.93 -54.82 -4.23
C PRO H 777 -55.20 -54.05 -5.33
N TRP H 778 -55.17 -52.73 -5.17
CA TRP H 778 -54.47 -51.88 -6.12
C TRP H 778 -52.98 -51.83 -5.79
N LEU H 779 -52.15 -51.96 -6.82
CA LEU H 779 -50.71 -51.95 -6.67
C LEU H 779 -50.11 -50.94 -7.64
N LEU H 780 -49.19 -50.12 -7.14
CA LEU H 780 -48.46 -49.20 -7.99
C LEU H 780 -47.38 -49.94 -8.77
N ASN H 781 -46.71 -49.23 -9.66
CA ASN H 781 -45.63 -49.79 -10.47
C ASN H 781 -44.28 -49.73 -9.76
N ALA H 782 -44.21 -49.16 -8.57
CA ALA H 782 -42.95 -48.94 -7.89
C ALA H 782 -42.60 -50.16 -7.03
N THR H 783 -41.61 -50.01 -6.16
CA THR H 783 -41.14 -51.09 -5.31
C THR H 783 -42.11 -51.33 -4.16
N VAL H 784 -41.85 -52.39 -3.40
CA VAL H 784 -42.71 -52.76 -2.27
C VAL H 784 -42.69 -51.67 -1.20
N GLU H 785 -41.52 -51.08 -0.96
CA GLU H 785 -41.40 -49.99 0.00
C GLU H 785 -42.25 -48.79 -0.42
N GLU H 786 -42.21 -48.44 -1.71
CA GLU H 786 -43.04 -47.33 -2.17
C GLU H 786 -44.51 -47.72 -2.28
N ASN H 787 -44.80 -49.01 -2.45
CA ASN H 787 -46.20 -49.46 -2.42
C ASN H 787 -46.78 -49.35 -1.02
N ILE H 788 -45.97 -49.55 0.02
CA ILE H 788 -46.46 -49.45 1.39
C ILE H 788 -46.48 -48.00 1.86
N THR H 789 -45.42 -47.24 1.59
CA THR H 789 -45.37 -45.84 2.04
C THR H 789 -46.39 -45.00 1.29
N PHE H 790 -46.39 -45.07 -0.05
CA PHE H 790 -47.39 -44.45 -0.93
C PHE H 790 -47.45 -42.94 -0.71
N GLU H 791 -46.36 -42.28 -1.09
CA GLU H 791 -46.18 -40.82 -1.01
C GLU H 791 -46.30 -40.33 0.43
N SER H 792 -45.49 -40.92 1.29
CA SER H 792 -45.43 -40.60 2.71
C SER H 792 -43.98 -40.63 3.16
N PRO H 793 -43.62 -39.90 4.21
CA PRO H 793 -42.26 -40.01 4.75
C PRO H 793 -41.99 -41.41 5.27
N PHE H 794 -40.81 -41.94 4.94
CA PHE H 794 -40.44 -43.29 5.32
C PHE H 794 -39.92 -43.29 6.75
N ASN H 795 -40.68 -43.88 7.66
CA ASN H 795 -40.24 -44.14 9.02
C ASN H 795 -39.97 -45.63 9.14
N LYS H 796 -38.73 -46.00 9.46
CA LYS H 796 -38.35 -47.41 9.54
C LYS H 796 -39.09 -48.12 10.66
N GLN H 797 -39.33 -47.44 11.78
CA GLN H 797 -40.08 -48.03 12.88
C GLN H 797 -41.52 -48.33 12.47
N ARG H 798 -42.19 -47.35 11.85
CA ARG H 798 -43.57 -47.56 11.42
C ARG H 798 -43.65 -48.57 10.28
N TYR H 799 -42.67 -48.54 9.37
CA TYR H 799 -42.64 -49.50 8.27
C TYR H 799 -42.50 -50.93 8.79
N LYS H 800 -41.57 -51.15 9.73
CA LYS H 800 -41.41 -52.49 10.30
C LYS H 800 -42.60 -52.89 11.15
N MET H 801 -43.21 -51.93 11.85
CA MET H 801 -44.40 -52.23 12.66
C MET H 801 -45.57 -52.65 11.79
N VAL H 802 -45.79 -51.96 10.68
CA VAL H 802 -46.88 -52.32 9.76
C VAL H 802 -46.58 -53.65 9.08
N ILE H 803 -45.32 -53.90 8.74
CA ILE H 803 -44.93 -55.17 8.12
C ILE H 803 -45.15 -56.33 9.08
N GLU H 804 -44.78 -56.16 10.36
CA GLU H 804 -45.04 -57.20 11.36
C GLU H 804 -46.53 -57.36 11.63
N ALA H 805 -47.30 -56.27 11.54
CA ALA H 805 -48.75 -56.38 11.70
C ALA H 805 -49.39 -57.17 10.57
N CYS H 806 -48.90 -56.98 9.34
CA CYS H 806 -49.42 -57.70 8.18
C CYS H 806 -48.67 -59.01 7.92
N SER H 807 -47.64 -59.32 8.71
CA SER H 807 -46.79 -60.50 8.53
C SER H 807 -46.17 -60.56 7.14
N LEU H 808 -45.78 -59.39 6.62
CA LEU H 808 -45.18 -59.27 5.30
C LEU H 808 -43.68 -59.51 5.29
N GLN H 809 -43.05 -59.64 6.46
CA GLN H 809 -41.60 -59.84 6.50
C GLN H 809 -41.11 -61.12 5.83
N PRO H 810 -41.62 -62.34 6.16
CA PRO H 810 -41.03 -63.53 5.51
C PRO H 810 -41.29 -63.59 4.03
N ASP H 811 -42.37 -62.98 3.53
CA ASP H 811 -42.66 -63.01 2.10
C ASP H 811 -41.78 -62.04 1.31
N ILE H 812 -41.45 -60.88 1.89
CA ILE H 812 -40.47 -60.01 1.24
C ILE H 812 -39.05 -60.50 1.42
N ASP H 813 -38.82 -61.45 2.34
CA ASP H 813 -37.51 -62.09 2.39
C ASP H 813 -37.25 -62.97 1.17
N ILE H 814 -38.30 -63.54 0.58
CA ILE H 814 -38.16 -64.38 -0.62
C ILE H 814 -37.84 -63.49 -1.83
N LEU H 815 -37.60 -64.13 -3.00
CA LEU H 815 -37.57 -63.54 -4.34
C LEU H 815 -36.29 -62.72 -4.55
N PRO H 816 -35.98 -62.20 -5.76
CA PRO H 816 -34.64 -61.59 -5.95
C PRO H 816 -34.31 -60.42 -5.03
N HIS H 817 -35.29 -59.60 -4.64
CA HIS H 817 -35.00 -58.46 -3.79
C HIS H 817 -35.86 -58.42 -2.54
N GLY H 818 -35.43 -57.60 -1.59
CA GLY H 818 -36.16 -57.42 -0.34
C GLY H 818 -36.70 -56.01 -0.31
N ASP H 819 -38.01 -55.90 -0.05
CA ASP H 819 -38.73 -54.63 0.02
C ASP H 819 -38.32 -53.60 -1.06
N GLN H 820 -37.70 -54.08 -2.13
CA GLN H 820 -37.27 -53.21 -3.20
C GLN H 820 -37.57 -53.80 -4.57
N THR H 821 -38.28 -54.93 -4.63
CA THR H 821 -38.67 -55.52 -5.91
C THR H 821 -39.78 -54.70 -6.55
N GLN H 822 -39.63 -54.38 -7.83
CA GLN H 822 -40.72 -53.81 -8.58
C GLN H 822 -41.82 -54.85 -8.76
N ILE H 823 -43.05 -54.50 -8.40
CA ILE H 823 -44.18 -55.42 -8.46
C ILE H 823 -45.29 -54.79 -9.28
N GLY H 824 -46.39 -55.53 -9.42
CA GLY H 824 -47.46 -55.10 -10.32
C GLY H 824 -47.01 -55.26 -11.76
N GLU H 825 -47.32 -54.26 -12.58
CA GLU H 825 -46.77 -54.23 -13.93
C GLU H 825 -45.31 -53.80 -13.88
N ARG H 826 -44.57 -54.14 -14.94
CA ARG H 826 -43.12 -53.92 -15.06
C ARG H 826 -42.36 -54.59 -13.92
N GLY H 827 -42.87 -55.72 -13.43
CA GLY H 827 -42.24 -56.42 -12.33
C GLY H 827 -42.90 -57.77 -12.16
N ILE H 828 -42.36 -58.55 -11.21
CA ILE H 828 -42.84 -59.90 -10.98
C ILE H 828 -44.23 -59.86 -10.34
N ASN H 829 -45.10 -60.75 -10.79
CA ASN H 829 -46.42 -60.83 -10.20
C ASN H 829 -46.35 -61.49 -8.83
N LEU H 830 -47.22 -61.04 -7.94
CA LEU H 830 -47.33 -61.59 -6.60
C LEU H 830 -48.60 -62.43 -6.47
N SER H 831 -48.59 -63.33 -5.50
CA SER H 831 -49.80 -64.07 -5.18
C SER H 831 -50.84 -63.14 -4.56
N GLY H 832 -52.10 -63.56 -4.61
CA GLY H 832 -53.20 -62.71 -4.19
C GLY H 832 -53.14 -62.30 -2.74
N GLY H 833 -52.66 -63.20 -1.87
CA GLY H 833 -52.47 -62.84 -0.48
C GLY H 833 -51.44 -61.75 -0.29
N GLN H 834 -50.33 -61.82 -1.03
CA GLN H 834 -49.30 -60.80 -0.95
C GLN H 834 -49.80 -59.45 -1.45
N ARG H 835 -50.53 -59.44 -2.57
CA ARG H 835 -51.08 -58.20 -3.10
C ARG H 835 -52.08 -57.59 -2.12
N GLN H 836 -52.96 -58.43 -1.56
CA GLN H 836 -53.95 -57.95 -0.60
C GLN H 836 -53.29 -57.40 0.66
N ARG H 837 -52.27 -58.09 1.17
CA ARG H 837 -51.63 -57.64 2.40
C ARG H 837 -50.76 -56.41 2.18
N ILE H 838 -50.19 -56.24 0.97
CA ILE H 838 -49.46 -55.01 0.68
C ILE H 838 -50.43 -53.82 0.58
N SER H 839 -51.61 -54.04 -0.01
CA SER H 839 -52.63 -53.00 -0.02
C SER H 839 -53.09 -52.64 1.39
N VAL H 840 -53.27 -53.67 2.24
CA VAL H 840 -53.66 -53.43 3.62
C VAL H 840 -52.55 -52.72 4.39
N ALA H 841 -51.29 -53.06 4.11
CA ALA H 841 -50.16 -52.39 4.74
C ALA H 841 -50.09 -50.93 4.34
N ARG H 842 -50.38 -50.63 3.07
CA ARG H 842 -50.48 -49.24 2.63
C ARG H 842 -51.60 -48.52 3.36
N ALA H 843 -52.74 -49.18 3.55
CA ALA H 843 -53.85 -48.57 4.29
C ALA H 843 -53.49 -48.31 5.74
N LEU H 844 -52.78 -49.23 6.38
CA LEU H 844 -52.39 -49.08 7.78
C LEU H 844 -51.25 -48.11 7.99
N TYR H 845 -50.42 -47.87 6.97
CA TYR H 845 -49.22 -47.06 7.15
C TYR H 845 -49.56 -45.58 7.31
N GLN H 846 -50.47 -45.06 6.50
CA GLN H 846 -50.69 -43.63 6.42
C GLN H 846 -51.34 -43.10 7.70
N GLN H 847 -50.94 -41.90 8.10
CA GLN H 847 -51.41 -41.29 9.35
C GLN H 847 -52.76 -40.61 9.10
N THR H 848 -53.76 -41.43 8.84
CA THR H 848 -55.11 -40.98 8.51
C THR H 848 -56.07 -41.51 9.57
N ASN H 849 -56.96 -40.64 10.05
CA ASN H 849 -57.87 -41.03 11.14
C ASN H 849 -58.93 -42.02 10.66
N VAL H 850 -59.31 -41.97 9.39
CA VAL H 850 -60.31 -42.88 8.84
C VAL H 850 -59.62 -43.95 8.01
N VAL H 851 -59.93 -45.21 8.31
CA VAL H 851 -59.41 -46.35 7.56
C VAL H 851 -60.59 -47.15 7.03
N PHE H 852 -60.69 -47.26 5.71
CA PHE H 852 -61.70 -48.08 5.06
C PHE H 852 -61.03 -49.37 4.57
N LEU H 853 -61.55 -50.50 5.03
CA LEU H 853 -61.03 -51.82 4.65
C LEU H 853 -62.17 -52.62 4.05
N ASP H 854 -62.00 -53.03 2.79
CA ASP H 854 -63.03 -53.75 2.03
C ASP H 854 -62.55 -55.18 1.83
N ASP H 855 -62.93 -56.05 2.77
CA ASP H 855 -62.59 -57.48 2.83
C ASP H 855 -61.09 -57.71 2.72
N PRO H 856 -60.30 -57.40 3.76
CA PRO H 856 -58.87 -57.70 3.71
C PRO H 856 -58.56 -59.19 3.76
N PHE H 857 -59.51 -60.03 4.14
CA PHE H 857 -59.31 -61.45 4.28
C PHE H 857 -59.97 -62.24 3.15
N SER H 858 -59.98 -61.66 1.94
CA SER H 858 -60.55 -62.36 0.78
C SER H 858 -59.72 -63.57 0.40
N ALA H 859 -58.40 -63.40 0.35
CA ALA H 859 -57.47 -64.45 -0.07
C ALA H 859 -56.42 -64.70 0.99
N LEU H 860 -56.84 -64.76 2.25
CA LEU H 860 -55.94 -65.01 3.38
C LEU H 860 -56.42 -66.23 4.15
N ASP H 861 -55.46 -66.97 4.70
CA ASP H 861 -55.75 -68.14 5.52
C ASP H 861 -56.08 -67.70 6.95
N VAL H 862 -56.24 -68.67 7.85
CA VAL H 862 -56.68 -68.36 9.20
C VAL H 862 -55.59 -67.64 9.99
N HIS H 863 -54.34 -68.11 9.89
CA HIS H 863 -53.26 -67.58 10.72
C HIS H 863 -52.91 -66.14 10.35
N LEU H 864 -52.74 -65.88 9.06
CA LEU H 864 -52.37 -64.54 8.62
C LEU H 864 -53.51 -63.55 8.85
N SER H 865 -54.75 -63.97 8.61
CA SER H 865 -55.89 -63.08 8.87
C SER H 865 -56.06 -62.81 10.35
N ASP H 866 -55.84 -63.82 11.21
CA ASP H 866 -55.95 -63.60 12.65
C ASP H 866 -54.85 -62.67 13.16
N HIS H 867 -53.61 -62.86 12.69
CA HIS H 867 -52.53 -61.97 13.09
C HIS H 867 -52.75 -60.56 12.55
N LEU H 868 -53.27 -60.44 11.33
CA LEU H 868 -53.60 -59.13 10.78
C LEU H 868 -54.67 -58.46 11.62
N MET H 869 -55.74 -59.20 11.95
CA MET H 869 -56.83 -58.65 12.75
C MET H 869 -56.32 -58.16 14.10
N GLN H 870 -55.63 -59.02 14.85
CA GLN H 870 -55.10 -58.62 16.14
C GLN H 870 -54.07 -57.49 16.02
N ALA H 871 -52.91 -57.76 15.40
CA ALA H 871 -51.79 -56.84 15.44
C ALA H 871 -52.08 -55.54 14.68
N GLY H 872 -52.73 -55.62 13.52
CA GLY H 872 -53.13 -54.40 12.87
C GLY H 872 -54.33 -53.75 13.52
N ILE H 873 -55.52 -54.36 13.45
CA ILE H 873 -56.75 -53.65 13.78
C ILE H 873 -56.83 -53.38 15.29
N LEU H 874 -56.57 -54.39 16.12
CA LEU H 874 -56.80 -54.24 17.55
C LEU H 874 -55.60 -53.63 18.27
N GLU H 875 -54.45 -53.48 17.60
CA GLU H 875 -53.28 -52.88 18.24
C GLU H 875 -52.78 -51.62 17.52
N LEU H 876 -52.48 -51.70 16.23
CA LEU H 876 -51.90 -50.58 15.48
C LEU H 876 -52.94 -49.51 15.17
N LEU H 877 -54.22 -49.85 15.14
CA LEU H 877 -55.28 -48.88 14.89
C LEU H 877 -55.98 -48.41 16.16
N ARG H 878 -55.93 -49.20 17.24
CA ARG H 878 -56.57 -48.80 18.49
C ARG H 878 -55.73 -47.80 19.27
N ASP H 879 -54.39 -47.88 19.19
CA ASP H 879 -53.54 -47.03 20.01
C ASP H 879 -53.64 -45.56 19.60
N ASP H 880 -53.74 -45.29 18.30
CA ASP H 880 -53.93 -43.94 17.80
C ASP H 880 -55.40 -43.60 17.59
N LYS H 881 -56.31 -44.53 17.91
CA LYS H 881 -57.77 -44.32 17.89
C LYS H 881 -58.25 -43.88 16.50
N ARG H 882 -57.79 -44.60 15.48
CA ARG H 882 -58.24 -44.34 14.12
C ARG H 882 -59.60 -44.97 13.89
N THR H 883 -60.43 -44.30 13.09
CA THR H 883 -61.75 -44.81 12.75
C THR H 883 -61.61 -45.89 11.69
N VAL H 884 -61.97 -47.12 12.04
CA VAL H 884 -61.79 -48.27 11.17
C VAL H 884 -63.17 -48.77 10.76
N VAL H 885 -63.43 -48.82 9.46
CA VAL H 885 -64.63 -49.44 8.91
C VAL H 885 -64.19 -50.67 8.14
N LEU H 886 -64.64 -51.84 8.61
CA LEU H 886 -64.10 -53.13 8.18
C LEU H 886 -65.21 -54.00 7.61
N VAL H 887 -65.36 -54.00 6.28
CA VAL H 887 -66.20 -54.99 5.63
C VAL H 887 -65.50 -56.33 5.68
N THR H 888 -66.21 -57.36 6.12
CA THR H 888 -65.64 -58.71 6.19
C THR H 888 -66.76 -59.74 6.12
N HIS H 889 -66.42 -60.92 5.61
CA HIS H 889 -67.30 -62.08 5.65
C HIS H 889 -66.94 -63.04 6.77
N LYS H 890 -65.88 -62.77 7.52
CA LYS H 890 -65.48 -63.59 8.66
C LYS H 890 -66.21 -63.05 9.90
N LEU H 891 -67.21 -63.79 10.37
CA LEU H 891 -68.00 -63.38 11.52
C LEU H 891 -67.36 -63.73 12.85
N GLN H 892 -66.18 -64.37 12.85
CA GLN H 892 -65.50 -64.66 14.09
C GLN H 892 -64.88 -63.42 14.74
N TYR H 893 -64.81 -62.30 14.02
CA TYR H 893 -64.32 -61.05 14.56
C TYR H 893 -65.45 -60.14 15.02
N LEU H 894 -66.70 -60.60 14.96
CA LEU H 894 -67.83 -59.83 15.46
C LEU H 894 -67.75 -59.45 16.94
N PRO H 895 -67.23 -60.28 17.87
CA PRO H 895 -67.04 -59.77 19.25
C PRO H 895 -66.12 -58.57 19.36
N HIS H 896 -65.17 -58.40 18.43
CA HIS H 896 -64.26 -57.27 18.45
C HIS H 896 -64.84 -56.01 17.80
N ALA H 897 -66.14 -55.97 17.57
CA ALA H 897 -66.78 -54.87 16.86
C ALA H 897 -67.45 -53.92 17.85
N ASP H 898 -67.06 -52.65 17.80
CA ASP H 898 -67.78 -51.63 18.57
C ASP H 898 -69.12 -51.30 17.94
N TRP H 899 -69.17 -51.25 16.61
CA TRP H 899 -70.38 -50.95 15.86
C TRP H 899 -70.51 -51.97 14.73
N ILE H 900 -71.75 -52.36 14.42
CA ILE H 900 -72.02 -53.37 13.41
C ILE H 900 -73.08 -52.83 12.46
N ILE H 901 -72.83 -52.95 11.15
CA ILE H 901 -73.79 -52.59 10.12
C ILE H 901 -74.22 -53.86 9.42
N ALA H 902 -75.53 -54.08 9.36
CA ALA H 902 -76.12 -55.24 8.67
C ALA H 902 -76.81 -54.76 7.41
N MET H 903 -76.48 -55.36 6.28
CA MET H 903 -77.03 -54.99 4.99
C MET H 903 -77.70 -56.19 4.34
N LYS H 904 -78.73 -55.92 3.55
CA LYS H 904 -79.49 -56.98 2.89
C LYS H 904 -80.17 -56.39 1.66
N ASP H 905 -79.67 -56.77 0.47
CA ASP H 905 -80.25 -56.38 -0.82
C ASP H 905 -80.28 -54.86 -1.00
N GLY H 906 -79.12 -54.23 -0.82
CA GLY H 906 -79.00 -52.82 -1.09
C GLY H 906 -79.61 -51.88 -0.08
N THR H 907 -80.08 -52.40 1.05
CA THR H 907 -80.56 -51.56 2.14
C THR H 907 -80.00 -52.10 3.45
N ILE H 908 -79.93 -51.22 4.45
CA ILE H 908 -79.25 -51.51 5.70
C ILE H 908 -80.29 -51.96 6.71
N GLN H 909 -80.07 -53.15 7.29
CA GLN H 909 -81.07 -53.77 8.15
C GLN H 909 -81.03 -53.21 9.56
N ARG H 910 -79.88 -53.32 10.23
CA ARG H 910 -79.76 -52.95 11.64
C ARG H 910 -78.48 -52.16 11.86
N GLU H 911 -78.28 -51.73 13.11
CA GLU H 911 -77.10 -50.99 13.52
C GLU H 911 -76.72 -51.43 14.93
N GLY H 912 -75.77 -50.71 15.53
CA GLY H 912 -75.47 -50.85 16.94
C GLY H 912 -74.46 -51.94 17.26
N THR H 913 -74.44 -52.30 18.54
CA THR H 913 -73.56 -53.34 19.06
C THR H 913 -74.29 -54.69 19.01
N LEU H 914 -73.57 -55.75 19.38
CA LEU H 914 -74.15 -57.09 19.40
C LEU H 914 -75.30 -57.20 20.40
N LYS H 915 -75.23 -56.44 21.50
CA LYS H 915 -76.32 -56.43 22.48
C LYS H 915 -77.62 -55.91 21.88
N ASP H 916 -77.52 -54.95 20.95
CA ASP H 916 -78.70 -54.50 20.22
C ASP H 916 -79.21 -55.58 19.27
N PHE H 917 -78.31 -56.39 18.71
CA PHE H 917 -78.71 -57.50 17.86
C PHE H 917 -79.31 -58.65 18.65
N GLN H 918 -79.08 -58.70 19.97
CA GLN H 918 -79.63 -59.78 20.78
C GLN H 918 -81.16 -59.77 20.83
N ARG H 919 -81.77 -58.58 20.80
CA ARG H 919 -83.20 -58.44 21.05
C ARG H 919 -84.01 -58.09 19.79
N SER H 920 -83.57 -57.09 19.02
CA SER H 920 -84.38 -56.61 17.90
C SER H 920 -84.40 -57.61 16.75
N GLU H 921 -83.27 -58.20 16.42
CA GLU H 921 -83.15 -59.16 15.33
C GLU H 921 -82.57 -60.46 15.88
N CYS H 922 -83.45 -61.32 16.40
CA CYS H 922 -83.01 -62.58 16.98
C CYS H 922 -82.57 -63.57 15.91
N GLN H 923 -83.23 -63.54 14.74
CA GLN H 923 -82.90 -64.49 13.67
C GLN H 923 -81.50 -64.26 13.13
N LEU H 924 -81.15 -62.99 12.88
CA LEU H 924 -79.81 -62.66 12.38
C LEU H 924 -78.75 -62.97 13.43
N PHE H 925 -79.06 -62.72 14.70
CA PHE H 925 -78.12 -63.01 15.78
C PHE H 925 -77.86 -64.50 15.91
N GLU H 926 -78.92 -65.31 15.86
CA GLU H 926 -78.76 -66.76 15.91
C GLU H 926 -78.08 -67.29 14.66
N HIS H 927 -78.31 -66.66 13.50
CA HIS H 927 -77.60 -67.03 12.28
C HIS H 927 -76.10 -66.77 12.42
N TRP H 928 -75.73 -65.63 13.02
CA TRP H 928 -74.33 -65.34 13.29
C TRP H 928 -73.73 -66.35 14.26
N LYS H 929 -74.50 -66.76 15.26
CA LYS H 929 -74.04 -67.80 16.19
C LYS H 929 -73.82 -69.12 15.48
N THR H 930 -74.72 -69.50 14.56
CA THR H 930 -74.59 -70.78 13.88
C THR H 930 -73.46 -70.78 12.86
N LEU H 931 -73.18 -69.64 12.22
CA LEU H 931 -72.11 -69.61 11.22
C LEU H 931 -70.73 -69.76 11.84
N MET H 932 -70.56 -69.45 13.11
CA MET H 932 -69.29 -69.66 13.79
C MET H 932 -69.48 -70.48 15.07
N GLU H 938 -71.62 -66.33 24.28
CA GLU H 938 -72.80 -66.22 23.45
C GLU H 938 -72.79 -64.92 22.65
N LEU H 939 -71.79 -64.80 21.76
CA LEU H 939 -71.57 -63.61 20.92
C LEU H 939 -71.45 -62.34 21.78
N GLU H 940 -70.72 -62.44 22.89
CA GLU H 940 -70.47 -61.29 23.74
C GLU H 940 -69.30 -60.48 23.19
N LYS H 941 -69.35 -59.17 23.40
CA LYS H 941 -68.32 -58.28 22.88
C LYS H 941 -66.98 -58.54 23.57
N GLU H 942 -65.93 -58.57 22.75
CA GLU H 942 -64.55 -58.86 23.17
C GLU H 942 -64.43 -60.20 23.90
N LEU H 986 -16.28 -44.29 -17.20
CA LEU H 986 -16.60 -45.36 -18.14
C LEU H 986 -16.20 -44.97 -19.56
N SER H 987 -14.89 -44.83 -19.78
CA SER H 987 -14.40 -44.43 -21.11
C SER H 987 -14.59 -45.54 -22.14
N SER H 988 -14.52 -46.81 -21.71
CA SER H 988 -14.80 -47.92 -22.62
C SER H 988 -16.26 -47.91 -23.05
N VAL H 989 -17.17 -47.56 -22.14
CA VAL H 989 -18.59 -47.42 -22.49
C VAL H 989 -18.77 -46.25 -23.46
N LEU H 990 -17.99 -45.19 -23.29
CA LEU H 990 -18.05 -44.07 -24.23
C LEU H 990 -17.53 -44.47 -25.61
N HIS H 991 -16.48 -45.29 -25.65
CA HIS H 991 -15.95 -45.75 -26.94
C HIS H 991 -16.92 -46.69 -27.64
N GLN H 992 -17.55 -47.60 -26.89
CA GLN H 992 -18.55 -48.50 -27.48
C GLN H 992 -19.82 -47.75 -27.85
N ARG H 993 -20.12 -46.65 -27.15
CA ARG H 993 -21.33 -45.87 -27.43
C ARG H 993 -21.23 -45.17 -28.78
N ALA H 994 -20.07 -44.59 -29.08
CA ALA H 994 -19.85 -43.85 -30.32
C ALA H 994 -19.41 -44.75 -31.47
N LYS H 995 -19.41 -46.07 -31.28
CA LYS H 995 -18.94 -47.00 -32.30
C LYS H 995 -20.12 -47.50 -33.12
N ILE H 996 -20.00 -47.41 -34.45
CA ILE H 996 -21.01 -47.93 -35.36
C ILE H 996 -20.97 -49.47 -35.31
N PRO H 997 -22.11 -50.15 -35.20
CA PRO H 997 -22.08 -51.63 -35.18
C PRO H 997 -21.73 -52.22 -36.53
N TRP H 998 -20.43 -52.26 -36.85
CA TRP H 998 -19.99 -52.82 -38.13
C TRP H 998 -20.21 -54.32 -38.20
N ARG H 999 -19.94 -55.03 -37.10
CA ARG H 999 -20.09 -56.48 -37.08
C ARG H 999 -21.55 -56.89 -37.25
N ALA H 1000 -22.47 -56.16 -36.61
CA ALA H 1000 -23.89 -56.46 -36.74
C ALA H 1000 -24.37 -56.26 -38.17
N CYS H 1001 -23.94 -55.17 -38.82
CA CYS H 1001 -24.29 -54.93 -40.22
C CYS H 1001 -23.69 -56.00 -41.13
N THR H 1002 -22.46 -56.42 -40.84
CA THR H 1002 -21.81 -57.46 -41.64
C THR H 1002 -22.57 -58.78 -41.53
N LYS H 1003 -22.98 -59.17 -40.32
CA LYS H 1003 -23.74 -60.41 -40.15
C LYS H 1003 -25.13 -60.30 -40.79
N TYR H 1004 -25.77 -59.13 -40.66
CA TYR H 1004 -27.08 -58.90 -41.27
C TYR H 1004 -27.02 -59.04 -42.78
N LEU H 1005 -25.99 -58.47 -43.41
CA LEU H 1005 -25.86 -58.57 -44.86
C LEU H 1005 -25.39 -59.96 -45.29
N SER H 1006 -24.59 -60.64 -44.47
CA SER H 1006 -24.11 -61.97 -44.82
C SER H 1006 -25.20 -63.02 -44.72
N SER H 1007 -26.23 -62.78 -43.90
CA SER H 1007 -27.36 -63.70 -43.88
C SER H 1007 -28.19 -63.68 -45.16
N ALA H 1008 -28.02 -62.68 -46.02
CA ALA H 1008 -28.79 -62.59 -47.25
C ALA H 1008 -28.29 -63.54 -48.33
N GLY H 1009 -27.01 -63.88 -48.33
CA GLY H 1009 -26.43 -64.71 -49.36
C GLY H 1009 -25.64 -63.89 -50.37
N ILE H 1010 -24.70 -64.58 -51.04
CA ILE H 1010 -23.78 -63.89 -51.95
C ILE H 1010 -24.52 -63.42 -53.21
N LEU H 1011 -25.43 -64.24 -53.72
CA LEU H 1011 -26.14 -63.93 -54.96
C LEU H 1011 -27.04 -62.71 -54.80
N LEU H 1012 -27.85 -62.69 -53.75
CA LEU H 1012 -28.81 -61.60 -53.55
C LEU H 1012 -28.11 -60.29 -53.19
N LEU H 1013 -27.08 -60.36 -52.33
CA LEU H 1013 -26.35 -59.16 -51.95
C LEU H 1013 -25.56 -58.60 -53.13
N SER H 1014 -24.97 -59.49 -53.95
CA SER H 1014 -24.26 -59.04 -55.13
C SER H 1014 -25.21 -58.39 -56.13
N LEU H 1015 -26.40 -58.97 -56.30
CA LEU H 1015 -27.41 -58.37 -57.18
C LEU H 1015 -27.85 -57.00 -56.65
N LEU H 1016 -27.99 -56.88 -55.33
CA LEU H 1016 -28.39 -55.61 -54.73
C LEU H 1016 -27.36 -54.52 -54.98
N VAL H 1017 -26.08 -54.84 -54.73
CA VAL H 1017 -25.01 -53.85 -54.92
C VAL H 1017 -24.90 -53.46 -56.39
N PHE H 1018 -24.92 -54.46 -57.28
CA PHE H 1018 -24.81 -54.19 -58.71
C PHE H 1018 -25.98 -53.36 -59.22
N SER H 1019 -27.21 -53.68 -58.78
CA SER H 1019 -28.38 -52.96 -59.22
C SER H 1019 -28.37 -51.51 -58.74
N GLN H 1020 -27.98 -51.28 -57.47
CA GLN H 1020 -27.94 -49.91 -56.95
C GLN H 1020 -26.89 -49.07 -57.68
N LEU H 1021 -25.67 -49.60 -57.82
CA LEU H 1021 -24.61 -48.86 -58.50
C LEU H 1021 -24.96 -48.59 -59.96
N LEU H 1022 -25.49 -49.60 -60.67
CA LEU H 1022 -25.84 -49.44 -62.07
C LEU H 1022 -26.99 -48.46 -62.25
N LYS H 1023 -27.98 -48.47 -61.35
CA LYS H 1023 -29.11 -47.55 -61.45
C LYS H 1023 -28.67 -46.11 -61.26
N HIS H 1024 -27.79 -45.85 -60.28
CA HIS H 1024 -27.33 -44.48 -60.10
C HIS H 1024 -26.43 -44.04 -61.26
N MET H 1025 -25.64 -44.95 -61.83
CA MET H 1025 -24.88 -44.61 -63.04
C MET H 1025 -25.81 -44.29 -64.21
N VAL H 1026 -26.93 -45.01 -64.32
CA VAL H 1026 -27.88 -44.75 -65.40
C VAL H 1026 -28.56 -43.39 -65.20
N LEU H 1027 -28.86 -43.02 -63.97
CA LEU H 1027 -29.43 -41.69 -63.70
C LEU H 1027 -28.44 -40.58 -64.08
N VAL H 1028 -27.17 -40.77 -63.73
CA VAL H 1028 -26.12 -39.82 -64.14
C VAL H 1028 -26.05 -39.74 -65.66
N ALA H 1029 -26.15 -40.89 -66.34
CA ALA H 1029 -26.13 -40.92 -67.80
C ALA H 1029 -27.32 -40.19 -68.39
N ILE H 1030 -28.50 -40.31 -67.77
CA ILE H 1030 -29.69 -39.61 -68.25
C ILE H 1030 -29.49 -38.10 -68.21
N ASP H 1031 -29.00 -37.59 -67.07
CA ASP H 1031 -28.86 -36.14 -66.95
C ASP H 1031 -27.69 -35.62 -67.81
N TYR H 1032 -26.62 -36.40 -67.94
CA TYR H 1032 -25.52 -36.01 -68.82
C TYR H 1032 -25.95 -35.99 -70.28
N TRP H 1033 -26.77 -36.96 -70.69
CA TRP H 1033 -27.28 -36.96 -72.05
C TRP H 1033 -28.24 -35.81 -72.29
N LEU H 1034 -28.98 -35.39 -71.26
CA LEU H 1034 -29.80 -34.19 -71.37
C LEU H 1034 -28.92 -32.96 -71.63
N ALA H 1035 -27.78 -32.87 -70.93
CA ALA H 1035 -26.85 -31.76 -71.14
C ALA H 1035 -26.30 -31.76 -72.57
N LYS H 1036 -25.88 -32.92 -73.06
CA LYS H 1036 -25.35 -33.03 -74.43
C LYS H 1036 -26.43 -32.74 -75.47
N TRP H 1037 -27.65 -33.19 -75.20
CA TRP H 1037 -28.80 -32.94 -76.07
C TRP H 1037 -29.08 -31.45 -76.20
N THR H 1038 -29.08 -30.74 -75.08
CA THR H 1038 -29.35 -29.30 -75.11
C THR H 1038 -28.20 -28.52 -75.74
N ASP H 1039 -26.96 -28.98 -75.56
CA ASP H 1039 -25.84 -28.34 -76.25
C ASP H 1039 -25.94 -28.53 -77.76
N SER H 1040 -26.33 -29.73 -78.20
CA SER H 1040 -26.53 -29.99 -79.62
C SER H 1040 -27.65 -29.12 -80.19
N ALA H 1041 -28.72 -28.92 -79.43
CA ALA H 1041 -29.78 -28.03 -79.89
C ALA H 1041 -29.34 -26.57 -79.89
N LEU H 1042 -28.41 -26.19 -78.98
CA LEU H 1042 -27.87 -24.84 -78.98
C LEU H 1042 -27.04 -24.57 -80.24
N VAL H 1043 -26.19 -25.53 -80.62
CA VAL H 1043 -25.37 -25.35 -81.82
C VAL H 1043 -26.23 -25.40 -83.08
N LEU H 1044 -27.29 -26.22 -83.07
CA LEU H 1044 -28.18 -26.40 -84.21
C LEU H 1044 -28.86 -25.10 -84.67
N ASP H 1060 -29.48 -34.87 -86.03
CA ASP H 1060 -29.77 -36.17 -85.43
C ASP H 1060 -30.57 -36.01 -84.13
N GLN H 1061 -31.55 -35.10 -84.15
CA GLN H 1061 -32.36 -34.82 -82.97
C GLN H 1061 -33.24 -36.01 -82.59
N SER H 1062 -33.75 -36.74 -83.59
CA SER H 1062 -34.54 -37.94 -83.30
C SER H 1062 -33.68 -39.03 -82.66
N VAL H 1063 -32.41 -39.12 -83.06
CA VAL H 1063 -31.49 -40.06 -82.42
C VAL H 1063 -31.27 -39.68 -80.96
N TYR H 1064 -31.13 -38.38 -80.68
CA TYR H 1064 -31.02 -37.91 -79.29
C TYR H 1064 -32.27 -38.26 -78.49
N ALA H 1065 -33.45 -38.06 -79.08
CA ALA H 1065 -34.69 -38.39 -78.40
C ALA H 1065 -34.80 -39.88 -78.11
N MET H 1066 -34.39 -40.72 -79.07
CA MET H 1066 -34.44 -42.16 -78.88
C MET H 1066 -33.48 -42.63 -77.79
N VAL H 1067 -32.27 -42.06 -77.76
CA VAL H 1067 -31.30 -42.44 -76.72
C VAL H 1067 -31.78 -41.98 -75.35
N PHE H 1068 -32.38 -40.78 -75.27
CA PHE H 1068 -32.92 -40.30 -74.01
C PHE H 1068 -34.08 -41.18 -73.54
N THR H 1069 -34.94 -41.62 -74.46
CA THR H 1069 -36.03 -42.52 -74.11
C THR H 1069 -35.52 -43.86 -73.62
N LEU H 1070 -34.49 -44.41 -74.28
CA LEU H 1070 -33.90 -45.67 -73.87
C LEU H 1070 -33.29 -45.56 -72.48
N LEU H 1071 -32.56 -44.47 -72.22
CA LEU H 1071 -31.94 -44.28 -70.90
C LEU H 1071 -32.98 -44.11 -69.80
N CYS H 1072 -34.06 -43.37 -70.07
CA CYS H 1072 -35.10 -43.18 -69.06
C CYS H 1072 -35.85 -44.49 -68.77
N SER H 1073 -36.13 -45.28 -69.81
CA SER H 1073 -36.79 -46.57 -69.60
C SER H 1073 -35.89 -47.52 -68.82
N LEU H 1074 -34.59 -47.52 -69.12
CA LEU H 1074 -33.65 -48.35 -68.37
C LEU H 1074 -33.59 -47.91 -66.91
N GLY H 1075 -33.64 -46.60 -66.65
CA GLY H 1075 -33.65 -46.11 -65.28
C GLY H 1075 -34.90 -46.53 -64.52
N ILE H 1076 -36.06 -46.48 -65.17
CA ILE H 1076 -37.30 -46.92 -64.52
C ILE H 1076 -37.26 -48.41 -64.20
N VAL H 1077 -36.78 -49.22 -65.15
CA VAL H 1077 -36.66 -50.66 -64.93
C VAL H 1077 -35.70 -50.96 -63.78
N LEU H 1078 -34.57 -50.25 -63.73
CA LEU H 1078 -33.60 -50.50 -62.67
C LEU H 1078 -34.10 -50.00 -61.31
N CYS H 1079 -34.94 -48.96 -61.28
CA CYS H 1079 -35.60 -48.56 -60.04
C CYS H 1079 -36.51 -49.67 -59.52
N LEU H 1080 -37.29 -50.27 -60.41
CA LEU H 1080 -38.13 -51.41 -60.02
C LEU H 1080 -37.27 -52.57 -59.49
N VAL H 1081 -36.15 -52.84 -60.17
CA VAL H 1081 -35.27 -53.94 -59.79
C VAL H 1081 -34.69 -53.71 -58.40
N THR H 1082 -34.21 -52.50 -58.12
CA THR H 1082 -33.57 -52.26 -56.82
C THR H 1082 -34.58 -52.24 -55.69
N SER H 1083 -35.81 -51.73 -55.93
CA SER H 1083 -36.83 -51.76 -54.89
C SER H 1083 -37.22 -53.20 -54.53
N VAL H 1084 -37.48 -54.01 -55.57
CA VAL H 1084 -37.83 -55.41 -55.34
C VAL H 1084 -36.69 -56.15 -54.66
N THR H 1085 -35.45 -55.85 -55.05
CA THR H 1085 -34.28 -56.53 -54.48
C THR H 1085 -34.11 -56.21 -53.00
N VAL H 1086 -34.24 -54.93 -52.61
CA VAL H 1086 -34.02 -54.59 -51.21
C VAL H 1086 -35.14 -55.15 -50.33
N GLU H 1087 -36.38 -55.16 -50.83
CA GLU H 1087 -37.46 -55.74 -50.03
C GLU H 1087 -37.32 -57.26 -49.91
N TRP H 1088 -36.89 -57.91 -50.99
CA TRP H 1088 -36.64 -59.36 -50.95
C TRP H 1088 -35.52 -59.69 -49.97
N THR H 1089 -34.46 -58.87 -49.96
CA THR H 1089 -33.36 -59.07 -49.03
C THR H 1089 -33.83 -58.95 -47.59
N GLY H 1090 -34.66 -57.95 -47.30
CA GLY H 1090 -35.21 -57.80 -45.96
C GLY H 1090 -36.05 -59.00 -45.55
N LEU H 1091 -36.90 -59.49 -46.46
CA LEU H 1091 -37.74 -60.66 -46.14
C LEU H 1091 -36.91 -61.89 -45.84
N LYS H 1092 -35.90 -62.16 -46.68
CA LYS H 1092 -35.08 -63.37 -46.51
C LYS H 1092 -34.28 -63.31 -45.21
N VAL H 1093 -33.67 -62.14 -44.92
CA VAL H 1093 -32.89 -62.00 -43.69
C VAL H 1093 -33.79 -62.13 -42.47
N ALA H 1094 -35.00 -61.56 -42.53
CA ALA H 1094 -35.95 -61.66 -41.42
C ALA H 1094 -36.32 -63.11 -41.14
N LYS H 1095 -36.65 -63.86 -42.19
CA LYS H 1095 -37.05 -65.26 -42.04
C LYS H 1095 -35.92 -66.11 -41.44
N ARG H 1096 -34.72 -66.01 -42.03
CA ARG H 1096 -33.60 -66.82 -41.57
C ARG H 1096 -33.21 -66.46 -40.14
N LEU H 1097 -33.21 -65.16 -39.82
CA LEU H 1097 -32.80 -64.72 -38.49
C LEU H 1097 -33.78 -65.16 -37.42
N HIS H 1098 -35.09 -65.06 -37.70
CA HIS H 1098 -36.08 -65.52 -36.72
C HIS H 1098 -35.98 -67.02 -36.50
N ARG H 1099 -35.79 -67.79 -37.58
CA ARG H 1099 -35.66 -69.24 -37.43
C ARG H 1099 -34.43 -69.61 -36.59
N SER H 1100 -33.30 -68.96 -36.87
CA SER H 1100 -32.08 -69.24 -36.11
C SER H 1100 -32.22 -68.86 -34.64
N LEU H 1101 -32.84 -67.70 -34.37
CA LEU H 1101 -33.04 -67.26 -33.00
C LEU H 1101 -33.94 -68.21 -32.24
N LEU H 1102 -35.04 -68.65 -32.87
CA LEU H 1102 -35.96 -69.57 -32.21
C LEU H 1102 -35.28 -70.90 -31.88
N ASN H 1103 -34.52 -71.45 -32.84
CA ASN H 1103 -33.85 -72.73 -32.61
C ASN H 1103 -32.78 -72.62 -31.52
N ARG H 1104 -31.99 -71.55 -31.53
CA ARG H 1104 -30.93 -71.42 -30.54
C ARG H 1104 -31.50 -71.14 -29.14
N ILE H 1105 -32.58 -70.38 -29.05
CA ILE H 1105 -33.23 -70.16 -27.76
C ILE H 1105 -33.82 -71.47 -27.24
N ILE H 1106 -34.35 -72.30 -28.15
CA ILE H 1106 -34.90 -73.60 -27.74
C ILE H 1106 -33.79 -74.52 -27.21
N LEU H 1107 -32.64 -74.53 -27.87
CA LEU H 1107 -31.55 -75.42 -27.45
C LEU H 1107 -30.82 -74.97 -26.19
N ALA H 1108 -31.15 -73.80 -25.65
CA ALA H 1108 -30.43 -73.26 -24.50
C ALA H 1108 -30.72 -74.06 -23.22
N PRO H 1109 -29.77 -74.11 -22.28
CA PRO H 1109 -30.03 -74.77 -21.01
C PRO H 1109 -31.04 -74.03 -20.16
N MET H 1110 -31.64 -74.76 -19.22
CA MET H 1110 -32.64 -74.17 -18.32
C MET H 1110 -32.03 -73.16 -17.37
N ARG H 1111 -30.71 -73.24 -17.09
CA ARG H 1111 -30.06 -72.25 -16.26
C ARG H 1111 -30.10 -70.87 -16.89
N PHE H 1112 -30.01 -70.81 -18.23
CA PHE H 1112 -30.13 -69.54 -18.94
C PHE H 1112 -31.50 -68.92 -18.76
N PHE H 1113 -32.56 -69.74 -18.76
CA PHE H 1113 -33.90 -69.23 -18.52
C PHE H 1113 -34.11 -68.84 -17.06
N GLU H 1114 -33.49 -69.58 -16.14
CA GLU H 1114 -33.63 -69.26 -14.72
C GLU H 1114 -32.96 -67.95 -14.36
N THR H 1115 -31.76 -67.72 -14.89
CA THR H 1115 -30.99 -66.54 -14.47
C THR H 1115 -31.37 -65.30 -15.26
N THR H 1116 -31.53 -65.42 -16.59
CA THR H 1116 -31.82 -64.23 -17.38
C THR H 1116 -33.31 -63.89 -17.29
N PRO H 1117 -33.65 -62.60 -17.27
CA PRO H 1117 -35.05 -62.20 -17.23
C PRO H 1117 -35.80 -62.59 -18.51
N LEU H 1118 -37.10 -62.84 -18.35
CA LEU H 1118 -37.95 -63.15 -19.49
C LEU H 1118 -38.08 -61.96 -20.44
N GLY H 1119 -38.02 -60.74 -19.89
CA GLY H 1119 -38.16 -59.56 -20.72
C GLY H 1119 -37.04 -59.42 -21.73
N SER H 1120 -35.81 -59.76 -21.33
CA SER H 1120 -34.67 -59.67 -22.24
C SER H 1120 -34.82 -60.62 -23.41
N ILE H 1121 -35.27 -61.86 -23.16
CA ILE H 1121 -35.45 -62.83 -24.24
C ILE H 1121 -36.62 -62.44 -25.13
N LEU H 1122 -37.74 -62.05 -24.51
CA LEU H 1122 -38.97 -61.79 -25.27
C LEU H 1122 -38.93 -60.47 -26.03
N ASN H 1123 -38.17 -59.49 -25.54
CA ASN H 1123 -38.09 -58.19 -26.21
C ASN H 1123 -37.41 -58.31 -27.56
N ARG H 1124 -36.51 -59.28 -27.72
CA ARG H 1124 -35.95 -59.58 -29.04
C ARG H 1124 -37.05 -59.96 -30.02
N PHE H 1125 -37.77 -61.05 -29.73
CA PHE H 1125 -38.84 -61.55 -30.59
C PHE H 1125 -39.93 -60.52 -30.82
N SER H 1126 -40.16 -59.62 -29.85
CA SER H 1126 -41.23 -58.64 -30.00
C SER H 1126 -40.78 -57.40 -30.77
N SER H 1127 -39.77 -56.69 -30.27
CA SER H 1127 -39.37 -55.41 -30.82
C SER H 1127 -38.25 -55.54 -31.84
N ASP H 1128 -37.20 -56.31 -31.54
CA ASP H 1128 -36.06 -56.36 -32.44
C ASP H 1128 -36.40 -57.13 -33.71
N CYS H 1129 -37.20 -58.18 -33.57
CA CYS H 1129 -37.70 -58.90 -34.75
C CYS H 1129 -38.60 -58.00 -35.59
N ASN H 1130 -39.46 -57.20 -34.94
CA ASN H 1130 -40.31 -56.28 -35.69
C ASN H 1130 -39.49 -55.25 -36.45
N THR H 1131 -38.44 -54.72 -35.80
CA THR H 1131 -37.55 -53.76 -36.44
C THR H 1131 -36.85 -54.38 -37.65
N ILE H 1132 -36.28 -55.57 -37.48
CA ILE H 1132 -35.57 -56.23 -38.58
C ILE H 1132 -36.54 -56.60 -39.70
N ASP H 1133 -37.76 -57.00 -39.36
CA ASP H 1133 -38.73 -57.39 -40.38
C ASP H 1133 -39.22 -56.20 -41.20
N GLN H 1134 -39.43 -55.05 -40.55
CA GLN H 1134 -40.12 -53.97 -41.25
C GLN H 1134 -39.29 -52.72 -41.46
N HIS H 1135 -38.58 -52.24 -40.45
CA HIS H 1135 -37.94 -50.92 -40.53
C HIS H 1135 -36.58 -50.96 -41.22
N ILE H 1136 -35.79 -52.00 -40.95
CA ILE H 1136 -34.44 -52.10 -41.52
C ILE H 1136 -34.42 -52.18 -43.04
N PRO H 1137 -35.31 -52.92 -43.73
CA PRO H 1137 -35.29 -52.86 -45.21
C PRO H 1137 -35.47 -51.46 -45.80
N SER H 1138 -36.49 -50.72 -45.34
CA SER H 1138 -36.73 -49.38 -45.87
C SER H 1138 -35.61 -48.43 -45.49
N THR H 1139 -35.10 -48.53 -44.27
CA THR H 1139 -34.00 -47.66 -43.83
C THR H 1139 -32.71 -47.97 -44.60
N LEU H 1140 -32.45 -49.25 -44.86
CA LEU H 1140 -31.30 -49.63 -45.66
C LEU H 1140 -31.41 -49.12 -47.08
N GLU H 1141 -32.60 -49.22 -47.68
CA GLU H 1141 -32.83 -48.67 -49.01
C GLU H 1141 -32.62 -47.16 -49.03
N CYS H 1142 -33.16 -46.46 -48.03
CA CYS H 1142 -33.05 -45.00 -47.99
C CYS H 1142 -31.60 -44.56 -47.80
N LEU H 1143 -30.86 -45.24 -46.91
CA LEU H 1143 -29.47 -44.90 -46.69
C LEU H 1143 -28.63 -45.17 -47.93
N SER H 1144 -28.85 -46.32 -48.58
CA SER H 1144 -28.10 -46.66 -49.79
C SER H 1144 -28.40 -45.66 -50.92
N ARG H 1145 -29.68 -45.35 -51.12
CA ARG H 1145 -30.06 -44.44 -52.21
C ARG H 1145 -29.55 -43.03 -51.94
N SER H 1146 -29.66 -42.54 -50.69
CA SER H 1146 -29.18 -41.20 -50.37
C SER H 1146 -27.67 -41.10 -50.48
N THR H 1147 -26.94 -42.11 -50.00
CA THR H 1147 -25.48 -42.10 -50.09
C THR H 1147 -25.03 -42.14 -51.55
N LEU H 1148 -25.65 -43.00 -52.36
CA LEU H 1148 -25.26 -43.08 -53.77
C LEU H 1148 -25.63 -41.80 -54.52
N LEU H 1149 -26.78 -41.20 -54.19
CA LEU H 1149 -27.16 -39.94 -54.82
C LEU H 1149 -26.19 -38.82 -54.47
N CYS H 1150 -25.78 -38.74 -53.19
CA CYS H 1150 -24.82 -37.72 -52.78
C CYS H 1150 -23.46 -37.93 -53.44
N VAL H 1151 -22.99 -39.18 -53.51
CA VAL H 1151 -21.71 -39.47 -54.13
C VAL H 1151 -21.74 -39.18 -55.63
N SER H 1152 -22.83 -39.57 -56.30
CA SER H 1152 -22.97 -39.30 -57.73
C SER H 1152 -23.08 -37.80 -58.00
N ALA H 1153 -23.77 -37.07 -57.13
CA ALA H 1153 -23.91 -35.63 -57.32
C ALA H 1153 -22.58 -34.91 -57.11
N LEU H 1154 -21.83 -35.30 -56.08
CA LEU H 1154 -20.49 -34.73 -55.89
C LEU H 1154 -19.57 -35.09 -57.06
N THR H 1155 -19.70 -36.31 -57.59
CA THR H 1155 -18.90 -36.71 -58.74
C THR H 1155 -19.24 -35.90 -59.97
N VAL H 1156 -20.53 -35.61 -60.19
CA VAL H 1156 -20.93 -34.82 -61.36
C VAL H 1156 -20.43 -33.38 -61.23
N ILE H 1157 -20.65 -32.76 -60.06
CA ILE H 1157 -20.23 -31.37 -59.90
C ILE H 1157 -18.72 -31.25 -59.79
N SER H 1158 -18.00 -32.35 -59.52
CA SER H 1158 -16.56 -32.33 -59.62
C SER H 1158 -16.09 -32.63 -61.04
N TYR H 1159 -16.90 -33.34 -61.84
CA TYR H 1159 -16.54 -33.59 -63.22
C TYR H 1159 -16.66 -32.32 -64.07
N VAL H 1160 -17.74 -31.56 -63.88
CA VAL H 1160 -17.88 -30.32 -64.64
C VAL H 1160 -16.84 -29.29 -64.17
N THR H 1161 -16.56 -29.24 -62.87
CA THR H 1161 -15.54 -28.34 -62.31
C THR H 1161 -14.55 -29.17 -61.51
N PRO H 1162 -13.41 -29.55 -62.08
CA PRO H 1162 -12.38 -30.26 -61.31
C PRO H 1162 -11.80 -29.45 -60.17
N VAL H 1163 -11.86 -28.12 -60.24
CA VAL H 1163 -11.38 -27.26 -59.16
C VAL H 1163 -12.29 -27.30 -57.94
N PHE H 1164 -13.50 -27.87 -58.07
CA PHE H 1164 -14.39 -28.02 -56.92
C PHE H 1164 -13.83 -28.97 -55.86
N LEU H 1165 -12.96 -29.92 -56.23
CA LEU H 1165 -12.40 -30.86 -55.26
C LEU H 1165 -11.55 -30.15 -54.20
N VAL H 1166 -10.86 -29.07 -54.61
CA VAL H 1166 -10.03 -28.29 -53.70
C VAL H 1166 -10.86 -27.70 -52.57
N ALA H 1167 -12.05 -27.20 -52.89
CA ALA H 1167 -12.99 -26.74 -51.87
C ALA H 1167 -13.81 -27.88 -51.28
N LEU H 1168 -13.85 -29.04 -51.93
CA LEU H 1168 -14.64 -30.15 -51.42
C LEU H 1168 -13.98 -30.79 -50.21
N LEU H 1169 -12.64 -30.82 -50.20
CA LEU H 1169 -11.93 -31.42 -49.06
C LEU H 1169 -12.22 -30.74 -47.72
N PRO H 1170 -12.13 -29.40 -47.56
CA PRO H 1170 -12.49 -28.82 -46.25
C PRO H 1170 -13.97 -28.95 -45.92
N LEU H 1171 -14.84 -28.84 -46.93
CA LEU H 1171 -16.27 -29.03 -46.69
C LEU H 1171 -16.55 -30.47 -46.26
N ALA H 1172 -15.83 -31.44 -46.82
CA ALA H 1172 -15.97 -32.82 -46.38
C ALA H 1172 -15.52 -33.01 -44.94
N VAL H 1173 -14.42 -32.35 -44.54
CA VAL H 1173 -13.96 -32.46 -43.15
C VAL H 1173 -14.98 -31.86 -42.20
N VAL H 1174 -15.50 -30.68 -42.53
CA VAL H 1174 -16.49 -30.01 -41.68
C VAL H 1174 -17.77 -30.84 -41.59
N CYS H 1175 -18.22 -31.40 -42.73
CA CYS H 1175 -19.41 -32.23 -42.75
C CYS H 1175 -19.23 -33.50 -41.92
N TYR H 1176 -18.02 -34.10 -41.98
CA TYR H 1176 -17.74 -35.29 -41.17
C TYR H 1176 -17.81 -34.98 -39.68
N PHE H 1177 -17.24 -33.86 -39.25
CA PHE H 1177 -17.31 -33.51 -37.84
C PHE H 1177 -18.74 -33.23 -37.40
N ILE H 1178 -19.51 -32.54 -38.26
CA ILE H 1178 -20.91 -32.23 -37.96
C ILE H 1178 -21.72 -33.52 -37.79
N GLN H 1179 -21.55 -34.47 -38.72
CA GLN H 1179 -22.34 -35.69 -38.65
C GLN H 1179 -21.93 -36.58 -37.48
N LYS H 1180 -20.63 -36.60 -37.12
CA LYS H 1180 -20.20 -37.39 -35.97
C LYS H 1180 -20.80 -36.87 -34.67
N TYR H 1181 -20.69 -35.54 -34.46
CA TYR H 1181 -21.25 -34.94 -33.25
C TYR H 1181 -22.77 -35.09 -33.20
N PHE H 1182 -23.43 -34.92 -34.36
CA PHE H 1182 -24.88 -35.10 -34.39
C PHE H 1182 -25.26 -36.55 -34.11
N ARG H 1183 -24.48 -37.51 -34.61
CA ARG H 1183 -24.84 -38.92 -34.41
C ARG H 1183 -24.78 -39.31 -32.94
N VAL H 1184 -23.72 -38.89 -32.23
CA VAL H 1184 -23.65 -39.25 -30.81
C VAL H 1184 -24.75 -38.54 -30.01
N ALA H 1185 -24.97 -37.23 -30.28
CA ALA H 1185 -26.00 -36.49 -29.56
C ALA H 1185 -27.39 -37.04 -29.86
N SER H 1186 -27.66 -37.37 -31.12
CA SER H 1186 -28.99 -37.84 -31.53
C SER H 1186 -29.27 -39.23 -31.00
N ARG H 1187 -28.26 -40.10 -30.94
CA ARG H 1187 -28.45 -41.41 -30.34
C ARG H 1187 -28.86 -41.29 -28.87
N ASP H 1188 -28.13 -40.45 -28.12
CA ASP H 1188 -28.48 -40.25 -26.71
C ASP H 1188 -29.87 -39.65 -26.56
N LEU H 1189 -30.22 -38.67 -27.40
CA LEU H 1189 -31.50 -38.01 -27.28
C LEU H 1189 -32.67 -38.91 -27.66
N GLN H 1190 -32.51 -39.75 -28.68
CA GLN H 1190 -33.57 -40.67 -29.08
C GLN H 1190 -33.84 -41.72 -27.99
N GLN H 1191 -32.76 -42.30 -27.44
CA GLN H 1191 -32.93 -43.28 -26.37
C GLN H 1191 -33.58 -42.64 -25.14
N LEU H 1192 -33.17 -41.40 -24.81
CA LEU H 1192 -33.76 -40.70 -23.68
C LEU H 1192 -35.23 -40.38 -23.94
N ASP H 1193 -35.59 -40.06 -25.18
CA ASP H 1193 -36.97 -39.76 -25.52
C ASP H 1193 -37.87 -40.96 -25.30
N ASP H 1194 -37.44 -42.15 -25.75
CA ASP H 1194 -38.27 -43.34 -25.52
C ASP H 1194 -38.36 -43.70 -24.04
N THR H 1195 -37.21 -43.63 -23.32
CA THR H 1195 -37.23 -43.95 -21.90
C THR H 1195 -38.01 -42.93 -21.07
N THR H 1196 -38.19 -41.70 -21.58
CA THR H 1196 -39.08 -40.77 -20.91
C THR H 1196 -40.54 -41.00 -21.30
N GLN H 1197 -40.80 -41.56 -22.50
CA GLN H 1197 -42.18 -41.85 -22.86
C GLN H 1197 -42.76 -42.97 -22.01
N LEU H 1198 -41.95 -43.96 -21.65
CA LEU H 1198 -42.48 -45.13 -20.93
C LEU H 1198 -43.20 -44.84 -19.60
N PRO H 1199 -42.62 -44.12 -18.62
CA PRO H 1199 -43.32 -44.00 -17.33
C PRO H 1199 -44.57 -43.13 -17.37
N LEU H 1200 -44.70 -42.26 -18.37
CA LEU H 1200 -45.93 -41.47 -18.52
C LEU H 1200 -47.13 -42.36 -18.83
N LEU H 1201 -46.97 -43.26 -19.80
CA LEU H 1201 -48.04 -44.21 -20.12
C LEU H 1201 -48.29 -45.17 -18.96
N SER H 1202 -47.22 -45.59 -18.27
CA SER H 1202 -47.43 -46.43 -17.10
C SER H 1202 -48.20 -45.69 -16.00
N HIS H 1203 -47.93 -44.39 -15.83
CA HIS H 1203 -48.65 -43.58 -14.86
C HIS H 1203 -50.12 -43.45 -15.23
N PHE H 1204 -50.41 -43.27 -16.53
CA PHE H 1204 -51.81 -43.22 -16.98
C PHE H 1204 -52.54 -44.51 -16.66
N ALA H 1205 -51.91 -45.65 -16.96
CA ALA H 1205 -52.51 -46.95 -16.66
C ALA H 1205 -52.75 -47.12 -15.16
N GLU H 1206 -51.74 -46.79 -14.36
CA GLU H 1206 -51.81 -46.95 -12.91
C GLU H 1206 -52.90 -46.07 -12.29
N THR H 1207 -53.04 -44.83 -12.78
CA THR H 1207 -54.09 -43.96 -12.28
C THR H 1207 -55.47 -44.46 -12.67
N VAL H 1208 -55.63 -44.97 -13.90
CA VAL H 1208 -56.94 -45.43 -14.34
C VAL H 1208 -57.39 -46.66 -13.55
N GLU H 1209 -56.50 -47.64 -13.37
CA GLU H 1209 -56.92 -48.85 -12.69
C GLU H 1209 -56.95 -48.73 -11.17
N GLY H 1210 -56.50 -47.60 -10.62
CA GLY H 1210 -56.55 -47.38 -9.19
C GLY H 1210 -57.14 -46.05 -8.77
N LEU H 1211 -58.17 -45.60 -9.51
CA LEU H 1211 -58.68 -44.24 -9.35
C LEU H 1211 -59.41 -44.06 -8.02
N THR H 1212 -60.18 -45.05 -7.59
CA THR H 1212 -60.93 -44.94 -6.35
C THR H 1212 -60.00 -44.82 -5.14
N THR H 1213 -58.91 -45.59 -5.13
CA THR H 1213 -57.94 -45.51 -4.05
C THR H 1213 -57.25 -44.15 -4.03
N ILE H 1214 -56.91 -43.62 -5.21
CA ILE H 1214 -56.24 -42.32 -5.29
C ILE H 1214 -57.17 -41.22 -4.77
N ARG H 1215 -58.43 -41.23 -5.20
CA ARG H 1215 -59.36 -40.20 -4.76
C ARG H 1215 -59.80 -40.38 -3.31
N ALA H 1216 -59.68 -41.58 -2.75
CA ALA H 1216 -60.01 -41.77 -1.35
C ALA H 1216 -58.93 -41.19 -0.43
N PHE H 1217 -57.68 -41.24 -0.86
CA PHE H 1217 -56.57 -40.66 -0.10
C PHE H 1217 -56.43 -39.16 -0.28
N ARG H 1218 -57.28 -38.55 -1.12
CA ARG H 1218 -57.15 -37.15 -1.54
C ARG H 1218 -55.79 -36.88 -2.17
N TYR H 1219 -55.29 -37.84 -2.95
CA TYR H 1219 -54.00 -37.73 -3.61
C TYR H 1219 -54.13 -37.34 -5.07
N GLU H 1220 -55.18 -36.60 -5.43
CA GLU H 1220 -55.35 -36.17 -6.81
C GLU H 1220 -54.29 -35.15 -7.22
N ALA H 1221 -54.01 -34.18 -6.34
CA ALA H 1221 -53.04 -33.13 -6.66
C ALA H 1221 -51.63 -33.69 -6.78
N ARG H 1222 -51.25 -34.61 -5.90
CA ARG H 1222 -49.92 -35.21 -5.96
C ARG H 1222 -49.72 -36.02 -7.24
N PHE H 1223 -50.72 -36.81 -7.63
CA PHE H 1223 -50.61 -37.57 -8.86
C PHE H 1223 -50.65 -36.68 -10.09
N GLN H 1224 -51.40 -35.58 -10.04
CA GLN H 1224 -51.37 -34.61 -11.14
C GLN H 1224 -50.00 -33.96 -11.27
N GLN H 1225 -49.36 -33.65 -10.14
CA GLN H 1225 -48.01 -33.10 -10.17
C GLN H 1225 -47.01 -34.11 -10.70
N LYS H 1226 -47.17 -35.39 -10.33
CA LYS H 1226 -46.32 -36.46 -10.86
C LYS H 1226 -46.48 -36.57 -12.37
N LEU H 1227 -47.72 -36.48 -12.87
CA LEU H 1227 -47.94 -36.49 -14.31
C LEU H 1227 -47.30 -35.29 -14.98
N LEU H 1228 -47.40 -34.11 -14.36
CA LEU H 1228 -46.77 -32.91 -14.91
C LEU H 1228 -45.27 -33.08 -15.03
N GLU H 1229 -44.63 -33.67 -14.00
CA GLU H 1229 -43.20 -33.94 -14.07
C GLU H 1229 -42.86 -34.93 -15.18
N TYR H 1230 -43.66 -36.00 -15.31
CA TYR H 1230 -43.39 -37.02 -16.33
C TYR H 1230 -43.51 -36.45 -17.75
N THR H 1231 -44.60 -35.73 -18.02
CA THR H 1231 -44.78 -35.18 -19.35
C THR H 1231 -43.85 -34.01 -19.62
N ASP H 1232 -43.39 -33.30 -18.59
CA ASP H 1232 -42.36 -32.29 -18.80
C ASP H 1232 -41.03 -32.93 -19.18
N SER H 1233 -40.70 -34.07 -18.55
CA SER H 1233 -39.49 -34.80 -18.94
C SER H 1233 -39.58 -35.29 -20.38
N ASN H 1234 -40.74 -35.83 -20.77
CA ASN H 1234 -40.93 -36.27 -22.14
C ASN H 1234 -40.84 -35.11 -23.13
N ASN H 1235 -41.45 -33.96 -22.77
CA ASN H 1235 -41.42 -32.79 -23.64
C ASN H 1235 -40.02 -32.23 -23.81
N ILE H 1236 -39.24 -32.17 -22.72
CA ILE H 1236 -37.89 -31.61 -22.84
C ILE H 1236 -36.98 -32.57 -23.61
N ALA H 1237 -37.19 -33.88 -23.48
CA ALA H 1237 -36.45 -34.83 -24.30
C ALA H 1237 -36.77 -34.65 -25.78
N SER H 1238 -38.06 -34.51 -26.10
CA SER H 1238 -38.48 -34.30 -27.49
C SER H 1238 -37.93 -32.99 -28.05
N LEU H 1239 -37.94 -31.93 -27.23
CA LEU H 1239 -37.46 -30.63 -27.69
C LEU H 1239 -35.95 -30.64 -27.93
N PHE H 1240 -35.18 -31.32 -27.07
CA PHE H 1240 -33.75 -31.40 -27.32
C PHE H 1240 -33.44 -32.25 -28.55
N LEU H 1241 -34.21 -33.33 -28.77
CA LEU H 1241 -34.01 -34.15 -29.95
C LEU H 1241 -34.29 -33.37 -31.25
N THR H 1242 -35.40 -32.61 -31.26
CA THR H 1242 -35.70 -31.84 -32.47
C THR H 1242 -34.74 -30.67 -32.63
N ALA H 1243 -34.21 -30.11 -31.55
CA ALA H 1243 -33.21 -29.06 -31.67
C ALA H 1243 -31.92 -29.60 -32.27
N ALA H 1244 -31.52 -30.82 -31.89
CA ALA H 1244 -30.35 -31.44 -32.51
C ALA H 1244 -30.59 -31.72 -33.99
N ASN H 1245 -31.80 -32.18 -34.33
CA ASN H 1245 -32.14 -32.42 -35.74
C ASN H 1245 -32.06 -31.12 -36.56
N ARG H 1246 -32.60 -30.02 -36.01
CA ARG H 1246 -32.53 -28.75 -36.72
C ARG H 1246 -31.11 -28.22 -36.82
N TRP H 1247 -30.29 -28.45 -35.79
CA TRP H 1247 -28.87 -28.10 -35.84
C TRP H 1247 -28.17 -28.80 -36.99
N LEU H 1248 -28.36 -30.11 -37.10
CA LEU H 1248 -27.75 -30.88 -38.19
C LEU H 1248 -28.25 -30.40 -39.55
N GLU H 1249 -29.56 -30.19 -39.68
CA GLU H 1249 -30.11 -29.83 -40.98
C GLU H 1249 -29.67 -28.43 -41.41
N VAL H 1250 -29.59 -27.48 -40.46
CA VAL H 1250 -29.10 -26.14 -40.78
C VAL H 1250 -27.64 -26.20 -41.24
N ARG H 1251 -26.81 -27.00 -40.55
CA ARG H 1251 -25.41 -27.11 -40.95
C ARG H 1251 -25.28 -27.74 -42.34
N MET H 1252 -26.08 -28.78 -42.62
CA MET H 1252 -25.99 -29.45 -43.91
C MET H 1252 -26.50 -28.56 -45.04
N GLU H 1253 -27.58 -27.80 -44.80
CA GLU H 1253 -28.07 -26.90 -45.83
C GLU H 1253 -27.11 -25.75 -46.08
N TYR H 1254 -26.40 -25.28 -45.04
CA TYR H 1254 -25.40 -24.24 -45.26
C TYR H 1254 -24.20 -24.79 -46.03
N ILE H 1255 -23.82 -26.04 -45.78
CA ILE H 1255 -22.79 -26.71 -46.57
C ILE H 1255 -23.23 -26.81 -48.03
N GLY H 1256 -24.50 -27.16 -48.25
CA GLY H 1256 -25.02 -27.22 -49.62
C GLY H 1256 -25.05 -25.86 -50.31
N ALA H 1257 -25.34 -24.80 -49.54
CA ALA H 1257 -25.29 -23.45 -50.09
C ALA H 1257 -23.86 -23.06 -50.50
N CYS H 1258 -22.88 -23.40 -49.66
CA CYS H 1258 -21.48 -23.17 -50.04
C CYS H 1258 -21.10 -23.98 -51.27
N VAL H 1259 -21.59 -25.23 -51.35
CA VAL H 1259 -21.31 -26.10 -52.49
C VAL H 1259 -21.87 -25.50 -53.78
N VAL H 1260 -23.12 -25.04 -53.73
CA VAL H 1260 -23.72 -24.50 -54.95
C VAL H 1260 -23.09 -23.15 -55.32
N LEU H 1261 -22.64 -22.36 -54.33
CA LEU H 1261 -21.95 -21.11 -54.66
C LEU H 1261 -20.61 -21.37 -55.33
N ILE H 1262 -19.84 -22.31 -54.79
CA ILE H 1262 -18.52 -22.63 -55.37
C ILE H 1262 -18.68 -23.24 -56.75
N ALA H 1263 -19.62 -24.19 -56.89
CA ALA H 1263 -19.85 -24.83 -58.18
C ALA H 1263 -20.35 -23.84 -59.21
N ALA H 1264 -21.25 -22.94 -58.80
CA ALA H 1264 -21.77 -21.91 -59.72
C ALA H 1264 -20.67 -20.98 -60.17
N ALA H 1265 -19.88 -20.45 -59.24
CA ALA H 1265 -18.84 -19.49 -59.60
C ALA H 1265 -17.77 -20.13 -60.49
N THR H 1266 -17.32 -21.32 -60.14
CA THR H 1266 -16.28 -21.99 -60.91
C THR H 1266 -16.80 -22.42 -62.28
N SER H 1267 -18.05 -22.90 -62.35
CA SER H 1267 -18.60 -23.30 -63.64
C SER H 1267 -18.89 -22.11 -64.54
N ILE H 1268 -19.30 -20.98 -63.97
CA ILE H 1268 -19.49 -19.77 -64.77
C ILE H 1268 -18.16 -19.26 -65.30
N SER H 1269 -17.10 -19.30 -64.46
CA SER H 1269 -15.78 -18.90 -64.93
C SER H 1269 -15.25 -19.85 -66.01
N ASN H 1270 -15.53 -21.14 -65.88
CA ASN H 1270 -15.08 -22.09 -66.89
C ASN H 1270 -15.92 -22.01 -68.16
N SER H 1271 -17.17 -21.59 -68.06
CA SER H 1271 -18.03 -21.52 -69.24
C SER H 1271 -17.88 -20.22 -70.00
N LEU H 1272 -17.50 -19.12 -69.32
CA LEU H 1272 -17.37 -17.84 -70.01
C LEU H 1272 -16.13 -17.82 -70.91
N HIS H 1273 -14.96 -18.10 -70.35
CA HIS H 1273 -13.72 -18.01 -71.10
C HIS H 1273 -12.81 -19.20 -70.80
N ARG H 1274 -13.40 -20.41 -70.65
CA ARG H 1274 -12.58 -21.61 -70.68
C ARG H 1274 -13.21 -22.76 -71.47
N GLU H 1275 -14.15 -22.48 -72.38
CA GLU H 1275 -14.70 -23.45 -73.34
C GLU H 1275 -15.46 -24.58 -72.65
N LEU H 1276 -16.21 -24.27 -71.59
CA LEU H 1276 -17.14 -25.19 -70.99
C LEU H 1276 -18.55 -24.89 -71.48
N SER H 1277 -19.29 -25.93 -71.82
CA SER H 1277 -20.62 -25.77 -72.40
C SER H 1277 -21.63 -25.35 -71.34
N ALA H 1278 -22.75 -24.79 -71.81
CA ALA H 1278 -23.81 -24.32 -70.90
C ALA H 1278 -24.57 -25.48 -70.29
N GLY H 1279 -24.70 -26.60 -71.01
CA GLY H 1279 -25.38 -27.75 -70.46
C GLY H 1279 -24.67 -28.34 -69.26
N LEU H 1280 -23.34 -28.31 -69.26
CA LEU H 1280 -22.59 -28.91 -68.16
C LEU H 1280 -22.70 -28.06 -66.88
N VAL H 1281 -22.67 -26.73 -67.01
CA VAL H 1281 -22.85 -25.90 -65.82
C VAL H 1281 -24.29 -26.01 -65.32
N GLY H 1282 -25.27 -26.11 -66.23
CA GLY H 1282 -26.64 -26.35 -65.78
C GLY H 1282 -26.80 -27.68 -65.05
N LEU H 1283 -26.13 -28.72 -65.56
CA LEU H 1283 -26.12 -30.02 -64.92
C LEU H 1283 -25.53 -29.94 -63.51
N GLY H 1284 -24.37 -29.30 -63.40
CA GLY H 1284 -23.74 -29.12 -62.10
C GLY H 1284 -24.57 -28.29 -61.14
N LEU H 1285 -25.29 -27.30 -61.65
CA LEU H 1285 -26.14 -26.47 -60.80
C LEU H 1285 -27.31 -27.26 -60.24
N THR H 1286 -27.98 -28.08 -61.07
CA THR H 1286 -29.08 -28.90 -60.57
C THR H 1286 -28.58 -29.91 -59.53
N TYR H 1287 -27.44 -30.56 -59.81
CA TYR H 1287 -26.91 -31.52 -58.84
C TYR H 1287 -26.43 -30.84 -57.57
N ALA H 1288 -25.90 -29.61 -57.66
CA ALA H 1288 -25.50 -28.87 -56.48
C ALA H 1288 -26.69 -28.44 -55.65
N LEU H 1289 -27.82 -28.15 -56.29
CA LEU H 1289 -29.05 -27.92 -55.52
C LEU H 1289 -29.49 -29.18 -54.79
N MET H 1290 -29.32 -30.36 -55.42
CA MET H 1290 -29.77 -31.60 -54.77
C MET H 1290 -28.80 -32.11 -53.70
N VAL H 1291 -27.55 -31.66 -53.72
CA VAL H 1291 -26.55 -32.08 -52.72
C VAL H 1291 -27.00 -31.73 -51.30
N SER H 1292 -27.62 -30.54 -51.15
CA SER H 1292 -28.02 -30.05 -49.84
C SER H 1292 -29.11 -30.91 -49.21
N ASN H 1293 -29.99 -31.49 -50.03
CA ASN H 1293 -30.94 -32.48 -49.52
C ASN H 1293 -30.26 -33.82 -49.24
N TYR H 1294 -29.37 -34.25 -50.14
CA TYR H 1294 -28.78 -35.58 -50.03
C TYR H 1294 -27.94 -35.73 -48.77
N LEU H 1295 -27.27 -34.65 -48.34
CA LEU H 1295 -26.41 -34.73 -47.17
C LEU H 1295 -27.19 -35.04 -45.89
N ASN H 1296 -28.24 -34.25 -45.62
CA ASN H 1296 -29.01 -34.49 -44.40
C ASN H 1296 -29.81 -35.78 -44.48
N TRP H 1297 -30.25 -36.16 -45.70
CA TRP H 1297 -30.88 -37.47 -45.87
C TRP H 1297 -29.93 -38.59 -45.46
N MET H 1298 -28.68 -38.51 -45.91
CA MET H 1298 -27.69 -39.53 -45.59
C MET H 1298 -27.43 -39.59 -44.09
N VAL H 1299 -27.29 -38.43 -43.43
CA VAL H 1299 -26.93 -38.45 -42.00
C VAL H 1299 -28.10 -38.96 -41.16
N ARG H 1300 -29.33 -38.50 -41.46
CA ARG H 1300 -30.50 -38.96 -40.71
C ARG H 1300 -30.74 -40.45 -40.90
N ASN H 1301 -30.60 -40.95 -42.14
CA ASN H 1301 -30.79 -42.37 -42.37
C ASN H 1301 -29.66 -43.19 -41.77
N LEU H 1302 -28.45 -42.63 -41.66
CA LEU H 1302 -27.36 -43.34 -41.00
C LEU H 1302 -27.61 -43.47 -39.49
N ALA H 1303 -28.12 -42.41 -38.87
CA ALA H 1303 -28.44 -42.50 -37.44
C ALA H 1303 -29.57 -43.49 -37.19
N ASP H 1304 -30.62 -43.47 -38.03
CA ASP H 1304 -31.69 -44.44 -37.91
C ASP H 1304 -31.18 -45.86 -38.16
N MET H 1305 -30.23 -46.00 -39.10
CA MET H 1305 -29.67 -47.31 -39.40
C MET H 1305 -28.88 -47.87 -38.23
N GLU H 1306 -28.09 -47.04 -37.54
CA GLU H 1306 -27.34 -47.56 -36.39
C GLU H 1306 -28.27 -47.90 -35.23
N ILE H 1307 -29.33 -47.10 -35.05
CA ILE H 1307 -30.33 -47.40 -34.00
C ILE H 1307 -31.00 -48.74 -34.29
N GLN H 1308 -31.36 -48.99 -35.56
CA GLN H 1308 -32.00 -50.24 -35.90
C GLN H 1308 -31.03 -51.42 -35.95
N LEU H 1309 -29.74 -51.18 -36.23
CA LEU H 1309 -28.76 -52.25 -36.23
C LEU H 1309 -28.39 -52.68 -34.81
N GLY H 1310 -28.65 -51.82 -33.81
CA GLY H 1310 -28.61 -52.29 -32.43
C GLY H 1310 -29.51 -53.48 -32.18
N ALA H 1311 -30.65 -53.55 -32.87
CA ALA H 1311 -31.57 -54.67 -32.72
C ALA H 1311 -30.96 -55.98 -33.21
N VAL H 1312 -30.35 -55.98 -34.40
CA VAL H 1312 -29.73 -57.21 -34.90
C VAL H 1312 -28.48 -57.55 -34.10
N LYS H 1313 -27.82 -56.55 -33.52
CA LYS H 1313 -26.73 -56.83 -32.58
C LYS H 1313 -27.23 -57.58 -31.36
N ARG H 1314 -28.39 -57.15 -30.82
CA ARG H 1314 -28.98 -57.88 -29.69
C ARG H 1314 -29.44 -59.28 -30.09
N ILE H 1315 -29.95 -59.42 -31.32
CA ILE H 1315 -30.39 -60.73 -31.80
C ILE H 1315 -29.20 -61.70 -31.88
N HIS H 1316 -28.07 -61.24 -32.42
CA HIS H 1316 -26.90 -62.10 -32.49
C HIS H 1316 -26.29 -62.35 -31.11
N ALA H 1317 -26.39 -61.37 -30.20
CA ALA H 1317 -25.95 -61.58 -28.83
C ALA H 1317 -26.76 -62.67 -28.13
N LEU H 1318 -28.07 -62.70 -28.38
CA LEU H 1318 -28.88 -63.79 -27.85
C LEU H 1318 -28.66 -65.08 -28.64
N LEU H 1319 -28.19 -64.99 -29.88
CA LEU H 1319 -27.79 -66.17 -30.64
C LEU H 1319 -26.52 -66.79 -30.09
N LYS H 1320 -25.67 -66.01 -29.42
CA LYS H 1320 -24.43 -66.53 -28.86
C LYS H 1320 -24.62 -67.31 -27.56
N THR H 1321 -25.85 -67.48 -27.09
CA THR H 1321 -26.09 -68.31 -25.91
C THR H 1321 -25.74 -69.77 -26.20
N GLU H 1322 -25.05 -70.41 -25.26
CA GLU H 1322 -24.58 -71.76 -25.45
C GLU H 1322 -25.75 -72.74 -25.51
N ALA H 1323 -25.55 -73.84 -26.22
CA ALA H 1323 -26.59 -74.83 -26.44
C ALA H 1323 -26.19 -76.16 -25.82
N GLU H 1324 -27.12 -76.80 -25.11
CA GLU H 1324 -26.88 -78.12 -24.57
C GLU H 1324 -26.78 -79.14 -25.69
N SER H 1325 -25.90 -80.12 -25.51
CA SER H 1325 -25.71 -81.18 -26.50
C SER H 1325 -26.87 -82.16 -26.42
N TYR H 1326 -27.49 -82.44 -27.56
CA TYR H 1326 -28.58 -83.39 -27.66
C TYR H 1326 -28.21 -84.65 -28.43
N GLU H 1327 -26.96 -84.77 -28.88
CA GLU H 1327 -26.56 -85.93 -29.69
C GLU H 1327 -26.51 -87.20 -28.85
N GLY H 1328 -25.87 -87.13 -27.68
CA GLY H 1328 -25.76 -88.29 -26.81
C GLY H 1328 -24.56 -89.14 -27.15
N LEU H 1329 -23.72 -89.41 -26.15
CA LEU H 1329 -22.50 -90.19 -26.39
C LEU H 1329 -22.81 -91.67 -26.60
N LEU H 1330 -23.89 -92.17 -26.01
CA LEU H 1330 -24.29 -93.55 -26.23
C LEU H 1330 -24.81 -93.73 -27.65
N ALA H 1331 -24.51 -94.87 -28.25
CA ALA H 1331 -24.99 -95.16 -29.60
C ALA H 1331 -26.50 -95.33 -29.60
N PRO H 1332 -27.22 -94.70 -30.53
CA PRO H 1332 -28.68 -94.82 -30.55
C PRO H 1332 -29.20 -96.23 -30.76
N SER H 1333 -28.48 -97.06 -31.52
CA SER H 1333 -28.89 -98.45 -31.72
C SER H 1333 -28.64 -99.31 -30.50
N LEU H 1334 -27.61 -98.97 -29.69
CA LEU H 1334 -27.33 -99.71 -28.48
C LEU H 1334 -28.40 -99.50 -27.41
N ILE H 1335 -29.13 -98.39 -27.46
CA ILE H 1335 -30.26 -98.16 -26.55
C ILE H 1335 -31.34 -99.19 -26.85
N PRO H 1336 -31.95 -99.82 -25.84
CA PRO H 1336 -33.06 -100.74 -26.10
C PRO H 1336 -34.27 -100.02 -26.64
N LYS H 1337 -35.15 -100.81 -27.29
CA LYS H 1337 -36.35 -100.25 -27.91
C LYS H 1337 -37.29 -99.65 -26.87
N ASN H 1338 -37.37 -100.29 -25.71
CA ASN H 1338 -38.22 -99.81 -24.63
C ASN H 1338 -37.37 -99.33 -23.47
N TRP H 1339 -37.87 -98.35 -22.73
CA TRP H 1339 -37.14 -97.80 -21.59
C TRP H 1339 -38.03 -97.69 -20.36
N PRO H 1340 -37.42 -97.81 -19.16
CA PRO H 1340 -38.13 -97.73 -17.88
C PRO H 1340 -39.07 -96.53 -17.81
N GLY H 1343 -37.72 -99.91 -13.79
CA GLY H 1343 -37.83 -98.74 -12.95
C GLY H 1343 -36.71 -98.58 -11.93
N LYS H 1344 -35.73 -99.48 -11.98
CA LYS H 1344 -34.58 -99.43 -11.08
C LYS H 1344 -33.69 -98.24 -11.36
N ILE H 1345 -33.12 -97.65 -10.30
CA ILE H 1345 -32.23 -96.50 -10.43
C ILE H 1345 -31.08 -96.56 -9.44
N GLN H 1346 -29.86 -96.55 -9.95
CA GLN H 1346 -28.68 -96.60 -9.10
C GLN H 1346 -28.00 -95.23 -9.11
N ILE H 1347 -27.62 -94.77 -7.92
CA ILE H 1347 -27.01 -93.47 -7.73
C ILE H 1347 -25.71 -93.68 -6.95
N GLN H 1348 -24.59 -93.29 -7.55
CA GLN H 1348 -23.26 -93.57 -7.00
C GLN H 1348 -22.48 -92.26 -6.88
N ASN H 1349 -22.32 -91.77 -5.65
CA ASN H 1349 -21.51 -90.60 -5.32
C ASN H 1349 -21.96 -89.36 -6.10
N LEU H 1350 -23.27 -89.17 -6.18
CA LEU H 1350 -23.83 -88.05 -6.92
C LEU H 1350 -23.56 -86.75 -6.20
N SER H 1351 -23.13 -85.74 -6.95
CA SER H 1351 -23.04 -84.37 -6.45
C SER H 1351 -23.28 -83.45 -7.63
N VAL H 1352 -24.25 -82.56 -7.48
CA VAL H 1352 -24.70 -81.73 -8.60
C VAL H 1352 -24.65 -80.26 -8.21
N ARG H 1353 -24.51 -79.41 -9.22
CA ARG H 1353 -24.50 -77.96 -9.07
C ARG H 1353 -25.38 -77.36 -10.16
N TYR H 1354 -25.60 -76.06 -10.06
CA TYR H 1354 -26.25 -75.29 -11.12
C TYR H 1354 -25.25 -74.60 -12.03
N ASP H 1355 -24.21 -74.00 -11.45
CA ASP H 1355 -23.08 -73.47 -12.19
C ASP H 1355 -21.81 -74.14 -11.68
N SER H 1356 -20.73 -74.04 -12.46
CA SER H 1356 -19.45 -74.56 -12.02
C SER H 1356 -18.93 -73.79 -10.80
N SER H 1357 -19.15 -72.49 -10.78
CA SER H 1357 -18.74 -71.64 -9.65
C SER H 1357 -19.92 -71.45 -8.70
N LEU H 1358 -20.29 -72.55 -8.05
CA LEU H 1358 -21.39 -72.53 -7.10
C LEU H 1358 -21.20 -73.65 -6.09
N LYS H 1359 -21.72 -73.43 -4.88
CA LYS H 1359 -21.69 -74.48 -3.86
C LYS H 1359 -22.62 -75.62 -4.27
N PRO H 1360 -22.19 -76.87 -4.09
CA PRO H 1360 -23.02 -78.00 -4.54
C PRO H 1360 -24.27 -78.16 -3.70
N VAL H 1361 -25.42 -78.18 -4.39
CA VAL H 1361 -26.69 -78.36 -3.70
C VAL H 1361 -26.80 -79.79 -3.16
N LEU H 1362 -26.20 -80.76 -3.83
CA LEU H 1362 -26.11 -82.13 -3.36
C LEU H 1362 -24.64 -82.52 -3.27
N LYS H 1363 -24.29 -83.25 -2.20
CA LYS H 1363 -22.90 -83.58 -1.91
C LYS H 1363 -22.80 -85.07 -1.58
N HIS H 1364 -22.19 -85.84 -2.50
CA HIS H 1364 -21.92 -87.27 -2.33
C HIS H 1364 -23.21 -88.06 -2.07
N VAL H 1365 -24.22 -87.80 -2.89
CA VAL H 1365 -25.48 -88.54 -2.79
C VAL H 1365 -25.27 -89.94 -3.36
N ASN H 1366 -25.66 -90.95 -2.58
CA ASN H 1366 -25.44 -92.35 -2.94
C ASN H 1366 -26.63 -93.15 -2.43
N ALA H 1367 -27.39 -93.75 -3.36
CA ALA H 1367 -28.57 -94.53 -2.99
C ALA H 1367 -28.90 -95.51 -4.13
N LEU H 1368 -29.48 -96.64 -3.75
CA LEU H 1368 -29.98 -97.66 -4.68
C LEU H 1368 -31.48 -97.78 -4.52
N ILE H 1369 -32.19 -97.82 -5.65
CA ILE H 1369 -33.65 -97.92 -5.66
C ILE H 1369 -34.05 -99.19 -6.39
N SER H 1370 -34.84 -100.03 -5.72
CA SER H 1370 -35.33 -101.27 -6.30
C SER H 1370 -36.37 -100.96 -7.38
N PRO H 1371 -36.54 -101.86 -8.36
CA PRO H 1371 -37.62 -101.68 -9.34
C PRO H 1371 -39.00 -101.77 -8.68
N GLY H 1372 -39.86 -100.81 -9.03
CA GLY H 1372 -41.25 -100.83 -8.62
C GLY H 1372 -41.52 -100.22 -7.26
N GLN H 1373 -40.50 -100.01 -6.44
CA GLN H 1373 -40.73 -99.52 -5.09
C GLN H 1373 -40.99 -98.02 -5.09
N LYS H 1374 -41.60 -97.56 -3.99
CA LYS H 1374 -42.02 -96.17 -3.85
C LYS H 1374 -41.07 -95.44 -2.92
N ILE H 1375 -40.56 -94.29 -3.37
CA ILE H 1375 -39.55 -93.54 -2.63
C ILE H 1375 -40.12 -92.16 -2.30
N GLY H 1376 -40.06 -91.79 -1.03
CA GLY H 1376 -40.50 -90.48 -0.59
C GLY H 1376 -39.35 -89.61 -0.14
N ILE H 1377 -39.02 -88.59 -0.93
CA ILE H 1377 -37.91 -87.71 -0.64
C ILE H 1377 -38.39 -86.55 0.21
N CYS H 1378 -37.73 -86.31 1.34
CA CYS H 1378 -38.05 -85.18 2.19
C CYS H 1378 -36.76 -84.52 2.66
N GLY H 1379 -36.86 -83.25 3.02
CA GLY H 1379 -35.72 -82.51 3.53
C GLY H 1379 -36.14 -81.12 3.92
N ARG H 1380 -35.26 -80.48 4.69
CA ARG H 1380 -35.47 -79.10 5.08
C ARG H 1380 -35.36 -78.18 3.87
N THR H 1381 -36.17 -77.12 3.87
CA THR H 1381 -36.13 -76.13 2.79
C THR H 1381 -34.78 -75.43 2.79
N GLY H 1382 -34.07 -75.50 1.67
CA GLY H 1382 -32.71 -75.01 1.56
C GLY H 1382 -31.64 -76.08 1.57
N SER H 1383 -32.03 -77.35 1.64
CA SER H 1383 -31.08 -78.47 1.59
C SER H 1383 -30.85 -78.97 0.17
N GLY H 1384 -31.45 -78.32 -0.83
CA GLY H 1384 -31.29 -78.73 -2.21
C GLY H 1384 -31.93 -80.05 -2.57
N LYS H 1385 -33.09 -80.35 -1.99
CA LYS H 1385 -33.82 -81.57 -2.33
C LYS H 1385 -34.54 -81.45 -3.66
N SER H 1386 -34.78 -80.24 -4.15
CA SER H 1386 -35.46 -80.07 -5.43
C SER H 1386 -34.58 -80.45 -6.60
N SER H 1387 -33.26 -80.26 -6.49
CA SER H 1387 -32.35 -80.62 -7.56
C SER H 1387 -32.21 -82.13 -7.73
N PHE H 1388 -32.61 -82.90 -6.73
CA PHE H 1388 -32.55 -84.35 -6.82
C PHE H 1388 -33.47 -84.88 -7.92
N SER H 1389 -34.66 -84.28 -8.07
CA SER H 1389 -35.55 -84.65 -9.16
C SER H 1389 -34.97 -84.25 -10.51
N LEU H 1390 -34.36 -83.07 -10.60
CA LEU H 1390 -33.80 -82.59 -11.86
C LEU H 1390 -32.53 -83.34 -12.23
N ALA H 1391 -31.89 -84.05 -11.29
CA ALA H 1391 -30.70 -84.82 -11.59
C ALA H 1391 -30.96 -85.93 -12.59
N PHE H 1392 -32.17 -86.49 -12.59
CA PHE H 1392 -32.50 -87.57 -13.52
C PHE H 1392 -32.67 -87.08 -14.95
N PHE H 1393 -32.84 -85.78 -15.16
CA PHE H 1393 -33.06 -85.22 -16.48
C PHE H 1393 -31.85 -84.45 -17.00
N ARG H 1394 -30.72 -84.51 -16.29
CA ARG H 1394 -29.47 -83.84 -16.66
C ARG H 1394 -29.66 -82.33 -16.84
N MET H 1395 -30.47 -81.73 -15.98
CA MET H 1395 -30.65 -80.29 -15.95
C MET H 1395 -29.77 -79.62 -14.91
N VAL H 1396 -28.94 -80.38 -14.22
CA VAL H 1396 -27.98 -79.87 -13.26
C VAL H 1396 -26.61 -80.43 -13.61
N ASP H 1397 -25.57 -79.71 -13.21
CA ASP H 1397 -24.20 -80.07 -13.57
C ASP H 1397 -23.76 -81.25 -12.72
N MET H 1398 -23.75 -82.45 -13.33
CA MET H 1398 -23.25 -83.65 -12.67
C MET H 1398 -21.73 -83.67 -12.82
N PHE H 1399 -21.06 -82.85 -12.00
CA PHE H 1399 -19.60 -82.76 -12.07
C PHE H 1399 -18.92 -84.01 -11.51
N GLU H 1400 -19.62 -84.79 -10.70
CA GLU H 1400 -19.13 -86.09 -10.27
C GLU H 1400 -20.33 -86.99 -10.00
N GLY H 1401 -20.10 -88.28 -10.05
CA GLY H 1401 -21.15 -89.26 -9.82
C GLY H 1401 -21.70 -89.83 -11.11
N ARG H 1402 -22.59 -90.81 -10.96
CA ARG H 1402 -23.14 -91.53 -12.09
C ARG H 1402 -24.52 -92.06 -11.73
N ILE H 1403 -25.50 -91.80 -12.58
CA ILE H 1403 -26.86 -92.29 -12.40
C ILE H 1403 -27.04 -93.47 -13.36
N ILE H 1404 -27.00 -94.68 -12.82
CA ILE H 1404 -27.14 -95.89 -13.61
C ILE H 1404 -28.58 -96.34 -13.51
N ILE H 1405 -29.33 -96.22 -14.60
CA ILE H 1405 -30.72 -96.63 -14.67
C ILE H 1405 -30.80 -97.83 -15.59
N ASP H 1406 -31.15 -98.99 -15.01
CA ASP H 1406 -31.27 -100.26 -15.74
C ASP H 1406 -29.99 -100.62 -16.48
N GLY H 1407 -28.85 -100.38 -15.83
CA GLY H 1407 -27.56 -100.67 -16.41
C GLY H 1407 -27.03 -99.65 -17.40
N ILE H 1408 -27.74 -98.54 -17.59
CA ILE H 1408 -27.37 -97.53 -18.58
C ILE H 1408 -27.29 -96.18 -17.90
N ASP H 1409 -26.14 -95.52 -18.03
CA ASP H 1409 -25.97 -94.17 -17.49
C ASP H 1409 -26.77 -93.18 -18.32
N ILE H 1410 -27.35 -92.19 -17.63
CA ILE H 1410 -28.13 -91.18 -18.34
C ILE H 1410 -27.23 -90.16 -19.02
N ALA H 1411 -26.00 -89.99 -18.52
CA ALA H 1411 -25.09 -89.01 -19.09
C ALA H 1411 -24.62 -89.40 -20.49
N LYS H 1412 -24.45 -90.70 -20.74
CA LYS H 1412 -24.14 -91.16 -22.08
C LYS H 1412 -25.31 -91.01 -23.02
N LEU H 1413 -26.54 -91.09 -22.50
CA LEU H 1413 -27.75 -91.14 -23.32
C LEU H 1413 -28.09 -89.76 -23.87
N PRO H 1414 -28.71 -89.70 -25.05
CA PRO H 1414 -29.23 -88.41 -25.56
C PRO H 1414 -30.30 -87.82 -24.65
N LEU H 1415 -30.38 -86.48 -24.68
CA LEU H 1415 -31.33 -85.77 -23.84
C LEU H 1415 -32.77 -86.02 -24.26
N HIS H 1416 -33.02 -86.12 -25.58
CA HIS H 1416 -34.39 -86.35 -26.07
C HIS H 1416 -34.90 -87.71 -25.62
N THR H 1417 -34.07 -88.75 -25.76
CA THR H 1417 -34.46 -90.09 -25.34
C THR H 1417 -34.60 -90.20 -23.82
N LEU H 1418 -33.77 -89.46 -23.06
CA LEU H 1418 -33.88 -89.49 -21.60
C LEU H 1418 -35.14 -88.79 -21.13
N ARG H 1419 -35.41 -87.59 -21.65
CA ARG H 1419 -36.55 -86.80 -21.22
C ARG H 1419 -37.86 -87.25 -21.87
N SER H 1420 -37.81 -88.16 -22.83
CA SER H 1420 -39.02 -88.70 -23.44
C SER H 1420 -39.57 -89.93 -22.73
N ARG H 1421 -38.80 -90.52 -21.81
CA ARG H 1421 -39.20 -91.76 -21.13
C ARG H 1421 -39.23 -91.61 -19.61
N LEU H 1422 -39.16 -90.39 -19.10
CA LEU H 1422 -39.30 -90.16 -17.67
C LEU H 1422 -40.41 -89.15 -17.42
N SER H 1423 -41.23 -89.42 -16.40
CA SER H 1423 -42.36 -88.58 -16.04
C SER H 1423 -42.02 -87.73 -14.82
N ILE H 1424 -42.56 -86.51 -14.80
CA ILE H 1424 -42.21 -85.53 -13.79
C ILE H 1424 -43.33 -84.50 -13.70
N ILE H 1425 -43.65 -84.10 -12.46
CA ILE H 1425 -44.67 -83.08 -12.20
C ILE H 1425 -44.11 -82.10 -11.17
N LEU H 1426 -44.19 -80.81 -11.48
CA LEU H 1426 -43.62 -79.75 -10.67
C LEU H 1426 -44.69 -79.07 -9.82
N GLN H 1427 -44.32 -77.95 -9.20
CA GLN H 1427 -45.21 -77.22 -8.29
C GLN H 1427 -46.45 -76.70 -9.01
N ASP H 1428 -46.26 -75.81 -9.97
CA ASP H 1428 -47.38 -75.14 -10.60
C ASP H 1428 -47.82 -75.89 -11.85
N PRO H 1429 -49.13 -75.93 -12.13
CA PRO H 1429 -49.62 -76.59 -13.34
C PRO H 1429 -49.57 -75.66 -14.54
N VAL H 1430 -48.75 -76.00 -15.52
CA VAL H 1430 -48.58 -75.20 -16.73
C VAL H 1430 -49.42 -75.85 -17.83
N LEU H 1431 -50.52 -75.20 -18.19
CA LEU H 1431 -51.38 -75.65 -19.28
C LEU H 1431 -51.19 -74.73 -20.48
N PHE H 1432 -51.10 -75.33 -21.66
CA PHE H 1432 -50.82 -74.60 -22.89
C PHE H 1432 -52.09 -74.46 -23.72
N SER H 1433 -52.14 -73.39 -24.52
CA SER H 1433 -53.32 -73.10 -25.32
C SER H 1433 -53.48 -74.11 -26.44
N GLY H 1434 -54.69 -74.62 -26.60
CA GLY H 1434 -55.01 -75.62 -27.58
C GLY H 1434 -56.05 -76.58 -27.05
N THR H 1435 -56.18 -77.72 -27.72
CA THR H 1435 -57.13 -78.73 -27.31
C THR H 1435 -56.54 -79.65 -26.25
N ILE H 1436 -57.40 -80.48 -25.66
CA ILE H 1436 -56.94 -81.48 -24.70
C ILE H 1436 -56.09 -82.53 -25.39
N ARG H 1437 -56.33 -82.77 -26.69
CA ARG H 1437 -55.41 -83.58 -27.49
C ARG H 1437 -54.00 -82.99 -27.49
N PHE H 1438 -53.91 -81.67 -27.69
CA PHE H 1438 -52.60 -81.03 -27.74
C PHE H 1438 -51.95 -80.96 -26.37
N ASN H 1439 -52.73 -80.73 -25.31
CA ASN H 1439 -52.14 -80.68 -23.98
C ASN H 1439 -51.68 -82.06 -23.54
N LEU H 1440 -52.50 -83.09 -23.77
CA LEU H 1440 -52.21 -84.41 -23.23
C LEU H 1440 -51.18 -85.15 -24.10
N ASP H 1441 -51.43 -85.22 -25.41
CA ASP H 1441 -50.53 -85.90 -26.36
C ASP H 1441 -50.27 -84.97 -27.54
N PRO H 1442 -49.40 -83.97 -27.38
CA PRO H 1442 -49.11 -83.04 -28.49
C PRO H 1442 -48.51 -83.69 -29.73
N GLU H 1443 -47.67 -84.71 -29.54
CA GLU H 1443 -47.04 -85.39 -30.67
C GLU H 1443 -47.98 -86.36 -31.37
N LYS H 1444 -49.18 -86.59 -30.81
CA LYS H 1444 -50.19 -87.49 -31.36
C LYS H 1444 -49.65 -88.91 -31.51
N LYS H 1445 -48.80 -89.33 -30.56
CA LYS H 1445 -48.22 -90.66 -30.58
C LYS H 1445 -49.19 -91.73 -30.08
N CYS H 1446 -50.15 -91.34 -29.23
CA CYS H 1446 -51.12 -92.27 -28.68
C CYS H 1446 -52.49 -92.01 -29.29
N SER H 1447 -53.25 -93.09 -29.47
CA SER H 1447 -54.60 -92.98 -30.02
C SER H 1447 -55.53 -92.34 -28.99
N ASP H 1448 -56.69 -91.88 -29.48
CA ASP H 1448 -57.66 -91.22 -28.62
C ASP H 1448 -58.23 -92.17 -27.57
N SER H 1449 -58.48 -93.43 -27.97
CA SER H 1449 -58.95 -94.44 -27.02
C SER H 1449 -57.94 -94.71 -25.93
N THR H 1450 -56.65 -94.60 -26.25
CA THR H 1450 -55.62 -94.67 -25.22
C THR H 1450 -55.65 -93.44 -24.31
N LEU H 1451 -56.05 -92.28 -24.85
CA LEU H 1451 -56.14 -91.06 -24.06
C LEU H 1451 -57.34 -91.05 -23.13
N TRP H 1452 -58.40 -91.80 -23.46
CA TRP H 1452 -59.63 -91.75 -22.65
C TRP H 1452 -59.41 -92.28 -21.24
N GLU H 1453 -58.77 -93.45 -21.11
CA GLU H 1453 -58.51 -93.99 -19.77
C GLU H 1453 -57.46 -93.18 -19.03
N ALA H 1454 -56.49 -92.63 -19.77
CA ALA H 1454 -55.52 -91.69 -19.19
C ALA H 1454 -56.21 -90.49 -18.57
N LEU H 1455 -57.25 -89.99 -19.23
CA LEU H 1455 -58.04 -88.89 -18.67
C LEU H 1455 -58.94 -89.38 -17.53
N GLU H 1456 -59.36 -90.65 -17.58
CA GLU H 1456 -60.17 -91.23 -16.51
C GLU H 1456 -59.41 -91.30 -15.19
N ILE H 1457 -58.09 -91.55 -15.25
CA ILE H 1457 -57.30 -91.63 -14.03
C ILE H 1457 -57.33 -90.31 -13.27
N ALA H 1458 -57.28 -89.18 -13.98
CA ALA H 1458 -57.26 -87.87 -13.34
C ALA H 1458 -58.62 -87.42 -12.81
N GLN H 1459 -59.67 -88.22 -12.96
CA GLN H 1459 -61.03 -87.96 -12.51
C GLN H 1459 -61.66 -86.73 -13.16
N LEU H 1460 -61.06 -86.21 -14.21
CA LEU H 1460 -61.57 -85.04 -14.92
C LEU H 1460 -62.50 -85.40 -16.07
N LYS H 1461 -62.84 -86.68 -16.22
CA LYS H 1461 -63.66 -87.09 -17.35
C LYS H 1461 -65.08 -86.53 -17.25
N LEU H 1462 -65.59 -86.31 -16.04
CA LEU H 1462 -66.89 -85.66 -15.89
C LEU H 1462 -66.85 -84.24 -16.44
N VAL H 1463 -65.79 -83.49 -16.13
CA VAL H 1463 -65.66 -82.12 -16.62
C VAL H 1463 -65.44 -82.12 -18.13
N VAL H 1464 -64.51 -82.96 -18.61
CA VAL H 1464 -64.12 -82.94 -20.01
C VAL H 1464 -65.27 -83.41 -20.91
N LYS H 1465 -65.98 -84.47 -20.50
CA LYS H 1465 -67.17 -84.89 -21.23
C LYS H 1465 -68.27 -83.85 -21.13
N ALA H 1466 -68.38 -83.15 -19.98
CA ALA H 1466 -69.36 -82.08 -19.85
C ALA H 1466 -68.94 -80.79 -20.56
N LEU H 1467 -67.68 -80.67 -20.96
CA LEU H 1467 -67.23 -79.48 -21.68
C LEU H 1467 -67.84 -79.45 -23.07
N PRO H 1468 -68.13 -78.25 -23.61
CA PRO H 1468 -68.84 -78.16 -24.89
C PRO H 1468 -68.10 -78.75 -26.08
N GLY H 1469 -66.77 -78.78 -26.05
CA GLY H 1469 -66.00 -79.31 -27.16
C GLY H 1469 -65.76 -80.80 -27.12
N GLY H 1470 -66.35 -81.51 -26.17
CA GLY H 1470 -65.99 -82.91 -25.98
C GLY H 1470 -64.58 -82.99 -25.43
N LEU H 1471 -63.76 -83.88 -26.01
CA LEU H 1471 -62.34 -83.86 -25.72
C LEU H 1471 -61.62 -82.75 -26.47
N ASP H 1472 -62.27 -82.13 -27.45
CA ASP H 1472 -61.66 -81.02 -28.20
C ASP H 1472 -61.88 -79.67 -27.52
N ALA H 1473 -62.14 -79.65 -26.21
CA ALA H 1473 -62.34 -78.41 -25.50
C ALA H 1473 -61.04 -77.60 -25.44
N ILE H 1474 -61.15 -76.30 -25.67
CA ILE H 1474 -60.00 -75.43 -25.83
C ILE H 1474 -59.55 -74.93 -24.47
N ILE H 1475 -58.31 -75.25 -24.10
CA ILE H 1475 -57.69 -74.69 -22.90
C ILE H 1475 -57.15 -73.32 -23.22
N THR H 1476 -57.47 -72.33 -22.37
CA THR H 1476 -57.01 -70.97 -22.56
C THR H 1476 -55.55 -70.85 -22.13
N GLU H 1477 -55.04 -69.61 -22.06
CA GLU H 1477 -53.66 -69.36 -21.68
C GLU H 1477 -53.47 -69.67 -20.20
N GLY H 1478 -52.74 -70.73 -19.90
CA GLY H 1478 -52.53 -71.14 -18.52
C GLY H 1478 -53.67 -71.90 -17.90
N GLY H 1479 -54.69 -72.28 -18.67
CA GLY H 1479 -55.83 -72.99 -18.14
C GLY H 1479 -56.69 -72.17 -17.19
N GLU H 1480 -56.98 -70.92 -17.53
CA GLU H 1480 -57.78 -70.06 -16.67
C GLU H 1480 -59.24 -70.49 -16.58
N ASN H 1481 -59.70 -71.37 -17.47
CA ASN H 1481 -61.06 -71.89 -17.41
C ASN H 1481 -61.20 -73.06 -16.44
N PHE H 1482 -60.11 -73.50 -15.81
CA PHE H 1482 -60.14 -74.57 -14.82
C PHE H 1482 -59.60 -74.06 -13.49
N SER H 1483 -60.03 -74.70 -12.42
CA SER H 1483 -59.47 -74.38 -11.10
C SER H 1483 -58.06 -74.97 -10.97
N GLN H 1484 -57.36 -74.54 -9.92
CA GLN H 1484 -55.96 -74.88 -9.72
C GLN H 1484 -55.77 -76.40 -9.59
N GLY H 1485 -56.60 -77.03 -8.77
CA GLY H 1485 -56.54 -78.48 -8.63
C GLY H 1485 -56.87 -79.20 -9.92
N GLN H 1486 -57.82 -78.67 -10.70
CA GLN H 1486 -58.14 -79.26 -11.99
C GLN H 1486 -56.96 -79.20 -12.94
N ARG H 1487 -56.24 -78.06 -12.96
CA ARG H 1487 -55.05 -77.94 -13.80
C ARG H 1487 -53.97 -78.93 -13.37
N GLN H 1488 -53.79 -79.12 -12.06
CA GLN H 1488 -52.81 -80.09 -11.59
C GLN H 1488 -53.19 -81.52 -11.97
N LEU H 1489 -54.49 -81.85 -11.90
CA LEU H 1489 -54.94 -83.17 -12.33
C LEU H 1489 -54.74 -83.37 -13.83
N PHE H 1490 -54.93 -82.31 -14.61
CA PHE H 1490 -54.58 -82.33 -16.03
C PHE H 1490 -53.11 -82.67 -16.22
N CYS H 1491 -52.24 -82.06 -15.42
CA CYS H 1491 -50.81 -82.35 -15.51
C CYS H 1491 -50.51 -83.82 -15.17
N LEU H 1492 -51.23 -84.36 -14.18
CA LEU H 1492 -51.03 -85.77 -13.81
C LEU H 1492 -51.38 -86.71 -14.95
N ALA H 1493 -52.56 -86.51 -15.56
CA ALA H 1493 -52.95 -87.35 -16.70
C ALA H 1493 -51.98 -87.16 -17.87
N ARG H 1494 -51.50 -85.92 -18.05
CA ARG H 1494 -50.52 -85.61 -19.06
C ARG H 1494 -49.23 -86.41 -18.86
N ALA H 1495 -48.82 -86.58 -17.61
CA ALA H 1495 -47.66 -87.42 -17.32
C ALA H 1495 -47.96 -88.91 -17.49
N PHE H 1496 -49.19 -89.33 -17.22
CA PHE H 1496 -49.52 -90.75 -17.39
C PHE H 1496 -49.50 -91.17 -18.87
N VAL H 1497 -49.82 -90.24 -19.77
CA VAL H 1497 -49.93 -90.57 -21.21
C VAL H 1497 -48.64 -91.18 -21.76
N ARG H 1498 -47.48 -90.75 -21.26
CA ARG H 1498 -46.20 -91.29 -21.74
C ARG H 1498 -46.02 -92.77 -21.40
N LYS H 1499 -46.63 -93.23 -20.29
CA LYS H 1499 -46.66 -94.63 -19.88
C LYS H 1499 -45.25 -95.21 -19.66
N THR H 1500 -44.57 -94.66 -18.67
CA THR H 1500 -43.29 -95.18 -18.20
C THR H 1500 -43.41 -95.59 -16.73
N SER H 1501 -42.51 -96.48 -16.31
CA SER H 1501 -42.53 -96.90 -14.91
C SER H 1501 -41.95 -95.85 -13.98
N ILE H 1502 -40.87 -95.17 -14.40
CA ILE H 1502 -40.26 -94.17 -13.52
C ILE H 1502 -41.16 -92.94 -13.48
N PHE H 1503 -41.81 -92.73 -12.34
CA PHE H 1503 -42.78 -91.65 -12.15
C PHE H 1503 -42.27 -90.77 -11.01
N ILE H 1504 -41.73 -89.60 -11.34
CA ILE H 1504 -41.19 -88.68 -10.35
C ILE H 1504 -42.27 -87.65 -10.03
N MET H 1505 -42.68 -87.59 -8.77
CA MET H 1505 -43.73 -86.68 -8.32
C MET H 1505 -43.06 -85.61 -7.45
N ASP H 1506 -42.63 -84.53 -8.10
CA ASP H 1506 -41.84 -83.47 -7.44
C ASP H 1506 -42.80 -82.44 -6.85
N GLU H 1507 -43.26 -82.72 -5.62
CA GLU H 1507 -44.02 -81.77 -4.79
C GLU H 1507 -45.29 -81.29 -5.48
N ALA H 1508 -46.04 -82.23 -6.06
CA ALA H 1508 -47.28 -81.90 -6.74
C ALA H 1508 -48.39 -81.57 -5.73
N THR H 1509 -48.35 -82.19 -4.55
CA THR H 1509 -49.40 -82.02 -3.56
C THR H 1509 -49.34 -80.69 -2.81
N ALA H 1510 -48.24 -79.94 -2.96
CA ALA H 1510 -48.03 -78.74 -2.14
C ALA H 1510 -49.02 -77.63 -2.50
N SER H 1511 -49.29 -77.44 -3.79
CA SER H 1511 -50.13 -76.35 -4.25
C SER H 1511 -51.61 -76.70 -4.26
N ILE H 1512 -51.99 -77.90 -3.82
CA ILE H 1512 -53.33 -78.44 -4.01
C ILE H 1512 -53.96 -78.70 -2.65
N ASP H 1513 -55.26 -78.40 -2.55
CA ASP H 1513 -56.01 -78.59 -1.31
C ASP H 1513 -56.05 -80.07 -0.92
N MET H 1514 -56.18 -80.31 0.39
CA MET H 1514 -56.01 -81.65 0.96
C MET H 1514 -57.09 -82.62 0.47
N ALA H 1515 -58.32 -82.14 0.32
CA ALA H 1515 -59.43 -83.02 -0.07
C ALA H 1515 -59.22 -83.59 -1.47
N THR H 1516 -58.79 -82.76 -2.42
CA THR H 1516 -58.43 -83.28 -3.73
C THR H 1516 -57.10 -84.01 -3.68
N GLU H 1517 -56.22 -83.63 -2.74
CA GLU H 1517 -54.89 -84.24 -2.63
C GLU H 1517 -54.98 -85.72 -2.27
N ASN H 1518 -55.91 -86.09 -1.38
CA ASN H 1518 -56.00 -87.47 -0.93
C ASN H 1518 -56.48 -88.40 -2.05
N ILE H 1519 -57.55 -88.00 -2.75
CA ILE H 1519 -58.05 -88.80 -3.87
C ILE H 1519 -57.03 -88.81 -5.02
N LEU H 1520 -56.32 -87.69 -5.22
CA LEU H 1520 -55.25 -87.64 -6.21
C LEU H 1520 -54.15 -88.62 -5.88
N GLN H 1521 -53.73 -88.67 -4.61
CA GLN H 1521 -52.64 -89.56 -4.20
C GLN H 1521 -53.04 -91.01 -4.31
N LYS H 1522 -54.27 -91.36 -3.91
CA LYS H 1522 -54.67 -92.75 -4.00
C LYS H 1522 -54.84 -93.21 -5.45
N VAL H 1523 -55.32 -92.31 -6.33
CA VAL H 1523 -55.41 -92.71 -7.74
C VAL H 1523 -54.04 -92.72 -8.41
N VAL H 1524 -53.08 -91.94 -7.89
CA VAL H 1524 -51.70 -92.06 -8.35
C VAL H 1524 -51.12 -93.42 -7.97
N MET H 1525 -51.34 -93.84 -6.71
CA MET H 1525 -50.80 -95.11 -6.25
C MET H 1525 -51.44 -96.29 -6.98
N THR H 1526 -52.73 -96.21 -7.29
CA THR H 1526 -53.35 -97.28 -8.07
C THR H 1526 -52.89 -97.25 -9.53
N ALA H 1527 -52.73 -96.06 -10.10
CA ALA H 1527 -52.38 -95.96 -11.52
C ALA H 1527 -50.92 -96.30 -11.78
N PHE H 1528 -50.07 -96.29 -10.76
CA PHE H 1528 -48.63 -96.46 -10.90
C PHE H 1528 -48.13 -97.57 -9.98
N ALA H 1529 -48.82 -98.71 -10.01
CA ALA H 1529 -48.49 -99.82 -9.12
C ALA H 1529 -47.18 -100.49 -9.51
N ASP H 1530 -47.10 -101.03 -10.72
CA ASP H 1530 -45.83 -101.55 -11.24
C ASP H 1530 -44.83 -100.44 -11.50
N ARG H 1531 -45.30 -99.19 -11.64
CA ARG H 1531 -44.46 -98.06 -11.95
C ARG H 1531 -43.68 -97.61 -10.71
N THR H 1532 -42.38 -97.35 -10.89
CA THR H 1532 -41.54 -96.88 -9.78
C THR H 1532 -41.83 -95.40 -9.51
N VAL H 1533 -42.21 -95.09 -8.28
CA VAL H 1533 -42.58 -93.73 -7.91
C VAL H 1533 -41.51 -93.18 -6.97
N VAL H 1534 -40.74 -92.22 -7.47
CA VAL H 1534 -39.79 -91.46 -6.65
C VAL H 1534 -40.44 -90.11 -6.36
N THR H 1535 -40.92 -89.94 -5.13
CA THR H 1535 -41.69 -88.76 -4.76
C THR H 1535 -40.79 -87.80 -3.98
N ILE H 1536 -40.51 -86.64 -4.58
CA ILE H 1536 -39.95 -85.52 -3.84
C ILE H 1536 -41.13 -84.71 -3.32
N ALA H 1537 -41.27 -84.63 -2.01
CA ALA H 1537 -42.39 -83.93 -1.40
C ALA H 1537 -41.89 -83.00 -0.31
N HIS H 1538 -42.55 -81.86 -0.18
CA HIS H 1538 -42.19 -80.89 0.85
C HIS H 1538 -42.77 -81.26 2.21
N ARG H 1539 -43.88 -81.99 2.23
CA ARG H 1539 -44.56 -82.37 3.47
C ARG H 1539 -44.50 -83.89 3.62
N VAL H 1540 -44.11 -84.34 4.82
CA VAL H 1540 -43.81 -85.75 5.05
C VAL H 1540 -45.06 -86.61 5.23
N HIS H 1541 -46.21 -86.01 5.52
CA HIS H 1541 -47.43 -86.78 5.75
C HIS H 1541 -47.90 -87.47 4.48
N THR H 1542 -47.55 -86.91 3.31
CA THR H 1542 -47.89 -87.57 2.05
C THR H 1542 -47.03 -88.81 1.84
N ILE H 1543 -45.74 -88.72 2.17
CA ILE H 1543 -44.81 -89.83 1.93
C ILE H 1543 -44.66 -90.73 3.16
N LEU H 1544 -45.59 -90.61 4.12
CA LEU H 1544 -45.64 -91.58 5.22
C LEU H 1544 -45.89 -93.00 4.72
N SER H 1545 -46.57 -93.15 3.59
CA SER H 1545 -46.90 -94.47 3.05
C SER H 1545 -45.88 -94.99 2.04
N ALA H 1546 -44.80 -94.26 1.79
CA ALA H 1546 -43.78 -94.70 0.86
C ALA H 1546 -42.99 -95.87 1.44
N ASP H 1547 -42.36 -96.65 0.55
CA ASP H 1547 -41.54 -97.77 1.01
C ASP H 1547 -40.28 -97.30 1.71
N LEU H 1548 -39.62 -96.27 1.17
CA LEU H 1548 -38.41 -95.71 1.76
C LEU H 1548 -38.53 -94.20 1.81
N VAL H 1549 -37.97 -93.61 2.87
CA VAL H 1549 -37.92 -92.16 3.03
C VAL H 1549 -36.46 -91.74 3.16
N MET H 1550 -36.03 -90.81 2.31
CA MET H 1550 -34.69 -90.26 2.33
C MET H 1550 -34.75 -88.86 2.92
N VAL H 1551 -33.86 -88.58 3.89
CA VAL H 1551 -33.80 -87.31 4.57
C VAL H 1551 -32.50 -86.61 4.17
N LEU H 1552 -32.62 -85.38 3.70
CA LEU H 1552 -31.50 -84.62 3.17
C LEU H 1552 -31.24 -83.40 4.04
N LYS H 1553 -29.99 -83.26 4.49
CA LYS H 1553 -29.56 -82.09 5.25
C LYS H 1553 -28.29 -81.55 4.62
N ARG H 1554 -28.40 -80.37 3.98
CA ARG H 1554 -27.29 -79.68 3.33
C ARG H 1554 -26.61 -80.55 2.27
N GLY H 1555 -27.41 -81.29 1.51
CA GLY H 1555 -26.90 -82.10 0.42
C GLY H 1555 -26.40 -83.47 0.80
N ALA H 1556 -26.67 -83.94 2.01
CA ALA H 1556 -26.21 -85.24 2.48
C ALA H 1556 -27.39 -86.09 2.92
N ILE H 1557 -27.32 -87.38 2.63
CA ILE H 1557 -28.39 -88.32 2.97
C ILE H 1557 -28.18 -88.74 4.43
N LEU H 1558 -28.99 -88.18 5.33
CA LEU H 1558 -28.92 -88.57 6.73
C LEU H 1558 -29.50 -89.96 6.94
N GLU H 1559 -30.71 -90.19 6.45
CA GLU H 1559 -31.48 -91.38 6.75
C GLU H 1559 -32.00 -92.00 5.46
N PHE H 1560 -31.75 -93.30 5.28
CA PHE H 1560 -32.22 -94.05 4.11
C PHE H 1560 -32.77 -95.37 4.61
N ASP H 1561 -34.05 -95.38 4.98
CA ASP H 1561 -34.72 -96.58 5.45
C ASP H 1561 -36.23 -96.35 5.40
N LYS H 1562 -36.98 -97.38 5.76
CA LYS H 1562 -38.43 -97.34 5.71
C LYS H 1562 -39.00 -96.39 6.76
N PRO H 1563 -40.16 -95.78 6.51
CA PRO H 1563 -40.72 -94.81 7.46
C PRO H 1563 -41.09 -95.39 8.82
N GLU H 1564 -41.39 -96.69 8.90
CA GLU H 1564 -41.79 -97.27 10.18
C GLU H 1564 -40.60 -97.33 11.14
N THR H 1565 -39.48 -97.92 10.69
CA THR H 1565 -38.27 -97.97 11.50
C THR H 1565 -37.72 -96.57 11.75
N LEU H 1566 -37.85 -95.68 10.77
CA LEU H 1566 -37.38 -94.30 10.94
C LEU H 1566 -38.20 -93.56 11.98
N LEU H 1567 -39.52 -93.76 11.98
CA LEU H 1567 -40.38 -93.13 12.97
C LEU H 1567 -40.27 -93.80 14.34
N SER H 1568 -39.74 -95.01 14.40
CA SER H 1568 -39.50 -95.65 15.69
C SER H 1568 -38.46 -94.88 16.50
N GLN H 1569 -37.44 -94.36 15.85
CA GLN H 1569 -36.40 -93.60 16.53
C GLN H 1569 -36.93 -92.23 16.96
N LYS H 1570 -36.68 -91.87 18.22
CA LYS H 1570 -37.13 -90.58 18.73
C LYS H 1570 -36.27 -89.43 18.23
N ASP H 1571 -34.97 -89.65 18.07
CA ASP H 1571 -34.05 -88.60 17.68
C ASP H 1571 -33.91 -88.43 16.17
N SER H 1572 -34.66 -89.21 15.38
CA SER H 1572 -34.59 -89.08 13.93
C SER H 1572 -35.21 -87.77 13.47
N VAL H 1573 -34.58 -87.15 12.48
CA VAL H 1573 -35.05 -85.86 11.97
C VAL H 1573 -36.39 -85.99 11.26
N PHE H 1574 -36.63 -87.13 10.62
CA PHE H 1574 -37.93 -87.38 9.98
C PHE H 1574 -39.05 -87.43 11.00
N ALA H 1575 -38.78 -87.93 12.21
CA ALA H 1575 -39.78 -87.90 13.27
C ALA H 1575 -40.10 -86.46 13.67
N SER H 1576 -39.08 -85.58 13.70
CA SER H 1576 -39.32 -84.17 13.98
C SER H 1576 -40.12 -83.52 12.86
N PHE H 1577 -39.88 -83.94 11.61
CA PHE H 1577 -40.66 -83.43 10.49
C PHE H 1577 -42.13 -83.85 10.59
N VAL H 1578 -42.38 -85.10 11.00
CA VAL H 1578 -43.75 -85.58 11.14
C VAL H 1578 -44.46 -84.89 12.30
N ARG H 1579 -43.76 -84.78 13.45
CA ARG H 1579 -44.36 -84.14 14.62
C ARG H 1579 -44.58 -82.65 14.41
N ALA H 1580 -43.65 -81.98 13.73
CA ALA H 1580 -43.80 -80.55 13.45
C ALA H 1580 -44.15 -80.32 11.99
N ILE I 6 21.95 38.15 -60.75
CA ILE I 6 20.54 38.42 -60.49
C ILE I 6 19.89 37.21 -59.83
N LYS I 7 18.83 37.50 -59.07
CA LYS I 7 18.22 36.57 -58.13
C LYS I 7 16.82 36.18 -58.57
N LYS I 8 16.55 34.88 -58.61
CA LYS I 8 15.20 34.35 -58.77
C LYS I 8 14.94 33.24 -57.77
N LYS I 9 13.65 33.00 -57.50
CA LYS I 9 13.26 31.82 -56.75
C LYS I 9 13.09 30.62 -57.69
N LEU I 10 13.41 29.43 -57.20
CA LEU I 10 13.28 28.25 -58.03
C LEU I 10 11.79 28.00 -58.32
N PRO I 11 11.39 27.83 -59.58
CA PRO I 11 9.96 27.73 -59.88
C PRO I 11 9.22 26.63 -59.14
N PHE I 12 9.83 25.46 -58.96
CA PHE I 12 9.08 24.25 -58.63
C PHE I 12 9.69 23.54 -57.42
N ARG I 13 8.93 22.60 -56.87
CA ARG I 13 9.32 21.82 -55.70
C ARG I 13 10.51 20.93 -55.98
N THR I 14 11.52 21.01 -55.13
CA THR I 14 12.74 20.23 -55.27
C THR I 14 12.51 18.81 -54.76
N ARG I 15 13.21 17.86 -55.36
CA ARG I 15 13.08 16.46 -54.97
C ARG I 15 13.57 16.20 -53.55
N SER I 16 14.31 17.14 -52.96
CA SER I 16 14.84 17.01 -51.61
C SER I 16 14.35 18.17 -50.73
N LYS I 17 14.16 17.86 -49.44
CA LYS I 17 13.57 18.81 -48.51
C LYS I 17 14.43 20.08 -48.39
N PHE I 18 15.73 19.91 -48.18
CA PHE I 18 16.67 21.02 -48.09
C PHE I 18 17.78 20.71 -49.06
N PRO I 19 17.60 21.01 -50.34
CA PRO I 19 18.55 20.57 -51.36
C PRO I 19 19.96 21.09 -51.09
N ARG I 20 20.94 20.25 -51.39
CA ARG I 20 22.36 20.52 -51.21
C ARG I 20 22.83 21.47 -52.31
N LYS I 21 23.94 22.17 -52.11
CA LYS I 21 24.46 23.12 -53.10
C LYS I 21 24.54 22.54 -54.50
N SER I 22 25.00 21.29 -54.62
CA SER I 22 25.05 20.64 -55.93
C SER I 22 23.65 20.50 -56.52
N GLU I 23 22.71 20.04 -55.70
CA GLU I 23 21.33 19.91 -56.13
C GLU I 23 20.76 21.25 -56.58
N CYS I 24 21.02 22.31 -55.82
CA CYS I 24 20.52 23.63 -56.16
C CYS I 24 21.15 24.16 -57.44
N VAL I 25 22.47 24.02 -57.62
CA VAL I 25 23.10 24.54 -58.82
C VAL I 25 22.52 23.86 -60.04
N GLN I 26 22.37 22.53 -59.99
CA GLN I 26 21.78 21.84 -61.13
C GLN I 26 20.32 22.23 -61.34
N ASP I 27 19.55 22.40 -60.26
CA ASP I 27 18.16 22.82 -60.44
C ASP I 27 18.08 24.20 -61.08
N CYS I 28 18.92 25.14 -60.63
CA CYS I 28 18.94 26.46 -61.24
C CYS I 28 19.36 26.36 -62.70
N ALA I 29 20.31 25.48 -63.00
CA ALA I 29 20.76 25.33 -64.38
C ALA I 29 19.61 24.88 -65.27
N LYS I 30 18.84 23.88 -64.82
CA LYS I 30 17.67 23.48 -65.61
C LYS I 30 16.66 24.61 -65.72
N ALA I 31 16.37 25.29 -64.62
CA ALA I 31 15.26 26.24 -64.62
C ALA I 31 15.57 27.45 -65.48
N PHE I 32 16.79 27.96 -65.41
CA PHE I 32 17.10 29.28 -65.94
C PHE I 32 18.22 29.34 -66.96
N THR I 33 19.12 28.35 -67.00
CA THR I 33 20.27 28.41 -67.91
C THR I 33 20.25 27.24 -68.88
N ASN I 34 19.07 26.65 -69.13
CA ASN I 34 18.95 25.55 -70.07
C ASN I 34 19.88 24.40 -69.69
N GLY I 35 20.08 24.20 -68.40
CA GLY I 35 20.94 23.15 -67.90
C GLY I 35 22.41 23.50 -67.82
N ASN I 36 22.80 24.70 -68.22
CA ASN I 36 24.20 25.11 -68.16
C ASN I 36 24.53 25.50 -66.73
N LYS I 37 25.18 24.58 -66.00
CA LYS I 37 25.51 24.85 -64.61
C LYS I 37 26.54 25.97 -64.47
N ASP I 38 27.42 26.13 -65.46
CA ASP I 38 28.52 27.07 -65.33
C ASP I 38 28.05 28.50 -65.14
N LYS I 39 26.90 28.86 -65.69
CA LYS I 39 26.39 30.23 -65.58
C LYS I 39 25.71 30.51 -64.25
N ILE I 40 25.46 29.49 -63.44
CA ILE I 40 24.87 29.66 -62.12
C ILE I 40 25.97 30.12 -61.19
N LYS I 41 25.82 31.33 -60.65
CA LYS I 41 26.88 31.93 -59.84
C LYS I 41 26.67 31.78 -58.34
N ASP I 42 25.44 31.56 -57.89
CA ASP I 42 25.27 31.26 -56.47
C ASP I 42 23.91 30.61 -56.24
N VAL I 43 23.80 29.95 -55.09
CA VAL I 43 22.57 29.26 -54.72
C VAL I 43 22.37 29.38 -53.21
N LYS I 44 21.10 29.45 -52.81
CA LYS I 44 20.73 29.50 -51.40
C LYS I 44 19.63 28.50 -51.11
N SER I 45 19.97 27.46 -50.35
CA SER I 45 19.03 26.38 -50.07
C SER I 45 17.81 26.92 -49.33
N GLU I 46 16.64 26.41 -49.71
CA GLU I 46 15.39 26.75 -49.03
C GLU I 46 14.55 25.49 -48.90
N PHE I 47 13.44 25.60 -48.16
CA PHE I 47 12.53 24.48 -47.95
C PHE I 47 11.86 24.05 -49.25
N PHE I 48 12.18 22.84 -49.73
CA PHE I 48 11.64 22.34 -50.99
C PHE I 48 11.77 23.37 -52.12
N SER I 49 12.77 24.24 -52.00
CA SER I 49 13.02 25.30 -52.95
C SER I 49 14.39 25.87 -52.61
N CYS I 50 14.91 26.72 -53.50
CA CYS I 50 16.14 27.45 -53.20
C CYS I 50 16.36 28.54 -54.24
N TYR I 51 17.12 29.56 -53.86
CA TYR I 51 17.25 30.79 -54.64
C TYR I 51 18.45 30.70 -55.56
N CYS I 52 18.30 31.28 -56.76
CA CYS I 52 19.23 31.13 -57.86
C CYS I 52 19.87 32.49 -58.16
N TRP I 53 21.19 32.49 -58.34
CA TRP I 53 21.97 33.68 -58.69
C TRP I 53 22.70 33.39 -59.98
N TYR I 54 22.38 34.15 -61.03
CA TYR I 54 23.14 34.00 -62.26
C TYR I 54 23.09 35.28 -63.07
N GLU I 55 23.96 35.36 -64.08
CA GLU I 55 24.01 36.49 -64.99
C GLU I 55 23.15 36.20 -66.22
#